data_8TFK
#
_entry.id   8TFK
#
_cell.length_a   1.00
_cell.length_b   1.00
_cell.length_c   1.00
_cell.angle_alpha   90.00
_cell.angle_beta   90.00
_cell.angle_gamma   90.00
#
_symmetry.space_group_name_H-M   'P 1'
#
loop_
_entity.id
_entity.type
_entity.pdbx_description
1 polymer 'Glutamine synthetase'
2 non-polymer 'MAGNESIUM ION'
3 non-polymer 'L-METHIONINE-S-SULFOXIMINE PHOSPHATE'
4 non-polymer "ADENOSINE-5'-DIPHOSPHATE"
#
_entity_poly.entity_id   1
_entity_poly.type   'polypeptide(L)'
_entity_poly.pdbx_seq_one_letter_code
;MGSSHHHHHHSSGLVPRGSHMVQMKKCTTKEDVLEAVKERDVKFIRTQFTDTLGIIKSWAIPAEQLEEAFENGVMFDGSS
IQGFTRIEESDMKLALDPSTFRILPWRPATGAVARILGDVYLPDGNPFKGDPRYVLKTAIKEAEKMGFSMNVGPELEFFL
FKLDANGNPTTELTDQGGYFDFAPLDRAQDVRRDIDYALEHMGFQIEASHHEVAPSQHEIDFRFGDVLCTADNVVTFKYV
VKSIAYHKGYYASFMPKPLFGVNGSGMHSNQSLFKDGKNVFYDPDTPTKLSQDAMYYIGGLLKHIREFTAVTNPVVNSYK
RLVPGYEAPVYISWSAQNRSSLIRIPATRGNGTRIELRCPDPACNPYLAFALMLRAGLEGIKNKIDPGEPTNVNIFHLSD
KEREERGIRSLPADLKEAIDEMKGSKFVKEALGEHVFSHYLCAKEMEWDEYKAVVHPWELSRYLSML
;
_entity_poly.pdbx_strand_id   A,B,C,D,E,F,G,H,I,J,K,L
#
# COMPACT_ATOMS: atom_id res chain seq x y z
N THR A 28 -42.22 -48.30 -5.82
CA THR A 28 -41.52 -48.84 -6.98
C THR A 28 -40.71 -50.07 -6.56
N THR A 29 -40.64 -51.06 -7.43
CA THR A 29 -39.93 -52.29 -7.14
C THR A 29 -38.54 -52.26 -7.78
N LYS A 30 -37.83 -53.38 -7.76
CA LYS A 30 -36.46 -53.42 -8.25
C LYS A 30 -36.37 -53.26 -9.76
N GLU A 31 -37.43 -53.58 -10.50
CA GLU A 31 -37.40 -53.48 -11.95
C GLU A 31 -37.79 -52.11 -12.47
N ASP A 32 -38.68 -51.40 -11.79
CA ASP A 32 -38.97 -50.03 -12.18
C ASP A 32 -37.74 -49.15 -12.06
N VAL A 33 -36.84 -49.46 -11.12
CA VAL A 33 -35.61 -48.68 -11.00
C VAL A 33 -34.77 -48.82 -12.25
N LEU A 34 -34.61 -50.07 -12.74
CA LEU A 34 -33.87 -50.27 -13.98
C LEU A 34 -34.57 -49.61 -15.16
N GLU A 35 -35.90 -49.72 -15.22
CA GLU A 35 -36.64 -49.10 -16.30
C GLU A 35 -36.44 -47.59 -16.33
N ALA A 36 -36.47 -46.96 -15.15
CA ALA A 36 -36.27 -45.52 -15.06
C ALA A 36 -34.82 -45.12 -15.30
N VAL A 37 -33.87 -46.01 -15.01
CA VAL A 37 -32.47 -45.74 -15.31
C VAL A 37 -32.22 -45.76 -16.80
N LYS A 38 -32.83 -46.69 -17.53
CA LYS A 38 -32.72 -46.72 -18.98
C LYS A 38 -33.49 -45.60 -19.66
N GLU A 39 -34.74 -45.39 -19.25
CA GLU A 39 -35.58 -44.39 -19.90
C GLU A 39 -35.08 -42.99 -19.66
N ARG A 40 -34.61 -42.68 -18.45
CA ARG A 40 -34.21 -41.34 -18.08
C ARG A 40 -32.74 -41.06 -18.34
N ASP A 41 -32.01 -42.04 -18.88
CA ASP A 41 -30.61 -41.86 -19.24
C ASP A 41 -29.78 -41.51 -18.00
N VAL A 42 -29.75 -42.46 -17.08
CA VAL A 42 -29.04 -42.32 -15.81
C VAL A 42 -27.71 -43.04 -15.92
N LYS A 43 -26.63 -42.33 -15.57
CA LYS A 43 -25.28 -42.86 -15.67
C LYS A 43 -24.70 -43.26 -14.32
N PHE A 44 -24.89 -42.44 -13.29
CA PHE A 44 -24.37 -42.70 -11.96
C PHE A 44 -25.51 -42.81 -10.97
N ILE A 45 -25.40 -43.78 -10.06
CA ILE A 45 -26.32 -43.93 -8.93
C ILE A 45 -25.52 -43.68 -7.67
N ARG A 46 -26.01 -42.80 -6.83
CA ARG A 46 -25.37 -42.47 -5.56
C ARG A 46 -26.04 -43.31 -4.47
N THR A 47 -25.39 -44.41 -4.11
CA THR A 47 -25.85 -45.19 -2.97
C THR A 47 -25.54 -44.44 -1.69
N GLN A 48 -26.54 -44.31 -0.82
CA GLN A 48 -26.47 -43.43 0.33
C GLN A 48 -27.01 -44.11 1.56
N PHE A 49 -26.49 -43.71 2.72
CA PHE A 49 -27.00 -44.15 4.00
C PHE A 49 -26.63 -43.11 5.04
N THR A 50 -27.30 -43.15 6.19
CA THR A 50 -27.05 -42.20 7.26
C THR A 50 -26.30 -42.87 8.40
N ASP A 51 -25.24 -42.21 8.88
CA ASP A 51 -24.45 -42.74 9.98
C ASP A 51 -25.15 -42.46 11.31
N THR A 52 -24.54 -42.96 12.40
CA THR A 52 -25.16 -42.88 13.72
C THR A 52 -25.45 -41.46 14.15
N LEU A 53 -24.71 -40.46 13.66
CA LEU A 53 -24.88 -39.08 14.09
C LEU A 53 -25.71 -38.27 13.10
N GLY A 54 -26.41 -38.91 12.18
CA GLY A 54 -27.31 -38.23 11.28
C GLY A 54 -26.67 -37.67 10.03
N ILE A 55 -25.41 -37.96 9.79
CA ILE A 55 -24.71 -37.42 8.63
C ILE A 55 -24.89 -38.36 7.45
N ILE A 56 -25.10 -37.79 6.28
CA ILE A 56 -25.38 -38.54 5.07
C ILE A 56 -24.06 -38.94 4.42
N LYS A 57 -23.94 -40.22 4.09
CA LYS A 57 -22.73 -40.78 3.51
C LYS A 57 -23.11 -41.47 2.21
N SER A 58 -22.51 -41.04 1.11
CA SER A 58 -22.90 -41.53 -0.20
C SER A 58 -21.67 -41.80 -1.05
N TRP A 59 -21.82 -42.70 -2.01
CA TRP A 59 -20.82 -42.84 -3.05
C TRP A 59 -21.46 -43.35 -4.33
N ALA A 60 -20.79 -43.09 -5.44
CA ALA A 60 -21.35 -43.33 -6.76
C ALA A 60 -20.91 -44.67 -7.32
N ILE A 61 -21.83 -45.32 -8.00
CA ILE A 61 -21.53 -46.52 -8.80
C ILE A 61 -22.12 -46.26 -10.18
N PRO A 62 -21.52 -46.78 -11.25
CA PRO A 62 -22.12 -46.62 -12.58
C PRO A 62 -23.43 -47.39 -12.70
N ALA A 63 -24.29 -46.90 -13.59
CA ALA A 63 -25.57 -47.57 -13.81
C ALA A 63 -25.38 -48.99 -14.32
N GLU A 64 -24.20 -49.29 -14.88
CA GLU A 64 -23.92 -50.65 -15.31
C GLU A 64 -23.83 -51.60 -14.12
N GLN A 65 -23.42 -51.08 -12.96
CA GLN A 65 -23.26 -51.90 -11.77
C GLN A 65 -24.53 -52.07 -10.97
N LEU A 66 -25.65 -51.50 -11.44
CA LEU A 66 -26.87 -51.49 -10.63
C LEU A 66 -27.42 -52.89 -10.40
N GLU A 67 -27.42 -53.73 -11.45
CA GLU A 67 -27.95 -55.08 -11.29
C GLU A 67 -27.12 -55.89 -10.29
N GLU A 68 -25.80 -55.80 -10.40
CA GLU A 68 -24.94 -56.46 -9.43
C GLU A 68 -25.12 -55.88 -8.04
N ALA A 69 -25.27 -54.56 -7.93
CA ALA A 69 -25.48 -53.96 -6.63
C ALA A 69 -26.80 -54.40 -6.01
N PHE A 70 -27.81 -54.62 -6.84
CA PHE A 70 -29.09 -55.09 -6.36
C PHE A 70 -29.07 -56.55 -5.94
N GLU A 71 -28.32 -57.38 -6.66
CA GLU A 71 -28.25 -58.80 -6.35
C GLU A 71 -27.30 -59.12 -5.20
N ASN A 72 -26.20 -58.39 -5.09
CA ASN A 72 -25.16 -58.68 -4.10
C ASN A 72 -25.00 -57.60 -3.04
N GLY A 73 -25.47 -56.39 -3.30
CA GLY A 73 -25.21 -55.28 -2.40
C GLY A 73 -23.86 -54.66 -2.68
N VAL A 74 -23.63 -53.49 -2.11
CA VAL A 74 -22.40 -52.74 -2.33
C VAL A 74 -21.61 -52.67 -1.03
N MET A 75 -20.32 -52.99 -1.10
CA MET A 75 -19.50 -53.13 0.09
C MET A 75 -18.79 -51.83 0.43
N PHE A 76 -18.63 -51.57 1.72
CA PHE A 76 -17.92 -50.38 2.17
C PHE A 76 -17.23 -50.69 3.50
N ASP A 77 -16.59 -49.66 4.06
CA ASP A 77 -15.76 -49.77 5.25
C ASP A 77 -16.50 -49.17 6.43
N GLY A 78 -16.84 -50.00 7.41
CA GLY A 78 -17.55 -49.52 8.57
C GLY A 78 -16.69 -48.84 9.60
N SER A 79 -15.37 -49.05 9.56
CA SER A 79 -14.49 -48.44 10.54
C SER A 79 -14.30 -46.95 10.28
N SER A 80 -14.55 -46.49 9.05
CA SER A 80 -14.44 -45.08 8.71
C SER A 80 -15.78 -44.36 8.82
N ILE A 81 -16.75 -44.96 9.50
CA ILE A 81 -18.06 -44.38 9.72
C ILE A 81 -18.27 -44.29 11.23
N GLN A 82 -18.73 -43.14 11.71
CA GLN A 82 -18.88 -42.93 13.14
C GLN A 82 -19.99 -43.84 13.69
N GLY A 83 -19.71 -44.46 14.83
CA GLY A 83 -20.68 -45.31 15.49
C GLY A 83 -21.02 -46.57 14.73
N PHE A 84 -20.04 -47.17 14.08
CA PHE A 84 -20.21 -48.35 13.25
C PHE A 84 -19.21 -49.41 13.69
N THR A 85 -18.97 -50.40 12.84
CA THR A 85 -18.08 -51.51 13.20
C THR A 85 -16.64 -51.04 13.40
N ARG A 86 -15.83 -51.95 13.95
CA ARG A 86 -14.44 -51.69 14.27
C ARG A 86 -13.51 -52.04 13.11
N ILE A 87 -12.23 -51.74 13.29
CA ILE A 87 -11.26 -51.91 12.21
C ILE A 87 -10.95 -53.39 11.97
N GLU A 88 -10.89 -54.22 13.01
CA GLU A 88 -10.57 -55.63 12.84
C GLU A 88 -11.69 -56.41 12.13
N GLU A 89 -12.93 -55.95 12.24
CA GLU A 89 -14.07 -56.43 11.46
C GLU A 89 -14.83 -55.23 10.91
N SER A 90 -14.42 -54.79 9.71
CA SER A 90 -14.83 -53.52 9.17
C SER A 90 -15.67 -53.62 7.91
N ASP A 91 -15.59 -54.72 7.16
CA ASP A 91 -16.39 -54.86 5.96
C ASP A 91 -17.87 -54.75 6.31
N MET A 92 -18.59 -53.92 5.56
CA MET A 92 -20.04 -53.80 5.69
C MET A 92 -20.66 -53.88 4.32
N LYS A 93 -21.91 -54.32 4.27
CA LYS A 93 -22.66 -54.35 3.03
C LYS A 93 -23.80 -53.35 3.10
N LEU A 94 -24.19 -52.83 1.94
CA LEU A 94 -25.35 -51.96 1.83
C LEU A 94 -26.30 -52.61 0.83
N ALA A 95 -27.51 -52.90 1.30
CA ALA A 95 -28.56 -53.41 0.44
C ALA A 95 -29.47 -52.28 0.02
N LEU A 96 -29.81 -52.25 -1.26
CA LEU A 96 -30.49 -51.12 -1.86
C LEU A 96 -32.01 -51.22 -1.66
N ASP A 97 -32.63 -50.05 -1.48
CA ASP A 97 -34.08 -49.94 -1.35
C ASP A 97 -34.65 -49.35 -2.62
N PRO A 98 -35.33 -50.13 -3.46
CA PRO A 98 -35.82 -49.56 -4.74
C PRO A 98 -36.78 -48.40 -4.57
N SER A 99 -37.57 -48.38 -3.50
CA SER A 99 -38.58 -47.34 -3.33
C SER A 99 -37.96 -45.95 -3.19
N THR A 100 -36.71 -45.87 -2.77
CA THR A 100 -36.05 -44.59 -2.52
C THR A 100 -35.36 -44.02 -3.75
N PHE A 101 -35.47 -44.67 -4.90
CA PHE A 101 -34.83 -44.17 -6.11
C PHE A 101 -35.37 -42.80 -6.48
N ARG A 102 -34.49 -41.80 -6.45
CA ARG A 102 -34.83 -40.44 -6.84
C ARG A 102 -33.78 -39.96 -7.82
N ILE A 103 -34.16 -38.97 -8.63
CA ILE A 103 -33.28 -38.35 -9.62
C ILE A 103 -32.89 -36.99 -9.07
N LEU A 104 -31.60 -36.71 -9.03
CA LEU A 104 -31.11 -35.43 -8.54
C LEU A 104 -31.19 -34.39 -9.64
N PRO A 105 -31.99 -33.32 -9.48
CA PRO A 105 -32.20 -32.41 -10.60
C PRO A 105 -31.07 -31.40 -10.81
N TRP A 106 -30.33 -31.08 -9.76
CA TRP A 106 -29.27 -30.09 -9.86
C TRP A 106 -28.01 -30.64 -10.51
N ARG A 107 -27.96 -31.91 -10.84
CA ARG A 107 -26.86 -32.47 -11.58
C ARG A 107 -27.24 -32.67 -13.04
N PRO A 108 -26.25 -32.79 -13.94
CA PRO A 108 -26.57 -32.73 -15.36
C PRO A 108 -27.55 -33.81 -15.79
N ALA A 109 -28.37 -33.46 -16.79
CA ALA A 109 -29.41 -34.35 -17.30
C ALA A 109 -28.89 -35.34 -18.34
N THR A 110 -27.79 -35.04 -19.02
CA THR A 110 -27.21 -35.98 -19.97
C THR A 110 -26.72 -37.22 -19.23
N GLY A 111 -25.71 -37.07 -18.39
CA GLY A 111 -25.31 -38.14 -17.51
C GLY A 111 -26.08 -38.07 -16.21
N ALA A 112 -27.38 -38.32 -16.30
CA ALA A 112 -28.26 -38.08 -15.16
C ALA A 112 -27.80 -38.88 -13.96
N VAL A 113 -27.89 -38.25 -12.78
CA VAL A 113 -27.44 -38.83 -11.53
C VAL A 113 -28.67 -39.10 -10.67
N ALA A 114 -28.80 -40.33 -10.20
CA ALA A 114 -29.86 -40.71 -9.28
C ALA A 114 -29.25 -41.02 -7.91
N ARG A 115 -30.12 -41.19 -6.93
CA ARG A 115 -29.71 -41.65 -5.61
C ARG A 115 -30.54 -42.85 -5.23
N ILE A 116 -30.01 -43.64 -4.30
CA ILE A 116 -30.76 -44.75 -3.72
C ILE A 116 -30.31 -44.93 -2.29
N LEU A 117 -31.24 -44.81 -1.35
CA LEU A 117 -30.94 -45.11 0.04
C LEU A 117 -30.92 -46.62 0.23
N GLY A 118 -30.19 -47.06 1.25
CA GLY A 118 -30.04 -48.47 1.52
C GLY A 118 -30.00 -48.75 3.01
N ASP A 119 -30.14 -50.03 3.33
CA ASP A 119 -29.98 -50.54 4.68
C ASP A 119 -28.60 -51.16 4.84
N VAL A 120 -28.08 -51.10 6.06
CA VAL A 120 -26.74 -51.58 6.35
C VAL A 120 -26.83 -53.00 6.88
N TYR A 121 -26.01 -53.88 6.31
CA TYR A 121 -25.99 -55.29 6.66
C TYR A 121 -24.58 -55.69 7.02
N LEU A 122 -24.48 -56.69 7.89
CA LEU A 122 -23.17 -57.29 8.09
C LEU A 122 -22.86 -58.22 6.92
N PRO A 123 -21.59 -58.40 6.57
CA PRO A 123 -21.28 -59.23 5.39
C PRO A 123 -21.82 -60.64 5.49
N ASP A 124 -22.00 -61.19 6.69
CA ASP A 124 -22.54 -62.55 6.81
C ASP A 124 -23.98 -62.61 6.28
N GLY A 125 -24.77 -61.59 6.54
CA GLY A 125 -26.12 -61.52 6.00
C GLY A 125 -27.15 -60.94 6.93
N ASN A 126 -26.83 -60.82 8.22
CA ASN A 126 -27.79 -60.27 9.16
C ASN A 126 -27.82 -58.75 9.05
N PRO A 127 -28.95 -58.13 9.37
CA PRO A 127 -29.03 -56.66 9.34
C PRO A 127 -28.19 -56.06 10.46
N PHE A 128 -27.48 -54.97 10.15
CA PHE A 128 -26.69 -54.28 11.16
C PHE A 128 -27.61 -53.60 12.17
N LYS A 129 -27.58 -54.08 13.41
CA LYS A 129 -28.43 -53.51 14.45
C LYS A 129 -28.06 -52.07 14.77
N GLY A 130 -26.85 -51.64 14.42
CA GLY A 130 -26.42 -50.28 14.70
C GLY A 130 -26.85 -49.25 13.69
N ASP A 131 -27.65 -49.66 12.69
CA ASP A 131 -28.10 -48.73 11.67
C ASP A 131 -29.31 -47.94 12.16
N PRO A 132 -29.26 -46.60 12.15
CA PRO A 132 -30.42 -45.84 12.63
C PRO A 132 -31.70 -46.15 11.88
N ARG A 133 -31.61 -46.43 10.59
CA ARG A 133 -32.79 -46.80 9.83
C ARG A 133 -33.42 -48.07 10.39
N TYR A 134 -32.58 -49.02 10.82
CA TYR A 134 -33.10 -50.24 11.42
C TYR A 134 -33.79 -49.95 12.75
N VAL A 135 -33.27 -48.98 13.51
CA VAL A 135 -33.90 -48.59 14.77
C VAL A 135 -35.29 -48.02 14.50
N LEU A 136 -35.39 -47.13 13.50
CA LEU A 136 -36.69 -46.55 13.19
C LEU A 136 -37.65 -47.62 12.69
N LYS A 137 -37.16 -48.57 11.90
CA LYS A 137 -37.99 -49.66 11.42
C LYS A 137 -38.50 -50.51 12.57
N THR A 138 -37.64 -50.77 13.56
CA THR A 138 -38.08 -51.52 14.74
C THR A 138 -39.18 -50.78 15.49
N ALA A 139 -39.02 -49.46 15.65
CA ALA A 139 -40.06 -48.67 16.31
C ALA A 139 -41.37 -48.74 15.54
N ILE A 140 -41.29 -48.68 14.21
CA ILE A 140 -42.48 -48.76 13.36
C ILE A 140 -43.14 -50.12 13.58
N LYS A 141 -42.33 -51.17 13.73
CA LYS A 141 -42.89 -52.49 13.99
C LYS A 141 -43.65 -52.51 15.31
N GLU A 142 -43.07 -51.93 16.36
CA GLU A 142 -43.79 -51.90 17.64
C GLU A 142 -45.08 -51.09 17.52
N ALA A 143 -45.08 -50.04 16.69
CA ALA A 143 -46.31 -49.30 16.43
C ALA A 143 -47.35 -50.15 15.72
N GLU A 144 -46.93 -50.96 14.74
CA GLU A 144 -47.86 -51.78 13.98
C GLU A 144 -48.63 -52.75 14.86
N LYS A 145 -48.07 -53.18 15.98
CA LYS A 145 -48.75 -54.13 16.87
C LYS A 145 -49.99 -53.55 17.51
N MET A 146 -50.12 -52.22 17.56
CA MET A 146 -51.30 -51.58 18.12
C MET A 146 -52.23 -51.02 17.04
N GLY A 147 -51.95 -51.27 15.77
CA GLY A 147 -52.77 -50.77 14.69
C GLY A 147 -52.47 -49.35 14.26
N PHE A 148 -51.40 -48.75 14.76
CA PHE A 148 -51.08 -47.37 14.48
C PHE A 148 -50.00 -47.28 13.41
N SER A 149 -49.88 -46.08 12.83
CA SER A 149 -48.78 -45.78 11.92
C SER A 149 -48.45 -44.31 12.11
N MET A 150 -47.28 -44.03 12.67
CA MET A 150 -46.90 -42.64 12.91
C MET A 150 -46.80 -41.87 11.60
N ASN A 151 -47.35 -40.66 11.61
CA ASN A 151 -47.19 -39.71 10.54
C ASN A 151 -46.49 -38.50 11.11
N VAL A 152 -45.58 -37.90 10.34
CA VAL A 152 -44.88 -36.73 10.83
C VAL A 152 -44.44 -35.84 9.68
N GLY A 153 -44.56 -34.53 9.87
CA GLY A 153 -43.98 -33.56 8.97
C GLY A 153 -43.16 -32.56 9.74
N PRO A 154 -41.84 -32.55 9.55
CA PRO A 154 -41.00 -31.61 10.29
C PRO A 154 -40.90 -30.26 9.59
N GLU A 155 -40.71 -29.23 10.40
CA GLU A 155 -40.45 -27.87 9.93
C GLU A 155 -38.96 -27.61 10.14
N LEU A 156 -38.20 -27.69 9.05
CA LEU A 156 -36.76 -27.51 9.10
C LEU A 156 -36.41 -26.08 8.74
N GLU A 157 -35.71 -25.41 9.64
CA GLU A 157 -35.27 -24.04 9.45
C GLU A 157 -33.76 -24.04 9.23
N PHE A 158 -33.30 -23.21 8.31
CA PHE A 158 -31.88 -23.08 8.03
C PHE A 158 -31.51 -21.62 7.94
N PHE A 159 -30.21 -21.36 7.94
CA PHE A 159 -29.67 -20.03 7.74
C PHE A 159 -28.95 -19.99 6.41
N LEU A 160 -29.05 -18.86 5.71
CA LEU A 160 -28.40 -18.67 4.43
C LEU A 160 -27.30 -17.65 4.64
N PHE A 161 -26.05 -18.13 4.68
CA PHE A 161 -24.90 -17.28 4.87
C PHE A 161 -24.11 -17.17 3.57
N LYS A 162 -23.07 -16.34 3.60
CA LYS A 162 -22.24 -16.11 2.43
C LYS A 162 -21.01 -17.01 2.48
N LEU A 163 -20.53 -17.40 1.30
CA LEU A 163 -19.25 -18.08 1.19
C LEU A 163 -18.13 -17.08 1.08
N ASP A 164 -16.95 -17.47 1.55
CA ASP A 164 -15.77 -16.64 1.45
C ASP A 164 -15.17 -16.78 0.04
N ALA A 165 -13.97 -16.25 -0.16
CA ALA A 165 -13.33 -16.28 -1.47
C ALA A 165 -13.07 -17.71 -1.93
N ASN A 166 -12.57 -18.55 -1.02
CA ASN A 166 -12.29 -19.94 -1.37
C ASN A 166 -13.58 -20.70 -1.67
N GLY A 167 -14.63 -20.42 -0.91
CA GLY A 167 -15.89 -21.12 -1.07
C GLY A 167 -16.27 -21.88 0.19
N ASN A 168 -15.64 -21.53 1.30
CA ASN A 168 -15.94 -22.14 2.59
C ASN A 168 -17.11 -21.43 3.26
N PRO A 169 -17.80 -22.10 4.17
CA PRO A 169 -18.90 -21.46 4.89
C PRO A 169 -18.43 -20.30 5.75
N THR A 170 -19.29 -19.29 5.87
CA THR A 170 -19.12 -18.19 6.81
C THR A 170 -20.41 -18.03 7.61
N THR A 171 -20.43 -17.02 8.48
CA THR A 171 -21.61 -16.68 9.25
C THR A 171 -22.07 -15.26 8.92
N GLU A 172 -21.58 -14.71 7.81
CA GLU A 172 -22.03 -13.41 7.35
C GLU A 172 -23.45 -13.51 6.81
N LEU A 173 -24.29 -12.56 7.19
CA LEU A 173 -25.68 -12.56 6.80
C LEU A 173 -25.83 -12.29 5.30
N THR A 174 -26.86 -12.90 4.72
CA THR A 174 -27.25 -12.61 3.35
C THR A 174 -28.36 -11.56 3.27
N ASP A 175 -29.06 -11.31 4.37
CA ASP A 175 -30.02 -10.23 4.48
C ASP A 175 -30.29 -9.99 5.96
N GLN A 176 -30.92 -8.85 6.26
CA GLN A 176 -31.28 -8.48 7.62
C GLN A 176 -32.77 -8.62 7.89
N GLY A 177 -33.49 -9.38 7.07
CA GLY A 177 -34.93 -9.46 7.17
C GLY A 177 -35.39 -10.16 8.43
N GLY A 178 -36.71 -10.23 8.57
CA GLY A 178 -37.35 -10.84 9.70
C GLY A 178 -38.37 -11.86 9.25
N TYR A 179 -39.45 -11.95 10.03
CA TYR A 179 -40.48 -12.94 9.79
C TYR A 179 -41.43 -12.47 8.69
N PHE A 180 -41.58 -13.28 7.64
CA PHE A 180 -42.51 -13.00 6.54
C PHE A 180 -42.15 -11.71 5.82
N ASP A 181 -40.86 -11.41 5.72
CA ASP A 181 -40.42 -10.17 5.11
C ASP A 181 -40.32 -10.32 3.60
N PHE A 182 -40.84 -9.32 2.88
CA PHE A 182 -40.75 -9.23 1.44
C PHE A 182 -39.42 -8.61 1.02
N ALA A 183 -39.08 -8.76 -0.27
CA ALA A 183 -37.86 -8.18 -0.78
C ALA A 183 -37.97 -6.65 -0.81
N PRO A 184 -36.83 -5.94 -0.72
CA PRO A 184 -35.44 -6.42 -0.65
C PRO A 184 -34.96 -6.74 0.76
N LEU A 185 -35.82 -6.74 1.78
CA LEU A 185 -35.42 -7.23 3.08
C LEU A 185 -35.19 -8.74 3.07
N ASP A 186 -35.88 -9.45 2.18
CA ASP A 186 -35.74 -10.89 2.02
C ASP A 186 -35.02 -11.14 0.69
N ARG A 187 -33.71 -11.30 0.75
CA ARG A 187 -32.89 -11.55 -0.44
C ARG A 187 -32.61 -13.03 -0.63
N ALA A 188 -33.65 -13.86 -0.59
CA ALA A 188 -33.49 -15.29 -0.88
C ALA A 188 -34.65 -15.87 -1.67
N GLN A 189 -35.45 -15.04 -2.32
CA GLN A 189 -36.59 -15.54 -3.08
C GLN A 189 -36.12 -16.49 -4.19
N ASP A 190 -35.01 -16.17 -4.84
CA ASP A 190 -34.50 -17.04 -5.89
C ASP A 190 -34.00 -18.37 -5.33
N VAL A 191 -33.24 -18.30 -4.24
CA VAL A 191 -32.72 -19.52 -3.62
C VAL A 191 -33.87 -20.39 -3.14
N ARG A 192 -34.85 -19.77 -2.48
CA ARG A 192 -36.00 -20.52 -1.98
C ARG A 192 -36.82 -21.10 -3.12
N ARG A 193 -36.97 -20.35 -4.20
CA ARG A 193 -37.68 -20.84 -5.39
C ARG A 193 -37.00 -22.06 -5.97
N ASP A 194 -35.68 -22.01 -6.11
CA ASP A 194 -34.97 -23.13 -6.69
C ASP A 194 -34.96 -24.33 -5.76
N ILE A 195 -34.90 -24.08 -4.45
CA ILE A 195 -35.01 -25.18 -3.50
C ILE A 195 -36.37 -25.85 -3.61
N ASP A 196 -37.44 -25.05 -3.72
CA ASP A 196 -38.78 -25.61 -3.87
C ASP A 196 -38.88 -26.43 -5.15
N TYR A 197 -38.30 -25.94 -6.24
CA TYR A 197 -38.32 -26.70 -7.48
C TYR A 197 -37.58 -28.01 -7.34
N ALA A 198 -36.39 -27.98 -6.74
CA ALA A 198 -35.61 -29.21 -6.58
C ALA A 198 -36.34 -30.22 -5.72
N LEU A 199 -36.90 -29.76 -4.59
CA LEU A 199 -37.68 -30.65 -3.74
C LEU A 199 -38.85 -31.25 -4.50
N GLU A 200 -39.65 -30.40 -5.16
CA GLU A 200 -40.79 -30.90 -5.92
C GLU A 200 -40.36 -31.96 -6.92
N HIS A 201 -39.21 -31.76 -7.56
CA HIS A 201 -38.69 -32.79 -8.46
C HIS A 201 -38.33 -34.06 -7.70
N MET A 202 -37.85 -33.95 -6.47
CA MET A 202 -37.50 -35.13 -5.67
C MET A 202 -38.68 -35.59 -4.82
N GLY A 203 -39.85 -35.71 -5.42
CA GLY A 203 -41.03 -36.21 -4.73
C GLY A 203 -41.33 -35.55 -3.40
N PHE A 204 -41.57 -34.24 -3.43
CA PHE A 204 -41.87 -33.47 -2.23
C PHE A 204 -43.13 -32.67 -2.50
N GLN A 205 -44.02 -32.58 -1.52
CA GLN A 205 -45.20 -31.74 -1.60
C GLN A 205 -44.96 -30.52 -0.71
N ILE A 206 -44.58 -29.41 -1.33
CA ILE A 206 -44.31 -28.20 -0.58
C ILE A 206 -45.61 -27.58 -0.12
N GLU A 207 -45.68 -27.20 1.15
CA GLU A 207 -46.83 -26.51 1.71
C GLU A 207 -46.62 -25.00 1.64
N ALA A 208 -45.52 -24.51 2.20
CA ALA A 208 -45.23 -23.09 2.25
C ALA A 208 -43.73 -22.89 2.40
N SER A 209 -43.27 -21.71 2.03
CA SER A 209 -41.88 -21.31 2.18
C SER A 209 -41.83 -19.84 2.56
N HIS A 210 -40.98 -19.50 3.53
CA HIS A 210 -41.01 -18.14 4.06
C HIS A 210 -39.73 -17.82 4.78
N HIS A 211 -39.49 -16.52 4.93
CA HIS A 211 -38.45 -15.99 5.80
C HIS A 211 -38.86 -16.15 7.26
N GLU A 212 -37.89 -16.42 8.11
CA GLU A 212 -38.14 -16.71 9.51
C GLU A 212 -37.60 -15.56 10.36
N VAL A 213 -37.76 -15.69 11.68
CA VAL A 213 -37.57 -14.55 12.58
C VAL A 213 -36.15 -14.02 12.49
N ALA A 214 -35.16 -14.92 12.55
CA ALA A 214 -33.78 -14.48 12.59
C ALA A 214 -33.39 -13.87 11.24
N PRO A 215 -32.38 -13.00 11.22
CA PRO A 215 -31.89 -12.49 9.93
C PRO A 215 -31.33 -13.61 9.07
N SER A 216 -31.80 -13.67 7.84
CA SER A 216 -31.37 -14.64 6.83
C SER A 216 -31.67 -16.07 7.22
N GLN A 217 -32.72 -16.31 8.00
CA GLN A 217 -33.18 -17.64 8.35
C GLN A 217 -34.48 -17.93 7.62
N HIS A 218 -34.55 -19.07 6.95
CA HIS A 218 -35.68 -19.43 6.12
C HIS A 218 -36.26 -20.75 6.57
N GLU A 219 -37.51 -21.00 6.17
CA GLU A 219 -38.21 -22.22 6.51
C GLU A 219 -38.99 -22.67 5.28
N ILE A 220 -38.86 -23.95 4.95
CA ILE A 220 -39.63 -24.57 3.88
C ILE A 220 -40.35 -25.75 4.52
N ASP A 221 -41.67 -25.77 4.39
CA ASP A 221 -42.48 -26.84 4.94
C ASP A 221 -42.97 -27.74 3.82
N PHE A 222 -43.01 -29.04 4.08
CA PHE A 222 -43.48 -30.01 3.12
C PHE A 222 -44.46 -30.94 3.80
N ARG A 223 -45.32 -31.57 2.99
CA ARG A 223 -46.40 -32.37 3.52
C ARG A 223 -45.87 -33.54 4.33
N PHE A 224 -46.61 -33.91 5.37
CA PHE A 224 -46.23 -35.03 6.22
C PHE A 224 -46.43 -36.37 5.50
N GLY A 225 -45.93 -37.42 6.12
CA GLY A 225 -46.07 -38.76 5.60
C GLY A 225 -45.66 -39.78 6.63
N ASP A 226 -45.54 -41.02 6.17
CA ASP A 226 -45.07 -42.09 7.06
C ASP A 226 -43.71 -41.71 7.63
N VAL A 227 -43.32 -42.42 8.70
CA VAL A 227 -42.11 -42.03 9.43
C VAL A 227 -40.87 -42.31 8.61
N LEU A 228 -40.80 -43.49 7.98
CA LEU A 228 -39.63 -43.82 7.17
C LEU A 228 -39.45 -42.82 6.04
N CYS A 229 -40.53 -42.58 5.29
CA CYS A 229 -40.47 -41.64 4.19
C CYS A 229 -40.10 -40.26 4.69
N THR A 230 -40.61 -39.87 5.86
CA THR A 230 -40.35 -38.52 6.36
C THR A 230 -38.91 -38.37 6.86
N ALA A 231 -38.33 -39.41 7.43
CA ALA A 231 -36.92 -39.35 7.84
C ALA A 231 -36.01 -39.27 6.62
N ASP A 232 -36.29 -40.11 5.61
CA ASP A 232 -35.57 -40.00 4.35
C ASP A 232 -35.73 -38.61 3.75
N ASN A 233 -36.93 -38.06 3.85
CA ASN A 233 -37.18 -36.70 3.38
C ASN A 233 -36.37 -35.69 4.17
N VAL A 234 -36.18 -35.89 5.47
CA VAL A 234 -35.43 -34.93 6.26
C VAL A 234 -33.98 -34.89 5.81
N VAL A 235 -33.36 -36.07 5.69
CA VAL A 235 -31.96 -36.10 5.28
C VAL A 235 -31.81 -35.57 3.85
N THR A 236 -32.72 -35.97 2.96
CA THR A 236 -32.74 -35.43 1.62
C THR A 236 -32.84 -33.92 1.65
N PHE A 237 -33.96 -33.40 2.14
CA PHE A 237 -34.18 -31.96 2.25
C PHE A 237 -32.90 -31.25 2.68
N LYS A 238 -32.23 -31.78 3.70
CA LYS A 238 -31.02 -31.12 4.17
C LYS A 238 -29.96 -31.04 3.08
N TYR A 239 -29.63 -32.19 2.46
CA TYR A 239 -28.51 -32.10 1.51
C TYR A 239 -28.92 -31.44 0.20
N VAL A 240 -30.21 -31.52 -0.16
CA VAL A 240 -30.72 -30.80 -1.33
C VAL A 240 -30.59 -29.31 -1.11
N VAL A 241 -31.00 -28.83 0.08
CA VAL A 241 -30.91 -27.41 0.38
C VAL A 241 -29.46 -26.95 0.35
N LYS A 242 -28.58 -27.73 0.96
CA LYS A 242 -27.17 -27.34 0.98
C LYS A 242 -26.58 -27.28 -0.42
N SER A 243 -26.91 -28.27 -1.27
CA SER A 243 -26.36 -28.28 -2.63
C SER A 243 -26.90 -27.10 -3.45
N ILE A 244 -28.19 -26.83 -3.34
CA ILE A 244 -28.78 -25.73 -4.10
C ILE A 244 -28.16 -24.40 -3.66
N ALA A 245 -28.05 -24.20 -2.35
CA ALA A 245 -27.45 -22.98 -1.85
C ALA A 245 -26.01 -22.84 -2.31
N TYR A 246 -25.25 -23.93 -2.26
CA TYR A 246 -23.86 -23.88 -2.70
C TYR A 246 -23.77 -23.47 -4.16
N HIS A 247 -24.61 -24.05 -5.01
CA HIS A 247 -24.55 -23.75 -6.42
C HIS A 247 -25.04 -22.35 -6.75
N LYS A 248 -25.90 -21.77 -5.92
CA LYS A 248 -26.30 -20.38 -6.10
C LYS A 248 -25.37 -19.40 -5.41
N GLY A 249 -24.31 -19.87 -4.76
CA GLY A 249 -23.30 -19.01 -4.20
C GLY A 249 -23.39 -18.75 -2.71
N TYR A 250 -24.27 -19.43 -1.99
CA TYR A 250 -24.44 -19.24 -0.56
C TYR A 250 -24.09 -20.52 0.18
N TYR A 251 -24.33 -20.51 1.48
CA TYR A 251 -24.17 -21.68 2.32
C TYR A 251 -25.42 -21.83 3.18
N ALA A 252 -26.07 -22.98 3.10
CA ALA A 252 -27.20 -23.29 3.95
C ALA A 252 -26.72 -24.06 5.16
N SER A 253 -26.99 -23.52 6.35
CA SER A 253 -26.50 -24.09 7.59
C SER A 253 -27.68 -24.49 8.46
N PHE A 254 -27.68 -25.74 8.92
CA PHE A 254 -28.66 -26.25 9.85
C PHE A 254 -28.12 -26.33 11.27
N MET A 255 -27.20 -25.43 11.60
CA MET A 255 -26.74 -25.22 12.96
C MET A 255 -27.87 -24.63 13.80
N PRO A 256 -28.20 -25.22 14.95
CA PRO A 256 -29.32 -24.67 15.73
C PRO A 256 -29.14 -23.22 16.15
N LYS A 257 -27.96 -22.83 16.62
CA LYS A 257 -27.72 -21.50 17.16
C LYS A 257 -26.42 -20.95 16.59
N PRO A 258 -26.40 -20.54 15.33
CA PRO A 258 -25.17 -20.01 14.75
C PRO A 258 -24.90 -18.57 15.17
N LEU A 259 -25.93 -17.87 15.61
CA LEU A 259 -25.86 -16.46 15.98
C LEU A 259 -26.47 -16.27 17.36
N PHE A 260 -25.84 -15.43 18.17
CA PHE A 260 -26.34 -15.11 19.50
C PHE A 260 -27.30 -13.93 19.43
N GLY A 261 -28.32 -13.96 20.28
CA GLY A 261 -29.25 -12.88 20.38
C GLY A 261 -30.38 -12.89 19.39
N VAL A 262 -30.38 -13.84 18.45
CA VAL A 262 -31.44 -14.01 17.47
C VAL A 262 -31.97 -15.43 17.60
N ASN A 263 -33.09 -15.70 16.94
CA ASN A 263 -33.71 -17.00 17.01
C ASN A 263 -32.74 -18.07 16.51
N GLY A 264 -33.02 -19.31 16.91
CA GLY A 264 -32.25 -20.44 16.45
C GLY A 264 -33.07 -21.31 15.53
N SER A 265 -32.40 -22.24 14.87
CA SER A 265 -33.04 -23.15 13.94
C SER A 265 -33.52 -24.38 14.69
N GLY A 266 -34.80 -24.69 14.56
CA GLY A 266 -35.37 -25.86 15.20
C GLY A 266 -36.16 -26.67 14.22
N MET A 267 -36.17 -27.98 14.45
CA MET A 267 -36.90 -28.93 13.62
C MET A 267 -38.12 -29.37 14.43
N HIS A 268 -39.20 -28.61 14.29
CA HIS A 268 -40.42 -28.96 15.00
C HIS A 268 -41.00 -30.23 14.42
N SER A 269 -41.25 -31.21 15.29
CA SER A 269 -41.74 -32.52 14.89
C SER A 269 -43.25 -32.54 15.12
N ASN A 270 -44.00 -32.37 14.04
CA ASN A 270 -45.44 -32.53 14.06
C ASN A 270 -45.74 -34.01 13.85
N GLN A 271 -46.38 -34.64 14.83
CA GLN A 271 -46.58 -36.08 14.82
C GLN A 271 -48.05 -36.39 15.07
N SER A 272 -48.58 -37.35 14.33
CA SER A 272 -49.93 -37.84 14.49
C SER A 272 -49.94 -39.35 14.37
N LEU A 273 -51.03 -39.97 14.83
CA LEU A 273 -51.23 -41.39 14.72
C LEU A 273 -52.45 -41.66 13.85
N PHE A 274 -52.31 -42.54 12.88
CA PHE A 274 -53.37 -42.90 11.96
C PHE A 274 -53.70 -44.38 12.13
N LYS A 275 -54.98 -44.68 12.27
CA LYS A 275 -55.44 -46.06 12.34
C LYS A 275 -56.62 -46.22 11.40
N ASP A 276 -56.46 -47.07 10.39
CA ASP A 276 -57.48 -47.25 9.36
C ASP A 276 -57.73 -45.97 8.58
N GLY A 277 -56.66 -45.23 8.28
CA GLY A 277 -56.75 -44.03 7.48
C GLY A 277 -57.56 -42.91 8.12
N LYS A 278 -57.38 -42.71 9.42
CA LYS A 278 -58.08 -41.65 10.14
C LYS A 278 -57.18 -41.14 11.23
N ASN A 279 -57.24 -39.83 11.46
CA ASN A 279 -56.47 -39.21 12.54
C ASN A 279 -56.99 -39.71 13.89
N VAL A 280 -56.20 -40.54 14.56
CA VAL A 280 -56.61 -41.05 15.87
C VAL A 280 -56.60 -39.95 16.91
N PHE A 281 -55.84 -38.88 16.66
CA PHE A 281 -55.74 -37.78 17.61
C PHE A 281 -56.93 -36.83 17.55
N TYR A 282 -57.85 -37.02 16.61
CA TYR A 282 -59.00 -36.15 16.44
C TYR A 282 -60.23 -36.79 17.08
N ASP A 283 -60.99 -35.99 17.82
CA ASP A 283 -62.24 -36.45 18.42
C ASP A 283 -63.18 -35.26 18.49
N PRO A 284 -64.12 -35.14 17.55
CA PRO A 284 -65.00 -33.95 17.54
C PRO A 284 -65.93 -33.84 18.74
N ASP A 285 -66.18 -34.94 19.45
CA ASP A 285 -67.14 -34.95 20.55
C ASP A 285 -66.47 -34.76 21.91
N THR A 286 -65.32 -34.13 21.95
CA THR A 286 -64.58 -33.88 23.19
C THR A 286 -64.09 -32.43 23.18
N PRO A 287 -64.00 -31.81 24.35
CA PRO A 287 -63.45 -30.45 24.39
C PRO A 287 -62.01 -30.43 23.88
N THR A 288 -61.67 -29.36 23.17
CA THR A 288 -60.36 -29.25 22.53
C THR A 288 -60.29 -30.13 21.29
N LYS A 289 -61.33 -30.94 21.05
CA LYS A 289 -61.37 -31.84 19.89
C LYS A 289 -60.13 -32.72 19.83
N LEU A 290 -59.69 -33.20 20.98
CA LEU A 290 -58.52 -34.06 21.10
C LEU A 290 -58.91 -35.37 21.75
N SER A 291 -58.62 -36.47 21.06
CA SER A 291 -58.94 -37.81 21.54
C SER A 291 -58.08 -38.13 22.75
N GLN A 292 -58.58 -39.02 23.61
CA GLN A 292 -57.84 -39.34 24.83
C GLN A 292 -56.54 -40.05 24.50
N ASP A 293 -56.48 -40.75 23.36
CA ASP A 293 -55.21 -41.34 22.93
C ASP A 293 -54.17 -40.27 22.67
N ALA A 294 -54.58 -39.14 22.10
CA ALA A 294 -53.65 -38.02 21.93
C ALA A 294 -53.13 -37.53 23.28
N MET A 295 -54.00 -37.46 24.27
CA MET A 295 -53.59 -37.02 25.60
C MET A 295 -52.59 -38.00 26.21
N TYR A 296 -52.86 -39.30 26.09
CA TYR A 296 -51.94 -40.29 26.62
C TYR A 296 -50.59 -40.22 25.93
N TYR A 297 -50.60 -40.04 24.61
CA TYR A 297 -49.36 -39.92 23.86
C TYR A 297 -48.58 -38.69 24.30
N ILE A 298 -49.29 -37.58 24.55
CA ILE A 298 -48.64 -36.38 25.08
C ILE A 298 -48.00 -36.68 26.43
N GLY A 299 -48.73 -37.40 27.28
CA GLY A 299 -48.20 -37.77 28.59
C GLY A 299 -46.95 -38.63 28.52
N GLY A 300 -46.94 -39.61 27.62
CA GLY A 300 -45.76 -40.42 27.42
C GLY A 300 -44.58 -39.60 26.92
N LEU A 301 -44.84 -38.72 25.96
CA LEU A 301 -43.79 -37.84 25.45
C LEU A 301 -43.20 -37.00 26.58
N LEU A 302 -44.08 -36.41 27.40
CA LEU A 302 -43.61 -35.58 28.50
C LEU A 302 -42.81 -36.39 29.51
N LYS A 303 -43.28 -37.60 29.80
CA LYS A 303 -42.59 -38.45 30.76
C LYS A 303 -41.17 -38.77 30.29
N HIS A 304 -41.00 -39.06 29.00
CA HIS A 304 -39.74 -39.58 28.51
C HIS A 304 -38.87 -38.57 27.78
N ILE A 305 -39.29 -37.31 27.68
CA ILE A 305 -38.50 -36.34 26.91
C ILE A 305 -37.10 -36.18 27.49
N ARG A 306 -37.00 -35.95 28.80
CA ARG A 306 -35.72 -35.66 29.43
C ARG A 306 -34.68 -36.73 29.12
N GLU A 307 -35.12 -37.98 29.00
CA GLU A 307 -34.18 -39.09 28.83
C GLU A 307 -33.47 -39.03 27.48
N PHE A 308 -34.19 -38.68 26.42
CA PHE A 308 -33.61 -38.67 25.08
C PHE A 308 -33.51 -37.27 24.49
N THR A 309 -33.54 -36.23 25.33
CA THR A 309 -33.13 -34.91 24.87
C THR A 309 -31.70 -34.94 24.33
N ALA A 310 -30.89 -35.90 24.77
CA ALA A 310 -29.53 -36.03 24.24
C ALA A 310 -29.52 -36.33 22.76
N VAL A 311 -30.45 -37.16 22.28
CA VAL A 311 -30.54 -37.41 20.84
C VAL A 311 -31.37 -36.34 20.14
N THR A 312 -32.42 -35.85 20.80
CA THR A 312 -33.24 -34.81 20.21
C THR A 312 -32.44 -33.53 20.03
N ASN A 313 -31.53 -33.23 20.96
CA ASN A 313 -30.67 -32.05 20.93
C ASN A 313 -29.23 -32.54 21.00
N PRO A 314 -28.66 -32.95 19.87
CA PRO A 314 -27.51 -33.86 19.91
C PRO A 314 -26.20 -33.19 20.22
N VAL A 315 -26.13 -31.87 20.17
CA VAL A 315 -24.87 -31.19 19.95
C VAL A 315 -24.71 -30.08 20.98
N VAL A 316 -23.47 -29.63 21.16
CA VAL A 316 -23.20 -28.64 22.20
C VAL A 316 -23.93 -27.34 21.90
N ASN A 317 -23.97 -26.96 20.63
CA ASN A 317 -24.65 -25.75 20.19
C ASN A 317 -26.17 -25.87 20.28
N SER A 318 -26.71 -27.08 20.40
CA SER A 318 -28.14 -27.27 20.52
C SER A 318 -28.72 -26.68 21.79
N TYR A 319 -27.94 -26.65 22.86
CA TYR A 319 -28.41 -26.19 24.16
C TYR A 319 -28.24 -24.70 24.36
N LYS A 320 -27.62 -24.01 23.42
CA LYS A 320 -27.61 -22.56 23.40
C LYS A 320 -28.76 -22.00 22.58
N ARG A 321 -29.53 -22.86 21.92
CA ARG A 321 -30.82 -22.50 21.36
C ARG A 321 -31.93 -22.60 22.39
N LEU A 322 -31.79 -23.48 23.36
CA LEU A 322 -32.81 -23.66 24.40
C LEU A 322 -32.58 -22.67 25.54
N VAL A 323 -32.78 -21.40 25.21
CA VAL A 323 -32.74 -20.30 26.16
C VAL A 323 -34.04 -19.52 26.01
N PRO A 324 -34.58 -18.93 27.08
CA PRO A 324 -35.91 -18.31 26.96
C PRO A 324 -35.87 -17.06 26.09
N GLY A 325 -37.00 -16.78 25.45
CA GLY A 325 -37.18 -15.57 24.70
C GLY A 325 -37.01 -15.69 23.20
N TYR A 326 -36.90 -16.90 22.66
CA TYR A 326 -36.66 -17.07 21.23
C TYR A 326 -37.55 -18.17 20.65
N GLU A 327 -38.69 -18.43 21.27
CA GLU A 327 -39.66 -19.38 20.73
C GLU A 327 -39.07 -20.79 20.65
N ALA A 328 -38.19 -21.11 21.58
CA ALA A 328 -37.62 -22.44 21.72
C ALA A 328 -37.90 -22.91 23.13
N PRO A 329 -38.21 -24.20 23.31
CA PRO A 329 -38.55 -24.68 24.65
C PRO A 329 -37.40 -24.57 25.64
N VAL A 330 -37.73 -24.20 26.88
CA VAL A 330 -36.80 -24.31 27.98
C VAL A 330 -37.35 -25.21 29.08
N TYR A 331 -38.65 -25.50 29.07
CA TYR A 331 -39.32 -26.17 30.16
C TYR A 331 -40.20 -27.28 29.58
N ILE A 332 -40.68 -28.15 30.47
CA ILE A 332 -41.47 -29.31 30.05
C ILE A 332 -42.94 -29.06 30.34
N SER A 333 -43.68 -28.67 29.31
CA SER A 333 -45.09 -28.36 29.43
C SER A 333 -45.76 -28.65 28.11
N TRP A 334 -47.08 -28.46 28.07
CA TRP A 334 -47.85 -28.63 26.85
C TRP A 334 -49.08 -27.73 26.92
N SER A 335 -49.41 -27.09 25.82
CA SER A 335 -50.57 -26.22 25.79
C SER A 335 -50.87 -25.83 24.35
N ALA A 336 -52.13 -25.54 24.07
CA ALA A 336 -52.57 -25.27 22.72
C ALA A 336 -52.15 -23.86 22.30
N GLN A 337 -51.59 -23.78 21.09
CA GLN A 337 -51.30 -22.49 20.44
C GLN A 337 -50.13 -21.77 21.07
N ASN A 338 -49.54 -22.34 22.12
CA ASN A 338 -48.49 -21.69 22.87
C ASN A 338 -47.13 -22.02 22.26
N ARG A 339 -46.49 -21.01 21.68
CA ARG A 339 -45.18 -21.18 21.07
C ARG A 339 -44.06 -20.97 22.07
N SER A 340 -44.39 -20.74 23.34
CA SER A 340 -43.44 -20.79 24.43
C SER A 340 -43.42 -22.14 25.12
N SER A 341 -44.23 -23.09 24.65
CA SER A 341 -44.39 -24.37 25.32
C SER A 341 -43.60 -25.47 24.60
N LEU A 342 -43.29 -26.52 25.35
CA LEU A 342 -42.55 -27.66 24.80
C LEU A 342 -43.36 -28.40 23.75
N ILE A 343 -44.65 -28.61 24.01
CA ILE A 343 -45.52 -29.34 23.10
C ILE A 343 -46.70 -28.45 22.71
N ARG A 344 -46.60 -27.81 21.56
CA ARG A 344 -47.71 -26.99 21.08
C ARG A 344 -48.73 -27.88 20.38
N ILE A 345 -50.00 -27.48 20.49
CA ILE A 345 -51.09 -28.13 19.78
C ILE A 345 -51.72 -27.11 18.85
N PRO A 346 -51.31 -27.08 17.58
CA PRO A 346 -51.87 -26.08 16.66
C PRO A 346 -53.39 -26.15 16.62
N ALA A 347 -53.99 -25.09 16.05
CA ALA A 347 -55.44 -24.96 16.04
C ALA A 347 -56.09 -25.91 15.03
N THR A 348 -55.32 -26.40 14.07
CA THR A 348 -55.87 -27.26 13.03
C THR A 348 -56.46 -28.53 13.62
N ARG A 349 -57.66 -28.89 13.17
CA ARG A 349 -58.36 -30.10 13.58
C ARG A 349 -58.66 -30.95 12.36
N GLY A 350 -59.38 -32.05 12.59
CA GLY A 350 -59.60 -33.00 11.52
C GLY A 350 -58.30 -33.66 11.11
N ASN A 351 -58.15 -33.87 9.81
CA ASN A 351 -56.86 -34.28 9.28
C ASN A 351 -55.91 -33.10 9.43
N GLY A 352 -55.09 -33.11 10.47
CA GLY A 352 -54.32 -31.95 10.83
C GLY A 352 -54.17 -31.81 12.33
N THR A 353 -54.93 -32.59 13.08
CA THR A 353 -54.81 -32.65 14.54
C THR A 353 -53.53 -33.37 14.89
N ARG A 354 -52.51 -32.63 15.30
CA ARG A 354 -51.22 -33.23 15.58
C ARG A 354 -50.57 -32.56 16.79
N ILE A 355 -49.52 -33.18 17.27
CA ILE A 355 -48.71 -32.69 18.37
C ILE A 355 -47.43 -32.11 17.79
N GLU A 356 -47.08 -30.90 18.21
CA GLU A 356 -45.85 -30.25 17.75
C GLU A 356 -44.82 -30.31 18.87
N LEU A 357 -43.85 -31.20 18.73
CA LEU A 357 -42.71 -31.24 19.64
C LEU A 357 -41.66 -30.27 19.15
N ARG A 358 -41.39 -29.21 19.92
CA ARG A 358 -40.55 -28.13 19.47
C ARG A 358 -39.08 -28.27 19.88
N CYS A 359 -38.74 -29.29 20.67
CA CYS A 359 -37.36 -29.49 21.11
C CYS A 359 -36.36 -29.69 19.98
N PRO A 360 -36.58 -30.59 19.03
CA PRO A 360 -35.47 -31.03 18.17
C PRO A 360 -34.88 -29.89 17.36
N ASP A 361 -33.57 -29.99 17.15
CA ASP A 361 -32.88 -29.15 16.19
C ASP A 361 -32.76 -29.89 14.87
N PRO A 362 -32.43 -29.20 13.79
CA PRO A 362 -32.17 -29.89 12.52
C PRO A 362 -30.83 -30.60 12.47
N ALA A 363 -30.09 -30.63 13.57
CA ALA A 363 -28.83 -31.37 13.65
C ALA A 363 -29.01 -32.78 14.19
N CYS A 364 -30.21 -33.14 14.61
CA CYS A 364 -30.45 -34.46 15.17
C CYS A 364 -30.47 -35.52 14.06
N ASN A 365 -30.46 -36.77 14.49
CA ASN A 365 -30.63 -37.91 13.60
C ASN A 365 -32.13 -38.20 13.49
N PRO A 366 -32.75 -37.98 12.33
CA PRO A 366 -34.20 -38.17 12.25
C PRO A 366 -34.65 -39.57 12.60
N TYR A 367 -33.88 -40.59 12.24
CA TYR A 367 -34.30 -41.96 12.53
C TYR A 367 -34.37 -42.20 14.03
N LEU A 368 -33.28 -41.90 14.75
CA LEU A 368 -33.28 -42.07 16.19
C LEU A 368 -34.31 -41.19 16.87
N ALA A 369 -34.39 -39.93 16.44
CA ALA A 369 -35.30 -39.00 17.09
C ALA A 369 -36.75 -39.44 16.94
N PHE A 370 -37.18 -39.73 15.70
CA PHE A 370 -38.55 -40.16 15.48
C PHE A 370 -38.82 -41.51 16.13
N ALA A 371 -37.84 -42.41 16.14
CA ALA A 371 -38.04 -43.70 16.80
C ALA A 371 -38.32 -43.50 18.28
N LEU A 372 -37.57 -42.63 18.94
CA LEU A 372 -37.76 -42.42 20.37
C LEU A 372 -39.05 -41.68 20.66
N MET A 373 -39.44 -40.72 19.83
CA MET A 373 -40.75 -40.09 20.00
C MET A 373 -41.88 -41.09 19.84
N LEU A 374 -41.80 -41.95 18.82
CA LEU A 374 -42.85 -42.96 18.63
C LEU A 374 -42.92 -43.90 19.81
N ARG A 375 -41.76 -44.35 20.30
CA ARG A 375 -41.76 -45.29 21.42
C ARG A 375 -42.26 -44.64 22.70
N ALA A 376 -41.94 -43.37 22.92
CA ALA A 376 -42.46 -42.67 24.10
C ALA A 376 -43.97 -42.48 24.01
N GLY A 377 -44.48 -42.12 22.84
CA GLY A 377 -45.91 -42.03 22.68
C GLY A 377 -46.61 -43.35 22.92
N LEU A 378 -46.05 -44.43 22.38
CA LEU A 378 -46.64 -45.75 22.59
C LEU A 378 -46.56 -46.19 24.04
N GLU A 379 -45.50 -45.84 24.76
CA GLU A 379 -45.45 -46.06 26.20
C GLU A 379 -46.50 -45.26 26.94
N GLY A 380 -46.76 -44.02 26.52
CA GLY A 380 -47.85 -43.26 27.09
C GLY A 380 -49.21 -43.86 26.84
N ILE A 381 -49.43 -44.41 25.65
CA ILE A 381 -50.70 -45.08 25.37
C ILE A 381 -50.86 -46.36 26.17
N LYS A 382 -49.84 -47.22 26.18
CA LYS A 382 -49.96 -48.53 26.82
C LYS A 382 -50.10 -48.40 28.34
N ASN A 383 -49.43 -47.42 28.94
CA ASN A 383 -49.49 -47.21 30.38
C ASN A 383 -50.51 -46.14 30.76
N LYS A 384 -51.29 -45.65 29.80
CA LYS A 384 -52.32 -44.67 30.04
C LYS A 384 -51.81 -43.50 30.87
N ILE A 385 -50.68 -42.91 30.46
CA ILE A 385 -50.07 -41.81 31.20
C ILE A 385 -50.78 -40.52 30.87
N ASP A 386 -51.78 -40.18 31.67
CA ASP A 386 -52.47 -38.91 31.48
C ASP A 386 -51.52 -37.77 31.83
N PRO A 387 -51.42 -36.73 31.00
CA PRO A 387 -50.56 -35.59 31.35
C PRO A 387 -51.24 -34.68 32.36
N GLY A 388 -50.56 -33.63 32.77
CA GLY A 388 -51.14 -32.67 33.70
C GLY A 388 -52.11 -31.76 32.99
N GLU A 389 -52.47 -30.69 33.67
CA GLU A 389 -53.27 -29.67 33.02
C GLU A 389 -52.39 -28.85 32.08
N PRO A 390 -52.94 -28.36 30.97
CA PRO A 390 -52.14 -27.53 30.06
C PRO A 390 -51.71 -26.23 30.74
N THR A 391 -50.54 -25.74 30.33
CA THR A 391 -50.04 -24.45 30.81
C THR A 391 -50.28 -23.42 29.71
N ASN A 392 -51.49 -22.85 29.70
CA ASN A 392 -51.88 -21.89 28.67
C ASN A 392 -51.45 -20.49 29.08
N VAL A 393 -50.15 -20.32 29.29
CA VAL A 393 -49.56 -19.03 29.60
C VAL A 393 -48.17 -18.97 29.00
N ASN A 394 -47.57 -17.79 28.99
CA ASN A 394 -46.19 -17.64 28.57
C ASN A 394 -45.30 -18.15 29.70
N ILE A 395 -44.52 -19.19 29.40
CA ILE A 395 -43.72 -19.84 30.44
C ILE A 395 -42.43 -19.08 30.72
N PHE A 396 -41.93 -18.32 29.76
CA PHE A 396 -40.72 -17.54 29.99
C PHE A 396 -40.95 -16.36 30.92
N HIS A 397 -42.20 -15.98 31.16
CA HIS A 397 -42.54 -14.84 32.00
C HIS A 397 -42.90 -15.24 33.43
N LEU A 398 -42.78 -16.50 33.78
CA LEU A 398 -42.97 -16.95 35.15
C LEU A 398 -41.64 -16.92 35.89
N SER A 399 -41.73 -16.67 37.19
CA SER A 399 -40.55 -16.77 38.03
C SER A 399 -40.32 -18.22 38.42
N ASP A 400 -39.13 -18.49 38.96
CA ASP A 400 -38.84 -19.84 39.43
C ASP A 400 -39.85 -20.29 40.47
N LYS A 401 -40.34 -19.35 41.29
CA LYS A 401 -41.31 -19.69 42.31
C LYS A 401 -42.59 -20.24 41.69
N GLU A 402 -43.17 -19.50 40.75
CA GLU A 402 -44.39 -19.97 40.12
C GLU A 402 -44.14 -21.26 39.34
N ARG A 403 -43.02 -21.33 38.63
CA ARG A 403 -42.70 -22.53 37.87
C ARG A 403 -42.59 -23.75 38.77
N GLU A 404 -42.15 -23.56 40.01
CA GLU A 404 -42.03 -24.66 40.96
C GLU A 404 -43.34 -24.99 41.65
N GLU A 405 -44.20 -24.00 41.94
CA GLU A 405 -45.52 -24.31 42.48
C GLU A 405 -46.25 -25.27 41.58
N ARG A 406 -46.30 -24.95 40.28
CA ARG A 406 -46.76 -25.91 39.29
C ARG A 406 -45.68 -26.93 39.02
N GLY A 407 -46.08 -28.15 38.69
CA GLY A 407 -45.11 -29.21 38.53
C GLY A 407 -44.31 -29.10 37.24
N ILE A 408 -43.68 -27.96 37.03
CA ILE A 408 -42.99 -27.67 35.76
C ILE A 408 -41.51 -27.92 35.97
N ARG A 409 -40.95 -28.80 35.13
CA ARG A 409 -39.52 -29.09 35.13
C ARG A 409 -38.87 -28.48 33.90
N SER A 410 -37.58 -28.19 34.01
CA SER A 410 -36.82 -27.62 32.91
C SER A 410 -36.11 -28.71 32.13
N LEU A 411 -35.80 -28.40 30.87
CA LEU A 411 -35.06 -29.33 30.04
C LEU A 411 -33.59 -29.34 30.45
N PRO A 412 -32.83 -30.38 30.07
CA PRO A 412 -31.40 -30.42 30.40
C PRO A 412 -30.67 -29.16 29.99
N ALA A 413 -29.88 -28.60 30.92
CA ALA A 413 -29.30 -27.28 30.71
C ALA A 413 -28.22 -27.28 29.65
N ASP A 414 -27.48 -28.37 29.53
CA ASP A 414 -26.40 -28.46 28.55
C ASP A 414 -26.25 -29.91 28.13
N LEU A 415 -25.28 -30.15 27.25
CA LEU A 415 -25.11 -31.48 26.66
C LEU A 415 -24.77 -32.52 27.73
N LYS A 416 -23.96 -32.12 28.72
CA LYS A 416 -23.57 -33.06 29.76
C LYS A 416 -24.77 -33.55 30.56
N GLU A 417 -25.69 -32.64 30.90
CA GLU A 417 -26.88 -33.04 31.65
C GLU A 417 -27.73 -34.00 30.85
N ALA A 418 -27.87 -33.73 29.54
CA ALA A 418 -28.65 -34.62 28.69
C ALA A 418 -27.99 -35.98 28.54
N ILE A 419 -26.66 -36.01 28.45
CA ILE A 419 -25.94 -37.28 28.42
C ILE A 419 -26.15 -38.06 29.70
N ASP A 420 -26.10 -37.38 30.85
CA ASP A 420 -26.32 -38.03 32.12
C ASP A 420 -27.74 -38.60 32.23
N GLU A 421 -28.73 -37.82 31.79
CA GLU A 421 -30.11 -38.30 31.85
C GLU A 421 -30.33 -39.45 30.89
N MET A 422 -29.61 -39.48 29.76
CA MET A 422 -29.76 -40.56 28.79
C MET A 422 -29.05 -41.82 29.23
N LYS A 423 -27.90 -41.67 29.90
CA LYS A 423 -27.13 -42.84 30.31
C LYS A 423 -27.92 -43.73 31.25
N GLY A 424 -28.53 -43.14 32.28
CA GLY A 424 -29.25 -43.95 33.27
C GLY A 424 -30.57 -44.48 32.74
N SER A 425 -31.03 -43.96 31.61
CA SER A 425 -32.29 -44.40 31.03
C SER A 425 -32.20 -45.84 30.55
N LYS A 426 -33.21 -46.64 30.87
CA LYS A 426 -33.37 -47.95 30.28
C LYS A 426 -34.47 -47.97 29.21
N PHE A 427 -35.29 -46.93 29.13
CA PHE A 427 -36.20 -46.79 28.01
C PHE A 427 -35.44 -46.45 26.73
N VAL A 428 -34.49 -45.52 26.81
CA VAL A 428 -33.69 -45.17 25.63
C VAL A 428 -32.80 -46.34 25.23
N LYS A 429 -32.27 -47.09 26.19
CA LYS A 429 -31.44 -48.24 25.85
C LYS A 429 -32.23 -49.30 25.11
N GLU A 430 -33.46 -49.57 25.55
CA GLU A 430 -34.30 -50.53 24.85
C GLU A 430 -34.69 -50.01 23.47
N ALA A 431 -35.02 -48.73 23.36
CA ALA A 431 -35.45 -48.19 22.07
C ALA A 431 -34.31 -48.20 21.06
N LEU A 432 -33.09 -47.89 21.50
CA LEU A 432 -31.94 -47.78 20.60
C LEU A 432 -31.17 -49.08 20.44
N GLY A 433 -31.03 -49.85 21.52
CA GLY A 433 -30.20 -51.03 21.50
C GLY A 433 -28.79 -50.75 22.02
N GLU A 434 -28.08 -51.82 22.37
CA GLU A 434 -26.79 -51.64 23.02
C GLU A 434 -25.80 -50.93 22.10
N HIS A 435 -25.74 -51.31 20.83
CA HIS A 435 -24.77 -50.73 19.92
C HIS A 435 -25.00 -49.23 19.74
N VAL A 436 -26.20 -48.85 19.30
CA VAL A 436 -26.47 -47.43 19.06
C VAL A 436 -26.34 -46.65 20.36
N PHE A 437 -26.92 -47.18 21.44
CA PHE A 437 -26.86 -46.51 22.73
C PHE A 437 -25.42 -46.17 23.11
N SER A 438 -24.58 -47.22 23.22
CA SER A 438 -23.21 -47.03 23.67
C SER A 438 -22.40 -46.17 22.71
N HIS A 439 -22.55 -46.37 21.40
CA HIS A 439 -21.74 -45.64 20.43
C HIS A 439 -22.18 -44.20 20.28
N TYR A 440 -23.45 -43.90 20.55
CA TYR A 440 -23.90 -42.51 20.56
C TYR A 440 -23.38 -41.81 21.80
N LEU A 441 -23.48 -42.48 22.96
CA LEU A 441 -23.01 -41.87 24.19
C LEU A 441 -21.51 -41.64 24.16
N CYS A 442 -20.74 -42.57 23.60
CA CYS A 442 -19.29 -42.40 23.55
C CYS A 442 -18.92 -41.18 22.73
N ALA A 443 -19.54 -41.02 21.56
CA ALA A 443 -19.24 -39.86 20.72
C ALA A 443 -19.63 -38.56 21.42
N LYS A 444 -20.79 -38.53 22.06
CA LYS A 444 -21.21 -37.27 22.69
C LYS A 444 -20.37 -36.94 23.91
N GLU A 445 -19.93 -37.96 24.67
CA GLU A 445 -19.01 -37.72 25.77
C GLU A 445 -17.67 -37.21 25.28
N MET A 446 -17.14 -37.77 24.18
CA MET A 446 -15.90 -37.24 23.62
C MET A 446 -16.08 -35.78 23.23
N GLU A 447 -17.21 -35.47 22.58
CA GLU A 447 -17.47 -34.10 22.15
C GLU A 447 -17.51 -33.15 23.34
N TRP A 448 -18.25 -33.52 24.38
CA TRP A 448 -18.36 -32.66 25.55
C TRP A 448 -17.01 -32.48 26.23
N ASP A 449 -16.23 -33.56 26.34
CA ASP A 449 -14.94 -33.46 26.99
C ASP A 449 -13.99 -32.57 26.21
N GLU A 450 -14.08 -32.58 24.88
CA GLU A 450 -13.28 -31.65 24.10
C GLU A 450 -13.77 -30.21 24.28
N TYR A 451 -15.07 -30.03 24.44
CA TYR A 451 -15.63 -28.69 24.56
C TYR A 451 -15.37 -28.04 25.92
N LYS A 452 -15.42 -28.81 27.01
CA LYS A 452 -15.39 -28.21 28.33
C LYS A 452 -14.01 -27.66 28.69
N ALA A 453 -12.95 -28.20 28.11
CA ALA A 453 -11.60 -27.70 28.35
C ALA A 453 -11.18 -26.80 27.19
N VAL A 454 -11.93 -25.73 27.01
CA VAL A 454 -11.62 -24.73 25.98
C VAL A 454 -11.76 -23.36 26.60
N VAL A 455 -10.82 -22.48 26.30
CA VAL A 455 -10.83 -21.11 26.79
C VAL A 455 -11.36 -20.24 25.67
N HIS A 456 -12.49 -19.64 25.89
CA HIS A 456 -13.16 -18.93 24.82
C HIS A 456 -12.85 -17.44 24.86
N PRO A 457 -12.95 -16.75 23.73
CA PRO A 457 -12.70 -15.30 23.73
C PRO A 457 -13.57 -14.53 24.71
N TRP A 458 -14.77 -15.02 25.01
CA TRP A 458 -15.60 -14.39 26.02
C TRP A 458 -14.89 -14.35 27.36
N GLU A 459 -14.22 -15.44 27.73
CA GLU A 459 -13.51 -15.48 29.00
C GLU A 459 -12.39 -14.45 29.04
N LEU A 460 -11.65 -14.32 27.94
CA LEU A 460 -10.57 -13.34 27.89
C LEU A 460 -11.10 -11.92 27.95
N SER A 461 -12.17 -11.63 27.21
CA SER A 461 -12.72 -10.29 27.22
C SER A 461 -13.43 -9.96 28.52
N ARG A 462 -13.78 -10.97 29.32
CA ARG A 462 -14.43 -10.73 30.60
C ARG A 462 -13.48 -10.65 31.77
N TYR A 463 -12.37 -11.43 31.76
CA TYR A 463 -11.49 -11.46 32.92
C TYR A 463 -10.06 -11.04 32.65
N LEU A 464 -9.60 -10.99 31.40
CA LEU A 464 -8.18 -10.74 31.17
C LEU A 464 -7.74 -9.44 31.82
N SER A 465 -8.51 -8.36 31.64
CA SER A 465 -8.18 -7.07 32.20
C SER A 465 -8.62 -6.91 33.65
N MET A 466 -9.64 -7.65 34.07
CA MET A 466 -10.12 -7.58 35.43
C MET A 466 -9.27 -8.39 36.40
N LEU A 467 -8.59 -9.42 35.92
CA LEU A 467 -7.70 -10.23 36.74
C LEU A 467 -6.27 -10.13 36.21
N THR B 28 -63.94 -10.30 -9.50
CA THR B 28 -63.07 -11.47 -9.48
C THR B 28 -63.41 -12.34 -8.27
N THR B 29 -63.60 -13.63 -8.51
CA THR B 29 -63.89 -14.60 -7.47
C THR B 29 -62.76 -15.63 -7.42
N LYS B 30 -62.88 -16.61 -6.53
CA LYS B 30 -61.88 -17.65 -6.44
C LYS B 30 -61.78 -18.48 -7.72
N GLU B 31 -62.91 -18.68 -8.41
CA GLU B 31 -62.90 -19.40 -9.67
C GLU B 31 -62.08 -18.66 -10.73
N ASP B 32 -62.26 -17.34 -10.80
CA ASP B 32 -61.47 -16.54 -11.75
C ASP B 32 -59.99 -16.60 -11.39
N VAL B 33 -59.67 -16.59 -10.10
CA VAL B 33 -58.27 -16.67 -9.69
C VAL B 33 -57.67 -18.00 -10.12
N LEU B 34 -58.41 -19.08 -9.94
CA LEU B 34 -57.92 -20.39 -10.38
C LEU B 34 -57.72 -20.42 -11.89
N GLU B 35 -58.68 -19.86 -12.63
CA GLU B 35 -58.56 -19.84 -14.08
C GLU B 35 -57.35 -19.03 -14.53
N ALA B 36 -57.11 -17.88 -13.90
CA ALA B 36 -55.97 -17.05 -14.25
C ALA B 36 -54.66 -17.68 -13.82
N VAL B 37 -54.68 -18.51 -12.78
CA VAL B 37 -53.48 -19.23 -12.36
C VAL B 37 -53.14 -20.32 -13.37
N LYS B 38 -54.15 -21.03 -13.87
CA LYS B 38 -53.90 -22.01 -14.93
C LYS B 38 -53.50 -21.38 -16.25
N GLU B 39 -54.24 -20.38 -16.70
CA GLU B 39 -54.00 -19.79 -18.01
C GLU B 39 -52.64 -19.12 -18.08
N ARG B 40 -52.30 -18.34 -17.05
CA ARG B 40 -51.05 -17.60 -17.04
C ARG B 40 -49.88 -18.42 -16.50
N ASP B 41 -50.12 -19.68 -16.13
CA ASP B 41 -49.07 -20.57 -15.68
C ASP B 41 -48.39 -19.98 -14.45
N VAL B 42 -49.13 -19.92 -13.34
CA VAL B 42 -48.62 -19.42 -12.07
C VAL B 42 -48.24 -20.61 -11.21
N LYS B 43 -47.03 -20.57 -10.65
CA LYS B 43 -46.56 -21.62 -9.76
C LYS B 43 -46.56 -21.25 -8.29
N PHE B 44 -46.32 -19.99 -7.97
CA PHE B 44 -46.20 -19.53 -6.59
C PHE B 44 -47.16 -18.37 -6.37
N ILE B 45 -47.88 -18.40 -5.26
CA ILE B 45 -48.73 -17.30 -4.84
C ILE B 45 -48.13 -16.73 -3.56
N ARG B 46 -47.90 -15.43 -3.55
CA ARG B 46 -47.39 -14.72 -2.37
C ARG B 46 -48.59 -14.23 -1.60
N THR B 47 -48.96 -14.98 -0.56
CA THR B 47 -49.97 -14.52 0.36
C THR B 47 -49.39 -13.41 1.24
N GLN B 48 -50.09 -12.28 1.33
CA GLN B 48 -49.53 -11.11 1.98
C GLN B 48 -50.60 -10.42 2.82
N PHE B 49 -50.15 -9.79 3.91
CA PHE B 49 -50.95 -8.88 4.70
C PHE B 49 -50.04 -7.74 5.14
N THR B 50 -50.60 -6.81 5.93
CA THR B 50 -49.85 -5.66 6.43
C THR B 50 -49.92 -5.68 7.95
N ASP B 51 -48.75 -5.62 8.59
CA ASP B 51 -48.70 -5.59 10.05
C ASP B 51 -49.17 -4.23 10.56
N THR B 52 -49.29 -4.13 11.88
CA THR B 52 -49.86 -2.93 12.50
C THR B 52 -49.07 -1.69 12.11
N LEU B 53 -47.74 -1.80 12.06
CA LEU B 53 -46.90 -0.66 11.75
C LEU B 53 -46.80 -0.37 10.27
N GLY B 54 -47.54 -1.07 9.43
CA GLY B 54 -47.59 -0.77 8.01
C GLY B 54 -46.62 -1.55 7.15
N ILE B 55 -45.87 -2.48 7.73
CA ILE B 55 -44.95 -3.29 6.94
C ILE B 55 -45.69 -4.45 6.29
N ILE B 56 -45.30 -4.77 5.07
CA ILE B 56 -45.90 -5.83 4.29
C ILE B 56 -45.25 -7.14 4.70
N LYS B 57 -46.06 -8.10 5.13
CA LYS B 57 -45.58 -9.43 5.49
C LYS B 57 -46.13 -10.44 4.50
N SER B 58 -45.24 -11.21 3.88
CA SER B 58 -45.60 -12.05 2.75
C SER B 58 -44.92 -13.41 2.88
N TRP B 59 -45.60 -14.44 2.41
CA TRP B 59 -44.96 -15.74 2.26
C TRP B 59 -45.60 -16.51 1.11
N ALA B 60 -44.83 -17.46 0.57
CA ALA B 60 -45.18 -18.11 -0.68
C ALA B 60 -45.82 -19.46 -0.43
N ILE B 61 -46.82 -19.79 -1.24
CA ILE B 61 -47.37 -21.14 -1.29
C ILE B 61 -47.46 -21.59 -2.73
N PRO B 62 -47.31 -22.89 -2.98
CA PRO B 62 -47.46 -23.38 -4.35
C PRO B 62 -48.89 -23.24 -4.86
N ALA B 63 -48.99 -23.10 -6.18
CA ALA B 63 -50.31 -22.95 -6.78
C ALA B 63 -51.20 -24.15 -6.50
N GLU B 64 -50.60 -25.34 -6.39
CA GLU B 64 -51.38 -26.54 -6.09
C GLU B 64 -52.13 -26.43 -4.77
N GLN B 65 -51.64 -25.61 -3.83
CA GLN B 65 -52.30 -25.41 -2.56
C GLN B 65 -53.40 -24.36 -2.60
N LEU B 66 -53.42 -23.50 -3.62
CA LEU B 66 -54.36 -22.40 -3.67
C LEU B 66 -55.78 -22.83 -3.31
N GLU B 67 -56.31 -23.80 -4.05
CA GLU B 67 -57.69 -24.22 -3.81
C GLU B 67 -57.91 -24.54 -2.34
N GLU B 68 -57.04 -25.36 -1.77
CA GLU B 68 -57.19 -25.71 -0.37
C GLU B 68 -57.17 -24.46 0.49
N ALA B 69 -56.18 -23.59 0.28
CA ALA B 69 -56.12 -22.35 1.03
C ALA B 69 -57.42 -21.58 0.91
N PHE B 70 -57.99 -21.53 -0.29
CA PHE B 70 -59.18 -20.70 -0.49
C PHE B 70 -60.33 -21.15 0.39
N GLU B 71 -60.37 -22.43 0.77
CA GLU B 71 -61.43 -22.94 1.62
C GLU B 71 -60.96 -23.24 3.03
N ASN B 72 -59.69 -22.96 3.35
CA ASN B 72 -59.16 -23.23 4.68
C ASN B 72 -58.32 -22.09 5.24
N GLY B 73 -57.90 -21.13 4.43
CA GLY B 73 -57.00 -20.10 4.90
C GLY B 73 -55.60 -20.63 5.14
N VAL B 74 -54.66 -19.70 5.26
CA VAL B 74 -53.26 -20.03 5.50
C VAL B 74 -52.89 -19.61 6.92
N MET B 75 -52.31 -20.52 7.68
CA MET B 75 -52.03 -20.28 9.09
C MET B 75 -50.62 -19.74 9.26
N PHE B 76 -50.44 -18.85 10.23
CA PHE B 76 -49.14 -18.25 10.51
C PHE B 76 -49.04 -17.91 11.98
N ASP B 77 -47.88 -17.39 12.37
CA ASP B 77 -47.55 -17.00 13.73
C ASP B 77 -47.89 -15.53 13.93
N GLY B 78 -48.81 -15.25 14.86
CA GLY B 78 -49.16 -13.88 15.15
C GLY B 78 -48.19 -13.23 16.11
N SER B 79 -47.51 -14.03 16.92
CA SER B 79 -46.57 -13.48 17.90
C SER B 79 -45.31 -12.94 17.24
N SER B 80 -45.04 -13.35 16.01
CA SER B 80 -43.88 -12.85 15.27
C SER B 80 -44.22 -11.64 14.42
N ILE B 81 -45.47 -11.17 14.47
CA ILE B 81 -45.90 -9.96 13.78
C ILE B 81 -46.04 -8.86 14.81
N GLN B 82 -45.57 -7.66 14.47
CA GLN B 82 -45.58 -6.53 15.40
C GLN B 82 -47.02 -6.13 15.68
N GLY B 83 -47.43 -6.23 16.93
CA GLY B 83 -48.74 -5.75 17.35
C GLY B 83 -49.91 -6.60 16.93
N PHE B 84 -49.74 -7.93 16.85
CA PHE B 84 -50.85 -8.80 16.47
C PHE B 84 -51.39 -9.62 17.65
N THR B 85 -50.59 -10.47 18.25
CA THR B 85 -51.11 -11.35 19.29
C THR B 85 -49.95 -11.90 20.11
N ARG B 86 -50.31 -12.55 21.22
CA ARG B 86 -49.33 -13.01 22.20
C ARG B 86 -48.72 -14.33 21.74
N ILE B 87 -47.86 -14.90 22.58
CA ILE B 87 -47.16 -16.14 22.25
C ILE B 87 -47.94 -17.33 22.78
N GLU B 88 -48.75 -17.11 23.82
CA GLU B 88 -49.59 -18.19 24.33
C GLU B 88 -50.75 -18.48 23.39
N GLU B 89 -51.25 -17.46 22.69
CA GLU B 89 -52.26 -17.61 21.65
C GLU B 89 -51.67 -16.92 20.42
N SER B 90 -50.99 -17.70 19.59
CA SER B 90 -50.23 -17.17 18.48
C SER B 90 -50.72 -17.62 17.12
N ASP B 91 -51.42 -18.74 17.04
CA ASP B 91 -51.92 -19.23 15.76
C ASP B 91 -52.89 -18.22 15.17
N MET B 92 -52.72 -17.89 13.88
CA MET B 92 -53.63 -16.97 13.21
C MET B 92 -53.93 -17.51 11.83
N LYS B 93 -55.17 -17.34 11.37
CA LYS B 93 -55.52 -17.69 10.01
C LYS B 93 -55.48 -16.44 9.13
N LEU B 94 -55.28 -16.65 7.84
CA LEU B 94 -55.41 -15.58 6.87
C LEU B 94 -56.31 -16.09 5.75
N ALA B 95 -57.42 -15.38 5.53
CA ALA B 95 -58.35 -15.68 4.47
C ALA B 95 -58.03 -14.82 3.26
N LEU B 96 -58.15 -15.41 2.08
CA LEU B 96 -57.71 -14.77 0.86
C LEU B 96 -58.82 -13.94 0.23
N ASP B 97 -58.41 -12.84 -0.42
CA ASP B 97 -59.31 -11.96 -1.14
C ASP B 97 -59.09 -12.17 -2.64
N PRO B 98 -60.02 -12.82 -3.36
CA PRO B 98 -59.77 -13.08 -4.78
C PRO B 98 -59.58 -11.81 -5.60
N SER B 99 -60.25 -10.72 -5.24
CA SER B 99 -60.15 -9.50 -6.03
C SER B 99 -58.74 -8.96 -6.07
N THR B 100 -57.97 -9.15 -5.00
CA THR B 100 -56.61 -8.60 -4.91
C THR B 100 -55.58 -9.61 -5.42
N PHE B 101 -55.84 -10.15 -6.61
CA PHE B 101 -54.96 -11.12 -7.25
C PHE B 101 -54.27 -10.43 -8.41
N ARG B 102 -52.97 -10.16 -8.25
CA ARG B 102 -52.16 -9.52 -9.27
C ARG B 102 -50.90 -10.33 -9.50
N ILE B 103 -50.49 -10.45 -10.75
CA ILE B 103 -49.30 -11.21 -11.10
C ILE B 103 -48.09 -10.28 -11.08
N LEU B 104 -47.03 -10.69 -10.41
CA LEU B 104 -45.83 -9.89 -10.25
C LEU B 104 -44.99 -9.94 -11.51
N PRO B 105 -44.75 -8.80 -12.17
CA PRO B 105 -44.09 -8.84 -13.48
C PRO B 105 -42.57 -8.99 -13.43
N TRP B 106 -41.95 -8.53 -12.34
CA TRP B 106 -40.50 -8.59 -12.23
C TRP B 106 -39.99 -9.96 -11.83
N ARG B 107 -40.85 -10.90 -11.56
CA ARG B 107 -40.43 -12.26 -11.34
C ARG B 107 -40.62 -13.09 -12.59
N PRO B 108 -39.85 -14.17 -12.77
CA PRO B 108 -39.83 -14.85 -14.06
C PRO B 108 -41.21 -15.36 -14.47
N ALA B 109 -41.47 -15.31 -15.77
CA ALA B 109 -42.72 -15.76 -16.35
C ALA B 109 -42.77 -17.24 -16.64
N THR B 110 -41.62 -17.93 -16.60
CA THR B 110 -41.60 -19.37 -16.80
C THR B 110 -42.46 -20.05 -15.76
N GLY B 111 -42.11 -19.91 -14.48
CA GLY B 111 -43.03 -20.20 -13.41
C GLY B 111 -43.49 -18.90 -12.79
N ALA B 112 -44.67 -18.44 -13.16
CA ALA B 112 -45.09 -17.10 -12.80
C ALA B 112 -45.42 -17.02 -11.31
N VAL B 113 -45.25 -15.83 -10.76
CA VAL B 113 -45.50 -15.57 -9.35
C VAL B 113 -46.62 -14.56 -9.24
N ALA B 114 -47.63 -14.87 -8.47
CA ALA B 114 -48.76 -13.99 -8.22
C ALA B 114 -48.73 -13.54 -6.77
N ARG B 115 -49.66 -12.67 -6.41
CA ARG B 115 -49.82 -12.26 -5.02
C ARG B 115 -51.30 -12.21 -4.70
N ILE B 116 -51.60 -12.33 -3.41
CA ILE B 116 -52.97 -12.24 -2.93
C ILE B 116 -52.91 -11.63 -1.53
N LEU B 117 -53.58 -10.50 -1.35
CA LEU B 117 -53.76 -9.90 -0.04
C LEU B 117 -54.87 -10.63 0.69
N GLY B 118 -54.75 -10.73 2.00
CA GLY B 118 -55.76 -11.41 2.79
C GLY B 118 -56.18 -10.63 4.01
N ASP B 119 -57.22 -11.14 4.67
CA ASP B 119 -57.69 -10.62 5.94
C ASP B 119 -57.32 -11.58 7.06
N VAL B 120 -56.89 -11.03 8.18
CA VAL B 120 -56.46 -11.82 9.32
C VAL B 120 -57.67 -12.23 10.15
N TYR B 121 -57.74 -13.52 10.45
CA TYR B 121 -58.77 -14.08 11.31
C TYR B 121 -58.13 -14.82 12.46
N LEU B 122 -58.86 -14.87 13.55
CA LEU B 122 -58.46 -15.78 14.62
C LEU B 122 -58.79 -17.21 14.21
N PRO B 123 -58.04 -18.21 14.70
CA PRO B 123 -58.31 -19.59 14.29
C PRO B 123 -59.73 -20.03 14.60
N ASP B 124 -60.35 -19.44 15.62
CA ASP B 124 -61.72 -19.83 15.97
C ASP B 124 -62.69 -19.52 14.84
N GLY B 125 -62.51 -18.38 14.17
CA GLY B 125 -63.32 -18.04 13.03
C GLY B 125 -63.69 -16.58 12.92
N ASN B 126 -63.58 -15.85 14.03
CA ASN B 126 -63.94 -14.44 14.02
C ASN B 126 -62.84 -13.61 13.37
N PRO B 127 -63.19 -12.48 12.77
CA PRO B 127 -62.17 -11.60 12.18
C PRO B 127 -61.30 -10.98 13.26
N PHE B 128 -60.02 -10.85 12.97
CA PHE B 128 -59.07 -10.25 13.91
C PHE B 128 -59.31 -8.75 13.95
N LYS B 129 -59.82 -8.25 15.07
CA LYS B 129 -60.10 -6.83 15.18
C LYS B 129 -58.85 -5.97 15.14
N GLY B 130 -57.68 -6.57 15.34
CA GLY B 130 -56.41 -5.87 15.26
C GLY B 130 -55.83 -5.72 13.88
N ASP B 131 -56.54 -6.17 12.86
CA ASP B 131 -56.09 -6.03 11.48
C ASP B 131 -56.34 -4.61 10.98
N PRO B 132 -55.31 -3.88 10.55
CA PRO B 132 -55.56 -2.53 10.02
C PRO B 132 -56.51 -2.51 8.83
N ARG B 133 -56.41 -3.53 7.97
CA ARG B 133 -57.32 -3.65 6.85
C ARG B 133 -58.76 -3.83 7.30
N TYR B 134 -58.97 -4.28 8.53
CA TYR B 134 -60.30 -4.38 9.11
C TYR B 134 -60.75 -3.05 9.70
N VAL B 135 -59.81 -2.27 10.24
CA VAL B 135 -60.13 -0.92 10.71
C VAL B 135 -60.61 -0.05 9.54
N LEU B 136 -59.91 -0.14 8.41
CA LEU B 136 -60.34 0.63 7.25
C LEU B 136 -61.71 0.19 6.76
N LYS B 137 -61.99 -1.11 6.79
CA LYS B 137 -63.30 -1.60 6.40
C LYS B 137 -64.38 -1.10 7.35
N THR B 138 -64.08 -1.06 8.65
CA THR B 138 -65.03 -0.53 9.61
C THR B 138 -65.33 0.94 9.33
N ALA B 139 -64.32 1.71 8.96
CA ALA B 139 -64.56 3.11 8.61
C ALA B 139 -65.39 3.23 7.34
N ILE B 140 -65.13 2.38 6.34
CA ILE B 140 -65.93 2.37 5.13
C ILE B 140 -67.39 2.06 5.46
N LYS B 141 -67.63 1.23 6.48
CA LYS B 141 -69.00 0.94 6.88
C LYS B 141 -69.74 2.20 7.31
N GLU B 142 -69.11 3.02 8.16
CA GLU B 142 -69.76 4.26 8.58
C GLU B 142 -69.91 5.21 7.40
N ALA B 143 -68.92 5.25 6.51
CA ALA B 143 -69.06 6.07 5.31
C ALA B 143 -70.31 5.67 4.53
N GLU B 144 -70.50 4.37 4.28
CA GLU B 144 -71.70 3.91 3.59
C GLU B 144 -72.95 4.29 4.36
N LYS B 145 -72.94 4.08 5.67
CA LYS B 145 -74.12 4.41 6.47
C LYS B 145 -74.48 5.88 6.33
N MET B 146 -73.50 6.74 6.09
CA MET B 146 -73.78 8.16 5.90
C MET B 146 -74.07 8.52 4.44
N GLY B 147 -73.89 7.60 3.50
CA GLY B 147 -74.36 7.82 2.15
C GLY B 147 -73.30 7.78 1.07
N PHE B 148 -72.04 8.05 1.40
CA PHE B 148 -71.02 8.25 0.39
C PHE B 148 -69.77 7.47 0.73
N SER B 149 -69.04 7.08 -0.31
CA SER B 149 -67.79 6.35 -0.19
C SER B 149 -66.62 7.31 -0.43
N MET B 150 -65.47 6.95 0.13
CA MET B 150 -64.29 7.80 0.06
C MET B 150 -63.40 7.39 -1.10
N ASN B 151 -62.98 8.39 -1.87
CA ASN B 151 -62.01 8.22 -2.93
C ASN B 151 -60.72 8.90 -2.50
N VAL B 152 -59.58 8.26 -2.76
CA VAL B 152 -58.30 8.80 -2.35
C VAL B 152 -57.26 8.50 -3.41
N GLY B 153 -56.28 9.39 -3.52
CA GLY B 153 -55.12 9.14 -4.35
C GLY B 153 -53.88 9.72 -3.70
N PRO B 154 -52.89 8.89 -3.41
CA PRO B 154 -51.68 9.41 -2.77
C PRO B 154 -50.62 9.84 -3.77
N GLU B 155 -49.69 10.66 -3.27
CA GLU B 155 -48.62 11.22 -4.09
C GLU B 155 -47.28 10.80 -3.51
N LEU B 156 -47.12 9.50 -3.28
CA LEU B 156 -45.92 8.96 -2.66
C LEU B 156 -44.66 9.44 -3.36
N GLU B 157 -43.76 10.05 -2.59
CA GLU B 157 -42.42 10.39 -3.05
C GLU B 157 -41.41 9.42 -2.46
N PHE B 158 -40.27 9.29 -3.13
CA PHE B 158 -39.24 8.38 -2.64
C PHE B 158 -37.89 8.89 -3.10
N PHE B 159 -36.84 8.35 -2.49
CA PHE B 159 -35.47 8.69 -2.84
C PHE B 159 -34.80 7.47 -3.46
N LEU B 160 -33.97 7.72 -4.46
CA LEU B 160 -33.21 6.67 -5.13
C LEU B 160 -31.75 6.84 -4.73
N PHE B 161 -31.28 5.96 -3.85
CA PHE B 161 -29.90 5.99 -3.38
C PHE B 161 -29.14 4.83 -4.01
N LYS B 162 -27.83 4.81 -3.79
CA LYS B 162 -26.98 3.76 -4.32
C LYS B 162 -26.81 2.65 -3.28
N LEU B 163 -26.51 1.46 -3.78
CA LEU B 163 -26.22 0.31 -2.94
C LEU B 163 -24.72 0.18 -2.75
N ASP B 164 -24.32 -0.34 -1.58
CA ASP B 164 -22.92 -0.59 -1.31
C ASP B 164 -22.46 -1.88 -1.97
N ALA B 165 -21.23 -2.32 -1.67
CA ALA B 165 -20.68 -3.50 -2.33
C ALA B 165 -21.51 -4.75 -2.01
N ASN B 166 -21.90 -4.91 -0.75
CA ASN B 166 -22.72 -6.05 -0.37
C ASN B 166 -24.10 -5.97 -1.00
N GLY B 167 -24.66 -4.77 -1.11
CA GLY B 167 -25.98 -4.59 -1.67
C GLY B 167 -26.96 -4.02 -0.67
N ASN B 168 -26.44 -3.50 0.43
CA ASN B 168 -27.29 -2.89 1.45
C ASN B 168 -27.59 -1.44 1.10
N PRO B 169 -28.66 -0.88 1.66
CA PRO B 169 -28.99 0.51 1.38
C PRO B 169 -27.90 1.46 1.87
N THR B 170 -27.74 2.54 1.12
CA THR B 170 -26.90 3.66 1.55
C THR B 170 -27.74 4.92 1.40
N THR B 171 -27.16 6.06 1.78
CA THR B 171 -27.81 7.35 1.62
C THR B 171 -27.10 8.18 0.57
N GLU B 172 -26.32 7.54 -0.31
CA GLU B 172 -25.61 8.23 -1.37
C GLU B 172 -26.56 8.60 -2.49
N LEU B 173 -26.41 9.82 -3.00
CA LEU B 173 -27.27 10.30 -4.06
C LEU B 173 -26.95 9.62 -5.39
N THR B 174 -28.01 9.37 -6.15
CA THR B 174 -27.86 8.88 -7.52
C THR B 174 -27.86 10.02 -8.55
N ASP B 175 -28.22 11.23 -8.15
CA ASP B 175 -28.13 12.41 -8.98
C ASP B 175 -28.33 13.63 -8.11
N GLN B 176 -27.92 14.79 -8.63
CA GLN B 176 -28.07 16.06 -7.95
C GLN B 176 -29.20 16.91 -8.53
N GLY B 177 -30.08 16.30 -9.32
CA GLY B 177 -31.12 17.04 -9.99
C GLY B 177 -32.07 17.71 -9.02
N GLY B 178 -33.06 18.36 -9.59
CA GLY B 178 -34.07 19.05 -8.81
C GLY B 178 -35.47 18.75 -9.31
N TYR B 179 -36.34 19.75 -9.28
CA TYR B 179 -37.73 19.56 -9.64
C TYR B 179 -37.91 19.65 -11.15
N PHE B 180 -38.50 18.60 -11.73
CA PHE B 180 -38.78 18.53 -13.17
C PHE B 180 -37.50 18.60 -14.00
N ASP B 181 -36.39 18.11 -13.47
CA ASP B 181 -35.12 18.19 -14.17
C ASP B 181 -34.99 17.09 -15.21
N PHE B 182 -34.47 17.46 -16.38
CA PHE B 182 -34.17 16.55 -17.48
C PHE B 182 -32.79 15.94 -17.28
N ALA B 183 -32.51 14.89 -18.04
CA ALA B 183 -31.20 14.25 -17.99
C ALA B 183 -30.14 15.16 -18.63
N PRO B 184 -28.87 15.03 -18.22
CA PRO B 184 -28.30 14.08 -17.25
C PRO B 184 -28.37 14.55 -15.81
N LEU B 185 -29.10 15.63 -15.49
CA LEU B 185 -29.36 15.96 -14.10
C LEU B 185 -30.30 14.95 -13.45
N ASP B 186 -31.22 14.38 -14.22
CA ASP B 186 -32.16 13.38 -13.75
C ASP B 186 -31.69 12.03 -14.26
N ARG B 187 -30.91 11.32 -13.45
CA ARG B 187 -30.40 10.00 -13.82
C ARG B 187 -31.27 8.88 -13.28
N ALA B 188 -32.56 8.95 -13.54
CA ALA B 188 -33.47 7.87 -13.14
C ALA B 188 -34.58 7.63 -14.15
N GLN B 189 -34.46 8.10 -15.38
CA GLN B 189 -35.53 7.90 -16.36
C GLN B 189 -35.79 6.42 -16.59
N ASP B 190 -34.73 5.61 -16.63
CA ASP B 190 -34.91 4.17 -16.82
C ASP B 190 -35.62 3.54 -15.63
N VAL B 191 -35.24 3.93 -14.41
CA VAL B 191 -35.85 3.35 -13.22
C VAL B 191 -37.33 3.71 -13.16
N ARG B 192 -37.67 4.97 -13.41
CA ARG B 192 -39.07 5.36 -13.41
C ARG B 192 -39.83 4.73 -14.56
N ARG B 193 -39.19 4.58 -15.72
CA ARG B 193 -39.82 3.89 -16.83
C ARG B 193 -40.24 2.48 -16.43
N ASP B 194 -39.32 1.74 -15.83
CA ASP B 194 -39.64 0.36 -15.48
C ASP B 194 -40.60 0.28 -14.30
N ILE B 195 -40.55 1.26 -13.39
CA ILE B 195 -41.54 1.30 -12.31
C ILE B 195 -42.93 1.53 -12.89
N ASP B 196 -43.05 2.45 -13.84
CA ASP B 196 -44.34 2.68 -14.50
C ASP B 196 -44.82 1.43 -15.21
N TYR B 197 -43.92 0.74 -15.90
CA TYR B 197 -44.31 -0.49 -16.59
C TYR B 197 -44.81 -1.53 -15.60
N ALA B 198 -44.08 -1.73 -14.49
CA ALA B 198 -44.48 -2.72 -13.51
C ALA B 198 -45.83 -2.38 -12.89
N LEU B 199 -46.00 -1.12 -12.50
CA LEU B 199 -47.28 -0.72 -11.92
C LEU B 199 -48.42 -0.91 -12.91
N GLU B 200 -48.23 -0.46 -14.16
CA GLU B 200 -49.26 -0.66 -15.17
C GLU B 200 -49.62 -2.14 -15.31
N HIS B 201 -48.61 -3.02 -15.27
CA HIS B 201 -48.89 -4.44 -15.29
C HIS B 201 -49.62 -4.91 -14.02
N MET B 202 -49.50 -4.17 -12.93
CA MET B 202 -50.18 -4.52 -11.68
C MET B 202 -51.48 -3.72 -11.49
N GLY B 203 -52.10 -3.28 -12.58
CA GLY B 203 -53.36 -2.58 -12.51
C GLY B 203 -53.26 -1.22 -11.85
N PHE B 204 -52.50 -0.31 -12.45
CA PHE B 204 -52.23 1.01 -11.90
C PHE B 204 -52.42 2.00 -13.04
N GLN B 205 -53.42 2.87 -12.95
CA GLN B 205 -53.58 3.92 -13.94
C GLN B 205 -52.62 5.05 -13.60
N ILE B 206 -51.50 5.12 -14.30
CA ILE B 206 -50.46 6.10 -14.01
C ILE B 206 -50.87 7.45 -14.54
N GLU B 207 -50.65 8.49 -13.74
CA GLU B 207 -50.96 9.86 -14.12
C GLU B 207 -49.74 10.62 -14.60
N ALA B 208 -48.66 10.61 -13.85
CA ALA B 208 -47.46 11.36 -14.20
C ALA B 208 -46.29 10.79 -13.40
N SER B 209 -45.09 11.10 -13.86
CA SER B 209 -43.85 10.64 -13.23
C SER B 209 -42.80 11.71 -13.43
N HIS B 210 -42.12 12.10 -12.36
CA HIS B 210 -41.23 13.25 -12.45
C HIS B 210 -40.22 13.23 -11.31
N HIS B 211 -39.14 13.99 -11.51
CA HIS B 211 -38.16 14.26 -10.48
C HIS B 211 -38.71 15.32 -9.54
N GLU B 212 -38.39 15.17 -8.26
CA GLU B 212 -38.91 16.06 -7.22
C GLU B 212 -37.80 16.99 -6.73
N VAL B 213 -38.13 17.83 -5.77
CA VAL B 213 -37.26 18.94 -5.40
C VAL B 213 -35.92 18.44 -4.89
N ALA B 214 -35.93 17.50 -3.97
CA ALA B 214 -34.69 17.05 -3.35
C ALA B 214 -33.85 16.31 -4.39
N PRO B 215 -32.53 16.33 -4.28
CA PRO B 215 -31.70 15.57 -5.21
C PRO B 215 -31.96 14.09 -5.10
N SER B 216 -32.14 13.44 -6.25
CA SER B 216 -32.43 12.01 -6.36
C SER B 216 -33.77 11.64 -5.72
N GLN B 217 -34.71 12.57 -5.64
CA GLN B 217 -36.05 12.29 -5.15
C GLN B 217 -37.02 12.29 -6.32
N HIS B 218 -37.87 11.28 -6.37
CA HIS B 218 -38.80 11.11 -7.47
C HIS B 218 -40.20 10.89 -6.92
N GLU B 219 -41.18 11.10 -7.79
CA GLU B 219 -42.58 10.94 -7.43
C GLU B 219 -43.32 10.35 -8.62
N ILE B 220 -44.13 9.33 -8.36
CA ILE B 220 -44.98 8.72 -9.36
C ILE B 220 -46.39 8.77 -8.78
N ASP B 221 -47.27 9.55 -9.40
CA ASP B 221 -48.65 9.61 -8.96
C ASP B 221 -49.55 8.83 -9.91
N PHE B 222 -50.50 8.11 -9.32
CA PHE B 222 -51.39 7.23 -10.06
C PHE B 222 -52.82 7.59 -9.73
N ARG B 223 -53.73 7.10 -10.57
CA ARG B 223 -55.13 7.52 -10.49
C ARG B 223 -55.74 7.12 -9.15
N PHE B 224 -56.66 7.95 -8.67
CA PHE B 224 -57.35 7.68 -7.42
C PHE B 224 -58.41 6.59 -7.62
N GLY B 225 -58.88 6.06 -6.50
CA GLY B 225 -59.88 5.03 -6.51
C GLY B 225 -60.51 4.89 -5.15
N ASP B 226 -61.21 3.79 -4.95
CA ASP B 226 -61.83 3.53 -3.66
C ASP B 226 -60.75 3.39 -2.59
N VAL B 227 -61.12 3.72 -1.35
CA VAL B 227 -60.14 3.81 -0.29
C VAL B 227 -59.50 2.46 0.00
N LEU B 228 -60.29 1.37 -0.05
CA LEU B 228 -59.71 0.05 0.12
C LEU B 228 -58.68 -0.25 -0.97
N CYS B 229 -59.07 -0.03 -2.23
CA CYS B 229 -58.19 -0.34 -3.33
C CYS B 229 -56.94 0.52 -3.28
N THR B 230 -57.07 1.80 -2.94
CA THR B 230 -55.91 2.67 -2.91
C THR B 230 -55.02 2.39 -1.69
N ALA B 231 -55.62 1.95 -0.59
CA ALA B 231 -54.83 1.52 0.56
C ALA B 231 -53.98 0.31 0.20
N ASP B 232 -54.57 -0.65 -0.55
CA ASP B 232 -53.77 -1.76 -1.05
C ASP B 232 -52.72 -1.28 -2.04
N ASN B 233 -53.10 -0.34 -2.90
CA ASN B 233 -52.17 0.17 -3.91
C ASN B 233 -50.97 0.84 -3.28
N VAL B 234 -51.14 1.45 -2.11
CA VAL B 234 -50.01 2.14 -1.47
C VAL B 234 -48.92 1.15 -1.12
N VAL B 235 -49.28 0.06 -0.45
CA VAL B 235 -48.30 -0.95 -0.07
C VAL B 235 -47.73 -1.63 -1.31
N THR B 236 -48.60 -1.94 -2.27
CA THR B 236 -48.13 -2.53 -3.52
C THR B 236 -47.12 -1.62 -4.20
N PHE B 237 -47.43 -0.32 -4.28
CA PHE B 237 -46.54 0.62 -4.93
C PHE B 237 -45.20 0.67 -4.23
N LYS B 238 -45.23 0.70 -2.89
CA LYS B 238 -43.98 0.77 -2.16
C LYS B 238 -43.10 -0.44 -2.46
N TYR B 239 -43.65 -1.65 -2.36
CA TYR B 239 -42.76 -2.79 -2.52
C TYR B 239 -42.42 -3.04 -4.00
N VAL B 240 -43.29 -2.64 -4.92
CA VAL B 240 -42.96 -2.71 -6.34
C VAL B 240 -41.78 -1.79 -6.64
N VAL B 241 -41.85 -0.55 -6.14
CA VAL B 241 -40.79 0.41 -6.39
C VAL B 241 -39.48 -0.09 -5.80
N LYS B 242 -39.54 -0.59 -4.57
CA LYS B 242 -38.33 -1.07 -3.91
C LYS B 242 -37.71 -2.24 -4.66
N SER B 243 -38.54 -3.19 -5.11
CA SER B 243 -38.01 -4.35 -5.83
C SER B 243 -37.41 -3.94 -7.17
N ILE B 244 -38.09 -3.06 -7.91
CA ILE B 244 -37.58 -2.63 -9.20
C ILE B 244 -36.25 -1.92 -9.01
N ALA B 245 -36.17 -1.01 -8.04
CA ALA B 245 -34.94 -0.30 -7.79
C ALA B 245 -33.82 -1.27 -7.41
N TYR B 246 -34.13 -2.25 -6.55
CA TYR B 246 -33.11 -3.20 -6.16
C TYR B 246 -32.57 -3.97 -7.36
N HIS B 247 -33.46 -4.43 -8.24
CA HIS B 247 -33.02 -5.18 -9.41
C HIS B 247 -32.27 -4.32 -10.41
N LYS B 248 -32.48 -3.01 -10.40
CA LYS B 248 -31.72 -2.11 -11.27
C LYS B 248 -30.45 -1.58 -10.63
N GLY B 249 -30.17 -1.94 -9.37
CA GLY B 249 -28.93 -1.60 -8.71
C GLY B 249 -29.05 -0.52 -7.65
N TYR B 250 -30.20 0.15 -7.55
CA TYR B 250 -30.38 1.23 -6.60
C TYR B 250 -31.22 0.76 -5.41
N TYR B 251 -31.50 1.69 -4.51
CA TYR B 251 -32.36 1.44 -3.37
C TYR B 251 -33.39 2.55 -3.30
N ALA B 252 -34.66 2.18 -3.29
CA ALA B 252 -35.74 3.14 -3.12
C ALA B 252 -36.12 3.24 -1.65
N SER B 253 -36.07 4.46 -1.12
CA SER B 253 -36.33 4.69 0.29
C SER B 253 -37.53 5.61 0.42
N PHE B 254 -38.50 5.18 1.25
CA PHE B 254 -39.65 5.99 1.60
C PHE B 254 -39.50 6.60 2.98
N MET B 255 -38.27 6.82 3.40
CA MET B 255 -37.98 7.52 4.65
C MET B 255 -38.38 8.98 4.50
N PRO B 256 -39.19 9.53 5.41
CA PRO B 256 -39.66 10.90 5.21
C PRO B 256 -38.55 11.95 5.12
N LYS B 257 -37.53 11.86 5.96
CA LYS B 257 -36.47 12.86 5.97
C LYS B 257 -35.11 12.17 6.01
N PRO B 258 -34.63 11.62 4.92
CA PRO B 258 -33.34 10.92 4.95
C PRO B 258 -32.15 11.87 4.91
N LEU B 259 -32.36 13.08 4.41
CA LEU B 259 -31.31 14.07 4.24
C LEU B 259 -31.74 15.40 4.87
N PHE B 260 -30.78 16.08 5.48
CA PHE B 260 -31.01 17.38 6.08
C PHE B 260 -30.73 18.48 5.06
N GLY B 261 -31.51 19.56 5.15
CA GLY B 261 -31.34 20.70 4.29
C GLY B 261 -32.09 20.63 2.98
N VAL B 262 -32.57 19.44 2.61
CA VAL B 262 -33.43 19.25 1.45
C VAL B 262 -34.75 18.71 1.95
N ASN B 263 -35.81 18.92 1.20
CA ASN B 263 -37.11 18.57 1.73
C ASN B 263 -37.30 17.05 1.70
N GLY B 264 -38.30 16.60 2.46
CA GLY B 264 -38.54 15.20 2.67
C GLY B 264 -39.61 14.65 1.74
N SER B 265 -39.88 13.37 1.94
CA SER B 265 -40.87 12.63 1.16
C SER B 265 -42.18 12.63 1.94
N GLY B 266 -43.26 13.04 1.27
CA GLY B 266 -44.57 13.05 1.88
C GLY B 266 -45.54 12.25 1.05
N MET B 267 -46.57 11.74 1.73
CA MET B 267 -47.66 11.01 1.09
C MET B 267 -48.88 11.91 1.15
N HIS B 268 -49.01 12.78 0.16
CA HIS B 268 -50.13 13.71 0.14
C HIS B 268 -51.41 12.94 -0.13
N SER B 269 -52.36 13.02 0.80
CA SER B 269 -53.60 12.27 0.72
C SER B 269 -54.67 13.19 0.15
N ASN B 270 -54.99 13.00 -1.12
CA ASN B 270 -56.11 13.70 -1.73
C ASN B 270 -57.39 12.89 -1.52
N GLN B 271 -58.44 13.56 -1.07
CA GLN B 271 -59.68 12.88 -0.75
C GLN B 271 -60.85 13.63 -1.38
N SER B 272 -61.88 12.86 -1.74
CA SER B 272 -63.12 13.42 -2.29
C SER B 272 -64.22 12.40 -2.02
N LEU B 273 -65.24 12.82 -1.27
CA LEU B 273 -66.41 11.98 -1.09
C LEU B 273 -67.23 11.94 -2.37
N PHE B 274 -67.72 10.74 -2.69
CA PHE B 274 -68.51 10.49 -3.89
C PHE B 274 -69.85 9.91 -3.49
N LYS B 275 -70.92 10.46 -4.05
CA LYS B 275 -72.27 9.97 -3.80
C LYS B 275 -73.02 9.93 -5.12
N ASP B 276 -73.60 8.78 -5.44
CA ASP B 276 -74.29 8.58 -6.71
C ASP B 276 -73.34 8.81 -7.89
N GLY B 277 -72.08 8.44 -7.70
CA GLY B 277 -71.08 8.59 -8.74
C GLY B 277 -70.85 10.03 -9.13
N LYS B 278 -70.96 10.94 -8.17
CA LYS B 278 -70.74 12.36 -8.40
C LYS B 278 -69.91 12.92 -7.26
N ASN B 279 -68.99 13.82 -7.58
CA ASN B 279 -68.14 14.42 -6.56
C ASN B 279 -68.96 15.30 -5.64
N VAL B 280 -69.12 14.87 -4.38
CA VAL B 280 -69.90 15.64 -3.42
C VAL B 280 -69.20 16.93 -3.05
N PHE B 281 -67.87 16.97 -3.15
CA PHE B 281 -67.12 18.16 -2.77
C PHE B 281 -67.25 19.29 -3.79
N TYR B 282 -67.86 19.03 -4.94
CA TYR B 282 -67.99 20.02 -6.00
C TYR B 282 -69.34 20.71 -5.94
N ASP B 283 -69.34 22.02 -6.15
CA ASP B 283 -70.56 22.81 -6.21
C ASP B 283 -70.35 24.02 -7.12
N PRO B 284 -70.75 23.93 -8.40
CA PRO B 284 -70.46 25.05 -9.32
C PRO B 284 -71.09 26.37 -8.91
N ASP B 285 -72.21 26.35 -8.18
CA ASP B 285 -72.90 27.59 -7.86
C ASP B 285 -72.19 28.40 -6.79
N THR B 286 -71.70 27.74 -5.74
CA THR B 286 -71.06 28.44 -4.64
C THR B 286 -69.68 28.94 -5.05
N PRO B 287 -69.23 30.06 -4.47
CA PRO B 287 -67.87 30.54 -4.77
C PRO B 287 -66.83 29.53 -4.31
N THR B 288 -65.71 29.50 -5.03
CA THR B 288 -64.63 28.53 -4.86
C THR B 288 -65.03 27.14 -5.33
N LYS B 289 -66.28 26.94 -5.74
CA LYS B 289 -66.76 25.67 -6.26
C LYS B 289 -66.47 24.54 -5.26
N LEU B 290 -66.76 24.83 -3.99
CA LEU B 290 -66.59 23.89 -2.90
C LEU B 290 -67.91 23.78 -2.16
N SER B 291 -68.48 22.58 -2.11
CA SER B 291 -69.76 22.39 -1.47
C SER B 291 -69.65 22.57 0.04
N GLN B 292 -70.80 22.67 0.69
CA GLN B 292 -70.83 22.76 2.15
C GLN B 292 -70.26 21.50 2.78
N ASP B 293 -70.48 20.35 2.14
CA ASP B 293 -69.92 19.10 2.64
C ASP B 293 -68.40 19.10 2.63
N ALA B 294 -67.77 19.66 1.60
CA ALA B 294 -66.31 19.79 1.62
C ALA B 294 -65.85 20.69 2.75
N MET B 295 -66.56 21.78 3.00
CA MET B 295 -66.23 22.68 4.10
C MET B 295 -66.29 21.94 5.43
N TYR B 296 -67.37 21.20 5.66
CA TYR B 296 -67.52 20.45 6.89
C TYR B 296 -66.46 19.37 7.03
N TYR B 297 -66.14 18.69 5.93
CA TYR B 297 -65.09 17.69 5.96
C TYR B 297 -63.76 18.31 6.35
N ILE B 298 -63.44 19.50 5.80
CA ILE B 298 -62.22 20.19 6.18
C ILE B 298 -62.25 20.55 7.66
N GLY B 299 -63.38 21.06 8.13
CA GLY B 299 -63.51 21.43 9.52
C GLY B 299 -63.29 20.27 10.47
N GLY B 300 -63.89 19.13 10.14
CA GLY B 300 -63.68 17.93 10.94
C GLY B 300 -62.27 17.41 10.85
N LEU B 301 -61.65 17.49 9.67
CA LEU B 301 -60.28 17.04 9.50
C LEU B 301 -59.32 17.88 10.34
N LEU B 302 -59.57 19.18 10.42
CA LEU B 302 -58.70 20.06 11.18
C LEU B 302 -58.86 19.91 12.69
N LYS B 303 -60.06 19.59 13.17
CA LYS B 303 -60.28 19.49 14.61
C LYS B 303 -59.70 18.22 15.21
N HIS B 304 -59.43 17.21 14.40
CA HIS B 304 -58.93 15.92 14.88
C HIS B 304 -57.54 15.58 14.38
N ILE B 305 -56.93 16.44 13.56
CA ILE B 305 -55.66 16.08 12.93
C ILE B 305 -54.59 15.87 13.99
N ARG B 306 -54.51 16.76 14.97
CA ARG B 306 -53.44 16.67 15.96
C ARG B 306 -53.60 15.47 16.87
N GLU B 307 -54.77 14.83 16.87
CA GLU B 307 -54.96 13.64 17.69
C GLU B 307 -54.31 12.41 17.06
N PHE B 308 -54.31 12.31 15.73
CA PHE B 308 -53.74 11.16 15.05
C PHE B 308 -52.58 11.54 14.13
N THR B 309 -51.94 12.69 14.40
CA THR B 309 -50.65 12.95 13.80
C THR B 309 -49.63 11.87 14.12
N ALA B 310 -49.79 11.18 15.25
CA ALA B 310 -48.93 10.04 15.58
C ALA B 310 -49.16 8.86 14.67
N VAL B 311 -50.25 8.84 13.91
CA VAL B 311 -50.50 7.82 12.90
C VAL B 311 -50.09 8.29 11.52
N THR B 312 -50.41 9.54 11.17
CA THR B 312 -50.00 10.07 9.88
C THR B 312 -48.47 10.17 9.79
N ASN B 313 -47.84 10.65 10.85
CA ASN B 313 -46.39 10.71 10.95
C ASN B 313 -45.94 9.90 12.15
N PRO B 314 -45.68 8.60 11.97
CA PRO B 314 -45.59 7.70 13.12
C PRO B 314 -44.19 7.44 13.61
N VAL B 315 -43.18 7.91 12.88
CA VAL B 315 -41.81 7.54 13.13
C VAL B 315 -41.04 8.78 13.54
N VAL B 316 -39.94 8.59 14.25
CA VAL B 316 -39.19 9.72 14.80
C VAL B 316 -38.70 10.62 13.67
N ASN B 317 -38.23 10.00 12.59
CA ASN B 317 -37.73 10.77 11.45
C ASN B 317 -38.82 11.62 10.81
N SER B 318 -40.07 11.17 10.90
CA SER B 318 -41.15 11.86 10.23
C SER B 318 -41.33 13.29 10.73
N TYR B 319 -40.85 13.59 11.94
CA TYR B 319 -40.98 14.94 12.48
C TYR B 319 -39.78 15.81 12.19
N LYS B 320 -38.73 15.26 11.58
CA LYS B 320 -37.69 16.08 11.00
C LYS B 320 -38.09 16.62 9.63
N ARG B 321 -39.20 16.13 9.08
CA ARG B 321 -39.73 16.63 7.82
C ARG B 321 -40.70 17.78 8.01
N LEU B 322 -41.26 17.95 9.21
CA LEU B 322 -42.26 18.97 9.49
C LEU B 322 -41.62 20.24 10.04
N VAL B 323 -40.42 20.54 9.58
CA VAL B 323 -39.78 21.83 9.82
C VAL B 323 -40.18 22.77 8.69
N PRO B 324 -40.20 24.07 8.91
CA PRO B 324 -40.68 24.99 7.87
C PRO B 324 -39.65 25.20 6.77
N GLY B 325 -40.14 25.69 5.63
CA GLY B 325 -39.30 26.01 4.50
C GLY B 325 -39.10 24.89 3.50
N TYR B 326 -39.96 23.86 3.53
CA TYR B 326 -39.73 22.68 2.71
C TYR B 326 -41.02 22.14 2.09
N GLU B 327 -42.08 22.95 2.02
CA GLU B 327 -43.35 22.53 1.46
C GLU B 327 -43.95 21.36 2.23
N ALA B 328 -43.64 21.30 3.52
CA ALA B 328 -44.22 20.34 4.42
C ALA B 328 -44.90 21.10 5.55
N PRO B 329 -46.10 20.70 5.95
CA PRO B 329 -46.84 21.47 6.94
C PRO B 329 -46.11 21.54 8.28
N VAL B 330 -46.24 22.69 8.92
CA VAL B 330 -45.84 22.85 10.31
C VAL B 330 -46.99 23.31 11.18
N TYR B 331 -48.04 23.91 10.59
CA TYR B 331 -49.14 24.50 11.32
C TYR B 331 -50.47 23.98 10.77
N ILE B 332 -51.53 24.22 11.54
CA ILE B 332 -52.84 23.66 11.23
C ILE B 332 -53.71 24.72 10.59
N SER B 333 -53.82 24.68 9.27
CA SER B 333 -54.59 25.65 8.52
C SER B 333 -54.99 25.03 7.19
N TRP B 334 -55.74 25.78 6.39
CA TRP B 334 -56.15 25.30 5.07
C TRP B 334 -56.32 26.50 4.16
N SER B 335 -55.96 26.33 2.89
CA SER B 335 -56.11 27.40 1.91
C SER B 335 -55.87 26.83 0.52
N ALA B 336 -56.55 27.41 -0.46
CA ALA B 336 -56.43 26.92 -1.82
C ALA B 336 -55.08 27.28 -2.42
N GLN B 337 -54.51 26.33 -3.16
CA GLN B 337 -53.30 26.57 -3.97
C GLN B 337 -52.08 26.79 -3.08
N ASN B 338 -52.23 26.58 -1.78
CA ASN B 338 -51.20 26.87 -0.80
C ASN B 338 -50.42 25.61 -0.48
N ARG B 339 -49.21 25.50 -1.01
CA ARG B 339 -48.31 24.42 -0.67
C ARG B 339 -47.53 24.68 0.60
N SER B 340 -47.91 25.71 1.35
CA SER B 340 -47.38 25.96 2.68
C SER B 340 -48.37 25.65 3.79
N SER B 341 -49.62 25.35 3.44
CA SER B 341 -50.65 25.08 4.43
C SER B 341 -50.82 23.57 4.64
N LEU B 342 -51.48 23.23 5.74
CA LEU B 342 -51.72 21.83 6.09
C LEU B 342 -52.69 21.16 5.12
N ILE B 343 -53.67 21.90 4.62
CA ILE B 343 -54.65 21.38 3.67
C ILE B 343 -54.67 22.31 2.48
N ARG B 344 -54.26 21.81 1.32
CA ARG B 344 -54.36 22.54 0.07
C ARG B 344 -55.60 22.11 -0.68
N ILE B 345 -56.19 23.05 -1.40
CA ILE B 345 -57.30 22.77 -2.30
C ILE B 345 -56.80 23.02 -3.73
N PRO B 346 -56.37 22.00 -4.46
CA PRO B 346 -55.88 22.24 -5.82
C PRO B 346 -56.96 22.89 -6.67
N ALA B 347 -56.52 23.59 -7.73
CA ALA B 347 -57.44 24.38 -8.55
C ALA B 347 -58.41 23.52 -9.33
N THR B 348 -58.17 22.22 -9.47
CA THR B 348 -59.03 21.34 -10.25
C THR B 348 -60.44 21.26 -9.66
N ARG B 349 -61.45 21.40 -10.52
CA ARG B 349 -62.85 21.30 -10.12
C ARG B 349 -63.52 20.16 -10.87
N GLY B 350 -64.83 20.03 -10.67
CA GLY B 350 -65.54 18.88 -11.20
C GLY B 350 -65.04 17.61 -10.56
N ASN B 351 -64.83 16.59 -11.38
CA ASN B 351 -64.11 15.39 -10.93
C ASN B 351 -62.66 15.80 -10.74
N GLY B 352 -62.29 16.06 -9.49
CA GLY B 352 -60.98 16.61 -9.21
C GLY B 352 -61.02 17.57 -8.04
N THR B 353 -62.21 17.93 -7.59
CA THR B 353 -62.38 18.79 -6.42
C THR B 353 -62.04 17.97 -5.19
N ARG B 354 -60.80 18.06 -4.74
CA ARG B 354 -60.31 17.22 -3.67
C ARG B 354 -59.73 18.09 -2.56
N ILE B 355 -59.54 17.46 -1.41
CA ILE B 355 -58.81 18.04 -0.29
C ILE B 355 -57.50 17.27 -0.20
N GLU B 356 -56.38 17.97 -0.23
CA GLU B 356 -55.07 17.34 -0.15
C GLU B 356 -54.48 17.61 1.23
N LEU B 357 -54.47 16.58 2.08
CA LEU B 357 -53.67 16.59 3.29
C LEU B 357 -52.21 16.41 2.94
N ARG B 358 -51.37 17.31 3.45
CA ARG B 358 -49.95 17.30 3.11
C ARG B 358 -49.09 16.64 4.18
N CYS B 359 -49.64 16.46 5.39
CA CYS B 359 -48.90 15.94 6.54
C CYS B 359 -48.32 14.54 6.37
N PRO B 360 -49.14 13.54 6.05
CA PRO B 360 -48.66 12.15 6.11
C PRO B 360 -47.44 11.93 5.23
N ASP B 361 -46.55 11.07 5.70
CA ASP B 361 -45.37 10.62 4.98
C ASP B 361 -45.59 9.21 4.48
N PRO B 362 -44.71 8.70 3.61
CA PRO B 362 -44.83 7.32 3.12
C PRO B 362 -44.22 6.31 4.09
N ALA B 363 -44.49 6.50 5.38
CA ALA B 363 -44.08 5.55 6.40
C ALA B 363 -45.30 5.13 7.22
N CYS B 364 -46.37 5.91 7.12
CA CYS B 364 -47.59 5.60 7.83
C CYS B 364 -48.19 4.29 7.33
N ASN B 365 -49.09 3.72 8.12
CA ASN B 365 -49.87 2.59 7.65
C ASN B 365 -51.08 3.15 6.92
N PRO B 366 -51.20 2.96 5.61
CA PRO B 366 -52.30 3.61 4.88
C PRO B 366 -53.68 3.21 5.37
N TYR B 367 -53.87 1.99 5.85
CA TYR B 367 -55.18 1.60 6.35
C TYR B 367 -55.58 2.45 7.54
N LEU B 368 -54.72 2.55 8.55
CA LEU B 368 -55.04 3.35 9.72
C LEU B 368 -55.19 4.82 9.35
N ALA B 369 -54.27 5.33 8.54
CA ALA B 369 -54.29 6.75 8.21
C ALA B 369 -55.55 7.13 7.44
N PHE B 370 -55.90 6.35 6.41
CA PHE B 370 -57.10 6.64 5.66
C PHE B 370 -58.35 6.42 6.50
N ALA B 371 -58.34 5.42 7.39
CA ALA B 371 -59.47 5.21 8.28
C ALA B 371 -59.70 6.42 9.16
N LEU B 372 -58.64 6.98 9.73
CA LEU B 372 -58.78 8.13 10.60
C LEU B 372 -59.17 9.38 9.82
N MET B 373 -58.62 9.55 8.61
CA MET B 373 -59.01 10.66 7.76
C MET B 373 -60.50 10.59 7.43
N LEU B 374 -60.98 9.41 7.06
CA LEU B 374 -62.39 9.23 6.76
C LEU B 374 -63.25 9.54 7.98
N ARG B 375 -62.95 8.89 9.10
CA ARG B 375 -63.77 9.07 10.28
C ARG B 375 -63.73 10.50 10.80
N ALA B 376 -62.64 11.22 10.59
CA ALA B 376 -62.53 12.59 11.05
C ALA B 376 -63.32 13.56 10.18
N GLY B 377 -63.43 13.30 8.89
CA GLY B 377 -64.20 14.16 8.02
C GLY B 377 -65.69 13.89 8.16
N LEU B 378 -66.02 12.76 8.77
CA LEU B 378 -67.43 12.43 8.99
C LEU B 378 -67.98 13.01 10.28
N GLU B 379 -67.14 13.31 11.28
CA GLU B 379 -67.60 14.15 12.39
C GLU B 379 -67.74 15.60 11.99
N GLY B 380 -67.04 16.03 10.93
CA GLY B 380 -67.24 17.36 10.43
C GLY B 380 -68.62 17.57 9.84
N ILE B 381 -69.21 16.52 9.28
CA ILE B 381 -70.50 16.66 8.62
C ILE B 381 -71.67 16.41 9.59
N LYS B 382 -71.54 15.45 10.51
CA LYS B 382 -72.61 15.29 11.49
C LYS B 382 -72.67 16.44 12.48
N ASN B 383 -71.63 17.28 12.55
CA ASN B 383 -71.61 18.39 13.50
C ASN B 383 -71.43 19.73 12.82
N LYS B 384 -71.53 19.80 11.49
CA LYS B 384 -71.41 21.04 10.74
C LYS B 384 -70.29 21.91 11.31
N ILE B 385 -69.09 21.32 11.38
CA ILE B 385 -67.93 21.99 11.95
C ILE B 385 -67.43 23.00 10.90
N ASP B 386 -67.69 24.27 11.15
CA ASP B 386 -67.22 25.30 10.24
C ASP B 386 -65.76 25.61 10.50
N PRO B 387 -64.87 25.45 9.54
CA PRO B 387 -63.49 25.92 9.71
C PRO B 387 -63.42 27.44 9.53
N GLY B 388 -62.39 28.02 10.12
CA GLY B 388 -62.19 29.44 10.01
C GLY B 388 -61.99 29.86 8.56
N GLU B 389 -61.69 31.14 8.40
CA GLU B 389 -61.35 31.66 7.08
C GLU B 389 -60.03 31.04 6.62
N PRO B 390 -59.88 30.72 5.34
CA PRO B 390 -58.62 30.15 4.86
C PRO B 390 -57.44 31.08 5.05
N THR B 391 -56.26 30.53 5.34
CA THR B 391 -55.05 31.34 5.44
C THR B 391 -54.36 31.38 4.09
N ASN B 392 -54.72 32.35 3.25
CA ASN B 392 -54.20 32.44 1.88
C ASN B 392 -52.90 33.26 1.90
N VAL B 393 -51.93 32.75 2.66
CA VAL B 393 -50.62 33.38 2.75
C VAL B 393 -49.57 32.31 3.00
N ASN B 394 -48.30 32.69 2.94
CA ASN B 394 -47.22 31.81 3.33
C ASN B 394 -47.13 31.80 4.85
N ILE B 395 -47.47 30.66 5.46
CA ILE B 395 -47.55 30.60 6.92
C ILE B 395 -46.16 30.50 7.53
N PHE B 396 -45.15 30.11 6.73
CA PHE B 396 -43.79 30.08 7.24
C PHE B 396 -43.22 31.48 7.36
N HIS B 397 -43.65 32.40 6.49
CA HIS B 397 -43.24 33.81 6.57
C HIS B 397 -44.22 34.56 7.46
N LEU B 398 -44.30 34.10 8.71
CA LEU B 398 -45.23 34.67 9.67
C LEU B 398 -44.59 34.60 11.05
N SER B 399 -44.74 35.66 11.83
CA SER B 399 -44.20 35.67 13.18
C SER B 399 -45.06 34.82 14.10
N ASP B 400 -44.48 34.46 15.24
CA ASP B 400 -45.25 33.71 16.24
C ASP B 400 -46.41 34.55 16.75
N LYS B 401 -46.18 35.85 16.95
CA LYS B 401 -47.27 36.72 17.38
C LYS B 401 -48.37 36.77 16.32
N GLU B 402 -47.99 36.88 15.05
CA GLU B 402 -48.99 36.88 13.98
C GLU B 402 -49.78 35.59 13.96
N ARG B 403 -49.09 34.46 14.09
CA ARG B 403 -49.78 33.16 14.05
C ARG B 403 -50.73 33.01 15.24
N GLU B 404 -50.28 33.40 16.44
CA GLU B 404 -51.13 33.25 17.62
C GLU B 404 -52.30 34.22 17.60
N GLU B 405 -52.12 35.42 17.05
CA GLU B 405 -53.23 36.36 16.92
C GLU B 405 -54.22 35.90 15.86
N ARG B 406 -53.74 35.23 14.81
CA ARG B 406 -54.62 34.69 13.79
C ARG B 406 -55.28 33.38 14.22
N GLY B 407 -54.87 32.83 15.36
CA GLY B 407 -55.47 31.60 15.87
C GLY B 407 -54.86 30.32 15.35
N ILE B 408 -53.73 30.40 14.64
CA ILE B 408 -53.16 29.22 13.99
C ILE B 408 -52.43 28.38 15.03
N ARG B 409 -52.73 27.09 15.07
CA ARG B 409 -52.05 26.15 15.95
C ARG B 409 -51.01 25.36 15.17
N SER B 410 -49.97 24.93 15.87
CA SER B 410 -48.90 24.16 15.27
C SER B 410 -49.14 22.67 15.47
N LEU B 411 -48.52 21.86 14.61
CA LEU B 411 -48.62 20.42 14.73
C LEU B 411 -47.66 19.93 15.81
N PRO B 412 -47.86 18.69 16.31
CA PRO B 412 -46.94 18.15 17.31
C PRO B 412 -45.48 18.23 16.90
N ALA B 413 -44.66 18.80 17.78
CA ALA B 413 -43.27 19.11 17.43
C ALA B 413 -42.45 17.85 17.22
N ASP B 414 -42.69 16.82 18.02
CA ASP B 414 -41.93 15.58 17.94
C ASP B 414 -42.85 14.41 18.19
N LEU B 415 -42.29 13.20 18.11
CA LEU B 415 -43.10 11.99 18.18
C LEU B 415 -43.78 11.86 19.55
N LYS B 416 -43.08 12.27 20.61
CA LYS B 416 -43.67 12.16 21.94
C LYS B 416 -44.90 13.06 22.08
N GLU B 417 -44.86 14.27 21.52
CA GLU B 417 -46.02 15.14 21.60
C GLU B 417 -47.21 14.50 20.91
N ALA B 418 -46.99 13.90 19.74
CA ALA B 418 -48.06 13.22 19.02
C ALA B 418 -48.58 12.02 19.80
N ILE B 419 -47.67 11.25 20.41
CA ILE B 419 -48.09 10.12 21.25
C ILE B 419 -48.99 10.60 22.37
N ASP B 420 -48.60 11.70 23.03
CA ASP B 420 -49.40 12.23 24.12
C ASP B 420 -50.75 12.71 23.64
N GLU B 421 -50.78 13.42 22.51
CA GLU B 421 -52.04 13.90 21.96
C GLU B 421 -52.94 12.76 21.52
N MET B 422 -52.37 11.61 21.17
CA MET B 422 -53.15 10.47 20.70
C MET B 422 -53.63 9.62 21.89
N LYS B 423 -52.85 9.58 22.97
CA LYS B 423 -53.25 8.81 24.15
C LYS B 423 -54.54 9.31 24.73
N GLY B 424 -54.69 10.62 24.88
CA GLY B 424 -55.86 11.17 25.52
C GLY B 424 -57.09 11.25 24.65
N SER B 425 -56.96 10.93 23.37
CA SER B 425 -58.08 11.04 22.45
C SER B 425 -59.04 9.87 22.62
N LYS B 426 -60.33 10.20 22.57
CA LYS B 426 -61.40 9.20 22.52
C LYS B 426 -61.86 8.94 21.11
N PHE B 427 -61.72 9.92 20.22
CA PHE B 427 -62.04 9.71 18.81
C PHE B 427 -61.11 8.68 18.19
N VAL B 428 -59.81 8.78 18.48
CA VAL B 428 -58.85 7.87 17.86
C VAL B 428 -59.02 6.46 18.42
N LYS B 429 -59.30 6.36 19.72
CA LYS B 429 -59.56 5.05 20.31
C LYS B 429 -60.82 4.42 19.72
N GLU B 430 -61.86 5.21 19.50
CA GLU B 430 -63.07 4.68 18.89
C GLU B 430 -62.80 4.22 17.46
N ALA B 431 -62.02 4.99 16.70
CA ALA B 431 -61.74 4.65 15.31
C ALA B 431 -60.87 3.41 15.20
N LEU B 432 -59.79 3.34 15.99
CA LEU B 432 -58.86 2.22 15.89
C LEU B 432 -59.38 0.98 16.60
N GLY B 433 -59.80 1.13 17.85
CA GLY B 433 -60.17 0.00 18.67
C GLY B 433 -59.15 -0.23 19.76
N GLU B 434 -59.51 -0.98 20.79
CA GLU B 434 -58.61 -1.14 21.94
C GLU B 434 -57.29 -1.78 21.54
N HIS B 435 -57.36 -2.85 20.74
CA HIS B 435 -56.15 -3.62 20.43
C HIS B 435 -55.18 -2.78 19.61
N VAL B 436 -55.65 -2.20 18.51
CA VAL B 436 -54.77 -1.40 17.66
C VAL B 436 -54.28 -0.18 18.44
N PHE B 437 -55.18 0.50 19.13
CA PHE B 437 -54.79 1.64 19.95
C PHE B 437 -53.62 1.29 20.86
N SER B 438 -53.83 0.30 21.73
CA SER B 438 -52.83 -0.01 22.75
C SER B 438 -51.52 -0.48 22.13
N HIS B 439 -51.60 -1.32 21.09
CA HIS B 439 -50.37 -1.88 20.54
C HIS B 439 -49.59 -0.84 19.76
N TYR B 440 -50.28 0.01 18.98
CA TYR B 440 -49.62 1.12 18.33
C TYR B 440 -48.93 2.01 19.34
N LEU B 441 -49.63 2.33 20.43
CA LEU B 441 -49.04 3.20 21.44
C LEU B 441 -47.83 2.56 22.10
N CYS B 442 -47.90 1.26 22.40
CA CYS B 442 -46.77 0.61 23.04
C CYS B 442 -45.55 0.61 22.11
N ALA B 443 -45.76 0.28 20.84
CA ALA B 443 -44.64 0.28 19.90
C ALA B 443 -44.02 1.67 19.79
N LYS B 444 -44.86 2.70 19.71
CA LYS B 444 -44.34 4.04 19.50
C LYS B 444 -43.65 4.58 20.75
N GLU B 445 -44.16 4.26 21.93
CA GLU B 445 -43.49 4.65 23.16
C GLU B 445 -42.13 3.97 23.29
N MET B 446 -42.05 2.68 22.94
CA MET B 446 -40.75 2.01 22.98
C MET B 446 -39.78 2.66 22.01
N GLU B 447 -40.25 2.98 20.80
CA GLU B 447 -39.41 3.67 19.83
C GLU B 447 -38.88 4.97 20.41
N TRP B 448 -39.77 5.80 20.95
CA TRP B 448 -39.34 7.10 21.45
C TRP B 448 -38.38 6.94 22.62
N ASP B 449 -38.65 6.00 23.53
CA ASP B 449 -37.79 5.81 24.67
C ASP B 449 -36.40 5.32 24.27
N GLU B 450 -36.30 4.51 23.23
CA GLU B 450 -34.98 4.17 22.71
C GLU B 450 -34.31 5.36 22.05
N TYR B 451 -35.09 6.26 21.44
CA TYR B 451 -34.51 7.41 20.76
C TYR B 451 -34.00 8.47 21.74
N LYS B 452 -34.74 8.75 22.81
CA LYS B 452 -34.42 9.92 23.63
C LYS B 452 -33.09 9.75 24.34
N ALA B 453 -32.74 8.52 24.71
CA ALA B 453 -31.50 8.27 25.43
C ALA B 453 -30.38 7.89 24.48
N VAL B 454 -30.16 8.68 23.43
CA VAL B 454 -29.09 8.44 22.48
C VAL B 454 -28.26 9.70 22.38
N VAL B 455 -26.95 9.51 22.35
CA VAL B 455 -26.00 10.61 22.21
C VAL B 455 -25.56 10.61 20.76
N HIS B 456 -25.93 11.65 20.03
CA HIS B 456 -25.67 11.72 18.61
C HIS B 456 -24.39 12.47 18.31
N PRO B 457 -23.78 12.23 17.16
CA PRO B 457 -22.53 12.93 16.83
C PRO B 457 -22.68 14.44 16.77
N TRP B 458 -23.89 14.95 16.57
CA TRP B 458 -24.11 16.40 16.63
C TRP B 458 -23.75 16.93 18.01
N GLU B 459 -24.14 16.21 19.07
CA GLU B 459 -23.84 16.66 20.42
C GLU B 459 -22.34 16.68 20.69
N LEU B 460 -21.61 15.67 20.21
CA LEU B 460 -20.16 15.69 20.38
C LEU B 460 -19.52 16.80 19.56
N SER B 461 -19.99 17.00 18.33
CA SER B 461 -19.39 18.03 17.49
C SER B 461 -19.69 19.42 18.03
N ARG B 462 -20.75 19.58 18.81
CA ARG B 462 -21.10 20.89 19.32
C ARG B 462 -20.59 21.14 20.73
N TYR B 463 -20.43 20.09 21.55
CA TYR B 463 -20.19 20.25 22.97
C TYR B 463 -18.83 19.74 23.42
N LEU B 464 -18.28 18.74 22.75
CA LEU B 464 -17.04 18.11 23.22
C LEU B 464 -15.94 19.13 23.45
N SER B 465 -15.69 19.99 22.46
CA SER B 465 -14.61 20.97 22.59
C SER B 465 -15.02 22.14 23.47
N MET B 466 -16.30 22.54 23.41
CA MET B 466 -16.75 23.67 24.20
C MET B 466 -16.74 23.34 25.69
N LEU B 467 -17.06 22.10 26.05
CA LEU B 467 -17.08 21.68 27.45
C LEU B 467 -16.09 20.55 27.68
N THR C 28 -48.88 20.32 -38.09
CA THR C 28 -49.19 19.38 -37.01
C THR C 28 -50.20 20.00 -36.06
N THR C 29 -51.24 19.23 -35.74
CA THR C 29 -52.32 19.68 -34.87
C THR C 29 -52.52 18.67 -33.75
N LYS C 30 -53.54 18.91 -32.92
CA LYS C 30 -53.87 18.01 -31.82
C LYS C 30 -54.12 16.59 -32.33
N GLU C 31 -54.80 16.48 -33.48
CA GLU C 31 -55.15 15.17 -34.02
C GLU C 31 -53.96 14.48 -34.68
N ASP C 32 -53.06 15.22 -35.30
CA ASP C 32 -51.90 14.61 -35.94
C ASP C 32 -50.96 14.00 -34.90
N VAL C 33 -50.84 14.62 -33.73
CA VAL C 33 -49.99 14.08 -32.69
C VAL C 33 -50.51 12.74 -32.19
N LEU C 34 -51.82 12.60 -32.05
CA LEU C 34 -52.38 11.31 -31.65
C LEU C 34 -52.10 10.24 -32.70
N GLU C 35 -52.24 10.58 -33.98
CA GLU C 35 -51.94 9.64 -35.04
C GLU C 35 -50.48 9.23 -35.01
N ALA C 36 -49.58 10.19 -34.78
CA ALA C 36 -48.16 9.86 -34.70
C ALA C 36 -47.83 9.04 -33.45
N VAL C 37 -48.60 9.22 -32.38
CA VAL C 37 -48.37 8.44 -31.17
C VAL C 37 -48.81 7.00 -31.38
N LYS C 38 -49.95 6.78 -32.04
CA LYS C 38 -50.37 5.42 -32.31
C LYS C 38 -49.48 4.75 -33.35
N GLU C 39 -49.20 5.46 -34.44
CA GLU C 39 -48.46 4.86 -35.56
C GLU C 39 -47.05 4.47 -35.15
N ARG C 40 -46.37 5.35 -34.42
CA ARG C 40 -44.97 5.14 -34.09
C ARG C 40 -44.77 4.50 -32.72
N ASP C 41 -45.84 4.05 -32.08
CA ASP C 41 -45.76 3.26 -30.85
C ASP C 41 -45.08 4.03 -29.73
N VAL C 42 -45.76 5.11 -29.32
CA VAL C 42 -45.26 5.99 -28.27
C VAL C 42 -46.01 5.68 -26.98
N LYS C 43 -45.25 5.50 -25.90
CA LYS C 43 -45.81 5.22 -24.59
C LYS C 43 -45.74 6.41 -23.64
N PHE C 44 -44.64 7.16 -23.66
CA PHE C 44 -44.43 8.27 -22.76
C PHE C 44 -44.25 9.56 -23.55
N ILE C 45 -44.94 10.61 -23.12
CA ILE C 45 -44.75 11.95 -23.65
C ILE C 45 -44.14 12.79 -22.55
N ARG C 46 -43.03 13.44 -22.85
CA ARG C 46 -42.35 14.30 -21.90
C ARG C 46 -42.81 15.73 -22.15
N THR C 47 -43.73 16.20 -21.31
CA THR C 47 -44.14 17.58 -21.35
C THR C 47 -43.04 18.46 -20.78
N GLN C 48 -42.64 19.49 -21.54
CA GLN C 48 -41.48 20.29 -21.18
C GLN C 48 -41.79 21.77 -21.35
N PHE C 49 -41.09 22.58 -20.56
CA PHE C 49 -41.11 24.03 -20.69
C PHE C 49 -39.76 24.54 -20.20
N THR C 50 -39.56 25.85 -20.29
CA THR C 50 -38.31 26.47 -19.87
C THR C 50 -38.58 27.49 -18.78
N ASP C 51 -37.80 27.41 -17.69
CA ASP C 51 -37.92 28.37 -16.61
C ASP C 51 -37.22 29.68 -16.99
N THR C 52 -37.41 30.70 -16.15
CA THR C 52 -36.96 32.04 -16.53
C THR C 52 -35.46 32.10 -16.76
N LEU C 53 -34.70 31.20 -16.13
CA LEU C 53 -33.25 31.18 -16.26
C LEU C 53 -32.77 30.27 -17.38
N GLY C 54 -33.68 29.70 -18.16
CA GLY C 54 -33.33 28.94 -19.33
C GLY C 54 -33.14 27.47 -19.13
N ILE C 55 -33.26 26.98 -17.89
CA ILE C 55 -33.14 25.55 -17.65
C ILE C 55 -34.46 24.88 -18.00
N ILE C 56 -34.39 23.79 -18.74
CA ILE C 56 -35.57 23.09 -19.21
C ILE C 56 -36.11 22.21 -18.10
N LYS C 57 -37.40 22.34 -17.82
CA LYS C 57 -38.09 21.49 -16.87
C LYS C 57 -39.07 20.59 -17.60
N SER C 58 -38.97 19.28 -17.33
CA SER C 58 -39.67 18.28 -18.10
C SER C 58 -40.19 17.20 -17.16
N TRP C 59 -41.37 16.67 -17.49
CA TRP C 59 -41.85 15.48 -16.79
C TRP C 59 -42.73 14.65 -17.71
N ALA C 60 -42.81 13.36 -17.40
CA ALA C 60 -43.39 12.37 -18.29
C ALA C 60 -44.83 12.06 -17.91
N ILE C 61 -45.66 11.87 -18.92
CA ILE C 61 -47.01 11.37 -18.74
C ILE C 61 -47.21 10.20 -19.70
N PRO C 62 -48.08 9.25 -19.37
CA PRO C 62 -48.37 8.17 -20.32
C PRO C 62 -49.15 8.65 -21.53
N ALA C 63 -48.96 7.94 -22.63
CA ALA C 63 -49.66 8.30 -23.86
C ALA C 63 -51.17 8.26 -23.68
N GLU C 64 -51.66 7.34 -22.85
CA GLU C 64 -53.09 7.25 -22.61
C GLU C 64 -53.67 8.54 -22.04
N GLN C 65 -52.86 9.35 -21.36
CA GLN C 65 -53.33 10.61 -20.82
C GLN C 65 -53.29 11.76 -21.82
N LEU C 66 -52.55 11.60 -22.92
CA LEU C 66 -52.34 12.70 -23.86
C LEU C 66 -53.64 13.41 -24.20
N GLU C 67 -54.63 12.66 -24.70
CA GLU C 67 -55.88 13.28 -25.12
C GLU C 67 -56.43 14.17 -24.02
N GLU C 68 -56.52 13.63 -22.80
CA GLU C 68 -57.05 14.41 -21.70
C GLU C 68 -56.22 15.67 -21.50
N ALA C 69 -54.89 15.51 -21.44
CA ALA C 69 -54.02 16.67 -21.31
C ALA C 69 -54.32 17.69 -22.39
N PHE C 70 -54.53 17.25 -23.62
CA PHE C 70 -54.68 18.19 -24.72
C PHE C 70 -55.90 19.08 -24.52
N GLU C 71 -56.89 18.64 -23.74
CA GLU C 71 -58.06 19.46 -23.48
C GLU C 71 -58.14 19.91 -22.03
N ASN C 72 -57.13 19.61 -21.22
CA ASN C 72 -57.12 19.99 -19.82
C ASN C 72 -55.81 20.56 -19.33
N GLY C 73 -54.73 20.43 -20.10
CA GLY C 73 -53.43 20.88 -19.66
C GLY C 73 -52.90 20.02 -18.53
N VAL C 74 -51.60 20.12 -18.25
CA VAL C 74 -50.96 19.36 -17.18
C VAL C 74 -50.58 20.33 -16.08
N MET C 75 -50.96 20.02 -14.85
CA MET C 75 -50.77 20.92 -13.73
C MET C 75 -49.47 20.60 -13.01
N PHE C 76 -48.75 21.65 -12.62
CA PHE C 76 -47.49 21.49 -11.90
C PHE C 76 -47.40 22.55 -10.81
N ASP C 77 -46.28 22.53 -10.09
CA ASP C 77 -46.03 23.40 -8.95
C ASP C 77 -45.13 24.54 -9.40
N GLY C 78 -45.67 25.75 -9.43
CA GLY C 78 -44.90 26.90 -9.86
C GLY C 78 -43.90 27.41 -8.85
N SER C 79 -44.08 27.08 -7.58
CA SER C 79 -43.17 27.57 -6.54
C SER C 79 -41.83 26.84 -6.56
N SER C 80 -41.77 25.67 -7.19
CA SER C 80 -40.54 24.92 -7.32
C SER C 80 -39.80 25.23 -8.61
N ILE C 81 -40.22 26.27 -9.32
CA ILE C 81 -39.57 26.72 -10.54
C ILE C 81 -39.01 28.11 -10.27
N GLN C 82 -37.84 28.38 -10.84
CA GLN C 82 -37.10 29.59 -10.52
C GLN C 82 -37.82 30.81 -11.10
N GLY C 83 -38.03 31.81 -10.26
CA GLY C 83 -38.63 33.06 -10.73
C GLY C 83 -39.99 32.90 -11.35
N PHE C 84 -40.76 31.93 -10.86
CA PHE C 84 -41.98 31.55 -11.57
C PHE C 84 -43.25 31.99 -10.85
N THR C 85 -43.48 31.52 -9.63
CA THR C 85 -44.65 31.95 -8.86
C THR C 85 -44.45 31.55 -7.41
N ARG C 86 -45.34 32.01 -6.54
CA ARG C 86 -45.15 31.93 -5.11
C ARG C 86 -45.88 30.72 -4.55
N ILE C 87 -45.59 30.37 -3.29
CA ILE C 87 -46.02 29.12 -2.71
C ILE C 87 -47.49 29.14 -2.31
N GLU C 88 -48.04 30.33 -2.05
CA GLU C 88 -49.47 30.43 -1.80
C GLU C 88 -50.28 30.50 -3.08
N GLU C 89 -49.64 30.74 -4.23
CA GLU C 89 -50.27 30.73 -5.54
C GLU C 89 -49.54 29.74 -6.46
N SER C 90 -49.19 28.58 -5.93
CA SER C 90 -48.19 27.75 -6.58
C SER C 90 -48.72 26.99 -7.79
N ASP C 91 -50.01 26.63 -7.80
CA ASP C 91 -50.55 25.84 -8.89
C ASP C 91 -50.36 26.54 -10.24
N MET C 92 -49.82 25.82 -11.21
CA MET C 92 -49.65 26.32 -12.56
C MET C 92 -50.17 25.28 -13.54
N LYS C 93 -50.62 25.72 -14.70
CA LYS C 93 -51.07 24.82 -15.75
C LYS C 93 -50.12 24.93 -16.95
N LEU C 94 -50.02 23.86 -17.72
CA LEU C 94 -49.20 23.84 -18.92
C LEU C 94 -50.07 23.34 -20.06
N ALA C 95 -50.29 24.20 -21.05
CA ALA C 95 -51.07 23.88 -22.24
C ALA C 95 -50.14 23.41 -23.35
N LEU C 96 -50.50 22.33 -23.99
CA LEU C 96 -49.61 21.63 -24.92
C LEU C 96 -49.60 22.33 -26.28
N ASP C 97 -48.43 22.36 -26.91
CA ASP C 97 -48.29 22.86 -28.27
C ASP C 97 -48.12 21.68 -29.21
N PRO C 98 -49.11 21.34 -30.04
CA PRO C 98 -49.00 20.12 -30.85
C PRO C 98 -47.95 20.20 -31.94
N SER C 99 -47.50 21.40 -32.30
CA SER C 99 -46.52 21.53 -33.37
C SER C 99 -45.11 21.21 -32.92
N THR C 100 -44.86 21.11 -31.61
CA THR C 100 -43.55 20.83 -31.06
C THR C 100 -43.33 19.36 -30.76
N PHE C 101 -44.24 18.50 -31.20
CA PHE C 101 -44.15 17.07 -30.89
C PHE C 101 -43.00 16.44 -31.64
N ARG C 102 -42.03 15.90 -30.90
CA ARG C 102 -40.88 15.23 -31.46
C ARG C 102 -40.65 13.91 -30.73
N ILE C 103 -40.03 12.96 -31.40
CA ILE C 103 -39.70 11.68 -30.81
C ILE C 103 -38.20 11.66 -30.50
N LEU C 104 -37.86 11.23 -29.29
CA LEU C 104 -36.47 11.29 -28.83
C LEU C 104 -35.74 10.04 -29.30
N PRO C 105 -34.73 10.18 -30.18
CA PRO C 105 -34.10 8.98 -30.74
C PRO C 105 -33.31 8.15 -29.75
N TRP C 106 -32.75 8.74 -28.69
CA TRP C 106 -31.89 7.99 -27.78
C TRP C 106 -32.68 7.17 -26.77
N ARG C 107 -33.96 7.38 -26.67
CA ARG C 107 -34.78 6.52 -25.83
C ARG C 107 -35.20 5.27 -26.61
N PRO C 108 -35.47 4.16 -25.92
CA PRO C 108 -35.77 2.92 -26.63
C PRO C 108 -37.00 3.05 -27.51
N ALA C 109 -36.96 2.36 -28.66
CA ALA C 109 -38.08 2.33 -29.59
C ALA C 109 -39.12 1.28 -29.24
N THR C 110 -38.82 0.36 -28.33
CA THR C 110 -39.79 -0.65 -27.95
C THR C 110 -41.07 0.01 -27.43
N GLY C 111 -40.93 0.92 -26.47
CA GLY C 111 -41.99 1.87 -26.18
C GLY C 111 -41.43 3.27 -26.35
N ALA C 112 -41.83 3.93 -27.42
CA ALA C 112 -41.14 5.16 -27.82
C ALA C 112 -41.47 6.30 -26.88
N VAL C 113 -40.52 7.21 -26.73
CA VAL C 113 -40.66 8.38 -25.87
C VAL C 113 -40.67 9.60 -26.77
N ALA C 114 -41.68 10.45 -26.61
CA ALA C 114 -41.80 11.69 -27.35
C ALA C 114 -41.67 12.85 -26.38
N ARG C 115 -41.54 14.05 -26.93
CA ARG C 115 -41.55 15.27 -26.15
C ARG C 115 -42.59 16.21 -26.73
N ILE C 116 -43.05 17.13 -25.89
CA ILE C 116 -43.96 18.18 -26.31
C ILE C 116 -43.68 19.39 -25.46
N LEU C 117 -43.42 20.52 -26.10
CA LEU C 117 -43.30 21.80 -25.41
C LEU C 117 -44.67 22.43 -25.29
N GLY C 118 -44.83 23.28 -24.29
CA GLY C 118 -46.11 23.92 -24.06
C GLY C 118 -45.92 25.32 -23.52
N ASP C 119 -47.03 26.06 -23.52
CA ASP C 119 -47.07 27.37 -22.91
C ASP C 119 -47.64 27.26 -21.49
N VAL C 120 -47.33 28.23 -20.66
CA VAL C 120 -47.65 28.19 -19.24
C VAL C 120 -48.82 29.11 -18.96
N TYR C 121 -49.82 28.60 -18.25
CA TYR C 121 -51.04 29.32 -17.95
C TYR C 121 -51.27 29.34 -16.44
N LEU C 122 -51.96 30.32 -16.04
CA LEU C 122 -52.48 30.34 -14.68
C LEU C 122 -53.68 29.41 -14.59
N PRO C 123 -53.98 28.87 -13.41
CA PRO C 123 -55.12 27.96 -13.29
C PRO C 123 -56.42 28.58 -13.79
N ASP C 124 -56.59 29.89 -13.58
CA ASP C 124 -57.83 30.54 -13.99
C ASP C 124 -58.04 30.44 -15.49
N GLY C 125 -56.98 30.61 -16.29
CA GLY C 125 -57.07 30.44 -17.72
C GLY C 125 -56.27 31.44 -18.52
N ASN C 126 -55.82 32.51 -17.89
CA ASN C 126 -55.03 33.50 -18.61
C ASN C 126 -53.59 33.00 -18.78
N PRO C 127 -52.95 33.37 -19.89
CA PRO C 127 -51.54 32.98 -20.07
C PRO C 127 -50.67 33.62 -19.01
N PHE C 128 -49.64 32.89 -18.57
CA PHE C 128 -48.73 33.41 -17.58
C PHE C 128 -47.78 34.41 -18.24
N LYS C 129 -47.86 35.68 -17.82
CA LYS C 129 -47.00 36.70 -18.40
C LYS C 129 -45.54 36.54 -18.00
N GLY C 130 -45.25 35.67 -17.03
CA GLY C 130 -43.88 35.46 -16.60
C GLY C 130 -43.19 34.33 -17.33
N ASP C 131 -43.78 33.90 -18.45
CA ASP C 131 -43.26 32.79 -19.24
C ASP C 131 -42.35 33.32 -20.33
N PRO C 132 -41.08 32.93 -20.40
CA PRO C 132 -40.21 33.48 -21.45
C PRO C 132 -40.71 33.19 -22.85
N ARG C 133 -41.28 32.00 -23.06
CA ARG C 133 -41.86 31.66 -24.35
C ARG C 133 -43.02 32.58 -24.72
N TYR C 134 -43.59 33.28 -23.73
CA TYR C 134 -44.63 34.27 -23.97
C TYR C 134 -44.07 35.64 -24.31
N VAL C 135 -42.94 36.02 -23.70
CA VAL C 135 -42.33 37.31 -24.02
C VAL C 135 -41.76 37.27 -25.44
N LEU C 136 -41.22 36.12 -25.84
CA LEU C 136 -40.77 35.98 -27.22
C LEU C 136 -41.92 36.14 -28.19
N LYS C 137 -43.08 35.56 -27.87
CA LYS C 137 -44.25 35.70 -28.72
C LYS C 137 -44.74 37.14 -28.78
N THR C 138 -44.71 37.86 -27.66
CA THR C 138 -45.08 39.26 -27.68
C THR C 138 -44.15 40.05 -28.59
N ALA C 139 -42.85 39.75 -28.55
CA ALA C 139 -41.92 40.43 -29.45
C ALA C 139 -42.22 40.12 -30.91
N ILE C 140 -42.54 38.85 -31.19
CA ILE C 140 -42.91 38.46 -32.55
C ILE C 140 -44.15 39.23 -32.99
N LYS C 141 -45.04 39.57 -32.06
CA LYS C 141 -46.22 40.35 -32.42
C LYS C 141 -45.84 41.73 -32.94
N GLU C 142 -44.93 42.41 -32.25
CA GLU C 142 -44.49 43.72 -32.73
C GLU C 142 -43.77 43.60 -34.06
N ALA C 143 -42.97 42.54 -34.22
CA ALA C 143 -42.36 42.29 -35.52
C ALA C 143 -43.43 42.18 -36.61
N GLU C 144 -44.51 41.43 -36.34
CA GLU C 144 -45.59 41.32 -37.31
C GLU C 144 -46.21 42.68 -37.62
N LYS C 145 -46.41 43.51 -36.58
CA LYS C 145 -46.99 44.82 -36.81
C LYS C 145 -46.13 45.63 -37.78
N MET C 146 -44.81 45.59 -37.59
CA MET C 146 -43.94 46.29 -38.53
C MET C 146 -43.82 45.54 -39.86
N GLY C 147 -44.39 44.35 -39.97
CA GLY C 147 -44.40 43.59 -41.20
C GLY C 147 -43.24 42.66 -41.39
N PHE C 148 -42.47 42.37 -40.35
CA PHE C 148 -41.27 41.58 -40.45
C PHE C 148 -41.47 40.23 -39.76
N SER C 149 -40.49 39.35 -39.92
CA SER C 149 -40.45 38.09 -39.18
C SER C 149 -38.99 37.74 -38.97
N MET C 150 -38.55 37.76 -37.72
CA MET C 150 -37.14 37.52 -37.44
C MET C 150 -36.77 36.07 -37.75
N ASN C 151 -35.59 35.92 -38.35
CA ASN C 151 -34.98 34.62 -38.56
C ASN C 151 -33.66 34.62 -37.82
N VAL C 152 -33.30 33.49 -37.21
CA VAL C 152 -32.08 33.46 -36.41
C VAL C 152 -31.41 32.10 -36.47
N GLY C 153 -30.09 32.11 -36.59
CA GLY C 153 -29.27 30.92 -36.50
C GLY C 153 -28.32 31.02 -35.33
N PRO C 154 -28.52 30.19 -34.31
CA PRO C 154 -27.62 30.17 -33.15
C PRO C 154 -26.43 29.23 -33.29
N GLU C 155 -25.31 29.69 -33.81
CA GLU C 155 -24.11 28.87 -33.73
C GLU C 155 -23.83 28.53 -32.27
N LEU C 156 -23.87 27.24 -31.96
CA LEU C 156 -23.67 26.75 -30.60
C LEU C 156 -22.42 25.89 -30.51
N GLU C 157 -21.64 26.16 -29.46
CA GLU C 157 -20.38 25.50 -29.17
C GLU C 157 -20.44 24.95 -27.74
N PHE C 158 -19.88 23.77 -27.56
CA PHE C 158 -19.86 23.11 -26.26
C PHE C 158 -18.48 22.52 -26.03
N PHE C 159 -18.28 22.04 -24.81
CA PHE C 159 -17.04 21.39 -24.41
C PHE C 159 -17.37 19.94 -24.07
N LEU C 160 -16.57 19.01 -24.57
CA LEU C 160 -16.73 17.61 -24.24
C LEU C 160 -15.68 17.23 -23.22
N PHE C 161 -16.08 17.06 -21.97
CA PHE C 161 -15.19 16.67 -20.90
C PHE C 161 -15.43 15.21 -20.52
N LYS C 162 -14.56 14.69 -19.68
CA LYS C 162 -14.69 13.31 -19.25
C LYS C 162 -15.54 13.24 -17.97
N LEU C 163 -16.19 12.10 -17.80
CA LEU C 163 -16.92 11.82 -16.57
C LEU C 163 -15.96 11.19 -15.56
N ASP C 164 -16.43 10.92 -14.36
CA ASP C 164 -15.63 10.28 -13.33
C ASP C 164 -16.22 8.91 -13.03
N ALA C 165 -15.70 8.26 -11.98
CA ALA C 165 -16.16 6.91 -11.65
C ALA C 165 -17.66 6.91 -11.35
N ASN C 166 -18.14 7.89 -10.58
CA ASN C 166 -19.56 7.96 -10.29
C ASN C 166 -20.36 8.34 -11.53
N GLY C 167 -19.81 9.20 -12.37
CA GLY C 167 -20.49 9.62 -13.58
C GLY C 167 -20.85 11.09 -13.55
N ASN C 168 -20.21 11.84 -12.65
CA ASN C 168 -20.46 13.26 -12.56
C ASN C 168 -19.57 14.03 -13.51
N PRO C 169 -19.94 15.26 -13.86
CA PRO C 169 -19.13 16.06 -14.77
C PRO C 169 -17.76 16.38 -14.18
N THR C 170 -16.78 16.48 -15.08
CA THR C 170 -15.46 16.99 -14.74
C THR C 170 -15.06 18.04 -15.75
N THR C 171 -13.86 18.58 -15.62
CA THR C 171 -13.30 19.51 -16.59
C THR C 171 -12.08 18.89 -17.26
N GLU C 172 -11.93 17.57 -17.14
CA GLU C 172 -10.85 16.86 -17.81
C GLU C 172 -11.08 16.85 -19.32
N LEU C 173 -10.04 17.17 -20.07
CA LEU C 173 -10.14 17.24 -21.51
C LEU C 173 -10.28 15.84 -22.11
N THR C 174 -11.10 15.75 -23.16
CA THR C 174 -11.19 14.54 -23.96
C THR C 174 -10.22 14.52 -25.13
N ASP C 175 -9.64 15.66 -25.48
CA ASP C 175 -8.60 15.75 -26.49
C ASP C 175 -7.96 17.13 -26.38
N GLN C 176 -6.80 17.27 -27.03
CA GLN C 176 -6.05 18.52 -27.04
C GLN C 176 -6.12 19.23 -28.39
N GLY C 177 -7.04 18.83 -29.26
CA GLY C 177 -7.10 19.37 -30.60
C GLY C 177 -7.38 20.85 -30.62
N GLY C 178 -7.48 21.41 -31.81
CA GLY C 178 -7.77 22.81 -32.03
C GLY C 178 -8.82 22.99 -33.09
N TYR C 179 -8.77 24.14 -33.74
CA TYR C 179 -9.76 24.48 -34.77
C TYR C 179 -9.56 23.63 -36.01
N PHE C 180 -10.64 22.97 -36.44
CA PHE C 180 -10.62 22.11 -37.62
C PHE C 180 -9.50 21.07 -37.54
N ASP C 181 -9.57 20.21 -36.54
CA ASP C 181 -8.56 19.18 -36.36
C ASP C 181 -9.11 17.80 -36.70
N PHE C 182 -8.35 17.05 -37.49
CA PHE C 182 -8.62 15.67 -37.82
C PHE C 182 -8.12 14.76 -36.70
N ALA C 183 -8.65 13.54 -36.66
CA ALA C 183 -8.24 12.57 -35.67
C ALA C 183 -6.79 12.15 -35.90
N PRO C 184 -6.07 11.72 -34.86
CA PRO C 184 -6.50 11.52 -33.47
C PRO C 184 -6.37 12.77 -32.59
N LEU C 185 -6.09 13.94 -33.15
CA LEU C 185 -6.18 15.16 -32.36
C LEU C 185 -7.62 15.49 -32.01
N ASP C 186 -8.56 15.16 -32.89
CA ASP C 186 -9.99 15.36 -32.64
C ASP C 186 -10.58 13.99 -32.31
N ARG C 187 -10.68 13.70 -31.02
CA ARG C 187 -11.29 12.44 -30.55
C ARG C 187 -12.75 12.61 -30.20
N ALA C 188 -13.55 13.16 -31.12
CA ALA C 188 -14.98 13.27 -30.89
C ALA C 188 -15.79 13.08 -32.16
N GLN C 189 -15.21 12.46 -33.20
CA GLN C 189 -15.96 12.25 -34.44
C GLN C 189 -17.19 11.39 -34.21
N ASP C 190 -17.07 10.35 -33.37
CA ASP C 190 -18.22 9.49 -33.11
C ASP C 190 -19.31 10.23 -32.35
N VAL C 191 -18.92 10.98 -31.31
CA VAL C 191 -19.89 11.72 -30.52
C VAL C 191 -20.59 12.75 -31.40
N ARG C 192 -19.82 13.48 -32.20
CA ARG C 192 -20.40 14.50 -33.06
C ARG C 192 -21.28 13.89 -34.13
N ARG C 193 -20.88 12.74 -34.67
CA ARG C 193 -21.68 12.05 -35.67
C ARG C 193 -23.02 11.63 -35.09
N ASP C 194 -23.01 11.07 -33.89
CA ASP C 194 -24.27 10.64 -33.28
C ASP C 194 -25.12 11.82 -32.85
N ILE C 195 -24.49 12.92 -32.45
CA ILE C 195 -25.26 14.14 -32.17
C ILE C 195 -25.94 14.63 -33.44
N ASP C 196 -25.21 14.62 -34.56
CA ASP C 196 -25.81 15.03 -35.83
C ASP C 196 -26.99 14.12 -36.19
N TYR C 197 -26.82 12.82 -35.99
CA TYR C 197 -27.91 11.88 -36.28
C TYR C 197 -29.12 12.17 -35.42
N ALA C 198 -28.92 12.37 -34.12
CA ALA C 198 -30.04 12.63 -33.21
C ALA C 198 -30.75 13.92 -33.58
N LEU C 199 -29.98 14.98 -33.84
CA LEU C 199 -30.58 16.24 -34.24
C LEU C 199 -31.38 16.08 -35.53
N GLU C 200 -30.82 15.39 -36.52
CA GLU C 200 -31.53 15.19 -37.77
C GLU C 200 -32.84 14.45 -37.53
N HIS C 201 -32.82 13.42 -36.68
CA HIS C 201 -34.05 12.74 -36.33
C HIS C 201 -35.02 13.64 -35.59
N MET C 202 -34.53 14.67 -34.89
CA MET C 202 -35.39 15.60 -34.18
C MET C 202 -35.73 16.83 -35.01
N GLY C 203 -35.73 16.70 -36.33
CA GLY C 203 -36.16 17.79 -37.20
C GLY C 203 -35.18 18.91 -37.39
N PHE C 204 -33.90 18.68 -37.15
CA PHE C 204 -32.87 19.67 -37.37
C PHE C 204 -32.34 19.53 -38.79
N GLN C 205 -31.80 20.64 -39.31
CA GLN C 205 -31.17 20.64 -40.63
C GLN C 205 -29.71 21.04 -40.41
N ILE C 206 -28.85 20.03 -40.28
CA ILE C 206 -27.46 20.28 -39.95
C ILE C 206 -26.77 20.97 -41.11
N GLU C 207 -26.00 22.00 -40.79
CA GLU C 207 -25.17 22.69 -41.77
C GLU C 207 -23.72 22.25 -41.71
N ALA C 208 -23.15 22.18 -40.51
CA ALA C 208 -21.75 21.82 -40.35
C ALA C 208 -21.42 21.53 -38.89
N SER C 209 -20.60 20.51 -38.67
CA SER C 209 -20.10 20.14 -37.36
C SER C 209 -18.59 20.12 -37.41
N HIS C 210 -17.94 20.67 -36.38
CA HIS C 210 -16.48 20.75 -36.43
C HIS C 210 -15.92 20.95 -35.03
N HIS C 211 -14.59 20.86 -34.95
CA HIS C 211 -13.82 21.08 -33.73
C HIS C 211 -13.47 22.56 -33.68
N GLU C 212 -13.66 23.17 -32.52
CA GLU C 212 -13.46 24.60 -32.35
C GLU C 212 -12.12 24.86 -31.67
N VAL C 213 -11.82 26.13 -31.45
CA VAL C 213 -10.44 26.54 -31.14
C VAL C 213 -9.96 25.88 -29.85
N ALA C 214 -10.75 25.96 -28.79
CA ALA C 214 -10.29 25.44 -27.51
C ALA C 214 -10.18 23.92 -27.57
N PRO C 215 -9.29 23.32 -26.80
CA PRO C 215 -9.23 21.85 -26.75
C PRO C 215 -10.52 21.27 -26.20
N SER C 216 -10.97 20.16 -26.78
CA SER C 216 -12.19 19.46 -26.38
C SER C 216 -13.45 20.24 -26.68
N GLN C 217 -13.36 21.34 -27.42
CA GLN C 217 -14.52 22.17 -27.69
C GLN C 217 -14.95 22.01 -29.14
N HIS C 218 -16.24 21.75 -29.33
CA HIS C 218 -16.81 21.46 -30.63
C HIS C 218 -17.97 22.42 -30.90
N GLU C 219 -18.34 22.52 -32.16
CA GLU C 219 -19.43 23.40 -32.56
C GLU C 219 -20.28 22.69 -33.59
N ILE C 220 -21.60 22.86 -33.47
CA ILE C 220 -22.53 22.33 -34.47
C ILE C 220 -23.49 23.44 -34.83
N ASP C 221 -23.64 23.71 -36.12
CA ASP C 221 -24.57 24.72 -36.57
C ASP C 221 -25.60 24.09 -37.50
N PHE C 222 -26.84 24.57 -37.38
CA PHE C 222 -27.97 24.05 -38.12
C PHE C 222 -28.67 25.20 -38.82
N ARG C 223 -29.55 24.86 -39.74
CA ARG C 223 -30.22 25.87 -40.55
C ARG C 223 -31.03 26.81 -39.68
N PHE C 224 -31.06 28.08 -40.07
CA PHE C 224 -31.85 29.08 -39.37
C PHE C 224 -33.35 28.88 -39.65
N GLY C 225 -34.18 29.50 -38.80
CA GLY C 225 -35.61 29.42 -38.94
C GLY C 225 -36.31 30.56 -38.21
N ASP C 226 -37.62 30.43 -38.01
CA ASP C 226 -38.35 31.44 -37.27
C ASP C 226 -37.86 31.47 -35.82
N VAL C 227 -38.12 32.58 -35.14
CA VAL C 227 -37.54 32.80 -33.82
C VAL C 227 -38.07 31.77 -32.82
N LEU C 228 -39.38 31.51 -32.83
CA LEU C 228 -39.94 30.53 -31.92
C LEU C 228 -39.32 29.16 -32.14
N CYS C 229 -39.34 28.70 -33.39
CA CYS C 229 -38.79 27.40 -33.71
C CYS C 229 -37.33 27.32 -33.33
N THR C 230 -36.60 28.42 -33.50
CA THR C 230 -35.15 28.40 -33.25
C THR C 230 -34.84 28.44 -31.76
N ALA C 231 -35.66 29.14 -30.96
CA ALA C 231 -35.47 29.07 -29.51
C ALA C 231 -35.77 27.67 -28.99
N ASP C 232 -36.85 27.06 -29.48
CA ASP C 232 -37.12 25.68 -29.13
C ASP C 232 -35.98 24.78 -29.56
N ASN C 233 -35.43 25.04 -30.75
CA ASN C 233 -34.28 24.29 -31.23
C ASN C 233 -33.06 24.49 -30.34
N VAL C 234 -32.86 25.68 -29.80
CA VAL C 234 -31.70 25.92 -28.94
C VAL C 234 -31.81 25.08 -27.69
N VAL C 235 -32.97 25.13 -27.03
CA VAL C 235 -33.13 24.33 -25.79
C VAL C 235 -33.03 22.84 -26.10
N THR C 236 -33.68 22.40 -27.18
CA THR C 236 -33.55 21.01 -27.62
C THR C 236 -32.10 20.66 -27.83
N PHE C 237 -31.45 21.30 -28.82
CA PHE C 237 -30.05 21.06 -29.12
C PHE C 237 -29.24 20.89 -27.85
N LYS C 238 -29.44 21.77 -26.86
CA LYS C 238 -28.66 21.66 -25.64
C LYS C 238 -28.91 20.31 -24.94
N TYR C 239 -30.18 19.97 -24.70
CA TYR C 239 -30.39 18.75 -23.92
C TYR C 239 -30.14 17.50 -24.74
N VAL C 240 -30.33 17.58 -26.07
CA VAL C 240 -29.99 16.47 -26.95
C VAL C 240 -28.48 16.21 -26.90
N VAL C 241 -27.68 17.26 -26.99
CA VAL C 241 -26.23 17.11 -26.95
C VAL C 241 -25.80 16.51 -25.62
N LYS C 242 -26.36 17.03 -24.52
CA LYS C 242 -25.98 16.50 -23.21
C LYS C 242 -26.36 15.04 -23.06
N SER C 243 -27.55 14.66 -23.54
CA SER C 243 -27.99 13.28 -23.39
C SER C 243 -27.18 12.34 -24.27
N ILE C 244 -26.83 12.78 -25.49
CA ILE C 244 -26.01 11.95 -26.36
C ILE C 244 -24.63 11.76 -25.77
N ALA C 245 -24.05 12.85 -25.25
CA ALA C 245 -22.72 12.76 -24.65
C ALA C 245 -22.73 11.85 -23.42
N TYR C 246 -23.78 11.96 -22.60
CA TYR C 246 -23.85 11.15 -21.39
C TYR C 246 -23.81 9.66 -21.71
N HIS C 247 -24.59 9.23 -22.70
CA HIS C 247 -24.68 7.83 -23.05
C HIS C 247 -23.45 7.32 -23.79
N LYS C 248 -22.49 8.20 -24.03
CA LYS C 248 -21.24 7.84 -24.69
C LYS C 248 -20.04 7.88 -23.76
N GLY C 249 -20.19 8.29 -22.51
CA GLY C 249 -19.11 8.33 -21.55
C GLY C 249 -18.63 9.72 -21.22
N TYR C 250 -19.00 10.72 -21.99
CA TYR C 250 -18.51 12.09 -21.80
C TYR C 250 -19.60 12.97 -21.20
N TYR C 251 -19.27 14.24 -21.05
CA TYR C 251 -20.18 15.25 -20.55
C TYR C 251 -20.07 16.47 -21.43
N ALA C 252 -21.19 16.91 -21.98
CA ALA C 252 -21.21 18.13 -22.78
C ALA C 252 -21.58 19.31 -21.88
N SER C 253 -20.75 20.35 -21.93
CA SER C 253 -20.93 21.51 -21.07
C SER C 253 -21.04 22.74 -21.94
N PHE C 254 -22.16 23.46 -21.79
CA PHE C 254 -22.35 24.76 -22.43
C PHE C 254 -22.01 25.89 -21.47
N MET C 255 -20.85 25.76 -20.84
CA MET C 255 -20.35 26.75 -19.90
C MET C 255 -19.50 27.74 -20.66
N PRO C 256 -19.69 29.06 -20.49
CA PRO C 256 -18.95 30.01 -21.32
C PRO C 256 -17.43 29.89 -21.22
N LYS C 257 -16.91 29.89 -20.00
CA LYS C 257 -15.47 29.85 -19.75
C LYS C 257 -15.17 28.77 -18.71
N PRO C 258 -15.17 27.52 -19.10
CA PRO C 258 -14.83 26.47 -18.14
C PRO C 258 -13.34 26.35 -17.89
N LEU C 259 -12.54 26.84 -18.83
CA LEU C 259 -11.09 26.76 -18.76
C LEU C 259 -10.50 28.14 -19.00
N PHE C 260 -9.45 28.46 -18.25
CA PHE C 260 -8.75 29.73 -18.37
C PHE C 260 -7.67 29.64 -19.44
N GLY C 261 -7.42 30.76 -20.10
CA GLY C 261 -6.37 30.84 -21.09
C GLY C 261 -6.70 30.24 -22.43
N VAL C 262 -7.92 29.76 -22.63
CA VAL C 262 -8.36 29.15 -23.87
C VAL C 262 -9.71 29.76 -24.24
N ASN C 263 -10.09 29.60 -25.49
CA ASN C 263 -11.33 30.19 -25.97
C ASN C 263 -12.51 29.73 -25.12
N GLY C 264 -13.58 30.52 -25.13
CA GLY C 264 -14.79 30.18 -24.44
C GLY C 264 -15.89 29.84 -25.43
N SER C 265 -16.99 29.35 -24.89
CA SER C 265 -18.13 28.92 -25.69
C SER C 265 -19.10 30.08 -25.80
N GLY C 266 -19.48 30.43 -27.03
CA GLY C 266 -20.44 31.48 -27.26
C GLY C 266 -21.52 31.02 -28.20
N MET C 267 -22.72 31.56 -27.99
CA MET C 267 -23.86 31.30 -28.84
C MET C 267 -23.98 32.47 -29.80
N HIS C 268 -23.38 32.35 -30.97
CA HIS C 268 -23.41 33.44 -31.93
C HIS C 268 -24.78 33.49 -32.59
N SER C 269 -25.49 34.59 -32.39
CA SER C 269 -26.87 34.73 -32.85
C SER C 269 -26.88 35.50 -34.17
N ASN C 270 -26.80 34.76 -35.27
CA ASN C 270 -27.00 35.36 -36.57
C ASN C 270 -28.48 35.68 -36.73
N GLN C 271 -28.82 36.91 -37.08
CA GLN C 271 -30.22 37.32 -37.16
C GLN C 271 -30.48 38.11 -38.44
N SER C 272 -31.64 37.88 -39.03
CA SER C 272 -32.05 38.51 -40.27
C SER C 272 -33.54 38.83 -40.17
N LEU C 273 -34.01 39.72 -41.03
CA LEU C 273 -35.42 40.05 -41.14
C LEU C 273 -35.91 39.68 -42.54
N PHE C 274 -37.08 39.06 -42.57
CA PHE C 274 -37.68 38.62 -43.82
C PHE C 274 -39.03 39.31 -43.98
N LYS C 275 -39.29 39.82 -45.18
CA LYS C 275 -40.55 40.48 -45.48
C LYS C 275 -40.99 40.03 -46.86
N ASP C 276 -42.19 39.45 -46.93
CA ASP C 276 -42.70 38.87 -48.17
C ASP C 276 -41.78 37.76 -48.67
N GLY C 277 -41.26 36.97 -47.73
CA GLY C 277 -40.41 35.84 -48.08
C GLY C 277 -39.13 36.24 -48.78
N LYS C 278 -38.61 37.42 -48.44
CA LYS C 278 -37.36 37.90 -49.01
C LYS C 278 -36.53 38.50 -47.88
N ASN C 279 -35.21 38.33 -47.98
CA ASN C 279 -34.31 38.87 -46.97
C ASN C 279 -34.28 40.39 -47.05
N VAL C 280 -34.73 41.06 -45.99
CA VAL C 280 -34.82 42.51 -45.99
C VAL C 280 -33.46 43.16 -45.79
N PHE C 281 -32.50 42.45 -45.20
CA PHE C 281 -31.18 43.03 -44.95
C PHE C 281 -30.31 43.07 -46.20
N TYR C 282 -30.77 42.51 -47.31
CA TYR C 282 -30.02 42.46 -48.55
C TYR C 282 -30.43 43.59 -49.48
N ASP C 283 -29.44 44.24 -50.08
CA ASP C 283 -29.68 45.29 -51.06
C ASP C 283 -28.54 45.31 -52.07
N PRO C 284 -28.66 44.65 -53.22
CA PRO C 284 -27.52 44.58 -54.14
C PRO C 284 -27.08 45.93 -54.68
N ASP C 285 -27.96 46.94 -54.69
CA ASP C 285 -27.62 48.21 -55.29
C ASP C 285 -26.72 49.05 -54.39
N THR C 286 -26.90 48.97 -53.08
CA THR C 286 -26.10 49.76 -52.15
C THR C 286 -24.73 49.12 -51.95
N PRO C 287 -23.70 49.92 -51.66
CA PRO C 287 -22.39 49.33 -51.36
C PRO C 287 -22.46 48.48 -50.09
N THR C 288 -21.63 47.44 -50.07
CA THR C 288 -21.62 46.43 -49.03
C THR C 288 -22.85 45.52 -49.10
N LYS C 289 -23.78 45.77 -50.03
CA LYS C 289 -24.96 44.95 -50.22
C LYS C 289 -25.71 44.76 -48.90
N LEU C 290 -25.92 45.86 -48.21
CA LEU C 290 -26.61 45.88 -46.92
C LEU C 290 -27.72 46.91 -46.98
N SER C 291 -28.96 46.46 -46.87
CA SER C 291 -30.09 47.36 -46.97
C SER C 291 -30.04 48.40 -45.84
N GLN C 292 -30.67 49.55 -46.09
CA GLN C 292 -30.66 50.61 -45.09
C GLN C 292 -31.37 50.17 -43.82
N ASP C 293 -32.44 49.36 -43.97
CA ASP C 293 -33.14 48.85 -42.80
C ASP C 293 -32.29 47.89 -41.99
N ALA C 294 -31.24 47.31 -42.58
CA ALA C 294 -30.28 46.55 -41.81
C ALA C 294 -29.37 47.44 -40.98
N MET C 295 -29.02 48.62 -41.50
CA MET C 295 -28.18 49.56 -40.75
C MET C 295 -28.89 50.05 -39.50
N TYR C 296 -30.18 50.39 -39.60
CA TYR C 296 -30.93 50.78 -38.43
C TYR C 296 -31.04 49.65 -37.41
N TYR C 297 -31.09 48.41 -37.88
CA TYR C 297 -31.09 47.28 -36.96
C TYR C 297 -29.80 47.24 -36.15
N ILE C 298 -28.65 47.44 -36.80
CA ILE C 298 -27.39 47.52 -36.06
C ILE C 298 -27.43 48.68 -35.08
N GLY C 299 -27.93 49.83 -35.53
CA GLY C 299 -27.99 50.99 -34.66
C GLY C 299 -28.84 50.75 -33.42
N GLY C 300 -29.98 50.10 -33.58
CA GLY C 300 -30.80 49.75 -32.43
C GLY C 300 -30.16 48.70 -31.54
N LEU C 301 -29.48 47.72 -32.13
CA LEU C 301 -28.79 46.71 -31.33
C LEU C 301 -27.70 47.33 -30.48
N LEU C 302 -26.87 48.19 -31.08
CA LEU C 302 -25.76 48.77 -30.35
C LEU C 302 -26.19 49.72 -29.24
N LYS C 303 -27.29 50.44 -29.42
CA LYS C 303 -27.72 51.39 -28.40
C LYS C 303 -28.34 50.71 -27.18
N HIS C 304 -28.80 49.47 -27.32
CA HIS C 304 -29.49 48.78 -26.23
C HIS C 304 -28.77 47.53 -25.72
N ILE C 305 -27.69 47.09 -26.36
CA ILE C 305 -26.98 45.90 -25.89
C ILE C 305 -26.59 46.05 -24.43
N ARG C 306 -26.00 47.17 -24.07
CA ARG C 306 -25.48 47.34 -22.72
C ARG C 306 -26.56 47.19 -21.66
N GLU C 307 -27.83 47.37 -22.03
CA GLU C 307 -28.91 47.23 -21.07
C GLU C 307 -29.26 45.77 -20.81
N PHE C 308 -29.23 44.93 -21.83
CA PHE C 308 -29.61 43.52 -21.67
C PHE C 308 -28.43 42.57 -21.86
N THR C 309 -27.22 43.08 -21.63
CA THR C 309 -26.07 42.20 -21.48
C THR C 309 -26.22 41.28 -20.28
N ALA C 310 -26.98 41.68 -19.27
CA ALA C 310 -27.23 40.84 -18.11
C ALA C 310 -28.07 39.62 -18.44
N VAL C 311 -28.65 39.56 -19.63
CA VAL C 311 -29.48 38.43 -20.01
C VAL C 311 -28.84 37.71 -21.20
N THR C 312 -28.09 38.42 -22.03
CA THR C 312 -27.30 37.72 -23.04
C THR C 312 -26.17 36.94 -22.37
N ASN C 313 -25.51 37.56 -21.39
CA ASN C 313 -24.45 36.92 -20.60
C ASN C 313 -24.87 36.93 -19.14
N PRO C 314 -25.63 35.93 -18.69
CA PRO C 314 -26.39 36.08 -17.44
C PRO C 314 -25.72 35.55 -16.20
N VAL C 315 -24.59 34.87 -16.36
CA VAL C 315 -23.97 34.18 -15.26
C VAL C 315 -22.60 34.81 -15.02
N VAL C 316 -22.02 34.54 -13.86
CA VAL C 316 -20.76 35.18 -13.49
C VAL C 316 -19.65 34.72 -14.43
N ASN C 317 -19.71 33.47 -14.85
CA ASN C 317 -18.70 32.89 -15.73
C ASN C 317 -18.77 33.46 -17.13
N SER C 318 -19.89 34.07 -17.50
CA SER C 318 -20.03 34.63 -18.84
C SER C 318 -19.08 35.79 -19.06
N TYR C 319 -18.76 36.50 -17.99
CA TYR C 319 -17.89 37.67 -18.09
C TYR C 319 -16.41 37.32 -17.96
N LYS C 320 -16.09 36.07 -17.65
CA LYS C 320 -14.72 35.59 -17.79
C LYS C 320 -14.40 35.20 -19.22
N ARG C 321 -15.43 35.08 -20.07
CA ARG C 321 -15.25 34.86 -21.49
C ARG C 321 -15.15 36.17 -22.28
N LEU C 322 -15.63 37.27 -21.72
CA LEU C 322 -15.63 38.56 -22.39
C LEU C 322 -14.33 39.32 -22.17
N VAL C 323 -13.24 38.62 -21.92
CA VAL C 323 -11.90 39.21 -21.84
C VAL C 323 -11.32 39.26 -23.24
N PRO C 324 -10.37 40.16 -23.53
CA PRO C 324 -9.83 40.24 -24.89
C PRO C 324 -8.81 39.15 -25.19
N GLY C 325 -8.39 39.05 -26.44
CA GLY C 325 -7.38 38.08 -26.83
C GLY C 325 -7.96 36.82 -27.40
N TYR C 326 -9.24 36.58 -27.14
CA TYR C 326 -9.98 35.48 -27.72
C TYR C 326 -11.12 36.06 -28.54
N GLU C 327 -11.78 35.20 -29.30
CA GLU C 327 -12.72 35.69 -30.30
C GLU C 327 -13.99 36.25 -29.69
N ALA C 328 -14.12 36.26 -28.37
CA ALA C 328 -15.29 36.86 -27.74
C ALA C 328 -15.19 38.39 -27.78
N PRO C 329 -16.32 39.09 -27.87
CA PRO C 329 -16.28 40.56 -27.87
C PRO C 329 -15.98 41.12 -26.49
N VAL C 330 -15.42 42.32 -26.50
CA VAL C 330 -15.21 43.09 -25.27
C VAL C 330 -15.87 44.45 -25.43
N TYR C 331 -15.72 45.05 -26.60
CA TYR C 331 -16.13 46.41 -26.86
C TYR C 331 -17.36 46.44 -27.78
N ILE C 332 -17.99 47.60 -27.84
CA ILE C 332 -19.24 47.79 -28.57
C ILE C 332 -18.88 48.41 -29.91
N SER C 333 -19.11 47.67 -30.99
CA SER C 333 -18.72 48.09 -32.32
C SER C 333 -19.29 47.08 -33.32
N TRP C 334 -19.18 47.40 -34.60
CA TRP C 334 -19.60 46.51 -35.67
C TRP C 334 -18.69 46.69 -36.86
N SER C 335 -18.45 45.61 -37.58
CA SER C 335 -17.63 45.66 -38.79
C SER C 335 -17.73 44.33 -39.50
N ALA C 336 -17.56 44.37 -40.82
CA ALA C 336 -17.71 43.18 -41.62
C ALA C 336 -16.49 42.26 -41.50
N GLN C 337 -16.76 40.97 -41.39
CA GLN C 337 -15.72 39.95 -41.49
C GLN C 337 -14.75 40.01 -40.32
N ASN C 338 -15.15 40.69 -39.25
CA ASN C 338 -14.26 41.00 -38.14
C ASN C 338 -14.68 40.19 -36.93
N ARG C 339 -13.96 39.11 -36.62
CA ARG C 339 -14.22 38.33 -35.42
C ARG C 339 -13.50 38.92 -34.22
N SER C 340 -13.58 40.23 -34.09
CA SER C 340 -13.13 40.93 -32.90
C SER C 340 -14.10 42.03 -32.52
N SER C 341 -15.19 42.18 -33.26
CA SER C 341 -16.17 43.23 -33.04
C SER C 341 -17.45 42.59 -32.51
N LEU C 342 -18.25 43.41 -31.83
CA LEU C 342 -19.47 42.89 -31.22
C LEU C 342 -20.43 42.37 -32.26
N ILE C 343 -20.60 43.10 -33.36
CA ILE C 343 -21.55 42.76 -34.41
C ILE C 343 -20.73 42.52 -35.67
N ARG C 344 -20.51 41.26 -36.02
CA ARG C 344 -19.85 40.93 -37.26
C ARG C 344 -20.89 40.75 -38.36
N ILE C 345 -20.48 41.04 -39.59
CA ILE C 345 -21.33 40.85 -40.75
C ILE C 345 -20.62 39.89 -41.70
N PRO C 346 -20.95 38.61 -41.70
CA PRO C 346 -20.26 37.67 -42.59
C PRO C 346 -20.32 38.13 -44.04
N ALA C 347 -19.50 37.50 -44.87
CA ALA C 347 -19.39 37.90 -46.27
C ALA C 347 -20.54 37.38 -47.13
N THR C 348 -21.34 36.46 -46.63
CA THR C 348 -22.44 35.86 -47.40
C THR C 348 -23.54 36.89 -47.57
N ARG C 349 -23.92 37.15 -48.82
CA ARG C 349 -25.03 38.04 -49.14
C ARG C 349 -26.11 37.29 -49.92
N GLY C 350 -27.19 37.99 -50.20
CA GLY C 350 -28.37 37.35 -50.75
C GLY C 350 -29.20 36.76 -49.64
N ASN C 351 -29.79 35.60 -49.88
CA ASN C 351 -30.42 34.85 -48.80
C ASN C 351 -29.30 34.31 -47.92
N GLY C 352 -29.02 34.99 -46.83
CA GLY C 352 -27.83 34.72 -46.06
C GLY C 352 -27.17 35.99 -45.53
N THR C 353 -27.77 37.14 -45.82
CA THR C 353 -27.25 38.43 -45.36
C THR C 353 -27.71 38.67 -43.92
N ARG C 354 -27.10 37.93 -43.01
CA ARG C 354 -27.41 38.04 -41.60
C ARG C 354 -26.54 39.13 -40.97
N ILE C 355 -26.71 39.32 -39.67
CA ILE C 355 -25.77 40.08 -38.86
C ILE C 355 -25.46 39.22 -37.64
N GLU C 356 -24.18 38.99 -37.40
CA GLU C 356 -23.76 38.14 -36.29
C GLU C 356 -23.58 38.98 -35.03
N LEU C 357 -24.30 38.63 -33.97
CA LEU C 357 -24.16 39.26 -32.67
C LEU C 357 -23.43 38.26 -31.79
N ARG C 358 -22.13 38.48 -31.58
CA ARG C 358 -21.28 37.49 -30.94
C ARG C 358 -21.28 37.59 -29.42
N CYS C 359 -21.96 38.58 -28.86
CA CYS C 359 -22.00 38.82 -27.42
C CYS C 359 -22.56 37.62 -26.63
N PRO C 360 -23.72 37.10 -26.98
CA PRO C 360 -24.37 36.10 -26.11
C PRO C 360 -23.56 34.83 -25.97
N ASP C 361 -23.92 34.06 -24.95
CA ASP C 361 -23.24 32.81 -24.62
C ASP C 361 -24.29 31.72 -24.43
N PRO C 362 -23.91 30.44 -24.47
CA PRO C 362 -24.89 29.35 -24.42
C PRO C 362 -25.35 29.03 -23.00
N ALA C 363 -25.56 30.08 -22.20
CA ALA C 363 -26.15 29.96 -20.89
C ALA C 363 -27.40 30.80 -20.74
N CYS C 364 -27.54 31.85 -21.54
CA CYS C 364 -28.78 32.60 -21.60
C CYS C 364 -29.91 31.70 -22.07
N ASN C 365 -31.14 32.05 -21.68
CA ASN C 365 -32.27 31.38 -22.29
C ASN C 365 -32.60 32.07 -23.60
N PRO C 366 -32.76 31.33 -24.69
CA PRO C 366 -32.95 31.97 -25.99
C PRO C 366 -34.21 32.81 -26.10
N TYR C 367 -35.25 32.52 -25.33
CA TYR C 367 -36.49 33.27 -25.47
C TYR C 367 -36.28 34.74 -25.12
N LEU C 368 -35.77 35.02 -23.93
CA LEU C 368 -35.53 36.40 -23.52
C LEU C 368 -34.48 37.06 -24.40
N ALA C 369 -33.41 36.34 -24.71
CA ALA C 369 -32.33 36.93 -25.49
C ALA C 369 -32.83 37.34 -26.88
N PHE C 370 -33.49 36.43 -27.60
CA PHE C 370 -34.00 36.77 -28.92
C PHE C 370 -35.10 37.81 -28.85
N ALA C 371 -35.93 37.77 -27.82
CA ALA C 371 -36.96 38.81 -27.67
C ALA C 371 -36.32 40.18 -27.59
N LEU C 372 -35.27 40.31 -26.81
CA LEU C 372 -34.63 41.61 -26.65
C LEU C 372 -33.86 42.04 -27.88
N MET C 373 -33.21 41.11 -28.59
CA MET C 373 -32.58 41.47 -29.86
C MET C 373 -33.62 41.95 -30.87
N LEU C 374 -34.75 41.25 -30.96
CA LEU C 374 -35.81 41.69 -31.87
C LEU C 374 -36.29 43.08 -31.51
N ARG C 375 -36.57 43.32 -30.23
CA ARG C 375 -37.07 44.62 -29.83
C ARG C 375 -36.05 45.72 -30.08
N ALA C 376 -34.77 45.46 -29.81
CA ALA C 376 -33.74 46.47 -30.06
C ALA C 376 -33.64 46.77 -31.55
N GLY C 377 -33.67 45.73 -32.38
CA GLY C 377 -33.61 45.95 -33.81
C GLY C 377 -34.79 46.77 -34.32
N LEU C 378 -36.00 46.42 -33.88
CA LEU C 378 -37.20 47.15 -34.27
C LEU C 378 -37.24 48.56 -33.72
N GLU C 379 -36.60 48.82 -32.59
CA GLU C 379 -36.45 50.17 -32.09
C GLU C 379 -35.40 50.96 -32.86
N GLY C 380 -34.44 50.27 -33.48
CA GLY C 380 -33.49 50.93 -34.33
C GLY C 380 -34.12 51.36 -35.63
N ILE C 381 -34.99 50.51 -36.18
CA ILE C 381 -35.66 50.83 -37.44
C ILE C 381 -36.73 51.89 -37.22
N LYS C 382 -37.50 51.79 -36.14
CA LYS C 382 -38.56 52.75 -35.89
C LYS C 382 -38.00 54.16 -35.74
N ASN C 383 -36.89 54.31 -35.02
CA ASN C 383 -36.29 55.61 -34.74
C ASN C 383 -35.15 55.94 -35.70
N LYS C 384 -34.98 55.14 -36.76
CA LYS C 384 -33.94 55.37 -37.75
C LYS C 384 -32.60 55.65 -37.09
N ILE C 385 -32.15 54.76 -36.22
CA ILE C 385 -30.91 54.95 -35.48
C ILE C 385 -29.75 54.54 -36.37
N ASP C 386 -29.13 55.50 -37.04
CA ASP C 386 -27.97 55.20 -37.87
C ASP C 386 -26.77 54.92 -36.98
N PRO C 387 -26.05 53.82 -37.17
CA PRO C 387 -24.83 53.60 -36.40
C PRO C 387 -23.65 54.37 -36.96
N GLY C 388 -22.54 54.41 -36.24
CA GLY C 388 -21.37 55.10 -36.72
C GLY C 388 -20.71 54.34 -37.85
N GLU C 389 -19.52 54.81 -38.22
CA GLU C 389 -18.76 54.10 -39.23
C GLU C 389 -18.27 52.77 -38.66
N PRO C 390 -18.14 51.73 -39.49
CA PRO C 390 -17.64 50.45 -38.98
C PRO C 390 -16.19 50.57 -38.51
N THR C 391 -15.84 49.72 -37.55
CA THR C 391 -14.47 49.63 -37.04
C THR C 391 -13.82 48.41 -37.66
N ASN C 392 -13.28 48.58 -38.87
CA ASN C 392 -12.67 47.48 -39.62
C ASN C 392 -11.20 47.34 -39.21
N VAL C 393 -11.00 47.05 -37.93
CA VAL C 393 -9.66 46.84 -37.40
C VAL C 393 -9.76 45.83 -36.26
N ASN C 394 -8.60 45.39 -35.76
CA ASN C 394 -8.56 44.55 -34.57
C ASN C 394 -8.74 45.45 -33.35
N ILE C 395 -9.86 45.30 -32.65
CA ILE C 395 -10.18 46.20 -31.56
C ILE C 395 -9.29 45.91 -30.35
N PHE C 396 -8.91 44.64 -30.16
CA PHE C 396 -8.07 44.30 -29.01
C PHE C 396 -6.66 44.84 -29.14
N HIS C 397 -6.27 45.32 -30.32
CA HIS C 397 -4.95 45.89 -30.56
C HIS C 397 -4.95 47.42 -30.52
N LEU C 398 -5.91 48.01 -29.83
CA LEU C 398 -5.99 49.46 -29.67
C LEU C 398 -5.76 49.80 -28.20
N SER C 399 -5.09 50.92 -27.97
CA SER C 399 -4.96 51.45 -26.62
C SER C 399 -6.25 52.17 -26.24
N ASP C 400 -6.39 52.44 -24.94
CA ASP C 400 -7.60 53.10 -24.46
C ASP C 400 -7.82 54.44 -25.15
N LYS C 401 -6.74 55.16 -25.44
CA LYS C 401 -6.87 56.46 -26.09
C LYS C 401 -7.52 56.34 -27.46
N GLU C 402 -7.08 55.37 -28.27
CA GLU C 402 -7.68 55.18 -29.58
C GLU C 402 -9.14 54.75 -29.47
N ARG C 403 -9.47 53.89 -28.51
CA ARG C 403 -10.85 53.49 -28.34
C ARG C 403 -11.72 54.69 -27.98
N GLU C 404 -11.25 55.54 -27.07
CA GLU C 404 -12.08 56.64 -26.59
C GLU C 404 -12.19 57.77 -27.62
N GLU C 405 -11.13 58.04 -28.38
CA GLU C 405 -11.16 59.17 -29.29
C GLU C 405 -12.16 58.93 -30.42
N ARG C 406 -12.30 57.69 -30.85
CA ARG C 406 -13.30 57.33 -31.86
C ARG C 406 -14.59 56.81 -31.25
N GLY C 407 -14.77 56.96 -29.93
CA GLY C 407 -16.05 56.73 -29.31
C GLY C 407 -16.37 55.31 -28.96
N ILE C 408 -15.44 54.38 -29.14
CA ILE C 408 -15.70 52.97 -28.88
C ILE C 408 -15.95 52.79 -27.38
N ARG C 409 -17.05 52.12 -27.05
CA ARG C 409 -17.41 51.84 -25.66
C ARG C 409 -17.14 50.36 -25.36
N SER C 410 -17.32 49.97 -24.11
CA SER C 410 -17.02 48.63 -23.67
C SER C 410 -18.25 48.02 -23.02
N LEU C 411 -18.31 46.70 -23.08
CA LEU C 411 -19.41 45.95 -22.46
C LEU C 411 -19.24 45.92 -20.96
N PRO C 412 -20.31 45.63 -20.22
CA PRO C 412 -20.19 45.51 -18.76
C PRO C 412 -19.08 44.57 -18.33
N ALA C 413 -18.22 45.04 -17.42
CA ALA C 413 -17.02 44.30 -17.05
C ALA C 413 -17.35 43.01 -16.31
N ASP C 414 -18.35 43.06 -15.43
CA ASP C 414 -18.74 41.88 -14.66
C ASP C 414 -20.26 41.85 -14.57
N LEU C 415 -20.77 40.81 -13.92
CA LEU C 415 -22.21 40.58 -13.89
C LEU C 415 -22.93 41.74 -13.21
N LYS C 416 -22.39 42.22 -12.08
CA LYS C 416 -23.04 43.31 -11.38
C LYS C 416 -23.08 44.59 -12.21
N GLU C 417 -22.02 44.88 -12.96
CA GLU C 417 -22.08 46.05 -13.82
C GLU C 417 -23.17 45.93 -14.86
N ALA C 418 -23.60 44.72 -15.20
CA ALA C 418 -24.68 44.51 -16.12
C ALA C 418 -26.05 44.55 -15.45
N ILE C 419 -26.18 43.90 -14.30
CA ILE C 419 -27.41 44.00 -13.52
C ILE C 419 -27.85 45.46 -13.41
N ASP C 420 -26.94 46.30 -12.92
CA ASP C 420 -27.24 47.73 -12.79
C ASP C 420 -27.66 48.31 -14.12
N GLU C 421 -26.88 48.03 -15.17
CA GLU C 421 -27.19 48.60 -16.47
C GLU C 421 -28.58 48.22 -16.93
N MET C 422 -29.11 47.11 -16.44
CA MET C 422 -30.45 46.67 -16.81
C MET C 422 -31.50 47.02 -15.78
N LYS C 423 -31.11 47.30 -14.54
CA LYS C 423 -32.10 47.71 -13.55
C LYS C 423 -32.70 49.06 -13.90
N GLY C 424 -31.88 50.02 -14.31
CA GLY C 424 -32.34 51.33 -14.67
C GLY C 424 -32.91 51.43 -16.07
N SER C 425 -32.92 50.33 -16.80
CA SER C 425 -33.40 50.34 -18.17
C SER C 425 -34.92 50.36 -18.20
N LYS C 426 -35.46 51.18 -19.09
CA LYS C 426 -36.89 51.23 -19.36
C LYS C 426 -37.27 50.39 -20.56
N PHE C 427 -36.37 50.27 -21.54
CA PHE C 427 -36.64 49.42 -22.70
C PHE C 427 -36.68 47.95 -22.30
N VAL C 428 -35.76 47.52 -21.44
CA VAL C 428 -35.69 46.11 -21.06
C VAL C 428 -36.90 45.76 -20.20
N LYS C 429 -37.32 46.69 -19.32
CA LYS C 429 -38.52 46.45 -18.53
C LYS C 429 -39.76 46.35 -19.40
N GLU C 430 -39.89 47.19 -20.43
CA GLU C 430 -41.03 47.10 -21.32
C GLU C 430 -41.02 45.78 -22.09
N ALA C 431 -39.85 45.36 -22.57
CA ALA C 431 -39.75 44.13 -23.33
C ALA C 431 -40.04 42.90 -22.49
N LEU C 432 -39.38 42.78 -21.33
CA LEU C 432 -39.55 41.60 -20.49
C LEU C 432 -40.89 41.61 -19.77
N GLY C 433 -41.29 42.75 -19.23
CA GLY C 433 -42.46 42.82 -18.38
C GLY C 433 -42.07 42.85 -16.92
N GLU C 434 -42.97 43.29 -16.04
CA GLU C 434 -42.59 43.45 -14.64
C GLU C 434 -42.20 42.14 -13.98
N HIS C 435 -42.96 41.07 -14.22
CA HIS C 435 -42.70 39.81 -13.54
C HIS C 435 -41.34 39.25 -13.94
N VAL C 436 -41.09 39.10 -15.23
CA VAL C 436 -39.82 38.56 -15.69
C VAL C 436 -38.68 39.47 -15.28
N PHE C 437 -38.86 40.77 -15.47
CA PHE C 437 -37.81 41.74 -15.13
C PHE C 437 -37.39 41.60 -13.67
N SER C 438 -38.36 41.65 -12.76
CA SER C 438 -38.05 41.64 -11.34
C SER C 438 -37.51 40.29 -10.90
N HIS C 439 -38.12 39.19 -11.37
CA HIS C 439 -37.66 37.88 -10.93
C HIS C 439 -36.34 37.48 -11.55
N TYR C 440 -35.98 38.04 -12.70
CA TYR C 440 -34.65 37.83 -13.26
C TYR C 440 -33.61 38.60 -12.47
N LEU C 441 -33.90 39.88 -12.17
CA LEU C 441 -32.95 40.68 -11.43
C LEU C 441 -32.74 40.15 -10.01
N CYS C 442 -33.80 39.68 -9.35
CA CYS C 442 -33.64 39.14 -8.01
C CYS C 442 -32.69 37.95 -7.99
N ALA C 443 -32.90 37.00 -8.91
CA ALA C 443 -32.05 35.83 -8.98
C ALA C 443 -30.61 36.20 -9.29
N LYS C 444 -30.39 37.12 -10.23
CA LYS C 444 -29.02 37.45 -10.61
C LYS C 444 -28.32 38.23 -9.51
N GLU C 445 -29.03 39.12 -8.82
CA GLU C 445 -28.44 39.82 -7.69
C GLU C 445 -28.08 38.86 -6.57
N MET C 446 -28.95 37.89 -6.30
CA MET C 446 -28.63 36.87 -5.30
C MET C 446 -27.38 36.10 -5.69
N GLU C 447 -27.29 35.71 -6.96
CA GLU C 447 -26.11 34.98 -7.43
C GLU C 447 -24.85 35.80 -7.22
N TRP C 448 -24.87 37.07 -7.65
CA TRP C 448 -23.69 37.91 -7.48
C TRP C 448 -23.32 38.07 -6.02
N ASP C 449 -24.31 38.32 -5.16
CA ASP C 449 -24.02 38.52 -3.75
C ASP C 449 -23.40 37.27 -3.14
N GLU C 450 -23.83 36.09 -3.59
CA GLU C 450 -23.17 34.87 -3.15
C GLU C 450 -21.74 34.79 -3.67
N TYR C 451 -21.50 35.28 -4.89
CA TYR C 451 -20.17 35.18 -5.49
C TYR C 451 -19.17 36.18 -4.93
N LYS C 452 -19.59 37.40 -4.61
CA LYS C 452 -18.65 38.45 -4.26
C LYS C 452 -17.96 38.20 -2.92
N ALA C 453 -18.52 37.35 -2.08
CA ALA C 453 -17.98 37.11 -0.74
C ALA C 453 -17.06 35.91 -0.68
N VAL C 454 -16.85 35.22 -1.77
CA VAL C 454 -16.08 33.98 -1.78
C VAL C 454 -14.60 34.32 -1.79
N VAL C 455 -13.81 33.52 -1.08
CA VAL C 455 -12.37 33.61 -1.07
C VAL C 455 -11.84 32.47 -1.93
N HIS C 456 -11.28 32.80 -3.07
CA HIS C 456 -10.87 31.77 -4.00
C HIS C 456 -9.40 31.39 -3.81
N PRO C 457 -9.01 30.20 -4.27
CA PRO C 457 -7.61 29.78 -4.09
C PRO C 457 -6.60 30.67 -4.78
N TRP C 458 -7.01 31.42 -5.81
CA TRP C 458 -6.11 32.41 -6.39
C TRP C 458 -5.64 33.40 -5.33
N GLU C 459 -6.55 33.83 -4.48
CA GLU C 459 -6.20 34.80 -3.45
C GLU C 459 -5.21 34.23 -2.45
N LEU C 460 -5.38 32.96 -2.07
CA LEU C 460 -4.43 32.34 -1.16
C LEU C 460 -3.07 32.17 -1.82
N SER C 461 -3.06 31.71 -3.07
CA SER C 461 -1.78 31.51 -3.75
C SER C 461 -1.08 32.83 -4.04
N ARG C 462 -1.82 33.93 -4.06
CA ARG C 462 -1.21 35.24 -4.32
C ARG C 462 -0.76 35.94 -3.05
N TYR C 463 -1.59 35.91 -2.01
CA TYR C 463 -1.38 36.72 -0.82
C TYR C 463 -0.98 35.95 0.42
N LEU C 464 -1.26 34.66 0.50
CA LEU C 464 -1.05 33.96 1.76
C LEU C 464 0.40 34.05 2.22
N SER C 465 1.35 33.88 1.31
CA SER C 465 2.76 33.94 1.66
C SER C 465 3.30 35.37 1.60
N MET C 466 2.74 36.21 0.73
CA MET C 466 3.18 37.59 0.66
C MET C 466 2.85 38.34 1.95
N LEU C 467 1.69 38.05 2.54
CA LEU C 467 1.26 38.70 3.76
C LEU C 467 1.04 37.68 4.88
N THR D 28 -13.07 12.72 -62.79
CA THR D 28 -14.15 12.88 -61.83
C THR D 28 -14.59 14.34 -61.77
N THR D 29 -15.89 14.56 -61.95
CA THR D 29 -16.49 15.89 -61.90
C THR D 29 -17.42 15.98 -60.69
N LYS D 30 -18.01 17.15 -60.51
CA LYS D 30 -18.97 17.33 -59.41
C LYS D 30 -20.17 16.40 -59.57
N GLU D 31 -20.52 16.06 -60.81
CA GLU D 31 -21.64 15.17 -61.05
C GLU D 31 -21.31 13.72 -60.70
N ASP D 32 -20.05 13.30 -60.91
CA ASP D 32 -19.66 11.96 -60.51
C ASP D 32 -19.58 11.81 -59.00
N VAL D 33 -19.19 12.88 -58.30
CA VAL D 33 -19.12 12.80 -56.85
C VAL D 33 -20.51 12.59 -56.25
N LEU D 34 -21.53 13.27 -56.79
CA LEU D 34 -22.89 13.08 -56.30
C LEU D 34 -23.37 11.66 -56.56
N GLU D 35 -23.06 11.12 -57.75
CA GLU D 35 -23.44 9.74 -58.04
C GLU D 35 -22.76 8.76 -57.10
N ALA D 36 -21.48 8.98 -56.82
CA ALA D 36 -20.78 8.12 -55.86
C ALA D 36 -21.28 8.29 -54.45
N VAL D 37 -21.82 9.47 -54.12
CA VAL D 37 -22.38 9.69 -52.80
C VAL D 37 -23.70 8.93 -52.65
N LYS D 38 -24.53 8.95 -53.69
CA LYS D 38 -25.77 8.17 -53.67
C LYS D 38 -25.50 6.67 -53.71
N GLU D 39 -24.67 6.21 -54.64
CA GLU D 39 -24.49 4.78 -54.85
C GLU D 39 -23.88 4.12 -53.63
N ARG D 40 -22.84 4.73 -53.05
CA ARG D 40 -22.11 4.13 -51.94
C ARG D 40 -22.69 4.53 -50.59
N ASP D 41 -23.79 5.29 -50.57
CA ASP D 41 -24.49 5.67 -49.35
C ASP D 41 -23.57 6.50 -48.46
N VAL D 42 -23.15 7.65 -48.96
CA VAL D 42 -22.33 8.56 -48.17
C VAL D 42 -23.23 9.53 -47.43
N LYS D 43 -22.93 9.77 -46.18
CA LYS D 43 -23.74 10.65 -45.34
C LYS D 43 -22.99 11.89 -44.90
N PHE D 44 -21.69 11.80 -44.68
CA PHE D 44 -20.87 12.91 -44.25
C PHE D 44 -19.70 13.08 -45.21
N ILE D 45 -19.44 14.31 -45.62
CA ILE D 45 -18.27 14.66 -46.41
C ILE D 45 -17.38 15.52 -45.54
N ARG D 46 -16.12 15.15 -45.42
CA ARG D 46 -15.15 15.94 -44.66
C ARG D 46 -14.38 16.82 -45.64
N THR D 47 -14.74 18.09 -45.68
CA THR D 47 -13.98 19.06 -46.46
C THR D 47 -12.66 19.35 -45.76
N GLN D 48 -11.57 19.35 -46.52
CA GLN D 48 -10.24 19.39 -45.97
C GLN D 48 -9.35 20.36 -46.75
N PHE D 49 -8.41 20.95 -46.03
CA PHE D 49 -7.34 21.72 -46.64
C PHE D 49 -6.13 21.57 -45.75
N THR D 50 -4.98 22.03 -46.24
CA THR D 50 -3.75 22.01 -45.47
C THR D 50 -3.31 23.44 -45.14
N ASP D 51 -2.99 23.68 -43.87
CA ASP D 51 -2.52 24.98 -43.44
C ASP D 51 -1.05 25.16 -43.82
N THR D 52 -0.52 26.37 -43.62
CA THR D 52 0.82 26.68 -44.11
C THR D 52 1.91 25.85 -43.48
N LEU D 53 1.66 25.21 -42.33
CA LEU D 53 2.67 24.40 -41.67
C LEU D 53 2.48 22.92 -41.93
N GLY D 54 1.65 22.56 -42.92
CA GLY D 54 1.46 21.17 -43.29
C GLY D 54 0.42 20.43 -42.49
N ILE D 55 -0.22 21.07 -41.51
CA ILE D 55 -1.24 20.39 -40.73
C ILE D 55 -2.55 20.41 -41.49
N ILE D 56 -3.23 19.28 -41.50
CA ILE D 56 -4.49 19.13 -42.23
C ILE D 56 -5.62 19.61 -41.33
N LYS D 57 -6.45 20.50 -41.87
CA LYS D 57 -7.63 20.99 -41.18
C LYS D 57 -8.87 20.51 -41.91
N SER D 58 -9.78 19.91 -41.14
CA SER D 58 -10.91 19.16 -41.68
C SER D 58 -12.17 19.54 -40.95
N TRP D 59 -13.30 19.53 -41.66
CA TRP D 59 -14.58 19.58 -40.97
C TRP D 59 -15.67 18.99 -41.85
N ALA D 60 -16.72 18.51 -41.19
CA ALA D 60 -17.73 17.67 -41.81
C ALA D 60 -18.97 18.47 -42.18
N ILE D 61 -19.54 18.13 -43.33
CA ILE D 61 -20.85 18.62 -43.74
C ILE D 61 -21.71 17.45 -44.17
N PRO D 62 -23.01 17.56 -43.99
CA PRO D 62 -23.91 16.50 -44.47
C PRO D 62 -23.90 16.39 -45.99
N ALA D 63 -24.18 15.19 -46.47
CA ALA D 63 -24.23 14.97 -47.91
C ALA D 63 -25.28 15.85 -48.56
N GLU D 64 -26.39 16.10 -47.87
CA GLU D 64 -27.44 16.95 -48.42
C GLU D 64 -26.94 18.33 -48.79
N GLN D 65 -25.86 18.80 -48.16
CA GLN D 65 -25.31 20.11 -48.46
C GLN D 65 -24.34 20.08 -49.65
N LEU D 66 -23.75 18.92 -49.95
CA LEU D 66 -22.74 18.86 -51.01
C LEU D 66 -23.12 19.69 -52.22
N GLU D 67 -24.28 19.41 -52.80
CA GLU D 67 -24.70 20.11 -54.00
C GLU D 67 -24.46 21.61 -53.88
N GLU D 68 -25.09 22.24 -52.88
CA GLU D 68 -24.97 23.70 -52.80
C GLU D 68 -23.54 24.10 -52.49
N ALA D 69 -22.84 23.34 -51.67
CA ALA D 69 -21.43 23.62 -51.44
C ALA D 69 -20.68 23.70 -52.75
N PHE D 70 -20.95 22.75 -53.66
CA PHE D 70 -20.21 22.73 -54.92
C PHE D 70 -20.41 24.01 -55.70
N GLU D 71 -21.57 24.67 -55.56
CA GLU D 71 -21.82 25.90 -56.28
C GLU D 71 -21.70 27.13 -55.39
N ASN D 72 -21.36 26.95 -54.11
CA ASN D 72 -21.21 28.08 -53.20
C ASN D 72 -19.93 28.03 -52.38
N GLY D 73 -19.28 26.88 -52.25
CA GLY D 73 -18.09 26.77 -51.43
C GLY D 73 -18.47 26.80 -49.97
N VAL D 74 -17.68 26.14 -49.13
CA VAL D 74 -17.92 26.21 -47.69
C VAL D 74 -17.16 27.40 -47.12
N MET D 75 -17.60 27.88 -45.97
CA MET D 75 -17.02 29.08 -45.38
C MET D 75 -16.44 28.76 -44.01
N PHE D 76 -15.24 29.28 -43.74
CA PHE D 76 -14.59 29.03 -42.46
C PHE D 76 -13.88 30.30 -42.01
N ASP D 77 -13.19 30.19 -40.89
CA ASP D 77 -12.51 31.30 -40.21
C ASP D 77 -11.01 31.16 -40.43
N GLY D 78 -10.44 32.08 -41.22
CA GLY D 78 -9.02 32.01 -41.50
C GLY D 78 -8.12 32.44 -40.38
N SER D 79 -8.64 33.18 -39.41
CA SER D 79 -7.83 33.65 -38.30
C SER D 79 -7.51 32.56 -37.28
N SER D 80 -8.19 31.41 -37.35
CA SER D 80 -7.89 30.27 -36.49
C SER D 80 -7.03 29.24 -37.21
N ILE D 81 -6.50 29.59 -38.38
CA ILE D 81 -5.56 28.76 -39.12
C ILE D 81 -4.21 29.47 -39.11
N GLN D 82 -3.15 28.69 -38.99
CA GLN D 82 -1.80 29.24 -38.84
C GLN D 82 -1.37 29.85 -40.16
N GLY D 83 -1.01 31.13 -40.12
CA GLY D 83 -0.48 31.81 -41.30
C GLY D 83 -1.45 31.91 -42.44
N PHE D 84 -2.72 32.20 -42.16
CA PHE D 84 -3.73 32.30 -43.21
C PHE D 84 -4.28 33.71 -43.36
N THR D 85 -4.90 34.28 -42.33
CA THR D 85 -5.45 35.62 -42.48
C THR D 85 -5.73 36.19 -41.10
N ARG D 86 -6.00 37.49 -41.06
CA ARG D 86 -6.11 38.23 -39.82
C ARG D 86 -7.55 38.21 -39.34
N ILE D 87 -7.78 38.73 -38.14
CA ILE D 87 -9.06 38.58 -37.46
C ILE D 87 -10.08 39.61 -37.93
N GLU D 88 -9.62 40.76 -38.44
CA GLU D 88 -10.55 41.75 -38.97
C GLU D 88 -10.92 41.46 -40.43
N GLU D 89 -10.20 40.56 -41.10
CA GLU D 89 -10.60 40.03 -42.40
C GLU D 89 -10.40 38.51 -42.30
N SER D 90 -11.39 37.82 -41.74
CA SER D 90 -11.18 36.45 -41.31
C SER D 90 -11.98 35.44 -42.14
N ASP D 91 -13.11 35.88 -42.69
CA ASP D 91 -13.92 34.97 -43.49
C ASP D 91 -13.12 34.44 -44.68
N MET D 92 -13.12 33.12 -44.85
CA MET D 92 -12.48 32.49 -45.99
C MET D 92 -13.44 31.49 -46.61
N LYS D 93 -13.25 31.21 -47.90
CA LYS D 93 -14.06 30.25 -48.63
C LYS D 93 -13.19 29.07 -49.03
N LEU D 94 -13.80 27.90 -49.10
CA LEU D 94 -13.15 26.69 -49.57
C LEU D 94 -13.94 26.18 -50.76
N ALA D 95 -13.30 26.09 -51.91
CA ALA D 95 -13.91 25.57 -53.12
C ALA D 95 -13.46 24.12 -53.30
N LEU D 96 -14.43 23.24 -53.54
CA LEU D 96 -14.19 21.81 -53.53
C LEU D 96 -13.56 21.34 -54.83
N ASP D 97 -12.64 20.38 -54.72
CA ASP D 97 -12.03 19.75 -55.87
C ASP D 97 -12.64 18.36 -56.05
N PRO D 98 -13.48 18.13 -57.07
CA PRO D 98 -14.17 16.83 -57.16
C PRO D 98 -13.24 15.66 -57.41
N SER D 99 -12.08 15.90 -58.00
CA SER D 99 -11.17 14.81 -58.32
C SER D 99 -10.59 14.15 -57.07
N THR D 100 -10.61 14.85 -55.94
CA THR D 100 -10.03 14.33 -54.70
C THR D 100 -11.03 13.57 -53.85
N PHE D 101 -12.25 13.36 -54.33
CA PHE D 101 -13.25 12.64 -53.56
C PHE D 101 -12.81 11.22 -53.28
N ARG D 102 -12.58 10.92 -52.00
CA ARG D 102 -12.24 9.57 -51.55
C ARG D 102 -13.22 9.19 -50.46
N ILE D 103 -13.29 7.90 -50.15
CA ILE D 103 -14.16 7.38 -49.11
C ILE D 103 -13.27 6.78 -48.04
N LEU D 104 -13.47 7.19 -46.80
CA LEU D 104 -12.66 6.75 -45.68
C LEU D 104 -13.07 5.36 -45.24
N PRO D 105 -12.21 4.34 -45.34
CA PRO D 105 -12.66 2.97 -45.05
C PRO D 105 -12.72 2.61 -43.58
N TRP D 106 -12.06 3.36 -42.70
CA TRP D 106 -12.06 3.05 -41.28
C TRP D 106 -13.23 3.67 -40.54
N ARG D 107 -14.14 4.33 -41.24
CA ARG D 107 -15.37 4.82 -40.66
C ARG D 107 -16.55 3.97 -41.13
N PRO D 108 -17.64 3.91 -40.36
CA PRO D 108 -18.69 2.94 -40.66
C PRO D 108 -19.25 3.09 -42.07
N ALA D 109 -19.57 1.97 -42.69
CA ALA D 109 -20.10 1.94 -44.05
C ALA D 109 -21.59 2.23 -44.13
N THR D 110 -22.31 2.18 -43.01
CA THR D 110 -23.71 2.56 -43.01
C THR D 110 -23.84 4.06 -43.30
N GLY D 111 -23.36 4.90 -42.39
CA GLY D 111 -23.26 6.31 -42.63
C GLY D 111 -21.90 6.63 -43.22
N ALA D 112 -21.64 6.12 -44.42
CA ALA D 112 -20.30 6.18 -45.00
C ALA D 112 -19.81 7.62 -45.02
N VAL D 113 -18.53 7.78 -44.73
CA VAL D 113 -17.89 9.08 -44.64
C VAL D 113 -16.92 9.21 -45.80
N ALA D 114 -17.02 10.30 -46.54
CA ALA D 114 -16.11 10.61 -47.62
C ALA D 114 -15.25 11.81 -47.21
N ARG D 115 -14.27 12.12 -48.05
CA ARG D 115 -13.47 13.32 -47.87
C ARG D 115 -13.34 14.04 -49.20
N ILE D 116 -13.07 15.33 -49.14
CA ILE D 116 -12.84 16.13 -50.33
C ILE D 116 -11.86 17.24 -49.97
N LEU D 117 -10.78 17.34 -50.72
CA LEU D 117 -9.83 18.44 -50.56
C LEU D 117 -10.29 19.59 -51.44
N GLY D 118 -9.97 20.80 -51.02
CA GLY D 118 -10.36 21.99 -51.76
C GLY D 118 -9.27 23.03 -51.75
N ASP D 119 -9.47 24.04 -52.59
CA ASP D 119 -8.61 25.20 -52.61
C ASP D 119 -9.23 26.32 -51.77
N VAL D 120 -8.37 27.22 -51.30
CA VAL D 120 -8.80 28.31 -50.42
C VAL D 120 -8.93 29.58 -51.24
N TYR D 121 -10.09 30.22 -51.13
CA TYR D 121 -10.40 31.44 -51.83
C TYR D 121 -10.72 32.54 -50.83
N LEU D 122 -10.47 33.76 -51.23
CA LEU D 122 -11.00 34.88 -50.49
C LEU D 122 -12.50 35.00 -50.77
N PRO D 123 -13.29 35.48 -49.80
CA PRO D 123 -14.74 35.53 -50.02
C PRO D 123 -15.14 36.35 -51.23
N ASP D 124 -14.33 37.34 -51.59
CA ASP D 124 -14.67 38.17 -52.75
C ASP D 124 -14.63 37.36 -54.04
N GLY D 125 -13.74 36.38 -54.12
CA GLY D 125 -13.74 35.48 -55.26
C GLY D 125 -12.38 35.07 -55.77
N ASN D 126 -11.34 35.84 -55.45
CA ASN D 126 -10.02 35.54 -55.95
C ASN D 126 -9.41 34.38 -55.17
N PRO D 127 -8.54 33.58 -55.80
CA PRO D 127 -7.86 32.51 -55.07
C PRO D 127 -6.88 33.08 -54.06
N PHE D 128 -6.79 32.42 -52.91
CA PHE D 128 -5.89 32.87 -51.87
C PHE D 128 -4.45 32.52 -52.22
N LYS D 129 -3.61 33.54 -52.38
CA LYS D 129 -2.20 33.31 -52.69
C LYS D 129 -1.44 32.67 -51.54
N GLY D 130 -2.00 32.68 -50.33
CA GLY D 130 -1.39 32.07 -49.18
C GLY D 130 -1.68 30.59 -49.02
N ASP D 131 -2.39 29.99 -49.97
CA ASP D 131 -2.66 28.56 -49.92
C ASP D 131 -1.42 27.78 -50.30
N PRO D 132 -0.93 26.87 -49.46
CA PRO D 132 0.23 26.05 -49.86
C PRO D 132 -0.07 25.24 -51.11
N ARG D 133 -1.32 24.82 -51.26
CA ARG D 133 -1.72 24.03 -52.42
C ARG D 133 -1.80 24.88 -53.68
N TYR D 134 -1.81 26.20 -53.54
CA TYR D 134 -1.77 27.11 -54.69
C TYR D 134 -0.33 27.39 -55.12
N VAL D 135 0.60 27.36 -54.18
CA VAL D 135 2.01 27.54 -54.51
C VAL D 135 2.49 26.40 -55.39
N LEU D 136 2.10 25.16 -55.04
CA LEU D 136 2.47 24.02 -55.85
C LEU D 136 1.88 24.09 -57.25
N LYS D 137 0.63 24.57 -57.35
CA LYS D 137 0.02 24.76 -58.66
C LYS D 137 0.79 25.79 -59.46
N THR D 138 1.22 26.88 -58.83
CA THR D 138 2.01 27.88 -59.53
C THR D 138 3.32 27.29 -60.03
N ALA D 139 3.97 26.44 -59.23
CA ALA D 139 5.20 25.80 -59.69
C ALA D 139 4.94 24.85 -60.87
N ILE D 140 3.83 24.11 -60.82
CA ILE D 140 3.45 23.26 -61.92
C ILE D 140 3.22 24.08 -63.18
N LYS D 141 2.73 25.30 -63.04
CA LYS D 141 2.58 26.17 -64.20
C LYS D 141 3.90 26.42 -64.91
N GLU D 142 4.95 26.75 -64.15
CA GLU D 142 6.25 26.96 -64.77
C GLU D 142 6.79 25.67 -65.36
N ALA D 143 6.58 24.56 -64.67
CA ALA D 143 6.98 23.26 -65.23
C ALA D 143 6.33 23.04 -66.59
N GLU D 144 5.02 23.28 -66.71
CA GLU D 144 4.35 23.15 -67.99
C GLU D 144 4.94 24.12 -69.02
N LYS D 145 5.21 25.35 -68.59
CA LYS D 145 5.78 26.33 -69.52
C LYS D 145 7.09 25.84 -70.11
N MET D 146 7.88 25.10 -69.33
CA MET D 146 9.08 24.47 -69.86
C MET D 146 8.82 23.10 -70.48
N GLY D 147 7.58 22.63 -70.48
CA GLY D 147 7.22 21.39 -71.10
C GLY D 147 7.44 20.15 -70.27
N PHE D 148 7.47 20.25 -68.95
CA PHE D 148 7.78 19.14 -68.07
C PHE D 148 6.61 18.87 -67.14
N SER D 149 6.74 17.81 -66.35
CA SER D 149 5.77 17.51 -65.29
C SER D 149 6.46 16.67 -64.24
N MET D 150 6.58 17.18 -63.03
CA MET D 150 7.24 16.45 -61.96
C MET D 150 6.43 15.22 -61.59
N ASN D 151 7.13 14.13 -61.27
CA ASN D 151 6.52 12.85 -60.93
C ASN D 151 7.09 12.32 -59.63
N VAL D 152 7.12 13.16 -58.62
CA VAL D 152 7.67 12.79 -57.32
C VAL D 152 6.89 11.61 -56.74
N GLY D 153 7.55 10.80 -55.93
CA GLY D 153 6.91 9.80 -55.12
C GLY D 153 7.71 9.58 -53.85
N PRO D 154 7.12 9.80 -52.69
CA PRO D 154 7.91 9.87 -51.46
C PRO D 154 7.96 8.56 -50.68
N GLU D 155 9.07 8.39 -49.97
CA GLU D 155 9.24 7.32 -48.99
C GLU D 155 8.98 7.94 -47.63
N LEU D 156 7.93 7.46 -46.98
CA LEU D 156 7.50 7.95 -45.67
C LEU D 156 7.71 6.87 -44.61
N GLU D 157 8.43 7.25 -43.56
CA GLU D 157 8.70 6.42 -42.39
C GLU D 157 8.03 7.05 -41.18
N PHE D 158 7.60 6.21 -40.26
CA PHE D 158 6.94 6.65 -39.04
C PHE D 158 7.35 5.73 -37.91
N PHE D 159 6.98 6.12 -36.69
CA PHE D 159 7.23 5.32 -35.50
C PHE D 159 5.90 4.88 -34.93
N LEU D 160 5.83 3.64 -34.46
CA LEU D 160 4.63 3.12 -33.81
C LEU D 160 4.93 3.01 -32.32
N PHE D 161 4.44 3.96 -31.55
CA PHE D 161 4.62 3.96 -30.11
C PHE D 161 3.33 3.47 -29.45
N LYS D 162 3.38 3.26 -28.15
CA LYS D 162 2.22 2.84 -27.38
C LYS D 162 1.49 4.04 -26.81
N LEU D 163 0.18 3.87 -26.61
CA LEU D 163 -0.64 4.85 -25.92
C LEU D 163 -0.58 4.58 -24.43
N ASP D 164 -1.27 5.39 -23.64
CA ASP D 164 -1.36 5.15 -22.21
C ASP D 164 -2.82 5.06 -21.80
N ALA D 165 -3.09 5.05 -20.49
CA ALA D 165 -4.46 4.84 -20.00
C ALA D 165 -5.43 5.82 -20.65
N ASN D 166 -5.08 7.10 -20.66
CA ASN D 166 -5.96 8.09 -21.26
C ASN D 166 -6.12 7.87 -22.75
N GLY D 167 -5.02 7.51 -23.44
CA GLY D 167 -5.08 7.26 -24.87
C GLY D 167 -4.37 8.32 -25.67
N ASN D 168 -3.43 9.01 -25.05
CA ASN D 168 -2.64 10.02 -25.73
C ASN D 168 -1.23 9.52 -26.00
N PRO D 169 -0.51 10.16 -26.91
CA PRO D 169 0.75 9.60 -27.39
C PRO D 169 1.79 9.45 -26.30
N THR D 170 2.64 8.44 -26.48
CA THR D 170 3.82 8.24 -25.66
C THR D 170 4.98 7.98 -26.61
N THR D 171 6.16 7.70 -26.05
CA THR D 171 7.34 7.33 -26.83
C THR D 171 7.83 5.93 -26.46
N GLU D 172 7.01 5.16 -25.73
CA GLU D 172 7.35 3.78 -25.45
C GLU D 172 7.33 2.97 -26.73
N LEU D 173 8.34 2.13 -26.89
CA LEU D 173 8.47 1.30 -28.08
C LEU D 173 7.42 0.22 -28.11
N THR D 174 6.95 -0.10 -29.32
CA THR D 174 6.09 -1.24 -29.54
C THR D 174 6.87 -2.50 -29.88
N ASP D 175 8.16 -2.39 -30.18
CA ASP D 175 9.03 -3.52 -30.44
C ASP D 175 10.47 -3.00 -30.55
N GLN D 176 11.43 -3.91 -30.40
CA GLN D 176 12.85 -3.57 -30.51
C GLN D 176 13.47 -4.09 -31.79
N GLY D 177 12.68 -4.22 -32.86
CA GLY D 177 13.16 -4.80 -34.09
C GLY D 177 14.08 -3.84 -34.84
N GLY D 178 14.56 -4.32 -35.98
CA GLY D 178 15.46 -3.53 -36.80
C GLY D 178 14.99 -3.47 -38.23
N TYR D 179 15.94 -3.49 -39.16
CA TYR D 179 15.65 -3.35 -40.57
C TYR D 179 15.28 -4.70 -41.18
N PHE D 180 14.10 -4.77 -41.78
CA PHE D 180 13.58 -5.98 -42.44
C PHE D 180 13.39 -7.12 -41.45
N ASP D 181 13.19 -6.82 -40.17
CA ASP D 181 13.08 -7.88 -39.19
C ASP D 181 11.70 -8.52 -39.22
N PHE D 182 11.68 -9.85 -39.07
CA PHE D 182 10.47 -10.65 -39.07
C PHE D 182 9.95 -10.78 -37.63
N ALA D 183 8.70 -11.21 -37.50
CA ALA D 183 8.12 -11.37 -36.18
C ALA D 183 8.79 -12.52 -35.43
N PRO D 184 8.81 -12.47 -34.09
CA PRO D 184 8.19 -11.49 -33.19
C PRO D 184 9.06 -10.27 -32.89
N LEU D 185 10.22 -10.10 -33.55
CA LEU D 185 10.92 -8.83 -33.44
C LEU D 185 10.13 -7.69 -34.06
N ASP D 186 9.41 -7.96 -35.14
CA ASP D 186 8.52 -7.00 -35.78
C ASP D 186 7.11 -7.30 -35.28
N ARG D 187 6.62 -6.43 -34.40
CA ARG D 187 5.32 -6.64 -33.77
C ARG D 187 4.19 -5.82 -34.39
N ALA D 188 4.41 -5.20 -35.55
CA ALA D 188 3.41 -4.34 -36.17
C ALA D 188 3.06 -4.77 -37.58
N GLN D 189 3.06 -6.07 -37.86
CA GLN D 189 2.63 -6.53 -39.17
C GLN D 189 1.12 -6.64 -39.28
N ASP D 190 0.44 -7.01 -38.19
CA ASP D 190 -1.02 -6.98 -38.21
C ASP D 190 -1.55 -5.56 -38.26
N VAL D 191 -0.74 -4.58 -37.89
CA VAL D 191 -1.16 -3.18 -37.83
C VAL D 191 -0.70 -2.51 -39.10
N ARG D 192 0.07 -3.23 -39.91
CA ARG D 192 0.58 -2.74 -41.16
C ARG D 192 -0.11 -3.35 -42.36
N ARG D 193 -0.88 -4.45 -42.18
CA ARG D 193 -1.81 -4.86 -43.23
C ARG D 193 -2.92 -3.84 -43.39
N ASP D 194 -3.48 -3.37 -42.29
CA ASP D 194 -4.65 -2.51 -42.37
C ASP D 194 -4.30 -1.13 -42.91
N ILE D 195 -3.08 -0.67 -42.67
CA ILE D 195 -2.64 0.56 -43.31
C ILE D 195 -2.60 0.37 -44.82
N ASP D 196 -2.05 -0.76 -45.27
CA ASP D 196 -2.02 -1.07 -46.70
C ASP D 196 -3.43 -1.15 -47.27
N TYR D 197 -4.34 -1.81 -46.55
CA TYR D 197 -5.72 -1.94 -47.03
C TYR D 197 -6.40 -0.58 -47.13
N ALA D 198 -6.24 0.26 -46.10
CA ALA D 198 -6.84 1.58 -46.12
C ALA D 198 -6.28 2.41 -47.27
N LEU D 199 -4.96 2.38 -47.45
CA LEU D 199 -4.34 3.11 -48.54
C LEU D 199 -4.86 2.61 -49.89
N GLU D 200 -4.95 1.30 -50.06
CA GLU D 200 -5.45 0.76 -51.33
C GLU D 200 -6.89 1.19 -51.59
N HIS D 201 -7.73 1.18 -50.55
CA HIS D 201 -9.09 1.69 -50.69
C HIS D 201 -9.13 3.19 -50.94
N MET D 202 -8.07 3.93 -50.61
CA MET D 202 -8.02 5.36 -50.88
C MET D 202 -7.21 5.69 -52.13
N GLY D 203 -7.07 4.73 -53.05
CA GLY D 203 -6.45 5.00 -54.33
C GLY D 203 -4.95 4.92 -54.37
N PHE D 204 -4.31 4.42 -53.33
CA PHE D 204 -2.87 4.28 -53.31
C PHE D 204 -2.45 3.02 -54.06
N GLN D 205 -1.19 3.00 -54.50
CA GLN D 205 -0.60 1.83 -55.15
C GLN D 205 0.61 1.43 -54.31
N ILE D 206 0.39 0.51 -53.37
CA ILE D 206 1.47 0.11 -52.48
C ILE D 206 2.53 -0.63 -53.28
N GLU D 207 3.78 -0.47 -52.87
CA GLU D 207 4.90 -1.13 -53.52
C GLU D 207 5.59 -2.08 -52.55
N ALA D 208 5.82 -1.61 -51.32
CA ALA D 208 6.54 -2.39 -50.33
C ALA D 208 6.16 -1.88 -48.94
N SER D 209 6.43 -2.70 -47.94
CA SER D 209 6.11 -2.39 -46.56
C SER D 209 7.07 -3.17 -45.68
N HIS D 210 7.72 -2.48 -44.74
CA HIS D 210 8.76 -3.14 -43.98
C HIS D 210 9.07 -2.37 -42.71
N HIS D 211 9.69 -3.07 -41.76
CA HIS D 211 10.32 -2.47 -40.60
C HIS D 211 11.58 -1.73 -41.03
N GLU D 212 11.85 -0.64 -40.34
CA GLU D 212 12.99 0.23 -40.66
C GLU D 212 14.03 0.11 -39.55
N VAL D 213 15.14 0.84 -39.73
CA VAL D 213 16.33 0.60 -38.91
C VAL D 213 16.03 0.81 -37.43
N ALA D 214 15.40 1.93 -37.10
CA ALA D 214 15.15 2.23 -35.70
C ALA D 214 14.14 1.24 -35.13
N PRO D 215 14.20 0.96 -33.84
CA PRO D 215 13.19 0.08 -33.23
C PRO D 215 11.81 0.69 -33.32
N SER D 216 10.85 -0.14 -33.73
CA SER D 216 9.45 0.26 -33.92
C SER D 216 9.28 1.35 -34.97
N GLN D 217 10.18 1.43 -35.94
CA GLN D 217 10.06 2.36 -37.05
C GLN D 217 9.71 1.59 -38.32
N HIS D 218 8.67 2.03 -39.00
CA HIS D 218 8.18 1.35 -40.19
C HIS D 218 8.17 2.35 -41.33
N GLU D 219 8.13 1.82 -42.55
CA GLU D 219 8.15 2.62 -43.76
C GLU D 219 7.20 2.01 -44.75
N ILE D 220 6.41 2.84 -45.43
CA ILE D 220 5.51 2.34 -46.45
C ILE D 220 5.72 3.14 -47.73
N ASP D 221 5.90 2.44 -48.83
CA ASP D 221 6.17 3.05 -50.12
C ASP D 221 4.98 2.81 -51.04
N PHE D 222 4.55 3.86 -51.72
CA PHE D 222 3.49 3.77 -52.71
C PHE D 222 3.98 4.36 -54.03
N ARG D 223 3.29 4.00 -55.10
CA ARG D 223 3.74 4.39 -56.43
C ARG D 223 3.74 5.91 -56.59
N PHE D 224 4.68 6.40 -57.37
CA PHE D 224 4.79 7.83 -57.65
C PHE D 224 3.69 8.29 -58.59
N GLY D 225 3.48 9.61 -58.61
CA GLY D 225 2.51 10.22 -59.50
C GLY D 225 2.80 11.69 -59.71
N ASP D 226 1.84 12.43 -60.25
CA ASP D 226 2.02 13.87 -60.40
C ASP D 226 2.23 14.53 -59.04
N VAL D 227 2.79 15.74 -59.06
CA VAL D 227 3.11 16.43 -57.81
C VAL D 227 1.86 16.72 -57.01
N LEU D 228 0.79 17.20 -57.67
CA LEU D 228 -0.43 17.51 -56.93
C LEU D 228 -0.99 16.27 -56.25
N CYS D 229 -1.18 15.20 -57.02
CA CYS D 229 -1.72 13.98 -56.46
C CYS D 229 -0.80 13.41 -55.40
N THR D 230 0.51 13.56 -55.59
CA THR D 230 1.46 13.01 -54.63
C THR D 230 1.47 13.78 -53.32
N ALA D 231 1.29 15.10 -53.38
CA ALA D 231 1.20 15.89 -52.15
C ALA D 231 -0.09 15.58 -51.40
N ASP D 232 -1.20 15.48 -52.14
CA ASP D 232 -2.45 15.05 -51.50
C ASP D 232 -2.28 13.67 -50.90
N ASN D 233 -1.56 12.78 -51.59
CA ASN D 233 -1.27 11.47 -51.06
C ASN D 233 -0.41 11.55 -49.80
N VAL D 234 0.52 12.49 -49.73
CA VAL D 234 1.37 12.58 -48.53
C VAL D 234 0.51 12.94 -47.32
N VAL D 235 -0.31 13.98 -47.46
CA VAL D 235 -1.14 14.40 -46.32
C VAL D 235 -2.14 13.30 -45.96
N THR D 236 -2.75 12.69 -46.98
CA THR D 236 -3.63 11.54 -46.74
C THR D 236 -2.89 10.46 -45.99
N PHE D 237 -1.88 9.86 -46.62
CA PHE D 237 -1.08 8.83 -45.99
C PHE D 237 -0.84 9.13 -44.52
N LYS D 238 -0.43 10.37 -44.21
CA LYS D 238 -0.15 10.69 -42.82
C LYS D 238 -1.38 10.49 -41.94
N TYR D 239 -2.51 11.10 -42.31
CA TYR D 239 -3.64 11.03 -41.39
C TYR D 239 -4.31 9.66 -41.42
N VAL D 240 -4.22 8.95 -42.55
CA VAL D 240 -4.71 7.57 -42.64
C VAL D 240 -3.90 6.68 -41.69
N VAL D 241 -2.57 6.82 -41.72
CA VAL D 241 -1.73 6.01 -40.86
C VAL D 241 -2.03 6.30 -39.40
N LYS D 242 -2.15 7.58 -39.05
CA LYS D 242 -2.43 7.93 -37.66
C LYS D 242 -3.78 7.38 -37.21
N SER D 243 -4.80 7.49 -38.06
CA SER D 243 -6.14 7.01 -37.68
C SER D 243 -6.17 5.49 -37.56
N ILE D 244 -5.46 4.80 -38.46
CA ILE D 244 -5.44 3.33 -38.40
C ILE D 244 -4.69 2.88 -37.15
N ALA D 245 -3.58 3.53 -36.83
CA ALA D 245 -2.82 3.17 -35.64
C ALA D 245 -3.64 3.44 -34.39
N TYR D 246 -4.35 4.57 -34.34
CA TYR D 246 -5.10 4.92 -33.15
C TYR D 246 -6.15 3.86 -32.82
N HIS D 247 -6.87 3.39 -33.84
CA HIS D 247 -7.94 2.42 -33.66
C HIS D 247 -7.42 1.03 -33.36
N LYS D 248 -6.11 0.86 -33.24
CA LYS D 248 -5.50 -0.41 -32.92
C LYS D 248 -4.80 -0.40 -31.57
N GLY D 249 -4.68 0.75 -30.91
CA GLY D 249 -4.08 0.86 -29.60
C GLY D 249 -2.75 1.57 -29.61
N TYR D 250 -2.19 1.82 -30.78
CA TYR D 250 -0.88 2.44 -30.93
C TYR D 250 -1.03 3.90 -31.37
N TYR D 251 0.12 4.54 -31.57
CA TYR D 251 0.18 5.91 -32.03
C TYR D 251 1.28 5.99 -33.09
N ALA D 252 0.92 6.49 -34.26
CA ALA D 252 1.89 6.70 -35.32
C ALA D 252 2.41 8.13 -35.27
N SER D 253 3.73 8.25 -35.21
CA SER D 253 4.37 9.55 -35.08
C SER D 253 5.28 9.77 -36.27
N PHE D 254 5.01 10.82 -37.04
CA PHE D 254 5.91 11.27 -38.08
C PHE D 254 6.81 12.39 -37.56
N MET D 255 7.38 12.18 -36.40
CA MET D 255 8.34 13.15 -35.86
C MET D 255 9.73 12.74 -36.29
N PRO D 256 10.53 13.68 -36.81
CA PRO D 256 11.81 13.28 -37.42
C PRO D 256 12.75 12.54 -36.49
N LYS D 257 12.92 13.01 -35.25
CA LYS D 257 13.88 12.43 -34.31
C LYS D 257 13.22 12.27 -32.96
N PRO D 258 12.35 11.27 -32.81
CA PRO D 258 11.67 11.09 -31.53
C PRO D 258 12.58 10.48 -30.47
N LEU D 259 13.60 9.75 -30.91
CA LEU D 259 14.50 9.02 -30.04
C LEU D 259 15.95 9.36 -30.40
N PHE D 260 16.79 9.49 -29.38
CA PHE D 260 18.20 9.78 -29.57
C PHE D 260 18.98 8.48 -29.74
N GLY D 261 19.99 8.53 -30.59
CA GLY D 261 20.87 7.40 -30.77
C GLY D 261 20.39 6.37 -31.75
N VAL D 262 19.19 6.53 -32.31
CA VAL D 262 18.66 5.62 -33.32
C VAL D 262 18.31 6.46 -34.54
N ASN D 263 18.02 5.76 -35.64
CA ASN D 263 17.69 6.43 -36.88
C ASN D 263 16.47 7.33 -36.69
N GLY D 264 16.34 8.29 -37.59
CA GLY D 264 15.21 9.18 -37.60
C GLY D 264 14.34 8.93 -38.81
N SER D 265 13.15 9.52 -38.79
CA SER D 265 12.21 9.39 -39.89
C SER D 265 12.48 10.43 -40.96
N GLY D 266 12.57 9.98 -42.21
CA GLY D 266 12.76 10.89 -43.32
C GLY D 266 11.58 10.79 -44.27
N MET D 267 11.55 11.73 -45.21
CA MET D 267 10.49 11.84 -46.20
C MET D 267 11.11 11.85 -47.58
N HIS D 268 11.91 10.82 -47.85
CA HIS D 268 12.77 10.81 -49.02
C HIS D 268 11.97 11.14 -50.28
N SER D 269 12.32 12.24 -50.92
CA SER D 269 11.58 12.75 -52.08
C SER D 269 12.32 12.31 -53.33
N ASN D 270 11.83 11.25 -53.96
CA ASN D 270 12.36 10.82 -55.25
C ASN D 270 11.54 11.51 -56.34
N GLN D 271 12.23 12.17 -57.26
CA GLN D 271 11.60 12.98 -58.29
C GLN D 271 12.22 12.70 -59.64
N SER D 272 11.38 12.79 -60.68
CA SER D 272 11.81 12.65 -62.06
C SER D 272 10.93 13.52 -62.93
N LEU D 273 11.51 14.13 -63.97
CA LEU D 273 10.74 14.89 -64.92
C LEU D 273 10.30 14.00 -66.08
N PHE D 274 9.08 14.26 -66.55
CA PHE D 274 8.46 13.46 -67.59
C PHE D 274 8.00 14.39 -68.71
N LYS D 275 8.44 14.11 -69.93
CA LYS D 275 8.03 14.88 -71.09
C LYS D 275 7.61 13.91 -72.18
N ASP D 276 6.41 14.11 -72.73
CA ASP D 276 5.84 13.20 -73.71
C ASP D 276 5.66 11.80 -73.15
N GLY D 277 5.37 11.71 -71.85
CA GLY D 277 5.16 10.43 -71.21
C GLY D 277 6.38 9.55 -71.22
N LYS D 278 7.56 10.17 -71.15
CA LYS D 278 8.83 9.45 -71.10
C LYS D 278 9.69 10.08 -70.03
N ASN D 279 10.47 9.25 -69.35
CA ASN D 279 11.37 9.73 -68.31
C ASN D 279 12.51 10.53 -68.93
N VAL D 280 12.53 11.84 -68.67
CA VAL D 280 13.54 12.71 -69.27
C VAL D 280 14.90 12.46 -68.62
N PHE D 281 14.91 12.02 -67.37
CA PHE D 281 16.18 11.78 -66.67
C PHE D 281 16.91 10.56 -67.19
N TYR D 282 16.27 9.73 -68.01
CA TYR D 282 16.91 8.54 -68.55
C TYR D 282 17.61 8.85 -69.87
N ASP D 283 18.79 8.25 -70.06
CA ASP D 283 19.53 8.38 -71.30
C ASP D 283 20.44 7.17 -71.49
N PRO D 284 20.02 6.14 -72.21
CA PRO D 284 20.83 4.92 -72.29
C PRO D 284 22.20 5.13 -72.91
N ASP D 285 22.39 6.16 -73.75
CA ASP D 285 23.65 6.30 -74.48
C ASP D 285 24.76 6.89 -73.62
N THR D 286 24.42 7.81 -72.71
CA THR D 286 25.42 8.44 -71.87
C THR D 286 25.84 7.51 -70.73
N PRO D 287 27.07 7.62 -70.24
CA PRO D 287 27.45 6.84 -69.06
C PRO D 287 26.61 7.22 -67.85
N THR D 288 26.39 6.24 -66.99
CA THR D 288 25.51 6.35 -65.82
C THR D 288 24.04 6.40 -66.21
N LYS D 289 23.72 6.42 -67.49
CA LYS D 289 22.35 6.42 -67.98
C LYS D 289 21.55 7.55 -67.35
N LEU D 290 22.18 8.72 -67.28
CA LEU D 290 21.58 9.93 -66.73
C LEU D 290 21.70 11.03 -67.77
N SER D 291 20.58 11.62 -68.16
CA SER D 291 20.56 12.65 -69.18
C SER D 291 21.14 13.95 -68.64
N GLN D 292 21.42 14.89 -69.55
CA GLN D 292 21.94 16.18 -69.14
C GLN D 292 20.90 16.97 -68.35
N ASP D 293 19.62 16.82 -68.68
CA ASP D 293 18.57 17.49 -67.91
C ASP D 293 18.52 17.01 -66.48
N ALA D 294 18.92 15.77 -66.20
CA ALA D 294 19.03 15.30 -64.83
C ALA D 294 20.25 15.89 -64.13
N MET D 295 21.36 16.02 -64.84
CA MET D 295 22.54 16.64 -64.26
C MET D 295 22.26 18.10 -63.89
N TYR D 296 21.62 18.84 -64.79
CA TYR D 296 21.29 20.23 -64.52
C TYR D 296 20.27 20.34 -63.39
N TYR D 297 19.30 19.42 -63.37
CA TYR D 297 18.35 19.40 -62.27
C TYR D 297 19.06 19.22 -60.93
N ILE D 298 20.03 18.31 -60.88
CA ILE D 298 20.81 18.12 -59.66
C ILE D 298 21.56 19.40 -59.30
N GLY D 299 22.21 20.00 -60.30
CA GLY D 299 22.97 21.22 -60.07
C GLY D 299 22.10 22.33 -59.50
N GLY D 300 20.91 22.52 -60.06
CA GLY D 300 19.99 23.50 -59.52
C GLY D 300 19.48 23.14 -58.14
N LEU D 301 19.24 21.86 -57.90
CA LEU D 301 18.77 21.42 -56.58
C LEU D 301 19.81 21.71 -55.50
N LEU D 302 21.10 21.48 -55.82
CA LEU D 302 22.15 21.72 -54.85
C LEU D 302 22.43 23.19 -54.63
N LYS D 303 22.24 24.03 -55.64
CA LYS D 303 22.51 25.46 -55.52
C LYS D 303 21.52 26.17 -54.60
N HIS D 304 20.40 25.55 -54.27
CA HIS D 304 19.32 26.26 -53.58
C HIS D 304 18.84 25.54 -52.32
N ILE D 305 19.35 24.34 -52.07
CA ILE D 305 18.87 23.53 -50.95
C ILE D 305 19.10 24.26 -49.63
N ARG D 306 20.23 24.94 -49.50
CA ARG D 306 20.53 25.69 -48.29
C ARG D 306 19.47 26.72 -47.99
N GLU D 307 18.82 27.28 -49.01
CA GLU D 307 17.90 28.38 -48.83
C GLU D 307 16.53 27.93 -48.32
N PHE D 308 16.08 26.74 -48.70
CA PHE D 308 14.79 26.23 -48.25
C PHE D 308 14.91 24.94 -47.43
N THR D 309 16.07 24.69 -46.84
CA THR D 309 16.15 23.68 -45.79
C THR D 309 15.19 24.01 -44.65
N ALA D 310 14.87 25.28 -44.46
CA ALA D 310 13.87 25.65 -43.46
C ALA D 310 12.51 25.07 -43.80
N VAL D 311 12.17 25.04 -45.09
CA VAL D 311 10.93 24.41 -45.51
C VAL D 311 11.02 22.89 -45.44
N THR D 312 12.11 22.29 -45.93
CA THR D 312 12.20 20.83 -45.91
C THR D 312 12.30 20.30 -44.49
N ASN D 313 13.07 20.98 -43.63
CA ASN D 313 13.22 20.61 -42.24
C ASN D 313 12.73 21.74 -41.36
N PRO D 314 11.44 21.78 -41.03
CA PRO D 314 10.84 23.00 -40.51
C PRO D 314 10.76 23.12 -38.99
N VAL D 315 11.09 22.06 -38.27
CA VAL D 315 10.95 22.06 -36.83
C VAL D 315 12.32 21.95 -36.19
N VAL D 316 12.38 22.18 -34.89
CA VAL D 316 13.63 22.08 -34.16
C VAL D 316 14.13 20.64 -34.15
N ASN D 317 13.21 19.69 -34.07
CA ASN D 317 13.55 18.27 -34.04
C ASN D 317 14.11 17.78 -35.37
N SER D 318 13.73 18.41 -36.47
CA SER D 318 14.18 17.93 -37.76
C SER D 318 15.68 18.12 -37.93
N TYR D 319 16.31 18.88 -37.04
CA TYR D 319 17.74 19.13 -37.10
C TYR D 319 18.52 18.29 -36.10
N LYS D 320 17.85 17.62 -35.18
CA LYS D 320 18.47 16.56 -34.40
C LYS D 320 18.53 15.26 -35.17
N ARG D 321 17.87 15.18 -36.32
CA ARG D 321 17.98 14.04 -37.22
C ARG D 321 19.11 14.20 -38.22
N LEU D 322 19.46 15.43 -38.59
CA LEU D 322 20.56 15.68 -39.51
C LEU D 322 21.89 15.67 -38.76
N VAL D 323 22.22 14.50 -38.25
CA VAL D 323 23.52 14.25 -37.62
C VAL D 323 24.12 13.01 -38.26
N PRO D 324 25.44 12.94 -38.35
CA PRO D 324 26.07 11.83 -39.09
C PRO D 324 25.90 10.50 -38.37
N GLY D 325 25.83 9.44 -39.18
CA GLY D 325 25.85 8.07 -38.70
C GLY D 325 24.50 7.39 -38.68
N TYR D 326 23.47 8.05 -39.23
CA TYR D 326 22.11 7.52 -39.20
C TYR D 326 21.44 7.60 -40.56
N GLU D 327 22.23 7.56 -41.63
CA GLU D 327 21.70 7.53 -42.99
C GLU D 327 20.86 8.75 -43.32
N ALA D 328 21.15 9.87 -42.67
CA ALA D 328 20.51 11.14 -42.95
C ALA D 328 21.59 12.11 -43.40
N PRO D 329 21.28 13.00 -44.36
CA PRO D 329 22.33 13.88 -44.88
C PRO D 329 22.78 14.88 -43.83
N VAL D 330 24.07 15.19 -43.85
CA VAL D 330 24.61 16.31 -43.09
C VAL D 330 25.30 17.32 -43.99
N TYR D 331 25.71 16.93 -45.20
CA TYR D 331 26.46 17.77 -46.11
C TYR D 331 25.78 17.80 -47.46
N ILE D 332 26.30 18.66 -48.34
CA ILE D 332 25.70 18.90 -49.65
C ILE D 332 26.60 18.23 -50.67
N SER D 333 26.07 17.20 -51.32
CA SER D 333 26.81 16.40 -52.28
C SER D 333 25.81 15.55 -53.05
N TRP D 334 26.32 14.70 -53.94
CA TRP D 334 25.45 13.79 -54.67
C TRP D 334 26.30 12.64 -55.21
N SER D 335 25.75 11.44 -55.19
CA SER D 335 26.47 10.29 -55.71
C SER D 335 25.51 9.12 -55.84
N ALA D 336 25.76 8.28 -56.83
CA ALA D 336 24.90 7.13 -57.06
C ALA D 336 25.05 6.12 -55.94
N GLN D 337 23.91 5.60 -55.49
CA GLN D 337 23.86 4.47 -54.57
C GLN D 337 24.36 4.83 -53.17
N ASN D 338 24.66 6.10 -52.93
CA ASN D 338 25.28 6.54 -51.67
C ASN D 338 24.18 7.04 -50.75
N ARG D 339 23.89 6.27 -49.70
CA ARG D 339 22.91 6.65 -48.70
C ARG D 339 23.54 7.45 -47.56
N SER D 340 24.77 7.92 -47.77
CA SER D 340 25.37 8.94 -46.91
C SER D 340 25.35 10.33 -47.54
N SER D 341 24.96 10.45 -48.81
CA SER D 341 25.04 11.70 -49.52
C SER D 341 23.66 12.39 -49.49
N LEU D 342 23.60 13.59 -50.06
CA LEU D 342 22.41 14.44 -50.08
C LEU D 342 21.46 14.06 -51.20
N ILE D 343 21.96 14.00 -52.43
CA ILE D 343 21.15 13.65 -53.59
C ILE D 343 21.61 12.29 -54.10
N ARG D 344 20.97 11.23 -53.62
CA ARG D 344 21.25 9.87 -54.08
C ARG D 344 20.53 9.59 -55.40
N ILE D 345 21.21 8.86 -56.26
CA ILE D 345 20.65 8.35 -57.50
C ILE D 345 20.58 6.83 -57.39
N PRO D 346 19.41 6.26 -57.10
CA PRO D 346 19.32 4.80 -57.02
C PRO D 346 19.79 4.13 -58.30
N ALA D 347 19.93 2.82 -58.24
CA ALA D 347 20.45 2.05 -59.36
C ALA D 347 19.41 1.77 -60.43
N THR D 348 18.13 2.01 -60.16
CA THR D 348 17.06 1.73 -61.11
C THR D 348 17.07 2.73 -62.26
N ARG D 349 17.29 2.24 -63.48
CA ARG D 349 17.23 3.07 -64.66
C ARG D 349 15.98 2.74 -65.48
N GLY D 350 15.80 3.48 -66.57
CA GLY D 350 14.64 3.30 -67.40
C GLY D 350 13.53 4.23 -67.00
N ASN D 351 12.37 3.67 -66.66
CA ASN D 351 11.25 4.44 -66.13
C ASN D 351 11.32 4.58 -64.62
N GLY D 352 12.46 4.25 -64.02
CA GLY D 352 12.66 4.38 -62.60
C GLY D 352 13.84 5.28 -62.27
N THR D 353 14.33 6.00 -63.27
CA THR D 353 15.46 6.91 -63.11
C THR D 353 14.96 8.18 -62.43
N ARG D 354 15.33 8.37 -61.18
CA ARG D 354 14.93 9.55 -60.41
C ARG D 354 16.10 9.99 -59.55
N ILE D 355 15.97 11.18 -58.96
CA ILE D 355 16.92 11.64 -57.94
C ILE D 355 16.19 11.59 -56.61
N GLU D 356 16.85 11.08 -55.59
CA GLU D 356 16.28 10.99 -54.26
C GLU D 356 16.92 12.06 -53.38
N LEU D 357 16.12 13.05 -52.98
CA LEU D 357 16.52 14.03 -51.98
C LEU D 357 16.18 13.46 -50.61
N ARG D 358 17.18 13.37 -49.73
CA ARG D 358 16.97 12.66 -48.47
C ARG D 358 16.75 13.57 -47.27
N CYS D 359 16.99 14.88 -47.40
CA CYS D 359 16.78 15.79 -46.26
C CYS D 359 15.33 15.85 -45.81
N PRO D 360 14.37 16.07 -46.73
CA PRO D 360 13.01 16.41 -46.30
C PRO D 360 12.53 15.53 -45.17
N ASP D 361 11.73 16.07 -44.28
CA ASP D 361 11.22 15.32 -43.17
C ASP D 361 9.71 15.15 -43.30
N PRO D 362 9.15 14.10 -42.71
CA PRO D 362 7.70 13.91 -42.82
C PRO D 362 6.90 14.95 -42.07
N ALA D 363 7.57 15.82 -41.30
CA ALA D 363 6.92 16.91 -40.60
C ALA D 363 6.75 18.16 -41.46
N CYS D 364 7.18 18.14 -42.71
CA CYS D 364 7.14 19.34 -43.54
C CYS D 364 5.83 19.44 -44.30
N ASN D 365 5.63 20.58 -44.95
CA ASN D 365 4.49 20.77 -45.83
C ASN D 365 4.85 20.27 -47.21
N PRO D 366 4.24 19.18 -47.70
CA PRO D 366 4.64 18.65 -49.01
C PRO D 366 4.40 19.60 -50.16
N TYR D 367 3.38 20.45 -50.07
CA TYR D 367 3.10 21.38 -51.16
C TYR D 367 4.26 22.35 -51.35
N LEU D 368 4.67 23.03 -50.28
CA LEU D 368 5.76 23.99 -50.39
C LEU D 368 7.07 23.29 -50.71
N ALA D 369 7.33 22.15 -50.07
CA ALA D 369 8.57 21.45 -50.30
C ALA D 369 8.69 21.01 -51.76
N PHE D 370 7.64 20.38 -52.29
CA PHE D 370 7.68 19.95 -53.69
C PHE D 370 7.73 21.15 -54.63
N ALA D 371 7.06 22.24 -54.31
CA ALA D 371 7.13 23.42 -55.17
C ALA D 371 8.56 23.93 -55.27
N LEU D 372 9.23 24.05 -54.13
CA LEU D 372 10.60 24.54 -54.12
C LEU D 372 11.56 23.58 -54.79
N MET D 373 11.39 22.27 -54.58
CA MET D 373 12.20 21.30 -55.33
C MET D 373 11.98 21.45 -56.82
N LEU D 374 10.72 21.58 -57.24
CA LEU D 374 10.42 21.72 -58.66
C LEU D 374 11.14 22.90 -59.27
N ARG D 375 10.98 24.08 -58.69
CA ARG D 375 11.55 25.26 -59.33
C ARG D 375 13.00 25.50 -58.95
N ALA D 376 13.59 24.69 -58.09
CA ALA D 376 15.04 24.66 -57.97
C ALA D 376 15.69 23.88 -59.10
N GLY D 377 15.08 22.79 -59.54
CA GLY D 377 15.57 22.07 -60.69
C GLY D 377 15.40 22.84 -61.98
N LEU D 378 14.25 23.51 -62.12
CA LEU D 378 14.01 24.35 -63.29
C LEU D 378 14.97 25.52 -63.38
N GLU D 379 15.56 25.96 -62.27
CA GLU D 379 16.65 26.93 -62.32
C GLU D 379 17.97 26.28 -62.70
N GLY D 380 18.07 24.95 -62.60
CA GLY D 380 19.25 24.26 -63.04
C GLY D 380 19.24 24.05 -64.55
N ILE D 381 18.05 23.81 -65.10
CA ILE D 381 17.95 23.60 -66.53
C ILE D 381 18.10 24.91 -67.29
N LYS D 382 17.39 25.97 -66.88
CA LYS D 382 17.49 27.25 -67.58
C LYS D 382 18.88 27.87 -67.51
N ASN D 383 19.71 27.45 -66.55
CA ASN D 383 21.03 28.05 -66.39
C ASN D 383 22.15 27.04 -66.54
N LYS D 384 21.86 25.82 -67.01
CA LYS D 384 22.86 24.79 -67.25
C LYS D 384 23.86 24.74 -66.10
N ILE D 385 23.34 24.53 -64.89
CA ILE D 385 24.15 24.51 -63.67
C ILE D 385 24.77 23.13 -63.57
N ASP D 386 26.05 23.03 -63.93
CA ASP D 386 26.76 21.77 -63.80
C ASP D 386 27.14 21.53 -62.35
N PRO D 387 26.74 20.43 -61.74
CA PRO D 387 27.26 20.07 -60.43
C PRO D 387 28.67 19.51 -60.55
N GLY D 388 29.39 19.54 -59.44
CA GLY D 388 30.73 19.00 -59.43
C GLY D 388 30.74 17.52 -59.70
N GLU D 389 31.92 16.92 -59.55
CA GLU D 389 32.05 15.48 -59.64
C GLU D 389 31.31 14.84 -58.47
N PRO D 390 30.61 13.73 -58.68
CA PRO D 390 29.93 13.07 -57.56
C PRO D 390 30.92 12.61 -56.51
N THR D 391 30.48 12.65 -55.24
CA THR D 391 31.29 12.15 -54.13
C THR D 391 30.85 10.71 -53.84
N ASN D 392 31.41 9.78 -54.62
CA ASN D 392 31.08 8.37 -54.48
C ASN D 392 31.88 7.71 -53.36
N VAL D 393 31.70 8.26 -52.15
CA VAL D 393 32.39 7.76 -50.97
C VAL D 393 31.60 8.19 -49.74
N ASN D 394 31.77 7.47 -48.65
CA ASN D 394 31.13 7.84 -47.40
C ASN D 394 31.65 9.20 -46.94
N ILE D 395 30.73 10.13 -46.73
CA ILE D 395 31.10 11.50 -46.37
C ILE D 395 31.20 11.67 -44.85
N PHE D 396 30.54 10.83 -44.07
CA PHE D 396 30.67 10.91 -42.62
C PHE D 396 32.05 10.46 -42.16
N HIS D 397 32.71 9.59 -42.94
CA HIS D 397 34.06 9.13 -42.64
C HIS D 397 35.10 9.99 -43.36
N LEU D 398 34.96 11.30 -43.20
CA LEU D 398 35.91 12.26 -43.75
C LEU D 398 36.27 13.26 -42.67
N SER D 399 37.49 13.77 -42.74
CA SER D 399 37.91 14.85 -41.87
C SER D 399 37.31 16.17 -42.35
N ASP D 400 37.30 17.15 -41.46
CA ASP D 400 36.86 18.48 -41.87
C ASP D 400 37.75 19.03 -42.96
N LYS D 401 39.06 18.82 -42.84
CA LYS D 401 39.99 19.25 -43.88
C LYS D 401 39.68 18.55 -45.19
N GLU D 402 39.42 17.24 -45.14
CA GLU D 402 39.06 16.51 -46.35
C GLU D 402 37.82 17.09 -46.99
N ARG D 403 36.81 17.40 -46.17
CA ARG D 403 35.55 17.92 -46.71
C ARG D 403 35.74 19.29 -47.35
N GLU D 404 36.47 20.20 -46.69
CA GLU D 404 36.63 21.53 -47.26
C GLU D 404 37.55 21.51 -48.47
N GLU D 405 38.51 20.60 -48.52
CA GLU D 405 39.39 20.50 -49.67
C GLU D 405 38.62 20.05 -50.91
N ARG D 406 37.64 19.16 -50.72
CA ARG D 406 36.81 18.69 -51.82
C ARG D 406 35.69 19.65 -52.17
N GLY D 407 35.55 20.76 -51.44
CA GLY D 407 34.52 21.74 -51.70
C GLY D 407 33.19 21.45 -51.04
N ILE D 408 33.08 20.35 -50.31
CA ILE D 408 31.80 19.96 -49.71
C ILE D 408 31.41 20.96 -48.64
N ARG D 409 30.15 21.37 -48.64
CA ARG D 409 29.59 22.26 -47.64
C ARG D 409 28.50 21.52 -46.86
N SER D 410 28.22 22.02 -45.66
CA SER D 410 27.31 21.37 -44.75
C SER D 410 25.95 22.05 -44.79
N LEU D 411 24.92 21.32 -44.37
CA LEU D 411 23.57 21.84 -44.28
C LEU D 411 23.43 22.72 -43.04
N PRO D 412 22.40 23.57 -42.98
CA PRO D 412 22.18 24.38 -41.79
C PRO D 412 22.17 23.58 -40.50
N ALA D 413 22.97 24.02 -39.52
CA ALA D 413 23.19 23.24 -38.31
C ALA D 413 21.92 23.13 -37.47
N ASP D 414 21.16 24.20 -37.38
CA ASP D 414 19.94 24.21 -36.59
C ASP D 414 18.89 25.04 -37.33
N LEU D 415 17.71 25.14 -36.72
CA LEU D 415 16.58 25.78 -37.39
C LEU D 415 16.83 27.27 -37.59
N LYS D 416 17.52 27.91 -36.65
CA LYS D 416 17.80 29.33 -36.79
C LYS D 416 18.69 29.61 -37.99
N GLU D 417 19.71 28.78 -38.20
CA GLU D 417 20.60 29.01 -39.33
C GLU D 417 19.84 28.84 -40.65
N ALA D 418 18.94 27.86 -40.71
CA ALA D 418 18.10 27.68 -41.89
C ALA D 418 17.16 28.87 -42.09
N ILE D 419 16.60 29.40 -41.02
CA ILE D 419 15.76 30.59 -41.12
C ILE D 419 16.55 31.75 -41.69
N ASP D 420 17.77 31.95 -41.20
CA ASP D 420 18.62 33.03 -41.71
C ASP D 420 18.93 32.82 -43.19
N GLU D 421 19.28 31.59 -43.57
CA GLU D 421 19.55 31.31 -44.97
C GLU D 421 18.32 31.50 -45.84
N MET D 422 17.12 31.35 -45.27
CA MET D 422 15.88 31.46 -46.03
C MET D 422 15.45 32.92 -46.18
N LYS D 423 15.65 33.74 -45.15
CA LYS D 423 15.20 35.13 -45.24
C LYS D 423 15.89 35.89 -46.36
N GLY D 424 17.20 35.72 -46.51
CA GLY D 424 17.93 36.43 -47.53
C GLY D 424 17.67 35.94 -48.94
N SER D 425 16.91 34.87 -49.08
CA SER D 425 16.66 34.29 -50.39
C SER D 425 15.67 35.13 -51.19
N LYS D 426 16.04 35.42 -52.43
CA LYS D 426 15.09 35.91 -53.43
C LYS D 426 14.40 34.78 -54.16
N PHE D 427 15.08 33.64 -54.32
CA PHE D 427 14.48 32.48 -54.97
C PHE D 427 13.30 31.96 -54.16
N VAL D 428 13.49 31.78 -52.85
CA VAL D 428 12.43 31.20 -52.02
C VAL D 428 11.27 32.19 -51.89
N LYS D 429 11.57 33.48 -51.80
CA LYS D 429 10.50 34.48 -51.77
C LYS D 429 9.72 34.51 -53.08
N GLU D 430 10.41 34.43 -54.22
CA GLU D 430 9.70 34.38 -55.50
C GLU D 430 8.83 33.14 -55.60
N ALA D 431 9.31 32.01 -55.11
CA ALA D 431 8.55 30.77 -55.18
C ALA D 431 7.33 30.77 -54.26
N LEU D 432 7.55 31.08 -52.98
CA LEU D 432 6.46 31.04 -52.00
C LEU D 432 5.51 32.23 -52.20
N GLY D 433 6.05 33.41 -52.46
CA GLY D 433 5.27 34.63 -52.45
C GLY D 433 5.36 35.33 -51.10
N GLU D 434 4.94 36.59 -51.10
CA GLU D 434 5.13 37.42 -49.92
C GLU D 434 4.38 36.87 -48.71
N HIS D 435 3.12 36.48 -48.89
CA HIS D 435 2.31 36.06 -47.75
C HIS D 435 2.87 34.79 -47.11
N VAL D 436 3.10 33.75 -47.92
CA VAL D 436 3.62 32.50 -47.38
C VAL D 436 5.01 32.71 -46.81
N PHE D 437 5.88 33.41 -47.55
CA PHE D 437 7.21 33.70 -47.06
C PHE D 437 7.16 34.32 -45.66
N SER D 438 6.47 35.45 -45.55
CA SER D 438 6.47 36.20 -44.29
C SER D 438 5.85 35.39 -43.16
N HIS D 439 4.72 34.72 -43.42
CA HIS D 439 4.04 34.01 -42.34
C HIS D 439 4.82 32.77 -41.91
N TYR D 440 5.41 32.06 -42.86
CA TYR D 440 6.28 30.95 -42.51
C TYR D 440 7.43 31.40 -41.64
N LEU D 441 8.11 32.48 -42.03
CA LEU D 441 9.22 32.97 -41.23
C LEU D 441 8.76 33.41 -39.85
N CYS D 442 7.61 34.09 -39.77
CA CYS D 442 7.12 34.55 -38.48
C CYS D 442 6.77 33.41 -37.56
N ALA D 443 6.20 32.32 -38.06
CA ALA D 443 5.95 31.16 -37.23
C ALA D 443 7.23 30.48 -36.78
N LYS D 444 8.20 30.33 -37.68
CA LYS D 444 9.41 29.59 -37.31
C LYS D 444 10.31 30.38 -36.37
N GLU D 445 10.35 31.71 -36.51
CA GLU D 445 11.12 32.51 -35.57
C GLU D 445 10.53 32.43 -34.18
N MET D 446 9.21 32.45 -34.05
CA MET D 446 8.59 32.28 -32.74
C MET D 446 8.91 30.92 -32.17
N GLU D 447 8.84 29.87 -33.00
CA GLU D 447 9.24 28.55 -32.55
C GLU D 447 10.65 28.56 -31.98
N TRP D 448 11.59 29.12 -32.74
CA TRP D 448 12.98 29.11 -32.29
C TRP D 448 13.14 29.93 -31.01
N ASP D 449 12.48 31.07 -30.92
CA ASP D 449 12.62 31.91 -29.74
C ASP D 449 12.08 31.20 -28.50
N GLU D 450 10.99 30.45 -28.65
CA GLU D 450 10.55 29.60 -27.54
C GLU D 450 11.58 28.55 -27.20
N TYR D 451 12.20 27.93 -28.21
CA TYR D 451 13.15 26.85 -27.96
C TYR D 451 14.41 27.33 -27.25
N LYS D 452 14.96 28.47 -27.67
CA LYS D 452 16.31 28.83 -27.23
C LYS D 452 16.37 29.22 -25.77
N ALA D 453 15.24 29.65 -25.20
CA ALA D 453 15.24 30.08 -23.81
C ALA D 453 15.03 28.94 -22.83
N VAL D 454 14.73 27.75 -23.31
CA VAL D 454 14.34 26.65 -22.46
C VAL D 454 15.58 26.06 -21.80
N VAL D 455 15.43 25.63 -20.55
CA VAL D 455 16.48 24.95 -19.80
C VAL D 455 16.10 23.48 -19.75
N HIS D 456 17.00 22.63 -20.24
CA HIS D 456 16.68 21.23 -20.48
C HIS D 456 17.26 20.35 -19.39
N PRO D 457 16.66 19.18 -19.13
CA PRO D 457 17.21 18.29 -18.09
C PRO D 457 18.65 17.88 -18.37
N TRP D 458 19.07 17.90 -19.62
CA TRP D 458 20.46 17.62 -19.96
C TRP D 458 21.38 18.62 -19.28
N GLU D 459 21.00 19.89 -19.28
CA GLU D 459 21.85 20.91 -18.67
C GLU D 459 21.95 20.72 -17.17
N LEU D 460 20.86 20.34 -16.50
CA LEU D 460 20.94 20.08 -15.07
C LEU D 460 21.76 18.84 -14.77
N SER D 461 21.58 17.78 -15.56
CA SER D 461 22.33 16.56 -15.31
C SER D 461 23.81 16.72 -15.66
N ARG D 462 24.16 17.75 -16.43
CA ARG D 462 25.56 17.96 -16.80
C ARG D 462 26.25 18.98 -15.91
N TYR D 463 25.56 20.06 -15.54
CA TYR D 463 26.19 21.21 -14.88
C TYR D 463 25.77 21.39 -13.43
N LEU D 464 24.61 20.89 -13.03
CA LEU D 464 24.12 21.16 -11.68
C LEU D 464 25.11 20.72 -10.61
N SER D 465 25.64 19.50 -10.74
CA SER D 465 26.54 18.97 -9.71
C SER D 465 27.95 19.52 -9.85
N MET D 466 28.41 19.79 -11.09
CA MET D 466 29.77 20.28 -11.25
C MET D 466 29.87 21.76 -10.89
N LEU D 467 28.79 22.51 -11.05
CA LEU D 467 28.75 23.92 -10.63
C LEU D 467 27.73 24.11 -9.52
N THR E 28 8.67 -25.38 -57.81
CA THR E 28 7.72 -24.94 -58.83
C THR E 28 8.38 -23.89 -59.72
N THR E 29 7.60 -23.17 -60.52
CA THR E 29 8.10 -22.16 -61.44
C THR E 29 7.36 -20.85 -61.23
N LYS E 30 7.72 -19.85 -62.03
CA LYS E 30 7.08 -18.54 -61.94
C LYS E 30 5.57 -18.64 -62.13
N GLU E 31 5.15 -19.35 -63.18
CA GLU E 31 3.73 -19.42 -63.52
C GLU E 31 2.94 -20.16 -62.44
N ASP E 32 3.54 -21.20 -61.87
CA ASP E 32 2.87 -21.92 -60.78
C ASP E 32 2.66 -21.02 -59.57
N VAL E 33 3.62 -20.14 -59.28
CA VAL E 33 3.48 -19.23 -58.15
C VAL E 33 2.32 -18.29 -58.38
N LEU E 34 2.21 -17.74 -59.58
CA LEU E 34 1.09 -16.85 -59.89
C LEU E 34 -0.24 -17.60 -59.82
N GLU E 35 -0.28 -18.82 -60.35
CA GLU E 35 -1.49 -19.61 -60.28
C GLU E 35 -1.91 -19.88 -58.85
N ALA E 36 -0.95 -20.20 -57.98
CA ALA E 36 -1.25 -20.45 -56.58
C ALA E 36 -1.62 -19.17 -55.83
N VAL E 37 -1.11 -18.02 -56.29
CA VAL E 37 -1.48 -16.75 -55.68
C VAL E 37 -2.91 -16.39 -56.02
N LYS E 38 -3.33 -16.61 -57.27
CA LYS E 38 -4.72 -16.36 -57.64
C LYS E 38 -5.66 -17.40 -57.02
N GLU E 39 -5.34 -18.68 -57.12
CA GLU E 39 -6.23 -19.73 -56.64
C GLU E 39 -6.43 -19.65 -55.14
N ARG E 40 -5.35 -19.50 -54.38
CA ARG E 40 -5.42 -19.47 -52.92
C ARG E 40 -5.68 -18.07 -52.39
N ASP E 41 -5.84 -17.08 -53.26
CA ASP E 41 -6.19 -15.73 -52.85
C ASP E 41 -5.10 -15.19 -51.93
N VAL E 42 -3.90 -14.98 -52.47
CA VAL E 42 -2.80 -14.40 -51.72
C VAL E 42 -2.76 -12.90 -51.99
N LYS E 43 -2.68 -12.11 -50.92
CA LYS E 43 -2.64 -10.66 -51.03
C LYS E 43 -1.25 -10.08 -50.82
N PHE E 44 -0.49 -10.62 -49.88
CA PHE E 44 0.85 -10.13 -49.58
C PHE E 44 1.84 -11.27 -49.76
N ILE E 45 2.97 -10.97 -50.38
CA ILE E 45 4.09 -11.90 -50.48
C ILE E 45 5.22 -11.33 -49.63
N ARG E 46 5.73 -12.13 -48.70
CA ARG E 46 6.81 -11.72 -47.83
C ARG E 46 8.11 -12.23 -48.44
N THR E 47 8.81 -11.33 -49.13
CA THR E 47 10.11 -11.66 -49.68
C THR E 47 11.15 -11.68 -48.57
N GLN E 48 11.96 -12.74 -48.52
CA GLN E 48 12.86 -12.97 -47.40
C GLN E 48 14.22 -13.45 -47.89
N PHE E 49 15.23 -13.12 -47.10
CA PHE E 49 16.57 -13.67 -47.26
C PHE E 49 17.19 -13.79 -45.88
N THR E 50 18.44 -14.27 -45.83
CA THR E 50 19.14 -14.46 -44.57
C THR E 50 20.45 -13.67 -44.59
N ASP E 51 20.68 -12.88 -43.55
CA ASP E 51 21.92 -12.14 -43.43
C ASP E 51 23.04 -13.07 -42.99
N THR E 52 24.27 -12.56 -43.02
CA THR E 52 25.44 -13.42 -42.80
C THR E 52 25.40 -14.06 -41.41
N LEU E 53 24.87 -13.34 -40.42
CA LEU E 53 24.79 -13.88 -39.07
C LEU E 53 23.62 -14.82 -38.86
N GLY E 54 22.87 -15.15 -39.91
CA GLY E 54 21.81 -16.14 -39.82
C GLY E 54 20.44 -15.59 -39.50
N ILE E 55 20.29 -14.28 -39.34
CA ILE E 55 18.98 -13.73 -39.06
C ILE E 55 18.18 -13.61 -40.36
N ILE E 56 16.87 -13.74 -40.23
CA ILE E 56 15.95 -13.75 -41.35
C ILE E 56 15.46 -12.31 -41.54
N LYS E 57 15.65 -11.79 -42.75
CA LYS E 57 15.21 -10.45 -43.11
C LYS E 57 14.11 -10.54 -44.15
N SER E 58 12.94 -9.99 -43.83
CA SER E 58 11.78 -10.13 -44.69
C SER E 58 11.07 -8.80 -44.83
N TRP E 59 10.35 -8.66 -45.94
CA TRP E 59 9.53 -7.48 -46.17
C TRP E 59 8.41 -7.83 -47.13
N ALA E 60 7.29 -7.15 -46.99
CA ALA E 60 6.07 -7.50 -47.70
C ALA E 60 5.94 -6.67 -48.97
N ILE E 61 5.42 -7.31 -50.02
CA ILE E 61 5.01 -6.61 -51.24
C ILE E 61 3.60 -7.07 -51.58
N PRO E 62 2.78 -6.25 -52.23
CA PRO E 62 1.46 -6.72 -52.65
C PRO E 62 1.55 -7.80 -53.72
N ALA E 63 0.54 -8.66 -53.80
CA ALA E 63 0.55 -9.69 -54.85
C ALA E 63 0.55 -9.07 -56.23
N GLU E 64 -0.05 -7.89 -56.38
CA GLU E 64 -0.05 -7.22 -57.67
C GLU E 64 1.37 -6.92 -58.13
N GLN E 65 2.29 -6.71 -57.19
CA GLN E 65 3.69 -6.44 -57.51
C GLN E 65 4.46 -7.70 -57.90
N LEU E 66 3.90 -8.89 -57.65
CA LEU E 66 4.70 -10.11 -57.79
C LEU E 66 5.24 -10.26 -59.21
N GLU E 67 4.41 -10.06 -60.22
CA GLU E 67 4.87 -10.21 -61.60
C GLU E 67 6.00 -9.25 -61.91
N GLU E 68 6.01 -8.07 -61.29
CA GLU E 68 7.12 -7.15 -61.47
C GLU E 68 8.36 -7.60 -60.72
N ALA E 69 8.19 -8.23 -59.56
CA ALA E 69 9.33 -8.68 -58.78
C ALA E 69 9.98 -9.93 -59.35
N PHE E 70 9.29 -10.65 -60.22
CA PHE E 70 9.87 -11.80 -60.88
C PHE E 70 10.71 -11.43 -62.10
N GLU E 71 10.43 -10.29 -62.72
CA GLU E 71 11.16 -9.85 -63.90
C GLU E 71 12.19 -8.78 -63.59
N ASN E 72 12.08 -8.10 -62.45
CA ASN E 72 12.99 -7.02 -62.10
C ASN E 72 13.67 -7.19 -60.75
N GLY E 73 13.24 -8.13 -59.91
CA GLY E 73 13.76 -8.25 -58.58
C GLY E 73 13.31 -7.11 -57.69
N VAL E 74 13.47 -7.30 -56.39
CA VAL E 74 13.08 -6.30 -55.40
C VAL E 74 14.33 -5.71 -54.78
N MET E 75 14.40 -4.38 -54.72
CA MET E 75 15.62 -3.68 -54.32
C MET E 75 15.53 -3.32 -52.85
N PHE E 76 16.67 -3.39 -52.16
CA PHE E 76 16.73 -3.07 -50.74
C PHE E 76 18.08 -2.44 -50.41
N ASP E 77 18.23 -2.06 -49.15
CA ASP E 77 19.41 -1.39 -48.62
C ASP E 77 20.35 -2.43 -48.01
N GLY E 78 21.52 -2.58 -48.62
CA GLY E 78 22.48 -3.54 -48.11
C GLY E 78 23.28 -3.02 -46.94
N SER E 79 23.37 -1.69 -46.84
CA SER E 79 24.16 -1.10 -45.76
C SER E 79 23.50 -1.31 -44.40
N SER E 80 22.20 -1.61 -44.38
CA SER E 80 21.47 -1.85 -43.14
C SER E 80 21.33 -3.33 -42.84
N ILE E 81 22.18 -4.16 -43.44
CA ILE E 81 22.19 -5.59 -43.22
C ILE E 81 23.59 -5.96 -42.75
N GLN E 82 23.66 -6.82 -41.73
CA GLN E 82 24.93 -7.14 -41.10
C GLN E 82 25.86 -7.84 -42.08
N GLY E 83 27.08 -7.34 -42.19
CA GLY E 83 28.11 -7.96 -43.02
C GLY E 83 27.73 -8.11 -44.47
N PHE E 84 27.08 -7.11 -45.06
CA PHE E 84 26.48 -7.27 -46.36
C PHE E 84 27.08 -6.34 -47.41
N THR E 85 27.03 -5.02 -47.20
CA THR E 85 27.65 -4.10 -48.14
C THR E 85 27.73 -2.73 -47.47
N ARG E 86 28.45 -1.81 -48.11
CA ARG E 86 28.78 -0.52 -47.52
C ARG E 86 27.74 0.52 -47.93
N ILE E 87 27.84 1.70 -47.33
CA ILE E 87 26.81 2.73 -47.49
C ILE E 87 27.00 3.55 -48.76
N GLU E 88 28.12 3.40 -49.46
CA GLU E 88 28.35 4.11 -50.71
C GLU E 88 27.83 3.34 -51.91
N GLU E 89 27.69 2.03 -51.78
CA GLU E 89 27.15 1.15 -52.81
C GLU E 89 26.08 0.24 -52.23
N SER E 90 25.14 0.86 -51.52
CA SER E 90 24.23 0.12 -50.63
C SER E 90 23.10 -0.57 -51.38
N ASP E 91 22.76 -0.14 -52.58
CA ASP E 91 21.68 -0.79 -53.32
C ASP E 91 21.98 -2.26 -53.54
N MET E 92 20.98 -3.11 -53.30
CA MET E 92 21.09 -4.53 -53.61
C MET E 92 19.79 -5.00 -54.21
N LYS E 93 19.86 -5.88 -55.20
CA LYS E 93 18.68 -6.51 -55.74
C LYS E 93 18.48 -7.86 -55.06
N LEU E 94 17.25 -8.36 -55.10
CA LEU E 94 16.96 -9.70 -54.64
C LEU E 94 16.03 -10.34 -55.66
N ALA E 95 16.47 -11.48 -56.21
CA ALA E 95 15.74 -12.20 -57.23
C ALA E 95 15.03 -13.38 -56.58
N LEU E 96 13.75 -13.56 -56.90
CA LEU E 96 12.94 -14.52 -56.18
C LEU E 96 13.17 -15.94 -56.70
N ASP E 97 12.98 -16.90 -55.80
CA ASP E 97 13.07 -18.32 -56.13
C ASP E 97 11.66 -18.90 -56.14
N PRO E 98 11.10 -19.26 -57.30
CA PRO E 98 9.72 -19.75 -57.31
C PRO E 98 9.52 -21.01 -56.48
N SER E 99 10.53 -21.87 -56.40
CA SER E 99 10.38 -23.13 -55.69
C SER E 99 10.12 -22.90 -54.21
N THR E 100 10.77 -21.90 -53.61
CA THR E 100 10.68 -21.64 -52.18
C THR E 100 9.48 -20.74 -51.88
N PHE E 101 8.33 -21.14 -52.41
CA PHE E 101 7.09 -20.38 -52.22
C PHE E 101 6.17 -21.15 -51.29
N ARG E 102 5.89 -20.56 -50.13
CA ARG E 102 5.01 -21.19 -49.16
C ARG E 102 3.93 -20.22 -48.73
N ILE E 103 2.89 -20.70 -48.07
CA ILE E 103 1.80 -19.86 -47.58
C ILE E 103 1.81 -19.97 -46.07
N LEU E 104 1.95 -18.83 -45.40
CA LEU E 104 2.03 -18.81 -43.94
C LEU E 104 0.66 -19.10 -43.35
N PRO E 105 0.51 -20.18 -42.59
CA PRO E 105 -0.84 -20.56 -42.12
C PRO E 105 -1.33 -19.75 -40.93
N TRP E 106 -0.43 -19.27 -40.09
CA TRP E 106 -0.84 -18.50 -38.92
C TRP E 106 -1.30 -17.09 -39.26
N ARG E 107 -1.16 -16.68 -40.49
CA ARG E 107 -1.71 -15.40 -40.91
C ARG E 107 -3.07 -15.60 -41.57
N PRO E 108 -3.95 -14.59 -41.54
CA PRO E 108 -5.33 -14.81 -41.97
C PRO E 108 -5.47 -15.31 -43.40
N ALA E 109 -6.48 -16.13 -43.64
CA ALA E 109 -6.72 -16.75 -44.94
C ALA E 109 -7.44 -15.84 -45.92
N THR E 110 -8.05 -14.75 -45.45
CA THR E 110 -8.70 -13.80 -46.35
C THR E 110 -7.64 -13.00 -47.09
N GLY E 111 -6.79 -12.29 -46.37
CA GLY E 111 -5.64 -11.68 -46.98
C GLY E 111 -4.44 -12.61 -46.87
N ALA E 112 -4.52 -13.76 -47.53
CA ALA E 112 -3.53 -14.80 -47.34
C ALA E 112 -2.13 -14.26 -47.63
N VAL E 113 -1.18 -14.66 -46.80
CA VAL E 113 0.19 -14.20 -46.88
C VAL E 113 1.07 -15.37 -47.27
N ALA E 114 1.89 -15.16 -48.28
CA ALA E 114 2.86 -16.14 -48.74
C ALA E 114 4.26 -15.65 -48.40
N ARG E 115 5.24 -16.49 -48.64
CA ARG E 115 6.64 -16.11 -48.49
C ARG E 115 7.40 -16.63 -49.69
N ILE E 116 8.47 -15.92 -50.06
CA ILE E 116 9.36 -16.35 -51.12
C ILE E 116 10.77 -16.01 -50.66
N LEU E 117 11.65 -17.01 -50.62
CA LEU E 117 13.06 -16.77 -50.41
C LEU E 117 13.70 -16.33 -51.71
N GLY E 118 14.72 -15.50 -51.62
CA GLY E 118 15.40 -15.02 -52.80
C GLY E 118 16.90 -15.11 -52.70
N ASP E 119 17.57 -14.93 -53.83
CA ASP E 119 19.02 -14.82 -53.89
C ASP E 119 19.40 -13.35 -54.08
N VAL E 120 20.41 -12.91 -53.34
CA VAL E 120 20.85 -11.53 -53.37
C VAL E 120 21.79 -11.31 -54.54
N TYR E 121 21.58 -10.21 -55.25
CA TYR E 121 22.38 -9.84 -56.41
C TYR E 121 22.87 -8.41 -56.24
N LEU E 122 24.03 -8.15 -56.82
CA LEU E 122 24.45 -6.77 -56.98
C LEU E 122 23.50 -6.06 -57.94
N PRO E 123 23.29 -4.76 -57.77
CA PRO E 123 22.26 -4.09 -58.58
C PRO E 123 22.52 -4.19 -60.08
N ASP E 124 23.77 -4.42 -60.51
CA ASP E 124 24.04 -4.40 -61.94
C ASP E 124 23.63 -5.72 -62.61
N GLY E 125 24.37 -6.80 -62.34
CA GLY E 125 23.91 -8.10 -62.79
C GLY E 125 24.40 -9.29 -62.00
N ASN E 126 25.16 -9.07 -60.94
CA ASN E 126 25.97 -10.20 -60.50
C ASN E 126 25.39 -10.85 -59.25
N PRO E 127 25.65 -12.15 -59.08
CA PRO E 127 25.23 -12.85 -57.86
C PRO E 127 26.13 -12.57 -56.68
N PHE E 128 25.81 -11.52 -55.92
CA PHE E 128 26.56 -11.10 -54.75
C PHE E 128 27.13 -12.30 -54.01
N LYS E 129 28.45 -12.33 -53.85
CA LYS E 129 29.12 -13.47 -53.22
C LYS E 129 29.04 -13.44 -51.70
N GLY E 130 28.60 -12.33 -51.10
CA GLY E 130 28.44 -12.28 -49.67
C GLY E 130 27.18 -12.95 -49.16
N ASP E 131 26.36 -13.49 -50.05
CA ASP E 131 25.13 -14.18 -49.70
C ASP E 131 25.44 -15.59 -49.18
N PRO E 132 25.05 -15.92 -47.95
CA PRO E 132 25.30 -17.28 -47.46
C PRO E 132 24.66 -18.36 -48.32
N ARG E 133 23.50 -18.08 -48.89
CA ARG E 133 22.87 -19.04 -49.80
C ARG E 133 23.79 -19.32 -50.98
N TYR E 134 24.48 -18.29 -51.46
CA TYR E 134 25.43 -18.48 -52.55
C TYR E 134 26.60 -19.35 -52.13
N VAL E 135 27.05 -19.20 -50.87
CA VAL E 135 28.13 -20.03 -50.36
C VAL E 135 27.70 -21.50 -50.33
N LEU E 136 26.49 -21.76 -49.84
CA LEU E 136 26.02 -23.14 -49.80
C LEU E 136 25.85 -23.70 -51.20
N LYS E 137 25.38 -22.88 -52.15
CA LYS E 137 25.28 -23.32 -53.53
C LYS E 137 26.66 -23.64 -54.11
N THR E 138 27.66 -22.82 -53.79
CA THR E 138 29.00 -23.11 -54.27
C THR E 138 29.51 -24.44 -53.74
N ALA E 139 29.25 -24.74 -52.46
CA ALA E 139 29.61 -26.05 -51.92
C ALA E 139 28.86 -27.18 -52.61
N ILE E 140 27.58 -26.96 -52.92
CA ILE E 140 26.81 -27.98 -53.63
C ILE E 140 27.43 -28.24 -55.00
N LYS E 141 27.99 -27.21 -55.62
CA LYS E 141 28.64 -27.41 -56.93
C LYS E 141 29.80 -28.39 -56.83
N GLU E 142 30.65 -28.24 -55.82
CA GLU E 142 31.77 -29.17 -55.67
C GLU E 142 31.26 -30.57 -55.33
N ALA E 143 30.22 -30.66 -54.49
CA ALA E 143 29.62 -31.96 -54.23
C ALA E 143 29.19 -32.63 -55.53
N GLU E 144 28.50 -31.90 -56.40
CA GLU E 144 28.09 -32.47 -57.70
C GLU E 144 29.32 -32.86 -58.52
N LYS E 145 30.35 -32.01 -58.54
CA LYS E 145 31.55 -32.33 -59.29
C LYS E 145 32.14 -33.65 -58.86
N MET E 146 32.04 -33.99 -57.57
CA MET E 146 32.44 -35.31 -57.10
C MET E 146 31.33 -36.35 -57.19
N GLY E 147 30.15 -35.97 -57.66
CA GLY E 147 29.07 -36.91 -57.89
C GLY E 147 28.26 -37.25 -56.65
N PHE E 148 28.14 -36.31 -55.71
CA PHE E 148 27.45 -36.56 -54.46
C PHE E 148 26.35 -35.51 -54.27
N SER E 149 25.58 -35.69 -53.20
CA SER E 149 24.58 -34.70 -52.81
C SER E 149 24.31 -34.87 -51.33
N MET E 150 24.63 -33.85 -50.53
CA MET E 150 24.39 -33.93 -49.09
C MET E 150 22.90 -34.01 -48.82
N ASN E 151 22.54 -34.75 -47.76
CA ASN E 151 21.15 -34.97 -47.39
C ASN E 151 20.97 -34.75 -45.90
N VAL E 152 21.47 -33.66 -45.40
CA VAL E 152 21.43 -33.37 -43.97
C VAL E 152 20.00 -33.12 -43.53
N GLY E 153 19.68 -33.59 -42.33
CA GLY E 153 18.45 -33.25 -41.65
C GLY E 153 18.70 -32.95 -40.19
N PRO E 154 18.42 -31.73 -39.74
CA PRO E 154 18.78 -31.33 -38.38
C PRO E 154 17.65 -31.54 -37.39
N GLU E 155 17.99 -31.47 -36.11
CA GLU E 155 17.04 -31.71 -35.03
C GLU E 155 17.19 -30.62 -33.97
N LEU E 156 17.05 -29.37 -34.41
CA LEU E 156 17.24 -28.23 -33.51
C LEU E 156 16.23 -28.24 -32.37
N GLU E 157 16.71 -27.95 -31.16
CA GLU E 157 15.88 -27.87 -29.97
C GLU E 157 15.58 -26.42 -29.64
N PHE E 158 14.63 -26.19 -28.74
CA PHE E 158 14.30 -24.83 -28.34
C PHE E 158 13.71 -24.85 -26.94
N PHE E 159 13.59 -23.66 -26.36
CA PHE E 159 13.04 -23.48 -25.02
C PHE E 159 11.75 -22.68 -25.14
N LEU E 160 10.80 -22.95 -24.27
CA LEU E 160 9.52 -22.24 -24.26
C LEU E 160 9.44 -21.48 -22.94
N PHE E 161 9.65 -20.18 -22.99
CA PHE E 161 9.58 -19.32 -21.82
C PHE E 161 8.30 -18.51 -21.87
N LYS E 162 8.04 -17.78 -20.80
CA LYS E 162 6.85 -16.94 -20.72
C LYS E 162 7.19 -15.51 -21.09
N LEU E 163 6.17 -14.79 -21.55
CA LEU E 163 6.28 -13.37 -21.85
C LEU E 163 5.86 -12.55 -20.64
N ASP E 164 6.43 -11.35 -20.54
CA ASP E 164 6.06 -10.43 -19.48
C ASP E 164 4.79 -9.68 -19.84
N ALA E 165 4.43 -8.66 -19.06
CA ALA E 165 3.19 -7.94 -19.29
C ALA E 165 3.19 -7.25 -20.65
N ASN E 166 4.33 -6.62 -21.01
CA ASN E 166 4.42 -5.96 -22.31
C ASN E 166 4.38 -6.99 -23.45
N GLY E 167 5.01 -8.13 -23.25
CA GLY E 167 5.06 -9.16 -24.27
C GLY E 167 6.47 -9.44 -24.74
N ASN E 168 7.46 -8.99 -23.96
CA ASN E 168 8.84 -9.23 -24.30
C ASN E 168 9.28 -10.60 -23.81
N PRO E 169 10.35 -11.14 -24.38
CA PRO E 169 10.86 -12.43 -23.92
C PRO E 169 11.32 -12.36 -22.47
N THR E 170 11.13 -13.50 -21.79
CA THR E 170 11.68 -13.70 -20.46
C THR E 170 12.39 -15.03 -20.45
N THR E 171 13.06 -15.34 -19.35
CA THR E 171 13.71 -16.63 -19.14
C THR E 171 12.95 -17.48 -18.14
N GLU E 172 11.69 -17.14 -17.88
CA GLU E 172 10.85 -17.90 -16.96
C GLU E 172 10.39 -19.19 -17.59
N LEU E 173 10.41 -20.27 -16.81
CA LEU E 173 10.04 -21.57 -17.29
C LEU E 173 8.53 -21.70 -17.43
N THR E 174 8.11 -22.40 -18.49
CA THR E 174 6.72 -22.75 -18.69
C THR E 174 6.36 -24.10 -18.09
N ASP E 175 7.35 -24.92 -17.74
CA ASP E 175 7.14 -26.19 -17.05
C ASP E 175 8.48 -26.65 -16.50
N GLN E 176 8.41 -27.59 -15.56
CA GLN E 176 9.59 -28.18 -14.93
C GLN E 176 9.87 -29.59 -15.43
N GLY E 177 9.29 -29.98 -16.56
CA GLY E 177 9.40 -31.33 -17.03
C GLY E 177 10.80 -31.67 -17.47
N GLY E 178 10.98 -32.92 -17.85
CA GLY E 178 12.25 -33.44 -18.32
C GLY E 178 12.09 -34.09 -19.67
N TYR E 179 12.84 -35.17 -19.87
CA TYR E 179 12.90 -35.86 -21.15
C TYR E 179 11.73 -36.82 -21.30
N PHE E 180 10.97 -36.66 -22.38
CA PHE E 180 9.84 -37.53 -22.70
C PHE E 180 8.76 -37.48 -21.62
N ASP E 181 8.65 -36.36 -20.93
CA ASP E 181 7.67 -36.26 -19.85
C ASP E 181 6.29 -35.97 -20.39
N PHE E 182 5.29 -36.61 -19.79
CA PHE E 182 3.89 -36.44 -20.15
C PHE E 182 3.32 -35.27 -19.34
N ALA E 183 2.08 -34.88 -19.61
CA ALA E 183 1.43 -33.82 -18.87
C ALA E 183 0.95 -34.32 -17.52
N PRO E 184 0.82 -33.43 -16.52
CA PRO E 184 1.04 -31.98 -16.54
C PRO E 184 2.48 -31.56 -16.29
N LEU E 185 3.44 -32.48 -16.27
CA LEU E 185 4.84 -32.07 -16.25
C LEU E 185 5.25 -31.40 -17.56
N ASP E 186 4.67 -31.86 -18.67
CA ASP E 186 4.88 -31.25 -19.98
C ASP E 186 3.67 -30.36 -20.27
N ARG E 187 3.88 -29.04 -20.20
CA ARG E 187 2.79 -28.09 -20.33
C ARG E 187 2.68 -27.46 -21.72
N ALA E 188 3.47 -27.91 -22.69
CA ALA E 188 3.45 -27.33 -24.03
C ALA E 188 3.05 -28.34 -25.10
N GLN E 189 2.07 -29.19 -24.79
CA GLN E 189 1.57 -30.12 -25.80
C GLN E 189 0.75 -29.41 -26.87
N ASP E 190 -0.06 -28.42 -26.47
CA ASP E 190 -0.83 -27.66 -27.45
C ASP E 190 0.08 -26.83 -28.33
N VAL E 191 1.11 -26.22 -27.75
CA VAL E 191 2.04 -25.42 -28.53
C VAL E 191 2.76 -26.29 -29.54
N ARG E 192 3.25 -27.46 -29.11
CA ARG E 192 3.97 -28.34 -30.01
C ARG E 192 3.06 -28.91 -31.07
N ARG E 193 1.81 -29.22 -30.72
CA ARG E 193 0.86 -29.72 -31.69
C ARG E 193 0.58 -28.68 -32.77
N ASP E 194 0.39 -27.43 -32.39
CA ASP E 194 0.16 -26.39 -33.38
C ASP E 194 1.42 -26.07 -34.19
N ILE E 195 2.60 -26.18 -33.58
CA ILE E 195 3.83 -26.03 -34.35
C ILE E 195 3.94 -27.12 -35.41
N ASP E 196 3.65 -28.36 -35.04
CA ASP E 196 3.66 -29.44 -36.03
C ASP E 196 2.63 -29.20 -37.11
N TYR E 197 1.45 -28.69 -36.73
CA TYR E 197 0.42 -28.43 -37.73
C TYR E 197 0.88 -27.38 -38.73
N ALA E 198 1.51 -26.31 -38.25
CA ALA E 198 1.98 -25.26 -39.14
C ALA E 198 3.13 -25.74 -40.01
N LEU E 199 4.07 -26.48 -39.43
CA LEU E 199 5.17 -27.02 -40.20
C LEU E 199 4.67 -27.94 -41.31
N GLU E 200 3.65 -28.76 -41.02
CA GLU E 200 3.09 -29.62 -42.05
C GLU E 200 2.52 -28.80 -43.19
N HIS E 201 1.84 -27.69 -42.87
CA HIS E 201 1.32 -26.82 -43.92
C HIS E 201 2.45 -26.13 -44.69
N MET E 202 3.62 -25.96 -44.07
CA MET E 202 4.76 -25.38 -44.75
C MET E 202 5.61 -26.40 -45.51
N GLY E 203 5.15 -27.64 -45.61
CA GLY E 203 5.86 -28.62 -46.41
C GLY E 203 6.89 -29.44 -45.64
N PHE E 204 6.77 -29.46 -44.33
CA PHE E 204 7.66 -30.25 -43.47
C PHE E 204 7.09 -31.64 -43.31
N GLN E 205 7.95 -32.64 -43.33
CA GLN E 205 7.57 -34.02 -42.99
C GLN E 205 7.99 -34.26 -41.55
N ILE E 206 7.05 -34.13 -40.62
CA ILE E 206 7.38 -34.28 -39.21
C ILE E 206 7.68 -35.73 -38.89
N GLU E 207 8.75 -35.94 -38.14
CA GLU E 207 9.15 -37.27 -37.69
C GLU E 207 8.72 -37.55 -36.26
N ALA E 208 8.96 -36.64 -35.35
CA ALA E 208 8.65 -36.84 -33.94
C ALA E 208 8.68 -35.48 -33.24
N SER E 209 8.12 -35.45 -32.05
CA SER E 209 7.99 -34.24 -31.26
C SER E 209 7.98 -34.62 -29.79
N HIS E 210 8.83 -33.98 -28.99
CA HIS E 210 8.95 -34.41 -27.61
C HIS E 210 9.53 -33.31 -26.73
N HIS E 211 9.36 -33.51 -25.42
CA HIS E 211 10.08 -32.75 -24.41
C HIS E 211 11.54 -33.20 -24.36
N GLU E 212 12.41 -32.29 -23.95
CA GLU E 212 13.84 -32.54 -23.91
C GLU E 212 14.30 -32.42 -22.47
N VAL E 213 15.59 -32.67 -22.26
CA VAL E 213 16.09 -32.88 -20.90
C VAL E 213 15.84 -31.64 -20.04
N ALA E 214 16.17 -30.46 -20.55
CA ALA E 214 16.05 -29.27 -19.73
C ALA E 214 14.58 -28.91 -19.50
N PRO E 215 14.27 -28.22 -18.41
CA PRO E 215 12.90 -27.74 -18.23
C PRO E 215 12.49 -26.80 -19.33
N SER E 216 11.26 -26.96 -19.80
CA SER E 216 10.67 -26.11 -20.84
C SER E 216 11.37 -26.26 -22.18
N GLN E 217 12.14 -27.33 -22.38
CA GLN E 217 12.90 -27.53 -23.60
C GLN E 217 12.27 -28.62 -24.45
N HIS E 218 12.04 -28.32 -25.71
CA HIS E 218 11.32 -29.19 -26.62
C HIS E 218 12.12 -29.38 -27.89
N GLU E 219 11.77 -30.42 -28.63
CA GLU E 219 12.46 -30.77 -29.87
C GLU E 219 11.43 -31.32 -30.85
N ILE E 220 11.51 -30.85 -32.08
CA ILE E 220 10.68 -31.33 -33.18
C ILE E 220 11.61 -31.76 -34.30
N ASP E 221 11.40 -32.96 -34.83
CA ASP E 221 12.25 -33.52 -35.85
C ASP E 221 11.45 -33.69 -37.14
N PHE E 222 12.05 -33.30 -38.26
CA PHE E 222 11.43 -33.42 -39.55
C PHE E 222 12.37 -34.18 -40.48
N ARG E 223 11.80 -34.70 -41.57
CA ARG E 223 12.56 -35.53 -42.49
C ARG E 223 13.71 -34.76 -43.11
N PHE E 224 14.79 -35.48 -43.40
CA PHE E 224 15.94 -34.87 -44.06
C PHE E 224 15.64 -34.63 -45.55
N GLY E 225 16.55 -33.92 -46.19
CA GLY E 225 16.40 -33.60 -47.59
C GLY E 225 17.67 -32.97 -48.12
N ASP E 226 17.57 -32.42 -49.33
CA ASP E 226 18.71 -31.76 -49.94
C ASP E 226 19.17 -30.60 -49.06
N VAL E 227 20.47 -30.34 -49.05
CA VAL E 227 21.04 -29.39 -48.10
C VAL E 227 20.43 -28.00 -48.30
N LEU E 228 20.24 -27.58 -49.55
CA LEU E 228 19.58 -26.30 -49.80
C LEU E 228 18.21 -26.26 -49.15
N CYS E 229 17.39 -27.27 -49.44
CA CYS E 229 16.04 -27.32 -48.91
C CYS E 229 16.05 -27.35 -47.39
N THR E 230 16.98 -28.11 -46.79
CA THR E 230 16.97 -28.23 -45.33
C THR E 230 17.52 -26.97 -44.66
N ALA E 231 18.39 -26.21 -45.32
CA ALA E 231 18.79 -24.92 -44.76
C ALA E 231 17.63 -23.93 -44.78
N ASP E 232 16.92 -23.86 -45.92
CA ASP E 232 15.71 -23.05 -45.95
C ASP E 232 14.72 -23.51 -44.89
N ASN E 233 14.62 -24.82 -44.71
CA ASN E 233 13.73 -25.37 -43.70
C ASN E 233 14.18 -25.00 -42.30
N VAL E 234 15.48 -24.91 -42.05
CA VAL E 234 15.96 -24.55 -40.72
C VAL E 234 15.52 -23.12 -40.39
N VAL E 235 15.77 -22.20 -41.32
CA VAL E 235 15.38 -20.81 -41.05
C VAL E 235 13.86 -20.70 -40.90
N THR E 236 13.12 -21.35 -41.79
CA THR E 236 11.67 -21.39 -41.67
C THR E 236 11.27 -21.92 -40.30
N PHE E 237 11.57 -23.18 -40.03
CA PHE E 237 11.27 -23.79 -38.74
C PHE E 237 11.49 -22.82 -37.60
N LYS E 238 12.63 -22.13 -37.59
CA LYS E 238 12.90 -21.21 -36.50
C LYS E 238 11.84 -20.13 -36.41
N TYR E 239 11.57 -19.43 -37.52
CA TYR E 239 10.65 -18.30 -37.38
C TYR E 239 9.19 -18.75 -37.26
N VAL E 240 8.85 -19.92 -37.83
CA VAL E 240 7.52 -20.49 -37.64
C VAL E 240 7.30 -20.79 -36.16
N VAL E 241 8.26 -21.46 -35.54
CA VAL E 241 8.15 -21.81 -34.13
C VAL E 241 8.02 -20.56 -33.28
N LYS E 242 8.86 -19.57 -33.56
CA LYS E 242 8.82 -18.34 -32.76
C LYS E 242 7.48 -17.63 -32.91
N SER E 243 6.95 -17.54 -34.13
CA SER E 243 5.68 -16.85 -34.34
C SER E 243 4.53 -17.59 -33.67
N ILE E 244 4.49 -18.92 -33.78
CA ILE E 244 3.41 -19.67 -33.18
C ILE E 244 3.46 -19.57 -31.66
N ALA E 245 4.66 -19.66 -31.10
CA ALA E 245 4.80 -19.49 -29.66
C ALA E 245 4.33 -18.11 -29.23
N TYR E 246 4.70 -17.08 -29.99
CA TYR E 246 4.26 -15.73 -29.65
C TYR E 246 2.75 -15.63 -29.65
N HIS E 247 2.10 -16.14 -30.69
CA HIS E 247 0.66 -16.06 -30.77
C HIS E 247 -0.05 -16.90 -29.72
N LYS E 248 0.60 -17.94 -29.20
CA LYS E 248 -0.01 -18.75 -28.17
C LYS E 248 0.29 -18.26 -26.76
N GLY E 249 1.15 -17.25 -26.62
CA GLY E 249 1.38 -16.63 -25.33
C GLY E 249 2.81 -16.73 -24.83
N TYR E 250 3.60 -17.61 -25.42
CA TYR E 250 4.95 -17.90 -24.95
C TYR E 250 6.00 -17.30 -25.88
N TYR E 251 7.24 -17.61 -25.57
CA TYR E 251 8.38 -17.18 -26.38
C TYR E 251 9.26 -18.39 -26.64
N ALA E 252 9.55 -18.66 -27.90
CA ALA E 252 10.45 -19.73 -28.28
C ALA E 252 11.87 -19.20 -28.43
N SER E 253 12.79 -19.84 -27.72
CA SER E 253 14.17 -19.37 -27.62
C SER E 253 15.08 -20.43 -28.22
N PHE E 254 15.87 -20.03 -29.21
CA PHE E 254 16.92 -20.88 -29.76
C PHE E 254 18.30 -20.48 -29.27
N MET E 255 18.36 -19.89 -28.09
CA MET E 255 19.60 -19.58 -27.42
C MET E 255 20.26 -20.87 -26.94
N PRO E 256 21.50 -21.15 -27.30
CA PRO E 256 22.08 -22.46 -26.94
C PRO E 256 22.12 -22.74 -25.45
N LYS E 257 22.38 -21.75 -24.60
CA LYS E 257 22.53 -21.96 -23.16
C LYS E 257 21.80 -20.85 -22.42
N PRO E 258 20.47 -20.90 -22.38
CA PRO E 258 19.73 -19.84 -21.70
C PRO E 258 19.82 -19.94 -20.18
N LEU E 259 19.89 -21.16 -19.66
CA LEU E 259 19.94 -21.42 -18.23
C LEU E 259 21.18 -22.23 -17.88
N PHE E 260 21.71 -21.98 -16.69
CA PHE E 260 22.88 -22.67 -16.19
C PHE E 260 22.47 -23.89 -15.39
N GLY E 261 23.29 -24.93 -15.43
CA GLY E 261 23.06 -26.13 -14.68
C GLY E 261 22.13 -27.13 -15.34
N VAL E 262 21.45 -26.72 -16.40
CA VAL E 262 20.61 -27.61 -17.19
C VAL E 262 21.18 -27.63 -18.60
N ASN E 263 20.88 -28.69 -19.33
CA ASN E 263 21.47 -28.90 -20.63
C ASN E 263 20.93 -27.87 -21.63
N GLY E 264 21.70 -27.62 -22.69
CA GLY E 264 21.41 -26.57 -23.63
C GLY E 264 20.85 -27.10 -24.93
N SER E 265 20.56 -26.15 -25.82
CA SER E 265 19.93 -26.43 -27.11
C SER E 265 21.00 -26.55 -28.18
N GLY E 266 20.95 -27.63 -28.94
CA GLY E 266 21.90 -27.83 -30.02
C GLY E 266 21.18 -28.21 -31.30
N MET E 267 21.88 -27.98 -32.41
CA MET E 267 21.39 -28.35 -33.73
C MET E 267 22.27 -29.48 -34.23
N HIS E 268 21.92 -30.71 -33.89
CA HIS E 268 22.69 -31.84 -34.37
C HIS E 268 22.47 -32.00 -35.86
N SER E 269 23.55 -31.87 -36.63
CA SER E 269 23.47 -32.02 -38.07
C SER E 269 23.76 -33.46 -38.45
N ASN E 270 22.73 -34.19 -38.84
CA ASN E 270 22.86 -35.56 -39.30
C ASN E 270 23.11 -35.50 -40.80
N GLN E 271 24.36 -35.73 -41.20
CA GLN E 271 24.77 -35.61 -42.58
C GLN E 271 24.92 -36.99 -43.22
N SER E 272 24.67 -37.03 -44.53
CA SER E 272 24.75 -38.24 -45.33
C SER E 272 24.99 -37.85 -46.79
N LEU E 273 25.65 -38.73 -47.53
CA LEU E 273 25.90 -38.55 -48.95
C LEU E 273 25.12 -39.58 -49.74
N PHE E 274 24.50 -39.11 -50.83
CA PHE E 274 23.68 -39.95 -51.69
C PHE E 274 24.24 -39.90 -53.10
N LYS E 275 24.39 -41.07 -53.71
CA LYS E 275 24.85 -41.18 -55.10
C LYS E 275 23.97 -42.19 -55.81
N ASP E 276 23.32 -41.77 -56.89
CA ASP E 276 22.36 -42.60 -57.60
C ASP E 276 21.19 -42.97 -56.70
N GLY E 277 20.82 -42.05 -55.82
CA GLY E 277 19.70 -42.28 -54.92
C GLY E 277 19.92 -43.43 -53.97
N LYS E 278 21.17 -43.64 -53.55
CA LYS E 278 21.52 -44.69 -52.61
C LYS E 278 22.44 -44.11 -51.57
N ASN E 279 22.23 -44.48 -50.31
CA ASN E 279 23.04 -43.96 -49.22
C ASN E 279 24.47 -44.44 -49.37
N VAL E 280 25.39 -43.52 -49.69
CA VAL E 280 26.78 -43.91 -49.92
C VAL E 280 27.45 -44.34 -48.62
N PHE E 281 27.01 -43.80 -47.48
CA PHE E 281 27.61 -44.15 -46.19
C PHE E 281 27.28 -45.57 -45.76
N TYR E 282 26.36 -46.24 -46.44
CA TYR E 282 25.97 -47.60 -46.06
C TYR E 282 26.81 -48.63 -46.80
N ASP E 283 27.20 -49.69 -46.08
CA ASP E 283 27.91 -50.83 -46.65
C ASP E 283 27.61 -52.08 -45.84
N PRO E 284 26.64 -52.90 -46.24
CA PRO E 284 26.29 -54.07 -45.42
C PRO E 284 27.43 -55.06 -45.24
N ASP E 285 28.38 -55.13 -46.17
CA ASP E 285 29.43 -56.14 -46.08
C ASP E 285 30.49 -55.77 -45.06
N THR E 286 30.78 -54.48 -44.91
CA THR E 286 31.80 -54.04 -43.97
C THR E 286 31.29 -54.14 -42.53
N PRO E 287 32.17 -54.38 -41.57
CA PRO E 287 31.76 -54.31 -40.16
C PRO E 287 31.34 -52.89 -39.80
N THR E 288 30.35 -52.80 -38.91
CA THR E 288 29.70 -51.56 -38.52
C THR E 288 28.77 -51.03 -39.61
N LYS E 289 28.74 -51.66 -40.78
CA LYS E 289 27.86 -51.25 -41.88
C LYS E 289 28.11 -49.80 -42.27
N LEU E 290 29.37 -49.36 -42.24
CA LEU E 290 29.76 -48.02 -42.63
C LEU E 290 30.80 -48.09 -43.73
N SER E 291 30.49 -47.50 -44.88
CA SER E 291 31.36 -47.58 -46.05
C SER E 291 32.66 -46.82 -45.80
N GLN E 292 33.62 -47.01 -46.71
CA GLN E 292 34.88 -46.29 -46.60
C GLN E 292 34.67 -44.79 -46.80
N ASP E 293 33.72 -44.42 -47.66
CA ASP E 293 33.43 -43.01 -47.87
C ASP E 293 32.94 -42.34 -46.58
N ALA E 294 32.09 -43.02 -45.81
CA ALA E 294 31.69 -42.49 -44.51
C ALA E 294 32.88 -42.31 -43.60
N MET E 295 33.80 -43.28 -43.60
CA MET E 295 35.00 -43.19 -42.79
C MET E 295 35.82 -41.96 -43.17
N TYR E 296 36.02 -41.75 -44.46
CA TYR E 296 36.85 -40.63 -44.92
C TYR E 296 36.16 -39.30 -44.66
N TYR E 297 34.84 -39.26 -44.80
CA TYR E 297 34.08 -38.06 -44.46
C TYR E 297 34.23 -37.73 -42.98
N ILE E 298 34.15 -38.75 -42.11
CA ILE E 298 34.36 -38.52 -40.68
C ILE E 298 35.76 -37.97 -40.44
N GLY E 299 36.77 -38.57 -41.06
CA GLY E 299 38.12 -38.08 -40.90
C GLY E 299 38.28 -36.66 -41.38
N GLY E 300 37.65 -36.33 -42.50
CA GLY E 300 37.75 -34.99 -43.05
C GLY E 300 37.13 -33.93 -42.16
N LEU E 301 35.91 -34.17 -41.68
CA LEU E 301 35.27 -33.15 -40.87
C LEU E 301 35.67 -33.23 -39.40
N LEU E 302 36.49 -34.22 -39.03
CA LEU E 302 37.15 -34.22 -37.73
C LEU E 302 38.42 -33.41 -37.74
N LYS E 303 39.10 -33.34 -38.88
CA LYS E 303 40.34 -32.59 -39.03
C LYS E 303 40.11 -31.09 -39.19
N HIS E 304 38.91 -30.68 -39.58
CA HIS E 304 38.62 -29.29 -39.91
C HIS E 304 37.64 -28.61 -38.97
N ILE E 305 37.04 -29.34 -38.03
CA ILE E 305 36.02 -28.73 -37.18
C ILE E 305 36.60 -27.59 -36.36
N ARG E 306 37.77 -27.80 -35.77
CA ARG E 306 38.40 -26.76 -34.96
C ARG E 306 38.51 -25.46 -35.74
N GLU E 307 38.66 -25.56 -37.06
CA GLU E 307 38.85 -24.37 -37.88
C GLU E 307 37.59 -23.53 -37.99
N PHE E 308 36.41 -24.15 -38.01
CA PHE E 308 35.17 -23.41 -38.23
C PHE E 308 34.17 -23.63 -37.10
N THR E 309 34.66 -23.94 -35.91
CA THR E 309 33.80 -23.93 -34.74
C THR E 309 33.22 -22.55 -34.47
N ALA E 310 33.88 -21.49 -34.94
CA ALA E 310 33.32 -20.15 -34.83
C ALA E 310 32.08 -19.97 -35.70
N VAL E 311 31.86 -20.85 -36.66
CA VAL E 311 30.67 -20.78 -37.50
C VAL E 311 29.54 -21.64 -36.95
N THR E 312 29.85 -22.88 -36.56
CA THR E 312 28.85 -23.73 -35.93
C THR E 312 28.42 -23.18 -34.59
N ASN E 313 29.37 -22.64 -33.83
CA ASN E 313 29.12 -22.10 -32.50
C ASN E 313 29.50 -20.63 -32.48
N PRO E 314 28.63 -19.74 -32.95
CA PRO E 314 29.04 -18.37 -33.33
C PRO E 314 28.86 -17.29 -32.28
N VAL E 315 28.22 -17.57 -31.15
CA VAL E 315 27.95 -16.52 -30.17
C VAL E 315 28.69 -16.85 -28.89
N VAL E 316 28.78 -15.88 -27.99
CA VAL E 316 29.47 -16.11 -26.73
C VAL E 316 28.75 -17.14 -25.89
N ASN E 317 27.41 -17.07 -25.86
CA ASN E 317 26.62 -18.05 -25.13
C ASN E 317 26.76 -19.45 -25.70
N SER E 318 27.28 -19.55 -26.93
CA SER E 318 27.37 -20.85 -27.58
C SER E 318 28.37 -21.76 -26.89
N TYR E 319 29.35 -21.19 -26.19
CA TYR E 319 30.40 -21.95 -25.54
C TYR E 319 30.13 -22.19 -24.06
N LYS E 320 29.06 -21.62 -23.52
CA LYS E 320 28.55 -22.07 -22.23
C LYS E 320 27.83 -23.40 -22.37
N ARG E 321 27.36 -23.73 -23.58
CA ARG E 321 26.76 -25.02 -23.85
C ARG E 321 27.80 -26.11 -23.95
N LEU E 322 29.00 -25.79 -24.45
CA LEU E 322 30.04 -26.78 -24.65
C LEU E 322 30.82 -26.98 -23.35
N VAL E 323 30.12 -27.55 -22.38
CA VAL E 323 30.71 -27.91 -21.09
C VAL E 323 30.35 -29.38 -20.84
N PRO E 324 31.17 -30.14 -20.12
CA PRO E 324 30.89 -31.56 -19.96
C PRO E 324 29.69 -31.82 -19.05
N GLY E 325 29.02 -32.94 -19.30
CA GLY E 325 27.95 -33.40 -18.47
C GLY E 325 26.55 -33.06 -18.93
N TYR E 326 26.38 -32.63 -20.18
CA TYR E 326 25.08 -32.19 -20.67
C TYR E 326 24.80 -32.68 -22.08
N GLU E 327 25.46 -33.76 -22.50
CA GLU E 327 25.32 -34.33 -23.83
C GLU E 327 25.69 -33.35 -24.93
N ALA E 328 26.49 -32.35 -24.62
CA ALA E 328 27.05 -31.46 -25.62
C ALA E 328 28.54 -31.75 -25.78
N PRO E 329 29.05 -31.80 -27.00
CA PRO E 329 30.45 -32.16 -27.18
C PRO E 329 31.38 -31.18 -26.47
N VAL E 330 32.47 -31.71 -25.93
CA VAL E 330 33.56 -30.90 -25.44
C VAL E 330 34.88 -31.24 -26.13
N TYR E 331 35.02 -32.44 -26.67
CA TYR E 331 36.27 -32.91 -27.26
C TYR E 331 36.00 -33.35 -28.69
N ILE E 332 37.07 -33.75 -29.37
CA ILE E 332 37.03 -34.07 -30.80
C ILE E 332 37.22 -35.57 -30.93
N SER E 333 36.13 -36.28 -31.19
CA SER E 333 36.15 -37.73 -31.32
C SER E 333 34.90 -38.15 -32.07
N TRP E 334 34.85 -39.44 -32.41
CA TRP E 334 33.68 -40.04 -33.03
C TRP E 334 33.49 -41.44 -32.46
N SER E 335 32.24 -41.87 -32.34
CA SER E 335 31.95 -43.21 -31.85
C SER E 335 30.48 -43.51 -32.07
N ALA E 336 30.19 -44.80 -32.24
CA ALA E 336 28.82 -45.23 -32.51
C ALA E 336 27.98 -45.18 -31.24
N GLN E 337 26.83 -44.50 -31.33
CA GLN E 337 25.84 -44.39 -30.27
C GLN E 337 26.36 -43.64 -29.05
N ASN E 338 27.55 -43.09 -29.10
CA ASN E 338 28.11 -42.35 -27.98
C ASN E 338 27.59 -40.92 -28.02
N ARG E 339 26.75 -40.57 -27.06
CA ARG E 339 26.16 -39.25 -26.97
C ARG E 339 27.01 -38.28 -26.18
N SER E 340 28.21 -38.72 -25.77
CA SER E 340 29.22 -37.85 -25.19
C SER E 340 30.29 -37.46 -26.20
N SER E 341 30.16 -37.90 -27.44
CA SER E 341 31.19 -37.71 -28.46
C SER E 341 30.75 -36.65 -29.47
N LEU E 342 31.75 -36.09 -30.16
CA LEU E 342 31.50 -35.02 -31.11
C LEU E 342 30.74 -35.51 -32.33
N ILE E 343 31.02 -36.74 -32.79
CA ILE E 343 30.38 -37.29 -33.97
C ILE E 343 29.77 -38.64 -33.63
N ARG E 344 28.51 -38.63 -33.21
CA ARG E 344 27.81 -39.87 -32.97
C ARG E 344 27.40 -40.52 -34.29
N ILE E 345 27.38 -41.84 -34.29
CA ILE E 345 26.87 -42.61 -35.42
C ILE E 345 25.63 -43.36 -34.94
N PRO E 346 24.42 -42.87 -35.21
CA PRO E 346 23.23 -43.56 -34.69
C PRO E 346 23.17 -45.01 -35.15
N ALA E 347 22.41 -45.80 -34.41
CA ALA E 347 22.35 -47.24 -34.67
C ALA E 347 21.68 -47.55 -36.00
N THR E 348 20.84 -46.66 -36.50
CA THR E 348 20.09 -46.93 -37.72
C THR E 348 21.04 -47.10 -38.91
N ARG E 349 20.81 -48.15 -39.70
CA ARG E 349 21.55 -48.45 -40.91
C ARG E 349 20.61 -48.43 -42.10
N GLY E 350 21.14 -48.75 -43.26
CA GLY E 350 20.36 -48.73 -44.49
C GLY E 350 20.26 -47.32 -45.02
N ASN E 351 19.05 -46.94 -45.46
CA ASN E 351 18.86 -45.57 -45.92
C ASN E 351 19.07 -44.56 -44.81
N GLY E 352 18.91 -44.98 -43.56
CA GLY E 352 19.07 -44.11 -42.42
C GLY E 352 20.47 -43.96 -41.91
N THR E 353 21.47 -44.53 -42.59
CA THR E 353 22.85 -44.44 -42.16
C THR E 353 23.34 -43.02 -42.34
N ARG E 354 23.68 -42.34 -41.24
CA ARG E 354 24.23 -41.00 -41.32
C ARG E 354 25.19 -40.80 -40.16
N ILE E 355 25.88 -39.66 -40.20
CA ILE E 355 26.79 -39.28 -39.12
C ILE E 355 26.26 -37.99 -38.50
N GLU E 356 26.17 -37.97 -37.17
CA GLU E 356 25.56 -36.86 -36.46
C GLU E 356 26.66 -35.99 -35.85
N LEU E 357 26.85 -34.80 -36.41
CA LEU E 357 27.75 -33.81 -35.83
C LEU E 357 26.97 -33.02 -34.79
N ARG E 358 27.38 -33.10 -33.52
CA ARG E 358 26.58 -32.58 -32.43
C ARG E 358 26.97 -31.18 -31.97
N CYS E 359 28.10 -30.66 -32.43
CA CYS E 359 28.60 -29.36 -31.96
C CYS E 359 27.69 -28.17 -32.25
N PRO E 360 27.05 -28.03 -33.41
CA PRO E 360 26.41 -26.75 -33.74
C PRO E 360 25.25 -26.42 -32.82
N ASP E 361 24.96 -25.13 -32.71
CA ASP E 361 23.79 -24.61 -32.04
C ASP E 361 22.72 -24.27 -33.05
N PRO E 362 21.50 -23.96 -32.59
CA PRO E 362 20.51 -23.40 -33.51
C PRO E 362 20.72 -21.92 -33.76
N ALA E 363 21.68 -21.29 -33.09
CA ALA E 363 21.96 -19.88 -33.29
C ALA E 363 22.87 -19.65 -34.50
N CYS E 364 23.33 -20.70 -35.16
CA CYS E 364 24.27 -20.55 -36.24
C CYS E 364 23.55 -20.27 -37.56
N ASN E 365 24.35 -19.98 -38.59
CA ASN E 365 23.83 -19.79 -39.93
C ASN E 365 23.87 -21.13 -40.65
N PRO E 366 22.73 -21.76 -40.95
CA PRO E 366 22.77 -23.08 -41.60
C PRO E 366 23.42 -23.06 -42.97
N TYR E 367 23.29 -21.98 -43.74
CA TYR E 367 23.91 -21.96 -45.06
C TYR E 367 25.42 -22.06 -44.95
N LEU E 368 26.02 -21.33 -44.01
CA LEU E 368 27.46 -21.38 -43.81
C LEU E 368 27.89 -22.68 -43.15
N ALA E 369 27.15 -23.10 -42.12
CA ALA E 369 27.54 -24.28 -41.35
C ALA E 369 27.47 -25.54 -42.22
N PHE E 370 26.36 -25.75 -42.92
CA PHE E 370 26.24 -26.91 -43.79
C PHE E 370 27.26 -26.86 -44.92
N ALA E 371 27.52 -25.68 -45.46
CA ALA E 371 28.53 -25.56 -46.51
C ALA E 371 29.89 -25.99 -46.00
N LEU E 372 30.27 -25.56 -44.80
CA LEU E 372 31.57 -25.92 -44.26
C LEU E 372 31.65 -27.40 -43.92
N MET E 373 30.59 -27.96 -43.36
CA MET E 373 30.58 -29.40 -43.11
C MET E 373 30.72 -30.19 -44.40
N LEU E 374 29.98 -29.80 -45.44
CA LEU E 374 30.05 -30.52 -46.70
C LEU E 374 31.44 -30.43 -47.31
N ARG E 375 32.03 -29.24 -47.29
CA ARG E 375 33.37 -29.08 -47.85
C ARG E 375 34.40 -29.87 -47.07
N ALA E 376 34.28 -29.90 -45.75
CA ALA E 376 35.21 -30.67 -44.94
C ALA E 376 35.08 -32.16 -45.21
N GLY E 377 33.86 -32.67 -45.32
CA GLY E 377 33.68 -34.07 -45.64
C GLY E 377 34.24 -34.42 -47.01
N LEU E 378 33.97 -33.57 -48.00
CA LEU E 378 34.50 -33.81 -49.35
C LEU E 378 36.02 -33.74 -49.39
N GLU E 379 36.63 -32.85 -48.60
CA GLU E 379 38.07 -32.84 -48.43
C GLU E 379 38.59 -34.09 -47.73
N GLY E 380 37.80 -34.68 -46.85
CA GLY E 380 38.17 -35.94 -46.24
C GLY E 380 38.17 -37.07 -47.25
N ILE E 381 37.16 -37.10 -48.12
CA ILE E 381 37.06 -38.18 -49.10
C ILE E 381 38.21 -38.11 -50.10
N LYS E 382 38.59 -36.91 -50.53
CA LYS E 382 39.62 -36.79 -51.57
C LYS E 382 40.95 -37.35 -51.10
N ASN E 383 41.36 -37.03 -49.88
CA ASN E 383 42.69 -37.36 -49.37
C ASN E 383 42.68 -38.59 -48.45
N LYS E 384 41.64 -39.41 -48.53
CA LYS E 384 41.57 -40.66 -47.77
C LYS E 384 42.05 -40.45 -46.33
N ILE E 385 41.43 -39.48 -45.67
CA ILE E 385 41.80 -39.15 -44.29
C ILE E 385 41.14 -40.15 -43.36
N ASP E 386 41.90 -41.12 -42.90
CA ASP E 386 41.35 -42.10 -41.97
C ASP E 386 41.32 -41.52 -40.56
N PRO E 387 40.16 -41.51 -39.90
CA PRO E 387 40.14 -41.14 -38.49
C PRO E 387 40.69 -42.28 -37.63
N GLY E 388 41.10 -41.92 -36.43
CA GLY E 388 41.63 -42.90 -35.49
C GLY E 388 40.59 -43.91 -35.10
N GLU E 389 40.88 -44.66 -34.05
CA GLU E 389 39.89 -45.59 -33.54
C GLU E 389 38.76 -44.82 -32.85
N PRO E 390 37.54 -45.33 -32.89
CA PRO E 390 36.43 -44.63 -32.22
C PRO E 390 36.52 -44.70 -30.70
N THR E 391 36.43 -43.56 -30.04
CA THR E 391 36.41 -43.55 -28.58
C THR E 391 35.04 -43.97 -28.08
N ASN E 392 34.87 -45.27 -27.84
CA ASN E 392 33.60 -45.81 -27.40
C ASN E 392 33.52 -45.82 -25.88
N VAL E 393 33.67 -44.64 -25.27
CA VAL E 393 33.59 -44.51 -23.82
C VAL E 393 33.02 -43.14 -23.51
N ASN E 394 32.61 -42.93 -22.26
CA ASN E 394 32.22 -41.60 -21.81
C ASN E 394 33.47 -40.74 -21.71
N ILE E 395 33.63 -39.82 -22.66
CA ILE E 395 34.84 -39.01 -22.70
C ILE E 395 34.87 -38.02 -21.55
N PHE E 396 33.70 -37.56 -21.09
CA PHE E 396 33.66 -36.64 -19.97
C PHE E 396 34.23 -37.26 -18.70
N HIS E 397 34.15 -38.59 -18.59
CA HIS E 397 34.66 -39.27 -17.40
C HIS E 397 36.16 -39.51 -17.44
N LEU E 398 36.80 -39.37 -18.60
CA LEU E 398 38.24 -39.58 -18.67
C LEU E 398 38.97 -38.43 -17.98
N SER E 399 40.19 -38.72 -17.53
CA SER E 399 41.03 -37.70 -16.94
C SER E 399 41.77 -36.93 -18.04
N ASP E 400 42.36 -35.81 -17.65
CA ASP E 400 43.15 -35.04 -18.60
C ASP E 400 44.32 -35.87 -19.12
N LYS E 401 44.99 -36.61 -18.24
CA LYS E 401 46.08 -37.46 -18.67
C LYS E 401 45.58 -38.55 -19.62
N GLU E 402 44.44 -39.15 -19.31
CA GLU E 402 43.88 -40.18 -20.18
C GLU E 402 43.57 -39.61 -21.55
N ARG E 403 42.94 -38.44 -21.61
CA ARG E 403 42.60 -37.84 -22.89
C ARG E 403 43.84 -37.46 -23.68
N GLU E 404 44.86 -36.91 -23.01
CA GLU E 404 46.08 -36.52 -23.69
C GLU E 404 46.84 -37.73 -24.21
N GLU E 405 46.85 -38.83 -23.45
CA GLU E 405 47.54 -40.03 -23.90
C GLU E 405 46.78 -40.73 -25.02
N ARG E 406 45.45 -40.64 -25.03
CA ARG E 406 44.66 -41.22 -26.09
C ARG E 406 44.66 -40.36 -27.35
N GLY E 407 45.24 -39.17 -27.30
CA GLY E 407 45.30 -38.28 -28.44
C GLY E 407 44.09 -37.38 -28.64
N ILE E 408 43.15 -37.39 -27.70
CA ILE E 408 41.91 -36.64 -27.88
C ILE E 408 42.19 -35.15 -27.70
N ARG E 409 41.71 -34.35 -28.64
CA ARG E 409 41.80 -32.90 -28.57
C ARG E 409 40.48 -32.32 -28.09
N SER E 410 40.52 -31.07 -27.65
CA SER E 410 39.34 -30.38 -27.16
C SER E 410 38.91 -29.30 -28.14
N LEU E 411 37.64 -28.96 -28.09
CA LEU E 411 37.09 -27.90 -28.92
C LEU E 411 37.50 -26.54 -28.36
N PRO E 412 37.45 -25.48 -29.19
CA PRO E 412 37.76 -24.14 -28.67
C PRO E 412 36.96 -23.79 -27.44
N ALA E 413 37.65 -23.31 -26.40
CA ALA E 413 37.03 -23.14 -25.09
C ALA E 413 36.09 -21.94 -25.04
N ASP E 414 36.34 -20.94 -25.87
CA ASP E 414 35.49 -19.74 -25.90
C ASP E 414 35.51 -19.16 -27.30
N LEU E 415 34.74 -18.10 -27.49
CA LEU E 415 34.56 -17.52 -28.81
C LEU E 415 35.87 -17.02 -29.39
N LYS E 416 36.72 -16.41 -28.56
CA LYS E 416 37.97 -15.87 -29.06
C LYS E 416 38.88 -16.97 -29.59
N GLU E 417 38.92 -18.12 -28.91
CA GLU E 417 39.73 -19.22 -29.40
C GLU E 417 39.26 -19.68 -30.76
N ALA E 418 37.94 -19.77 -30.96
CA ALA E 418 37.40 -20.15 -32.25
C ALA E 418 37.70 -19.11 -33.32
N ILE E 419 37.59 -17.82 -33.00
CA ILE E 419 37.96 -16.77 -33.94
C ILE E 419 39.40 -16.93 -34.36
N ASP E 420 40.29 -17.16 -33.40
CA ASP E 420 41.70 -17.30 -33.70
C ASP E 420 41.95 -18.52 -34.59
N GLU E 421 41.31 -19.65 -34.26
CA GLU E 421 41.48 -20.84 -35.06
C GLU E 421 40.89 -20.70 -36.45
N MET E 422 39.93 -19.79 -36.63
CA MET E 422 39.26 -19.61 -37.91
C MET E 422 39.97 -18.61 -38.82
N LYS E 423 40.45 -17.49 -38.27
CA LYS E 423 41.10 -16.50 -39.12
C LYS E 423 42.40 -17.02 -39.69
N GLY E 424 43.10 -17.88 -38.95
CA GLY E 424 44.36 -18.41 -39.44
C GLY E 424 44.23 -19.50 -40.47
N SER E 425 43.02 -19.95 -40.75
CA SER E 425 42.81 -21.08 -41.64
C SER E 425 42.64 -20.62 -43.09
N LYS E 426 43.06 -21.49 -43.99
CA LYS E 426 42.87 -21.28 -45.43
C LYS E 426 41.71 -22.09 -45.98
N PHE E 427 41.37 -23.20 -45.34
CA PHE E 427 40.21 -23.98 -45.76
C PHE E 427 38.93 -23.17 -45.61
N VAL E 428 38.76 -22.51 -44.46
CA VAL E 428 37.55 -21.75 -44.22
C VAL E 428 37.48 -20.54 -45.14
N LYS E 429 38.63 -19.91 -45.40
CA LYS E 429 38.64 -18.78 -46.33
C LYS E 429 38.26 -19.20 -47.74
N GLU E 430 38.74 -20.35 -48.19
CA GLU E 430 38.35 -20.85 -49.51
C GLU E 430 36.86 -21.18 -49.54
N ALA E 431 36.35 -21.81 -48.49
CA ALA E 431 34.95 -22.21 -48.46
C ALA E 431 34.01 -21.01 -48.43
N LEU E 432 34.32 -20.03 -47.57
CA LEU E 432 33.43 -18.88 -47.41
C LEU E 432 33.65 -17.84 -48.50
N GLY E 433 34.91 -17.48 -48.74
CA GLY E 433 35.22 -16.39 -49.63
C GLY E 433 35.66 -15.16 -48.85
N GLU E 434 36.31 -14.23 -49.55
CA GLU E 434 36.91 -13.09 -48.86
C GLU E 434 35.87 -12.27 -48.14
N HIS E 435 34.76 -11.96 -48.81
CA HIS E 435 33.76 -11.07 -48.23
C HIS E 435 33.13 -11.69 -46.98
N VAL E 436 32.62 -12.93 -47.12
CA VAL E 436 31.99 -13.58 -45.98
C VAL E 436 33.01 -13.80 -44.87
N PHE E 437 34.20 -14.28 -45.23
CA PHE E 437 35.25 -14.47 -44.24
C PHE E 437 35.48 -13.21 -43.41
N SER E 438 35.81 -12.11 -44.07
CA SER E 438 36.18 -10.90 -43.36
C SER E 438 35.01 -10.32 -42.57
N HIS E 439 33.82 -10.30 -43.16
CA HIS E 439 32.67 -9.71 -42.48
C HIS E 439 32.12 -10.61 -41.39
N TYR E 440 32.49 -11.89 -41.38
CA TYR E 440 32.17 -12.73 -40.24
C TYR E 440 33.17 -12.53 -39.11
N LEU E 441 34.47 -12.55 -39.45
CA LEU E 441 35.48 -12.24 -38.45
C LEU E 441 35.16 -10.93 -37.75
N CYS E 442 35.10 -9.84 -38.50
CA CYS E 442 34.89 -8.52 -37.91
C CYS E 442 33.71 -8.51 -36.95
N ALA E 443 32.58 -9.07 -37.38
CA ALA E 443 31.40 -9.08 -36.52
C ALA E 443 31.66 -9.82 -35.23
N LYS E 444 32.30 -10.99 -35.31
CA LYS E 444 32.51 -11.78 -34.10
C LYS E 444 33.57 -11.15 -33.20
N GLU E 445 34.57 -10.50 -33.77
CA GLU E 445 35.58 -9.82 -32.97
C GLU E 445 34.97 -8.65 -32.20
N MET E 446 34.14 -7.83 -32.86
CA MET E 446 33.46 -6.77 -32.12
C MET E 446 32.50 -7.34 -31.09
N GLU E 447 31.86 -8.46 -31.38
CA GLU E 447 31.01 -9.09 -30.39
C GLU E 447 31.80 -9.47 -29.16
N TRP E 448 32.95 -10.11 -29.36
CA TRP E 448 33.72 -10.61 -28.23
C TRP E 448 34.36 -9.48 -27.44
N ASP E 449 34.86 -8.45 -28.14
CA ASP E 449 35.48 -7.32 -27.46
C ASP E 449 34.50 -6.55 -26.57
N GLU E 450 33.22 -6.58 -26.90
CA GLU E 450 32.21 -5.99 -26.03
C GLU E 450 31.91 -6.85 -24.81
N TYR E 451 32.26 -8.12 -24.85
CA TYR E 451 31.96 -9.06 -23.78
C TYR E 451 33.12 -9.26 -22.82
N LYS E 452 34.35 -9.14 -23.28
CA LYS E 452 35.49 -9.35 -22.39
C LYS E 452 35.66 -8.21 -21.39
N ALA E 453 35.03 -7.06 -21.63
CA ALA E 453 35.18 -5.89 -20.78
C ALA E 453 34.01 -5.70 -19.83
N VAL E 454 33.10 -6.66 -19.77
CA VAL E 454 31.90 -6.54 -18.95
C VAL E 454 32.19 -7.09 -17.57
N VAL E 455 31.65 -6.42 -16.57
CA VAL E 455 31.73 -6.85 -15.18
C VAL E 455 30.39 -7.46 -14.83
N HIS E 456 30.38 -8.74 -14.58
CA HIS E 456 29.15 -9.46 -14.37
C HIS E 456 28.84 -9.58 -12.88
N PRO E 457 27.56 -9.70 -12.51
CA PRO E 457 27.22 -9.83 -11.09
C PRO E 457 27.83 -11.04 -10.42
N TRP E 458 28.30 -12.03 -11.18
CA TRP E 458 29.02 -13.15 -10.57
C TRP E 458 30.31 -12.67 -9.91
N GLU E 459 31.01 -11.73 -10.55
CA GLU E 459 32.24 -11.21 -9.99
C GLU E 459 31.97 -10.37 -8.74
N LEU E 460 30.83 -9.69 -8.69
CA LEU E 460 30.48 -8.94 -7.50
C LEU E 460 30.01 -9.85 -6.37
N SER E 461 29.38 -10.97 -6.71
CA SER E 461 28.95 -11.90 -5.67
C SER E 461 30.12 -12.71 -5.13
N ARG E 462 31.14 -12.95 -5.95
CA ARG E 462 32.31 -13.68 -5.47
C ARG E 462 33.27 -12.74 -4.74
N TYR E 463 33.68 -11.68 -5.41
CA TYR E 463 34.50 -10.64 -4.82
C TYR E 463 33.57 -9.58 -4.22
N LEU E 464 34.09 -8.41 -3.90
CA LEU E 464 33.34 -7.29 -3.32
C LEU E 464 33.03 -7.51 -1.85
N SER E 465 33.26 -8.67 -1.33
CA SER E 465 33.18 -8.93 0.11
C SER E 465 34.42 -9.65 0.59
N MET E 466 35.00 -10.52 -0.24
CA MET E 466 36.31 -11.07 0.05
C MET E 466 37.42 -10.06 -0.20
N LEU E 467 37.19 -9.08 -1.07
CA LEU E 467 38.14 -8.00 -1.31
C LEU E 467 37.49 -6.65 -1.01
N THR F 28 -6.61 -57.18 -31.12
CA THR F 28 -6.16 -56.00 -31.85
C THR F 28 -4.75 -56.22 -32.36
N THR F 29 -4.56 -56.02 -33.66
CA THR F 29 -3.27 -56.15 -34.32
C THR F 29 -2.87 -54.80 -34.92
N LYS F 30 -1.69 -54.77 -35.54
CA LYS F 30 -1.25 -53.54 -36.21
C LYS F 30 -2.22 -53.14 -37.32
N GLU F 31 -2.77 -54.11 -38.04
CA GLU F 31 -3.76 -53.81 -39.06
C GLU F 31 -5.02 -53.20 -38.47
N ASP F 32 -5.47 -53.70 -37.32
CA ASP F 32 -6.63 -53.10 -36.67
C ASP F 32 -6.33 -51.70 -36.15
N VAL F 33 -5.11 -51.47 -35.64
CA VAL F 33 -4.75 -50.14 -35.16
C VAL F 33 -4.73 -49.16 -36.31
N LEU F 34 -4.23 -49.57 -37.48
CA LEU F 34 -4.24 -48.69 -38.64
C LEU F 34 -5.66 -48.33 -39.05
N GLU F 35 -6.55 -49.32 -39.05
CA GLU F 35 -7.95 -49.06 -39.39
C GLU F 35 -8.59 -48.12 -38.39
N ALA F 36 -8.30 -48.30 -37.10
CA ALA F 36 -8.85 -47.41 -36.08
C ALA F 36 -8.30 -46.00 -36.20
N VAL F 37 -7.05 -45.87 -36.63
CA VAL F 37 -6.46 -44.54 -36.84
C VAL F 37 -7.11 -43.86 -38.04
N LYS F 38 -7.41 -44.60 -39.10
CA LYS F 38 -8.07 -44.03 -40.26
C LYS F 38 -9.53 -43.68 -39.99
N GLU F 39 -10.27 -44.58 -39.33
CA GLU F 39 -11.70 -44.38 -39.13
C GLU F 39 -11.97 -43.29 -38.10
N ARG F 40 -11.25 -43.32 -36.99
CA ARG F 40 -11.47 -42.35 -35.93
C ARG F 40 -10.75 -41.03 -36.17
N ASP F 41 -10.00 -40.93 -37.27
CA ASP F 41 -9.32 -39.70 -37.66
C ASP F 41 -8.30 -39.32 -36.59
N VAL F 42 -7.27 -40.15 -36.46
CA VAL F 42 -6.18 -39.90 -35.51
C VAL F 42 -5.03 -39.23 -36.26
N LYS F 43 -4.46 -38.19 -35.66
CA LYS F 43 -3.35 -37.46 -36.26
C LYS F 43 -2.03 -37.70 -35.53
N PHE F 44 -2.04 -37.73 -34.21
CA PHE F 44 -0.85 -37.96 -33.42
C PHE F 44 -1.01 -39.24 -32.59
N ILE F 45 0.07 -40.00 -32.48
CA ILE F 45 0.14 -41.16 -31.61
C ILE F 45 1.22 -40.91 -30.58
N ARG F 46 0.87 -41.03 -29.31
CA ARG F 46 1.84 -40.90 -28.23
C ARG F 46 2.41 -42.28 -27.94
N THR F 47 3.60 -42.55 -28.46
CA THR F 47 4.33 -43.74 -28.07
C THR F 47 4.91 -43.52 -26.68
N GLN F 48 4.65 -44.45 -25.77
CA GLN F 48 5.07 -44.28 -24.40
C GLN F 48 5.47 -45.61 -23.78
N PHE F 49 6.27 -45.49 -22.72
CA PHE F 49 6.75 -46.61 -21.93
C PHE F 49 6.91 -46.10 -20.51
N THR F 50 7.35 -46.99 -19.62
CA THR F 50 7.56 -46.65 -18.22
C THR F 50 9.02 -46.90 -17.84
N ASP F 51 9.65 -45.88 -17.24
CA ASP F 51 11.03 -46.02 -16.77
C ASP F 51 11.06 -46.87 -15.52
N THR F 52 12.26 -47.18 -15.03
CA THR F 52 12.41 -48.13 -13.94
C THR F 52 11.82 -47.64 -12.63
N LEU F 53 11.50 -46.35 -12.52
CA LEU F 53 10.96 -45.78 -11.29
C LEU F 53 9.46 -45.50 -11.41
N GLY F 54 8.79 -46.09 -12.39
CA GLY F 54 7.37 -45.98 -12.53
C GLY F 54 6.86 -44.74 -13.23
N ILE F 55 7.75 -43.88 -13.69
CA ILE F 55 7.32 -42.66 -14.38
C ILE F 55 7.07 -42.98 -15.84
N ILE F 56 6.04 -42.33 -16.40
CA ILE F 56 5.59 -42.58 -17.77
C ILE F 56 6.34 -41.63 -18.68
N LYS F 57 7.00 -42.18 -19.69
CA LYS F 57 7.73 -41.42 -20.68
C LYS F 57 7.05 -41.53 -22.03
N SER F 58 6.72 -40.38 -22.60
CA SER F 58 5.83 -40.33 -23.77
C SER F 58 6.39 -39.35 -24.79
N TRP F 59 6.20 -39.67 -26.07
CA TRP F 59 6.44 -38.69 -27.11
C TRP F 59 5.59 -39.01 -28.33
N ALA F 60 5.32 -37.97 -29.12
CA ALA F 60 4.33 -38.03 -30.18
C ALA F 60 4.98 -38.24 -31.54
N ILE F 61 4.33 -39.05 -32.37
CA ILE F 61 4.71 -39.20 -33.77
C ILE F 61 3.45 -38.98 -34.60
N PRO F 62 3.56 -38.46 -35.82
CA PRO F 62 2.37 -38.33 -36.66
C PRO F 62 1.83 -39.68 -37.11
N ALA F 63 0.53 -39.71 -37.38
CA ALA F 63 -0.09 -40.96 -37.82
C ALA F 63 0.53 -41.48 -39.10
N GLU F 64 1.00 -40.58 -39.97
CA GLU F 64 1.64 -41.00 -41.20
C GLU F 64 2.85 -41.89 -40.95
N GLN F 65 3.52 -41.72 -39.82
CA GLN F 65 4.68 -42.54 -39.48
C GLN F 65 4.32 -43.87 -38.84
N LEU F 66 3.06 -44.05 -38.42
CA LEU F 66 2.70 -45.24 -37.64
C LEU F 66 3.13 -46.51 -38.34
N GLU F 67 2.78 -46.66 -39.62
CA GLU F 67 3.14 -47.86 -40.34
C GLU F 67 4.64 -48.08 -40.29
N GLU F 68 5.41 -47.03 -40.58
CA GLU F 68 6.85 -47.18 -40.57
C GLU F 68 7.38 -47.46 -39.18
N ALA F 69 6.65 -47.04 -38.15
CA ALA F 69 7.01 -47.30 -36.78
C ALA F 69 6.54 -48.66 -36.29
N PHE F 70 5.72 -49.36 -37.06
CA PHE F 70 5.29 -50.70 -36.66
C PHE F 70 6.24 -51.78 -37.16
N GLU F 71 7.19 -51.46 -38.03
CA GLU F 71 8.15 -52.43 -38.52
C GLU F 71 9.60 -52.10 -38.22
N ASN F 72 9.93 -50.84 -37.91
CA ASN F 72 11.27 -50.49 -37.48
C ASN F 72 11.35 -50.03 -36.03
N GLY F 73 10.22 -49.77 -35.38
CA GLY F 73 10.24 -49.27 -34.03
C GLY F 73 10.62 -47.80 -34.01
N VAL F 74 10.51 -47.16 -32.85
CA VAL F 74 10.84 -45.74 -32.72
C VAL F 74 12.03 -45.62 -31.79
N MET F 75 13.06 -44.90 -32.22
CA MET F 75 14.32 -44.85 -31.49
C MET F 75 14.34 -43.66 -30.55
N PHE F 76 14.84 -43.88 -29.34
CA PHE F 76 14.97 -42.81 -28.34
C PHE F 76 16.34 -42.94 -27.66
N ASP F 77 16.57 -42.06 -26.69
CA ASP F 77 17.84 -41.95 -26.00
C ASP F 77 17.69 -42.53 -24.60
N GLY F 78 18.32 -43.68 -24.36
CA GLY F 78 18.19 -44.34 -23.09
C GLY F 78 19.01 -43.76 -21.96
N SER F 79 19.95 -42.88 -22.27
CA SER F 79 20.77 -42.27 -21.24
C SER F 79 20.05 -41.12 -20.52
N SER F 80 18.94 -40.65 -21.07
CA SER F 80 18.11 -39.63 -20.42
C SER F 80 16.93 -40.24 -19.69
N ILE F 81 16.87 -41.56 -19.60
CA ILE F 81 15.83 -42.26 -18.86
C ILE F 81 16.48 -42.85 -17.61
N GLN F 82 15.79 -42.70 -16.49
CA GLN F 82 16.35 -43.12 -15.20
C GLN F 82 16.55 -44.63 -15.20
N GLY F 83 17.79 -45.05 -14.97
CA GLY F 83 18.10 -46.47 -14.83
C GLY F 83 17.85 -47.29 -16.07
N PHE F 84 18.21 -46.78 -17.25
CA PHE F 84 18.02 -47.51 -18.50
C PHE F 84 19.34 -47.91 -19.15
N THR F 85 20.17 -46.97 -19.55
CA THR F 85 21.42 -47.33 -20.21
C THR F 85 22.36 -46.13 -20.14
N ARG F 86 23.60 -46.34 -20.55
CA ARG F 86 24.68 -45.40 -20.37
C ARG F 86 24.81 -44.52 -21.62
N ILE F 87 25.64 -43.48 -21.51
CA ILE F 87 25.73 -42.49 -22.58
C ILE F 87 26.60 -42.97 -23.74
N GLU F 88 27.43 -43.99 -23.51
CA GLU F 88 28.22 -44.57 -24.60
C GLU F 88 27.33 -45.35 -25.55
N GLU F 89 26.62 -46.34 -25.03
CA GLU F 89 25.61 -47.07 -25.80
C GLU F 89 24.25 -46.62 -25.29
N SER F 90 23.76 -45.52 -25.85
CA SER F 90 22.55 -44.88 -25.37
C SER F 90 21.35 -45.05 -26.29
N ASP F 91 21.55 -45.38 -27.56
CA ASP F 91 20.43 -45.58 -28.47
C ASP F 91 19.57 -46.74 -28.01
N MET F 92 18.25 -46.53 -27.94
CA MET F 92 17.31 -47.60 -27.62
C MET F 92 16.17 -47.58 -28.62
N LYS F 93 15.49 -48.70 -28.77
CA LYS F 93 14.37 -48.82 -29.67
C LYS F 93 13.11 -49.13 -28.87
N LEU F 94 11.97 -48.70 -29.38
CA LEU F 94 10.68 -49.01 -28.79
C LEU F 94 9.84 -49.72 -29.84
N ALA F 95 9.45 -50.94 -29.55
CA ALA F 95 8.54 -51.71 -30.39
C ALA F 95 7.13 -51.53 -29.88
N LEU F 96 6.19 -51.36 -30.80
CA LEU F 96 4.83 -51.00 -30.43
C LEU F 96 3.99 -52.24 -30.16
N ASP F 97 3.05 -52.10 -29.23
CA ASP F 97 2.11 -53.15 -28.87
C ASP F 97 0.72 -52.75 -29.37
N PRO F 98 0.21 -53.37 -30.44
CA PRO F 98 -1.09 -52.93 -30.97
C PRO F 98 -2.23 -53.06 -29.97
N SER F 99 -2.19 -54.06 -29.10
CA SER F 99 -3.29 -54.27 -28.16
C SER F 99 -3.49 -53.10 -27.22
N THR F 100 -2.44 -52.32 -26.97
CA THR F 100 -2.50 -51.19 -26.04
C THR F 100 -2.95 -49.90 -26.71
N PHE F 101 -3.48 -49.97 -27.93
CA PHE F 101 -3.93 -48.77 -28.60
C PHE F 101 -5.17 -48.21 -27.94
N ARG F 102 -5.09 -46.94 -27.55
CA ARG F 102 -6.21 -46.24 -26.93
C ARG F 102 -6.24 -44.82 -27.46
N ILE F 103 -7.41 -44.19 -27.38
CA ILE F 103 -7.61 -42.83 -27.86
C ILE F 103 -7.86 -41.96 -26.65
N LEU F 104 -7.09 -40.88 -26.53
CA LEU F 104 -7.18 -39.97 -25.40
C LEU F 104 -8.39 -39.05 -25.56
N PRO F 105 -9.37 -39.08 -24.65
CA PRO F 105 -10.60 -38.31 -24.87
C PRO F 105 -10.49 -36.83 -24.54
N TRP F 106 -9.56 -36.45 -23.66
CA TRP F 106 -9.45 -35.07 -23.25
C TRP F 106 -8.66 -34.22 -24.23
N ARG F 107 -8.17 -34.80 -25.31
CA ARG F 107 -7.53 -34.04 -26.38
C ARG F 107 -8.49 -33.89 -27.55
N PRO F 108 -8.27 -32.90 -28.41
CA PRO F 108 -9.29 -32.58 -29.43
C PRO F 108 -9.63 -33.75 -30.34
N ALA F 109 -10.90 -33.83 -30.75
CA ALA F 109 -11.36 -34.91 -31.62
C ALA F 109 -11.08 -34.64 -33.09
N THR F 110 -10.72 -33.41 -33.46
CA THR F 110 -10.34 -33.13 -34.84
C THR F 110 -8.96 -33.69 -35.15
N GLY F 111 -7.95 -33.25 -34.42
CA GLY F 111 -6.66 -33.89 -34.47
C GLY F 111 -6.56 -34.95 -33.39
N ALA F 112 -7.40 -35.98 -33.48
CA ALA F 112 -7.51 -36.95 -32.40
C ALA F 112 -6.14 -37.54 -32.08
N VAL F 113 -5.85 -37.64 -30.78
CA VAL F 113 -4.59 -38.14 -30.28
C VAL F 113 -4.83 -39.54 -29.73
N ALA F 114 -4.05 -40.50 -30.22
CA ALA F 114 -4.12 -41.86 -29.76
C ALA F 114 -2.94 -42.13 -28.82
N ARG F 115 -2.80 -43.40 -28.44
CA ARG F 115 -1.75 -43.78 -27.51
C ARG F 115 -1.37 -45.23 -27.80
N ILE F 116 -0.08 -45.51 -27.75
CA ILE F 116 0.43 -46.87 -27.88
C ILE F 116 1.49 -47.07 -26.81
N LEU F 117 1.35 -48.12 -26.01
CA LEU F 117 2.43 -48.56 -25.13
C LEU F 117 3.33 -49.50 -25.91
N GLY F 118 4.60 -49.51 -25.56
CA GLY F 118 5.60 -50.29 -26.27
C GLY F 118 6.53 -51.01 -25.32
N ASP F 119 7.24 -51.99 -25.86
CA ASP F 119 8.32 -52.67 -25.17
C ASP F 119 9.65 -52.07 -25.62
N VAL F 120 10.65 -52.17 -24.75
CA VAL F 120 11.95 -51.53 -24.98
C VAL F 120 12.93 -52.58 -25.44
N TYR F 121 13.60 -52.29 -26.56
CA TYR F 121 14.56 -53.19 -27.17
C TYR F 121 15.90 -52.49 -27.31
N LEU F 122 16.96 -53.28 -27.33
CA LEU F 122 18.24 -52.72 -27.73
C LEU F 122 18.26 -52.57 -29.25
N PRO F 123 19.03 -51.63 -29.79
CA PRO F 123 19.05 -51.45 -31.25
C PRO F 123 19.48 -52.71 -31.99
N ASP F 124 20.28 -53.56 -31.34
CA ASP F 124 20.72 -54.78 -31.99
C ASP F 124 19.55 -55.70 -32.32
N GLY F 125 18.57 -55.79 -31.42
CA GLY F 125 17.37 -56.56 -31.69
C GLY F 125 16.82 -57.33 -30.51
N ASN F 126 17.65 -57.56 -29.50
CA ASN F 126 17.20 -58.31 -28.34
C ASN F 126 16.38 -57.43 -27.42
N PRO F 127 15.43 -58.01 -26.68
CA PRO F 127 14.63 -57.21 -25.75
C PRO F 127 15.49 -56.72 -24.60
N PHE F 128 15.31 -55.45 -24.24
CA PHE F 128 16.02 -54.88 -23.12
C PHE F 128 15.52 -55.50 -21.82
N LYS F 129 16.40 -56.19 -21.10
CA LYS F 129 16.02 -56.83 -19.85
C LYS F 129 15.99 -55.86 -18.68
N GLY F 130 16.30 -54.60 -18.91
CA GLY F 130 16.29 -53.61 -17.85
C GLY F 130 15.00 -52.84 -17.76
N ASP F 131 13.92 -53.30 -18.48
CA ASP F 131 12.70 -52.52 -18.40
C ASP F 131 11.62 -53.24 -17.59
N PRO F 132 10.80 -52.51 -16.84
CA PRO F 132 9.87 -53.19 -15.91
C PRO F 132 8.85 -54.07 -16.61
N ARG F 133 8.41 -53.69 -17.80
CA ARG F 133 7.42 -54.48 -18.52
C ARG F 133 7.95 -55.88 -18.81
N TYR F 134 9.22 -55.97 -19.19
CA TYR F 134 9.85 -57.27 -19.40
C TYR F 134 9.90 -58.09 -18.12
N VAL F 135 10.15 -57.43 -16.99
CA VAL F 135 10.17 -58.13 -15.71
C VAL F 135 8.81 -58.73 -15.39
N LEU F 136 7.75 -57.95 -15.57
CA LEU F 136 6.41 -58.45 -15.31
C LEU F 136 6.06 -59.59 -16.27
N LYS F 137 6.48 -59.47 -17.53
CA LYS F 137 6.25 -60.55 -18.48
C LYS F 137 6.97 -61.83 -18.06
N THR F 138 8.21 -61.69 -17.57
CA THR F 138 8.95 -62.86 -17.09
C THR F 138 8.24 -63.52 -15.92
N ALA F 139 7.68 -62.72 -15.01
CA ALA F 139 6.92 -63.29 -13.90
C ALA F 139 5.68 -64.02 -14.39
N ILE F 140 4.98 -63.44 -15.37
CA ILE F 140 3.83 -64.11 -15.96
C ILE F 140 4.25 -65.43 -16.61
N LYS F 141 5.48 -65.50 -17.12
CA LYS F 141 5.97 -66.76 -17.68
C LYS F 141 5.98 -67.87 -16.64
N GLU F 142 6.53 -67.59 -15.44
CA GLU F 142 6.53 -68.60 -14.40
C GLU F 142 5.11 -68.93 -13.95
N ALA F 143 4.25 -67.92 -13.85
CA ALA F 143 2.86 -68.19 -13.54
C ALA F 143 2.25 -69.18 -14.53
N GLU F 144 2.46 -68.97 -15.83
CA GLU F 144 1.97 -69.91 -16.84
C GLU F 144 2.59 -71.27 -16.64
N LYS F 145 3.90 -71.33 -16.37
CA LYS F 145 4.56 -72.61 -16.19
C LYS F 145 3.92 -73.41 -15.08
N MET F 146 3.38 -72.74 -14.06
CA MET F 146 2.62 -73.43 -13.02
C MET F 146 1.14 -73.53 -13.32
N GLY F 147 0.69 -73.06 -14.48
CA GLY F 147 -0.70 -73.18 -14.85
C GLY F 147 -1.61 -72.09 -14.32
N PHE F 148 -1.08 -71.01 -13.77
CA PHE F 148 -1.86 -69.97 -13.14
C PHE F 148 -1.87 -68.73 -14.03
N SER F 149 -2.73 -67.78 -13.65
CA SER F 149 -2.74 -66.47 -14.31
C SER F 149 -3.17 -65.45 -13.27
N MET F 150 -2.24 -64.57 -12.89
CA MET F 150 -2.53 -63.62 -11.83
C MET F 150 -3.55 -62.59 -12.29
N ASN F 151 -4.55 -62.36 -11.44
CA ASN F 151 -5.53 -61.31 -11.65
C ASN F 151 -5.36 -60.29 -10.53
N VAL F 152 -5.42 -59.01 -10.88
CA VAL F 152 -5.21 -57.97 -9.89
C VAL F 152 -6.02 -56.73 -10.24
N GLY F 153 -6.68 -56.18 -9.23
CA GLY F 153 -7.32 -54.89 -9.36
C GLY F 153 -6.89 -53.97 -8.24
N PRO F 154 -6.16 -52.91 -8.55
CA PRO F 154 -5.71 -51.99 -7.50
C PRO F 154 -6.75 -50.92 -7.20
N GLU F 155 -6.80 -50.54 -5.93
CA GLU F 155 -7.63 -49.44 -5.47
C GLU F 155 -6.71 -48.24 -5.37
N LEU F 156 -6.90 -47.26 -6.24
CA LEU F 156 -6.01 -46.11 -6.33
C LEU F 156 -6.70 -44.89 -5.72
N GLU F 157 -5.99 -44.27 -4.78
CA GLU F 157 -6.41 -43.09 -4.06
C GLU F 157 -5.45 -41.96 -4.38
N PHE F 158 -5.99 -40.74 -4.41
CA PHE F 158 -5.20 -39.57 -4.75
C PHE F 158 -5.74 -38.39 -3.97
N PHE F 159 -5.01 -37.28 -4.01
CA PHE F 159 -5.44 -36.04 -3.40
C PHE F 159 -5.68 -35.01 -4.48
N LEU F 160 -6.72 -34.22 -4.33
CA LEU F 160 -7.01 -33.11 -5.22
C LEU F 160 -6.68 -31.82 -4.49
N PHE F 161 -5.57 -31.20 -4.87
CA PHE F 161 -5.15 -29.93 -4.30
C PHE F 161 -5.39 -28.82 -5.30
N LYS F 162 -5.20 -27.58 -4.84
CA LYS F 162 -5.39 -26.43 -5.71
C LYS F 162 -4.11 -26.10 -6.45
N LEU F 163 -4.27 -25.38 -7.55
CA LEU F 163 -3.16 -24.86 -8.34
C LEU F 163 -2.99 -23.37 -8.02
N ASP F 164 -1.74 -22.93 -7.93
CA ASP F 164 -1.48 -21.53 -7.66
C ASP F 164 -1.65 -20.71 -8.94
N ALA F 165 -1.23 -19.44 -8.88
CA ALA F 165 -1.43 -18.53 -10.01
C ALA F 165 -0.74 -19.03 -11.27
N ASN F 166 0.46 -19.58 -11.13
CA ASN F 166 1.22 -20.05 -12.29
C ASN F 166 0.76 -21.42 -12.77
N GLY F 167 -0.16 -22.07 -12.05
CA GLY F 167 -0.58 -23.41 -12.42
C GLY F 167 0.29 -24.49 -11.84
N ASN F 168 1.10 -24.18 -10.83
CA ASN F 168 1.99 -25.16 -10.23
C ASN F 168 1.25 -25.95 -9.15
N PRO F 169 1.66 -27.19 -8.89
CA PRO F 169 1.05 -27.95 -7.80
C PRO F 169 1.21 -27.24 -6.46
N THR F 170 0.18 -27.32 -5.64
CA THR F 170 0.23 -26.91 -4.24
C THR F 170 -0.26 -28.06 -3.38
N THR F 171 -0.26 -27.82 -2.07
CA THR F 171 -0.79 -28.77 -1.10
C THR F 171 -2.04 -28.22 -0.41
N GLU F 172 -2.67 -27.21 -1.01
CA GLU F 172 -3.87 -26.60 -0.46
C GLU F 172 -5.07 -27.51 -0.69
N LEU F 173 -5.86 -27.71 0.36
CA LEU F 173 -7.02 -28.59 0.24
C LEU F 173 -8.07 -27.97 -0.67
N THR F 174 -8.72 -28.82 -1.46
CA THR F 174 -9.87 -28.41 -2.25
C THR F 174 -11.18 -28.60 -1.50
N ASP F 175 -11.17 -29.34 -0.40
CA ASP F 175 -12.33 -29.48 0.47
C ASP F 175 -11.87 -30.11 1.78
N GLN F 176 -12.76 -30.08 2.77
CA GLN F 176 -12.47 -30.59 4.10
C GLN F 176 -13.25 -31.87 4.40
N GLY F 177 -13.79 -32.52 3.38
CA GLY F 177 -14.66 -33.64 3.59
C GLY F 177 -13.95 -34.85 4.17
N GLY F 178 -14.71 -35.91 4.38
CA GLY F 178 -14.18 -37.14 4.90
C GLY F 178 -14.63 -38.34 4.09
N TYR F 179 -14.73 -39.49 4.73
CA TYR F 179 -15.10 -40.73 4.04
C TYR F 179 -16.56 -40.68 3.61
N PHE F 180 -16.80 -40.93 2.33
CA PHE F 180 -18.16 -41.02 1.79
C PHE F 180 -18.95 -39.73 2.00
N ASP F 181 -18.29 -38.58 2.04
CA ASP F 181 -19.01 -37.35 2.31
C ASP F 181 -19.68 -36.82 1.04
N PHE F 182 -20.89 -36.30 1.22
CA PHE F 182 -21.68 -35.71 0.15
C PHE F 182 -21.39 -34.21 0.07
N ALA F 183 -21.75 -33.62 -1.07
CA ALA F 183 -21.51 -32.20 -1.26
C ALA F 183 -22.40 -31.38 -0.33
N PRO F 184 -21.96 -30.17 0.07
CA PRO F 184 -20.73 -29.47 -0.32
C PRO F 184 -19.52 -29.82 0.54
N LEU F 185 -19.62 -30.80 1.44
CA LEU F 185 -18.44 -31.29 2.13
C LEU F 185 -17.48 -31.93 1.14
N ASP F 186 -18.00 -32.73 0.22
CA ASP F 186 -17.23 -33.27 -0.90
C ASP F 186 -17.42 -32.34 -2.08
N ARG F 187 -16.33 -31.72 -2.54
CA ARG F 187 -16.39 -30.67 -3.55
C ARG F 187 -15.65 -31.07 -4.82
N ALA F 188 -15.61 -32.36 -5.12
CA ALA F 188 -14.99 -32.86 -6.34
C ALA F 188 -15.91 -33.83 -7.09
N GLN F 189 -17.22 -33.63 -7.01
CA GLN F 189 -18.13 -34.50 -7.76
C GLN F 189 -17.90 -34.35 -9.25
N ASP F 190 -17.71 -33.11 -9.72
CA ASP F 190 -17.56 -32.86 -11.15
C ASP F 190 -16.26 -33.45 -11.68
N VAL F 191 -15.16 -33.21 -10.99
CA VAL F 191 -13.88 -33.71 -11.49
C VAL F 191 -13.83 -35.22 -11.42
N ARG F 192 -14.39 -35.81 -10.36
CA ARG F 192 -14.43 -37.26 -10.25
C ARG F 192 -15.34 -37.88 -11.31
N ARG F 193 -16.47 -37.23 -11.61
CA ARG F 193 -17.33 -37.71 -12.68
C ARG F 193 -16.65 -37.65 -14.04
N ASP F 194 -15.93 -36.56 -14.33
CA ASP F 194 -15.21 -36.49 -15.58
C ASP F 194 -14.03 -37.46 -15.64
N ILE F 195 -13.38 -37.73 -14.51
CA ILE F 195 -12.36 -38.78 -14.47
C ILE F 195 -12.98 -40.13 -14.80
N ASP F 196 -14.15 -40.41 -14.22
CA ASP F 196 -14.84 -41.66 -14.53
C ASP F 196 -15.18 -41.76 -16.01
N TYR F 197 -15.66 -40.68 -16.60
CA TYR F 197 -15.96 -40.67 -18.04
C TYR F 197 -14.71 -40.95 -18.86
N ALA F 198 -13.63 -40.24 -18.57
CA ALA F 198 -12.40 -40.40 -19.33
C ALA F 198 -11.87 -41.82 -19.22
N LEU F 199 -11.87 -42.37 -17.99
CA LEU F 199 -11.41 -43.74 -17.81
C LEU F 199 -12.28 -44.72 -18.57
N GLU F 200 -13.60 -44.51 -18.53
CA GLU F 200 -14.50 -45.38 -19.30
C GLU F 200 -14.20 -45.31 -20.78
N HIS F 201 -13.82 -44.14 -21.30
CA HIS F 201 -13.43 -44.03 -22.69
C HIS F 201 -12.11 -44.74 -23.00
N MET F 202 -11.26 -44.96 -21.99
CA MET F 202 -9.98 -45.62 -22.16
C MET F 202 -10.06 -47.11 -21.88
N GLY F 203 -11.25 -47.68 -21.78
CA GLY F 203 -11.43 -49.10 -21.59
C GLY F 203 -11.50 -49.56 -20.16
N PHE F 204 -11.52 -48.66 -19.19
CA PHE F 204 -11.67 -49.02 -17.79
C PHE F 204 -13.12 -49.38 -17.50
N GLN F 205 -13.32 -50.35 -16.63
CA GLN F 205 -14.64 -50.69 -16.11
C GLN F 205 -14.75 -50.09 -14.72
N ILE F 206 -15.19 -48.83 -14.65
CA ILE F 206 -15.36 -48.18 -13.36
C ILE F 206 -16.38 -48.96 -12.55
N GLU F 207 -16.08 -49.16 -11.27
CA GLU F 207 -16.99 -49.86 -10.37
C GLU F 207 -17.42 -49.03 -9.18
N ALA F 208 -16.64 -48.04 -8.78
CA ALA F 208 -17.04 -47.14 -7.70
C ALA F 208 -16.06 -45.98 -7.62
N SER F 209 -16.57 -44.82 -7.27
CA SER F 209 -15.77 -43.63 -7.01
C SER F 209 -16.29 -42.98 -5.74
N HIS F 210 -15.39 -42.54 -4.87
CA HIS F 210 -15.87 -41.96 -3.62
C HIS F 210 -14.81 -41.05 -3.01
N HIS F 211 -15.25 -40.28 -2.02
CA HIS F 211 -14.38 -39.48 -1.18
C HIS F 211 -13.82 -40.37 -0.09
N GLU F 212 -12.52 -40.25 0.16
CA GLU F 212 -11.80 -41.10 1.09
C GLU F 212 -11.55 -40.33 2.39
N VAL F 213 -10.92 -41.00 3.35
CA VAL F 213 -10.88 -40.54 4.72
C VAL F 213 -10.23 -39.16 4.83
N ALA F 214 -9.06 -38.98 4.23
CA ALA F 214 -8.34 -37.73 4.37
C ALA F 214 -9.11 -36.60 3.68
N PRO F 215 -8.96 -35.37 4.14
CA PRO F 215 -9.64 -34.26 3.50
C PRO F 215 -9.17 -34.07 2.06
N SER F 216 -10.12 -33.96 1.14
CA SER F 216 -9.85 -33.74 -0.27
C SER F 216 -9.06 -34.89 -0.89
N GLN F 217 -9.29 -36.11 -0.40
CA GLN F 217 -8.69 -37.31 -0.96
C GLN F 217 -9.79 -38.23 -1.48
N HIS F 218 -9.58 -38.74 -2.69
CA HIS F 218 -10.60 -39.48 -3.42
C HIS F 218 -10.04 -40.83 -3.85
N GLU F 219 -10.93 -41.77 -4.11
CA GLU F 219 -10.55 -43.10 -4.53
C GLU F 219 -11.42 -43.53 -5.68
N ILE F 220 -10.82 -44.15 -6.68
CA ILE F 220 -11.59 -44.72 -7.80
C ILE F 220 -11.14 -46.16 -8.00
N ASP F 221 -12.10 -47.08 -8.06
CA ASP F 221 -11.81 -48.48 -8.28
C ASP F 221 -12.41 -48.93 -9.60
N PHE F 222 -11.67 -49.78 -10.30
CA PHE F 222 -12.09 -50.32 -11.58
C PHE F 222 -11.91 -51.82 -11.54
N ARG F 223 -12.54 -52.51 -12.49
CA ARG F 223 -12.55 -53.95 -12.51
C ARG F 223 -11.14 -54.52 -12.64
N PHE F 224 -10.90 -55.64 -11.98
CA PHE F 224 -9.62 -56.32 -12.07
C PHE F 224 -9.45 -57.00 -13.42
N GLY F 225 -8.19 -57.22 -13.81
CA GLY F 225 -7.88 -57.93 -15.04
C GLY F 225 -6.58 -58.70 -14.92
N ASP F 226 -5.98 -59.05 -16.07
CA ASP F 226 -4.68 -59.68 -16.06
C ASP F 226 -3.61 -58.68 -15.59
N VAL F 227 -2.50 -59.22 -15.09
CA VAL F 227 -1.49 -58.37 -14.48
C VAL F 227 -0.93 -57.38 -15.49
N LEU F 228 -0.67 -57.81 -16.72
CA LEU F 228 -0.15 -56.88 -17.72
C LEU F 228 -1.14 -55.74 -17.96
N CYS F 229 -2.38 -56.10 -18.26
CA CYS F 229 -3.39 -55.09 -18.52
C CYS F 229 -3.60 -54.20 -17.31
N THR F 230 -3.48 -54.75 -16.11
CA THR F 230 -3.73 -53.97 -14.90
C THR F 230 -2.58 -53.02 -14.61
N ALA F 231 -1.34 -53.42 -14.90
CA ALA F 231 -0.23 -52.50 -14.75
C ALA F 231 -0.32 -51.35 -15.75
N ASP F 232 -0.66 -51.68 -17.00
CA ASP F 232 -0.90 -50.64 -17.98
C ASP F 232 -2.02 -49.72 -17.53
N ASN F 233 -3.08 -50.31 -16.97
CA ASN F 233 -4.18 -49.51 -16.43
C ASN F 233 -3.74 -48.64 -15.27
N VAL F 234 -2.82 -49.10 -14.44
CA VAL F 234 -2.37 -48.30 -13.31
C VAL F 234 -1.66 -47.05 -13.81
N VAL F 235 -0.70 -47.23 -14.72
CA VAL F 235 0.03 -46.08 -15.24
C VAL F 235 -0.92 -45.14 -15.98
N THR F 236 -1.81 -45.71 -16.80
CA THR F 236 -2.81 -44.92 -17.49
C THR F 236 -3.64 -44.14 -16.49
N PHE F 237 -4.39 -44.83 -15.64
CA PHE F 237 -5.19 -44.21 -14.59
C PHE F 237 -4.47 -43.03 -13.99
N LYS F 238 -3.20 -43.20 -13.62
CA LYS F 238 -2.48 -42.11 -12.98
C LYS F 238 -2.41 -40.89 -13.89
N TYR F 239 -1.95 -41.06 -15.13
CA TYR F 239 -1.76 -39.85 -15.94
C TYR F 239 -3.09 -39.31 -16.45
N VAL F 240 -4.09 -40.18 -16.62
CA VAL F 240 -5.44 -39.73 -16.98
C VAL F 240 -6.01 -38.84 -15.88
N VAL F 241 -5.87 -39.29 -14.63
CA VAL F 241 -6.40 -38.53 -13.51
C VAL F 241 -5.68 -37.18 -13.41
N LYS F 242 -4.35 -37.19 -13.55
CA LYS F 242 -3.61 -35.93 -13.45
C LYS F 242 -4.00 -34.98 -14.57
N SER F 243 -4.16 -35.49 -15.79
CA SER F 243 -4.51 -34.63 -16.92
C SER F 243 -5.92 -34.09 -16.81
N ILE F 244 -6.86 -34.91 -16.33
CA ILE F 244 -8.23 -34.45 -16.15
C ILE F 244 -8.29 -33.38 -15.07
N ALA F 245 -7.58 -33.62 -13.96
CA ALA F 245 -7.58 -32.64 -12.87
C ALA F 245 -6.95 -31.34 -13.31
N TYR F 246 -5.85 -31.40 -14.06
CA TYR F 246 -5.17 -30.19 -14.47
C TYR F 246 -6.07 -29.28 -15.29
N HIS F 247 -6.90 -29.85 -16.16
CA HIS F 247 -7.75 -29.09 -17.06
C HIS F 247 -8.97 -28.51 -16.36
N LYS F 248 -9.18 -28.85 -15.10
CA LYS F 248 -10.30 -28.28 -14.35
C LYS F 248 -9.83 -27.40 -13.21
N GLY F 249 -8.54 -27.09 -13.14
CA GLY F 249 -8.00 -26.16 -12.19
C GLY F 249 -7.26 -26.80 -11.03
N TYR F 250 -7.48 -28.08 -10.78
CA TYR F 250 -6.89 -28.75 -9.64
C TYR F 250 -5.66 -29.55 -10.04
N TYR F 251 -5.00 -30.11 -9.04
CA TYR F 251 -3.84 -30.95 -9.24
C TYR F 251 -4.07 -32.25 -8.50
N ALA F 252 -3.96 -33.37 -9.21
CA ALA F 252 -4.08 -34.68 -8.60
C ALA F 252 -2.71 -35.23 -8.23
N SER F 253 -2.56 -35.58 -6.95
CA SER F 253 -1.27 -36.03 -6.45
C SER F 253 -1.42 -37.44 -5.92
N PHE F 254 -0.55 -38.33 -6.38
CA PHE F 254 -0.44 -39.69 -5.90
C PHE F 254 0.71 -39.86 -4.92
N MET F 255 1.04 -38.80 -4.20
CA MET F 255 2.02 -38.84 -3.13
C MET F 255 1.44 -39.60 -1.95
N PRO F 256 2.13 -40.61 -1.40
CA PRO F 256 1.51 -41.42 -0.34
C PRO F 256 1.15 -40.64 0.91
N LYS F 257 1.94 -39.65 1.32
CA LYS F 257 1.73 -38.94 2.57
C LYS F 257 2.01 -37.46 2.36
N PRO F 258 1.13 -36.76 1.67
CA PRO F 258 1.38 -35.33 1.43
C PRO F 258 1.06 -34.46 2.64
N LEU F 259 0.23 -34.97 3.54
CA LEU F 259 -0.23 -34.23 4.71
C LEU F 259 -0.01 -35.06 5.96
N PHE F 260 0.41 -34.41 7.03
CA PHE F 260 0.64 -35.07 8.31
C PHE F 260 -0.65 -35.07 9.13
N GLY F 261 -0.86 -36.16 9.86
CA GLY F 261 -2.00 -36.27 10.75
C GLY F 261 -3.27 -36.76 10.10
N VAL F 262 -3.28 -36.97 8.79
CA VAL F 262 -4.43 -37.49 8.07
C VAL F 262 -4.00 -38.73 7.33
N ASN F 263 -4.98 -39.50 6.86
CA ASN F 263 -4.67 -40.73 6.14
C ASN F 263 -3.77 -40.44 4.95
N GLY F 264 -3.08 -41.49 4.49
CA GLY F 264 -2.24 -41.39 3.33
C GLY F 264 -2.83 -42.15 2.16
N SER F 265 -2.27 -41.96 0.97
CA SER F 265 -2.74 -42.61 -0.25
C SER F 265 -1.96 -43.91 -0.41
N GLY F 266 -2.68 -45.03 -0.50
CA GLY F 266 -2.09 -46.31 -0.79
C GLY F 266 -2.80 -46.99 -1.94
N MET F 267 -2.07 -47.84 -2.65
CA MET F 267 -2.63 -48.62 -3.75
C MET F 267 -2.74 -50.05 -3.23
N HIS F 268 -3.93 -50.41 -2.78
CA HIS F 268 -4.18 -51.75 -2.24
C HIS F 268 -4.20 -52.74 -3.40
N SER F 269 -3.26 -53.65 -3.41
CA SER F 269 -3.13 -54.63 -4.48
C SER F 269 -3.96 -55.85 -4.12
N ASN F 270 -5.11 -56.01 -4.78
CA ASN F 270 -5.95 -57.18 -4.67
C ASN F 270 -5.52 -58.19 -5.72
N GLN F 271 -5.30 -59.43 -5.31
CA GLN F 271 -4.76 -60.46 -6.17
C GLN F 271 -5.57 -61.74 -6.03
N SER F 272 -5.68 -62.47 -7.14
CA SER F 272 -6.31 -63.78 -7.13
C SER F 272 -5.79 -64.60 -8.31
N LEU F 273 -5.36 -65.83 -8.05
CA LEU F 273 -4.94 -66.73 -9.11
C LEU F 273 -6.15 -67.39 -9.74
N PHE F 274 -6.12 -67.50 -11.06
CA PHE F 274 -7.18 -68.10 -11.84
C PHE F 274 -6.63 -69.28 -12.62
N LYS F 275 -7.37 -70.38 -12.63
CA LYS F 275 -6.99 -71.55 -13.42
C LYS F 275 -8.25 -72.10 -14.07
N ASP F 276 -8.22 -72.23 -15.40
CA ASP F 276 -9.39 -72.64 -16.17
C ASP F 276 -10.56 -71.69 -15.94
N GLY F 277 -10.26 -70.40 -15.87
CA GLY F 277 -11.33 -69.41 -15.71
C GLY F 277 -12.09 -69.54 -14.41
N LYS F 278 -11.44 -70.07 -13.38
CA LYS F 278 -12.04 -70.22 -12.07
C LYS F 278 -11.09 -69.66 -11.02
N ASN F 279 -11.65 -69.05 -9.99
CA ASN F 279 -10.84 -68.48 -8.91
C ASN F 279 -10.24 -69.62 -8.10
N VAL F 280 -8.90 -69.74 -8.16
CA VAL F 280 -8.23 -70.82 -7.45
C VAL F 280 -8.21 -70.57 -5.95
N PHE F 281 -8.40 -69.33 -5.51
CA PHE F 281 -8.39 -69.00 -4.09
C PHE F 281 -9.72 -69.33 -3.40
N TYR F 282 -10.72 -69.77 -4.14
CA TYR F 282 -12.04 -70.09 -3.59
C TYR F 282 -12.13 -71.59 -3.31
N ASP F 283 -12.72 -71.94 -2.17
CA ASP F 283 -12.98 -73.33 -1.84
C ASP F 283 -14.17 -73.36 -0.89
N PRO F 284 -15.38 -73.58 -1.41
CA PRO F 284 -16.57 -73.49 -0.54
C PRO F 284 -16.59 -74.52 0.59
N ASP F 285 -15.86 -75.62 0.46
CA ASP F 285 -15.97 -76.70 1.45
C ASP F 285 -15.14 -76.41 2.70
N THR F 286 -13.97 -75.77 2.55
CA THR F 286 -13.12 -75.49 3.68
C THR F 286 -13.65 -74.29 4.47
N PRO F 287 -13.42 -74.24 5.78
CA PRO F 287 -13.83 -73.05 6.54
C PRO F 287 -13.11 -71.80 6.04
N THR F 288 -13.81 -70.68 6.13
CA THR F 288 -13.39 -69.39 5.58
C THR F 288 -13.46 -69.37 4.07
N LYS F 289 -13.81 -70.48 3.42
CA LYS F 289 -13.96 -70.56 1.98
C LYS F 289 -12.72 -70.02 1.27
N LEU F 290 -11.56 -70.46 1.77
CA LEU F 290 -10.27 -70.09 1.21
C LEU F 290 -9.50 -71.38 0.93
N SER F 291 -9.09 -71.58 -0.31
CA SER F 291 -8.36 -72.78 -0.68
C SER F 291 -6.97 -72.76 -0.05
N GLN F 292 -6.31 -73.92 -0.09
CA GLN F 292 -4.94 -74.00 0.43
C GLN F 292 -3.95 -73.30 -0.47
N ASP F 293 -4.23 -73.18 -1.77
CA ASP F 293 -3.38 -72.38 -2.64
C ASP F 293 -3.41 -70.91 -2.27
N ALA F 294 -4.49 -70.44 -1.66
CA ALA F 294 -4.53 -69.08 -1.12
C ALA F 294 -3.71 -68.96 0.16
N MET F 295 -3.76 -69.99 1.00
CA MET F 295 -2.97 -70.00 2.23
C MET F 295 -1.49 -69.98 1.92
N TYR F 296 -1.05 -70.82 0.97
CA TYR F 296 0.35 -70.85 0.58
C TYR F 296 0.77 -69.54 -0.06
N TYR F 297 -0.11 -68.95 -0.87
CA TYR F 297 0.20 -67.65 -1.47
C TYR F 297 0.38 -66.59 -0.40
N ILE F 298 -0.47 -66.59 0.63
CA ILE F 298 -0.31 -65.66 1.74
C ILE F 298 1.02 -65.91 2.44
N GLY F 299 1.36 -67.17 2.68
CA GLY F 299 2.62 -67.48 3.34
C GLY F 299 3.83 -67.01 2.55
N GLY F 300 3.79 -67.18 1.23
CA GLY F 300 4.86 -66.69 0.39
C GLY F 300 4.93 -65.17 0.36
N LEU F 301 3.77 -64.51 0.32
CA LEU F 301 3.74 -63.05 0.37
C LEU F 301 4.35 -62.54 1.67
N LEU F 302 4.01 -63.18 2.79
CA LEU F 302 4.44 -62.69 4.09
C LEU F 302 5.92 -62.87 4.33
N LYS F 303 6.52 -63.95 3.83
CA LYS F 303 7.92 -64.24 4.11
C LYS F 303 8.88 -63.52 3.17
N HIS F 304 8.37 -62.78 2.19
CA HIS F 304 9.20 -62.03 1.26
C HIS F 304 8.89 -60.55 1.20
N ILE F 305 7.86 -60.07 1.89
CA ILE F 305 7.49 -58.66 1.80
C ILE F 305 8.60 -57.77 2.32
N ARG F 306 9.31 -58.21 3.36
CA ARG F 306 10.39 -57.41 3.91
C ARG F 306 11.46 -57.11 2.88
N GLU F 307 11.63 -57.96 1.88
CA GLU F 307 12.72 -57.84 0.92
C GLU F 307 12.42 -56.86 -0.20
N PHE F 308 11.16 -56.77 -0.63
CA PHE F 308 10.78 -55.84 -1.69
C PHE F 308 9.81 -54.76 -1.21
N THR F 309 9.81 -54.48 0.09
CA THR F 309 9.18 -53.26 0.56
C THR F 309 9.83 -52.02 -0.04
N ALA F 310 11.12 -52.09 -0.37
CA ALA F 310 11.77 -51.00 -1.07
C ALA F 310 11.21 -50.78 -2.47
N VAL F 311 10.47 -51.75 -3.00
CA VAL F 311 9.81 -51.62 -4.28
C VAL F 311 8.35 -51.21 -4.12
N THR F 312 7.64 -51.85 -3.20
CA THR F 312 6.25 -51.49 -2.95
C THR F 312 6.16 -50.07 -2.40
N ASN F 313 7.02 -49.76 -1.43
CA ASN F 313 7.11 -48.42 -0.87
C ASN F 313 8.46 -47.82 -1.23
N PRO F 314 8.59 -47.21 -2.41
CA PRO F 314 9.90 -46.95 -3.01
C PRO F 314 10.50 -45.60 -2.70
N VAL F 315 9.87 -44.80 -1.85
CA VAL F 315 10.15 -43.39 -1.75
C VAL F 315 10.20 -43.01 -0.28
N VAL F 316 10.89 -41.92 0.02
CA VAL F 316 11.08 -41.52 1.41
C VAL F 316 9.74 -41.21 2.05
N ASN F 317 8.84 -40.60 1.28
CA ASN F 317 7.53 -40.21 1.80
C ASN F 317 6.61 -41.41 2.03
N SER F 318 6.87 -42.53 1.38
CA SER F 318 5.96 -43.67 1.55
C SER F 318 6.07 -44.27 2.93
N TYR F 319 7.18 -44.04 3.62
CA TYR F 319 7.35 -44.54 4.98
C TYR F 319 6.84 -43.56 6.03
N LYS F 320 6.46 -42.36 5.65
CA LYS F 320 5.67 -41.50 6.51
C LYS F 320 4.21 -41.91 6.53
N ARG F 321 3.77 -42.71 5.55
CA ARG F 321 2.44 -43.29 5.55
C ARG F 321 2.34 -44.55 6.38
N LEU F 322 3.42 -45.32 6.48
CA LEU F 322 3.43 -46.56 7.26
C LEU F 322 3.64 -46.26 8.75
N VAL F 323 2.65 -45.59 9.32
CA VAL F 323 2.61 -45.30 10.75
C VAL F 323 1.24 -45.73 11.28
N PRO F 324 1.16 -46.09 12.56
CA PRO F 324 -0.12 -46.60 13.09
C PRO F 324 -1.16 -45.50 13.24
N GLY F 325 -2.41 -45.88 13.46
CA GLY F 325 -3.47 -44.92 13.65
C GLY F 325 -4.30 -44.67 12.41
N TYR F 326 -3.65 -44.78 11.26
CA TYR F 326 -4.31 -44.67 9.98
C TYR F 326 -4.30 -46.05 9.32
N GLU F 327 -5.22 -46.27 8.39
CA GLU F 327 -5.42 -47.63 7.91
C GLU F 327 -4.33 -48.06 6.95
N ALA F 328 -3.08 -47.97 7.39
CA ALA F 328 -1.94 -48.41 6.62
C ALA F 328 -1.13 -49.39 7.45
N PRO F 329 -0.61 -50.47 6.86
CA PRO F 329 0.10 -51.47 7.64
C PRO F 329 1.38 -50.94 8.26
N VAL F 330 1.70 -51.48 9.43
CA VAL F 330 2.97 -51.22 10.07
C VAL F 330 3.66 -52.55 10.35
N TYR F 331 2.89 -53.62 10.48
CA TYR F 331 3.36 -54.92 10.90
C TYR F 331 3.02 -55.97 9.86
N ILE F 332 3.69 -57.12 9.95
CA ILE F 332 3.54 -58.20 8.99
C ILE F 332 2.62 -59.27 9.55
N SER F 333 1.37 -59.26 9.11
CA SER F 333 0.36 -60.18 9.59
C SER F 333 -0.76 -60.25 8.56
N TRP F 334 -1.69 -61.18 8.76
CA TRP F 334 -2.83 -61.30 7.87
C TRP F 334 -4.05 -61.68 8.69
N SER F 335 -5.22 -61.22 8.25
CA SER F 335 -6.47 -61.57 8.92
C SER F 335 -7.62 -61.07 8.07
N ALA F 336 -8.74 -61.78 8.16
CA ALA F 336 -9.91 -61.43 7.37
C ALA F 336 -10.57 -60.17 7.91
N GLN F 337 -10.92 -59.25 7.01
CA GLN F 337 -11.68 -58.05 7.31
C GLN F 337 -10.92 -57.04 8.15
N ASN F 338 -9.65 -57.31 8.47
CA ASN F 338 -8.85 -56.44 9.33
C ASN F 338 -8.15 -55.41 8.46
N ARG F 339 -8.64 -54.18 8.50
CA ARG F 339 -7.98 -53.06 7.82
C ARG F 339 -6.85 -52.48 8.62
N SER F 340 -6.49 -53.10 9.75
CA SER F 340 -5.28 -52.78 10.47
C SER F 340 -4.13 -53.71 10.15
N SER F 341 -4.36 -54.77 9.39
CA SER F 341 -3.34 -55.76 9.11
C SER F 341 -2.73 -55.51 7.74
N LEU F 342 -1.67 -56.25 7.41
CA LEU F 342 -0.95 -56.09 6.17
C LEU F 342 -1.61 -56.83 5.02
N ILE F 343 -2.24 -57.98 5.28
CA ILE F 343 -2.90 -58.79 4.28
C ILE F 343 -4.36 -58.89 4.72
N ARG F 344 -5.21 -57.98 4.25
CA ARG F 344 -6.63 -58.11 4.48
C ARG F 344 -7.23 -59.12 3.51
N ILE F 345 -8.23 -59.84 3.98
CA ILE F 345 -9.02 -60.73 3.12
C ILE F 345 -10.46 -60.26 3.16
N PRO F 346 -10.94 -59.51 2.16
CA PRO F 346 -12.32 -59.03 2.20
C PRO F 346 -13.31 -60.18 2.34
N ALA F 347 -14.54 -59.82 2.72
CA ALA F 347 -15.58 -60.82 2.94
C ALA F 347 -16.13 -61.41 1.64
N THR F 348 -15.85 -60.78 0.50
CA THR F 348 -16.32 -61.25 -0.78
C THR F 348 -15.68 -62.58 -1.16
N ARG F 349 -16.49 -63.61 -1.37
CA ARG F 349 -16.01 -64.90 -1.80
C ARG F 349 -16.70 -65.33 -3.09
N GLY F 350 -16.37 -66.53 -3.53
CA GLY F 350 -16.72 -66.92 -4.88
C GLY F 350 -15.78 -66.25 -5.86
N ASN F 351 -16.27 -65.96 -7.04
CA ASN F 351 -15.54 -65.07 -7.91
C ASN F 351 -15.47 -63.71 -7.23
N GLY F 352 -14.28 -63.35 -6.76
CA GLY F 352 -14.12 -62.21 -5.89
C GLY F 352 -13.34 -62.48 -4.63
N THR F 353 -12.94 -63.72 -4.36
CA THR F 353 -12.12 -64.06 -3.19
C THR F 353 -10.67 -63.75 -3.51
N ARG F 354 -10.15 -62.68 -2.92
CA ARG F 354 -8.83 -62.19 -3.22
C ARG F 354 -8.02 -62.00 -1.94
N ILE F 355 -6.73 -61.79 -2.12
CA ILE F 355 -5.84 -61.33 -1.07
C ILE F 355 -5.56 -59.86 -1.31
N GLU F 356 -5.66 -59.04 -0.27
CA GLU F 356 -5.43 -57.60 -0.40
C GLU F 356 -4.15 -57.24 0.35
N LEU F 357 -3.09 -56.98 -0.41
CA LEU F 357 -1.87 -56.39 0.14
C LEU F 357 -2.05 -54.89 0.22
N ARG F 358 -2.14 -54.35 1.44
CA ARG F 358 -2.33 -52.93 1.63
C ARG F 358 -1.03 -52.17 1.78
N CYS F 359 0.11 -52.85 1.76
CA CYS F 359 1.43 -52.26 1.92
C CYS F 359 1.77 -51.26 0.83
N PRO F 360 1.64 -51.60 -0.45
CA PRO F 360 2.15 -50.73 -1.51
C PRO F 360 1.43 -49.39 -1.56
N ASP F 361 2.05 -48.45 -2.27
CA ASP F 361 1.50 -47.11 -2.43
C ASP F 361 1.59 -46.68 -3.88
N PRO F 362 0.88 -45.63 -4.29
CA PRO F 362 0.79 -45.30 -5.72
C PRO F 362 2.13 -45.01 -6.38
N ALA F 363 3.09 -44.51 -5.61
CA ALA F 363 4.40 -44.14 -6.16
C ALA F 363 5.13 -45.32 -6.77
N CYS F 364 4.78 -46.54 -6.35
CA CYS F 364 5.51 -47.73 -6.78
C CYS F 364 5.39 -47.94 -8.28
N ASN F 365 6.35 -48.69 -8.84
CA ASN F 365 6.29 -49.17 -10.20
C ASN F 365 5.37 -50.37 -10.26
N PRO F 366 4.19 -50.28 -10.88
CA PRO F 366 3.27 -51.42 -10.86
C PRO F 366 3.85 -52.68 -11.48
N TYR F 367 4.68 -52.55 -12.52
CA TYR F 367 5.27 -53.73 -13.13
C TYR F 367 6.14 -54.49 -12.13
N LEU F 368 7.07 -53.78 -11.50
CA LEU F 368 7.97 -54.44 -10.55
C LEU F 368 7.19 -54.95 -9.34
N ALA F 369 6.26 -54.15 -8.82
CA ALA F 369 5.53 -54.53 -7.63
C ALA F 369 4.69 -55.78 -7.88
N PHE F 370 3.95 -55.81 -8.99
CA PHE F 370 3.15 -56.98 -9.30
C PHE F 370 4.02 -58.18 -9.64
N ALA F 371 5.15 -57.97 -10.31
CA ALA F 371 6.05 -59.07 -10.61
C ALA F 371 6.54 -59.72 -9.34
N LEU F 372 6.95 -58.91 -8.36
CA LEU F 372 7.44 -59.46 -7.10
C LEU F 372 6.33 -60.10 -6.28
N MET F 373 5.13 -59.52 -6.30
CA MET F 373 4.00 -60.16 -5.62
C MET F 373 3.74 -61.54 -6.21
N LEU F 374 3.70 -61.63 -7.53
CA LEU F 374 3.46 -62.91 -8.20
C LEU F 374 4.54 -63.92 -7.85
N ARG F 375 5.80 -63.51 -7.93
CA ARG F 375 6.87 -64.45 -7.63
C ARG F 375 6.83 -64.91 -6.18
N ALA F 376 6.52 -64.00 -5.25
CA ALA F 376 6.42 -64.39 -3.85
C ALA F 376 5.28 -65.38 -3.63
N GLY F 377 4.13 -65.13 -4.25
CA GLY F 377 3.03 -66.06 -4.13
C GLY F 377 3.36 -67.43 -4.69
N LEU F 378 3.98 -67.46 -5.87
CA LEU F 378 4.35 -68.72 -6.49
C LEU F 378 5.45 -69.44 -5.71
N GLU F 379 6.32 -68.72 -5.02
CA GLU F 379 7.29 -69.35 -4.14
C GLU F 379 6.66 -69.86 -2.87
N GLY F 380 5.54 -69.27 -2.44
CA GLY F 380 4.81 -69.79 -1.31
C GLY F 380 4.08 -71.05 -1.69
N ILE F 381 3.61 -71.14 -2.93
CA ILE F 381 2.92 -72.34 -3.36
C ILE F 381 3.88 -73.51 -3.53
N LYS F 382 5.02 -73.30 -4.20
CA LYS F 382 5.93 -74.42 -4.45
C LYS F 382 6.52 -75.01 -3.19
N ASN F 383 6.53 -74.27 -2.07
CA ASN F 383 7.09 -74.81 -0.85
C ASN F 383 6.04 -74.95 0.26
N LYS F 384 4.75 -74.95 -0.04
CA LYS F 384 3.71 -75.11 0.95
C LYS F 384 4.02 -74.30 2.21
N ILE F 385 4.24 -73.00 2.05
CA ILE F 385 4.58 -72.13 3.17
C ILE F 385 3.26 -71.73 3.82
N ASP F 386 2.87 -72.45 4.86
CA ASP F 386 1.68 -72.09 5.59
C ASP F 386 1.97 -70.89 6.47
N PRO F 387 1.10 -69.88 6.50
CA PRO F 387 1.28 -68.79 7.47
C PRO F 387 0.75 -69.16 8.84
N GLY F 388 1.08 -68.37 9.85
CA GLY F 388 0.59 -68.63 11.18
C GLY F 388 -0.91 -68.45 11.27
N GLU F 389 -1.41 -68.47 12.49
CA GLU F 389 -2.81 -68.18 12.71
C GLU F 389 -3.08 -66.71 12.40
N PRO F 390 -4.22 -66.38 11.80
CA PRO F 390 -4.51 -64.96 11.51
C PRO F 390 -4.57 -64.13 12.79
N THR F 391 -4.12 -62.89 12.69
CA THR F 391 -4.23 -61.96 13.79
C THR F 391 -5.52 -61.15 13.67
N ASN F 392 -6.63 -61.71 14.17
CA ASN F 392 -7.94 -61.06 14.04
C ASN F 392 -8.15 -60.10 15.22
N VAL F 393 -7.29 -59.09 15.26
CA VAL F 393 -7.36 -58.04 16.28
C VAL F 393 -6.83 -56.76 15.68
N ASN F 394 -6.98 -55.66 16.40
CA ASN F 394 -6.39 -54.40 16.01
C ASN F 394 -4.91 -54.43 16.36
N ILE F 395 -4.05 -54.52 15.34
CA ILE F 395 -2.62 -54.65 15.59
C ILE F 395 -2.05 -53.37 16.16
N PHE F 396 -2.61 -52.21 15.79
CA PHE F 396 -2.08 -50.95 16.26
C PHE F 396 -2.27 -50.78 17.76
N HIS F 397 -3.23 -51.49 18.35
CA HIS F 397 -3.52 -51.40 19.78
C HIS F 397 -2.71 -52.36 20.62
N LEU F 398 -1.99 -53.29 20.01
CA LEU F 398 -1.16 -54.21 20.77
C LEU F 398 0.08 -53.50 21.28
N SER F 399 0.59 -53.96 22.41
CA SER F 399 1.82 -53.42 22.94
C SER F 399 3.01 -54.08 22.26
N ASP F 400 4.20 -53.51 22.47
CA ASP F 400 5.40 -54.07 21.88
C ASP F 400 5.62 -55.50 22.37
N LYS F 401 5.37 -55.75 23.65
CA LYS F 401 5.55 -57.10 24.18
C LYS F 401 4.52 -58.05 23.58
N GLU F 402 3.26 -57.65 23.53
CA GLU F 402 2.24 -58.51 22.96
C GLU F 402 2.61 -58.90 21.53
N ARG F 403 3.03 -57.92 20.72
CA ARG F 403 3.48 -58.22 19.37
C ARG F 403 4.67 -59.17 19.38
N GLU F 404 5.61 -58.97 20.31
CA GLU F 404 6.81 -59.81 20.34
C GLU F 404 6.48 -61.24 20.71
N GLU F 405 5.66 -61.47 21.74
CA GLU F 405 5.28 -62.84 22.08
C GLU F 405 4.40 -63.47 21.01
N ARG F 406 3.61 -62.67 20.30
CA ARG F 406 2.80 -63.23 19.21
C ARG F 406 3.60 -63.49 17.95
N GLY F 407 4.87 -63.10 17.92
CA GLY F 407 5.73 -63.34 16.78
C GLY F 407 5.57 -62.37 15.63
N ILE F 408 4.95 -61.22 15.87
CA ILE F 408 4.64 -60.29 14.78
C ILE F 408 5.87 -59.47 14.48
N ARG F 409 6.26 -59.44 13.21
CA ARG F 409 7.36 -58.61 12.74
C ARG F 409 6.83 -57.29 12.21
N SER F 410 7.67 -56.26 12.24
CA SER F 410 7.31 -54.95 11.74
C SER F 410 7.94 -54.72 10.37
N LEU F 411 7.30 -53.86 9.58
CA LEU F 411 7.82 -53.52 8.28
C LEU F 411 9.02 -52.57 8.42
N PRO F 412 9.85 -52.46 7.38
CA PRO F 412 11.00 -51.53 7.45
C PRO F 412 10.59 -50.12 7.86
N ALA F 413 11.29 -49.58 8.87
CA ALA F 413 10.86 -48.32 9.48
C ALA F 413 11.02 -47.15 8.52
N ASP F 414 12.08 -47.16 7.72
CA ASP F 414 12.34 -46.07 6.80
C ASP F 414 12.90 -46.65 5.51
N LEU F 415 13.12 -45.77 4.53
CA LEU F 415 13.52 -46.22 3.21
C LEU F 415 14.86 -46.96 3.27
N LYS F 416 15.80 -46.42 4.04
CA LYS F 416 17.10 -47.08 4.15
C LYS F 416 16.99 -48.48 4.72
N GLU F 417 16.16 -48.69 5.74
CA GLU F 417 16.00 -50.03 6.28
C GLU F 417 15.45 -51.00 5.25
N ALA F 418 14.85 -50.50 4.17
CA ALA F 418 14.36 -51.35 3.10
C ALA F 418 15.43 -51.65 2.05
N ILE F 419 16.19 -50.66 1.63
CA ILE F 419 17.32 -50.85 0.73
C ILE F 419 18.13 -52.04 1.20
N ASP F 420 18.59 -52.00 2.45
CA ASP F 420 19.37 -53.10 3.01
C ASP F 420 18.59 -54.41 2.92
N GLU F 421 17.35 -54.41 3.40
CA GLU F 421 16.57 -55.63 3.34
C GLU F 421 16.42 -56.14 1.92
N MET F 422 16.53 -55.25 0.94
CA MET F 422 16.43 -55.59 -0.47
C MET F 422 17.78 -55.94 -1.09
N LYS F 423 18.88 -55.41 -0.53
CA LYS F 423 20.19 -55.68 -1.13
C LYS F 423 20.63 -57.12 -0.91
N GLY F 424 20.45 -57.64 0.28
CA GLY F 424 20.88 -58.99 0.59
C GLY F 424 19.97 -60.08 0.08
N SER F 425 18.86 -59.71 -0.54
CA SER F 425 17.92 -60.69 -1.02
C SER F 425 18.38 -61.30 -2.34
N LYS F 426 18.34 -62.63 -2.40
CA LYS F 426 18.54 -63.36 -3.64
C LYS F 426 17.24 -63.54 -4.40
N PHE F 427 16.11 -63.61 -3.68
CA PHE F 427 14.82 -63.71 -4.34
C PHE F 427 14.52 -62.47 -5.16
N VAL F 428 14.74 -61.28 -4.59
CA VAL F 428 14.43 -60.05 -5.30
C VAL F 428 15.38 -59.86 -6.46
N LYS F 429 16.66 -60.23 -6.30
CA LYS F 429 17.60 -60.15 -7.40
C LYS F 429 17.22 -61.10 -8.54
N GLU F 430 16.79 -62.32 -8.21
CA GLU F 430 16.36 -63.25 -9.25
C GLU F 430 15.13 -62.73 -9.98
N ALA F 431 14.17 -62.18 -9.24
CA ALA F 431 12.94 -61.69 -9.84
C ALA F 431 13.19 -60.47 -10.72
N LEU F 432 13.97 -59.52 -10.23
CA LEU F 432 14.20 -58.27 -10.96
C LEU F 432 15.22 -58.46 -12.08
N GLY F 433 16.35 -59.07 -11.76
CA GLY F 433 17.45 -59.19 -12.71
C GLY F 433 18.59 -58.27 -12.32
N GLU F 434 19.77 -58.48 -12.86
CA GLU F 434 20.94 -57.71 -12.43
C GLU F 434 20.76 -56.23 -12.72
N HIS F 435 20.33 -55.89 -13.93
CA HIS F 435 20.26 -54.49 -14.34
C HIS F 435 19.25 -53.72 -13.50
N VAL F 436 18.02 -54.23 -13.43
CA VAL F 436 16.98 -53.54 -12.67
C VAL F 436 17.37 -53.48 -11.20
N PHE F 437 17.85 -54.60 -10.66
CA PHE F 437 18.26 -54.64 -9.26
C PHE F 437 19.27 -53.53 -8.97
N SER F 438 20.38 -53.53 -9.72
CA SER F 438 21.46 -52.60 -9.41
C SER F 438 21.02 -51.15 -9.61
N HIS F 439 20.30 -50.87 -10.68
CA HIS F 439 19.93 -49.48 -10.95
C HIS F 439 18.89 -48.98 -9.97
N TYR F 440 17.94 -49.83 -9.58
CA TYR F 440 17.00 -49.46 -8.54
C TYR F 440 17.71 -49.15 -7.24
N LEU F 441 18.63 -50.02 -6.84
CA LEU F 441 19.39 -49.77 -5.62
C LEU F 441 20.15 -48.47 -5.71
N CYS F 442 20.79 -48.19 -6.84
CA CYS F 442 21.59 -46.98 -6.96
C CYS F 442 20.72 -45.75 -6.85
N ALA F 443 19.60 -45.72 -7.57
CA ALA F 443 18.73 -44.56 -7.51
C ALA F 443 18.22 -44.33 -6.09
N LYS F 444 17.80 -45.39 -5.40
CA LYS F 444 17.23 -45.20 -4.08
C LYS F 444 18.29 -44.86 -3.04
N GLU F 445 19.50 -45.40 -3.16
CA GLU F 445 20.57 -45.01 -2.26
C GLU F 445 20.92 -43.54 -2.42
N MET F 446 21.00 -43.05 -3.67
CA MET F 446 21.25 -41.62 -3.85
C MET F 446 20.13 -40.79 -3.28
N GLU F 447 18.87 -41.21 -3.47
CA GLU F 447 17.75 -40.49 -2.88
C GLU F 447 17.90 -40.40 -1.37
N TRP F 448 18.14 -41.53 -0.72
CA TRP F 448 18.24 -41.51 0.74
C TRP F 448 19.42 -40.67 1.21
N ASP F 449 20.57 -40.78 0.53
CA ASP F 449 21.73 -39.99 0.92
C ASP F 449 21.48 -38.50 0.77
N GLU F 450 20.73 -38.08 -0.25
CA GLU F 450 20.30 -36.69 -0.31
C GLU F 450 19.36 -36.33 0.82
N TYR F 451 18.52 -37.26 1.26
CA TYR F 451 17.57 -36.98 2.33
C TYR F 451 18.20 -36.89 3.72
N LYS F 452 19.25 -37.68 4.00
CA LYS F 452 19.79 -37.71 5.35
C LYS F 452 20.32 -36.34 5.76
N ALA F 453 21.09 -35.71 4.88
CA ALA F 453 21.78 -34.47 5.22
C ALA F 453 20.93 -33.25 4.93
N VAL F 454 19.70 -33.24 5.42
CA VAL F 454 18.81 -32.10 5.25
C VAL F 454 18.35 -31.67 6.64
N VAL F 455 18.43 -30.37 6.89
CA VAL F 455 18.00 -29.80 8.15
C VAL F 455 16.60 -29.24 7.91
N HIS F 456 15.61 -29.88 8.49
CA HIS F 456 14.23 -29.55 8.24
C HIS F 456 13.72 -28.52 9.24
N PRO F 457 12.68 -27.77 8.87
CA PRO F 457 12.17 -26.76 9.82
C PRO F 457 11.68 -27.34 11.13
N TRP F 458 11.31 -28.62 11.17
CA TRP F 458 10.95 -29.25 12.43
C TRP F 458 12.10 -29.23 13.42
N GLU F 459 13.34 -29.32 12.94
CA GLU F 459 14.48 -29.30 13.83
C GLU F 459 14.78 -27.91 14.37
N LEU F 460 14.52 -26.88 13.59
CA LEU F 460 14.68 -25.51 14.07
C LEU F 460 13.55 -25.07 14.98
N SER F 461 12.33 -25.52 14.73
CA SER F 461 11.22 -25.20 15.60
C SER F 461 11.31 -25.93 16.93
N ARG F 462 12.22 -26.88 17.07
CA ARG F 462 12.34 -27.64 18.29
C ARG F 462 13.66 -27.48 19.00
N TYR F 463 14.75 -27.17 18.30
CA TYR F 463 16.07 -27.10 18.90
C TYR F 463 16.66 -25.70 18.90
N LEU F 464 16.26 -24.83 17.98
CA LEU F 464 16.89 -23.53 17.87
C LEU F 464 16.81 -22.75 19.17
N SER F 465 15.62 -22.67 19.76
CA SER F 465 15.44 -21.93 21.01
C SER F 465 15.91 -22.72 22.21
N MET F 466 15.75 -24.05 22.20
CA MET F 466 16.18 -24.84 23.35
C MET F 466 17.70 -24.84 23.48
N LEU F 467 18.40 -24.85 22.36
CA LEU F 467 19.87 -24.86 22.38
C LEU F 467 20.42 -23.63 21.68
N THR G 28 0.98 -0.69 63.92
CA THR G 28 1.30 0.60 64.51
C THR G 28 0.02 1.28 64.97
N THR G 29 0.11 2.57 65.32
CA THR G 29 -1.03 3.35 65.77
C THR G 29 -1.19 4.57 64.87
N LYS G 30 -2.31 5.28 65.05
CA LYS G 30 -2.55 6.48 64.26
C LYS G 30 -1.47 7.52 64.49
N GLU G 31 -0.95 7.61 65.72
CA GLU G 31 0.16 8.52 65.98
C GLU G 31 1.39 8.13 65.18
N ASP G 32 1.69 6.84 65.13
CA ASP G 32 2.83 6.37 64.34
C ASP G 32 2.62 6.62 62.86
N VAL G 33 1.39 6.45 62.36
CA VAL G 33 1.13 6.73 60.95
C VAL G 33 1.34 8.20 60.65
N LEU G 34 0.89 9.08 61.54
CA LEU G 34 1.10 10.51 61.34
C LEU G 34 2.59 10.85 61.37
N GLU G 35 3.33 10.27 62.30
CA GLU G 35 4.76 10.51 62.37
C GLU G 35 5.46 10.04 61.10
N ALA G 36 5.08 8.87 60.59
CA ALA G 36 5.67 8.36 59.37
C ALA G 36 5.29 9.20 58.15
N VAL G 37 4.09 9.77 58.15
CA VAL G 37 3.69 10.66 57.06
C VAL G 37 4.50 11.95 57.08
N LYS G 38 4.78 12.50 58.25
CA LYS G 38 5.63 13.69 58.33
C LYS G 38 7.08 13.37 57.98
N GLU G 39 7.64 12.32 58.59
CA GLU G 39 9.05 12.01 58.42
C GLU G 39 9.36 11.62 56.98
N ARG G 40 8.57 10.72 56.42
CA ARG G 40 8.81 10.23 55.07
C ARG G 40 8.25 11.16 54.00
N ASP G 41 7.63 12.26 54.40
CA ASP G 41 7.11 13.25 53.46
C ASP G 41 6.09 12.60 52.55
N VAL G 42 4.96 12.20 53.12
CA VAL G 42 3.86 11.61 52.37
C VAL G 42 2.86 12.71 52.04
N LYS G 43 2.43 12.77 50.77
CA LYS G 43 1.49 13.77 50.32
C LYS G 43 0.09 13.22 50.10
N PHE G 44 -0.03 12.00 49.59
CA PHE G 44 -1.32 11.38 49.32
C PHE G 44 -1.39 10.05 50.04
N ILE G 45 -2.53 9.76 50.65
CA ILE G 45 -2.81 8.46 51.22
C ILE G 45 -3.91 7.83 50.39
N ARG G 46 -3.68 6.61 49.93
CA ARG G 46 -4.66 5.86 49.16
C ARG G 46 -5.41 4.96 50.13
N THR G 47 -6.59 5.39 50.54
CA THR G 47 -7.45 4.54 51.37
C THR G 47 -8.09 3.48 50.47
N GLN G 48 -8.02 2.22 50.92
CA GLN G 48 -8.39 1.09 50.09
C GLN G 48 -9.21 0.09 50.88
N PHE G 49 -10.04 -0.65 50.16
CA PHE G 49 -10.79 -1.77 50.73
C PHE G 49 -11.08 -2.75 49.60
N THR G 50 -11.45 -3.96 49.97
CA THR G 50 -11.75 -5.01 49.00
C THR G 50 -13.26 -5.27 48.96
N ASP G 51 -13.82 -5.30 47.75
CA ASP G 51 -15.23 -5.61 47.57
C ASP G 51 -15.46 -7.11 47.66
N THR G 52 -16.73 -7.51 47.61
CA THR G 52 -17.08 -8.90 47.87
C THR G 52 -16.43 -9.83 46.86
N LEU G 53 -16.35 -9.42 45.60
CA LEU G 53 -15.77 -10.25 44.56
C LEU G 53 -14.24 -10.27 44.59
N GLY G 54 -13.62 -9.61 45.56
CA GLY G 54 -12.18 -9.65 45.73
C GLY G 54 -11.43 -8.54 45.03
N ILE G 55 -12.14 -7.62 44.37
CA ILE G 55 -11.46 -6.54 43.66
C ILE G 55 -11.16 -5.42 44.64
N ILE G 56 -9.97 -4.86 44.52
CA ILE G 56 -9.52 -3.79 45.40
C ILE G 56 -10.03 -2.46 44.85
N LYS G 57 -10.46 -1.60 45.76
CA LYS G 57 -11.01 -0.30 45.42
C LYS G 57 -10.35 0.74 46.31
N SER G 58 -9.73 1.73 45.68
CA SER G 58 -8.89 2.69 46.37
C SER G 58 -9.23 4.09 45.91
N TRP G 59 -8.92 5.05 46.78
CA TRP G 59 -9.07 6.45 46.42
C TRP G 59 -8.14 7.29 47.29
N ALA G 60 -7.69 8.41 46.74
CA ALA G 60 -6.66 9.22 47.35
C ALA G 60 -7.26 10.35 48.17
N ILE G 61 -6.63 10.62 49.31
CA ILE G 61 -6.91 11.83 50.09
C ILE G 61 -5.59 12.49 50.44
N PRO G 62 -5.58 13.82 50.53
CA PRO G 62 -4.36 14.51 50.95
C PRO G 62 -3.95 14.13 52.36
N ALA G 63 -2.63 14.19 52.59
CA ALA G 63 -2.13 13.89 53.93
C ALA G 63 -2.72 14.82 54.98
N GLU G 64 -3.02 16.06 54.59
CA GLU G 64 -3.64 16.99 55.53
C GLU G 64 -5.00 16.49 55.99
N GLN G 65 -5.69 15.72 55.16
CA GLN G 65 -6.98 15.15 55.53
C GLN G 65 -6.84 13.96 56.47
N LEU G 66 -5.64 13.40 56.60
CA LEU G 66 -5.51 12.12 57.29
C LEU G 66 -5.99 12.20 58.74
N GLU G 67 -5.62 13.26 59.47
CA GLU G 67 -6.05 13.37 60.85
C GLU G 67 -7.57 13.41 60.97
N GLU G 68 -8.25 13.93 59.94
CA GLU G 68 -9.71 13.87 59.94
C GLU G 68 -10.23 12.49 59.59
N ALA G 69 -9.55 11.77 58.71
CA ALA G 69 -9.98 10.44 58.32
C ALA G 69 -9.80 9.42 59.43
N PHE G 70 -8.86 9.66 60.34
CA PHE G 70 -8.71 8.80 61.51
C PHE G 70 -9.77 9.07 62.57
N GLU G 71 -10.30 10.28 62.61
CA GLU G 71 -11.26 10.67 63.64
C GLU G 71 -12.70 10.51 63.18
N ASN G 72 -13.00 10.94 61.96
CA ASN G 72 -14.37 10.90 61.43
C ASN G 72 -14.58 9.79 60.42
N GLY G 73 -13.53 9.31 59.76
CA GLY G 73 -13.66 8.34 58.70
C GLY G 73 -13.89 9.00 57.36
N VAL G 74 -13.74 8.20 56.30
CA VAL G 74 -13.91 8.67 54.94
C VAL G 74 -15.13 7.99 54.34
N MET G 75 -16.00 8.77 53.72
CA MET G 75 -17.29 8.29 53.25
C MET G 75 -17.26 8.02 51.75
N PHE G 76 -17.96 6.97 51.33
CA PHE G 76 -18.04 6.61 49.92
C PHE G 76 -19.44 6.08 49.62
N ASP G 77 -19.63 5.66 48.37
CA ASP G 77 -20.92 5.26 47.83
C ASP G 77 -20.95 3.74 47.72
N GLY G 78 -21.76 3.09 48.55
CA GLY G 78 -21.81 1.64 48.56
C GLY G 78 -22.52 1.03 47.38
N SER G 79 -23.38 1.80 46.70
CA SER G 79 -24.14 1.26 45.57
C SER G 79 -23.27 1.07 44.34
N SER G 80 -22.10 1.70 44.29
CA SER G 80 -21.18 1.56 43.18
C SER G 80 -20.17 0.45 43.39
N ILE G 81 -20.22 -0.24 44.53
CA ILE G 81 -19.40 -1.41 44.78
C ILE G 81 -20.28 -2.65 44.69
N GLN G 82 -19.72 -3.71 44.11
CA GLN G 82 -20.47 -4.95 43.94
C GLN G 82 -20.67 -5.65 45.27
N GLY G 83 -21.88 -6.15 45.50
CA GLY G 83 -22.18 -6.85 46.73
C GLY G 83 -22.19 -5.98 47.97
N PHE G 84 -22.62 -4.74 47.84
CA PHE G 84 -22.64 -3.79 48.95
C PHE G 84 -24.05 -3.22 49.08
N THR G 85 -24.20 -2.12 49.83
CA THR G 85 -25.51 -1.55 50.08
C THR G 85 -26.19 -1.11 48.78
N ARG G 86 -27.47 -0.75 48.90
CA ARG G 86 -28.31 -0.38 47.77
C ARG G 86 -28.20 1.12 47.50
N ILE G 87 -28.99 1.63 46.56
CA ILE G 87 -28.89 3.03 46.16
C ILE G 87 -29.73 3.93 47.07
N GLU G 88 -30.78 3.40 47.68
CA GLU G 88 -31.54 4.18 48.66
C GLU G 88 -30.74 4.38 49.94
N GLU G 89 -30.01 3.35 50.38
CA GLU G 89 -29.09 3.42 51.52
C GLU G 89 -27.72 3.14 50.91
N SER G 90 -27.03 4.20 50.50
CA SER G 90 -25.78 4.05 49.78
C SER G 90 -24.57 4.60 50.51
N ASP G 91 -24.75 5.56 51.43
CA ASP G 91 -23.62 6.13 52.15
C ASP G 91 -22.94 5.06 53.00
N MET G 92 -21.61 4.99 52.92
CA MET G 92 -20.83 4.07 53.75
C MET G 92 -19.62 4.81 54.30
N LYS G 93 -19.14 4.37 55.47
CA LYS G 93 -17.91 4.90 56.03
C LYS G 93 -16.81 3.87 55.91
N LEU G 94 -15.57 4.33 55.93
CA LEU G 94 -14.40 3.47 55.93
C LEU G 94 -13.53 3.89 57.10
N ALA G 95 -13.49 3.07 58.15
CA ALA G 95 -12.60 3.32 59.26
C ALA G 95 -11.20 2.83 58.91
N LEU G 96 -10.20 3.63 59.25
CA LEU G 96 -8.84 3.33 58.84
C LEU G 96 -8.16 2.40 59.84
N ASP G 97 -7.25 1.58 59.32
CA ASP G 97 -6.45 0.65 60.13
C ASP G 97 -5.02 1.13 60.16
N PRO G 98 -4.53 1.70 61.27
CA PRO G 98 -3.16 2.23 61.27
C PRO G 98 -2.10 1.17 60.98
N SER G 99 -2.33 -0.07 61.40
CA SER G 99 -1.32 -1.11 61.21
C SER G 99 -1.04 -1.35 59.74
N THR G 100 -2.06 -1.26 58.90
CA THR G 100 -1.91 -1.55 57.47
C THR G 100 -1.49 -0.32 56.68
N PHE G 101 -0.50 0.42 57.17
CA PHE G 101 -0.01 1.61 56.52
C PHE G 101 1.31 1.30 55.82
N ARG G 102 1.32 1.42 54.50
CA ARG G 102 2.51 1.10 53.72
C ARG G 102 2.81 2.26 52.80
N ILE G 103 4.06 2.36 52.36
CA ILE G 103 4.50 3.37 51.42
C ILE G 103 4.64 2.70 50.07
N LEU G 104 4.00 3.27 49.05
CA LEU G 104 4.05 2.70 47.72
C LEU G 104 5.36 3.10 47.03
N PRO G 105 6.25 2.16 46.71
CA PRO G 105 7.57 2.55 46.21
C PRO G 105 7.61 2.94 44.75
N TRP G 106 6.67 2.49 43.92
CA TRP G 106 6.69 2.82 42.51
C TRP G 106 6.09 4.19 42.20
N ARG G 107 5.54 4.87 43.18
CA ARG G 107 5.14 6.25 43.01
C ARG G 107 6.26 7.19 43.41
N PRO G 108 6.27 8.43 42.91
CA PRO G 108 7.41 9.32 43.18
C PRO G 108 7.63 9.56 44.66
N ALA G 109 8.90 9.68 45.03
CA ALA G 109 9.28 9.87 46.43
C ALA G 109 9.10 11.31 46.91
N THR G 110 9.03 12.28 46.00
CA THR G 110 8.79 13.66 46.40
C THR G 110 7.39 13.82 46.99
N GLY G 111 6.37 13.58 46.19
CA GLY G 111 5.02 13.51 46.70
C GLY G 111 4.68 12.09 47.08
N ALA G 112 5.37 11.56 48.08
CA ALA G 112 5.28 10.14 48.38
C ALA G 112 3.84 9.74 48.64
N VAL G 113 3.47 8.58 48.12
CA VAL G 113 2.11 8.05 48.20
C VAL G 113 2.12 6.87 49.16
N ALA G 114 1.19 6.86 50.09
CA ALA G 114 1.01 5.77 51.02
C ALA G 114 -0.35 5.13 50.80
N ARG G 115 -0.50 3.90 51.28
CA ARG G 115 -1.77 3.21 51.28
C ARG G 115 -2.13 2.83 52.72
N ILE G 116 -3.42 2.88 53.00
CA ILE G 116 -3.98 2.41 54.26
C ILE G 116 -5.23 1.61 53.92
N LEU G 117 -5.32 0.39 54.44
CA LEU G 117 -6.53 -0.41 54.33
C LEU G 117 -7.49 -0.04 55.44
N GLY G 118 -8.77 -0.28 55.20
CA GLY G 118 -9.80 0.08 56.15
C GLY G 118 -10.87 -0.98 56.24
N ASP G 119 -11.72 -0.81 57.25
CA ASP G 119 -12.90 -1.63 57.46
C ASP G 119 -14.15 -0.83 57.14
N VAL G 120 -15.07 -1.44 56.43
CA VAL G 120 -16.30 -0.77 56.01
C VAL G 120 -17.29 -0.76 57.15
N TYR G 121 -17.87 0.42 57.41
CA TYR G 121 -18.87 0.60 58.45
C TYR G 121 -20.13 1.21 57.84
N LEU G 122 -21.26 0.88 58.44
CA LEU G 122 -22.48 1.61 58.14
C LEU G 122 -22.34 3.05 58.64
N PRO G 123 -22.97 4.01 57.98
CA PRO G 123 -22.74 5.40 58.35
C PRO G 123 -23.13 5.74 59.78
N ASP G 124 -23.97 4.92 60.42
CA ASP G 124 -24.40 5.28 61.78
C ASP G 124 -23.36 4.90 62.81
N GLY G 125 -23.17 3.61 63.07
CA GLY G 125 -22.04 3.19 63.88
C GLY G 125 -21.55 1.78 63.66
N ASN G 126 -22.11 1.07 62.69
CA ASN G 126 -22.00 -0.37 62.81
C ASN G 126 -20.95 -0.95 61.86
N PRO G 127 -20.37 -2.08 62.24
CA PRO G 127 -19.43 -2.78 61.35
C PRO G 127 -20.12 -3.58 60.26
N PHE G 128 -20.34 -2.97 59.11
CA PHE G 128 -21.00 -3.58 57.97
C PHE G 128 -20.64 -5.06 57.83
N LYS G 129 -21.66 -5.92 57.86
CA LYS G 129 -21.41 -7.36 57.76
C LYS G 129 -20.96 -7.76 56.37
N GLY G 130 -21.32 -7.00 55.34
CA GLY G 130 -20.98 -7.38 53.99
C GLY G 130 -19.50 -7.28 53.69
N ASP G 131 -18.72 -6.75 54.62
CA ASP G 131 -17.28 -6.61 54.43
C ASP G 131 -16.60 -7.98 54.48
N PRO G 132 -15.91 -8.39 53.42
CA PRO G 132 -15.16 -9.66 53.51
C PRO G 132 -14.10 -9.65 54.60
N ARG G 133 -13.49 -8.50 54.85
CA ARG G 133 -12.53 -8.40 55.95
C ARG G 133 -13.20 -8.71 57.28
N TYR G 134 -14.44 -8.24 57.46
CA TYR G 134 -15.18 -8.55 58.67
C TYR G 134 -15.48 -10.04 58.77
N VAL G 135 -15.77 -10.68 57.63
CA VAL G 135 -16.02 -12.13 57.62
C VAL G 135 -14.77 -12.87 58.08
N LEU G 136 -13.60 -12.48 57.56
CA LEU G 136 -12.37 -13.13 57.99
C LEU G 136 -12.10 -12.89 59.46
N LYS G 137 -12.39 -11.68 59.95
CA LYS G 137 -12.20 -11.40 61.37
C LYS G 137 -13.10 -12.27 62.24
N THR G 138 -14.37 -12.42 61.85
CA THR G 138 -15.25 -13.29 62.62
C THR G 138 -14.77 -14.74 62.60
N ALA G 139 -14.23 -15.17 61.46
CA ALA G 139 -13.66 -16.52 61.41
C ALA G 139 -12.48 -16.65 62.36
N ILE G 140 -11.66 -15.61 62.46
CA ILE G 140 -10.53 -15.62 63.39
C ILE G 140 -11.02 -15.68 64.83
N LYS G 141 -12.18 -15.09 65.12
CA LYS G 141 -12.70 -15.16 66.49
C LYS G 141 -12.93 -16.60 66.94
N GLU G 142 -13.48 -17.43 66.05
CA GLU G 142 -13.73 -18.82 66.42
C GLU G 142 -12.43 -19.55 66.71
N ALA G 143 -11.40 -19.31 65.88
CA ALA G 143 -10.11 -19.90 66.14
C ALA G 143 -9.56 -19.45 67.49
N GLU G 144 -9.67 -18.16 67.80
CA GLU G 144 -9.25 -17.68 69.11
C GLU G 144 -10.01 -18.41 70.22
N LYS G 145 -11.30 -18.63 70.02
CA LYS G 145 -12.09 -19.34 71.02
C LYS G 145 -11.59 -20.76 71.24
N MET G 146 -11.19 -21.44 70.16
CA MET G 146 -10.60 -22.77 70.28
C MET G 146 -9.12 -22.73 70.62
N GLY G 147 -8.52 -21.55 70.72
CA GLY G 147 -7.14 -21.40 71.12
C GLY G 147 -6.13 -21.53 70.02
N PHE G 148 -6.48 -21.19 68.79
CA PHE G 148 -5.62 -21.39 67.63
C PHE G 148 -5.46 -20.07 66.89
N SER G 149 -4.51 -20.05 65.95
CA SER G 149 -4.38 -18.94 65.02
C SER G 149 -3.89 -19.50 63.69
N MET G 150 -4.61 -19.18 62.63
CA MET G 150 -4.32 -19.71 61.30
C MET G 150 -3.14 -18.94 60.72
N ASN G 151 -2.05 -19.66 60.49
CA ASN G 151 -0.87 -19.11 59.81
C ASN G 151 -0.84 -19.60 58.37
N VAL G 152 -1.46 -18.84 57.49
CA VAL G 152 -1.59 -19.23 56.09
C VAL G 152 -0.50 -18.55 55.27
N GLY G 153 -0.12 -19.15 54.16
CA GLY G 153 0.80 -18.56 53.22
C GLY G 153 0.40 -18.96 51.81
N PRO G 154 0.11 -17.99 50.94
CA PRO G 154 -0.29 -18.32 49.59
C PRO G 154 0.88 -18.23 48.61
N GLU G 155 0.84 -19.10 47.60
CA GLU G 155 1.83 -19.06 46.53
C GLU G 155 1.08 -18.71 45.24
N LEU G 156 1.13 -17.43 44.90
CA LEU G 156 0.39 -16.88 43.78
C LEU G 156 1.22 -16.95 42.49
N GLU G 157 0.59 -17.39 41.42
CA GLU G 157 1.20 -17.46 40.11
C GLU G 157 0.48 -16.53 39.16
N PHE G 158 1.24 -15.94 38.24
CA PHE G 158 0.68 -14.97 37.31
C PHE G 158 1.31 -15.18 35.95
N PHE G 159 0.73 -14.53 34.95
CA PHE G 159 1.24 -14.56 33.58
C PHE G 159 1.70 -13.17 33.20
N LEU G 160 2.81 -13.09 32.49
CA LEU G 160 3.32 -11.83 31.97
C LEU G 160 3.10 -11.81 30.47
N PHE G 161 2.16 -10.99 30.02
CA PHE G 161 1.81 -10.85 28.63
C PHE G 161 2.26 -9.49 28.13
N LYS G 162 2.26 -9.34 26.81
CA LYS G 162 2.64 -8.07 26.22
C LYS G 162 1.44 -7.13 26.18
N LEU G 163 1.73 -5.84 26.07
CA LEU G 163 0.71 -4.82 25.89
C LEU G 163 0.69 -4.38 24.44
N ASP G 164 -0.46 -3.89 23.99
CA ASP G 164 -0.60 -3.40 22.64
C ASP G 164 -0.19 -1.93 22.59
N ALA G 165 -0.40 -1.27 21.44
CA ALA G 165 0.01 0.11 21.29
C ALA G 165 -0.72 1.03 22.25
N ASN G 166 -2.02 0.79 22.44
CA ASN G 166 -2.80 1.62 23.36
C ASN G 166 -2.46 1.36 24.82
N GLY G 167 -1.69 0.32 25.11
CA GLY G 167 -1.42 -0.06 26.48
C GLY G 167 -2.46 -0.97 27.10
N ASN G 168 -3.25 -1.64 26.29
CA ASN G 168 -4.29 -2.53 26.77
C ASN G 168 -3.74 -3.95 26.97
N PRO G 169 -4.31 -4.71 27.90
CA PRO G 169 -3.86 -6.10 28.08
C PRO G 169 -4.05 -6.93 26.82
N THR G 170 -3.11 -7.83 26.59
CA THR G 170 -3.22 -8.84 25.55
C THR G 170 -2.90 -10.20 26.14
N THR G 171 -2.94 -11.24 25.31
CA THR G 171 -2.57 -12.59 25.75
C THR G 171 -1.36 -13.12 24.99
N GLU G 172 -0.57 -12.23 24.40
CA GLU G 172 0.64 -12.64 23.72
C GLU G 172 1.75 -12.90 24.73
N LEU G 173 2.48 -13.99 24.50
CA LEU G 173 3.52 -14.42 25.41
C LEU G 173 4.70 -13.47 25.39
N THR G 174 5.31 -13.28 26.56
CA THR G 174 6.56 -12.57 26.68
C THR G 174 7.78 -13.48 26.58
N ASP G 175 7.60 -14.79 26.77
CA ASP G 175 8.64 -15.78 26.56
C ASP G 175 7.98 -17.13 26.39
N GLN G 176 8.76 -18.10 25.91
CA GLN G 176 8.31 -19.48 25.74
C GLN G 176 8.91 -20.41 26.78
N GLY G 177 9.46 -19.87 27.86
CA GLY G 177 10.16 -20.69 28.82
C GLY G 177 9.24 -21.67 29.52
N GLY G 178 9.82 -22.39 30.47
CA GLY G 178 9.10 -23.39 31.23
C GLY G 178 9.47 -23.30 32.69
N TYR G 179 9.50 -24.44 33.35
CA TYR G 179 9.78 -24.48 34.78
C TYR G 179 11.26 -24.30 35.07
N PHE G 180 11.57 -23.29 35.88
CA PHE G 180 12.93 -23.02 36.35
C PHE G 180 13.89 -22.69 35.20
N ASP G 181 13.38 -22.15 34.11
CA ASP G 181 14.22 -21.88 32.96
C ASP G 181 15.01 -20.59 33.13
N PHE G 182 16.27 -20.62 32.72
CA PHE G 182 17.19 -19.50 32.75
C PHE G 182 17.05 -18.69 31.46
N ALA G 183 17.57 -17.46 31.50
CA ALA G 183 17.52 -16.61 30.32
C ALA G 183 18.41 -17.17 29.22
N PRO G 184 18.09 -16.88 27.94
CA PRO G 184 17.01 -16.02 27.43
C PRO G 184 15.67 -16.74 27.24
N LEU G 185 15.55 -18.00 27.68
CA LEU G 185 14.23 -18.62 27.71
C LEU G 185 13.32 -17.92 28.71
N ASP G 186 13.88 -17.46 29.83
CA ASP G 186 13.16 -16.67 30.81
C ASP G 186 13.49 -15.21 30.56
N ARG G 187 12.51 -14.46 30.05
CA ARG G 187 12.69 -13.07 29.67
C ARG G 187 12.14 -12.08 30.68
N ALA G 188 11.76 -12.52 31.88
CA ALA G 188 11.18 -11.65 32.89
C ALA G 188 12.03 -11.58 34.15
N GLN G 189 13.34 -11.74 34.02
CA GLN G 189 14.21 -11.63 35.19
C GLN G 189 14.19 -10.23 35.78
N ASP G 190 14.18 -9.19 34.95
CA ASP G 190 14.15 -7.82 35.44
C ASP G 190 12.80 -7.48 36.06
N VAL G 191 11.71 -7.94 35.43
CA VAL G 191 10.38 -7.68 35.97
C VAL G 191 10.24 -8.35 37.34
N ARG G 192 10.68 -9.60 37.45
CA ARG G 192 10.57 -10.30 38.72
C ARG G 192 11.53 -9.73 39.76
N ARG G 193 12.69 -9.23 39.34
CA ARG G 193 13.60 -8.54 40.24
C ARG G 193 12.94 -7.31 40.84
N ASP G 194 12.34 -6.48 40.00
CA ASP G 194 11.68 -5.27 40.50
C ASP G 194 10.43 -5.57 41.31
N ILE G 195 9.69 -6.61 40.96
CA ILE G 195 8.56 -7.02 41.78
C ILE G 195 9.04 -7.46 43.16
N ASP G 196 10.13 -8.22 43.22
CA ASP G 196 10.69 -8.62 44.51
C ASP G 196 11.11 -7.40 45.31
N TYR G 197 11.74 -6.42 44.67
CA TYR G 197 12.17 -5.22 45.36
C TYR G 197 10.99 -4.45 45.94
N ALA G 198 9.95 -4.25 45.12
CA ALA G 198 8.76 -3.55 45.59
C ALA G 198 8.07 -4.30 46.72
N LEU G 199 7.93 -5.62 46.60
CA LEU G 199 7.32 -6.41 47.66
C LEU G 199 8.11 -6.29 48.95
N GLU G 200 9.45 -6.36 48.85
CA GLU G 200 10.29 -6.19 50.03
C GLU G 200 10.08 -4.82 50.67
N HIS G 201 9.95 -3.79 49.84
CA HIS G 201 9.64 -2.46 50.36
C HIS G 201 8.28 -2.38 51.04
N MET G 202 7.30 -3.15 50.58
CA MET G 202 5.97 -3.17 51.20
C MET G 202 5.88 -4.17 52.35
N GLY G 203 7.00 -4.61 52.90
CA GLY G 203 6.99 -5.45 54.08
C GLY G 203 6.84 -6.93 53.84
N PHE G 204 6.99 -7.40 52.61
CA PHE G 204 6.96 -8.82 52.30
C PHE G 204 8.31 -9.45 52.62
N GLN G 205 8.28 -10.71 53.04
CA GLN G 205 9.49 -11.51 53.23
C GLN G 205 9.58 -12.49 52.06
N ILE G 206 10.31 -12.09 51.03
CA ILE G 206 10.42 -12.94 49.85
C ILE G 206 11.19 -14.20 50.19
N GLU G 207 10.69 -15.34 49.72
CA GLU G 207 11.31 -16.64 49.94
C GLU G 207 11.96 -17.18 48.68
N ALA G 208 11.30 -17.08 47.55
CA ALA G 208 11.82 -17.58 46.28
C ALA G 208 11.08 -16.92 45.12
N SER G 209 11.55 -17.15 43.91
CA SER G 209 10.99 -16.49 42.74
C SER G 209 11.48 -17.19 41.48
N HIS G 210 10.57 -17.62 40.62
CA HIS G 210 10.96 -18.50 39.52
C HIS G 210 9.94 -18.46 38.41
N HIS G 211 10.38 -18.89 37.23
CA HIS G 211 9.51 -19.21 36.12
C HIS G 211 8.72 -20.47 36.43
N GLU G 212 7.48 -20.51 35.96
CA GLU G 212 6.56 -21.60 36.22
C GLU G 212 6.36 -22.41 34.94
N VAL G 213 5.56 -23.47 35.04
CA VAL G 213 5.51 -24.47 33.99
C VAL G 213 5.05 -23.86 32.68
N ALA G 214 3.97 -23.09 32.71
CA ALA G 214 3.43 -22.53 31.49
C ALA G 214 4.39 -21.46 30.94
N PRO G 215 4.36 -21.23 29.63
CA PRO G 215 5.18 -20.14 29.08
C PRO G 215 4.67 -18.79 29.58
N SER G 216 5.60 -17.94 29.98
CA SER G 216 5.34 -16.60 30.51
C SER G 216 4.69 -16.62 31.89
N GLN G 217 4.72 -17.75 32.59
CA GLN G 217 4.08 -17.86 33.90
C GLN G 217 5.15 -17.84 34.99
N HIS G 218 4.96 -16.98 35.98
CA HIS G 218 5.92 -16.77 37.03
C HIS G 218 5.24 -16.93 38.37
N GLU G 219 6.06 -17.21 39.39
CA GLU G 219 5.58 -17.43 40.74
C GLU G 219 6.55 -16.76 41.70
N ILE G 220 6.01 -16.00 42.65
CA ILE G 220 6.80 -15.39 43.71
C ILE G 220 6.19 -15.83 45.03
N ASP G 221 7.03 -16.35 45.92
CA ASP G 221 6.59 -16.83 47.22
C ASP G 221 7.12 -15.90 48.31
N PHE G 222 6.30 -15.68 49.33
CA PHE G 222 6.68 -14.87 50.46
C PHE G 222 6.31 -15.61 51.74
N ARG G 223 6.95 -15.22 52.84
CA ARG G 223 6.79 -15.92 54.10
C ARG G 223 5.34 -15.90 54.55
N PHE G 224 4.90 -17.01 55.13
CA PHE G 224 3.58 -17.08 55.74
C PHE G 224 3.48 -16.18 56.96
N GLY G 225 2.32 -15.58 57.15
CA GLY G 225 2.07 -14.78 58.33
C GLY G 225 0.83 -15.19 59.09
N ASP G 226 -0.10 -14.27 59.24
CA ASP G 226 -1.38 -14.50 59.91
C ASP G 226 -2.47 -14.27 58.87
N VAL G 227 -3.62 -14.89 59.10
CA VAL G 227 -4.68 -14.88 58.09
C VAL G 227 -5.02 -13.44 57.70
N LEU G 228 -5.15 -12.54 58.68
CA LEU G 228 -5.45 -11.15 58.35
C LEU G 228 -4.32 -10.54 57.53
N CYS G 229 -3.09 -10.65 58.03
CA CYS G 229 -1.95 -10.05 57.36
C CYS G 229 -1.75 -10.64 55.97
N THR G 230 -1.89 -11.95 55.83
CA THR G 230 -1.66 -12.58 54.55
C THR G 230 -2.81 -12.33 53.58
N ALA G 231 -4.03 -12.20 54.09
CA ALA G 231 -5.14 -11.81 53.24
C ALA G 231 -4.94 -10.41 52.69
N ASP G 232 -4.45 -9.49 53.51
CA ASP G 232 -4.07 -8.19 52.99
C ASP G 232 -2.91 -8.29 52.01
N ASN G 233 -1.94 -9.15 52.32
CA ASN G 233 -0.79 -9.32 51.44
C ASN G 233 -1.19 -9.87 50.08
N VAL G 234 -2.23 -10.67 50.00
CA VAL G 234 -2.63 -11.25 48.72
C VAL G 234 -3.06 -10.15 47.77
N VAL G 235 -3.95 -9.28 48.22
CA VAL G 235 -4.47 -8.20 47.40
C VAL G 235 -3.35 -7.22 47.09
N THR G 236 -2.53 -6.92 48.11
CA THR G 236 -1.36 -6.08 47.88
C THR G 236 -0.50 -6.67 46.77
N PHE G 237 0.08 -7.85 47.01
CA PHE G 237 0.89 -8.56 46.03
C PHE G 237 0.28 -8.45 44.65
N LYS G 238 -1.01 -8.67 44.53
CA LYS G 238 -1.64 -8.63 43.21
C LYS G 238 -1.49 -7.25 42.57
N TYR G 239 -1.87 -6.18 43.28
CA TYR G 239 -1.84 -4.89 42.60
C TYR G 239 -0.42 -4.35 42.48
N VAL G 240 0.48 -4.74 43.39
CA VAL G 240 1.89 -4.39 43.23
C VAL G 240 2.46 -5.03 41.98
N VAL G 241 2.18 -6.32 41.78
CA VAL G 241 2.68 -7.03 40.61
C VAL G 241 2.13 -6.38 39.35
N LYS G 242 0.83 -6.10 39.34
CA LYS G 242 0.21 -5.51 38.15
C LYS G 242 0.79 -4.13 37.84
N SER G 243 1.00 -3.31 38.88
CA SER G 243 1.55 -1.97 38.65
C SER G 243 2.99 -2.03 38.16
N ILE G 244 3.80 -2.89 38.76
CA ILE G 244 5.19 -3.01 38.34
C ILE G 244 5.27 -3.49 36.89
N ALA G 245 4.47 -4.50 36.56
CA ALA G 245 4.47 -5.01 35.19
C ALA G 245 4.01 -3.92 34.22
N TYR G 246 2.98 -3.16 34.59
CA TYR G 246 2.51 -2.11 33.70
C TYR G 246 3.59 -1.07 33.45
N HIS G 247 4.29 -0.64 34.51
CA HIS G 247 5.32 0.37 34.34
C HIS G 247 6.54 -0.16 33.60
N LYS G 248 6.79 -1.46 33.62
CA LYS G 248 7.88 -2.04 32.84
C LYS G 248 7.46 -2.43 31.44
N GLY G 249 6.21 -2.17 31.06
CA GLY G 249 5.75 -2.37 29.70
C GLY G 249 4.99 -3.66 29.45
N TYR G 250 4.69 -4.42 30.49
CA TYR G 250 3.99 -5.70 30.35
C TYR G 250 2.63 -5.62 31.03
N TYR G 251 1.95 -6.76 31.04
CA TYR G 251 0.69 -6.92 31.75
C TYR G 251 0.78 -8.18 32.59
N ALA G 252 0.52 -8.06 33.88
CA ALA G 252 0.47 -9.22 34.76
C ALA G 252 -0.98 -9.63 34.97
N SER G 253 -1.28 -10.89 34.67
CA SER G 253 -2.65 -11.39 34.72
C SER G 253 -2.72 -12.52 35.71
N PHE G 254 -3.67 -12.44 36.63
CA PHE G 254 -4.00 -13.51 37.56
C PHE G 254 -5.23 -14.28 37.14
N MET G 255 -5.50 -14.34 35.84
CA MET G 255 -6.53 -15.20 35.29
C MET G 255 -6.11 -16.66 35.48
N PRO G 256 -6.96 -17.51 36.06
CA PRO G 256 -6.53 -18.90 36.31
C PRO G 256 -6.18 -19.69 35.07
N LYS G 257 -6.80 -19.43 33.91
CA LYS G 257 -6.59 -20.24 32.72
C LYS G 257 -6.70 -19.35 31.49
N PRO G 258 -5.71 -18.52 31.25
CA PRO G 258 -5.77 -17.63 30.09
C PRO G 258 -5.44 -18.32 28.78
N LEU G 259 -4.78 -19.47 28.86
CA LEU G 259 -4.32 -20.21 27.70
C LEU G 259 -4.73 -21.68 27.82
N PHE G 260 -5.15 -22.26 26.71
CA PHE G 260 -5.52 -23.66 26.65
C PHE G 260 -4.31 -24.53 26.41
N GLY G 261 -4.33 -25.73 26.98
CA GLY G 261 -3.29 -26.70 26.73
C GLY G 261 -2.02 -26.49 27.52
N VAL G 262 -1.96 -25.46 28.37
CA VAL G 262 -0.82 -25.21 29.22
C VAL G 262 -1.32 -25.05 30.65
N ASN G 263 -0.38 -25.07 31.58
CA ASN G 263 -0.72 -24.98 33.00
C ASN G 263 -1.51 -23.70 33.28
N GLY G 264 -2.32 -23.76 34.33
CA GLY G 264 -3.05 -22.61 34.81
C GLY G 264 -2.43 -22.04 36.07
N SER G 265 -2.96 -20.89 36.48
CA SER G 265 -2.46 -20.16 37.64
C SER G 265 -3.29 -20.54 38.85
N GLY G 266 -2.62 -20.95 39.93
CA GLY G 266 -3.30 -21.32 41.16
C GLY G 266 -2.83 -20.46 42.31
N MET G 267 -3.55 -20.58 43.41
CA MET G 267 -3.24 -19.88 44.66
C MET G 267 -3.12 -20.90 45.78
N HIS G 268 -2.28 -21.91 45.58
CA HIS G 268 -2.09 -22.91 46.62
C HIS G 268 -1.93 -22.22 47.96
N SER G 269 -2.81 -22.56 48.88
CA SER G 269 -2.84 -21.98 50.21
C SER G 269 -2.29 -22.98 51.19
N ASN G 270 -1.17 -22.63 51.84
CA ASN G 270 -0.56 -23.47 52.85
C ASN G 270 -1.07 -23.01 54.20
N GLN G 271 -1.68 -23.93 54.95
CA GLN G 271 -2.30 -23.61 56.22
C GLN G 271 -1.62 -24.37 57.34
N SER G 272 -1.52 -23.73 58.49
CA SER G 272 -1.06 -24.38 59.70
C SER G 272 -1.72 -23.68 60.88
N LEU G 273 -1.88 -24.42 61.97
CA LEU G 273 -2.43 -23.91 63.20
C LEU G 273 -1.31 -23.77 64.22
N PHE G 274 -1.32 -22.65 64.92
CA PHE G 274 -0.28 -22.31 65.89
C PHE G 274 -0.94 -22.07 67.23
N LYS G 275 -0.54 -22.84 68.23
CA LYS G 275 -1.01 -22.66 69.61
C LYS G 275 0.19 -22.50 70.50
N ASP G 276 0.24 -21.38 71.23
CA ASP G 276 1.38 -21.05 72.09
C ASP G 276 2.65 -20.88 71.28
N GLY G 277 2.53 -20.38 70.05
CA GLY G 277 3.69 -20.12 69.23
C GLY G 277 4.36 -21.36 68.68
N LYS G 278 3.67 -22.49 68.67
CA LYS G 278 4.21 -23.74 68.14
C LYS G 278 3.24 -24.32 67.12
N ASN G 279 3.80 -24.98 66.12
CA ASN G 279 2.99 -25.64 65.10
C ASN G 279 2.31 -26.86 65.70
N VAL G 280 0.98 -26.85 65.71
CA VAL G 280 0.23 -27.97 66.27
C VAL G 280 -0.02 -29.05 65.22
N PHE G 281 0.19 -28.74 63.94
CA PHE G 281 0.10 -29.76 62.90
C PHE G 281 1.31 -30.69 62.88
N TYR G 282 2.32 -30.41 63.69
CA TYR G 282 3.56 -31.19 63.69
C TYR G 282 3.63 -32.05 64.95
N ASP G 283 3.88 -33.34 64.76
CA ASP G 283 4.03 -34.27 65.87
C ASP G 283 5.20 -35.21 65.58
N PRO G 284 6.36 -35.03 66.22
CA PRO G 284 7.53 -35.84 65.86
C PRO G 284 7.41 -37.31 66.21
N ASP G 285 6.52 -37.69 67.12
CA ASP G 285 6.40 -39.07 67.58
C ASP G 285 5.18 -39.77 66.99
N THR G 286 4.82 -39.44 65.76
CA THR G 286 3.74 -40.11 65.04
C THR G 286 4.23 -40.43 63.63
N PRO G 287 3.69 -41.48 63.01
CA PRO G 287 4.07 -41.76 61.62
C PRO G 287 3.70 -40.59 60.73
N THR G 288 4.58 -40.29 59.78
CA THR G 288 4.44 -39.13 58.90
C THR G 288 4.68 -37.82 59.63
N LYS G 289 5.00 -37.87 60.92
CA LYS G 289 5.30 -36.69 61.73
C LYS G 289 4.18 -35.66 61.59
N LEU G 290 2.94 -36.13 61.76
CA LEU G 290 1.75 -35.31 61.63
C LEU G 290 0.87 -35.52 62.85
N SER G 291 0.27 -34.44 63.33
CA SER G 291 -0.61 -34.50 64.49
C SER G 291 -1.98 -35.04 64.09
N GLN G 292 -2.75 -35.43 65.10
CA GLN G 292 -4.13 -35.79 64.86
C GLN G 292 -4.99 -34.58 64.57
N ASP G 293 -4.65 -33.43 65.16
CA ASP G 293 -5.34 -32.19 64.84
C ASP G 293 -5.18 -31.85 63.37
N ALA G 294 -3.99 -32.13 62.80
CA ALA G 294 -3.81 -31.92 61.38
C ALA G 294 -4.72 -32.83 60.57
N MET G 295 -4.85 -34.10 60.98
CA MET G 295 -5.73 -35.02 60.27
C MET G 295 -7.19 -34.63 60.39
N TYR G 296 -7.61 -34.19 61.59
CA TYR G 296 -8.98 -33.71 61.73
C TYR G 296 -9.22 -32.48 60.88
N TYR G 297 -8.25 -31.56 60.83
CA TYR G 297 -8.38 -30.38 59.99
C TYR G 297 -8.51 -30.78 58.52
N ILE G 298 -7.73 -31.78 58.09
CA ILE G 298 -7.83 -32.27 56.70
C ILE G 298 -9.22 -32.84 56.46
N GLY G 299 -9.71 -33.65 57.39
CA GLY G 299 -11.02 -34.24 57.24
C GLY G 299 -12.13 -33.21 57.18
N GLY G 300 -12.04 -32.16 58.01
CA GLY G 300 -13.00 -31.08 57.93
C GLY G 300 -12.91 -30.31 56.63
N LEU G 301 -11.70 -30.09 56.13
CA LEU G 301 -11.53 -29.42 54.84
C LEU G 301 -12.18 -30.24 53.72
N LEU G 302 -11.98 -31.55 53.74
CA LEU G 302 -12.40 -32.38 52.61
C LEU G 302 -13.91 -32.43 52.44
N LYS G 303 -14.67 -32.48 53.54
CA LYS G 303 -16.11 -32.64 53.41
C LYS G 303 -16.85 -31.33 53.16
N HIS G 304 -16.13 -30.20 53.14
CA HIS G 304 -16.76 -28.90 52.96
C HIS G 304 -16.27 -28.14 51.74
N ILE G 305 -15.22 -28.62 51.07
CA ILE G 305 -14.70 -27.94 49.89
C ILE G 305 -15.75 -27.88 48.80
N ARG G 306 -16.55 -28.94 48.65
CA ARG G 306 -17.55 -28.94 47.60
C ARG G 306 -18.54 -27.80 47.76
N GLU G 307 -18.70 -27.30 48.98
CA GLU G 307 -19.72 -26.28 49.23
C GLU G 307 -19.19 -24.88 48.91
N PHE G 308 -17.91 -24.61 49.15
CA PHE G 308 -17.35 -23.29 48.89
C PHE G 308 -16.29 -23.31 47.79
N THR G 309 -16.36 -24.30 46.91
CA THR G 309 -15.62 -24.24 45.66
C THR G 309 -16.07 -23.07 44.79
N ALA G 310 -17.29 -22.59 44.99
CA ALA G 310 -17.76 -21.42 44.25
C ALA G 310 -17.05 -20.15 44.70
N VAL G 311 -16.38 -20.18 45.85
CA VAL G 311 -15.66 -19.01 46.35
C VAL G 311 -14.17 -19.22 46.15
N THR G 312 -13.70 -20.46 46.30
CA THR G 312 -12.29 -20.70 45.98
C THR G 312 -12.04 -20.60 44.49
N ASN G 313 -13.01 -21.00 43.67
CA ASN G 313 -12.92 -21.00 42.22
C ASN G 313 -14.11 -20.20 41.70
N PRO G 314 -14.00 -18.87 41.67
CA PRO G 314 -15.21 -18.04 41.62
C PRO G 314 -15.66 -17.61 40.23
N VAL G 315 -14.86 -17.86 39.20
CA VAL G 315 -15.17 -17.38 37.87
C VAL G 315 -15.36 -18.58 36.93
N VAL G 316 -15.89 -18.30 35.75
CA VAL G 316 -16.11 -19.37 34.79
C VAL G 316 -14.80 -19.97 34.33
N ASN G 317 -13.75 -19.16 34.29
CA ASN G 317 -12.43 -19.60 33.84
C ASN G 317 -11.71 -20.47 34.86
N SER G 318 -12.13 -20.46 36.12
CA SER G 318 -11.48 -21.31 37.12
C SER G 318 -11.62 -22.78 36.78
N TYR G 319 -12.78 -23.17 36.27
CA TYR G 319 -13.06 -24.56 35.99
C TYR G 319 -12.52 -25.02 34.65
N LYS G 320 -11.98 -24.10 33.85
CA LYS G 320 -11.10 -24.49 32.77
C LYS G 320 -9.72 -24.87 33.31
N ARG G 321 -9.37 -24.37 34.50
CA ARG G 321 -8.12 -24.77 35.13
C ARG G 321 -8.23 -26.15 35.78
N LEU G 322 -9.40 -26.49 36.31
CA LEU G 322 -9.59 -27.76 37.01
C LEU G 322 -9.87 -28.87 36.00
N VAL G 323 -8.83 -29.17 35.21
CA VAL G 323 -8.87 -30.27 34.25
C VAL G 323 -7.63 -31.12 34.52
N PRO G 324 -7.66 -32.42 34.27
CA PRO G 324 -6.52 -33.27 34.63
C PRO G 324 -5.31 -33.03 33.74
N GLY G 325 -4.15 -33.26 34.30
CA GLY G 325 -2.90 -33.22 33.57
C GLY G 325 -2.11 -31.94 33.64
N TYR G 326 -2.44 -31.04 34.58
CA TYR G 326 -1.77 -29.75 34.68
C TYR G 326 -1.48 -29.40 36.14
N GLU G 327 -1.38 -30.41 37.00
CA GLU G 327 -1.08 -30.21 38.42
C GLU G 327 -2.12 -29.31 39.08
N ALA G 328 -3.34 -29.33 38.58
CA ALA G 328 -4.46 -28.67 39.23
C ALA G 328 -5.44 -29.72 39.70
N PRO G 329 -6.01 -29.60 40.90
CA PRO G 329 -6.88 -30.66 41.40
C PRO G 329 -8.09 -30.87 40.51
N VAL G 330 -8.51 -32.12 40.40
CA VAL G 330 -9.80 -32.46 39.80
C VAL G 330 -10.66 -33.28 40.74
N TYR G 331 -10.09 -33.95 41.73
CA TYR G 331 -10.81 -34.86 42.61
C TYR G 331 -10.49 -34.53 44.05
N ILE G 332 -11.30 -35.06 44.96
CA ILE G 332 -11.19 -34.76 46.38
C ILE G 332 -10.41 -35.85 47.08
N SER G 333 -9.13 -35.60 47.36
CA SER G 333 -8.24 -36.56 47.97
C SER G 333 -7.14 -35.81 48.71
N TRP G 334 -6.26 -36.56 49.36
CA TRP G 334 -5.13 -35.97 50.06
C TRP G 334 -4.00 -37.00 50.15
N SER G 335 -2.78 -36.54 49.92
CA SER G 335 -1.62 -37.41 50.01
C SER G 335 -0.38 -36.56 50.14
N ALA G 336 0.67 -37.16 50.70
CA ALA G 336 1.91 -36.44 50.93
C ALA G 336 2.72 -36.35 49.63
N GLN G 337 3.14 -35.12 49.29
CA GLN G 337 3.99 -34.83 48.15
C GLN G 337 3.32 -35.12 46.82
N ASN G 338 2.03 -35.45 46.82
CA ASN G 338 1.29 -35.75 45.60
C ASN G 338 0.74 -34.46 45.03
N ARG G 339 1.31 -34.00 43.91
CA ARG G 339 0.89 -32.79 43.25
C ARG G 339 -0.27 -33.02 42.29
N SER G 340 -0.78 -34.24 42.22
CA SER G 340 -2.03 -34.54 41.53
C SER G 340 -3.21 -34.59 42.47
N SER G 341 -3.02 -34.30 43.74
CA SER G 341 -4.04 -34.45 44.76
C SER G 341 -4.57 -33.10 45.20
N LEU G 342 -5.75 -33.13 45.83
CA LEU G 342 -6.42 -31.91 46.25
C LEU G 342 -5.68 -31.24 47.40
N ILE G 343 -5.27 -32.02 48.39
CA ILE G 343 -4.58 -31.50 49.58
C ILE G 343 -3.23 -32.19 49.63
N ARG G 344 -2.20 -31.52 49.14
CA ARG G 344 -0.85 -32.04 49.27
C ARG G 344 -0.30 -31.72 50.66
N ILE G 345 0.51 -32.64 51.19
CA ILE G 345 1.25 -32.38 52.41
C ILE G 345 2.72 -32.29 52.05
N PRO G 346 3.30 -31.09 51.94
CA PRO G 346 4.71 -31.00 51.55
C PRO G 346 5.61 -31.78 52.49
N ALA G 347 6.81 -32.10 52.00
CA ALA G 347 7.73 -32.94 52.76
C ALA G 347 8.25 -32.26 54.02
N THR G 348 8.24 -30.93 54.05
CA THR G 348 8.82 -30.21 55.18
C THR G 348 8.05 -30.49 56.46
N ARG G 349 8.78 -30.74 57.54
CA ARG G 349 8.23 -30.92 58.87
C ARG G 349 8.78 -29.83 59.79
N GLY G 350 8.48 -29.96 61.07
CA GLY G 350 8.89 -28.96 62.04
C GLY G 350 8.00 -27.75 61.99
N ASN G 351 8.60 -26.57 62.03
CA ASN G 351 7.82 -25.34 61.89
C ASN G 351 7.19 -25.21 60.52
N GLY G 352 7.70 -25.92 59.52
CA GLY G 352 7.21 -25.87 58.16
C GLY G 352 6.10 -26.84 57.82
N THR G 353 5.55 -27.56 58.81
CA THR G 353 4.47 -28.51 58.56
C THR G 353 3.20 -27.74 58.21
N ARG G 354 2.57 -28.10 57.10
CA ARG G 354 1.41 -27.38 56.63
C ARG G 354 0.56 -28.28 55.75
N ILE G 355 -0.66 -27.81 55.48
CA ILE G 355 -1.57 -28.42 54.53
C ILE G 355 -1.62 -27.53 53.30
N GLU G 356 -1.34 -28.09 52.13
CA GLU G 356 -1.37 -27.34 50.88
C GLU G 356 -2.70 -27.61 50.18
N LEU G 357 -3.61 -26.64 50.24
CA LEU G 357 -4.86 -26.72 49.48
C LEU G 357 -4.60 -26.11 48.11
N ARG G 358 -4.69 -26.93 47.06
CA ARG G 358 -4.29 -26.49 45.73
C ARG G 358 -5.45 -26.01 44.88
N CYS G 359 -6.69 -26.27 45.29
CA CYS G 359 -7.87 -25.85 44.51
C CYS G 359 -8.00 -24.34 44.33
N PRO G 360 -7.72 -23.49 45.33
CA PRO G 360 -8.07 -22.06 45.19
C PRO G 360 -7.46 -21.44 43.94
N ASP G 361 -7.93 -20.25 43.64
CA ASP G 361 -7.58 -19.47 42.49
C ASP G 361 -6.85 -18.20 42.88
N PRO G 362 -5.94 -17.69 42.04
CA PRO G 362 -5.41 -16.36 42.30
C PRO G 362 -6.47 -15.29 42.14
N ALA G 363 -7.48 -15.55 41.32
CA ALA G 363 -8.57 -14.60 41.08
C ALA G 363 -9.77 -14.87 41.97
N CYS G 364 -9.54 -14.91 43.28
CA CYS G 364 -10.60 -15.13 44.25
C CYS G 364 -10.44 -14.13 45.38
N ASN G 365 -11.43 -14.09 46.26
CA ASN G 365 -11.40 -13.19 47.40
C ASN G 365 -10.70 -13.89 48.55
N PRO G 366 -9.46 -13.51 48.90
CA PRO G 366 -8.77 -14.22 50.00
C PRO G 366 -9.45 -14.08 51.34
N TYR G 367 -10.14 -12.98 51.63
CA TYR G 367 -10.83 -12.84 52.90
C TYR G 367 -11.92 -13.89 53.07
N LEU G 368 -12.71 -14.13 52.02
CA LEU G 368 -13.74 -15.15 52.08
C LEU G 368 -13.14 -16.54 52.02
N ALA G 369 -12.15 -16.74 51.15
CA ALA G 369 -11.59 -18.07 50.95
C ALA G 369 -10.90 -18.57 52.20
N PHE G 370 -10.01 -17.77 52.77
CA PHE G 370 -9.31 -18.17 53.99
C PHE G 370 -10.27 -18.34 55.15
N ALA G 371 -11.29 -17.48 55.24
CA ALA G 371 -12.29 -17.62 56.29
C ALA G 371 -12.99 -18.97 56.19
N LEU G 372 -13.37 -19.38 54.98
CA LEU G 372 -14.09 -20.64 54.83
C LEU G 372 -13.18 -21.83 55.08
N MET G 373 -11.92 -21.78 54.63
CA MET G 373 -10.99 -22.85 54.97
C MET G 373 -10.77 -22.96 56.47
N LEU G 374 -10.59 -21.83 57.14
CA LEU G 374 -10.39 -21.87 58.59
C LEU G 374 -11.61 -22.47 59.28
N ARG G 375 -12.81 -22.05 58.87
CA ARG G 375 -14.01 -22.57 59.50
C ARG G 375 -14.17 -24.06 59.23
N ALA G 376 -13.83 -24.51 58.02
CA ALA G 376 -13.95 -25.94 57.71
C ALA G 376 -12.96 -26.76 58.52
N GLY G 377 -11.72 -26.29 58.65
CA GLY G 377 -10.78 -26.99 59.50
C GLY G 377 -11.19 -27.02 60.96
N LEU G 378 -11.73 -25.93 61.47
CA LEU G 378 -12.21 -25.90 62.85
C LEU G 378 -13.42 -26.81 63.05
N GLU G 379 -14.28 -26.95 62.05
CA GLU G 379 -15.33 -27.96 62.10
C GLU G 379 -14.76 -29.36 62.08
N GLY G 380 -13.67 -29.57 61.35
CA GLY G 380 -13.01 -30.86 61.38
C GLY G 380 -12.48 -31.20 62.76
N ILE G 381 -11.88 -30.23 63.42
CA ILE G 381 -11.38 -30.46 64.78
C ILE G 381 -12.53 -30.70 65.73
N LYS G 382 -13.54 -29.83 65.69
CA LYS G 382 -14.63 -29.91 66.66
C LYS G 382 -15.36 -31.23 66.58
N ASN G 383 -15.65 -31.70 65.37
CA ASN G 383 -16.41 -32.92 65.15
C ASN G 383 -15.50 -34.13 64.95
N LYS G 384 -14.20 -33.97 65.13
CA LYS G 384 -13.24 -35.07 65.01
C LYS G 384 -13.46 -35.85 63.72
N ILE G 385 -13.48 -35.15 62.60
CA ILE G 385 -13.78 -35.76 61.30
C ILE G 385 -12.52 -36.45 60.81
N ASP G 386 -12.47 -37.77 60.91
CA ASP G 386 -11.33 -38.51 60.40
C ASP G 386 -11.37 -38.55 58.87
N PRO G 387 -10.29 -38.20 58.18
CA PRO G 387 -10.24 -38.40 56.74
C PRO G 387 -9.95 -39.86 56.43
N GLY G 388 -10.06 -40.20 55.16
CA GLY G 388 -9.82 -41.55 54.70
C GLY G 388 -8.34 -41.85 54.67
N GLU G 389 -7.99 -42.89 53.95
CA GLU G 389 -6.58 -43.15 53.70
C GLU G 389 -6.04 -42.21 52.64
N PRO G 390 -4.76 -41.87 52.70
CA PRO G 390 -4.19 -40.97 51.68
C PRO G 390 -3.99 -41.65 50.35
N THR G 391 -4.56 -41.08 49.28
CA THR G 391 -4.37 -41.63 47.94
C THR G 391 -2.99 -41.25 47.41
N ASN G 392 -2.00 -42.10 47.63
CA ASN G 392 -0.63 -41.84 47.23
C ASN G 392 -0.39 -42.43 45.85
N VAL G 393 -1.11 -41.92 44.86
CA VAL G 393 -0.96 -42.35 43.48
C VAL G 393 -1.35 -41.18 42.59
N ASN G 394 -0.87 -41.20 41.35
CA ASN G 394 -1.34 -40.23 40.38
C ASN G 394 -2.83 -40.42 40.16
N ILE G 395 -3.63 -39.43 40.56
CA ILE G 395 -5.07 -39.56 40.49
C ILE G 395 -5.56 -39.39 39.06
N PHE G 396 -4.85 -38.60 38.26
CA PHE G 396 -5.28 -38.36 36.89
C PHE G 396 -5.17 -39.62 36.05
N HIS G 397 -4.33 -40.58 36.44
CA HIS G 397 -4.12 -41.81 35.71
C HIS G 397 -5.09 -42.92 36.10
N LEU G 398 -5.88 -42.72 37.15
CA LEU G 398 -6.87 -43.71 37.53
C LEU G 398 -8.05 -43.67 36.57
N SER G 399 -8.70 -44.82 36.41
CA SER G 399 -9.91 -44.88 35.61
C SER G 399 -11.11 -44.47 36.45
N ASP G 400 -12.23 -44.21 35.77
CA ASP G 400 -13.45 -43.87 36.48
C ASP G 400 -13.86 -45.00 37.43
N LYS G 401 -13.79 -46.24 36.95
CA LYS G 401 -14.10 -47.38 37.80
C LYS G 401 -13.16 -47.45 38.98
N GLU G 402 -11.85 -47.28 38.73
CA GLU G 402 -10.87 -47.29 39.80
C GLU G 402 -11.19 -46.21 40.82
N ARG G 403 -11.54 -45.01 40.34
CA ARG G 403 -11.77 -43.89 41.23
C ARG G 403 -13.07 -44.03 42.03
N GLU G 404 -14.07 -44.75 41.51
CA GLU G 404 -15.29 -44.96 42.29
C GLU G 404 -15.18 -46.17 43.21
N GLU G 405 -14.33 -47.15 42.90
CA GLU G 405 -14.08 -48.22 43.87
C GLU G 405 -13.60 -47.63 45.18
N ARG G 406 -12.61 -46.74 45.12
CA ARG G 406 -12.25 -45.93 46.27
C ARG G 406 -13.23 -44.76 46.38
N GLY G 407 -13.40 -44.27 47.60
CA GLY G 407 -14.40 -43.24 47.81
C GLY G 407 -13.97 -41.87 47.33
N ILE G 408 -13.58 -41.77 46.06
CA ILE G 408 -13.04 -40.52 45.51
C ILE G 408 -14.15 -39.79 44.76
N ARG G 409 -14.36 -38.54 45.11
CA ARG G 409 -15.32 -37.67 44.46
C ARG G 409 -14.58 -36.59 43.67
N SER G 410 -15.27 -36.00 42.71
CA SER G 410 -14.71 -34.94 41.90
C SER G 410 -15.25 -33.58 42.36
N LEU G 411 -14.49 -32.53 42.04
CA LEU G 411 -14.92 -31.18 42.34
C LEU G 411 -15.99 -30.74 41.34
N PRO G 412 -16.75 -29.70 41.67
CA PRO G 412 -17.73 -29.18 40.71
C PRO G 412 -17.11 -28.93 39.33
N ALA G 413 -17.78 -29.44 38.29
CA ALA G 413 -17.21 -29.43 36.95
C ALA G 413 -17.29 -28.07 36.31
N ASP G 414 -18.29 -27.26 36.66
CA ASP G 414 -18.42 -25.92 36.11
C ASP G 414 -18.90 -25.00 37.23
N LEU G 415 -18.97 -23.70 36.91
CA LEU G 415 -19.34 -22.73 37.93
C LEU G 415 -20.76 -22.92 38.42
N LYS G 416 -21.68 -23.36 37.57
CA LYS G 416 -23.05 -23.56 37.99
C LYS G 416 -23.19 -24.69 38.99
N GLU G 417 -22.44 -25.78 38.81
CA GLU G 417 -22.51 -26.86 39.78
C GLU G 417 -21.97 -26.42 41.13
N ALA G 418 -20.91 -25.63 41.14
CA ALA G 418 -20.40 -25.07 42.38
C ALA G 418 -21.39 -24.12 43.03
N ILE G 419 -22.07 -23.30 42.24
CA ILE G 419 -23.10 -22.42 42.76
C ILE G 419 -24.20 -23.25 43.40
N ASP G 420 -24.63 -24.33 42.75
CA ASP G 420 -25.67 -25.18 43.29
C ASP G 420 -25.24 -25.82 44.60
N GLU G 421 -24.01 -26.30 44.67
CA GLU G 421 -23.51 -26.90 45.90
C GLU G 421 -23.39 -25.87 47.02
N MET G 422 -23.10 -24.61 46.67
CA MET G 422 -22.97 -23.56 47.66
C MET G 422 -24.33 -23.11 48.19
N LYS G 423 -25.32 -23.03 47.30
CA LYS G 423 -26.64 -22.51 47.72
C LYS G 423 -27.25 -23.38 48.79
N GLY G 424 -27.21 -24.70 48.62
CA GLY G 424 -27.89 -25.59 49.55
C GLY G 424 -27.16 -25.77 50.85
N SER G 425 -25.93 -25.28 50.96
CA SER G 425 -25.13 -25.46 52.15
C SER G 425 -25.49 -24.45 53.22
N LYS G 426 -25.66 -24.91 54.45
CA LYS G 426 -25.83 -24.02 55.59
C LYS G 426 -24.54 -23.79 56.36
N PHE G 427 -23.47 -24.54 56.05
CA PHE G 427 -22.16 -24.22 56.59
C PHE G 427 -21.61 -22.95 55.95
N VAL G 428 -21.69 -22.84 54.63
CA VAL G 428 -21.21 -21.63 53.95
C VAL G 428 -22.06 -20.43 54.31
N LYS G 429 -23.38 -20.63 54.48
CA LYS G 429 -24.23 -19.51 54.87
C LYS G 429 -23.87 -19.00 56.26
N GLU G 430 -23.61 -19.91 57.21
CA GLU G 430 -23.22 -19.48 58.55
C GLU G 430 -21.86 -18.79 58.53
N ALA G 431 -20.90 -19.35 57.77
CA ALA G 431 -19.57 -18.77 57.76
C ALA G 431 -19.56 -17.41 57.10
N LEU G 432 -20.19 -17.29 55.93
CA LEU G 432 -20.16 -16.04 55.17
C LEU G 432 -21.11 -14.99 55.74
N GLY G 433 -22.23 -15.41 56.30
CA GLY G 433 -23.27 -14.48 56.69
C GLY G 433 -24.31 -14.31 55.58
N GLU G 434 -25.49 -13.82 55.99
CA GLU G 434 -26.61 -13.77 55.06
C GLU G 434 -26.35 -12.77 53.93
N HIS G 435 -25.84 -11.58 54.26
CA HIS G 435 -25.62 -10.56 53.23
C HIS G 435 -24.58 -11.03 52.22
N VAL G 436 -23.41 -11.45 52.69
CA VAL G 436 -22.36 -11.88 51.77
C VAL G 436 -22.82 -13.10 50.98
N PHE G 437 -23.45 -14.06 51.66
CA PHE G 437 -23.91 -15.27 50.99
C PHE G 437 -24.83 -14.92 49.83
N SER G 438 -25.87 -14.14 50.10
CA SER G 438 -26.86 -13.84 49.07
C SER G 438 -26.25 -12.99 47.95
N HIS G 439 -25.47 -11.97 48.30
CA HIS G 439 -24.94 -11.08 47.29
C HIS G 439 -23.85 -11.72 46.45
N TYR G 440 -23.14 -12.70 47.02
CA TYR G 440 -22.16 -13.44 46.24
C TYR G 440 -22.86 -14.40 45.28
N LEU G 441 -23.88 -15.10 45.77
CA LEU G 441 -24.59 -16.01 44.89
C LEU G 441 -25.30 -15.28 43.75
N CYS G 442 -25.87 -14.11 44.03
CA CYS G 442 -26.54 -13.37 42.96
C CYS G 442 -25.56 -12.96 41.87
N ALA G 443 -24.38 -12.46 42.27
CA ALA G 443 -23.38 -12.05 41.30
C ALA G 443 -22.88 -13.22 40.49
N LYS G 444 -22.72 -14.40 41.11
CA LYS G 444 -22.21 -15.55 40.36
C LYS G 444 -23.27 -16.12 39.43
N GLU G 445 -24.52 -16.16 39.87
CA GLU G 445 -25.60 -16.63 39.02
C GLU G 445 -25.81 -15.71 37.83
N MET G 446 -25.69 -14.39 38.02
CA MET G 446 -25.76 -13.48 36.89
C MET G 446 -24.65 -13.75 35.89
N GLU G 447 -23.44 -14.01 36.37
CA GLU G 447 -22.32 -14.32 35.49
C GLU G 447 -22.58 -15.58 34.69
N TRP G 448 -23.05 -16.63 35.35
CA TRP G 448 -23.27 -17.89 34.65
C TRP G 448 -24.32 -17.73 33.56
N ASP G 449 -25.40 -17.01 33.84
CA ASP G 449 -26.45 -16.84 32.85
C ASP G 449 -25.94 -16.11 31.62
N GLU G 450 -25.06 -15.13 31.81
CA GLU G 450 -24.41 -14.50 30.66
C GLU G 450 -23.54 -15.49 29.90
N TYR G 451 -22.82 -16.35 30.62
CA TYR G 451 -21.92 -17.28 29.95
C TYR G 451 -22.66 -18.33 29.14
N LYS G 452 -23.75 -18.90 29.69
CA LYS G 452 -24.33 -20.09 29.09
C LYS G 452 -25.00 -19.80 27.76
N ALA G 453 -25.41 -18.56 27.53
CA ALA G 453 -26.11 -18.20 26.30
C ALA G 453 -25.17 -17.85 25.15
N VAL G 454 -23.89 -17.75 25.40
CA VAL G 454 -22.94 -17.23 24.42
C VAL G 454 -22.62 -18.31 23.41
N VAL G 455 -22.50 -17.93 22.15
CA VAL G 455 -22.09 -18.82 21.07
C VAL G 455 -20.62 -18.54 20.77
N HIS G 456 -19.80 -19.58 20.85
CA HIS G 456 -18.36 -19.42 20.84
C HIS G 456 -17.78 -19.80 19.49
N PRO G 457 -16.64 -19.23 19.11
CA PRO G 457 -16.04 -19.60 17.82
C PRO G 457 -15.73 -21.07 17.70
N TRP G 458 -15.54 -21.77 18.82
CA TRP G 458 -15.36 -23.21 18.78
C TRP G 458 -16.57 -23.89 18.16
N GLU G 459 -17.77 -23.45 18.52
CA GLU G 459 -18.97 -24.07 18.00
C GLU G 459 -19.10 -23.84 16.50
N LEU G 460 -18.76 -22.66 16.01
CA LEU G 460 -18.80 -22.41 14.57
C LEU G 460 -17.74 -23.23 13.84
N SER G 461 -16.53 -23.27 14.38
CA SER G 461 -15.48 -24.02 13.73
C SER G 461 -15.73 -25.52 13.76
N ARG G 462 -16.60 -25.99 14.66
CA ARG G 462 -16.86 -27.42 14.76
C ARG G 462 -18.15 -27.85 14.05
N TYR G 463 -19.16 -27.00 13.99
CA TYR G 463 -20.47 -27.40 13.48
C TYR G 463 -20.87 -26.66 12.21
N LEU G 464 -20.38 -25.44 11.99
CA LEU G 464 -20.87 -24.63 10.88
C LEU G 464 -20.79 -25.38 9.56
N SER G 465 -19.63 -25.96 9.26
CA SER G 465 -19.47 -26.69 8.00
C SER G 465 -20.09 -28.07 8.07
N MET G 466 -20.16 -28.67 9.25
CA MET G 466 -20.71 -30.01 9.37
C MET G 466 -22.23 -29.99 9.26
N LEU G 467 -22.88 -28.95 9.78
CA LEU G 467 -24.32 -28.80 9.69
C LEU G 467 -24.69 -27.56 8.89
N THR H 28 -6.51 40.55 51.00
CA THR H 28 -5.75 40.98 49.83
C THR H 28 -6.45 42.14 49.14
N THR H 29 -5.66 43.14 48.77
CA THR H 29 -6.16 44.35 48.13
C THR H 29 -5.27 44.66 46.94
N LYS H 30 -5.43 45.88 46.40
CA LYS H 30 -4.60 46.30 45.28
C LYS H 30 -3.12 46.27 45.64
N GLU H 31 -2.77 46.82 46.81
CA GLU H 31 -1.37 46.91 47.20
C GLU H 31 -0.77 45.53 47.39
N ASP H 32 -1.53 44.62 47.99
CA ASP H 32 -1.04 43.26 48.14
C ASP H 32 -0.82 42.60 46.78
N VAL H 33 -1.73 42.86 45.83
CA VAL H 33 -1.57 42.27 44.50
C VAL H 33 -0.32 42.79 43.83
N LEU H 34 -0.05 44.10 43.95
CA LEU H 34 1.17 44.65 43.37
C LEU H 34 2.41 44.06 44.05
N GLU H 35 2.36 43.94 45.37
CA GLU H 35 3.50 43.38 46.10
C GLU H 35 3.77 41.95 45.68
N ALA H 36 2.72 41.15 45.51
CA ALA H 36 2.88 39.77 45.07
C ALA H 36 3.29 39.68 43.60
N VAL H 37 2.92 40.67 42.79
CA VAL H 37 3.35 40.68 41.40
C VAL H 37 4.84 40.97 41.28
N LYS H 38 5.34 41.91 42.07
CA LYS H 38 6.77 42.20 42.00
C LYS H 38 7.62 41.22 42.80
N GLU H 39 7.06 40.63 43.86
CA GLU H 39 7.83 39.69 44.67
C GLU H 39 7.96 38.35 43.98
N ARG H 40 6.89 37.87 43.35
CA ARG H 40 6.87 36.55 42.74
C ARG H 40 7.22 36.58 41.27
N ASP H 41 7.64 37.75 40.75
CA ASP H 41 8.18 37.87 39.39
C ASP H 41 7.11 37.51 38.35
N VAL H 42 6.05 38.31 38.35
CA VAL H 42 4.92 38.15 37.44
C VAL H 42 5.04 39.16 36.32
N LYS H 43 4.85 38.69 35.08
CA LYS H 43 4.95 39.56 33.92
C LYS H 43 3.60 39.74 33.24
N PHE H 44 2.77 38.70 33.27
CA PHE H 44 1.50 38.70 32.56
C PHE H 44 0.38 38.45 33.56
N ILE H 45 -0.67 39.25 33.50
CA ILE H 45 -1.90 39.04 34.26
C ILE H 45 -2.99 38.70 33.26
N ARG H 46 -3.63 37.55 33.44
CA ARG H 46 -4.76 37.16 32.61
C ARG H 46 -6.03 37.64 33.31
N THR H 47 -6.49 38.82 32.88
CA THR H 47 -7.76 39.32 33.37
C THR H 47 -8.89 38.56 32.68
N GLN H 48 -9.84 38.04 33.46
CA GLN H 48 -10.88 37.18 32.91
C GLN H 48 -12.21 37.39 33.62
N PHE H 49 -13.25 36.94 32.94
CA PHE H 49 -14.62 36.98 33.42
C PHE H 49 -15.36 35.79 32.81
N THR H 50 -16.63 35.64 33.17
CA THR H 50 -17.45 34.55 32.66
C THR H 50 -18.64 35.13 31.89
N ASP H 51 -18.89 34.61 30.70
CA ASP H 51 -20.02 35.05 29.89
C ASP H 51 -21.30 34.38 30.39
N THR H 52 -22.42 34.78 29.81
CA THR H 52 -23.72 34.34 30.33
C THR H 52 -23.85 32.83 30.28
N LEU H 53 -23.36 32.20 29.21
CA LEU H 53 -23.45 30.76 29.08
C LEU H 53 -22.41 30.01 29.89
N GLY H 54 -21.68 30.67 30.78
CA GLY H 54 -20.75 30.01 31.68
C GLY H 54 -19.37 29.79 31.15
N ILE H 55 -19.05 30.26 29.94
CA ILE H 55 -17.72 30.09 29.40
C ILE H 55 -16.81 31.19 29.94
N ILE H 56 -15.53 30.83 30.12
CA ILE H 56 -14.54 31.72 30.69
C ILE H 56 -13.85 32.46 29.56
N LYS H 57 -13.86 33.78 29.63
CA LYS H 57 -13.22 34.64 28.65
C LYS H 57 -12.10 35.42 29.31
N SER H 58 -10.88 35.27 28.77
CA SER H 58 -9.69 35.82 29.40
C SER H 58 -8.84 36.50 28.35
N TRP H 59 -8.09 37.52 28.79
CA TRP H 59 -7.04 38.07 27.95
C TRP H 59 -5.93 38.63 28.83
N ALA H 60 -4.74 38.72 28.26
CA ALA H 60 -3.53 39.00 29.00
C ALA H 60 -3.13 40.46 28.87
N ILE H 61 -2.66 41.03 29.98
CA ILE H 61 -2.03 42.35 29.97
C ILE H 61 -0.70 42.26 30.71
N PRO H 62 0.27 43.08 30.30
CA PRO H 62 1.54 43.10 31.01
C PRO H 62 1.39 43.64 32.42
N ALA H 63 2.27 43.16 33.31
CA ALA H 63 2.22 43.61 34.70
C ALA H 63 2.39 45.11 34.81
N GLU H 64 3.17 45.71 33.89
CA GLU H 64 3.37 47.15 33.93
C GLU H 64 2.06 47.92 33.81
N GLN H 65 1.04 47.34 33.18
CA GLN H 65 -0.25 47.99 33.05
C GLN H 65 -1.14 47.80 34.27
N LEU H 66 -0.87 46.79 35.09
CA LEU H 66 -1.76 46.46 36.20
C LEU H 66 -2.19 47.70 36.98
N GLU H 67 -1.21 48.51 37.40
CA GLU H 67 -1.52 49.69 38.19
C GLU H 67 -2.67 50.48 37.56
N GLU H 68 -2.48 50.91 36.31
CA GLU H 68 -3.52 51.71 35.69
C GLU H 68 -4.77 50.87 35.44
N ALA H 69 -4.61 49.60 35.11
CA ALA H 69 -5.77 48.73 34.95
C ALA H 69 -6.57 48.63 36.23
N PHE H 70 -5.98 48.98 37.37
CA PHE H 70 -6.72 48.93 38.62
C PHE H 70 -7.54 50.19 38.84
N GLU H 71 -7.14 51.31 38.23
CA GLU H 71 -7.85 52.57 38.43
C GLU H 71 -8.59 53.03 37.18
N ASN H 72 -8.48 52.30 36.08
CA ASN H 72 -9.21 52.63 34.85
C ASN H 72 -10.00 51.47 34.28
N GLY H 73 -9.75 50.23 34.72
CA GLY H 73 -10.40 49.08 34.16
C GLY H 73 -9.81 48.71 32.81
N VAL H 74 -10.20 47.53 32.33
CA VAL H 74 -9.75 47.02 31.04
C VAL H 74 -10.95 46.95 30.12
N MET H 75 -10.83 47.55 28.94
CA MET H 75 -11.95 47.68 28.02
C MET H 75 -11.93 46.54 27.01
N PHE H 76 -13.11 45.99 26.73
CA PHE H 76 -13.24 44.93 25.74
C PHE H 76 -14.50 45.18 24.92
N ASP H 77 -14.78 44.25 24.00
CA ASP H 77 -15.88 44.33 23.05
C ASP H 77 -16.99 43.42 23.52
N GLY H 78 -18.08 44.01 24.01
CA GLY H 78 -19.18 43.23 24.53
C GLY H 78 -20.01 42.55 23.47
N SER H 79 -19.95 43.00 22.23
CA SER H 79 -20.72 42.40 21.15
C SER H 79 -20.13 41.08 20.67
N SER H 80 -18.91 40.74 21.09
CA SER H 80 -18.28 39.47 20.76
C SER H 80 -18.40 38.46 21.88
N ILE H 81 -19.23 38.75 22.88
CA ILE H 81 -19.48 37.87 24.00
C ILE H 81 -20.94 37.47 23.98
N GLN H 82 -21.20 36.20 24.26
CA GLN H 82 -22.54 35.65 24.16
C GLN H 82 -23.45 36.31 25.18
N GLY H 83 -24.52 36.93 24.72
CA GLY H 83 -25.52 37.52 25.58
C GLY H 83 -25.02 38.63 26.47
N PHE H 84 -24.18 39.52 25.94
CA PHE H 84 -23.66 40.62 26.72
C PHE H 84 -24.18 41.98 26.25
N THR H 85 -23.92 42.38 25.02
CA THR H 85 -24.39 43.68 24.55
C THR H 85 -24.31 43.71 23.04
N ARG H 86 -24.90 44.75 22.45
CA ARG H 86 -25.10 44.84 21.03
C ARG H 86 -23.96 45.61 20.38
N ILE H 87 -23.88 45.53 19.05
CA ILE H 87 -22.71 46.02 18.33
C ILE H 87 -22.66 47.54 18.32
N GLU H 88 -23.81 48.22 18.42
CA GLU H 88 -23.79 49.67 18.49
C GLU H 88 -23.34 50.15 19.87
N GLU H 89 -23.84 49.51 20.92
CA GLU H 89 -23.36 49.75 22.28
C GLU H 89 -22.42 48.63 22.69
N SER H 90 -21.27 48.58 22.04
CA SER H 90 -20.38 47.42 22.16
C SER H 90 -19.29 47.59 23.21
N ASP H 91 -18.79 48.80 23.45
CA ASP H 91 -17.73 49.00 24.42
C ASP H 91 -18.15 48.52 25.80
N MET H 92 -17.32 47.69 26.44
CA MET H 92 -17.56 47.23 27.79
C MET H 92 -16.29 47.44 28.61
N LYS H 93 -16.46 47.59 29.92
CA LYS H 93 -15.35 47.76 30.83
C LYS H 93 -15.34 46.60 31.83
N LEU H 94 -14.15 46.25 32.30
CA LEU H 94 -14.00 45.23 33.33
C LEU H 94 -13.18 45.82 34.47
N ALA H 95 -13.75 45.82 35.67
CA ALA H 95 -13.07 46.26 36.88
C ALA H 95 -12.47 45.05 37.57
N LEU H 96 -11.30 45.24 38.15
CA LEU H 96 -10.52 44.12 38.69
C LEU H 96 -10.87 43.88 40.15
N ASP H 97 -10.86 42.61 40.54
CA ASP H 97 -11.10 42.19 41.91
C ASP H 97 -9.78 41.75 42.53
N PRO H 98 -9.18 42.51 43.45
CA PRO H 98 -7.88 42.09 44.00
C PRO H 98 -7.92 40.76 44.71
N SER H 99 -9.04 40.41 45.35
CA SER H 99 -9.11 39.17 46.10
C SER H 99 -8.94 37.96 45.20
N THR H 100 -9.49 38.01 44.00
CA THR H 100 -9.47 36.89 43.07
C THR H 100 -8.17 36.92 42.25
N PHE H 101 -7.06 36.91 42.96
CA PHE H 101 -5.74 36.94 42.35
C PHE H 101 -4.99 35.66 42.71
N ARG H 102 -4.66 34.87 41.69
CA ARG H 102 -3.91 33.64 41.88
C ARG H 102 -2.77 33.64 40.86
N ILE H 103 -1.86 32.68 40.99
CA ILE H 103 -0.75 32.53 40.07
C ILE H 103 -0.88 31.16 39.42
N LEU H 104 -0.89 31.12 38.09
CA LEU H 104 -1.06 29.89 37.36
C LEU H 104 0.21 29.05 37.45
N PRO H 105 0.15 27.85 38.05
CA PRO H 105 1.38 27.10 38.28
C PRO H 105 1.89 26.35 37.06
N TRP H 106 0.99 25.98 36.14
CA TRP H 106 1.39 25.23 34.96
C TRP H 106 2.03 26.11 33.90
N ARG H 107 2.14 27.39 34.13
CA ARG H 107 2.84 28.25 33.20
C ARG H 107 4.18 28.67 33.78
N PRO H 108 5.16 29.02 32.95
CA PRO H 108 6.55 29.14 33.44
C PRO H 108 6.71 30.14 34.57
N ALA H 109 7.62 29.83 35.50
CA ALA H 109 7.84 30.63 36.69
C ALA H 109 8.76 31.82 36.46
N THR H 110 9.49 31.87 35.35
CA THR H 110 10.32 33.03 35.04
C THR H 110 9.43 34.19 34.65
N GLY H 111 8.67 34.04 33.58
CA GLY H 111 7.64 35.00 33.25
C GLY H 111 6.32 34.60 33.88
N ALA H 112 6.28 34.58 35.20
CA ALA H 112 5.13 34.03 35.90
C ALA H 112 3.85 34.73 35.46
N VAL H 113 2.80 33.93 35.27
CA VAL H 113 1.52 34.39 34.78
C VAL H 113 0.54 34.35 35.94
N ALA H 114 -0.11 35.47 36.20
CA ALA H 114 -1.09 35.59 37.26
C ALA H 114 -2.50 35.59 36.68
N ARG H 115 -3.48 35.80 37.54
CA ARG H 115 -4.88 35.73 37.13
C ARG H 115 -5.67 36.74 37.93
N ILE H 116 -6.70 37.29 37.30
CA ILE H 116 -7.60 38.26 37.92
C ILE H 116 -8.99 38.06 37.36
N LEU H 117 -9.94 37.71 38.21
CA LEU H 117 -11.36 37.75 37.87
C LEU H 117 -11.86 39.17 38.07
N GLY H 118 -12.72 39.63 37.17
CA GLY H 118 -13.23 40.97 37.22
C GLY H 118 -14.75 41.01 37.19
N ASP H 119 -15.29 42.17 37.51
CA ASP H 119 -16.71 42.43 37.37
C ASP H 119 -16.92 43.33 36.16
N VAL H 120 -17.92 42.99 35.35
CA VAL H 120 -18.21 43.71 34.12
C VAL H 120 -19.03 44.94 34.44
N TYR H 121 -18.52 46.11 34.07
CA TYR H 121 -19.19 47.38 34.25
C TYR H 121 -19.55 47.94 32.87
N LEU H 122 -20.30 49.00 32.86
CA LEU H 122 -20.57 49.72 31.64
C LEU H 122 -19.58 50.87 31.52
N PRO H 123 -19.24 51.30 30.31
CA PRO H 123 -18.27 52.39 30.17
C PRO H 123 -18.70 53.65 30.87
N ASP H 124 -20.02 53.86 30.98
CA ASP H 124 -20.51 55.03 31.71
C ASP H 124 -20.14 54.98 33.18
N GLY H 125 -20.19 53.79 33.78
CA GLY H 125 -19.77 53.64 35.16
C GLY H 125 -20.63 52.71 35.98
N ASN H 126 -21.86 52.45 35.53
CA ASN H 126 -22.75 51.59 36.29
C ASN H 126 -22.36 50.13 36.08
N PRO H 127 -22.59 49.28 37.08
CA PRO H 127 -22.31 47.84 36.91
C PRO H 127 -23.27 47.23 35.89
N PHE H 128 -22.75 46.36 35.04
CA PHE H 128 -23.57 45.70 34.05
C PHE H 128 -24.46 44.67 34.72
N LYS H 129 -25.77 44.84 34.62
CA LYS H 129 -26.69 43.89 35.22
C LYS H 129 -26.77 42.57 34.47
N GLY H 130 -26.19 42.48 33.28
CA GLY H 130 -26.15 41.24 32.54
C GLY H 130 -25.03 40.29 32.91
N ASP H 131 -24.20 40.66 33.88
CA ASP H 131 -23.07 39.84 34.28
C ASP H 131 -23.51 38.78 35.28
N PRO H 132 -23.27 37.49 35.01
CA PRO H 132 -23.70 36.46 35.97
C PRO H 132 -23.12 36.64 37.36
N ARG H 133 -21.89 37.14 37.47
CA ARG H 133 -21.31 37.41 38.77
C ARG H 133 -22.14 38.41 39.54
N TYR H 134 -22.65 39.43 38.84
CA TYR H 134 -23.53 40.41 39.46
C TYR H 134 -24.84 39.76 39.92
N VAL H 135 -25.36 38.81 39.15
CA VAL H 135 -26.58 38.11 39.54
C VAL H 135 -26.35 37.33 40.82
N LEU H 136 -25.22 36.63 40.92
CA LEU H 136 -24.92 35.88 42.13
C LEU H 136 -24.74 36.82 43.32
N LYS H 137 -24.10 37.97 43.10
CA LYS H 137 -23.99 38.94 44.18
C LYS H 137 -25.36 39.43 44.64
N THR H 138 -26.23 39.78 43.70
CA THR H 138 -27.56 40.26 44.10
C THR H 138 -28.30 39.17 44.87
N ALA H 139 -28.11 37.91 44.49
CA ALA H 139 -28.69 36.81 45.27
C ALA H 139 -28.10 36.78 46.68
N ILE H 140 -26.80 37.04 46.81
CA ILE H 140 -26.18 37.03 48.13
C ILE H 140 -26.72 38.16 49.02
N LYS H 141 -27.12 39.29 48.44
CA LYS H 141 -27.67 40.37 49.27
C LYS H 141 -28.96 39.95 49.95
N GLU H 142 -29.82 39.20 49.26
CA GLU H 142 -31.05 38.76 49.93
C GLU H 142 -30.74 37.83 51.10
N ALA H 143 -29.77 36.92 50.92
CA ALA H 143 -29.37 36.07 52.04
C ALA H 143 -28.84 36.91 53.20
N GLU H 144 -28.03 37.92 52.90
CA GLU H 144 -27.56 38.82 53.96
C GLU H 144 -28.73 39.49 54.66
N LYS H 145 -29.73 39.93 53.89
CA LYS H 145 -30.89 40.57 54.48
C LYS H 145 -31.62 39.64 55.43
N MET H 146 -31.70 38.36 55.09
CA MET H 146 -32.29 37.37 55.98
C MET H 146 -31.32 36.82 57.01
N GLY H 147 -30.07 37.26 56.99
CA GLY H 147 -29.10 36.88 57.99
C GLY H 147 -28.33 35.62 57.71
N PHE H 148 -28.35 35.12 56.49
CA PHE H 148 -27.71 33.85 56.14
C PHE H 148 -26.49 34.11 55.25
N SER H 149 -25.73 33.05 55.01
CA SER H 149 -24.63 33.10 54.06
C SER H 149 -24.52 31.71 53.45
N MET H 150 -24.83 31.60 52.16
CA MET H 150 -24.83 30.29 51.51
C MET H 150 -23.42 29.74 51.41
N ASN H 151 -23.26 28.47 51.79
CA ASN H 151 -22.03 27.73 51.62
C ASN H 151 -22.31 26.58 50.66
N VAL H 152 -21.39 26.33 49.73
CA VAL H 152 -21.59 25.26 48.76
C VAL H 152 -20.25 24.71 48.35
N GLY H 153 -20.18 23.38 48.24
CA GLY H 153 -19.05 22.71 47.65
C GLY H 153 -19.52 21.76 46.57
N PRO H 154 -19.19 22.04 45.30
CA PRO H 154 -19.67 21.19 44.22
C PRO H 154 -18.76 19.99 43.96
N GLU H 155 -19.39 18.95 43.43
CA GLU H 155 -18.71 17.73 43.02
C GLU H 155 -18.59 17.76 41.51
N LEU H 156 -17.44 18.16 41.00
CA LEU H 156 -17.24 18.31 39.57
C LEU H 156 -16.64 17.03 39.01
N GLU H 157 -17.39 16.33 38.17
CA GLU H 157 -16.96 15.13 37.50
C GLU H 157 -16.56 15.45 36.06
N PHE H 158 -15.59 14.72 35.55
CA PHE H 158 -15.12 14.96 34.20
C PHE H 158 -14.66 13.66 33.59
N PHE H 159 -14.42 13.70 32.28
CA PHE H 159 -13.97 12.56 31.51
C PHE H 159 -12.60 12.86 30.95
N LEU H 160 -11.71 11.89 30.97
CA LEU H 160 -10.37 12.02 30.41
C LEU H 160 -10.33 11.18 29.14
N PHE H 161 -10.34 11.85 28.00
CA PHE H 161 -10.27 11.20 26.70
C PHE H 161 -8.91 11.45 26.07
N LYS H 162 -8.66 10.78 24.96
CA LYS H 162 -7.40 10.92 24.25
C LYS H 162 -7.45 12.08 23.27
N LEU H 163 -6.27 12.52 22.85
CA LEU H 163 -6.12 13.53 21.82
C LEU H 163 -5.64 12.86 20.53
N ASP H 164 -6.16 13.32 19.40
CA ASP H 164 -5.74 12.74 18.13
C ASP H 164 -4.39 13.34 17.71
N ALA H 165 -4.00 13.06 16.46
CA ALA H 165 -2.70 13.49 15.98
C ALA H 165 -2.53 15.00 16.05
N ASN H 166 -3.60 15.74 15.77
CA ASN H 166 -3.55 17.19 15.76
C ASN H 166 -3.71 17.82 17.15
N GLY H 167 -3.94 17.01 18.18
CA GLY H 167 -4.22 17.55 19.49
C GLY H 167 -5.65 17.96 19.70
N ASN H 168 -6.56 17.49 18.85
CA ASN H 168 -7.96 17.84 18.97
C ASN H 168 -8.68 16.89 19.93
N PRO H 169 -9.73 17.35 20.61
CA PRO H 169 -10.48 16.46 21.49
C PRO H 169 -11.04 15.26 20.73
N THR H 170 -11.04 14.12 21.38
CA THR H 170 -11.72 12.91 20.92
C THR H 170 -12.60 12.39 22.05
N THR H 171 -13.32 11.31 21.75
CA THR H 171 -14.13 10.62 22.75
C THR H 171 -13.56 9.24 23.06
N GLU H 172 -12.30 9.00 22.71
CA GLU H 172 -11.64 7.73 22.96
C GLU H 172 -11.32 7.59 24.44
N LEU H 173 -11.61 6.43 25.00
CA LEU H 173 -11.38 6.20 26.42
C LEU H 173 -9.89 6.12 26.70
N THR H 174 -9.47 6.70 27.83
CA THR H 174 -8.11 6.55 28.31
C THR H 174 -7.94 5.35 29.21
N ASP H 175 -9.03 4.78 29.71
CA ASP H 175 -9.00 3.55 30.49
C ASP H 175 -10.42 3.00 30.55
N GLN H 176 -10.52 1.75 31.01
CA GLN H 176 -11.80 1.05 31.11
C GLN H 176 -12.23 0.86 32.56
N GLY H 177 -11.62 1.60 33.49
CA GLY H 177 -11.86 1.36 34.89
C GLY H 177 -13.26 1.73 35.32
N GLY H 178 -13.52 1.53 36.60
CA GLY H 178 -14.81 1.85 37.17
C GLY H 178 -14.68 2.66 38.45
N TYR H 179 -15.65 2.55 39.33
CA TYR H 179 -15.65 3.32 40.57
C TYR H 179 -14.54 2.85 41.50
N PHE H 180 -13.72 3.80 41.95
CA PHE H 180 -12.66 3.52 42.92
C PHE H 180 -11.66 2.50 42.42
N ASP H 181 -11.51 2.36 41.11
CA ASP H 181 -10.62 1.33 40.59
C ASP H 181 -9.17 1.78 40.69
N PHE H 182 -8.31 0.82 41.02
CA PHE H 182 -6.88 1.01 41.18
C PHE H 182 -6.16 0.69 39.87
N ALA H 183 -4.94 1.18 39.74
CA ALA H 183 -4.19 0.96 38.52
C ALA H 183 -3.82 -0.52 38.38
N PRO H 184 -3.67 -1.02 37.14
CA PRO H 184 -3.72 -0.33 35.86
C PRO H 184 -5.13 -0.22 35.27
N LEU H 185 -6.17 -0.62 36.01
CA LEU H 185 -7.53 -0.33 35.57
C LEU H 185 -7.77 1.17 35.52
N ASP H 186 -7.27 1.90 36.52
CA ASP H 186 -7.30 3.36 36.53
C ASP H 186 -5.96 3.86 36.02
N ARG H 187 -5.99 4.64 34.93
CA ARG H 187 -4.77 5.06 34.24
C ARG H 187 -4.58 6.57 34.28
N ALA H 188 -5.21 7.27 35.23
CA ALA H 188 -5.06 8.72 35.35
C ALA H 188 -4.58 9.11 36.74
N GLN H 189 -3.82 8.25 37.40
CA GLN H 189 -3.27 8.61 38.70
C GLN H 189 -2.32 9.79 38.60
N ASP H 190 -1.47 9.83 37.57
CA ASP H 190 -0.56 10.95 37.41
C ASP H 190 -1.32 12.22 37.05
N VAL H 191 -2.33 12.11 36.18
CA VAL H 191 -3.10 13.28 35.80
C VAL H 191 -3.85 13.84 37.00
N ARG H 192 -4.50 12.99 37.79
CA ARG H 192 -5.20 13.46 38.98
C ARG H 192 -4.23 14.02 40.01
N ARG H 193 -3.05 13.41 40.15
CA ARG H 193 -2.07 13.92 41.09
C ARG H 193 -1.63 15.32 40.73
N ASP H 194 -1.34 15.54 39.45
CA ASP H 194 -0.90 16.87 39.04
C ASP H 194 -2.03 17.87 39.04
N ILE H 195 -3.26 17.44 38.76
CA ILE H 195 -4.42 18.33 38.90
C ILE H 195 -4.58 18.75 40.35
N ASP H 196 -4.43 17.81 41.28
CA ASP H 196 -4.51 18.14 42.69
C ASP H 196 -3.42 19.12 43.10
N TYR H 197 -2.20 18.92 42.61
CA TYR H 197 -1.13 19.86 42.89
C TYR H 197 -1.45 21.26 42.38
N ALA H 198 -1.91 21.35 41.13
CA ALA H 198 -2.23 22.65 40.54
C ALA H 198 -3.36 23.33 41.30
N LEU H 199 -4.40 22.59 41.64
CA LEU H 199 -5.52 23.15 42.39
C LEU H 199 -5.06 23.62 43.76
N GLU H 200 -4.20 22.84 44.42
CA GLU H 200 -3.68 23.27 45.72
C GLU H 200 -2.88 24.55 45.59
N HIS H 201 -2.14 24.72 44.50
CA HIS H 201 -1.41 25.96 44.27
C HIS H 201 -2.34 27.14 44.02
N MET H 202 -3.59 26.90 43.61
CA MET H 202 -4.56 27.95 43.37
C MET H 202 -5.52 28.16 44.54
N GLY H 203 -5.17 27.68 45.72
CA GLY H 203 -5.97 27.92 46.91
C GLY H 203 -7.09 26.94 47.16
N PHE H 204 -7.19 25.87 46.39
CA PHE H 204 -8.17 24.82 46.66
C PHE H 204 -7.70 23.96 47.81
N GLN H 205 -8.65 23.52 48.63
CA GLN H 205 -8.39 22.49 49.64
C GLN H 205 -8.96 21.19 49.11
N ILE H 206 -8.08 20.33 48.60
CA ILE H 206 -8.53 19.06 48.03
C ILE H 206 -9.05 18.17 49.15
N GLU H 207 -10.23 17.60 48.93
CA GLU H 207 -10.83 16.69 49.90
C GLU H 207 -10.53 15.24 49.54
N ALA H 208 -10.83 14.85 48.30
CA ALA H 208 -10.61 13.49 47.83
C ALA H 208 -10.56 13.51 46.32
N SER H 209 -9.98 12.45 45.75
CA SER H 209 -9.89 12.32 44.30
C SER H 209 -9.94 10.84 43.97
N HIS H 210 -10.75 10.47 42.98
CA HIS H 210 -10.95 9.07 42.70
C HIS H 210 -11.45 8.88 41.27
N HIS H 211 -11.45 7.63 40.83
CA HIS H 211 -12.05 7.20 39.58
C HIS H 211 -13.54 6.99 39.81
N GLU H 212 -14.35 7.47 38.88
CA GLU H 212 -15.80 7.43 39.01
C GLU H 212 -16.37 6.29 38.17
N VAL H 213 -17.70 6.17 38.18
CA VAL H 213 -18.35 4.94 37.71
C VAL H 213 -18.05 4.71 36.23
N ALA H 214 -18.22 5.72 35.40
CA ALA H 214 -18.02 5.54 33.98
C ALA H 214 -16.55 5.30 33.67
N PRO H 215 -16.24 4.58 32.60
CA PRO H 215 -14.84 4.38 32.23
C PRO H 215 -14.17 5.69 31.88
N SER H 216 -12.98 5.90 32.44
CA SER H 216 -12.18 7.10 32.25
C SER H 216 -12.87 8.36 32.75
N GLN H 217 -13.75 8.24 33.74
CA GLN H 217 -14.39 9.39 34.37
C GLN H 217 -13.86 9.53 35.79
N HIS H 218 -13.53 10.77 36.16
CA HIS H 218 -12.89 11.05 37.44
C HIS H 218 -13.61 12.17 38.14
N GLU H 219 -13.37 12.26 39.44
CA GLU H 219 -13.99 13.26 40.30
C GLU H 219 -12.95 13.74 41.29
N ILE H 220 -12.87 15.06 41.47
CA ILE H 220 -11.98 15.67 42.46
C ILE H 220 -12.86 16.55 43.33
N ASP H 221 -12.90 16.26 44.63
CA ASP H 221 -13.70 17.06 45.54
C ASP H 221 -12.81 18.02 46.32
N PHE H 222 -13.29 19.25 46.48
CA PHE H 222 -12.57 20.28 47.21
C PHE H 222 -13.49 20.91 48.23
N ARG H 223 -12.88 21.53 49.23
CA ARG H 223 -13.64 22.02 50.38
C ARG H 223 -14.62 23.10 49.97
N PHE H 224 -15.75 23.16 50.67
CA PHE H 224 -16.77 24.16 50.40
C PHE H 224 -16.37 25.52 50.96
N GLY H 225 -17.03 26.55 50.46
CA GLY H 225 -16.80 27.92 50.90
C GLY H 225 -18.01 28.77 50.61
N ASP H 226 -17.80 30.08 50.56
CA ASP H 226 -18.87 31.01 50.22
C ASP H 226 -19.24 30.85 48.75
N VAL H 227 -20.47 31.26 48.41
CA VAL H 227 -20.98 31.03 47.06
C VAL H 227 -20.12 31.74 46.02
N LEU H 228 -19.71 32.97 46.31
CA LEU H 228 -18.88 33.71 45.36
C LEU H 228 -17.57 32.96 45.11
N CYS H 229 -16.86 32.65 46.19
CA CYS H 229 -15.58 31.96 46.07
C CYS H 229 -15.77 30.60 45.42
N THR H 230 -16.90 29.95 45.68
CA THR H 230 -17.12 28.61 45.15
C THR H 230 -17.45 28.65 43.66
N ALA H 231 -18.17 29.66 43.20
CA ALA H 231 -18.40 29.81 41.77
C ALA H 231 -17.10 30.13 41.04
N ASP H 232 -16.30 31.03 41.61
CA ASP H 232 -14.99 31.29 41.04
C ASP H 232 -14.15 30.03 41.00
N ASN H 233 -14.22 29.23 42.07
CA ASN H 233 -13.51 27.96 42.11
C ASN H 233 -14.04 26.99 41.06
N VAL H 234 -15.34 27.00 40.78
CA VAL H 234 -15.87 26.08 39.79
C VAL H 234 -15.29 26.41 38.42
N VAL H 235 -15.35 27.68 38.02
CA VAL H 235 -14.82 28.05 36.71
C VAL H 235 -13.31 27.79 36.65
N THR H 236 -12.60 28.16 37.71
CA THR H 236 -11.18 27.89 37.80
C THR H 236 -10.92 26.40 37.63
N PHE H 237 -11.39 25.60 38.59
CA PHE H 237 -11.25 24.15 38.54
C PHE H 237 -11.43 23.63 37.12
N LYS H 238 -12.48 24.09 36.43
CA LYS H 238 -12.71 23.59 35.08
C LYS H 238 -11.53 23.89 34.17
N TYR H 239 -11.10 25.15 34.11
CA TYR H 239 -10.05 25.43 33.12
C TYR H 239 -8.68 24.93 33.58
N VAL H 240 -8.46 24.84 34.90
CA VAL H 240 -7.24 24.23 35.42
C VAL H 240 -7.16 22.78 35.00
N VAL H 241 -8.26 22.04 35.18
CA VAL H 241 -8.27 20.63 34.82
C VAL H 241 -8.05 20.47 33.32
N LYS H 242 -8.73 21.29 32.52
CA LYS H 242 -8.56 21.19 31.07
C LYS H 242 -7.12 21.47 30.66
N SER H 243 -6.49 22.49 31.24
CA SER H 243 -5.12 22.82 30.86
C SER H 243 -4.14 21.73 31.29
N ILE H 244 -4.29 21.22 32.50
CA ILE H 244 -3.39 20.16 32.98
C ILE H 244 -3.52 18.93 32.09
N ALA H 245 -4.77 18.54 31.79
CA ALA H 245 -4.99 17.39 30.92
C ALA H 245 -4.37 17.60 29.55
N TYR H 246 -4.56 18.79 28.99
CA TYR H 246 -4.00 19.07 27.68
C TYR H 246 -2.49 18.96 27.69
N HIS H 247 -1.84 19.49 28.72
CA HIS H 247 -0.38 19.45 28.79
C HIS H 247 0.16 18.06 29.07
N LYS H 248 -0.64 17.18 29.68
CA LYS H 248 -0.23 15.80 29.88
C LYS H 248 -0.62 14.88 28.74
N GLY H 249 -1.24 15.40 27.68
CA GLY H 249 -1.54 14.63 26.49
C GLY H 249 -3.00 14.27 26.31
N TYR H 250 -3.82 14.43 27.34
CA TYR H 250 -5.22 14.02 27.28
C TYR H 250 -6.12 15.23 27.08
N TYR H 251 -7.42 14.99 27.14
CA TYR H 251 -8.41 16.05 27.06
C TYR H 251 -9.44 15.81 28.15
N ALA H 252 -9.65 16.81 28.98
CA ALA H 252 -10.68 16.74 30.02
C ALA H 252 -11.97 17.38 29.52
N SER H 253 -13.05 16.63 29.63
CA SER H 253 -14.34 17.08 29.12
C SER H 253 -15.35 17.10 30.25
N PHE H 254 -16.06 18.21 30.39
CA PHE H 254 -17.16 18.36 31.33
C PHE H 254 -18.51 18.27 30.64
N MET H 255 -18.57 17.53 29.55
CA MET H 255 -19.81 17.23 28.86
C MET H 255 -20.63 16.27 29.73
N PRO H 256 -21.89 16.58 30.03
CA PRO H 256 -22.63 15.71 30.98
C PRO H 256 -22.79 14.28 30.52
N LYS H 257 -23.05 14.04 29.23
CA LYS H 257 -23.31 12.69 28.70
C LYS H 257 -22.54 12.50 27.41
N PRO H 258 -21.24 12.32 27.46
CA PRO H 258 -20.47 12.14 26.23
C PRO H 258 -20.58 10.74 25.66
N LEU H 259 -20.95 9.77 26.50
CA LEU H 259 -21.04 8.38 26.12
C LEU H 259 -22.39 7.83 26.53
N PHE H 260 -22.97 7.00 25.65
CA PHE H 260 -24.26 6.39 25.92
C PHE H 260 -24.07 5.09 26.69
N GLY H 261 -25.03 4.78 27.55
CA GLY H 261 -25.02 3.52 28.27
C GLY H 261 -24.11 3.49 29.48
N VAL H 262 -23.44 4.59 29.79
CA VAL H 262 -22.58 4.68 30.96
C VAL H 262 -22.95 5.94 31.71
N ASN H 263 -22.51 6.01 32.96
CA ASN H 263 -22.83 7.14 33.81
C ASN H 263 -22.42 8.45 33.12
N GLY H 264 -23.06 9.54 33.55
CA GLY H 264 -22.75 10.86 33.06
C GLY H 264 -22.13 11.71 34.15
N SER H 265 -21.63 12.87 33.75
CA SER H 265 -20.96 13.80 34.65
C SER H 265 -21.95 14.80 35.19
N GLY H 266 -21.99 14.96 36.52
CA GLY H 266 -22.88 15.91 37.13
C GLY H 266 -22.13 16.76 38.14
N MET H 267 -22.67 17.95 38.38
CA MET H 267 -22.14 18.87 39.38
C MET H 267 -23.11 18.86 40.55
N HIS H 268 -22.89 17.95 41.49
CA HIS H 268 -23.75 17.86 42.67
C HIS H 268 -23.49 19.09 43.53
N SER H 269 -24.51 19.92 43.69
CA SER H 269 -24.40 21.15 44.46
C SER H 269 -24.80 20.86 45.90
N ASN H 270 -23.83 20.75 46.79
CA ASN H 270 -24.08 20.63 48.21
C ASN H 270 -24.17 22.03 48.80
N GLN H 271 -25.26 22.31 49.51
CA GLN H 271 -25.52 23.63 50.06
C GLN H 271 -25.81 23.55 51.55
N SER H 272 -25.46 24.61 52.26
CA SER H 272 -25.78 24.74 53.67
C SER H 272 -25.78 26.21 54.07
N LEU H 273 -26.84 26.66 54.71
CA LEU H 273 -26.89 28.02 55.22
C LEU H 273 -26.15 28.09 56.55
N PHE H 274 -25.38 29.17 56.71
CA PHE H 274 -24.57 29.42 57.89
C PHE H 274 -25.00 30.74 58.51
N LYS H 275 -25.16 30.74 59.83
CA LYS H 275 -25.55 31.95 60.55
C LYS H 275 -24.77 32.01 61.85
N ASP H 276 -24.01 33.08 62.04
CA ASP H 276 -23.12 33.21 63.18
C ASP H 276 -22.09 32.09 63.21
N GLY H 277 -21.60 31.73 62.02
CA GLY H 277 -20.59 30.69 61.92
C GLY H 277 -21.05 29.33 62.40
N LYS H 278 -22.34 29.05 62.28
CA LYS H 278 -22.90 27.77 62.68
C LYS H 278 -23.81 27.26 61.57
N ASN H 279 -23.86 25.95 61.40
CA ASN H 279 -24.70 25.34 60.38
C ASN H 279 -26.16 25.47 60.79
N VAL H 280 -26.92 26.30 60.07
CA VAL H 280 -28.33 26.48 60.37
C VAL H 280 -29.12 25.22 60.05
N PHE H 281 -28.61 24.41 59.13
CA PHE H 281 -29.32 23.21 58.71
C PHE H 281 -29.21 22.08 59.72
N TYR H 282 -28.40 22.22 60.76
CA TYR H 282 -28.18 21.19 61.75
C TYR H 282 -29.02 21.45 63.00
N ASP H 283 -29.68 20.40 63.49
CA ASP H 283 -30.45 20.48 64.72
C ASP H 283 -30.37 19.15 65.46
N PRO H 284 -29.48 19.01 66.44
CA PRO H 284 -29.31 17.70 67.08
C PRO H 284 -30.56 17.21 67.81
N ASP H 285 -31.46 18.10 68.21
CA ASP H 285 -32.60 17.69 69.03
C ASP H 285 -33.70 17.04 68.21
N THR H 286 -33.92 17.51 67.00
CA THR H 286 -34.96 16.99 66.12
C THR H 286 -34.52 15.69 65.47
N PRO H 287 -35.45 14.78 65.17
CA PRO H 287 -35.07 13.55 64.46
C PRO H 287 -34.53 13.86 63.08
N THR H 288 -33.62 13.01 62.63
CA THR H 288 -32.85 13.18 61.40
C THR H 288 -31.81 14.28 61.53
N LYS H 289 -31.77 14.99 62.66
CA LYS H 289 -30.78 16.04 62.91
C LYS H 289 -30.79 17.07 61.78
N LEU H 290 -31.99 17.49 61.40
CA LEU H 290 -32.20 18.46 60.35
C LEU H 290 -33.11 19.57 60.86
N SER H 291 -32.61 20.79 60.91
CA SER H 291 -33.41 21.91 61.39
C SER H 291 -34.57 22.15 60.45
N GLN H 292 -35.63 22.78 60.97
CA GLN H 292 -36.80 23.03 60.14
C GLN H 292 -36.48 24.03 59.04
N ASP H 293 -35.45 24.87 59.24
CA ASP H 293 -35.00 25.74 58.16
C ASP H 293 -34.49 24.93 56.98
N ALA H 294 -33.78 23.83 57.25
CA ALA H 294 -33.37 22.94 56.17
C ALA H 294 -34.57 22.36 55.45
N MET H 295 -35.62 22.00 56.21
CA MET H 295 -36.83 21.47 55.59
C MET H 295 -37.48 22.51 54.68
N TYR H 296 -37.59 23.75 55.15
CA TYR H 296 -38.17 24.80 54.31
C TYR H 296 -37.33 25.07 53.08
N TYR H 297 -36.01 25.06 53.25
CA TYR H 297 -35.12 25.26 52.11
C TYR H 297 -35.31 24.16 51.08
N ILE H 298 -35.47 22.92 51.54
CA ILE H 298 -35.75 21.81 50.62
C ILE H 298 -37.07 22.03 49.91
N GLY H 299 -38.09 22.45 50.67
CA GLY H 299 -39.40 22.68 50.08
C GLY H 299 -39.40 23.77 49.03
N GLY H 300 -38.69 24.87 49.29
CA GLY H 300 -38.51 25.90 48.28
C GLY H 300 -37.68 25.48 47.11
N LEU H 301 -36.68 24.62 47.32
CA LEU H 301 -35.87 24.11 46.22
C LEU H 301 -36.71 23.22 45.31
N LEU H 302 -37.58 22.40 45.88
CA LEU H 302 -38.37 21.49 45.07
C LEU H 302 -39.47 22.20 44.30
N LYS H 303 -40.08 23.25 44.86
CA LYS H 303 -41.18 23.93 44.20
C LYS H 303 -40.73 24.75 43.00
N HIS H 304 -39.44 25.06 42.91
CA HIS H 304 -38.92 25.94 41.88
C HIS H 304 -37.93 25.27 40.94
N ILE H 305 -37.56 24.01 41.17
CA ILE H 305 -36.53 23.39 40.35
C ILE H 305 -36.98 23.27 38.90
N ARG H 306 -38.25 22.96 38.66
CA ARG H 306 -38.71 22.82 37.28
C ARG H 306 -38.55 24.11 36.50
N GLU H 307 -38.63 25.26 37.17
CA GLU H 307 -38.59 26.54 36.47
C GLU H 307 -37.19 26.85 35.95
N PHE H 308 -36.16 26.55 36.74
CA PHE H 308 -34.79 26.85 36.36
C PHE H 308 -33.96 25.61 36.12
N THR H 309 -34.59 24.52 35.67
CA THR H 309 -33.84 23.39 35.16
C THR H 309 -33.10 23.72 33.87
N ALA H 310 -33.50 24.80 33.20
CA ALA H 310 -32.83 25.19 31.96
C ALA H 310 -31.46 25.81 32.21
N VAL H 311 -31.17 26.23 33.46
CA VAL H 311 -29.86 26.81 33.76
C VAL H 311 -28.99 25.74 34.39
N THR H 312 -29.58 24.91 35.25
CA THR H 312 -28.82 23.81 35.85
C THR H 312 -28.42 22.79 34.80
N ASN H 313 -29.32 22.52 33.86
CA ASN H 313 -29.13 21.54 32.79
C ASN H 313 -29.34 22.26 31.47
N PRO H 314 -28.35 23.02 30.98
CA PRO H 314 -28.62 24.02 29.94
C PRO H 314 -28.36 23.59 28.50
N VAL H 315 -27.76 22.44 28.25
CA VAL H 315 -27.44 22.03 26.90
C VAL H 315 -28.36 20.87 26.52
N VAL H 316 -28.38 20.56 25.23
CA VAL H 316 -29.19 19.45 24.76
C VAL H 316 -28.69 18.14 25.34
N ASN H 317 -27.37 18.01 25.48
CA ASN H 317 -26.77 16.81 26.02
C ASN H 317 -27.03 16.64 27.51
N SER H 318 -27.46 17.70 28.20
CA SER H 318 -27.70 17.62 29.63
C SER H 318 -28.85 16.67 29.95
N TYR H 319 -29.78 16.51 29.01
CA TYR H 319 -30.96 15.69 29.23
C TYR H 319 -30.80 14.28 28.71
N LYS H 320 -29.69 13.98 28.04
CA LYS H 320 -29.29 12.58 27.84
C LYS H 320 -28.73 11.99 29.12
N ARG H 321 -28.26 12.86 30.02
CA ARG H 321 -27.81 12.42 31.33
C ARG H 321 -28.98 12.11 32.25
N LEU H 322 -30.07 12.86 32.14
CA LEU H 322 -31.21 12.71 33.04
C LEU H 322 -32.10 11.57 32.54
N VAL H 323 -31.54 10.37 32.61
CA VAL H 323 -32.28 9.15 32.27
C VAL H 323 -32.12 8.20 33.46
N PRO H 324 -33.06 7.31 33.71
CA PRO H 324 -32.97 6.47 34.91
C PRO H 324 -31.89 5.41 34.80
N GLY H 325 -31.34 5.04 35.94
CA GLY H 325 -30.41 3.93 36.04
C GLY H 325 -28.94 4.32 36.08
N TYR H 326 -28.61 5.60 36.25
CA TYR H 326 -27.22 6.03 36.26
C TYR H 326 -26.97 7.03 37.38
N GLU H 327 -27.76 6.96 38.44
CA GLU H 327 -27.55 7.82 39.61
C GLU H 327 -27.64 9.29 39.25
N ALA H 328 -28.38 9.60 38.20
CA ALA H 328 -28.72 10.95 37.84
C ALA H 328 -30.22 11.13 38.04
N PRO H 329 -30.67 12.18 38.72
CA PRO H 329 -32.10 12.29 39.04
C PRO H 329 -32.95 12.37 37.79
N VAL H 330 -34.15 11.80 37.90
CA VAL H 330 -35.17 11.92 36.86
C VAL H 330 -36.47 12.50 37.39
N TYR H 331 -36.68 12.49 38.71
CA TYR H 331 -37.95 12.88 39.32
C TYR H 331 -37.68 13.85 40.45
N ILE H 332 -38.70 14.60 40.83
CA ILE H 332 -38.59 15.64 41.84
C ILE H 332 -38.97 15.01 43.17
N SER H 333 -37.97 14.71 43.98
CA SER H 333 -38.17 14.07 45.27
C SER H 333 -36.95 14.37 46.13
N TRP H 334 -37.00 13.94 47.38
CA TRP H 334 -35.88 14.13 48.30
C TRP H 334 -35.88 13.01 49.32
N SER H 335 -34.70 12.51 49.65
CA SER H 335 -34.57 11.45 50.64
C SER H 335 -33.15 11.40 51.15
N ALA H 336 -32.98 10.81 52.33
CA ALA H 336 -31.67 10.74 52.96
C ALA H 336 -30.88 9.56 52.41
N GLN H 337 -29.66 9.83 51.96
CA GLN H 337 -28.75 8.82 51.44
C GLN H 337 -29.26 8.17 50.17
N ASN H 338 -30.33 8.69 49.60
CA ASN H 338 -30.92 8.13 48.38
C ASN H 338 -30.24 8.76 47.18
N ARG H 339 -29.40 7.99 46.49
CA ARG H 339 -28.69 8.45 45.31
C ARG H 339 -29.52 8.30 44.04
N SER H 340 -30.79 7.93 44.18
CA SER H 340 -31.73 7.92 43.07
C SER H 340 -32.71 9.09 43.13
N SER H 341 -32.51 10.02 44.05
CA SER H 341 -33.46 11.09 44.29
C SER H 341 -32.86 12.44 43.91
N LEU H 342 -33.75 13.40 43.69
CA LEU H 342 -33.36 14.73 43.25
C LEU H 342 -32.48 15.41 44.29
N ILE H 343 -32.88 15.33 45.55
CA ILE H 343 -32.21 16.02 46.66
C ILE H 343 -31.81 14.96 47.68
N ARG H 344 -30.55 14.54 47.64
CA ARG H 344 -30.05 13.63 48.64
C ARG H 344 -29.61 14.39 49.88
N ILE H 345 -29.72 13.76 51.03
CA ILE H 345 -29.20 14.30 52.28
C ILE H 345 -28.11 13.36 52.78
N PRO H 346 -26.83 13.67 52.57
CA PRO H 346 -25.79 12.76 53.04
C PRO H 346 -25.90 12.48 54.53
N ALA H 347 -25.20 11.44 54.98
CA ALA H 347 -25.32 11.00 56.36
C ALA H 347 -24.61 11.94 57.32
N THR H 348 -23.73 12.80 56.81
CA THR H 348 -22.95 13.67 57.67
C THR H 348 -23.85 14.70 58.37
N ARG H 349 -23.60 14.90 59.67
CA ARG H 349 -24.29 15.90 60.47
C ARG H 349 -23.26 16.83 61.11
N GLY H 350 -23.75 17.72 61.96
CA GLY H 350 -22.89 18.77 62.49
C GLY H 350 -22.48 19.72 61.39
N ASN H 351 -21.22 20.14 61.43
CA ASN H 351 -20.66 20.85 60.30
C ASN H 351 -20.52 19.84 59.16
N GLY H 352 -21.42 19.89 58.20
CA GLY H 352 -21.50 18.85 57.18
C GLY H 352 -22.92 18.51 56.82
N THR H 353 -23.88 19.08 57.55
CA THR H 353 -25.30 18.87 57.29
C THR H 353 -25.70 19.71 56.10
N ARG H 354 -25.74 19.10 54.93
CA ARG H 354 -25.97 19.81 53.68
C ARG H 354 -27.14 19.18 52.93
N ILE H 355 -27.60 19.92 51.94
CA ILE H 355 -28.54 19.43 50.94
C ILE H 355 -27.77 19.24 49.64
N GLU H 356 -27.83 18.04 49.06
CA GLU H 356 -27.15 17.76 47.81
C GLU H 356 -28.17 17.77 46.69
N LEU H 357 -28.13 18.81 45.86
CA LEU H 357 -28.92 18.87 44.63
C LEU H 357 -28.13 18.16 43.55
N ARG H 358 -28.62 17.02 43.09
CA ARG H 358 -27.89 16.22 42.11
C ARG H 358 -28.23 16.61 40.67
N CYS H 359 -29.22 17.47 40.48
CA CYS H 359 -29.67 17.87 39.14
C CYS H 359 -28.60 18.53 38.28
N PRO H 360 -27.82 19.50 38.76
CA PRO H 360 -26.99 20.30 37.85
C PRO H 360 -25.95 19.50 37.12
N ASP H 361 -25.53 20.03 35.99
CA ASP H 361 -24.46 19.51 35.17
C ASP H 361 -23.23 20.38 35.33
N PRO H 362 -22.04 19.85 35.01
CA PRO H 362 -20.84 20.70 35.07
C PRO H 362 -20.74 21.66 33.89
N ALA H 363 -21.65 21.58 32.93
CA ALA H 363 -21.66 22.45 31.76
C ALA H 363 -22.55 23.67 31.94
N CYS H 364 -22.87 24.03 33.17
CA CYS H 364 -23.78 25.14 33.46
C CYS H 364 -22.99 26.35 33.92
N ASN H 365 -23.72 27.43 34.21
CA ASN H 365 -23.15 28.65 34.76
C ASN H 365 -23.25 28.60 36.27
N PRO H 366 -22.15 28.42 37.00
CA PRO H 366 -22.26 28.35 38.47
C PRO H 366 -22.85 29.59 39.10
N TYR H 367 -22.60 30.77 38.54
CA TYR H 367 -23.18 31.98 39.11
C TYR H 367 -24.71 31.95 39.05
N LEU H 368 -25.25 31.72 37.86
CA LEU H 368 -26.71 31.68 37.73
C LEU H 368 -27.30 30.52 38.50
N ALA H 369 -26.66 29.35 38.40
CA ALA H 369 -27.20 28.17 39.06
C ALA H 369 -27.26 28.37 40.58
N PHE H 370 -26.15 28.80 41.19
CA PHE H 370 -26.14 29.01 42.62
C PHE H 370 -27.05 30.16 43.03
N ALA H 371 -27.14 31.19 42.20
CA ALA H 371 -28.05 32.28 42.50
C ALA H 371 -29.48 31.78 42.60
N LEU H 372 -29.89 30.93 41.66
CA LEU H 372 -31.26 30.45 41.66
C LEU H 372 -31.52 29.44 42.78
N MET H 373 -30.55 28.57 43.10
CA MET H 373 -30.75 27.71 44.27
C MET H 373 -30.87 28.53 45.54
N LEU H 374 -30.03 29.55 45.70
CA LEU H 374 -30.12 30.39 46.89
C LEU H 374 -31.50 31.05 46.98
N ARG H 375 -31.96 31.64 45.87
CA ARG H 375 -33.24 32.34 45.92
C ARG H 375 -34.38 31.37 46.15
N ALA H 376 -34.33 30.17 45.57
CA ALA H 376 -35.37 29.18 45.82
C ALA H 376 -35.39 28.76 47.27
N GLY H 377 -34.22 28.51 47.85
CA GLY H 377 -34.16 28.15 49.25
C GLY H 377 -34.71 29.25 50.15
N LEU H 378 -34.30 30.50 49.89
CA LEU H 378 -34.80 31.62 50.67
C LEU H 378 -36.28 31.85 50.49
N GLU H 379 -36.84 31.55 49.32
CA GLU H 379 -38.28 31.56 49.13
C GLU H 379 -38.95 30.41 49.86
N GLY H 380 -38.22 29.33 50.14
CA GLY H 380 -38.76 28.25 50.93
C GLY H 380 -38.91 28.63 52.39
N ILE H 381 -37.96 29.43 52.90
CA ILE H 381 -38.03 29.85 54.29
C ILE H 381 -39.09 30.92 54.50
N LYS H 382 -39.15 31.93 53.64
CA LYS H 382 -40.11 33.01 53.82
C LYS H 382 -41.55 32.55 53.77
N ASN H 383 -41.83 31.39 53.18
CA ASN H 383 -43.20 30.91 53.05
C ASN H 383 -43.43 29.58 53.73
N LYS H 384 -42.50 29.11 54.56
CA LYS H 384 -42.65 27.88 55.33
C LYS H 384 -43.19 26.76 54.44
N ILE H 385 -42.49 26.53 53.33
CA ILE H 385 -42.90 25.53 52.35
C ILE H 385 -42.42 24.19 52.86
N ASP H 386 -43.31 23.47 53.52
CA ASP H 386 -42.97 22.13 53.99
C ASP H 386 -43.02 21.15 52.82
N PRO H 387 -41.96 20.39 52.56
CA PRO H 387 -42.04 19.34 51.55
C PRO H 387 -42.76 18.11 52.09
N GLY H 388 -43.19 17.27 51.16
CA GLY H 388 -43.87 16.05 51.55
C GLY H 388 -42.97 15.13 52.32
N GLU H 389 -43.49 13.94 52.61
CA GLU H 389 -42.69 12.91 53.26
C GLU H 389 -41.57 12.49 52.31
N PRO H 390 -40.37 12.22 52.82
CA PRO H 390 -39.28 11.78 51.93
C PRO H 390 -39.60 10.47 51.24
N THR H 391 -39.07 10.28 50.03
CA THR H 391 -39.24 9.05 49.27
C THR H 391 -37.99 8.22 49.46
N ASN H 392 -37.95 7.43 50.54
CA ASN H 392 -36.79 6.60 50.86
C ASN H 392 -36.92 5.25 50.17
N VAL H 393 -36.91 5.30 48.84
CA VAL H 393 -36.95 4.10 48.01
C VAL H 393 -36.20 4.39 46.73
N ASN H 394 -35.96 3.35 45.94
CA ASN H 394 -35.37 3.53 44.61
C ASN H 394 -36.47 4.05 43.69
N ILE H 395 -36.34 5.31 43.26
CA ILE H 395 -37.37 5.93 42.45
C ILE H 395 -37.40 5.36 41.04
N PHE H 396 -36.28 4.85 40.55
CA PHE H 396 -36.23 4.26 39.22
C PHE H 396 -36.95 2.92 39.15
N HIS H 397 -37.06 2.21 40.26
CA HIS H 397 -37.80 0.95 40.33
C HIS H 397 -39.24 1.19 40.77
N LEU H 398 -39.92 2.13 40.13
CA LEU H 398 -41.32 2.41 40.39
C LEU H 398 -42.06 2.52 39.07
N SER H 399 -43.31 2.08 39.06
CA SER H 399 -44.14 2.21 37.88
C SER H 399 -44.67 3.64 37.78
N ASP H 400 -45.19 3.98 36.60
CA ASP H 400 -45.80 5.28 36.43
C ASP H 400 -46.98 5.46 37.37
N LYS H 401 -47.78 4.40 37.53
CA LYS H 401 -48.92 4.48 38.45
C LYS H 401 -48.45 4.71 39.88
N GLU H 402 -47.42 3.99 40.31
CA GLU H 402 -46.89 4.17 41.66
C GLU H 402 -46.42 5.61 41.87
N ARG H 403 -45.64 6.13 40.91
CA ARG H 403 -45.12 7.48 41.05
C ARG H 403 -46.23 8.51 41.06
N GLU H 404 -47.22 8.35 40.18
CA GLU H 404 -48.32 9.31 40.11
C GLU H 404 -49.18 9.28 41.36
N GLU H 405 -49.45 8.09 41.91
CA GLU H 405 -50.24 7.99 43.13
C GLU H 405 -49.47 8.52 44.32
N ARG H 406 -48.15 8.34 44.33
CA ARG H 406 -47.31 8.89 45.40
C ARG H 406 -47.10 10.39 45.25
N GLY H 407 -47.52 10.98 44.13
CA GLY H 407 -47.41 12.42 43.92
C GLY H 407 -46.13 12.86 43.26
N ILE H 408 -45.22 11.95 42.93
CA ILE H 408 -43.92 12.32 42.41
C ILE H 408 -44.06 12.90 41.01
N ARG H 409 -43.40 14.03 40.76
CA ARG H 409 -43.33 14.62 39.43
C ARG H 409 -41.97 14.34 38.82
N SER H 410 -41.86 14.62 37.51
CA SER H 410 -40.64 14.36 36.76
C SER H 410 -40.04 15.67 36.29
N LEU H 411 -38.73 15.64 36.07
CA LEU H 411 -38.01 16.79 35.57
C LEU H 411 -38.31 16.98 34.08
N PRO H 412 -38.06 18.19 33.55
CA PRO H 412 -38.26 18.40 32.12
C PRO H 412 -37.54 17.36 31.25
N ALA H 413 -38.27 16.81 30.29
CA ALA H 413 -37.75 15.67 29.53
C ALA H 413 -36.62 16.08 28.59
N ASP H 414 -36.68 17.29 28.03
CA ASP H 414 -35.67 17.75 27.11
C ASP H 414 -35.49 19.25 27.30
N LEU H 415 -34.57 19.81 26.50
CA LEU H 415 -34.23 21.22 26.63
C LEU H 415 -35.43 22.12 26.38
N LYS H 416 -36.26 21.77 25.40
CA LYS H 416 -37.42 22.61 25.08
C LYS H 416 -38.41 22.65 26.24
N GLU H 417 -38.64 21.52 26.90
CA GLU H 417 -39.55 21.52 28.03
C GLU H 417 -39.04 22.44 29.14
N ALA H 418 -37.74 22.40 29.40
CA ALA H 418 -37.16 23.28 30.41
C ALA H 418 -37.24 24.74 29.98
N ILE H 419 -37.01 25.03 28.70
CA ILE H 419 -37.14 26.39 28.19
C ILE H 419 -38.55 26.91 28.42
N ASP H 420 -39.55 26.07 28.11
CA ASP H 420 -40.94 26.46 28.28
C ASP H 420 -41.27 26.71 29.75
N GLU H 421 -40.81 25.81 30.61
CA GLU H 421 -41.03 25.99 32.04
C GLU H 421 -40.31 27.21 32.58
N MET H 422 -39.24 27.65 31.92
CA MET H 422 -38.44 28.77 32.40
C MET H 422 -39.00 30.10 31.94
N LYS H 423 -39.34 30.24 30.66
CA LYS H 423 -39.83 31.52 30.16
C LYS H 423 -41.16 31.90 30.78
N GLY H 424 -41.97 30.93 31.19
CA GLY H 424 -43.21 31.25 31.87
C GLY H 424 -43.06 31.58 33.34
N SER H 425 -41.83 31.52 33.85
CA SER H 425 -41.59 31.71 35.27
C SER H 425 -41.42 33.18 35.61
N LYS H 426 -42.00 33.57 36.75
CA LYS H 426 -41.81 34.90 37.30
C LYS H 426 -40.71 34.93 38.34
N PHE H 427 -40.53 33.82 39.06
CA PHE H 427 -39.43 33.72 40.02
C PHE H 427 -38.08 33.78 39.33
N VAL H 428 -37.94 33.05 38.22
CA VAL H 428 -36.65 33.00 37.53
C VAL H 428 -36.35 34.34 36.88
N LYS H 429 -37.37 35.01 36.34
CA LYS H 429 -37.17 36.34 35.78
C LYS H 429 -36.75 37.34 36.84
N GLU H 430 -37.36 37.29 38.03
CA GLU H 430 -36.95 38.18 39.10
C GLU H 430 -35.52 37.91 39.53
N ALA H 431 -35.15 36.63 39.65
CA ALA H 431 -33.81 36.27 40.11
C ALA H 431 -32.75 36.69 39.09
N LEU H 432 -32.99 36.39 37.82
CA LEU H 432 -32.01 36.66 36.78
C LEU H 432 -32.01 38.13 36.37
N GLY H 433 -33.17 38.67 36.07
CA GLY H 433 -33.27 40.01 35.53
C GLY H 433 -33.61 39.96 34.04
N GLU H 434 -34.08 41.09 33.52
CA GLU H 434 -34.58 41.12 32.16
C GLU H 434 -33.49 40.72 31.16
N HIS H 435 -32.31 41.32 31.29
CA HIS H 435 -31.26 41.11 30.31
C HIS H 435 -30.80 39.65 30.30
N VAL H 436 -30.45 39.12 31.47
CA VAL H 436 -29.98 37.74 31.55
C VAL H 436 -31.08 36.79 31.13
N PHE H 437 -32.30 37.03 31.63
CA PHE H 437 -33.44 36.20 31.24
C PHE H 437 -33.56 36.10 29.73
N SER H 438 -33.67 37.25 29.05
CA SER H 438 -33.93 37.26 27.63
C SER H 438 -32.76 36.67 26.83
N HIS H 439 -31.53 37.02 27.20
CA HIS H 439 -30.38 36.56 26.45
C HIS H 439 -30.03 35.11 26.75
N TYR H 440 -30.57 34.55 27.83
CA TYR H 440 -30.44 33.12 28.07
C TYR H 440 -31.48 32.36 27.25
N LEU H 441 -32.73 32.82 27.29
CA LEU H 441 -33.75 32.22 26.45
C LEU H 441 -33.30 32.21 24.99
N CYS H 442 -33.10 33.38 24.40
CA CYS H 442 -32.77 33.46 22.98
C CYS H 442 -31.70 32.44 22.59
N ALA H 443 -30.60 32.40 23.34
CA ALA H 443 -29.52 31.48 23.00
C ALA H 443 -29.99 30.04 23.06
N LYS H 444 -30.74 29.68 24.10
CA LYS H 444 -31.17 28.29 24.25
C LYS H 444 -32.19 27.90 23.19
N GLU H 445 -33.07 28.82 22.81
CA GLU H 445 -34.02 28.56 21.75
C GLU H 445 -33.32 28.35 20.41
N MET H 446 -32.31 29.18 20.10
CA MET H 446 -31.56 28.93 18.88
C MET H 446 -30.87 27.58 18.92
N GLU H 447 -30.28 27.23 20.06
CA GLU H 447 -29.68 25.91 20.22
C GLU H 447 -30.68 24.81 19.90
N TRP H 448 -31.86 24.87 20.54
CA TRP H 448 -32.84 23.82 20.34
C TRP H 448 -33.31 23.76 18.91
N ASP H 449 -33.56 24.92 18.29
CA ASP H 449 -34.04 24.92 16.91
C ASP H 449 -32.99 24.36 15.96
N GLU H 450 -31.72 24.59 16.23
CA GLU H 450 -30.68 23.92 15.44
C GLU H 450 -30.71 22.42 15.67
N TYR H 451 -30.99 21.99 16.90
CA TYR H 451 -31.01 20.56 17.22
C TYR H 451 -32.18 19.85 16.56
N LYS H 452 -33.34 20.50 16.50
CA LYS H 452 -34.56 19.85 16.00
C LYS H 452 -34.36 19.29 14.61
N ALA H 453 -33.89 20.13 13.69
CA ALA H 453 -33.86 19.79 12.28
C ALA H 453 -32.56 19.08 11.92
N VAL H 454 -32.21 18.04 12.66
CA VAL H 454 -31.01 17.28 12.38
C VAL H 454 -31.41 15.82 12.23
N VAL H 455 -30.89 15.19 11.20
CA VAL H 455 -31.12 13.77 10.92
C VAL H 455 -29.88 13.04 11.39
N HIS H 456 -29.99 12.34 12.49
CA HIS H 456 -28.84 11.67 13.08
C HIS H 456 -28.67 10.27 12.53
N PRO H 457 -27.46 9.71 12.61
CA PRO H 457 -27.24 8.37 12.08
C PRO H 457 -28.10 7.30 12.71
N TRP H 458 -28.60 7.51 13.92
CA TRP H 458 -29.56 6.58 14.51
C TRP H 458 -30.78 6.44 13.63
N GLU H 459 -31.26 7.55 13.08
CA GLU H 459 -32.46 7.52 12.26
C GLU H 459 -32.23 6.72 10.99
N LEU H 460 -31.07 6.87 10.35
CA LEU H 460 -30.79 6.09 9.15
C LEU H 460 -30.59 4.62 9.49
N SER H 461 -29.86 4.33 10.57
CA SER H 461 -29.63 2.94 10.92
C SER H 461 -30.92 2.24 11.33
N ARG H 462 -31.94 2.99 11.74
CA ARG H 462 -33.19 2.39 12.16
C ARG H 462 -34.25 2.37 11.06
N TYR H 463 -34.26 3.36 10.17
CA TYR H 463 -35.36 3.54 9.22
C TYR H 463 -34.96 3.34 7.78
N LEU H 464 -33.70 3.58 7.43
CA LEU H 464 -33.32 3.55 6.02
C LEU H 464 -33.69 2.24 5.34
N SER H 465 -33.32 1.12 5.96
CA SER H 465 -33.63 -0.18 5.37
C SER H 465 -35.09 -0.58 5.60
N MET H 466 -35.67 -0.20 6.73
CA MET H 466 -37.06 -0.54 7.00
C MET H 466 -38.00 0.13 6.00
N LEU H 467 -37.74 1.40 5.70
CA LEU H 467 -38.58 2.17 4.77
C LEU H 467 -37.80 2.55 3.53
N THR I 28 18.97 59.47 19.62
CA THR I 28 20.04 58.56 19.21
C THR I 28 20.70 59.08 17.94
N THR I 29 22.03 59.19 17.98
CA THR I 29 22.84 59.63 16.85
C THR I 29 23.64 58.46 16.30
N LYS I 30 24.41 58.71 15.25
CA LYS I 30 25.24 57.66 14.67
C LYS I 30 26.31 57.19 15.65
N GLU I 31 26.84 58.11 16.48
CA GLU I 31 27.78 57.74 17.51
C GLU I 31 27.17 56.85 18.58
N ASP I 32 25.92 57.12 18.99
CA ASP I 32 25.26 56.23 19.92
C ASP I 32 25.04 54.85 19.31
N VAL I 33 24.71 54.78 18.04
CA VAL I 33 24.54 53.49 17.38
C VAL I 33 25.85 52.74 17.35
N LEU I 34 26.95 53.43 17.06
CA LEU I 34 28.26 52.78 17.06
C LEU I 34 28.62 52.26 18.45
N GLU I 35 28.34 53.07 19.49
CA GLU I 35 28.62 52.63 20.85
C GLU I 35 27.79 51.42 21.22
N ALA I 36 26.51 51.41 20.83
CA ALA I 36 25.66 50.26 21.09
C ALA I 36 26.08 49.02 20.32
N VAL I 37 26.65 49.21 19.13
CA VAL I 37 27.16 48.07 18.36
C VAL I 37 28.40 47.49 19.03
N LYS I 38 29.30 48.35 19.52
CA LYS I 38 30.46 47.85 20.25
C LYS I 38 30.06 47.18 21.56
N GLU I 39 29.22 47.83 22.36
CA GLU I 39 28.91 47.34 23.69
C GLU I 39 28.09 46.05 23.62
N ARG I 40 27.05 46.03 22.81
CA ARG I 40 26.18 44.86 22.71
C ARG I 40 26.74 43.77 21.82
N ASP I 41 27.90 44.01 21.21
CA ASP I 41 28.57 43.02 20.37
C ASP I 41 27.67 42.69 19.19
N VAL I 42 27.42 43.68 18.34
CA VAL I 42 26.63 43.47 17.12
C VAL I 42 27.58 43.13 15.98
N LYS I 43 27.24 42.10 15.22
CA LYS I 43 28.05 41.65 14.11
C LYS I 43 27.48 42.01 12.75
N PHE I 44 26.17 41.90 12.57
CA PHE I 44 25.50 42.23 11.33
C PHE I 44 24.44 43.28 11.58
N ILE I 45 24.32 44.24 10.66
CA ILE I 45 23.26 45.23 10.67
C ILE I 45 22.42 45.02 9.43
N ARG I 46 21.12 44.86 9.62
CA ARG I 46 20.19 44.70 8.50
C ARG I 46 19.62 46.06 8.15
N THR I 47 20.14 46.65 7.09
CA THR I 47 19.56 47.87 6.55
C THR I 47 18.24 47.53 5.87
N GLN I 48 17.19 48.28 6.19
CA GLN I 48 15.85 47.97 5.75
C GLN I 48 15.13 49.22 5.29
N PHE I 49 14.21 49.02 4.35
CA PHE I 49 13.29 50.05 3.92
C PHE I 49 11.99 49.37 3.49
N THR I 50 11.00 50.16 3.11
CA THR I 50 9.70 49.65 2.71
C THR I 50 9.42 50.06 1.27
N ASP I 51 9.07 49.09 0.42
CA ASP I 51 8.72 49.37 -0.96
C ASP I 51 7.32 49.95 -1.02
N THR I 52 6.92 50.45 -2.19
CA THR I 52 5.69 51.22 -2.28
C THR I 52 4.48 50.39 -1.87
N LEU I 53 4.50 49.09 -2.16
CA LEU I 53 3.38 48.24 -1.80
C LEU I 53 3.37 47.82 -0.34
N GLY I 54 4.34 48.29 0.45
CA GLY I 54 4.35 48.05 1.88
C GLY I 54 5.17 46.85 2.31
N ILE I 55 5.85 46.19 1.39
CA ILE I 55 6.67 45.04 1.75
C ILE I 55 8.04 45.53 2.18
N ILE I 56 8.59 44.91 3.22
CA ILE I 56 9.86 45.33 3.78
C ILE I 56 10.99 44.65 3.02
N LYS I 57 11.95 45.46 2.57
CA LYS I 57 13.11 45.00 1.85
C LYS I 57 14.35 45.26 2.70
N SER I 58 15.11 44.20 2.96
CA SER I 58 16.22 44.28 3.90
C SER I 58 17.43 43.55 3.35
N TRP I 59 18.61 44.02 3.75
CA TRP I 59 19.83 43.26 3.50
C TRP I 59 20.88 43.60 4.53
N ALA I 60 21.81 42.67 4.71
CA ALA I 60 22.76 42.70 5.81
C ALA I 60 24.09 43.29 5.37
N ILE I 61 24.74 44.00 6.29
CA ILE I 61 26.09 44.48 6.11
C ILE I 61 26.87 44.18 7.40
N PRO I 62 28.16 43.91 7.34
CA PRO I 62 28.92 43.71 8.58
C PRO I 62 28.96 44.96 9.45
N ALA I 63 29.10 44.79 10.76
CA ALA I 63 29.21 45.94 11.64
C ALA I 63 30.42 46.79 11.30
N GLU I 64 31.49 46.17 10.83
CA GLU I 64 32.68 46.93 10.43
C GLU I 64 32.37 47.89 9.29
N GLN I 65 31.38 47.57 8.47
CA GLN I 65 30.96 48.45 7.38
C GLN I 65 30.09 49.59 7.87
N LEU I 66 29.50 49.47 9.06
CA LEU I 66 28.50 50.45 9.50
C LEU I 66 29.06 51.87 9.54
N GLU I 67 30.36 52.03 9.76
CA GLU I 67 30.93 53.37 9.79
C GLU I 67 30.88 54.05 8.44
N GLU I 68 31.12 53.33 7.34
CA GLU I 68 31.06 53.96 6.03
C GLU I 68 29.66 53.97 5.44
N ALA I 69 28.74 53.18 5.99
CA ALA I 69 27.34 53.27 5.59
C ALA I 69 26.66 54.48 6.20
N PHE I 70 27.13 54.96 7.34
CA PHE I 70 26.61 56.21 7.91
C PHE I 70 27.14 57.42 7.16
N GLU I 71 28.28 57.29 6.50
CA GLU I 71 28.92 58.41 5.83
C GLU I 71 28.59 58.46 4.34
N ASN I 72 28.46 57.29 3.70
CA ASN I 72 28.23 57.21 2.26
C ASN I 72 26.89 56.62 1.89
N GLY I 73 26.24 55.90 2.79
CA GLY I 73 25.00 55.21 2.47
C GLY I 73 25.26 53.88 1.79
N VAL I 74 24.21 53.08 1.68
CA VAL I 74 24.31 51.74 1.11
C VAL I 74 23.56 51.71 -0.22
N MET I 75 24.25 51.27 -1.27
CA MET I 75 23.68 51.30 -2.61
C MET I 75 22.92 50.01 -2.89
N PHE I 76 21.84 50.14 -3.65
CA PHE I 76 21.01 49.00 -4.03
C PHE I 76 20.41 49.25 -5.40
N ASP I 77 19.65 48.27 -5.88
CA ASP I 77 19.08 48.25 -7.22
C ASP I 77 17.60 48.61 -7.14
N GLY I 78 17.25 49.80 -7.61
CA GLY I 78 15.87 50.22 -7.57
C GLY I 78 14.97 49.59 -8.60
N SER I 79 15.53 49.04 -9.67
CA SER I 79 14.73 48.41 -10.70
C SER I 79 14.14 47.08 -10.22
N SER I 80 14.73 46.48 -9.19
CA SER I 80 14.21 45.23 -8.63
C SER I 80 13.32 45.47 -7.43
N ILE I 81 12.82 46.69 -7.26
CA ILE I 81 11.89 47.04 -6.19
C ILE I 81 10.64 47.58 -6.84
N GLN I 82 9.48 47.10 -6.38
CA GLN I 82 8.22 47.51 -6.97
C GLN I 82 7.95 48.98 -6.73
N GLY I 83 7.53 49.68 -7.79
CA GLY I 83 7.20 51.09 -7.68
C GLY I 83 8.38 51.98 -7.40
N PHE I 84 9.54 51.68 -7.99
CA PHE I 84 10.77 52.41 -7.78
C PHE I 84 11.34 52.82 -9.13
N THR I 85 12.63 53.15 -9.18
CA THR I 85 13.25 53.59 -10.42
C THR I 85 13.25 52.49 -11.49
N ARG I 86 13.57 52.90 -12.71
CA ARG I 86 13.62 52.01 -13.87
C ARG I 86 15.01 51.40 -14.00
N ILE I 87 15.15 50.51 -15.00
CA ILE I 87 16.39 49.77 -15.19
C ILE I 87 17.50 50.58 -15.83
N GLU I 88 17.18 51.57 -16.65
CA GLU I 88 18.20 52.40 -17.28
C GLU I 88 18.84 53.39 -16.32
N GLU I 89 18.14 53.75 -15.23
CA GLU I 89 18.69 54.56 -14.14
C GLU I 89 18.21 53.89 -12.85
N SER I 90 18.95 52.89 -12.39
CA SER I 90 18.47 52.01 -11.34
C SER I 90 19.25 52.09 -10.04
N ASP I 91 20.47 52.61 -10.05
CA ASP I 91 21.23 52.76 -8.81
C ASP I 91 20.46 53.63 -7.83
N MET I 92 20.36 53.18 -6.58
CA MET I 92 19.71 53.94 -5.53
C MET I 92 20.57 53.89 -4.28
N LYS I 93 20.43 54.90 -3.42
CA LYS I 93 21.17 54.97 -2.18
C LYS I 93 20.21 54.90 -1.00
N LEU I 94 20.66 54.30 0.09
CA LEU I 94 19.90 54.26 1.34
C LEU I 94 20.73 54.95 2.40
N ALA I 95 20.18 56.03 2.97
CA ALA I 95 20.78 56.72 4.08
C ALA I 95 20.18 56.20 5.37
N LEU I 96 21.01 56.02 6.38
CA LEU I 96 20.60 55.36 7.61
C LEU I 96 20.04 56.35 8.62
N ASP I 97 19.07 55.88 9.40
CA ASP I 97 18.45 56.67 10.47
C ASP I 97 18.91 56.13 11.80
N PRO I 98 19.79 56.82 12.53
CA PRO I 98 20.28 56.26 13.81
C PRO I 98 19.18 56.01 14.81
N SER I 99 18.12 56.81 14.81
CA SER I 99 17.06 56.63 15.79
C SER I 99 16.40 55.27 15.66
N THR I 100 16.18 54.83 14.43
CA THR I 100 15.51 53.56 14.17
C THR I 100 16.46 52.38 14.25
N PHE I 101 17.26 52.31 15.31
CA PHE I 101 18.22 51.24 15.52
C PHE I 101 17.71 50.30 16.60
N ARG I 102 17.62 49.02 16.27
CA ARG I 102 17.11 48.03 17.20
C ARG I 102 17.99 46.79 17.15
N ILE I 103 17.81 45.92 18.13
CA ILE I 103 18.53 44.65 18.19
C ILE I 103 17.49 43.55 18.05
N LEU I 104 17.69 42.68 17.07
CA LEU I 104 16.75 41.59 16.83
C LEU I 104 16.95 40.51 17.88
N PRO I 105 15.96 40.21 18.72
CA PRO I 105 16.19 39.29 19.83
C PRO I 105 16.13 37.81 19.46
N TRP I 106 15.45 37.49 18.36
CA TRP I 106 15.32 36.10 17.96
C TRP I 106 16.51 35.60 17.17
N ARG I 107 17.51 36.42 16.92
CA ARG I 107 18.75 36.00 16.31
C ARG I 107 19.84 35.85 17.35
N PRO I 108 20.89 35.09 17.07
CA PRO I 108 21.85 34.74 18.12
C PRO I 108 22.47 35.98 18.77
N ALA I 109 22.71 35.88 20.08
CA ALA I 109 23.31 36.96 20.84
C ALA I 109 24.82 37.02 20.72
N THR I 110 25.47 35.96 20.23
CA THR I 110 26.91 35.98 20.02
C THR I 110 27.24 36.87 18.82
N GLY I 111 26.76 36.51 17.65
CA GLY I 111 26.83 37.41 16.51
C GLY I 111 25.58 38.25 16.43
N ALA I 112 25.37 39.11 17.42
CA ALA I 112 24.12 39.82 17.54
C ALA I 112 23.81 40.58 16.26
N VAL I 113 22.55 40.51 15.84
CA VAL I 113 22.08 41.12 14.61
C VAL I 113 21.23 42.32 14.99
N ALA I 114 21.54 43.47 14.39
CA ALA I 114 20.80 44.70 14.63
C ALA I 114 19.97 45.03 13.40
N ARG I 115 19.26 46.15 13.48
CA ARG I 115 18.33 46.58 12.46
C ARG I 115 18.40 48.09 12.40
N ILE I 116 18.46 48.63 11.18
CA ILE I 116 18.42 50.06 10.96
C ILE I 116 17.51 50.32 9.77
N LEU I 117 16.49 51.14 9.95
CA LEU I 117 15.68 51.64 8.85
C LEU I 117 16.37 52.84 8.24
N GLY I 118 16.09 53.09 6.97
CA GLY I 118 16.72 54.18 6.26
C GLY I 118 15.75 54.86 5.31
N ASP I 119 16.16 56.03 4.86
CA ASP I 119 15.47 56.76 3.81
C ASP I 119 16.15 56.51 2.46
N VAL I 120 15.39 56.69 1.39
CA VAL I 120 15.85 56.38 0.05
C VAL I 120 16.20 57.67 -0.68
N TYR I 121 17.37 57.66 -1.30
CA TYR I 121 17.90 58.80 -2.03
C TYR I 121 18.30 58.37 -3.42
N LEU I 122 18.25 59.30 -4.34
CA LEU I 122 18.86 59.07 -5.63
C LEU I 122 20.38 59.23 -5.52
N PRO I 123 21.14 58.60 -6.41
CA PRO I 123 22.60 58.71 -6.32
C PRO I 123 23.10 60.15 -6.34
N ASP I 124 22.40 61.05 -7.03
CA ASP I 124 22.86 62.43 -7.11
C ASP I 124 22.89 63.09 -5.73
N GLY I 125 21.88 62.82 -4.91
CA GLY I 125 21.87 63.34 -3.55
C GLY I 125 20.51 63.77 -3.06
N ASN I 126 19.57 63.95 -3.97
CA ASN I 126 18.23 64.37 -3.60
C ASN I 126 17.44 63.20 -3.03
N PRO I 127 16.49 63.47 -2.13
CA PRO I 127 15.65 62.38 -1.60
C PRO I 127 14.72 61.84 -2.67
N PHE I 128 14.51 60.53 -2.64
CA PHE I 128 13.61 59.88 -3.58
C PHE I 128 12.18 60.24 -3.23
N LYS I 129 11.53 61.04 -4.08
CA LYS I 129 10.17 61.45 -3.80
C LYS I 129 9.18 60.28 -3.88
N GLY I 130 9.57 59.16 -4.48
CA GLY I 130 8.74 57.99 -4.54
C GLY I 130 8.85 57.06 -3.35
N ASP I 131 9.50 57.51 -2.28
CA ASP I 131 9.72 56.68 -1.11
C ASP I 131 8.58 56.92 -0.11
N PRO I 132 7.82 55.89 0.27
CA PRO I 132 6.64 56.14 1.13
C PRO I 132 6.96 56.85 2.43
N ARG I 133 8.13 56.56 3.02
CA ARG I 133 8.52 57.25 4.24
C ARG I 133 8.60 58.75 3.99
N TYR I 134 9.05 59.14 2.79
CA TYR I 134 9.10 60.56 2.44
C TYR I 134 7.70 61.16 2.36
N VAL I 135 6.74 60.38 1.85
CA VAL I 135 5.35 60.84 1.79
C VAL I 135 4.82 61.10 3.19
N LEU I 136 5.06 60.16 4.10
CA LEU I 136 4.60 60.34 5.47
C LEU I 136 5.28 61.54 6.12
N LYS I 137 6.57 61.74 5.82
CA LYS I 137 7.28 62.90 6.36
C LYS I 137 6.70 64.21 5.84
N THR I 138 6.32 64.24 4.57
CA THR I 138 5.69 65.45 4.03
C THR I 138 4.36 65.73 4.72
N ALA I 139 3.56 64.68 4.95
CA ALA I 139 2.30 64.87 5.68
C ALA I 139 2.55 65.39 7.08
N ILE I 140 3.57 64.86 7.76
CA ILE I 140 3.94 65.38 9.08
C ILE I 140 4.33 66.84 8.98
N LYS I 141 5.01 67.23 7.90
CA LYS I 141 5.38 68.63 7.72
C LYS I 141 4.13 69.51 7.64
N GLU I 142 3.12 69.08 6.88
CA GLU I 142 1.88 69.86 6.82
C GLU I 142 1.22 69.95 8.19
N ALA I 143 1.21 68.82 8.92
CA ALA I 143 0.63 68.84 10.26
C ALA I 143 1.35 69.85 11.16
N GLU I 144 2.68 69.86 11.12
CA GLU I 144 3.43 70.86 11.89
C GLU I 144 3.07 72.27 11.45
N LYS I 145 2.96 72.49 10.14
CA LYS I 145 2.59 73.82 9.65
C LYS I 145 1.26 74.26 10.25
N MET I 146 0.34 73.32 10.47
CA MET I 146 -0.91 73.63 11.16
C MET I 146 -0.79 73.56 12.68
N GLY I 147 0.37 73.20 13.21
CA GLY I 147 0.59 73.18 14.63
C GLY I 147 0.19 71.93 15.37
N PHE I 148 0.01 70.81 14.66
CA PHE I 148 -0.46 69.57 15.26
C PHE I 148 0.64 68.51 15.16
N SER I 149 0.39 67.37 15.80
CA SER I 149 1.28 66.22 15.67
C SER I 149 0.40 64.98 15.77
N MET I 150 0.24 64.27 14.66
CA MET I 150 -0.63 63.11 14.65
C MET I 150 -0.06 61.99 15.53
N ASN I 151 -0.92 61.42 16.36
CA ASN I 151 -0.59 60.25 17.15
C ASN I 151 -1.50 59.11 16.72
N VAL I 152 -0.94 57.91 16.60
CA VAL I 152 -1.74 56.76 16.18
C VAL I 152 -1.12 55.48 16.71
N GLY I 153 -1.97 54.59 17.23
CA GLY I 153 -1.56 53.25 17.55
C GLY I 153 -2.52 52.26 16.93
N PRO I 154 -2.07 51.47 15.96
CA PRO I 154 -2.95 50.50 15.32
C PRO I 154 -3.03 49.21 16.11
N GLU I 155 -4.17 48.53 15.99
CA GLU I 155 -4.35 47.19 16.52
C GLU I 155 -4.31 46.25 15.32
N LEU I 156 -3.23 45.48 15.22
CA LEU I 156 -3.01 44.59 14.08
C LEU I 156 -3.41 43.18 14.52
N GLU I 157 -4.35 42.58 13.81
CA GLU I 157 -4.76 41.22 14.08
C GLU I 157 -4.30 40.31 12.95
N PHE I 158 -3.92 39.09 13.30
CA PHE I 158 -3.32 38.15 12.37
C PHE I 158 -3.89 36.77 12.62
N PHE I 159 -3.54 35.84 11.74
CA PHE I 159 -3.98 34.46 11.83
C PHE I 159 -2.75 33.58 12.03
N LEU I 160 -2.87 32.58 12.88
CA LEU I 160 -1.80 31.61 13.10
C LEU I 160 -2.22 30.30 12.45
N PHE I 161 -1.54 29.93 11.38
CA PHE I 161 -1.82 28.70 10.64
C PHE I 161 -0.65 27.74 10.79
N LYS I 162 -0.86 26.52 10.34
CA LYS I 162 0.17 25.49 10.43
C LYS I 162 1.02 25.50 9.16
N LEU I 163 2.28 25.11 9.33
CA LEU I 163 3.18 24.91 8.21
C LEU I 163 3.07 23.49 7.70
N ASP I 164 3.34 23.33 6.40
CA ASP I 164 3.34 22.00 5.80
C ASP I 164 4.67 21.30 6.05
N ALA I 165 4.88 20.14 5.44
CA ALA I 165 6.11 19.38 5.69
C ALA I 165 7.34 20.16 5.26
N ASN I 166 7.28 20.81 4.10
CA ASN I 166 8.42 21.61 3.63
C ASN I 166 8.63 22.83 4.51
N GLY I 167 7.56 23.45 4.99
CA GLY I 167 7.66 24.62 5.83
C GLY I 167 6.99 25.82 5.19
N ASN I 168 6.18 25.59 4.18
CA ASN I 168 5.46 26.66 3.52
C ASN I 168 4.17 26.99 4.25
N PRO I 169 3.62 28.19 4.03
CA PRO I 169 2.37 28.55 4.68
C PRO I 169 1.21 27.68 4.21
N THR I 170 0.28 27.48 5.13
CA THR I 170 -1.00 26.83 4.82
C THR I 170 -2.10 27.69 5.44
N THR I 171 -3.35 27.27 5.22
CA THR I 171 -4.51 27.92 5.84
C THR I 171 -5.14 27.00 6.88
N GLU I 172 -4.45 25.92 7.25
CA GLU I 172 -4.91 25.05 8.31
C GLU I 172 -4.94 25.79 9.65
N LEU I 173 -6.02 25.60 10.39
CA LEU I 173 -6.18 26.27 11.66
C LEU I 173 -5.29 25.64 12.72
N THR I 174 -4.80 26.49 13.63
CA THR I 174 -4.09 26.02 14.80
C THR I 174 -4.99 25.88 16.02
N ASP I 175 -6.21 26.42 15.98
CA ASP I 175 -7.21 26.20 17.00
C ASP I 175 -8.56 26.65 16.47
N GLN I 176 -9.62 26.21 17.14
CA GLN I 176 -10.99 26.60 16.81
C GLN I 176 -11.54 27.62 17.80
N GLY I 177 -10.68 28.26 18.58
CA GLY I 177 -11.14 29.18 19.60
C GLY I 177 -11.88 30.37 19.04
N GLY I 178 -12.32 31.25 19.91
CA GLY I 178 -13.03 32.45 19.52
C GLY I 178 -12.45 33.66 20.22
N TYR I 179 -13.33 34.59 20.56
CA TYR I 179 -12.93 35.85 21.16
C TYR I 179 -12.69 35.70 22.65
N PHE I 180 -11.49 36.07 23.10
CA PHE I 180 -11.10 36.02 24.51
C PHE I 180 -11.13 34.60 25.05
N ASP I 181 -10.97 33.60 24.19
CA ASP I 181 -11.04 32.22 24.65
C ASP I 181 -9.75 31.82 25.36
N PHE I 182 -9.90 31.00 26.39
CA PHE I 182 -8.81 30.48 27.20
C PHE I 182 -8.42 29.10 26.68
N ALA I 183 -7.24 28.65 27.08
CA ALA I 183 -6.76 27.34 26.65
C ALA I 183 -7.63 26.24 27.26
N PRO I 184 -7.75 25.08 26.57
CA PRO I 184 -7.10 24.68 25.31
C PRO I 184 -7.88 25.08 24.06
N LEU I 185 -8.96 25.87 24.17
CA LEU I 185 -9.55 26.46 22.96
C LEU I 185 -8.56 27.43 22.31
N ASP I 186 -7.89 28.24 23.12
CA ASP I 186 -6.84 29.10 22.62
C ASP I 186 -5.50 28.38 22.77
N ARG I 187 -4.83 28.11 21.65
CA ARG I 187 -3.66 27.26 21.62
C ARG I 187 -2.40 28.00 21.21
N ALA I 188 -2.41 29.33 21.23
CA ALA I 188 -1.25 30.14 20.86
C ALA I 188 -0.81 31.03 22.00
N GLN I 189 -1.01 30.59 23.23
CA GLN I 189 -0.58 31.38 24.37
C GLN I 189 0.94 31.50 24.42
N ASP I 190 1.67 30.41 24.12
CA ASP I 190 3.13 30.48 24.09
C ASP I 190 3.62 31.34 22.93
N VAL I 191 3.00 31.21 21.76
CA VAL I 191 3.39 32.02 20.62
C VAL I 191 3.16 33.50 20.92
N ARG I 192 1.99 33.83 21.47
CA ARG I 192 1.70 35.22 21.79
C ARG I 192 2.59 35.74 22.90
N ARG I 193 2.91 34.89 23.89
CA ARG I 193 3.83 35.30 24.94
C ARG I 193 5.20 35.65 24.38
N ASP I 194 5.71 34.81 23.48
CA ASP I 194 7.02 35.08 22.91
C ASP I 194 6.99 36.27 21.95
N ILE I 195 5.87 36.50 21.27
CA ILE I 195 5.74 37.69 20.44
C ILE I 195 5.77 38.95 21.31
N ASP I 196 5.05 38.93 22.43
CA ASP I 196 5.10 40.07 23.35
C ASP I 196 6.51 40.28 23.90
N TYR I 197 7.23 39.21 24.19
CA TYR I 197 8.60 39.36 24.66
C TYR I 197 9.49 39.98 23.59
N ALA I 198 9.40 39.48 22.35
CA ALA I 198 10.22 40.01 21.27
C ALA I 198 9.89 41.47 21.00
N LEU I 199 8.62 41.82 20.94
CA LEU I 199 8.23 43.21 20.73
C LEU I 199 8.75 44.08 21.86
N GLU I 200 8.55 43.66 23.10
CA GLU I 200 9.03 44.44 24.23
C GLU I 200 10.54 44.68 24.13
N HIS I 201 11.28 43.67 23.68
CA HIS I 201 12.72 43.86 23.50
C HIS I 201 13.04 44.85 22.38
N MET I 202 12.07 45.17 21.53
CA MET I 202 12.27 46.08 20.41
C MET I 202 11.59 47.43 20.63
N GLY I 203 11.49 47.86 21.88
CA GLY I 203 10.92 49.16 22.20
C GLY I 203 9.44 49.28 21.92
N PHE I 204 8.66 48.32 22.41
CA PHE I 204 7.22 48.28 22.23
C PHE I 204 6.59 48.29 23.62
N GLN I 205 5.65 49.21 23.84
CA GLN I 205 4.86 49.23 25.07
C GLN I 205 3.60 48.41 24.80
N ILE I 206 3.64 47.14 25.18
CA ILE I 206 2.51 46.26 24.93
C ILE I 206 1.34 46.68 25.81
N GLU I 207 0.17 46.81 25.19
CA GLU I 207 -1.06 47.13 25.90
C GLU I 207 -1.85 45.89 26.27
N ALA I 208 -2.12 45.02 25.29
CA ALA I 208 -2.92 43.83 25.55
C ALA I 208 -2.66 42.83 24.45
N SER I 209 -3.03 41.59 24.72
CA SER I 209 -2.80 40.47 23.81
C SER I 209 -3.91 39.45 24.02
N HIS I 210 -4.57 39.05 22.93
CA HIS I 210 -5.74 38.20 23.11
C HIS I 210 -6.09 37.46 21.82
N HIS I 211 -6.97 36.48 21.98
CA HIS I 211 -7.57 35.75 20.88
C HIS I 211 -8.75 36.54 20.33
N GLU I 212 -8.89 36.53 19.02
CA GLU I 212 -9.90 37.32 18.32
C GLU I 212 -10.99 36.40 17.79
N VAL I 213 -11.99 37.00 17.16
CA VAL I 213 -13.25 36.31 16.90
C VAL I 213 -13.02 35.08 16.03
N ALA I 214 -12.28 35.24 14.94
CA ALA I 214 -12.11 34.14 14.02
C ALA I 214 -11.27 33.04 14.67
N PRO I 215 -11.45 31.78 14.28
CA PRO I 215 -10.62 30.72 14.85
C PRO I 215 -9.16 30.90 14.46
N SER I 216 -8.29 30.78 15.46
CA SER I 216 -6.84 30.93 15.31
C SER I 216 -6.44 32.34 14.90
N GLN I 217 -7.26 33.34 15.21
CA GLN I 217 -6.94 34.74 14.95
C GLN I 217 -6.61 35.43 16.26
N HIS I 218 -5.50 36.16 16.28
CA HIS I 218 -4.99 36.80 17.49
C HIS I 218 -4.76 38.28 17.22
N GLU I 219 -4.67 39.04 18.30
CA GLU I 219 -4.46 40.47 18.22
C GLU I 219 -3.57 40.90 19.38
N ILE I 220 -2.52 41.64 19.06
CA ILE I 220 -1.62 42.22 20.05
C ILE I 220 -1.68 43.72 19.81
N ASP I 221 -2.20 44.46 20.78
CA ASP I 221 -2.22 45.91 20.65
C ASP I 221 -1.19 46.54 21.58
N PHE I 222 -0.47 47.52 21.04
CA PHE I 222 0.64 48.17 21.70
C PHE I 222 0.38 49.67 21.75
N ARG I 223 1.17 50.37 22.56
CA ARG I 223 0.91 51.78 22.83
C ARG I 223 1.08 52.62 21.57
N PHE I 224 0.34 53.72 21.53
CA PHE I 224 0.39 54.65 20.41
C PHE I 224 1.57 55.61 20.54
N GLY I 225 1.89 56.24 19.41
CA GLY I 225 2.99 57.18 19.36
C GLY I 225 2.88 58.06 18.15
N ASP I 226 4.00 58.68 17.79
CA ASP I 226 4.06 59.53 16.61
C ASP I 226 3.85 58.70 15.35
N VAL I 227 3.36 59.35 14.30
CA VAL I 227 3.03 58.63 13.08
C VAL I 227 4.26 57.94 12.49
N LEU I 228 5.40 58.62 12.47
CA LEU I 228 6.61 58.00 11.92
C LEU I 228 6.98 56.75 12.71
N CYS I 229 7.10 56.90 14.03
CA CYS I 229 7.45 55.77 14.87
C CYS I 229 6.42 54.67 14.78
N THR I 230 5.14 55.02 14.64
CA THR I 230 4.10 54.01 14.59
C THR I 230 4.08 53.26 13.26
N ALA I 231 4.41 53.94 12.16
CA ALA I 231 4.54 53.22 10.88
C ALA I 231 5.72 52.27 10.90
N ASP I 232 6.85 52.74 11.44
CA ASP I 232 7.99 51.85 11.61
C ASP I 232 7.63 50.67 12.50
N ASN I 233 6.87 50.95 13.57
CA ASN I 233 6.41 49.88 14.45
C ASN I 233 5.49 48.92 13.73
N VAL I 234 4.65 49.40 12.82
CA VAL I 234 3.74 48.51 12.11
C VAL I 234 4.53 47.52 11.27
N VAL I 235 5.47 48.04 10.48
CA VAL I 235 6.27 47.13 9.64
C VAL I 235 7.08 46.17 10.51
N THR I 236 7.71 46.70 11.56
CA THR I 236 8.44 45.86 12.50
C THR I 236 7.52 44.77 13.05
N PHE I 237 6.50 45.17 13.80
CA PHE I 237 5.55 44.23 14.37
C PHE I 237 5.22 43.12 13.39
N LYS I 238 4.93 43.48 12.14
CA LYS I 238 4.57 42.45 11.17
C LYS I 238 5.69 41.44 11.01
N TYR I 239 6.92 41.90 10.73
CA TYR I 239 7.95 40.91 10.44
C TYR I 239 8.44 40.21 11.71
N VAL I 240 8.37 40.88 12.85
CA VAL I 240 8.69 40.24 14.13
C VAL I 240 7.72 39.09 14.39
N VAL I 241 6.42 39.35 14.22
CA VAL I 241 5.42 38.33 14.45
C VAL I 241 5.63 37.16 13.50
N LYS I 242 5.88 37.45 12.23
CA LYS I 242 6.06 36.37 11.26
C LYS I 242 7.29 35.54 11.59
N SER I 243 8.39 36.17 11.98
CA SER I 243 9.61 35.42 12.30
C SER I 243 9.42 34.58 13.56
N ILE I 244 8.78 35.14 14.58
CA ILE I 244 8.56 34.38 15.82
C ILE I 244 7.69 33.17 15.53
N ALA I 245 6.60 33.38 14.78
CA ALA I 245 5.72 32.27 14.45
C ALA I 245 6.45 31.21 13.65
N TYR I 246 7.27 31.63 12.68
CA TYR I 246 8.01 30.66 11.88
C TYR I 246 8.95 29.83 12.75
N HIS I 247 9.66 30.47 13.67
CA HIS I 247 10.58 29.74 14.52
C HIS I 247 9.88 28.84 15.52
N LYS I 248 8.64 29.15 15.90
CA LYS I 248 7.88 28.30 16.80
C LYS I 248 7.08 27.23 16.07
N GLY I 249 7.11 27.20 14.74
CA GLY I 249 6.50 26.14 13.96
C GLY I 249 5.30 26.56 13.15
N TYR I 250 4.74 27.74 13.40
CA TYR I 250 3.51 28.17 12.75
C TYR I 250 3.82 29.22 11.68
N TYR I 251 2.76 29.76 11.09
CA TYR I 251 2.86 30.82 10.11
C TYR I 251 1.87 31.92 10.50
N ALA I 252 2.37 33.13 10.66
CA ALA I 252 1.52 34.27 10.93
C ALA I 252 1.16 34.96 9.63
N SER I 253 -0.14 35.11 9.39
CA SER I 253 -0.61 35.69 8.14
C SER I 253 -1.39 36.95 8.45
N PHE I 254 -1.04 38.05 7.78
CA PHE I 254 -1.79 39.29 7.83
C PHE I 254 -2.65 39.47 6.60
N MET I 255 -3.10 38.36 6.03
CA MET I 255 -4.06 38.37 4.94
C MET I 255 -5.40 38.84 5.49
N PRO I 256 -6.04 39.85 4.90
CA PRO I 256 -7.26 40.39 5.52
C PRO I 256 -8.40 39.39 5.61
N LYS I 257 -8.62 38.57 4.59
CA LYS I 257 -9.72 37.61 4.56
C LYS I 257 -9.20 36.25 4.06
N PRO I 258 -8.49 35.53 4.90
CA PRO I 258 -7.95 34.23 4.46
C PRO I 258 -8.99 33.12 4.48
N LEU I 259 -10.04 33.30 5.27
CA LEU I 259 -11.09 32.31 5.46
C LEU I 259 -12.45 32.94 5.21
N PHE I 260 -13.33 32.19 4.57
CA PHE I 260 -14.68 32.63 4.30
C PHE I 260 -15.60 32.27 5.47
N GLY I 261 -16.58 33.13 5.72
CA GLY I 261 -17.57 32.87 6.74
C GLY I 261 -17.14 33.21 8.14
N VAL I 262 -15.92 33.71 8.34
CA VAL I 262 -15.41 34.09 9.65
C VAL I 262 -14.82 35.49 9.51
N ASN I 263 -14.57 36.11 10.67
CA ASN I 263 -14.09 37.48 10.70
C ASN I 263 -12.79 37.62 9.91
N GLY I 264 -12.51 38.84 9.44
CA GLY I 264 -11.28 39.12 8.76
C GLY I 264 -10.35 39.92 9.67
N SER I 265 -9.12 40.09 9.19
CA SER I 265 -8.09 40.81 9.91
C SER I 265 -8.06 42.26 9.42
N GLY I 266 -8.15 43.20 10.36
CA GLY I 266 -8.08 44.61 10.01
C GLY I 266 -7.07 45.32 10.87
N MET I 267 -6.64 46.49 10.39
CA MET I 267 -5.72 47.36 11.12
C MET I 267 -6.49 48.62 11.46
N HIS I 268 -7.20 48.58 12.59
CA HIS I 268 -7.93 49.75 13.03
C HIS I 268 -6.96 50.85 13.40
N SER I 269 -6.99 51.94 12.64
CA SER I 269 -6.12 53.07 12.88
C SER I 269 -6.83 54.03 13.81
N ASN I 270 -6.39 54.10 15.05
CA ASN I 270 -6.90 55.08 15.99
C ASN I 270 -5.97 56.28 16.00
N GLN I 271 -6.53 57.47 15.82
CA GLN I 271 -5.77 58.70 15.66
C GLN I 271 -6.21 59.74 16.67
N SER I 272 -5.27 60.62 17.04
CA SER I 272 -5.58 61.72 17.95
C SER I 272 -4.52 62.80 17.72
N LEU I 273 -4.96 63.96 17.27
CA LEU I 273 -4.06 65.10 17.15
C LEU I 273 -3.69 65.63 18.53
N PHE I 274 -2.41 65.94 18.69
CA PHE I 274 -1.88 66.50 19.93
C PHE I 274 -1.29 67.87 19.65
N LYS I 275 -1.54 68.81 20.55
CA LYS I 275 -0.95 70.14 20.46
C LYS I 275 -0.54 70.58 21.85
N ASP I 276 0.75 70.91 22.02
CA ASP I 276 1.30 71.25 23.33
C ASP I 276 1.13 70.09 24.30
N GLY I 277 1.31 68.87 23.80
CA GLY I 277 1.22 67.68 24.63
C GLY I 277 -0.14 67.50 25.27
N LYS I 278 -1.19 67.86 24.54
CA LYS I 278 -2.56 67.71 25.02
C LYS I 278 -3.44 67.23 23.88
N ASN I 279 -4.35 66.31 24.18
CA ASN I 279 -5.29 65.81 23.18
C ASN I 279 -6.22 66.92 22.74
N VAL I 280 -6.10 67.35 21.48
CA VAL I 280 -6.98 68.40 20.98
C VAL I 280 -8.35 67.83 20.62
N PHE I 281 -8.46 66.50 20.51
CA PHE I 281 -9.76 65.89 20.26
C PHE I 281 -10.63 65.82 21.51
N TYR I 282 -10.10 66.18 22.67
CA TYR I 282 -10.82 66.09 23.92
C TYR I 282 -11.32 67.47 24.33
N ASP I 283 -12.57 67.53 24.76
CA ASP I 283 -13.17 68.76 25.26
C ASP I 283 -14.18 68.43 26.36
N PRO I 284 -13.81 68.51 27.62
CA PRO I 284 -14.73 68.10 28.69
C PRO I 284 -16.01 68.92 28.74
N ASP I 285 -16.00 70.16 28.24
CA ASP I 285 -17.17 71.02 28.37
C ASP I 285 -18.26 70.66 27.37
N THR I 286 -17.88 70.23 26.17
CA THR I 286 -18.83 69.90 25.12
C THR I 286 -19.46 68.53 25.38
N PRO I 287 -20.69 68.31 24.95
CA PRO I 287 -21.27 66.97 25.04
C PRO I 287 -20.51 65.99 24.17
N THR I 288 -20.45 64.74 24.63
CA THR I 288 -19.65 63.67 24.05
C THR I 288 -18.17 63.85 24.33
N LYS I 289 -17.76 64.97 24.92
CA LYS I 289 -16.36 65.22 25.24
C LYS I 289 -15.47 65.13 24.01
N LEU I 290 -15.98 65.63 22.88
CA LEU I 290 -15.25 65.67 21.63
C LEU I 290 -15.18 67.11 21.13
N SER I 291 -13.96 67.61 21.00
CA SER I 291 -13.75 69.00 20.58
C SER I 291 -14.27 69.20 19.16
N GLN I 292 -14.32 70.47 18.74
CA GLN I 292 -14.74 70.77 17.37
C GLN I 292 -13.71 70.29 16.37
N ASP I 293 -12.43 70.31 16.74
CA ASP I 293 -11.39 69.80 15.86
C ASP I 293 -11.56 68.32 15.56
N ALA I 294 -11.99 67.52 16.55
CA ALA I 294 -12.29 66.12 16.28
C ALA I 294 -13.45 65.99 15.29
N MET I 295 -14.46 66.83 15.43
CA MET I 295 -15.59 66.81 14.51
C MET I 295 -15.13 67.10 13.08
N TYR I 296 -14.33 68.15 12.92
CA TYR I 296 -13.85 68.50 11.59
C TYR I 296 -12.94 67.43 11.02
N TYR I 297 -12.09 66.84 11.85
CA TYR I 297 -11.23 65.75 11.40
C TYR I 297 -12.07 64.57 10.92
N ILE I 298 -13.15 64.24 11.64
CA ILE I 298 -14.04 63.18 11.18
C ILE I 298 -14.69 63.55 9.85
N GLY I 299 -15.13 64.79 9.72
CA GLY I 299 -15.74 65.21 8.46
C GLY I 299 -14.78 65.11 7.28
N GLY I 300 -13.54 65.55 7.49
CA GLY I 300 -12.54 65.42 6.44
C GLY I 300 -12.21 63.98 6.13
N LEU I 301 -12.12 63.13 7.16
CA LEU I 301 -11.88 61.71 6.95
C LEU I 301 -12.99 61.09 6.12
N LEU I 302 -14.24 61.44 6.40
CA LEU I 302 -15.37 60.87 5.68
C LEU I 302 -15.50 61.41 4.26
N LYS I 303 -15.16 62.67 4.03
CA LYS I 303 -15.30 63.23 2.69
C LYS I 303 -14.30 62.65 1.70
N HIS I 304 -13.13 62.20 2.17
CA HIS I 304 -12.06 61.76 1.29
C HIS I 304 -11.77 60.28 1.35
N ILE I 305 -12.47 59.51 2.19
CA ILE I 305 -12.08 58.12 2.41
C ILE I 305 -12.26 57.29 1.14
N ARG I 306 -13.34 57.56 0.40
CA ARG I 306 -13.61 56.78 -0.81
C ARG I 306 -12.52 56.95 -1.85
N GLU I 307 -11.72 58.01 -1.75
CA GLU I 307 -10.67 58.25 -2.74
C GLU I 307 -9.44 57.39 -2.50
N PHE I 308 -9.07 57.15 -1.24
CA PHE I 308 -7.87 56.40 -0.92
C PHE I 308 -8.16 55.09 -0.19
N THR I 309 -9.41 54.63 -0.22
CA THR I 309 -9.69 53.28 0.24
C THR I 309 -8.94 52.25 -0.60
N ALA I 310 -8.52 52.63 -1.80
CA ALA I 310 -7.62 51.78 -2.59
C ALA I 310 -6.28 51.61 -1.88
N VAL I 311 -5.83 52.66 -1.19
CA VAL I 311 -4.60 52.57 -0.41
C VAL I 311 -4.83 51.80 0.87
N THR I 312 -5.93 52.10 1.58
CA THR I 312 -6.20 51.43 2.85
C THR I 312 -6.45 49.94 2.63
N ASN I 313 -7.17 49.60 1.57
CA ASN I 313 -7.47 48.22 1.23
C ASN I 313 -6.95 47.93 -0.18
N PRO I 314 -5.67 47.56 -0.31
CA PRO I 314 -5.03 47.58 -1.63
C PRO I 314 -5.12 46.27 -2.40
N VAL I 315 -5.25 45.16 -1.72
CA VAL I 315 -5.24 43.87 -2.39
C VAL I 315 -6.67 43.44 -2.69
N VAL I 316 -6.79 42.46 -3.59
CA VAL I 316 -8.10 42.06 -4.09
C VAL I 316 -8.98 41.54 -2.96
N ASN I 317 -8.40 40.74 -2.07
CA ASN I 317 -9.24 40.16 -1.03
C ASN I 317 -9.38 41.04 0.20
N SER I 318 -8.90 42.28 0.21
CA SER I 318 -9.31 43.22 1.24
C SER I 318 -10.80 43.49 1.16
N TYR I 319 -11.35 43.45 -0.06
CA TYR I 319 -12.76 43.71 -0.28
C TYR I 319 -13.63 42.48 -0.07
N LYS I 320 -13.02 41.32 0.13
CA LYS I 320 -13.73 40.15 0.64
C LYS I 320 -13.91 40.21 2.14
N ARG I 321 -13.18 41.07 2.83
CA ARG I 321 -13.38 41.33 4.25
C ARG I 321 -14.42 42.42 4.48
N LEU I 322 -14.57 43.34 3.54
CA LEU I 322 -15.54 44.43 3.65
C LEU I 322 -16.92 43.95 3.20
N VAL I 323 -17.44 43.00 3.97
CA VAL I 323 -18.80 42.48 3.80
C VAL I 323 -19.48 42.56 5.14
N PRO I 324 -20.81 42.71 5.16
CA PRO I 324 -21.51 42.92 6.43
C PRO I 324 -21.55 41.65 7.27
N GLY I 325 -21.55 41.85 8.59
CA GLY I 325 -21.75 40.78 9.54
C GLY I 325 -20.50 40.33 10.27
N TYR I 326 -19.37 41.00 10.09
CA TYR I 326 -18.11 40.60 10.71
C TYR I 326 -17.35 41.79 11.30
N GLU I 327 -18.08 42.83 11.70
CA GLU I 327 -17.48 43.99 12.36
C GLU I 327 -16.40 44.63 11.48
N ALA I 328 -16.67 44.66 10.18
CA ALA I 328 -15.83 45.37 9.22
C ALA I 328 -16.72 46.36 8.49
N PRO I 329 -16.25 47.59 8.28
CA PRO I 329 -17.12 48.60 7.66
C PRO I 329 -17.54 48.18 6.27
N VAL I 330 -18.76 48.58 5.90
CA VAL I 330 -19.22 48.44 4.53
C VAL I 330 -19.70 49.80 4.04
N TYR I 331 -20.10 50.67 4.97
CA TYR I 331 -20.71 51.94 4.66
C TYR I 331 -19.97 53.08 5.35
N ILE I 332 -20.18 54.28 4.85
CA ILE I 332 -19.46 55.47 5.29
C ILE I 332 -20.33 56.18 6.32
N SER I 333 -19.98 56.03 7.59
CA SER I 333 -20.73 56.61 8.69
C SER I 333 -19.84 56.63 9.92
N TRP I 334 -20.27 57.39 10.93
CA TRP I 334 -19.51 57.45 12.18
C TRP I 334 -20.48 57.47 13.36
N SER I 335 -20.08 56.84 14.46
CA SER I 335 -20.88 56.83 15.67
C SER I 335 -20.06 56.26 16.80
N ALA I 336 -20.36 56.69 18.02
CA ALA I 336 -19.60 56.25 19.19
C ALA I 336 -19.97 54.82 19.57
N GLN I 337 -18.94 54.01 19.85
CA GLN I 337 -19.12 52.67 20.39
C GLN I 337 -19.66 51.70 19.36
N ASN I 338 -19.92 52.17 18.14
CA ASN I 338 -20.53 51.37 17.10
C ASN I 338 -19.43 50.62 16.34
N ARG I 339 -19.30 49.33 16.62
CA ARG I 339 -18.36 48.48 15.90
C ARG I 339 -18.89 48.00 14.59
N SER I 340 -20.03 48.54 14.18
CA SER I 340 -20.57 48.32 12.85
C SER I 340 -20.39 49.50 11.92
N SER I 341 -19.84 50.61 12.42
CA SER I 341 -19.73 51.83 11.63
C SER I 341 -18.30 51.97 11.11
N LEU I 342 -18.10 52.91 10.19
CA LEU I 342 -16.82 53.21 9.57
C LEU I 342 -15.85 53.86 10.54
N ILE I 343 -16.33 54.80 11.35
CA ILE I 343 -15.48 55.55 12.27
C ILE I 343 -16.04 55.43 13.68
N ARG I 344 -15.58 54.44 14.42
CA ARG I 344 -15.98 54.31 15.82
C ARG I 344 -15.22 55.30 16.68
N ILE I 345 -15.87 55.73 17.75
CA ILE I 345 -15.26 56.58 18.76
C ILE I 345 -15.37 55.86 20.10
N PRO I 346 -14.31 55.18 20.54
CA PRO I 346 -14.38 54.46 21.81
C PRO I 346 -14.79 55.37 22.95
N ALA I 347 -15.09 54.76 24.09
CA ALA I 347 -15.62 55.50 25.23
C ALA I 347 -14.55 56.24 26.02
N THR I 348 -13.27 55.91 25.83
CA THR I 348 -12.20 56.54 26.59
C THR I 348 -12.07 58.02 26.25
N ARG I 349 -11.95 58.85 27.28
CA ARG I 349 -11.77 60.29 27.15
C ARG I 349 -10.41 60.69 27.75
N GLY I 350 -10.16 62.00 27.77
CA GLY I 350 -8.84 62.47 28.15
C GLY I 350 -7.83 62.06 27.10
N ASN I 351 -6.62 61.73 27.54
CA ASN I 351 -5.69 61.04 26.67
C ASN I 351 -6.27 59.66 26.38
N GLY I 352 -6.80 59.50 25.19
CA GLY I 352 -7.56 58.32 24.85
C GLY I 352 -8.75 58.68 24.00
N THR I 353 -8.98 59.97 23.79
CA THR I 353 -10.07 60.45 22.95
C THR I 353 -9.61 60.42 21.50
N ARG I 354 -9.60 59.23 20.94
CA ARG I 354 -9.13 59.03 19.59
C ARG I 354 -10.32 58.76 18.66
N ILE I 355 -10.03 58.62 17.37
CA ILE I 355 -11.02 58.24 16.37
C ILE I 355 -10.54 56.93 15.76
N GLU I 356 -11.39 55.91 15.81
CA GLU I 356 -11.04 54.60 15.27
C GLU I 356 -11.54 54.48 13.83
N LEU I 357 -10.61 54.32 12.89
CA LEU I 357 -10.93 54.09 11.48
C LEU I 357 -10.71 52.60 11.23
N ARG I 358 -11.78 51.89 10.89
CA ARG I 358 -11.73 50.43 10.87
C ARG I 358 -11.49 49.83 9.49
N CYS I 359 -11.57 50.60 8.41
CA CYS I 359 -11.34 50.05 7.08
C CYS I 359 -9.97 49.45 6.88
N PRO I 360 -8.87 50.18 7.15
CA PRO I 360 -7.56 49.73 6.70
C PRO I 360 -7.28 48.28 7.04
N ASP I 361 -6.58 47.59 6.16
CA ASP I 361 -6.28 46.19 6.32
C ASP I 361 -4.82 46.09 6.72
N PRO I 362 -4.39 45.02 7.39
CA PRO I 362 -2.96 44.92 7.73
C PRO I 362 -2.07 44.74 6.52
N ALA I 363 -2.64 44.50 5.34
CA ALA I 363 -1.88 44.41 4.10
C ALA I 363 -1.50 45.77 3.53
N CYS I 364 -2.06 46.85 4.04
CA CYS I 364 -1.80 48.18 3.49
C CYS I 364 -0.40 48.65 3.82
N ASN I 365 0.01 49.72 3.16
CA ASN I 365 1.28 50.37 3.46
C ASN I 365 1.05 51.45 4.51
N PRO I 366 1.57 51.28 5.73
CA PRO I 366 1.28 52.28 6.78
C PRO I 366 1.75 53.68 6.47
N TYR I 367 2.88 53.85 5.78
CA TYR I 367 3.35 55.20 5.49
C TYR I 367 2.37 55.94 4.59
N LEU I 368 1.84 55.28 3.58
CA LEU I 368 0.87 55.90 2.69
C LEU I 368 -0.48 56.07 3.35
N ALA I 369 -0.95 55.03 4.04
CA ALA I 369 -2.28 55.08 4.64
C ALA I 369 -2.35 56.14 5.74
N PHE I 370 -1.36 56.16 6.64
CA PHE I 370 -1.36 57.16 7.69
C PHE I 370 -1.20 58.56 7.13
N ALA I 371 -0.38 58.73 6.09
CA ALA I 371 -0.22 60.05 5.47
C ALA I 371 -1.56 60.54 4.92
N LEU I 372 -2.25 59.68 4.18
CA LEU I 372 -3.53 60.07 3.60
C LEU I 372 -4.57 60.36 4.67
N MET I 373 -4.62 59.53 5.72
CA MET I 373 -5.54 59.80 6.83
C MET I 373 -5.23 61.14 7.47
N LEU I 374 -3.95 61.41 7.72
CA LEU I 374 -3.56 62.62 8.42
C LEU I 374 -3.97 63.85 7.63
N ARG I 375 -3.62 63.90 6.35
CA ARG I 375 -3.94 65.12 5.62
C ARG I 375 -5.38 65.18 5.14
N ALA I 376 -6.12 64.06 5.15
CA ALA I 376 -7.57 64.15 5.00
C ALA I 376 -8.20 64.80 6.24
N GLY I 377 -7.76 64.42 7.43
CA GLY I 377 -8.24 65.09 8.62
C GLY I 377 -7.85 66.56 8.65
N LEU I 378 -6.64 66.87 8.20
CA LEU I 378 -6.21 68.26 8.15
C LEU I 378 -7.01 69.05 7.11
N GLU I 379 -7.38 68.42 5.99
CA GLU I 379 -8.28 69.07 5.05
C GLU I 379 -9.64 69.31 5.68
N GLY I 380 -10.12 68.37 6.51
CA GLY I 380 -11.37 68.58 7.20
C GLY I 380 -11.32 69.75 8.15
N ILE I 381 -10.23 69.87 8.90
CA ILE I 381 -10.09 71.00 9.83
C ILE I 381 -9.93 72.31 9.08
N LYS I 382 -9.13 72.32 8.01
CA LYS I 382 -8.89 73.55 7.26
C LYS I 382 -10.16 74.11 6.66
N ASN I 383 -11.02 73.25 6.11
CA ASN I 383 -12.25 73.66 5.46
C ASN I 383 -13.46 73.56 6.37
N LYS I 384 -13.24 73.33 7.67
CA LYS I 384 -14.31 73.22 8.64
C LYS I 384 -15.44 72.34 8.13
N ILE I 385 -15.11 71.09 7.81
CA ILE I 385 -16.09 70.15 7.25
C ILE I 385 -16.81 69.43 8.38
N ASP I 386 -17.93 69.95 8.79
CA ASP I 386 -18.70 69.27 9.82
C ASP I 386 -19.37 68.03 9.23
N PRO I 387 -19.28 66.88 9.91
CA PRO I 387 -20.02 65.70 9.43
C PRO I 387 -21.48 65.74 9.82
N GLY I 388 -22.28 64.83 9.28
CA GLY I 388 -23.68 64.78 9.63
C GLY I 388 -23.88 64.24 11.03
N GLU I 389 -25.14 64.02 11.36
CA GLU I 389 -25.49 63.41 12.64
C GLU I 389 -24.94 61.98 12.68
N PRO I 390 -24.42 61.52 13.81
CA PRO I 390 -23.91 60.15 13.88
C PRO I 390 -25.02 59.13 13.69
N THR I 391 -24.65 57.98 13.14
CA THR I 391 -25.58 56.87 12.95
C THR I 391 -25.35 55.86 14.06
N ASN I 392 -26.00 56.10 15.20
CA ASN I 392 -25.84 55.25 16.38
C ASN I 392 -26.75 54.03 16.31
N VAL I 393 -26.63 53.24 15.24
CA VAL I 393 -27.42 52.02 15.10
C VAL I 393 -26.59 51.04 14.30
N ASN I 394 -27.00 49.77 14.31
CA ASN I 394 -26.43 48.80 13.39
C ASN I 394 -26.76 49.19 11.96
N ILE I 395 -25.73 49.33 11.14
CA ILE I 395 -25.90 49.71 9.74
C ILE I 395 -26.18 48.49 8.88
N PHE I 396 -25.71 47.32 9.31
CA PHE I 396 -25.95 46.11 8.55
C PHE I 396 -27.41 45.68 8.65
N HIS I 397 -28.10 46.09 9.72
CA HIS I 397 -29.51 45.79 9.93
C HIS I 397 -30.37 46.94 9.42
N LEU I 398 -30.09 47.36 8.20
CA LEU I 398 -30.89 48.38 7.54
C LEU I 398 -31.12 47.96 6.10
N SER I 399 -32.29 48.32 5.57
CA SER I 399 -32.57 48.07 4.18
C SER I 399 -31.82 49.08 3.31
N ASP I 400 -31.75 48.79 2.02
CA ASP I 400 -31.12 49.72 1.08
C ASP I 400 -31.86 51.05 1.08
N LYS I 401 -33.19 51.00 1.11
CA LYS I 401 -33.97 52.24 1.18
C LYS I 401 -33.69 52.99 2.49
N GLU I 402 -33.67 52.26 3.60
CA GLU I 402 -33.42 52.90 4.89
C GLU I 402 -32.12 53.68 4.88
N ARG I 403 -31.05 53.06 4.40
CA ARG I 403 -29.74 53.70 4.39
C ARG I 403 -29.60 54.72 3.27
N GLU I 404 -30.43 54.63 2.22
CA GLU I 404 -30.40 55.62 1.15
C GLU I 404 -31.11 56.90 1.54
N GLU I 405 -32.23 56.81 2.26
CA GLU I 405 -32.89 58.03 2.74
C GLU I 405 -32.09 58.70 3.85
N ARG I 406 -31.28 57.94 4.57
CA ARG I 406 -30.43 58.51 5.62
C ARG I 406 -29.16 59.13 5.05
N GLY I 407 -28.92 59.00 3.75
CA GLY I 407 -27.76 59.58 3.12
C GLY I 407 -26.50 58.76 3.20
N ILE I 408 -26.58 57.52 3.67
CA ILE I 408 -25.39 56.71 3.93
C ILE I 408 -24.86 56.17 2.61
N ARG I 409 -23.59 56.42 2.34
CA ARG I 409 -22.92 55.89 1.16
C ARG I 409 -22.13 54.64 1.53
N SER I 410 -21.90 53.80 0.53
CA SER I 410 -21.16 52.57 0.74
C SER I 410 -19.72 52.72 0.25
N LEU I 411 -18.85 51.88 0.79
CA LEU I 411 -17.46 51.83 0.35
C LEU I 411 -17.36 51.11 -0.99
N PRO I 412 -16.25 51.31 -1.72
CA PRO I 412 -16.09 50.59 -3.00
C PRO I 412 -16.24 49.09 -2.88
N ALA I 413 -17.03 48.51 -3.78
CA ALA I 413 -17.39 47.09 -3.66
C ALA I 413 -16.19 46.19 -3.87
N ASP I 414 -15.30 46.55 -4.78
CA ASP I 414 -14.14 45.72 -5.09
C ASP I 414 -12.97 46.62 -5.42
N LEU I 415 -11.84 45.99 -5.75
CA LEU I 415 -10.59 46.72 -5.96
C LEU I 415 -10.69 47.69 -7.13
N LYS I 416 -11.36 47.28 -8.20
CA LYS I 416 -11.45 48.15 -9.38
C LYS I 416 -12.22 49.42 -9.08
N GLU I 417 -13.29 49.34 -8.28
CA GLU I 417 -14.02 50.54 -7.93
C GLU I 417 -13.15 51.50 -7.15
N ALA I 418 -12.34 50.98 -6.22
CA ALA I 418 -11.43 51.81 -5.46
C ALA I 418 -10.35 52.43 -6.35
N ILE I 419 -9.85 51.65 -7.30
CA ILE I 419 -8.86 52.17 -8.25
C ILE I 419 -9.46 53.32 -9.04
N ASP I 420 -10.71 53.16 -9.51
CA ASP I 420 -11.36 54.20 -10.28
C ASP I 420 -11.58 55.45 -9.43
N GLU I 421 -12.03 55.26 -8.19
CA GLU I 421 -12.24 56.40 -7.30
C GLU I 421 -10.94 57.11 -6.96
N MET I 422 -9.82 56.39 -6.97
CA MET I 422 -8.52 56.96 -6.63
C MET I 422 -7.88 57.67 -7.82
N LYS I 423 -8.09 57.15 -9.04
CA LYS I 423 -7.50 57.76 -10.21
C LYS I 423 -8.01 59.18 -10.44
N GLY I 424 -9.31 59.38 -10.30
CA GLY I 424 -9.89 60.69 -10.53
C GLY I 424 -9.67 61.67 -9.40
N SER I 425 -8.97 61.25 -8.36
CA SER I 425 -8.78 62.08 -7.18
C SER I 425 -7.64 63.07 -7.39
N LYS I 426 -7.91 64.33 -7.02
CA LYS I 426 -6.89 65.37 -6.96
C LYS I 426 -6.25 65.43 -5.59
N PHE I 427 -7.02 65.12 -4.55
CA PHE I 427 -6.47 65.11 -3.20
C PHE I 427 -5.42 64.02 -3.03
N VAL I 428 -5.70 62.82 -3.56
CA VAL I 428 -4.77 61.70 -3.38
C VAL I 428 -3.50 61.93 -4.19
N LYS I 429 -3.63 62.49 -5.40
CA LYS I 429 -2.46 62.80 -6.20
C LYS I 429 -1.58 63.86 -5.54
N GLU I 430 -2.20 64.88 -4.96
CA GLU I 430 -1.44 65.88 -4.23
C GLU I 430 -0.74 65.27 -3.02
N ALA I 431 -1.42 64.37 -2.31
CA ALA I 431 -0.84 63.74 -1.13
C ALA I 431 0.36 62.87 -1.50
N LEU I 432 0.14 61.92 -2.42
CA LEU I 432 1.19 60.93 -2.70
C LEU I 432 2.27 61.49 -3.61
N GLY I 433 1.88 62.28 -4.61
CA GLY I 433 2.80 62.74 -5.62
C GLY I 433 2.72 61.90 -6.89
N GLU I 434 3.27 62.44 -7.97
CA GLU I 434 3.10 61.80 -9.27
C GLU I 434 3.69 60.40 -9.29
N HIS I 435 4.91 60.24 -8.76
CA HIS I 435 5.58 58.95 -8.85
C HIS I 435 4.83 57.88 -8.07
N VAL I 436 4.53 58.15 -6.79
CA VAL I 436 3.82 57.16 -5.99
C VAL I 436 2.43 56.92 -6.56
N PHE I 437 1.73 58.00 -6.92
CA PHE I 437 0.41 57.87 -7.52
C PHE I 437 0.43 56.90 -8.69
N SER I 438 1.23 57.20 -9.72
CA SER I 438 1.21 56.41 -10.94
C SER I 438 1.69 54.99 -10.71
N HIS I 439 2.75 54.81 -9.91
CA HIS I 439 3.29 53.48 -9.69
C HIS I 439 2.43 52.64 -8.76
N TYR I 440 1.56 53.26 -7.98
CA TYR I 440 0.56 52.51 -7.23
C TYR I 440 -0.59 52.11 -8.14
N LEU I 441 -1.09 53.05 -8.94
CA LEU I 441 -2.12 52.74 -9.92
C LEU I 441 -1.71 51.54 -10.76
N CYS I 442 -0.58 51.65 -11.46
CA CYS I 442 -0.16 50.61 -12.38
C CYS I 442 -0.15 49.24 -11.72
N ALA I 443 0.46 49.15 -10.55
CA ALA I 443 0.56 47.86 -9.86
C ALA I 443 -0.82 47.31 -9.56
N LYS I 444 -1.72 48.15 -9.06
CA LYS I 444 -3.03 47.62 -8.68
C LYS I 444 -3.87 47.28 -9.91
N GLU I 445 -3.70 48.03 -10.99
CA GLU I 445 -4.42 47.71 -12.22
C GLU I 445 -3.97 46.38 -12.80
N MET I 446 -2.66 46.13 -12.82
CA MET I 446 -2.19 44.82 -13.27
C MET I 446 -2.71 43.71 -12.36
N GLU I 447 -2.70 43.95 -11.05
CA GLU I 447 -3.25 42.97 -10.13
C GLU I 447 -4.69 42.62 -10.49
N TRP I 448 -5.52 43.64 -10.64
CA TRP I 448 -6.93 43.42 -10.93
C TRP I 448 -7.11 42.71 -12.28
N ASP I 449 -6.40 43.19 -13.30
CA ASP I 449 -6.52 42.58 -14.61
C ASP I 449 -6.10 41.12 -14.61
N GLU I 450 -5.12 40.75 -13.80
CA GLU I 450 -4.79 39.34 -13.64
C GLU I 450 -5.87 38.59 -12.86
N TYR I 451 -6.59 39.27 -11.98
CA TYR I 451 -7.62 38.59 -11.18
C TYR I 451 -8.95 38.45 -11.91
N LYS I 452 -9.33 39.41 -12.75
CA LYS I 452 -10.66 39.38 -13.34
C LYS I 452 -10.81 38.29 -14.40
N ALA I 453 -9.71 37.76 -14.92
CA ALA I 453 -9.75 36.76 -15.98
C ALA I 453 -9.65 35.34 -15.46
N VAL I 454 -9.58 35.15 -14.15
CA VAL I 454 -9.39 33.84 -13.57
C VAL I 454 -10.73 33.14 -13.48
N VAL I 455 -10.72 31.83 -13.71
CA VAL I 455 -11.89 30.97 -13.55
C VAL I 455 -11.70 30.21 -12.26
N HIS I 456 -12.54 30.44 -11.32
CA HIS I 456 -12.37 29.87 -9.99
C HIS I 456 -13.20 28.62 -9.82
N PRO I 457 -12.79 27.69 -8.95
CA PRO I 457 -13.58 26.48 -8.77
C PRO I 457 -15.01 26.74 -8.34
N TRP I 458 -15.27 27.81 -7.60
CA TRP I 458 -16.65 28.17 -7.29
C TRP I 458 -17.49 28.27 -8.55
N GLU I 459 -16.90 28.76 -9.64
CA GLU I 459 -17.63 28.88 -10.88
C GLU I 459 -17.94 27.54 -11.51
N LEU I 460 -17.07 26.54 -11.34
CA LEU I 460 -17.40 25.21 -11.84
C LEU I 460 -18.47 24.58 -10.95
N SER I 461 -18.15 24.37 -9.67
CA SER I 461 -19.09 23.73 -8.77
C SER I 461 -20.46 24.39 -8.82
N ARG I 462 -20.52 25.67 -9.19
CA ARG I 462 -21.80 26.35 -9.29
C ARG I 462 -22.54 25.95 -10.56
N TYR I 463 -21.93 26.15 -11.72
CA TYR I 463 -22.54 25.79 -13.00
C TYR I 463 -21.51 25.11 -13.89
N LEU I 464 -21.41 23.84 -13.73
CA LEU I 464 -20.76 22.93 -14.65
C LEU I 464 -21.64 21.74 -14.94
N SER I 465 -22.37 21.24 -13.94
CA SER I 465 -23.45 20.29 -14.13
C SER I 465 -24.75 20.97 -14.50
N MET I 466 -24.83 22.29 -14.39
CA MET I 466 -26.02 23.04 -14.71
C MET I 466 -26.04 23.52 -16.16
N LEU I 467 -24.89 23.85 -16.72
CA LEU I 467 -24.79 24.25 -18.12
C LEU I 467 -23.86 23.29 -18.86
N THR J 28 53.95 37.03 4.08
CA THR J 28 53.99 35.62 4.47
C THR J 28 54.89 34.85 3.52
N THR J 29 55.75 34.02 4.10
CA THR J 29 56.71 33.21 3.34
C THR J 29 56.59 31.77 3.82
N LYS J 30 57.53 30.92 3.42
CA LYS J 30 57.50 29.53 3.85
C LYS J 30 57.69 29.44 5.36
N GLU J 31 58.57 30.28 5.91
CA GLU J 31 58.83 30.26 7.34
C GLU J 31 57.57 30.64 8.12
N ASP J 32 56.85 31.66 7.66
CA ASP J 32 55.60 32.03 8.32
C ASP J 32 54.57 30.93 8.21
N VAL J 33 54.52 30.24 7.07
CA VAL J 33 53.56 29.15 6.91
C VAL J 33 53.87 28.03 7.91
N LEU J 34 55.15 27.68 8.05
CA LEU J 34 55.53 26.66 9.02
C LEU J 34 55.21 27.10 10.44
N GLU J 35 55.50 28.37 10.75
CA GLU J 35 55.20 28.87 12.09
C GLU J 35 53.70 28.79 12.38
N ALA J 36 52.86 29.15 11.42
CA ALA J 36 51.42 29.06 11.59
C ALA J 36 50.96 27.61 11.69
N VAL J 37 51.59 26.70 10.96
CA VAL J 37 51.24 25.29 11.05
C VAL J 37 51.51 24.77 12.45
N LYS J 38 52.66 25.12 13.02
CA LYS J 38 52.94 24.72 14.40
C LYS J 38 51.98 25.41 15.38
N GLU J 39 51.81 26.72 15.25
CA GLU J 39 51.06 27.49 16.24
C GLU J 39 49.60 27.09 16.28
N ARG J 40 48.97 26.95 15.11
CA ARG J 40 47.54 26.73 15.04
C ARG J 40 47.18 25.25 14.95
N ASP J 41 48.16 24.35 15.11
CA ASP J 41 47.92 22.92 15.23
C ASP J 41 47.27 22.36 13.96
N VAL J 42 48.02 22.46 12.87
CA VAL J 42 47.59 22.01 11.56
C VAL J 42 48.23 20.67 11.27
N LYS J 43 47.41 19.73 10.80
CA LYS J 43 47.88 18.38 10.45
C LYS J 43 47.84 18.12 8.96
N PHE J 44 46.82 18.62 8.26
CA PHE J 44 46.63 18.38 6.83
C PHE J 44 46.66 19.70 6.08
N ILE J 45 47.39 19.71 4.98
CA ILE J 45 47.39 20.84 4.05
C ILE J 45 46.76 20.36 2.77
N ARG J 46 45.74 21.05 2.29
CA ARG J 46 45.12 20.74 1.01
C ARG J 46 45.84 21.54 -0.06
N THR J 47 46.74 20.88 -0.78
CA THR J 47 47.37 21.48 -1.94
C THR J 47 46.36 21.55 -3.08
N GLN J 48 46.16 22.73 -3.64
CA GLN J 48 45.08 22.96 -4.60
C GLN J 48 45.58 23.75 -5.80
N PHE J 49 44.93 23.51 -6.93
CA PHE J 49 45.13 24.30 -8.14
C PHE J 49 43.84 24.25 -8.94
N THR J 50 43.69 25.19 -9.87
CA THR J 50 42.51 25.26 -10.72
C THR J 50 42.85 24.73 -12.11
N ASP J 51 42.00 23.85 -12.63
CA ASP J 51 42.22 23.28 -13.95
C ASP J 51 41.76 24.26 -15.03
N THR J 52 41.92 23.85 -16.28
CA THR J 52 41.67 24.75 -17.40
C THR J 52 40.23 25.25 -17.41
N LEU J 53 39.29 24.40 -17.05
CA LEU J 53 37.87 24.74 -17.12
C LEU J 53 37.35 25.41 -15.86
N GLY J 54 38.22 25.81 -14.93
CA GLY J 54 37.79 26.53 -13.75
C GLY J 54 37.50 25.66 -12.54
N ILE J 55 37.68 24.35 -12.64
CA ILE J 55 37.37 23.48 -11.53
C ILE J 55 38.58 23.37 -10.60
N ILE J 56 38.31 23.35 -9.30
CA ILE J 56 39.35 23.33 -8.28
C ILE J 56 39.67 21.87 -7.99
N LYS J 57 40.94 21.51 -8.18
CA LYS J 57 41.44 20.18 -7.88
C LYS J 57 42.41 20.26 -6.71
N SER J 58 42.15 19.45 -5.68
CA SER J 58 42.92 19.52 -4.45
C SER J 58 43.22 18.12 -3.95
N TRP J 59 44.32 18.00 -3.22
CA TRP J 59 44.59 16.78 -2.47
C TRP J 59 45.39 17.11 -1.23
N ALA J 60 45.28 16.24 -0.24
CA ALA J 60 45.81 16.49 1.09
C ALA J 60 47.17 15.86 1.28
N ILE J 61 48.05 16.59 1.96
CA ILE J 61 49.31 16.04 2.44
C ILE J 61 49.45 16.34 3.92
N PRO J 62 50.13 15.47 4.65
CA PRO J 62 50.37 15.73 6.07
C PRO J 62 51.29 16.93 6.26
N ALA J 63 51.11 17.58 7.41
CA ALA J 63 51.93 18.75 7.73
C ALA J 63 53.41 18.38 7.77
N GLU J 64 53.72 17.14 8.19
CA GLU J 64 55.10 16.71 8.26
C GLU J 64 55.79 16.78 6.91
N GLN J 65 55.04 16.60 5.82
CA GLN J 65 55.61 16.68 4.48
C GLN J 65 55.78 18.11 4.00
N LEU J 66 55.07 19.07 4.59
CA LEU J 66 55.09 20.43 4.09
C LEU J 66 56.52 20.93 3.91
N GLU J 67 57.35 20.78 4.95
CA GLU J 67 58.68 21.37 4.91
C GLU J 67 59.44 20.95 3.67
N GLU J 68 59.25 19.72 3.19
CA GLU J 68 59.96 19.29 2.00
C GLU J 68 59.19 19.57 0.73
N ALA J 69 57.86 19.54 0.76
CA ALA J 69 57.10 19.89 -0.42
C ALA J 69 57.50 21.27 -0.90
N PHE J 70 57.68 22.22 0.02
CA PHE J 70 58.08 23.57 -0.36
C PHE J 70 59.33 23.55 -1.23
N GLU J 71 60.28 22.68 -0.91
CA GLU J 71 61.53 22.64 -1.66
C GLU J 71 61.54 21.55 -2.72
N ASN J 72 60.45 20.81 -2.88
CA ASN J 72 60.39 19.75 -3.86
C ASN J 72 59.11 19.74 -4.68
N GLY J 73 58.12 20.56 -4.34
CA GLY J 73 56.85 20.53 -5.03
C GLY J 73 56.14 19.21 -4.81
N VAL J 74 54.88 19.14 -5.18
CA VAL J 74 54.08 17.92 -5.05
C VAL J 74 53.74 17.45 -6.45
N MET J 75 53.95 16.16 -6.71
CA MET J 75 53.79 15.61 -8.05
C MET J 75 52.40 15.00 -8.20
N PHE J 76 51.80 15.20 -9.37
CA PHE J 76 50.50 14.65 -9.68
C PHE J 76 50.46 14.22 -11.14
N ASP J 77 49.28 13.76 -11.57
CA ASP J 77 49.05 13.21 -12.89
C ASP J 77 48.27 14.22 -13.71
N GLY J 78 48.93 14.81 -14.71
CA GLY J 78 48.29 15.80 -15.55
C GLY J 78 47.31 15.26 -16.56
N SER J 79 47.39 13.97 -16.87
CA SER J 79 46.47 13.38 -17.84
C SER J 79 45.08 13.19 -17.26
N SER J 80 44.92 13.24 -15.94
CA SER J 80 43.62 13.16 -15.29
C SER J 80 43.05 14.54 -15.01
N ILE J 81 43.64 15.58 -15.57
CA ILE J 81 43.17 16.95 -15.42
C ILE J 81 42.79 17.46 -16.80
N GLN J 82 41.65 18.14 -16.86
CA GLN J 82 41.10 18.57 -18.16
C GLN J 82 42.03 19.60 -18.78
N GLY J 83 42.50 19.31 -19.98
CA GLY J 83 43.31 20.24 -20.75
C GLY J 83 44.64 20.60 -20.12
N PHE J 84 45.34 19.60 -19.57
CA PHE J 84 46.63 19.86 -18.94
C PHE J 84 47.78 19.18 -19.68
N THR J 85 47.78 17.86 -19.82
CA THR J 85 48.89 17.20 -20.49
C THR J 85 48.45 15.78 -20.85
N ARG J 86 49.26 15.12 -21.67
CA ARG J 86 48.93 13.84 -22.25
C ARG J 86 49.43 12.71 -21.37
N ILE J 87 49.08 11.48 -21.74
CA ILE J 87 49.33 10.32 -20.88
C ILE J 87 50.76 9.83 -21.09
N GLU J 88 51.34 10.11 -22.26
CA GLU J 88 52.73 9.75 -22.51
C GLU J 88 53.67 10.52 -21.57
N GLU J 89 53.44 11.83 -21.42
CA GLU J 89 54.11 12.72 -20.49
C GLU J 89 53.10 13.35 -19.54
N SER J 90 52.80 12.61 -18.48
CA SER J 90 51.75 12.96 -17.54
C SER J 90 52.26 13.46 -16.21
N ASP J 91 53.48 13.10 -15.82
CA ASP J 91 54.04 13.61 -14.57
C ASP J 91 54.03 15.13 -14.57
N MET J 92 53.38 15.72 -13.58
CA MET J 92 53.40 17.16 -13.39
C MET J 92 53.82 17.48 -11.97
N LYS J 93 54.42 18.65 -11.81
CA LYS J 93 54.83 19.15 -10.51
C LYS J 93 53.99 20.36 -10.15
N LEU J 94 53.79 20.59 -8.87
CA LEU J 94 53.10 21.77 -8.40
C LEU J 94 53.89 22.40 -7.28
N ALA J 95 54.30 23.66 -7.48
CA ALA J 95 55.03 24.43 -6.49
C ALA J 95 54.05 25.21 -5.64
N LEU J 96 54.41 25.42 -4.38
CA LEU J 96 53.52 25.99 -3.39
C LEU J 96 53.72 27.49 -3.29
N ASP J 97 52.62 28.21 -3.09
CA ASP J 97 52.64 29.66 -2.89
C ASP J 97 52.36 29.96 -1.42
N PRO J 98 53.36 30.33 -0.61
CA PRO J 98 53.09 30.54 0.81
C PRO J 98 52.12 31.66 1.10
N SER J 99 51.96 32.62 0.19
CA SER J 99 51.05 33.74 0.45
C SER J 99 49.60 33.30 0.46
N THR J 100 49.27 32.17 -0.15
CA THR J 100 47.90 31.70 -0.24
C THR J 100 47.50 30.79 0.91
N PHE J 101 48.37 30.61 1.90
CA PHE J 101 48.06 29.74 3.03
C PHE J 101 46.86 30.27 3.81
N ARG J 102 45.78 29.49 3.82
CA ARG J 102 44.60 29.80 4.59
C ARG J 102 44.26 28.58 5.43
N ILE J 103 43.41 28.77 6.44
CA ILE J 103 42.98 27.69 7.31
C ILE J 103 41.48 27.54 7.13
N LEU J 104 41.04 26.33 6.82
CA LEU J 104 39.63 26.06 6.55
C LEU J 104 38.86 25.99 7.86
N PRO J 105 37.88 26.86 8.10
CA PRO J 105 37.23 26.90 9.41
C PRO J 105 36.15 25.84 9.60
N TRP J 106 35.58 25.29 8.53
CA TRP J 106 34.53 24.30 8.67
C TRP J 106 35.05 22.89 8.90
N ARG J 107 36.35 22.72 8.95
CA ARG J 107 36.94 21.44 9.32
C ARG J 107 37.45 21.50 10.75
N PRO J 108 37.55 20.35 11.44
CA PRO J 108 37.80 20.38 12.88
C PRO J 108 39.09 21.12 13.22
N ALA J 109 39.06 21.83 14.35
CA ALA J 109 40.19 22.63 14.81
C ALA J 109 41.27 21.82 15.53
N THR J 110 40.96 20.60 15.96
CA THR J 110 41.98 19.74 16.56
C THR J 110 43.02 19.38 15.53
N GLY J 111 42.64 18.59 14.53
CA GLY J 111 43.50 18.33 13.40
C GLY J 111 43.25 19.35 12.32
N ALA J 112 43.57 20.61 12.62
CA ALA J 112 43.21 21.71 11.75
C ALA J 112 43.70 21.44 10.32
N VAL J 113 42.90 21.89 9.36
CA VAL J 113 43.17 21.67 7.95
C VAL J 113 43.42 23.03 7.32
N ALA J 114 44.54 23.17 6.63
CA ALA J 114 44.87 24.38 5.90
C ALA J 114 44.75 24.11 4.41
N ARG J 115 44.96 25.15 3.61
CA ARG J 115 45.00 25.01 2.17
C ARG J 115 46.15 25.86 1.64
N ILE J 116 46.65 25.48 0.48
CA ILE J 116 47.68 26.25 -0.21
C ILE J 116 47.43 26.14 -1.71
N LEU J 117 47.36 27.27 -2.38
CA LEU J 117 47.25 27.31 -3.83
C LEU J 117 48.65 27.19 -4.42
N GLY J 118 48.77 26.43 -5.49
CA GLY J 118 50.06 26.20 -6.12
C GLY J 118 50.08 26.68 -7.56
N ASP J 119 51.29 26.80 -8.09
CA ASP J 119 51.52 27.05 -9.51
C ASP J 119 52.01 25.76 -10.15
N VAL J 120 51.44 25.41 -11.29
CA VAL J 120 51.75 24.16 -11.95
C VAL J 120 53.01 24.34 -12.78
N TYR J 121 54.01 23.50 -12.49
CA TYR J 121 55.28 23.50 -13.22
C TYR J 121 55.39 22.18 -13.99
N LEU J 122 56.47 22.06 -14.74
CA LEU J 122 56.77 20.83 -15.41
C LEU J 122 57.89 20.10 -14.68
N PRO J 123 57.92 18.78 -14.70
CA PRO J 123 58.92 18.06 -13.90
C PRO J 123 60.36 18.47 -14.20
N ASP J 124 60.68 18.78 -15.45
CA ASP J 124 62.02 19.30 -15.75
C ASP J 124 62.26 20.61 -15.03
N GLY J 125 61.22 21.42 -14.87
CA GLY J 125 61.28 22.67 -14.14
C GLY J 125 61.13 23.85 -15.07
N ASN J 126 59.91 24.34 -15.21
CA ASN J 126 59.53 25.46 -16.05
C ASN J 126 58.09 25.81 -15.74
N PRO J 127 57.70 27.06 -15.89
CA PRO J 127 56.32 27.45 -15.58
C PRO J 127 55.35 26.99 -16.65
N PHE J 128 54.83 25.77 -16.50
CA PHE J 128 53.86 25.20 -17.42
C PHE J 128 52.87 26.25 -17.92
N LYS J 129 52.83 26.45 -19.24
CA LYS J 129 52.07 27.54 -19.81
C LYS J 129 50.58 27.25 -19.90
N GLY J 130 50.18 26.00 -19.70
CA GLY J 130 48.78 25.65 -19.71
C GLY J 130 48.06 26.00 -18.43
N ASP J 131 48.78 26.58 -17.47
CA ASP J 131 48.20 26.91 -16.19
C ASP J 131 47.41 28.21 -16.30
N PRO J 132 46.12 28.22 -15.92
CA PRO J 132 45.38 29.50 -15.92
C PRO J 132 46.02 30.56 -15.03
N ARG J 133 46.59 30.16 -13.89
CA ARG J 133 47.32 31.11 -13.07
C ARG J 133 48.45 31.74 -13.85
N TYR J 134 49.15 30.97 -14.69
CA TYR J 134 50.22 31.52 -15.51
C TYR J 134 49.68 32.55 -16.51
N VAL J 135 48.52 32.27 -17.09
CA VAL J 135 47.91 33.21 -18.03
C VAL J 135 47.58 34.53 -17.32
N LEU J 136 46.97 34.44 -16.14
CA LEU J 136 46.63 35.65 -15.41
C LEU J 136 47.89 36.40 -14.99
N LYS J 137 48.93 35.68 -14.59
CA LYS J 137 50.19 36.31 -14.23
C LYS J 137 50.84 37.02 -15.42
N THR J 138 50.77 36.43 -16.61
CA THR J 138 51.26 37.09 -17.81
C THR J 138 50.47 38.36 -18.12
N ALA J 139 49.15 38.32 -17.95
CA ALA J 139 48.36 39.54 -18.15
C ALA J 139 48.74 40.61 -17.14
N ILE J 140 49.00 40.21 -15.89
CA ILE J 140 49.42 41.17 -14.87
C ILE J 140 50.76 41.80 -15.27
N LYS J 141 51.68 40.99 -15.80
CA LYS J 141 52.95 41.54 -16.26
C LYS J 141 52.73 42.52 -17.41
N GLU J 142 51.83 42.18 -18.33
CA GLU J 142 51.50 43.11 -19.41
C GLU J 142 51.01 44.44 -18.86
N ALA J 143 50.18 44.39 -17.82
CA ALA J 143 49.69 45.61 -17.19
C ALA J 143 50.82 46.38 -16.52
N GLU J 144 51.73 45.67 -15.85
CA GLU J 144 52.81 46.35 -15.13
C GLU J 144 53.65 47.22 -16.06
N LYS J 145 53.90 46.74 -17.28
CA LYS J 145 54.72 47.50 -18.22
C LYS J 145 54.11 48.86 -18.54
N MET J 146 52.78 48.96 -18.48
CA MET J 146 52.09 50.22 -18.73
C MET J 146 51.88 51.04 -17.46
N GLY J 147 52.32 50.54 -16.31
CA GLY J 147 52.22 51.26 -15.06
C GLY J 147 50.96 51.01 -14.26
N PHE J 148 50.06 50.18 -14.76
CA PHE J 148 48.77 49.98 -14.11
C PHE J 148 48.78 48.74 -13.22
N SER J 149 47.74 48.64 -12.39
CA SER J 149 47.49 47.43 -11.62
C SER J 149 45.98 47.23 -11.60
N MET J 150 45.51 46.06 -12.04
CA MET J 150 44.08 45.83 -12.15
C MET J 150 43.49 45.44 -10.80
N ASN J 151 42.40 46.10 -10.44
CA ASN J 151 41.62 45.78 -9.25
C ASN J 151 40.28 45.24 -9.69
N VAL J 152 39.87 44.09 -9.14
CA VAL J 152 38.64 43.43 -9.56
C VAL J 152 37.87 43.02 -8.31
N GLY J 153 36.57 43.29 -8.31
CA GLY J 153 35.68 42.83 -7.28
C GLY J 153 34.55 42.01 -7.88
N PRO J 154 34.58 40.69 -7.72
CA PRO J 154 33.55 39.84 -8.33
C PRO J 154 32.20 40.00 -7.63
N GLU J 155 31.16 39.73 -8.41
CA GLU J 155 29.77 39.80 -7.96
C GLU J 155 29.14 38.42 -8.13
N LEU J 156 29.37 37.53 -7.15
CA LEU J 156 29.01 36.13 -7.32
C LEU J 156 27.64 35.86 -6.71
N GLU J 157 26.72 35.38 -7.54
CA GLU J 157 25.39 34.96 -7.12
C GLU J 157 25.29 33.44 -7.21
N PHE J 158 24.46 32.86 -6.35
CA PHE J 158 24.28 31.42 -6.34
C PHE J 158 22.85 31.10 -5.95
N PHE J 159 22.49 29.85 -6.11
CA PHE J 159 21.18 29.35 -5.72
C PHE J 159 21.35 28.34 -4.58
N LEU J 160 20.41 28.35 -3.64
CA LEU J 160 20.38 27.37 -2.57
C LEU J 160 19.21 26.44 -2.81
N PHE J 161 19.52 25.19 -3.13
CA PHE J 161 18.52 24.17 -3.39
C PHE J 161 18.57 23.12 -2.29
N LYS J 162 17.55 22.27 -2.25
CA LYS J 162 17.52 21.21 -1.26
C LYS J 162 18.26 19.99 -1.76
N LEU J 163 18.77 19.21 -0.81
CA LEU J 163 19.38 17.92 -1.10
C LEU J 163 18.34 16.82 -0.94
N ASP J 164 18.45 15.80 -1.77
CA ASP J 164 17.52 14.68 -1.68
C ASP J 164 17.95 13.74 -0.56
N ALA J 165 17.33 12.55 -0.51
CA ALA J 165 17.59 11.61 0.58
C ALA J 165 19.05 11.19 0.62
N ASN J 166 19.65 10.95 -0.54
CA ASN J 166 21.03 10.50 -0.62
C ASN J 166 22.05 11.62 -0.45
N GLY J 167 21.61 12.87 -0.37
CA GLY J 167 22.53 13.99 -0.30
C GLY J 167 23.00 14.49 -1.63
N ASN J 168 22.29 14.20 -2.71
CA ASN J 168 22.65 14.64 -4.04
C ASN J 168 22.03 16.00 -4.34
N PRO J 169 22.66 16.81 -5.19
CA PRO J 169 22.04 18.08 -5.57
C PRO J 169 20.68 17.88 -6.22
N THR J 170 19.77 18.79 -5.94
CA THR J 170 18.47 18.89 -6.60
C THR J 170 18.27 20.32 -7.06
N THR J 171 17.14 20.56 -7.72
CA THR J 171 16.77 21.90 -8.17
C THR J 171 15.52 22.41 -7.46
N GLU J 172 15.16 21.80 -6.33
CA GLU J 172 14.00 22.25 -5.56
C GLU J 172 14.35 23.49 -4.77
N LEU J 173 13.43 24.45 -4.77
CA LEU J 173 13.67 25.72 -4.12
C LEU J 173 13.69 25.57 -2.61
N THR J 174 14.58 26.32 -1.96
CA THR J 174 14.58 26.41 -0.51
C THR J 174 13.71 27.54 0.02
N ASP J 175 13.27 28.45 -0.86
CA ASP J 175 12.32 29.50 -0.51
C ASP J 175 11.84 30.14 -1.81
N GLN J 176 10.78 30.93 -1.70
CA GLN J 176 10.19 31.61 -2.84
C GLN J 176 10.41 33.12 -2.80
N GLY J 177 11.37 33.58 -2.00
CA GLY J 177 11.58 34.99 -1.83
C GLY J 177 12.12 35.66 -3.08
N GLY J 178 12.16 36.99 -3.04
CA GLY J 178 12.66 37.79 -4.12
C GLY J 178 13.87 38.61 -3.72
N TYR J 179 13.94 39.81 -4.29
CA TYR J 179 15.07 40.70 -4.06
C TYR J 179 14.92 41.41 -2.72
N PHE J 180 15.93 41.26 -1.85
CA PHE J 180 15.98 41.94 -0.56
C PHE J 180 14.87 41.47 0.37
N ASP J 181 14.35 40.26 0.16
CA ASP J 181 13.24 39.79 0.97
C ASP J 181 13.72 39.36 2.35
N PHE J 182 12.90 39.68 3.35
CA PHE J 182 13.15 39.35 4.74
C PHE J 182 12.45 38.04 5.11
N ALA J 183 12.89 37.43 6.20
CA ALA J 183 12.31 36.16 6.61
C ALA J 183 10.86 36.35 7.04
N PRO J 184 10.01 35.32 6.90
CA PRO J 184 10.29 33.95 6.44
C PRO J 184 10.25 33.79 4.92
N LEU J 185 10.08 34.88 4.16
CA LEU J 185 10.21 34.77 2.71
C LEU J 185 11.63 34.39 2.32
N ASP J 186 12.62 34.96 3.00
CA ASP J 186 14.02 34.59 2.82
C ASP J 186 14.39 33.60 3.90
N ARG J 187 14.84 32.40 3.50
CA ARG J 187 15.06 31.30 4.43
C ARG J 187 16.53 30.89 4.50
N ALA J 188 17.45 31.73 4.04
CA ALA J 188 18.88 31.46 4.11
C ALA J 188 19.58 32.38 5.11
N GLN J 189 18.85 32.82 6.14
CA GLN J 189 19.45 33.61 7.21
C GLN J 189 20.72 32.95 7.73
N ASP J 190 20.57 31.74 8.29
CA ASP J 190 21.69 31.06 8.91
C ASP J 190 22.76 30.67 7.90
N VAL J 191 22.34 30.23 6.72
CA VAL J 191 23.30 29.78 5.71
C VAL J 191 24.20 30.94 5.29
N ARG J 192 23.60 32.10 4.99
CA ARG J 192 24.41 33.25 4.61
C ARG J 192 25.20 33.81 5.78
N ARG J 193 24.65 33.75 7.00
CA ARG J 193 25.40 34.18 8.16
C ARG J 193 26.68 33.37 8.31
N ASP J 194 26.57 32.05 8.21
CA ASP J 194 27.74 31.20 8.38
C ASP J 194 28.66 31.23 7.18
N ILE J 195 28.15 31.45 5.97
CA ILE J 195 29.02 31.67 4.82
C ILE J 195 29.84 32.94 5.02
N ASP J 196 29.20 34.01 5.49
CA ASP J 196 29.94 35.24 5.78
C ASP J 196 31.00 35.01 6.85
N TYR J 197 30.67 34.24 7.88
CA TYR J 197 31.66 33.95 8.92
C TYR J 197 32.84 33.19 8.34
N ALA J 198 32.59 32.14 7.56
CA ALA J 198 33.66 31.36 6.98
C ALA J 198 34.53 32.20 6.06
N LEU J 199 33.90 33.01 5.21
CA LEU J 199 34.66 33.87 4.30
C LEU J 199 35.50 34.87 5.08
N GLU J 200 34.96 35.44 6.15
CA GLU J 200 35.74 36.34 6.99
C GLU J 200 36.94 35.62 7.59
N HIS J 201 36.77 34.39 8.04
CA HIS J 201 37.89 33.58 8.51
C HIS J 201 38.91 33.29 7.42
N MET J 202 38.50 33.20 6.16
CA MET J 202 39.43 32.97 5.06
C MET J 202 39.98 34.26 4.46
N GLY J 203 39.88 35.38 5.17
CA GLY J 203 40.51 36.61 4.74
C GLY J 203 39.69 37.49 3.82
N PHE J 204 38.42 37.16 3.60
CA PHE J 204 37.54 38.02 2.81
C PHE J 204 37.08 39.19 3.66
N GLN J 205 36.89 40.34 3.01
CA GLN J 205 36.23 41.49 3.63
C GLN J 205 34.81 41.54 3.08
N ILE J 206 33.86 41.02 3.87
CA ILE J 206 32.48 40.96 3.40
C ILE J 206 31.93 42.37 3.27
N GLU J 207 31.23 42.61 2.17
CA GLU J 207 30.64 43.89 1.84
C GLU J 207 29.14 43.91 2.17
N ALA J 208 28.39 42.93 1.67
CA ALA J 208 26.97 42.85 1.91
C ALA J 208 26.46 41.49 1.45
N SER J 209 25.51 40.94 2.20
CA SER J 209 24.85 39.70 1.85
C SER J 209 23.37 39.98 1.67
N HIS J 210 22.77 39.42 0.62
CA HIS J 210 21.35 39.66 0.40
C HIS J 210 20.74 38.57 -0.46
N HIS J 211 19.41 38.51 -0.40
CA HIS J 211 18.62 37.67 -1.28
C HIS J 211 18.49 38.36 -2.64
N GLU J 212 18.55 37.57 -3.69
CA GLU J 212 18.55 38.07 -5.06
C GLU J 212 17.18 37.86 -5.69
N VAL J 213 17.04 38.33 -6.92
CA VAL J 213 15.74 38.42 -7.58
C VAL J 213 15.10 37.04 -7.69
N ALA J 214 15.84 36.05 -8.17
CA ALA J 214 15.26 34.74 -8.36
C ALA J 214 14.90 34.11 -7.02
N PRO J 215 13.93 33.20 -6.99
CA PRO J 215 13.62 32.50 -5.74
C PRO J 215 14.80 31.66 -5.27
N SER J 216 15.18 31.85 -4.01
CA SER J 216 16.28 31.11 -3.39
C SER J 216 17.61 31.40 -4.09
N GLN J 217 17.79 32.65 -4.53
CA GLN J 217 19.05 33.12 -5.08
C GLN J 217 19.66 34.15 -4.15
N HIS J 218 20.96 34.04 -3.91
CA HIS J 218 21.66 34.82 -2.91
C HIS J 218 22.92 35.41 -3.49
N GLU J 219 23.34 36.54 -2.92
CA GLU J 219 24.54 37.24 -3.36
C GLU J 219 25.30 37.70 -2.14
N ILE J 220 26.58 37.33 -2.07
CA ILE J 220 27.51 37.87 -1.08
C ILE J 220 28.58 38.64 -1.84
N ASP J 221 28.82 39.87 -1.43
CA ASP J 221 29.81 40.74 -2.03
C ASP J 221 30.95 40.99 -1.06
N PHE J 222 32.18 40.91 -1.56
CA PHE J 222 33.35 41.14 -0.74
C PHE J 222 34.21 42.21 -1.42
N ARG J 223 35.11 42.79 -0.63
CA ARG J 223 35.92 43.89 -1.11
C ARG J 223 36.82 43.44 -2.26
N PHE J 224 37.12 44.38 -3.16
CA PHE J 224 37.98 44.11 -4.29
C PHE J 224 39.45 44.08 -3.87
N GLY J 225 40.29 43.66 -4.79
CA GLY J 225 41.71 43.60 -4.55
C GLY J 225 42.46 43.40 -5.84
N ASP J 226 43.74 43.10 -5.71
CA ASP J 226 44.55 42.79 -6.89
C ASP J 226 43.92 41.63 -7.65
N VAL J 227 44.10 41.63 -8.98
CA VAL J 227 43.38 40.66 -9.80
C VAL J 227 43.80 39.24 -9.46
N LEU J 228 45.07 39.01 -9.11
CA LEU J 228 45.49 37.68 -8.70
C LEU J 228 44.78 37.24 -7.43
N CYS J 229 44.78 38.12 -6.42
CA CYS J 229 44.14 37.78 -5.15
C CYS J 229 42.66 37.53 -5.32
N THR J 230 41.99 38.34 -6.13
CA THR J 230 40.55 38.16 -6.32
C THR J 230 40.23 36.98 -7.22
N ALA J 231 41.11 36.63 -8.16
CA ALA J 231 40.93 35.41 -8.91
C ALA J 231 41.01 34.19 -8.00
N ASP J 232 41.96 34.20 -7.05
CA ASP J 232 42.00 33.15 -6.04
C ASP J 232 40.75 33.18 -5.16
N ASN J 233 40.32 34.38 -4.77
CA ASN J 233 39.11 34.50 -3.96
C ASN J 233 37.88 33.97 -4.67
N VAL J 234 37.84 34.06 -6.00
CA VAL J 234 36.64 33.62 -6.71
C VAL J 234 36.45 32.11 -6.57
N VAL J 235 37.52 31.34 -6.73
CA VAL J 235 37.42 29.89 -6.58
C VAL J 235 37.24 29.52 -5.12
N THR J 236 37.94 30.23 -4.23
CA THR J 236 37.79 30.00 -2.80
C THR J 236 36.35 30.24 -2.36
N PHE J 237 35.74 31.33 -2.84
CA PHE J 237 34.37 31.66 -2.49
C PHE J 237 33.43 30.56 -2.93
N LYS J 238 33.59 30.06 -4.15
CA LYS J 238 32.69 29.04 -4.64
C LYS J 238 32.80 27.77 -3.82
N TYR J 239 34.01 27.27 -3.54
CA TYR J 239 34.07 26.02 -2.80
C TYR J 239 33.76 26.19 -1.31
N VAL J 240 34.05 27.36 -0.74
CA VAL J 240 33.64 27.64 0.63
C VAL J 240 32.12 27.67 0.74
N VAL J 241 31.46 28.35 -0.19
CA VAL J 241 30.01 28.44 -0.17
C VAL J 241 29.41 27.06 -0.34
N LYS J 242 29.95 26.28 -1.29
CA LYS J 242 29.40 24.95 -1.53
C LYS J 242 29.55 24.05 -0.30
N SER J 243 30.71 24.06 0.34
CA SER J 243 30.92 23.26 1.54
C SER J 243 30.05 23.71 2.71
N ILE J 244 29.97 25.02 2.95
CA ILE J 244 29.14 25.51 4.05
C ILE J 244 27.69 25.14 3.83
N ALA J 245 27.19 25.31 2.59
CA ALA J 245 25.81 24.93 2.30
C ALA J 245 25.61 23.43 2.47
N TYR J 246 26.57 22.63 2.03
CA TYR J 246 26.42 21.19 2.17
C TYR J 246 26.30 20.77 3.63
N HIS J 247 27.14 21.35 4.49
CA HIS J 247 27.12 20.92 5.89
C HIS J 247 25.82 21.30 6.58
N LYS J 248 25.09 22.27 6.04
CA LYS J 248 23.80 22.68 6.60
C LYS J 248 22.63 21.96 5.94
N GLY J 249 22.88 21.07 5.00
CA GLY J 249 21.82 20.31 4.37
C GLY J 249 21.31 20.86 3.06
N TYR J 250 21.98 21.83 2.47
CA TYR J 250 21.57 22.43 1.20
C TYR J 250 22.61 22.16 0.13
N TYR J 251 22.32 22.66 -1.06
CA TYR J 251 23.26 22.64 -2.17
C TYR J 251 23.37 24.05 -2.73
N ALA J 252 24.61 24.56 -2.79
CA ALA J 252 24.87 25.85 -3.41
C ALA J 252 25.25 25.62 -4.87
N SER J 253 24.47 26.20 -5.78
CA SER J 253 24.61 25.99 -7.20
C SER J 253 25.07 27.28 -7.86
N PHE J 254 26.17 27.19 -8.60
CA PHE J 254 26.73 28.32 -9.33
C PHE J 254 26.48 28.17 -10.83
N MET J 255 25.41 27.48 -11.16
CA MET J 255 24.88 27.29 -12.51
C MET J 255 24.27 28.59 -13.00
N PRO J 256 24.63 29.06 -14.20
CA PRO J 256 24.08 30.34 -14.67
C PRO J 256 22.56 30.39 -14.68
N LYS J 257 21.92 29.45 -15.34
CA LYS J 257 20.45 29.43 -15.50
C LYS J 257 19.92 28.07 -15.11
N PRO J 258 19.76 27.82 -13.82
CA PRO J 258 19.24 26.51 -13.40
C PRO J 258 17.73 26.40 -13.56
N LEU J 259 17.03 27.54 -13.61
CA LEU J 259 15.58 27.57 -13.74
C LEU J 259 15.19 28.54 -14.84
N PHE J 260 14.13 28.19 -15.56
CA PHE J 260 13.66 28.99 -16.68
C PHE J 260 12.66 30.03 -16.18
N GLY J 261 12.56 31.15 -16.91
CA GLY J 261 11.59 32.16 -16.57
C GLY J 261 11.91 32.92 -15.31
N VAL J 262 13.15 32.83 -14.85
CA VAL J 262 13.57 33.44 -13.60
C VAL J 262 15.02 33.87 -13.77
N ASN J 263 15.43 34.87 -13.00
CA ASN J 263 16.76 35.43 -13.15
C ASN J 263 17.81 34.33 -13.06
N GLY J 264 18.94 34.56 -13.70
CA GLY J 264 20.07 33.66 -13.65
C GLY J 264 21.19 34.23 -12.80
N SER J 265 22.13 33.36 -12.45
CA SER J 265 23.29 33.75 -11.65
C SER J 265 24.36 34.32 -12.57
N GLY J 266 24.79 35.55 -12.30
CA GLY J 266 25.86 36.15 -13.06
C GLY J 266 27.00 36.57 -12.18
N MET J 267 28.20 36.65 -12.74
CA MET J 267 29.40 37.05 -12.00
C MET J 267 29.87 38.36 -12.59
N HIS J 268 29.29 39.46 -12.13
CA HIS J 268 29.67 40.76 -12.66
C HIS J 268 31.09 41.09 -12.23
N SER J 269 31.88 41.52 -13.19
CA SER J 269 33.29 41.85 -12.97
C SER J 269 33.39 43.36 -12.85
N ASN J 270 33.47 43.84 -11.63
CA ASN J 270 33.77 45.25 -11.38
C ASN J 270 35.28 45.42 -11.45
N GLN J 271 35.75 46.30 -12.33
CA GLN J 271 37.18 46.37 -12.57
C GLN J 271 37.63 47.81 -12.72
N SER J 272 38.72 48.15 -12.06
CA SER J 272 39.36 49.46 -12.17
C SER J 272 40.86 49.29 -12.35
N LEU J 273 41.52 50.39 -12.72
CA LEU J 273 42.96 50.44 -12.87
C LEU J 273 43.51 51.40 -11.84
N PHE J 274 44.55 50.97 -11.13
CA PHE J 274 45.20 51.79 -10.11
C PHE J 274 46.63 52.06 -10.52
N LYS J 275 47.05 53.33 -10.43
CA LYS J 275 48.41 53.75 -10.75
C LYS J 275 48.88 54.64 -9.60
N ASP J 276 49.88 54.17 -8.85
CA ASP J 276 50.34 54.87 -7.65
C ASP J 276 49.25 54.91 -6.60
N GLY J 277 48.52 53.81 -6.43
CA GLY J 277 47.52 53.74 -5.37
C GLY J 277 46.35 54.68 -5.54
N LYS J 278 46.14 55.20 -6.76
CA LYS J 278 45.02 56.08 -7.04
C LYS J 278 44.21 55.49 -8.18
N ASN J 279 42.90 55.66 -8.12
CA ASN J 279 42.02 55.14 -9.17
C ASN J 279 42.23 55.94 -10.44
N VAL J 280 42.75 55.28 -11.48
CA VAL J 280 42.98 55.94 -12.76
C VAL J 280 41.68 56.21 -13.49
N PHE J 281 40.61 55.48 -13.20
CA PHE J 281 39.34 55.65 -13.88
C PHE J 281 38.58 56.88 -13.39
N TYR J 282 39.05 57.54 -12.35
CA TYR J 282 38.37 58.68 -11.77
C TYR J 282 38.99 59.98 -12.26
N ASP J 283 38.14 60.92 -12.67
CA ASP J 283 38.58 62.25 -13.05
C ASP J 283 37.57 63.28 -12.51
N PRO J 284 37.89 63.99 -11.43
CA PRO J 284 36.89 64.88 -10.84
C PRO J 284 36.43 66.00 -11.75
N ASP J 285 37.25 66.45 -12.68
CA ASP J 285 36.89 67.54 -13.58
C ASP J 285 36.74 66.99 -15.00
N THR J 286 35.55 66.46 -15.27
CA THR J 286 35.18 65.94 -16.58
C THR J 286 33.73 65.49 -16.48
N PRO J 287 32.93 65.67 -17.52
CA PRO J 287 31.54 65.17 -17.46
C PRO J 287 31.53 63.66 -17.26
N THR J 288 30.58 63.18 -16.45
CA THR J 288 30.49 61.78 -16.07
C THR J 288 31.58 61.40 -15.08
N LYS J 289 32.50 62.33 -14.78
CA LYS J 289 33.55 62.11 -13.79
C LYS J 289 34.33 60.83 -14.07
N LEU J 290 34.53 60.50 -15.34
CA LEU J 290 35.30 59.35 -15.77
C LEU J 290 36.49 59.82 -16.59
N SER J 291 37.66 59.28 -16.28
CA SER J 291 38.87 59.68 -16.97
C SER J 291 38.89 59.13 -18.39
N GLN J 292 39.84 59.64 -19.18
CA GLN J 292 39.96 59.20 -20.57
C GLN J 292 40.41 57.75 -20.64
N ASP J 293 41.27 57.32 -19.72
CA ASP J 293 41.71 55.94 -19.69
C ASP J 293 40.54 54.99 -19.44
N ALA J 294 39.57 55.40 -18.61
CA ALA J 294 38.37 54.59 -18.42
C ALA J 294 37.61 54.45 -19.73
N MET J 295 37.49 55.54 -20.49
CA MET J 295 36.79 55.50 -21.77
C MET J 295 37.49 54.54 -22.73
N TYR J 296 38.82 54.62 -22.81
CA TYR J 296 39.55 53.74 -23.71
C TYR J 296 39.46 52.29 -23.28
N TYR J 297 39.51 52.03 -21.96
CA TYR J 297 39.33 50.68 -21.46
C TYR J 297 37.95 50.14 -21.83
N ILE J 298 36.92 50.97 -21.73
CA ILE J 298 35.58 50.56 -22.16
C ILE J 298 35.59 50.24 -23.65
N GLY J 299 36.24 51.08 -24.45
CA GLY J 299 36.29 50.85 -25.88
C GLY J 299 36.96 49.53 -26.22
N GLY J 300 38.10 49.25 -25.59
CA GLY J 300 38.76 47.97 -25.83
C GLY J 300 37.92 46.78 -25.40
N LEU J 301 37.33 46.87 -24.20
CA LEU J 301 36.46 45.81 -23.73
C LEU J 301 35.33 45.54 -24.72
N LEU J 302 34.69 46.60 -25.20
CA LEU J 302 33.59 46.43 -26.14
C LEU J 302 34.08 45.84 -27.45
N LYS J 303 35.23 46.30 -27.94
CA LYS J 303 35.72 45.84 -29.23
C LYS J 303 36.15 44.38 -29.20
N HIS J 304 36.55 43.86 -28.04
CA HIS J 304 37.05 42.49 -27.95
C HIS J 304 36.12 41.53 -27.22
N ILE J 305 34.95 41.98 -26.77
CA ILE J 305 34.10 41.13 -25.94
C ILE J 305 33.60 39.92 -26.74
N ARG J 306 33.17 40.13 -27.98
CA ARG J 306 32.61 39.03 -28.76
C ARG J 306 33.60 37.89 -28.94
N GLU J 307 34.89 38.20 -28.90
CA GLU J 307 35.90 37.19 -29.22
C GLU J 307 36.09 36.19 -28.09
N PHE J 308 36.01 36.63 -26.84
CA PHE J 308 36.19 35.74 -25.70
C PHE J 308 34.93 35.60 -24.86
N THR J 309 33.77 35.71 -25.49
CA THR J 309 32.54 35.37 -24.79
C THR J 309 32.47 33.87 -24.49
N ALA J 310 33.16 33.05 -25.28
CA ALA J 310 33.23 31.62 -24.98
C ALA J 310 33.97 31.36 -23.67
N VAL J 311 34.74 32.33 -23.20
CA VAL J 311 35.46 32.19 -21.94
C VAL J 311 34.66 32.71 -20.76
N THR J 312 34.04 33.88 -20.92
CA THR J 312 33.22 34.45 -19.85
C THR J 312 31.94 33.64 -19.66
N ASN J 313 31.37 33.14 -20.75
CA ASN J 313 30.16 32.33 -20.73
C ASN J 313 30.49 30.99 -21.39
N PRO J 314 31.05 30.03 -20.66
CA PRO J 314 31.67 28.86 -21.30
C PRO J 314 30.81 27.60 -21.41
N VAL J 315 29.66 27.54 -20.73
CA VAL J 315 28.85 26.35 -20.74
C VAL J 315 27.63 26.60 -21.63
N VAL J 316 26.96 25.51 -22.00
CA VAL J 316 25.77 25.64 -22.84
C VAL J 316 24.68 26.39 -22.09
N ASN J 317 24.61 26.19 -20.78
CA ASN J 317 23.59 26.81 -19.95
C ASN J 317 23.83 28.30 -19.71
N SER J 318 25.03 28.79 -19.97
CA SER J 318 25.33 30.19 -19.76
C SER J 318 24.71 31.10 -20.80
N TYR J 319 24.29 30.55 -21.93
CA TYR J 319 23.63 31.31 -22.99
C TYR J 319 22.12 31.25 -22.90
N LYS J 320 21.57 30.43 -22.02
CA LYS J 320 20.17 30.52 -21.65
C LYS J 320 19.94 31.57 -20.57
N ARG J 321 21.02 32.04 -19.94
CA ARG J 321 20.96 33.22 -19.07
C ARG J 321 20.97 34.50 -19.87
N LEU J 322 21.65 34.51 -21.02
CA LEU J 322 21.76 35.72 -21.84
C LEU J 322 20.53 35.85 -22.74
N VAL J 323 19.40 36.08 -22.08
CA VAL J 323 18.13 36.33 -22.76
C VAL J 323 17.57 37.63 -22.20
N PRO J 324 16.80 38.39 -22.96
CA PRO J 324 16.34 39.70 -22.47
C PRO J 324 15.28 39.57 -21.39
N GLY J 325 15.24 40.57 -20.51
CA GLY J 325 14.22 40.66 -19.49
C GLY J 325 14.62 40.18 -18.12
N TYR J 326 15.90 39.89 -17.89
CA TYR J 326 16.35 39.37 -16.61
C TYR J 326 17.62 40.06 -16.12
N GLU J 327 17.90 41.26 -16.61
CA GLU J 327 19.06 42.03 -16.15
C GLU J 327 20.37 41.34 -16.48
N ALA J 328 20.35 40.42 -17.43
CA ALA J 328 21.53 39.83 -18.00
C ALA J 328 21.75 40.41 -19.38
N PRO J 329 22.95 40.87 -19.72
CA PRO J 329 23.13 41.55 -21.00
C PRO J 329 22.84 40.65 -22.18
N VAL J 330 22.32 41.25 -23.24
CA VAL J 330 22.11 40.57 -24.51
C VAL J 330 22.82 41.27 -25.66
N TYR J 331 23.18 42.53 -25.51
CA TYR J 331 23.74 43.32 -26.59
C TYR J 331 24.99 44.05 -26.09
N ILE J 332 25.81 44.47 -27.05
CA ILE J 332 27.10 45.12 -26.74
C ILE J 332 26.90 46.62 -26.67
N SER J 333 26.80 47.15 -25.45
CA SER J 333 26.58 48.57 -25.22
C SER J 333 27.19 48.94 -23.88
N TRP J 334 27.14 50.22 -23.54
CA TRP J 334 27.64 50.68 -22.26
C TRP J 334 26.90 51.96 -21.88
N SER J 335 26.59 52.09 -20.59
CA SER J 335 25.88 53.27 -20.11
C SER J 335 25.86 53.27 -18.60
N ALA J 336 25.75 54.46 -18.03
CA ALA J 336 25.82 54.62 -16.58
C ALA J 336 24.51 54.18 -15.93
N GLN J 337 24.62 53.34 -14.91
CA GLN J 337 23.51 52.88 -14.09
C GLN J 337 22.49 52.05 -14.85
N ASN J 338 22.79 51.66 -16.08
CA ASN J 338 21.90 50.83 -16.88
C ASN J 338 22.17 49.35 -16.58
N ARG J 339 21.22 48.71 -15.91
CA ARG J 339 21.31 47.29 -15.61
C ARG J 339 20.80 46.43 -16.74
N SER J 340 20.44 47.04 -17.87
CA SER J 340 20.15 46.33 -19.10
C SER J 340 21.31 46.40 -20.09
N SER J 341 22.45 46.93 -19.66
CA SER J 341 23.59 47.18 -20.51
C SER J 341 24.71 46.19 -20.21
N LEU J 342 25.56 45.99 -21.22
CA LEU J 342 26.70 45.08 -21.08
C LEU J 342 27.73 45.63 -20.11
N ILE J 343 28.01 46.93 -20.18
CA ILE J 343 28.99 47.57 -19.30
C ILE J 343 28.31 48.70 -18.54
N ARG J 344 27.80 48.38 -17.35
CA ARG J 344 27.24 49.41 -16.49
C ARG J 344 28.38 50.16 -15.80
N ILE J 345 28.19 51.46 -15.60
CA ILE J 345 29.10 52.26 -14.78
C ILE J 345 28.33 52.68 -13.54
N PRO J 346 28.53 52.03 -12.40
CA PRO J 346 27.77 52.41 -11.19
C PRO J 346 27.91 53.88 -10.85
N ALA J 347 27.07 54.36 -9.93
CA ALA J 347 27.04 55.78 -9.62
C ALA J 347 28.23 56.20 -8.76
N THR J 348 28.87 55.25 -8.08
CA THR J 348 29.95 55.59 -7.16
C THR J 348 31.15 56.16 -7.91
N ARG J 349 31.76 57.19 -7.34
CA ARG J 349 32.94 57.83 -7.90
C ARG J 349 34.05 57.87 -6.85
N GLY J 350 35.14 58.53 -7.19
CA GLY J 350 36.31 58.50 -6.34
C GLY J 350 36.92 57.11 -6.30
N ASN J 351 37.42 56.73 -5.14
CA ASN J 351 37.80 55.34 -4.93
C ASN J 351 36.53 54.52 -4.93
N GLY J 352 36.23 53.87 -6.05
CA GLY J 352 34.92 53.29 -6.24
C GLY J 352 34.45 53.40 -7.67
N THR J 353 35.15 54.20 -8.47
CA THR J 353 34.88 54.33 -9.89
C THR J 353 35.35 53.07 -10.60
N ARG J 354 34.43 52.29 -11.14
CA ARG J 354 34.78 51.06 -11.84
C ARG J 354 33.90 50.93 -13.07
N ILE J 355 34.15 49.88 -13.84
CA ILE J 355 33.27 49.43 -14.90
C ILE J 355 32.78 48.04 -14.51
N GLU J 356 31.49 47.82 -14.64
CA GLU J 356 30.89 46.53 -14.32
C GLU J 356 30.61 45.80 -15.63
N LEU J 357 31.42 44.78 -15.91
CA LEU J 357 31.18 43.88 -17.03
C LEU J 357 30.18 42.83 -16.54
N ARG J 358 28.96 42.88 -17.06
CA ARG J 358 27.90 42.02 -16.55
C ARG J 358 27.81 40.70 -17.29
N CYS J 359 28.60 40.52 -18.35
CA CYS J 359 28.56 39.34 -19.21
C CYS J 359 28.85 38.04 -18.47
N PRO J 360 29.91 37.96 -17.67
CA PRO J 360 30.36 36.66 -17.16
C PRO J 360 29.35 36.03 -16.21
N ASP J 361 29.54 34.73 -16.00
CA ASP J 361 28.71 33.95 -15.08
C ASP J 361 29.64 33.20 -14.13
N PRO J 362 29.14 32.69 -13.02
CA PRO J 362 30.04 32.03 -12.05
C PRO J 362 30.72 30.80 -12.58
N ALA J 363 30.23 30.20 -13.67
CA ALA J 363 30.80 28.97 -14.19
C ALA J 363 32.13 29.18 -14.90
N CYS J 364 32.55 30.43 -15.11
CA CYS J 364 33.75 30.70 -15.88
C CYS J 364 35.00 30.43 -15.05
N ASN J 365 36.14 30.40 -15.74
CA ASN J 365 37.44 30.34 -15.09
C ASN J 365 37.89 31.76 -14.80
N PRO J 366 37.97 32.18 -13.54
CA PRO J 366 38.35 33.57 -13.26
C PRO J 366 39.73 33.95 -13.76
N TYR J 367 40.70 33.04 -13.74
CA TYR J 367 42.04 33.37 -14.22
C TYR J 367 42.05 33.71 -15.70
N LEU J 368 41.36 32.93 -16.52
CA LEU J 368 41.28 33.22 -17.95
C LEU J 368 40.41 34.44 -18.21
N ALA J 369 39.29 34.54 -17.51
CA ALA J 369 38.35 35.62 -17.78
C ALA J 369 38.96 36.98 -17.43
N PHE J 370 39.51 37.11 -16.21
CA PHE J 370 40.12 38.36 -15.82
C PHE J 370 41.32 38.69 -16.68
N ALA J 371 42.10 37.68 -17.07
CA ALA J 371 43.24 37.92 -17.95
C ALA J 371 42.77 38.52 -19.27
N LEU J 372 41.71 37.96 -19.85
CA LEU J 372 41.24 38.47 -21.14
C LEU J 372 40.64 39.86 -21.00
N MET J 373 39.90 40.13 -19.93
CA MET J 373 39.37 41.49 -19.72
C MET J 373 40.50 42.48 -19.55
N LEU J 374 41.51 42.15 -18.75
CA LEU J 374 42.64 43.05 -18.56
C LEU J 374 43.34 43.33 -19.88
N ARG J 375 43.59 42.28 -20.66
CA ARG J 375 44.26 42.46 -21.94
C ARG J 375 43.44 43.30 -22.89
N ALA J 376 42.12 43.09 -22.91
CA ALA J 376 41.27 43.89 -23.79
C ALA J 376 41.26 45.34 -23.39
N GLY J 377 41.18 45.63 -22.09
CA GLY J 377 41.24 47.01 -21.65
C GLY J 377 42.56 47.67 -21.99
N LEU J 378 43.67 46.96 -21.76
CA LEU J 378 44.98 47.51 -22.09
C LEU J 378 45.13 47.73 -23.59
N GLU J 379 44.56 46.85 -24.41
CA GLU J 379 44.55 47.06 -25.85
C GLU J 379 43.70 48.26 -26.22
N GLY J 380 42.62 48.51 -25.48
CA GLY J 380 41.83 49.70 -25.70
C GLY J 380 42.58 50.97 -25.36
N ILE J 381 43.38 50.94 -24.30
CA ILE J 381 44.14 52.13 -23.92
C ILE J 381 45.26 52.42 -24.90
N LYS J 382 45.95 51.38 -25.37
CA LYS J 382 47.09 51.58 -26.26
C LYS J 382 46.72 52.24 -27.58
N ASN J 383 45.51 52.02 -28.07
CA ASN J 383 45.12 52.57 -29.37
C ASN J 383 43.98 53.57 -29.27
N LYS J 384 43.78 54.20 -28.11
CA LYS J 384 42.76 55.22 -27.92
C LYS J 384 41.46 54.83 -28.63
N ILE J 385 40.96 53.64 -28.31
CA ILE J 385 39.74 53.13 -28.93
C ILE J 385 38.55 53.83 -28.29
N ASP J 386 38.03 54.84 -28.96
CA ASP J 386 36.88 55.56 -28.44
C ASP J 386 35.61 54.73 -28.62
N PRO J 387 34.86 54.47 -27.55
CA PRO J 387 33.53 53.88 -27.72
C PRO J 387 32.53 54.93 -28.20
N GLY J 388 31.43 54.46 -28.74
CA GLY J 388 30.39 55.36 -29.18
C GLY J 388 29.76 56.08 -28.02
N GLU J 389 28.68 56.79 -28.32
CA GLU J 389 27.89 57.43 -27.28
C GLU J 389 27.23 56.35 -26.43
N PRO J 390 27.12 56.54 -25.11
CA PRO J 390 26.46 55.54 -24.28
C PRO J 390 24.99 55.40 -24.63
N THR J 391 24.47 54.20 -24.42
CA THR J 391 23.05 53.92 -24.65
C THR J 391 22.34 53.98 -23.29
N ASN J 392 22.06 55.20 -22.85
CA ASN J 392 21.33 55.44 -21.60
C ASN J 392 19.84 55.21 -21.81
N VAL J 393 19.51 53.96 -22.16
CA VAL J 393 18.15 53.57 -22.50
C VAL J 393 18.01 52.08 -22.29
N ASN J 394 16.82 51.63 -21.90
CA ASN J 394 16.56 50.20 -21.86
C ASN J 394 16.66 49.62 -23.27
N ILE J 395 17.59 48.68 -23.45
CA ILE J 395 17.87 48.10 -24.74
C ILE J 395 16.97 46.91 -25.03
N PHE J 396 16.47 46.24 -23.99
CA PHE J 396 15.55 45.13 -24.18
C PHE J 396 14.25 45.60 -24.79
N HIS J 397 13.93 46.89 -24.62
CA HIS J 397 12.68 47.46 -25.12
C HIS J 397 12.81 48.06 -26.50
N LEU J 398 13.99 48.05 -27.10
CA LEU J 398 14.18 48.55 -28.46
C LEU J 398 13.81 47.47 -29.47
N SER J 399 13.43 47.91 -30.66
CA SER J 399 13.17 46.98 -31.75
C SER J 399 14.47 46.62 -32.46
N ASP J 400 14.41 45.59 -33.29
CA ASP J 400 15.57 45.20 -34.08
C ASP J 400 16.00 46.35 -35.00
N LYS J 401 15.04 47.02 -35.61
CA LYS J 401 15.34 48.16 -36.48
C LYS J 401 16.04 49.27 -35.70
N GLU J 402 15.53 49.58 -34.50
CA GLU J 402 16.15 50.62 -33.68
C GLU J 402 17.58 50.25 -33.33
N ARG J 403 17.80 49.00 -32.90
CA ARG J 403 19.14 48.56 -32.53
C ARG J 403 20.09 48.60 -33.72
N GLU J 404 19.62 48.18 -34.89
CA GLU J 404 20.43 48.24 -36.10
C GLU J 404 20.77 49.68 -36.45
N GLU J 405 19.81 50.60 -36.32
CA GLU J 405 20.06 52.00 -36.61
C GLU J 405 21.11 52.57 -35.66
N ARG J 406 21.03 52.21 -34.37
CA ARG J 406 21.99 52.70 -33.39
C ARG J 406 23.32 51.95 -33.46
N GLY J 407 23.44 50.95 -34.32
CA GLY J 407 24.68 50.22 -34.47
C GLY J 407 24.96 49.21 -33.39
N ILE J 408 23.95 48.81 -32.63
CA ILE J 408 24.14 47.93 -31.49
C ILE J 408 24.26 46.49 -31.99
N ARG J 409 25.33 45.81 -31.59
CA ARG J 409 25.51 44.41 -31.91
C ARG J 409 25.10 43.53 -30.73
N SER J 410 24.68 42.31 -31.04
CA SER J 410 24.26 41.37 -30.03
C SER J 410 25.40 40.42 -29.68
N LEU J 411 25.33 39.86 -28.48
CA LEU J 411 26.32 38.89 -28.04
C LEU J 411 26.08 37.54 -28.75
N PRO J 412 27.08 36.66 -28.77
CA PRO J 412 26.88 35.33 -29.38
C PRO J 412 25.65 34.61 -28.84
N ALA J 413 24.81 34.12 -29.75
CA ALA J 413 23.50 33.60 -29.36
C ALA J 413 23.61 32.28 -28.61
N ASP J 414 24.61 31.47 -28.92
CA ASP J 414 24.77 30.18 -28.29
C ASP J 414 26.26 29.87 -28.20
N LEU J 415 26.57 28.72 -27.59
CA LEU J 415 27.96 28.37 -27.33
C LEU J 415 28.74 28.19 -28.62
N LYS J 416 28.12 27.63 -29.65
CA LYS J 416 28.82 27.42 -30.92
C LYS J 416 29.21 28.75 -31.56
N GLU J 417 28.33 29.75 -31.49
CA GLU J 417 28.67 31.05 -32.06
C GLU J 417 29.87 31.66 -31.34
N ALA J 418 29.90 31.56 -30.01
CA ALA J 418 31.04 32.06 -29.25
C ALA J 418 32.31 31.31 -29.57
N ILE J 419 32.21 29.99 -29.72
CA ILE J 419 33.36 29.18 -30.11
C ILE J 419 33.90 29.65 -31.45
N ASP J 420 33.01 29.87 -32.42
CA ASP J 420 33.42 30.31 -33.74
C ASP J 420 34.09 31.68 -33.68
N GLU J 421 33.50 32.60 -32.91
CA GLU J 421 34.09 33.93 -32.78
C GLU J 421 35.43 33.88 -32.08
N MET J 422 35.66 32.89 -31.22
CA MET J 422 36.90 32.76 -30.47
C MET J 422 38.00 32.10 -31.30
N LYS J 423 37.64 31.13 -32.14
CA LYS J 423 38.62 30.42 -32.94
C LYS J 423 39.36 31.34 -33.89
N GLY J 424 38.62 32.23 -34.57
CA GLY J 424 39.23 33.13 -35.51
C GLY J 424 40.02 34.27 -34.88
N SER J 425 39.97 34.39 -33.56
CA SER J 425 40.64 35.46 -32.86
C SER J 425 42.14 35.23 -32.79
N LYS J 426 42.89 36.27 -33.12
CA LYS J 426 44.32 36.32 -32.83
C LYS J 426 44.61 36.98 -31.50
N PHE J 427 43.74 37.87 -31.05
CA PHE J 427 43.89 38.49 -29.73
C PHE J 427 43.73 37.45 -28.63
N VAL J 428 42.71 36.59 -28.73
CA VAL J 428 42.46 35.62 -27.68
C VAL J 428 43.55 34.55 -27.69
N LYS J 429 44.01 34.15 -28.87
CA LYS J 429 45.12 33.21 -28.95
C LYS J 429 46.40 33.83 -28.41
N GLU J 430 46.64 35.12 -28.67
CA GLU J 430 47.79 35.79 -28.11
C GLU J 430 47.74 35.82 -26.59
N ALA J 431 46.57 36.10 -26.02
CA ALA J 431 46.44 36.21 -24.57
C ALA J 431 46.53 34.85 -23.90
N LEU J 432 45.77 33.87 -24.38
CA LEU J 432 45.74 32.55 -23.74
C LEU J 432 47.01 31.77 -24.00
N GLY J 433 47.46 31.75 -25.25
CA GLY J 433 48.60 30.91 -25.62
C GLY J 433 48.13 29.70 -26.40
N GLU J 434 49.04 28.99 -27.05
CA GLU J 434 48.63 27.89 -27.93
C GLU J 434 47.96 26.77 -27.14
N HIS J 435 48.56 26.37 -26.02
CA HIS J 435 48.06 25.21 -25.28
C HIS J 435 46.67 25.47 -24.73
N VAL J 436 46.52 26.58 -23.99
CA VAL J 436 45.22 26.88 -23.40
C VAL J 436 44.19 27.11 -24.50
N PHE J 437 44.55 27.88 -25.52
CA PHE J 437 43.64 28.12 -26.63
C PHE J 437 43.11 26.80 -27.19
N SER J 438 44.01 25.93 -27.63
CA SER J 438 43.60 24.71 -28.32
C SER J 438 42.80 23.80 -27.41
N HIS J 439 43.23 23.64 -26.15
CA HIS J 439 42.55 22.71 -25.26
C HIS J 439 41.19 23.22 -24.86
N TYR J 440 41.07 24.53 -24.61
CA TYR J 440 39.76 25.12 -24.38
C TYR J 440 38.84 24.89 -25.57
N LEU J 441 39.33 25.15 -26.79
CA LEU J 441 38.52 24.93 -27.97
C LEU J 441 38.06 23.49 -28.04
N CYS J 442 38.97 22.54 -27.80
CA CYS J 442 38.62 21.13 -27.94
C CYS J 442 37.54 20.73 -26.93
N ALA J 443 37.72 21.13 -25.67
CA ALA J 443 36.74 20.78 -24.66
C ALA J 443 35.37 21.36 -25.00
N LYS J 444 35.35 22.62 -25.45
CA LYS J 444 34.07 23.28 -25.70
C LYS J 444 33.38 22.73 -26.94
N GLU J 445 34.14 22.40 -27.99
CA GLU J 445 33.55 21.77 -29.15
C GLU J 445 32.98 20.40 -28.83
N MET J 446 33.70 19.60 -28.03
CA MET J 446 33.14 18.32 -27.61
C MET J 446 31.85 18.52 -26.82
N GLU J 447 31.84 19.48 -25.91
CA GLU J 447 30.62 19.79 -25.17
C GLU J 447 29.46 20.10 -26.11
N TRP J 448 29.68 21.02 -27.05
CA TRP J 448 28.60 21.42 -27.94
C TRP J 448 28.13 20.25 -28.78
N ASP J 449 29.05 19.46 -29.32
CA ASP J 449 28.66 18.32 -30.15
C ASP J 449 27.87 17.30 -29.36
N GLU J 450 28.17 17.13 -28.07
CA GLU J 450 27.33 16.29 -27.24
C GLU J 450 25.94 16.90 -27.06
N TYR J 451 25.87 18.21 -26.90
CA TYR J 451 24.59 18.87 -26.65
C TYR J 451 23.73 19.00 -27.91
N LYS J 452 24.35 19.18 -29.07
CA LYS J 452 23.61 19.49 -30.29
C LYS J 452 22.75 18.33 -30.76
N ALA J 453 23.02 17.10 -30.32
CA ALA J 453 22.35 15.91 -30.83
C ALA J 453 21.36 15.32 -29.83
N VAL J 454 21.02 16.05 -28.77
CA VAL J 454 20.14 15.54 -27.74
C VAL J 454 18.71 15.88 -28.11
N VAL J 455 17.81 14.96 -27.80
CA VAL J 455 16.37 15.16 -28.00
C VAL J 455 15.78 15.44 -26.62
N HIS J 456 15.32 16.65 -26.43
CA HIS J 456 14.86 17.07 -25.12
C HIS J 456 13.36 16.90 -24.98
N PRO J 457 12.85 16.78 -23.75
CA PRO J 457 11.40 16.64 -23.57
C PRO J 457 10.59 17.75 -24.19
N TRP J 458 11.12 18.97 -24.23
CA TRP J 458 10.42 20.08 -24.89
C TRP J 458 10.05 19.71 -26.31
N GLU J 459 10.89 18.92 -26.97
CA GLU J 459 10.61 18.54 -28.34
C GLU J 459 9.51 17.49 -28.43
N LEU J 460 9.39 16.63 -27.42
CA LEU J 460 8.32 15.65 -27.40
C LEU J 460 7.01 16.24 -26.91
N SER J 461 7.06 17.25 -26.04
CA SER J 461 5.83 17.90 -25.62
C SER J 461 5.29 18.82 -26.69
N ARG J 462 6.16 19.39 -27.52
CA ARG J 462 5.74 20.27 -28.60
C ARG J 462 5.30 19.46 -29.82
N TYR J 463 6.15 18.57 -30.27
CA TYR J 463 5.83 17.63 -31.33
C TYR J 463 5.32 16.34 -30.69
N LEU J 464 5.23 15.26 -31.43
CA LEU J 464 4.78 13.95 -30.97
C LEU J 464 3.27 13.89 -30.83
N SER J 465 2.58 15.01 -30.91
CA SER J 465 1.12 15.03 -31.07
C SER J 465 0.74 15.85 -32.28
N MET J 466 1.40 16.98 -32.49
CA MET J 466 1.25 17.72 -33.74
C MET J 466 1.71 16.88 -34.92
N LEU J 467 2.74 16.07 -34.73
CA LEU J 467 3.24 15.18 -35.79
C LEU J 467 3.14 13.73 -35.36
N THR K 28 62.38 -3.75 18.08
CA THR K 28 61.63 -4.28 19.22
C THR K 28 61.82 -5.79 19.30
N THR K 29 61.75 -6.33 20.51
CA THR K 29 61.99 -7.73 20.77
C THR K 29 60.82 -8.29 21.59
N LYS K 30 60.97 -9.53 22.04
CA LYS K 30 59.92 -10.19 22.81
C LYS K 30 59.65 -9.49 24.14
N GLU K 31 60.69 -8.95 24.78
CA GLU K 31 60.54 -8.26 26.05
C GLU K 31 59.91 -6.88 25.89
N ASP K 32 60.26 -6.16 24.82
CA ASP K 32 59.62 -4.88 24.57
C ASP K 32 58.13 -5.04 24.32
N VAL K 33 57.73 -6.14 23.69
CA VAL K 33 56.31 -6.36 23.45
C VAL K 33 55.56 -6.52 24.77
N LEU K 34 56.13 -7.28 25.70
CA LEU K 34 55.51 -7.41 27.02
C LEU K 34 55.48 -6.08 27.75
N GLU K 35 56.57 -5.31 27.67
CA GLU K 35 56.60 -4.01 28.32
C GLU K 35 55.51 -3.10 27.77
N ALA K 36 55.33 -3.09 26.45
CA ALA K 36 54.29 -2.26 25.85
C ALA K 36 52.90 -2.80 26.09
N VAL K 37 52.76 -4.11 26.31
CA VAL K 37 51.46 -4.69 26.61
C VAL K 37 51.02 -4.30 28.01
N LYS K 38 51.93 -4.30 28.97
CA LYS K 38 51.56 -3.90 30.32
C LYS K 38 51.54 -2.39 30.50
N GLU K 39 52.35 -1.65 29.74
CA GLU K 39 52.37 -0.20 29.86
C GLU K 39 51.14 0.44 29.23
N ARG K 40 50.73 -0.07 28.06
CA ARG K 40 49.63 0.53 27.32
C ARG K 40 48.30 -0.16 27.59
N ASP K 41 48.26 -1.08 28.56
CA ASP K 41 47.01 -1.68 29.03
C ASP K 41 46.33 -2.47 27.90
N VAL K 42 47.03 -3.50 27.44
CA VAL K 42 46.57 -4.37 26.37
C VAL K 42 46.04 -5.66 26.98
N LYS K 43 44.85 -6.06 26.54
CA LYS K 43 44.21 -7.29 27.01
C LYS K 43 44.20 -8.38 25.96
N PHE K 44 43.95 -8.04 24.70
CA PHE K 44 43.83 -9.00 23.62
C PHE K 44 44.92 -8.76 22.59
N ILE K 45 45.55 -9.84 22.15
CA ILE K 45 46.48 -9.81 21.04
C ILE K 45 45.86 -10.59 19.90
N ARG K 46 45.81 -9.97 18.72
CA ARG K 46 45.29 -10.63 17.53
C ARG K 46 46.47 -11.14 16.70
N THR K 47 46.99 -12.29 17.11
CA THR K 47 47.97 -13.00 16.29
C THR K 47 47.35 -13.35 14.95
N GLN K 48 48.06 -13.04 13.86
CA GLN K 48 47.52 -13.25 12.53
C GLN K 48 48.63 -13.53 11.53
N PHE K 49 48.21 -14.10 10.40
CA PHE K 49 49.08 -14.43 9.28
C PHE K 49 48.29 -14.19 8.00
N THR K 50 48.86 -14.58 6.86
CA THR K 50 48.21 -14.41 5.57
C THR K 50 48.23 -15.73 4.83
N ASP K 51 47.07 -16.13 4.30
CA ASP K 51 46.95 -17.36 3.54
C ASP K 51 47.49 -17.15 2.13
N THR K 52 47.58 -18.24 1.37
CA THR K 52 48.27 -18.19 0.09
C THR K 52 47.59 -17.21 -0.87
N LEU K 53 46.26 -17.14 -0.83
CA LEU K 53 45.54 -16.23 -1.70
C LEU K 53 45.54 -14.79 -1.19
N GLY K 54 46.35 -14.46 -0.20
CA GLY K 54 46.51 -13.09 0.25
C GLY K 54 45.52 -12.62 1.28
N ILE K 55 44.67 -13.50 1.80
CA ILE K 55 43.68 -13.08 2.78
C ILE K 55 44.29 -13.13 4.18
N ILE K 56 43.91 -12.17 5.01
CA ILE K 56 44.44 -12.01 6.36
C ILE K 56 43.64 -12.92 7.27
N LYS K 57 44.33 -13.82 7.99
CA LYS K 57 43.70 -14.73 8.91
C LYS K 57 44.14 -14.40 10.33
N SER K 58 43.16 -14.15 11.19
CA SER K 58 43.41 -13.55 12.49
C SER K 58 42.59 -14.25 13.57
N TRP K 59 43.17 -14.37 14.76
CA TRP K 59 42.40 -14.75 15.92
C TRP K 59 43.05 -14.21 17.18
N ALA K 60 42.25 -14.09 18.23
CA ALA K 60 42.62 -13.34 19.41
C ALA K 60 43.04 -14.28 20.54
N ILE K 61 44.07 -13.87 21.27
CA ILE K 61 44.45 -14.51 22.53
C ILE K 61 44.60 -13.45 23.60
N PRO K 62 44.31 -13.81 24.85
CA PRO K 62 44.49 -12.86 25.94
C PRO K 62 45.96 -12.54 26.18
N ALA K 63 46.19 -11.34 26.71
CA ALA K 63 47.56 -10.91 26.98
C ALA K 63 48.26 -11.86 27.95
N GLU K 64 47.51 -12.43 28.89
CA GLU K 64 48.09 -13.36 29.86
C GLU K 64 48.77 -14.53 29.19
N GLN K 65 48.33 -14.92 27.99
CA GLN K 65 48.92 -16.03 27.27
C GLN K 65 50.15 -15.63 26.46
N LEU K 66 50.29 -14.34 26.13
CA LEU K 66 51.39 -13.91 25.27
C LEU K 66 52.71 -14.55 25.66
N GLU K 67 53.08 -14.47 26.93
CA GLU K 67 54.35 -15.02 27.37
C GLU K 67 54.56 -16.42 26.82
N GLU K 68 53.66 -17.35 27.14
CA GLU K 68 53.88 -18.71 26.68
C GLU K 68 53.69 -18.82 25.16
N ALA K 69 52.80 -18.00 24.60
CA ALA K 69 52.66 -17.99 23.15
C ALA K 69 53.93 -17.52 22.48
N PHE K 70 54.84 -16.88 23.23
CA PHE K 70 56.10 -16.48 22.63
C PHE K 70 57.14 -17.58 22.67
N GLU K 71 56.96 -18.61 23.51
CA GLU K 71 57.92 -19.69 23.60
C GLU K 71 57.36 -21.04 23.18
N ASN K 72 56.04 -21.16 23.05
CA ASN K 72 55.42 -22.38 22.56
C ASN K 72 54.71 -22.22 21.22
N GLY K 73 54.38 -20.99 20.82
CA GLY K 73 53.66 -20.78 19.58
C GLY K 73 52.18 -21.08 19.74
N VAL K 74 51.35 -20.43 18.95
CA VAL K 74 49.92 -20.69 18.97
C VAL K 74 49.56 -21.64 17.83
N MET K 75 48.74 -22.65 18.15
CA MET K 75 48.42 -23.72 17.23
C MET K 75 47.09 -23.46 16.55
N PHE K 76 47.03 -23.73 15.25
CA PHE K 76 45.80 -23.57 14.48
C PHE K 76 45.66 -24.77 13.53
N ASP K 77 44.58 -24.74 12.76
CA ASP K 77 44.19 -25.83 11.87
C ASP K 77 44.49 -25.41 10.43
N GLY K 78 45.49 -26.02 9.83
CA GLY K 78 45.88 -25.66 8.49
C GLY K 78 44.96 -26.15 7.39
N SER K 79 44.05 -27.06 7.71
CA SER K 79 43.14 -27.60 6.69
C SER K 79 41.96 -26.68 6.41
N SER K 80 41.71 -25.69 7.27
CA SER K 80 40.66 -24.71 7.04
C SER K 80 41.21 -23.41 6.45
N ILE K 81 42.41 -23.47 5.89
CA ILE K 81 43.05 -22.32 5.27
C ILE K 81 43.42 -22.69 3.86
N GLN K 82 43.15 -21.77 2.92
CA GLN K 82 43.32 -22.06 1.51
C GLN K 82 44.78 -22.35 1.19
N GLY K 83 45.03 -23.51 0.60
CA GLY K 83 46.36 -23.86 0.13
C GLY K 83 47.42 -23.95 1.21
N PHE K 84 47.08 -24.52 2.36
CA PHE K 84 48.03 -24.65 3.45
C PHE K 84 48.41 -26.09 3.75
N THR K 85 47.46 -26.94 4.14
CA THR K 85 47.81 -28.33 4.45
C THR K 85 46.52 -29.15 4.47
N ARG K 86 46.68 -30.46 4.52
CA ARG K 86 45.60 -31.40 4.32
C ARG K 86 44.98 -31.77 5.67
N ILE K 87 43.79 -32.37 5.61
CA ILE K 87 43.01 -32.58 6.82
C ILE K 87 43.65 -33.60 7.73
N GLU K 88 44.52 -34.47 7.20
CA GLU K 88 45.27 -35.36 8.07
C GLU K 88 46.37 -34.58 8.79
N GLU K 89 47.36 -34.09 8.05
CA GLU K 89 48.42 -33.28 8.64
C GLU K 89 47.91 -31.85 8.72
N SER K 90 47.05 -31.59 9.70
CA SER K 90 46.35 -30.32 9.78
C SER K 90 46.86 -29.40 10.87
N ASP K 91 47.49 -29.91 11.93
CA ASP K 91 48.02 -29.06 12.98
C ASP K 91 49.13 -28.17 12.43
N MET K 92 49.11 -26.88 12.81
CA MET K 92 50.17 -25.96 12.44
C MET K 92 50.47 -25.04 13.61
N LYS K 93 51.71 -24.56 13.69
CA LYS K 93 52.08 -23.52 14.65
C LYS K 93 52.18 -22.18 13.96
N LEU K 94 52.08 -21.13 14.75
CA LEU K 94 52.35 -19.77 14.29
C LEU K 94 53.34 -19.18 15.29
N ALA K 95 54.59 -19.03 14.86
CA ALA K 95 55.61 -18.40 15.69
C ALA K 95 55.49 -16.89 15.58
N LEU K 96 55.47 -16.20 16.72
CA LEU K 96 55.21 -14.77 16.72
C LEU K 96 56.47 -13.99 16.34
N ASP K 97 56.24 -12.83 15.72
CA ASP K 97 57.29 -11.91 15.32
C ASP K 97 57.18 -10.64 16.14
N PRO K 98 58.06 -10.41 17.13
CA PRO K 98 57.90 -9.22 17.98
C PRO K 98 57.95 -7.90 17.23
N SER K 99 58.73 -7.83 16.16
CA SER K 99 58.89 -6.58 15.43
C SER K 99 57.58 -6.07 14.85
N THR K 100 56.63 -6.96 14.58
CA THR K 100 55.36 -6.59 13.96
C THR K 100 54.29 -6.19 14.98
N PHE K 101 54.62 -6.13 16.26
CA PHE K 101 53.66 -5.71 17.26
C PHE K 101 53.11 -4.32 16.94
N ARG K 102 51.80 -4.18 17.02
CA ARG K 102 51.12 -2.93 16.74
C ARG K 102 49.86 -2.89 17.59
N ILE K 103 49.31 -1.70 17.79
CA ILE K 103 48.12 -1.51 18.60
C ILE K 103 47.04 -0.93 17.70
N LEU K 104 45.89 -1.58 17.65
CA LEU K 104 44.79 -1.19 16.78
C LEU K 104 44.06 0.00 17.38
N PRO K 105 44.03 1.16 16.72
CA PRO K 105 43.46 2.35 17.37
C PRO K 105 41.95 2.41 17.36
N TRP K 106 41.30 1.71 16.41
CA TRP K 106 39.84 1.77 16.32
C TRP K 106 39.15 0.84 17.30
N ARG K 107 39.90 0.10 18.08
CA ARG K 107 39.32 -0.70 19.15
C ARG K 107 39.52 -0.01 20.49
N PRO K 108 38.66 -0.27 21.48
CA PRO K 108 38.68 0.56 22.70
C PRO K 108 40.03 0.53 23.40
N ALA K 109 40.37 1.67 24.00
CA ALA K 109 41.65 1.85 24.67
C ALA K 109 41.70 1.26 26.07
N THR K 110 40.56 0.99 26.69
CA THR K 110 40.54 0.34 27.99
C THR K 110 41.04 -1.09 27.86
N GLY K 111 40.32 -1.92 27.11
CA GLY K 111 40.83 -3.22 26.77
C GLY K 111 41.58 -3.18 25.47
N ALA K 112 42.71 -2.46 25.46
CA ALA K 112 43.42 -2.20 24.22
C ALA K 112 43.76 -3.49 23.51
N VAL K 113 43.61 -3.48 22.19
CA VAL K 113 43.81 -4.64 21.34
C VAL K 113 45.05 -4.40 20.51
N ALA K 114 45.99 -5.34 20.56
CA ALA K 114 47.21 -5.28 19.78
C ALA K 114 47.13 -6.32 18.67
N ARG K 115 48.15 -6.34 17.82
CA ARG K 115 48.28 -7.37 16.80
C ARG K 115 49.72 -7.80 16.72
N ILE K 116 49.94 -9.03 16.27
CA ILE K 116 51.27 -9.55 16.00
C ILE K 116 51.15 -10.43 14.77
N LEU K 117 51.99 -10.19 13.77
CA LEU K 117 52.11 -11.10 12.63
C LEU K 117 53.06 -12.22 12.99
N GLY K 118 52.82 -13.39 12.42
CA GLY K 118 53.59 -14.58 12.72
C GLY K 118 54.04 -15.29 11.47
N ASP K 119 54.97 -16.21 11.64
CA ASP K 119 55.42 -17.11 10.58
C ASP K 119 54.88 -18.50 10.86
N VAL K 120 54.37 -19.14 9.82
CA VAL K 120 53.75 -20.46 9.96
C VAL K 120 54.83 -21.52 10.01
N TYR K 121 54.72 -22.40 11.00
CA TYR K 121 55.64 -23.52 11.18
C TYR K 121 54.85 -24.81 11.21
N LEU K 122 55.52 -25.89 10.85
CA LEU K 122 54.94 -27.19 11.11
C LEU K 122 55.11 -27.57 12.57
N PRO K 123 54.22 -28.39 13.11
CA PRO K 123 54.33 -28.73 14.54
C PRO K 123 55.65 -29.39 14.90
N ASP K 124 56.27 -30.08 13.95
CA ASP K 124 57.57 -30.70 14.22
C ASP K 124 58.64 -29.65 14.51
N GLY K 125 58.58 -28.51 13.84
CA GLY K 125 59.49 -27.42 14.13
C GLY K 125 60.09 -26.76 12.91
N ASN K 126 59.80 -27.29 11.73
CA ASN K 126 60.39 -26.73 10.52
C ASN K 126 59.59 -25.52 10.03
N PRO K 127 60.25 -24.60 9.33
CA PRO K 127 59.55 -23.43 8.79
C PRO K 127 58.73 -23.73 7.55
N PHE K 128 57.45 -24.07 7.75
CA PHE K 128 56.56 -24.42 6.65
C PHE K 128 56.83 -23.59 5.41
N LYS K 129 57.11 -24.27 4.29
CA LYS K 129 57.49 -23.61 3.05
C LYS K 129 56.29 -23.14 2.24
N GLY K 130 55.07 -23.48 2.63
CA GLY K 130 53.89 -22.98 1.97
C GLY K 130 53.47 -21.59 2.41
N ASP K 131 54.22 -20.98 3.32
CA ASP K 131 53.91 -19.66 3.84
C ASP K 131 54.35 -18.59 2.86
N PRO K 132 53.44 -17.73 2.38
CA PRO K 132 53.88 -16.66 1.47
C PRO K 132 54.92 -15.75 2.08
N ARG K 133 54.84 -15.49 3.39
CA ARG K 133 55.85 -14.69 4.06
C ARG K 133 57.21 -15.36 3.96
N TYR K 134 57.23 -16.69 4.07
CA TYR K 134 58.48 -17.44 3.91
C TYR K 134 59.01 -17.30 2.49
N VAL K 135 58.12 -17.29 1.50
CA VAL K 135 58.54 -17.13 0.11
C VAL K 135 59.20 -15.76 -0.09
N LEU K 136 58.58 -14.71 0.45
CA LEU K 136 59.18 -13.38 0.34
C LEU K 136 60.52 -13.33 1.05
N LYS K 137 60.62 -14.00 2.20
CA LYS K 137 61.89 -14.05 2.90
C LYS K 137 62.98 -14.72 2.07
N THR K 138 62.65 -15.88 1.47
CA THR K 138 63.64 -16.56 0.64
C THR K 138 64.04 -15.69 -0.55
N ALA K 139 63.10 -14.93 -1.10
CA ALA K 139 63.45 -13.99 -2.15
C ALA K 139 64.42 -12.93 -1.65
N ILE K 140 64.22 -12.47 -0.41
CA ILE K 140 65.13 -11.47 0.15
C ILE K 140 66.53 -12.03 0.36
N LYS K 141 66.65 -13.33 0.64
CA LYS K 141 68.01 -13.88 0.80
C LYS K 141 68.82 -13.77 -0.48
N GLU K 142 68.20 -14.00 -1.64
CA GLU K 142 68.96 -13.87 -2.88
C GLU K 142 69.43 -12.43 -3.09
N ALA K 143 68.58 -11.45 -2.79
CA ALA K 143 69.00 -10.06 -2.89
C ALA K 143 70.16 -9.78 -1.94
N GLU K 144 70.09 -10.31 -0.72
CA GLU K 144 71.22 -10.15 0.21
C GLU K 144 72.48 -10.77 -0.39
N LYS K 145 72.37 -11.94 -0.99
CA LYS K 145 73.52 -12.60 -1.59
C LYS K 145 74.14 -11.74 -2.68
N MET K 146 73.31 -11.04 -3.45
CA MET K 146 73.82 -10.12 -4.47
C MET K 146 74.13 -8.74 -3.93
N GLY K 147 73.90 -8.50 -2.64
CA GLY K 147 74.24 -7.25 -2.00
C GLY K 147 73.19 -6.17 -2.06
N PHE K 148 71.97 -6.48 -2.45
CA PHE K 148 70.91 -5.49 -2.61
C PHE K 148 69.88 -5.63 -1.50
N SER K 149 68.96 -4.67 -1.45
CA SER K 149 67.82 -4.75 -0.54
C SER K 149 66.66 -4.05 -1.22
N MET K 150 65.63 -4.81 -1.58
CA MET K 150 64.51 -4.24 -2.32
C MET K 150 63.74 -3.26 -1.45
N ASN K 151 63.40 -2.12 -2.03
CA ASN K 151 62.52 -1.13 -1.41
C ASN K 151 61.31 -0.97 -2.31
N VAL K 152 60.13 -0.86 -1.71
CA VAL K 152 58.91 -0.72 -2.50
C VAL K 152 57.86 0.04 -1.71
N GLY K 153 57.15 0.93 -2.39
CA GLY K 153 55.99 1.60 -1.84
C GLY K 153 54.81 1.45 -2.77
N PRO K 154 53.78 0.72 -2.37
CA PRO K 154 52.64 0.51 -3.26
C PRO K 154 51.63 1.64 -3.16
N GLU K 155 51.03 1.95 -4.32
CA GLU K 155 49.94 2.92 -4.41
C GLU K 155 48.63 2.14 -4.44
N LEU K 156 48.03 1.99 -3.27
CA LEU K 156 46.87 1.13 -3.09
C LEU K 156 45.61 1.95 -3.24
N GLU K 157 44.77 1.60 -4.21
CA GLU K 157 43.55 2.31 -4.52
C GLU K 157 42.36 1.48 -4.07
N PHE K 158 41.29 2.16 -3.65
CA PHE K 158 40.12 1.44 -3.18
C PHE K 158 38.87 2.24 -3.55
N PHE K 159 37.72 1.60 -3.38
CA PHE K 159 36.43 2.20 -3.65
C PHE K 159 35.64 2.27 -2.36
N LEU K 160 34.94 3.38 -2.14
CA LEU K 160 34.08 3.54 -0.98
C LEU K 160 32.64 3.44 -1.46
N PHE K 161 31.96 2.38 -1.07
CA PHE K 161 30.57 2.14 -1.45
C PHE K 161 29.69 2.21 -0.22
N LYS K 162 28.39 2.28 -0.46
CA LYS K 162 27.44 2.33 0.64
C LYS K 162 27.10 0.94 1.15
N LEU K 163 26.77 0.85 2.43
CA LEU K 163 26.28 -0.38 3.02
C LEU K 163 24.76 -0.42 2.93
N ASP K 164 24.21 -1.64 2.86
CA ASP K 164 22.77 -1.80 2.82
C ASP K 164 22.20 -1.77 4.24
N ALA K 165 20.90 -2.09 4.37
CA ALA K 165 20.26 -2.02 5.68
C ALA K 165 20.89 -2.99 6.66
N ASN K 166 21.17 -4.21 6.22
CA ASN K 166 21.80 -5.20 7.09
C ASN K 166 23.23 -4.82 7.43
N GLY K 167 23.95 -4.23 6.46
CA GLY K 167 25.32 -3.85 6.68
C GLY K 167 26.28 -4.59 5.77
N ASN K 168 25.74 -5.21 4.73
CA ASN K 168 26.58 -5.91 3.77
C ASN K 168 27.07 -4.95 2.70
N PRO K 169 28.15 -5.32 1.99
CA PRO K 169 28.67 -4.47 0.93
C PRO K 169 27.69 -4.30 -0.22
N THR K 170 27.76 -3.14 -0.84
CA THR K 170 27.04 -2.86 -2.08
C THR K 170 28.04 -2.26 -3.05
N THR K 171 27.55 -1.89 -4.23
CA THR K 171 28.34 -1.19 -5.24
C THR K 171 27.75 0.20 -5.49
N GLU K 172 26.90 0.65 -4.58
CA GLU K 172 26.35 1.99 -4.66
C GLU K 172 27.43 3.03 -4.39
N LEU K 173 27.48 4.04 -5.23
CA LEU K 173 28.48 5.09 -5.09
C LEU K 173 28.20 5.96 -3.87
N THR K 174 29.28 6.37 -3.21
CA THR K 174 29.20 7.35 -2.15
C THR K 174 29.37 8.78 -2.65
N ASP K 175 29.91 8.96 -3.85
CA ASP K 175 30.00 10.26 -4.51
C ASP K 175 30.28 10.01 -5.98
N GLN K 176 30.10 11.07 -6.78
CA GLN K 176 30.35 11.04 -8.21
C GLN K 176 31.62 11.78 -8.59
N GLY K 177 32.46 12.11 -7.63
CA GLY K 177 33.63 12.92 -7.89
C GLY K 177 34.60 12.30 -8.86
N GLY K 178 35.68 13.00 -9.14
CA GLY K 178 36.72 12.51 -10.03
C GLY K 178 38.08 12.66 -9.41
N TYR K 179 39.07 12.89 -10.24
CA TYR K 179 40.46 12.99 -9.81
C TYR K 179 40.72 14.33 -9.13
N PHE K 180 41.22 14.26 -7.89
CA PHE K 180 41.59 15.45 -7.11
C PHE K 180 40.40 16.36 -6.84
N ASP K 181 39.19 15.82 -6.78
CA ASP K 181 38.02 16.67 -6.63
C ASP K 181 37.81 17.08 -5.18
N PHE K 182 37.41 18.33 -4.98
CA PHE K 182 37.09 18.90 -3.69
C PHE K 182 35.62 18.66 -3.34
N ALA K 183 35.29 18.83 -2.07
CA ALA K 183 33.92 18.63 -1.63
C ALA K 183 33.03 19.74 -2.18
N PRO K 184 31.72 19.46 -2.36
CA PRO K 184 30.99 18.24 -2.03
C PRO K 184 31.01 17.17 -3.13
N LEU K 185 31.82 17.34 -4.18
CA LEU K 185 32.02 16.23 -5.11
C LEU K 185 32.78 15.09 -4.46
N ASP K 186 33.74 15.41 -3.60
CA ASP K 186 34.49 14.43 -2.83
C ASP K 186 33.87 14.35 -1.43
N ARG K 187 32.95 13.41 -1.25
CA ARG K 187 32.29 13.22 0.04
C ARG K 187 32.95 12.11 0.86
N ALA K 188 34.28 12.15 0.99
CA ALA K 188 34.99 11.17 1.80
C ALA K 188 36.15 11.78 2.57
N GLN K 189 36.19 13.09 2.74
CA GLN K 189 37.30 13.70 3.47
C GLN K 189 37.39 13.18 4.90
N ASP K 190 36.24 12.93 5.54
CA ASP K 190 36.25 12.43 6.92
C ASP K 190 36.78 11.01 6.98
N VAL K 191 36.31 10.15 6.08
CA VAL K 191 36.77 8.77 6.05
C VAL K 191 38.25 8.70 5.78
N ARG K 192 38.71 9.47 4.79
CA ARG K 192 40.13 9.49 4.44
C ARG K 192 40.96 10.05 5.58
N ARG K 193 40.45 11.09 6.25
CA ARG K 193 41.16 11.68 7.39
C ARG K 193 41.34 10.66 8.51
N ASP K 194 40.29 9.93 8.85
CA ASP K 194 40.40 8.97 9.94
C ASP K 194 41.22 7.75 9.51
N ILE K 195 41.21 7.41 8.23
CA ILE K 195 42.10 6.35 7.75
C ILE K 195 43.55 6.79 7.91
N ASP K 196 43.85 8.05 7.54
CA ASP K 196 45.20 8.55 7.71
C ASP K 196 45.61 8.53 9.18
N TYR K 197 44.70 8.93 10.07
CA TYR K 197 45.01 8.90 11.49
C TYR K 197 45.29 7.48 11.97
N ALA K 198 44.46 6.53 11.58
CA ALA K 198 44.66 5.14 12.01
C ALA K 198 45.98 4.59 11.49
N LEU K 199 46.28 4.84 10.21
CA LEU K 199 47.54 4.38 9.65
C LEU K 199 48.71 5.00 10.39
N GLU K 200 48.66 6.31 10.64
CA GLU K 200 49.75 6.96 11.36
C GLU K 200 49.94 6.35 12.74
N HIS K 201 48.84 6.07 13.44
CA HIS K 201 48.95 5.39 14.72
C HIS K 201 49.51 3.98 14.58
N MET K 202 49.35 3.35 13.42
CA MET K 202 49.89 2.02 13.19
C MET K 202 51.26 2.05 12.52
N GLY K 203 52.03 3.10 12.77
CA GLY K 203 53.39 3.19 12.26
C GLY K 203 53.51 3.35 10.76
N PHE K 204 52.63 4.13 10.14
CA PHE K 204 52.69 4.44 8.72
C PHE K 204 53.25 5.85 8.56
N GLN K 205 53.84 6.11 7.39
CA GLN K 205 54.32 7.44 7.05
C GLN K 205 53.52 7.88 5.83
N ILE K 206 52.42 8.59 6.08
CA ILE K 206 51.52 8.98 5.01
C ILE K 206 52.21 10.00 4.13
N GLU K 207 52.22 9.75 2.82
CA GLU K 207 52.71 10.71 1.85
C GLU K 207 51.61 11.59 1.31
N ALA K 208 50.49 11.00 0.89
CA ALA K 208 49.40 11.79 0.33
C ALA K 208 48.12 10.96 0.34
N SER K 209 47.01 11.66 0.23
CA SER K 209 45.69 11.04 0.18
C SER K 209 44.81 11.88 -0.72
N HIS K 210 44.06 11.23 -1.61
CA HIS K 210 43.32 11.99 -2.61
C HIS K 210 42.22 11.13 -3.23
N HIS K 211 41.34 11.82 -3.95
CA HIS K 211 40.29 11.20 -4.73
C HIS K 211 40.83 10.83 -6.10
N GLU K 212 40.51 9.64 -6.56
CA GLU K 212 41.07 9.09 -7.77
C GLU K 212 40.04 9.19 -8.90
N VAL K 213 40.41 8.70 -10.08
CA VAL K 213 39.66 9.04 -11.30
C VAL K 213 38.23 8.54 -11.21
N ALA K 214 38.05 7.28 -10.83
CA ALA K 214 36.72 6.71 -10.81
C ALA K 214 35.89 7.35 -9.72
N PRO K 215 34.56 7.44 -9.88
CA PRO K 215 33.72 7.95 -8.79
C PRO K 215 33.80 7.04 -7.58
N SER K 216 33.88 7.64 -6.39
CA SER K 216 33.95 6.95 -5.12
C SER K 216 35.27 6.23 -4.90
N GLN K 217 36.27 6.48 -5.74
CA GLN K 217 37.55 5.79 -5.66
C GLN K 217 38.60 6.71 -5.08
N HIS K 218 39.33 6.22 -4.09
CA HIS K 218 40.30 7.00 -3.35
C HIS K 218 41.63 6.28 -3.32
N GLU K 219 42.69 7.05 -3.05
CA GLU K 219 44.03 6.53 -2.98
C GLU K 219 44.77 7.18 -1.82
N ILE K 220 45.46 6.36 -1.05
CA ILE K 220 46.31 6.82 0.03
C ILE K 220 47.67 6.20 -0.22
N ASP K 221 48.70 7.02 -0.40
CA ASP K 221 50.05 6.54 -0.61
C ASP K 221 50.92 6.92 0.59
N PHE K 222 51.70 5.95 1.05
CA PHE K 222 52.53 6.07 2.23
C PHE K 222 53.98 5.78 1.86
N ARG K 223 54.88 6.10 2.78
CA ARG K 223 56.30 6.01 2.49
C ARG K 223 56.73 4.57 2.23
N PHE K 224 57.72 4.42 1.36
CA PHE K 224 58.26 3.10 1.03
C PHE K 224 59.19 2.59 2.11
N GLY K 225 59.44 1.28 2.07
CA GLY K 225 60.33 0.64 3.03
C GLY K 225 60.87 -0.68 2.51
N ASP K 226 61.38 -1.52 3.40
CA ASP K 226 61.84 -2.84 3.00
C ASP K 226 60.66 -3.71 2.57
N VAL K 227 60.94 -4.68 1.71
CA VAL K 227 59.86 -5.48 1.12
C VAL K 227 59.06 -6.19 2.20
N LEU K 228 59.72 -6.73 3.22
CA LEU K 228 58.99 -7.41 4.29
C LEU K 228 58.03 -6.46 4.99
N CYS K 229 58.55 -5.33 5.46
CA CYS K 229 57.72 -4.35 6.12
C CYS K 229 56.65 -3.81 5.21
N THR K 230 56.94 -3.68 3.91
CA THR K 230 55.97 -3.12 2.98
C THR K 230 54.84 -4.10 2.69
N ALA K 231 55.15 -5.40 2.62
CA ALA K 231 54.09 -6.39 2.46
C ALA K 231 53.20 -6.45 3.70
N ASP K 232 53.82 -6.43 4.88
CA ASP K 232 53.03 -6.35 6.10
C ASP K 232 52.17 -5.11 6.11
N ASN K 233 52.74 -3.98 5.66
CA ASN K 233 51.98 -2.75 5.56
C ASN K 233 50.84 -2.86 4.56
N VAL K 234 51.03 -3.59 3.47
CA VAL K 234 49.96 -3.73 2.48
C VAL K 234 48.77 -4.44 3.10
N VAL K 235 49.03 -5.59 3.73
CA VAL K 235 47.92 -6.34 4.34
C VAL K 235 47.26 -5.52 5.45
N THR K 236 48.09 -4.88 6.29
CA THR K 236 47.56 -4.00 7.33
C THR K 236 46.69 -2.92 6.71
N PHE K 237 47.29 -2.05 5.90
CA PHE K 237 46.56 -0.98 5.23
C PHE K 237 45.21 -1.46 4.74
N LYS K 238 45.17 -2.64 4.10
CA LYS K 238 43.90 -3.13 3.59
C LYS K 238 42.89 -3.32 4.71
N TYR K 239 43.25 -4.07 5.77
CA TYR K 239 42.23 -4.35 6.76
C TYR K 239 41.93 -3.13 7.63
N VAL K 240 42.91 -2.25 7.81
CA VAL K 240 42.68 -0.99 8.52
C VAL K 240 41.65 -0.15 7.77
N VAL K 241 41.84 -0.01 6.45
CA VAL K 241 40.92 0.79 5.65
C VAL K 241 39.52 0.19 5.70
N LYS K 242 39.42 -1.13 5.56
CA LYS K 242 38.10 -1.76 5.58
C LYS K 242 37.42 -1.57 6.94
N SER K 243 38.16 -1.71 8.04
CA SER K 243 37.55 -1.54 9.36
C SER K 243 37.11 -0.11 9.59
N ILE K 244 37.94 0.86 9.21
CA ILE K 244 37.58 2.27 9.40
C ILE K 244 36.32 2.59 8.58
N ALA K 245 36.31 2.16 7.32
CA ALA K 245 35.14 2.41 6.48
C ALA K 245 33.89 1.77 7.06
N TYR K 246 34.01 0.53 7.53
CA TYR K 246 32.86 -0.14 8.11
C TYR K 246 32.33 0.62 9.32
N HIS K 247 33.22 1.09 10.19
CA HIS K 247 32.77 1.81 11.37
C HIS K 247 32.22 3.19 11.06
N LYS K 248 32.59 3.78 9.93
CA LYS K 248 32.01 5.05 9.52
C LYS K 248 30.77 4.90 8.66
N GLY K 249 30.33 3.67 8.40
CA GLY K 249 29.08 3.43 7.69
C GLY K 249 29.25 2.96 6.25
N TYR K 250 30.46 3.04 5.70
CA TYR K 250 30.69 2.68 4.30
C TYR K 250 31.35 1.32 4.21
N TYR K 251 31.73 0.96 2.99
CA TYR K 251 32.45 -0.28 2.74
C TYR K 251 33.60 0.02 1.79
N ALA K 252 34.81 -0.32 2.19
CA ALA K 252 35.98 -0.15 1.34
C ALA K 252 36.26 -1.44 0.58
N SER K 253 36.36 -1.33 -0.74
CA SER K 253 36.54 -2.50 -1.59
C SER K 253 37.82 -2.34 -2.37
N PHE K 254 38.65 -3.37 -2.36
CA PHE K 254 39.87 -3.45 -3.15
C PHE K 254 39.69 -4.37 -4.34
N MET K 255 38.47 -4.47 -4.85
CA MET K 255 38.17 -5.18 -6.07
C MET K 255 38.74 -4.39 -7.25
N PRO K 256 39.54 -4.99 -8.12
CA PRO K 256 40.20 -4.19 -9.18
C PRO K 256 39.23 -3.49 -10.13
N LYS K 257 38.14 -4.14 -10.51
CA LYS K 257 37.19 -3.60 -11.49
C LYS K 257 35.76 -3.84 -11.00
N PRO K 258 35.31 -3.09 -10.02
CA PRO K 258 33.95 -3.31 -9.52
C PRO K 258 32.89 -2.66 -10.40
N LEU K 259 33.30 -1.68 -11.21
CA LEU K 259 32.41 -0.92 -12.06
C LEU K 259 32.93 -0.93 -13.49
N PHE K 260 32.01 -1.04 -14.44
CA PHE K 260 32.36 -1.01 -15.86
C PHE K 260 32.37 0.42 -16.37
N GLY K 261 33.29 0.71 -17.27
CA GLY K 261 33.36 1.99 -17.92
C GLY K 261 34.07 3.07 -17.13
N VAL K 262 34.56 2.76 -15.93
CA VAL K 262 35.33 3.69 -15.12
C VAL K 262 36.65 3.02 -14.78
N ASN K 263 37.58 3.82 -14.25
CA ASN K 263 38.90 3.30 -13.91
C ASN K 263 38.77 2.16 -12.90
N GLY K 264 39.82 1.35 -12.80
CA GLY K 264 39.88 0.29 -11.84
C GLY K 264 40.97 0.56 -10.82
N SER K 265 40.92 -0.19 -9.73
CA SER K 265 41.88 -0.07 -8.65
C SER K 265 43.11 -0.91 -8.96
N GLY K 266 44.29 -0.31 -8.85
CA GLY K 266 45.52 -1.03 -9.06
C GLY K 266 46.49 -0.77 -7.91
N MET K 267 47.41 -1.71 -7.73
CA MET K 267 48.47 -1.60 -6.74
C MET K 267 49.76 -1.39 -7.52
N HIS K 268 50.07 -0.13 -7.81
CA HIS K 268 51.30 0.17 -8.53
C HIS K 268 52.49 -0.10 -7.64
N SER K 269 53.27 -1.11 -7.98
CA SER K 269 54.45 -1.49 -7.19
C SER K 269 55.65 -0.77 -7.77
N ASN K 270 56.04 0.32 -7.13
CA ASN K 270 57.26 1.03 -7.51
C ASN K 270 58.40 0.56 -6.63
N GLN K 271 59.50 0.17 -7.26
CA GLN K 271 60.60 -0.51 -6.60
C GLN K 271 61.91 0.21 -6.88
N SER K 272 62.87 0.02 -5.98
CA SER K 272 64.21 0.56 -6.13
C SER K 272 65.16 -0.27 -5.28
N LEU K 273 66.23 -0.77 -5.89
CA LEU K 273 67.27 -1.46 -5.13
C LEU K 273 68.16 -0.47 -4.42
N PHE K 274 68.55 -0.82 -3.20
CA PHE K 274 69.40 0.00 -2.35
C PHE K 274 70.64 -0.80 -1.96
N LYS K 275 71.80 -0.16 -2.04
CA LYS K 275 73.05 -0.79 -1.66
C LYS K 275 73.91 0.23 -0.92
N ASP K 276 74.31 -0.10 0.30
CA ASP K 276 75.06 0.82 1.15
C ASP K 276 74.25 2.10 1.41
N GLY K 277 72.95 1.94 1.60
CA GLY K 277 72.10 3.07 1.90
C GLY K 277 72.02 4.08 0.77
N LYS K 278 72.26 3.65 -0.46
CA LYS K 278 72.20 4.52 -1.62
C LYS K 278 71.33 3.86 -2.68
N ASN K 279 70.61 4.67 -3.44
CA ASN K 279 69.71 4.17 -4.46
C ASN K 279 70.53 3.67 -5.65
N VAL K 280 70.53 2.36 -5.87
CA VAL K 280 71.33 1.79 -6.94
C VAL K 280 70.78 2.17 -8.30
N PHE K 281 69.48 2.42 -8.39
CA PHE K 281 68.85 2.73 -9.67
C PHE K 281 69.15 4.14 -10.18
N TYR K 282 69.88 4.95 -9.41
CA TYR K 282 70.16 6.33 -9.75
C TYR K 282 71.60 6.48 -10.23
N ASP K 283 71.77 7.18 -11.34
CA ASP K 283 73.10 7.45 -11.89
C ASP K 283 73.07 8.84 -12.53
N PRO K 284 73.54 9.87 -11.82
CA PRO K 284 73.44 11.23 -12.37
C PRO K 284 74.21 11.43 -13.67
N ASP K 285 75.28 10.66 -13.90
CA ASP K 285 76.12 10.89 -15.08
C ASP K 285 75.50 10.35 -16.36
N THR K 286 74.69 9.31 -16.27
CA THR K 286 74.06 8.72 -17.43
C THR K 286 72.86 9.53 -17.88
N PRO K 287 72.52 9.52 -19.18
CA PRO K 287 71.28 10.15 -19.61
C PRO K 287 70.07 9.43 -19.03
N THR K 288 69.02 10.20 -18.77
CA THR K 288 67.82 9.75 -18.06
C THR K 288 68.08 9.50 -16.58
N LYS K 289 69.33 9.64 -16.12
CA LYS K 289 69.67 9.48 -14.71
C LYS K 289 69.21 8.13 -14.17
N LEU K 290 69.38 7.09 -14.99
CA LEU K 290 69.04 5.72 -14.62
C LEU K 290 70.26 4.82 -14.79
N SER K 291 70.66 4.16 -13.72
CA SER K 291 71.86 3.34 -13.74
C SER K 291 71.66 2.14 -14.66
N GLN K 292 72.75 1.43 -14.94
CA GLN K 292 72.67 0.22 -15.75
C GLN K 292 71.91 -0.87 -15.01
N ASP K 293 72.05 -0.94 -13.69
CA ASP K 293 71.30 -1.91 -12.90
C ASP K 293 69.80 -1.69 -13.02
N ALA K 294 69.34 -0.44 -13.07
CA ALA K 294 67.93 -0.18 -13.30
C ALA K 294 67.48 -0.72 -14.65
N MET K 295 68.29 -0.52 -15.68
CA MET K 295 67.95 -1.04 -17.01
C MET K 295 67.86 -2.56 -17.00
N TYR K 296 68.83 -3.22 -16.38
CA TYR K 296 68.82 -4.69 -16.32
C TYR K 296 67.63 -5.18 -15.52
N TYR K 297 67.30 -4.51 -14.41
CA TYR K 297 66.14 -4.87 -13.63
C TYR K 297 64.86 -4.73 -14.45
N ILE K 298 64.75 -3.66 -15.24
CA ILE K 298 63.59 -3.49 -16.12
C ILE K 298 63.53 -4.63 -17.13
N GLY K 299 64.68 -4.99 -17.70
CA GLY K 299 64.70 -6.07 -18.66
C GLY K 299 64.29 -7.41 -18.06
N GLY K 300 64.73 -7.67 -16.84
CA GLY K 300 64.30 -8.88 -16.15
C GLY K 300 62.82 -8.87 -15.81
N LEU K 301 62.30 -7.71 -15.40
CA LEU K 301 60.88 -7.59 -15.11
C LEU K 301 60.05 -7.85 -16.35
N LEU K 302 60.47 -7.29 -17.49
CA LEU K 302 59.70 -7.43 -18.72
C LEU K 302 59.70 -8.85 -19.25
N LYS K 303 60.81 -9.57 -19.16
CA LYS K 303 60.91 -10.91 -19.73
C LYS K 303 60.10 -11.93 -18.95
N HIS K 304 59.77 -11.65 -17.69
CA HIS K 304 59.12 -12.62 -16.82
C HIS K 304 57.71 -12.22 -16.39
N ILE K 305 57.23 -11.05 -16.77
CA ILE K 305 55.93 -10.60 -16.30
C ILE K 305 54.83 -11.53 -16.78
N ARG K 306 54.91 -11.96 -18.05
CA ARG K 306 53.89 -12.86 -18.59
C ARG K 306 53.76 -14.13 -17.76
N GLU K 307 54.85 -14.57 -17.14
CA GLU K 307 54.85 -15.84 -16.44
C GLU K 307 54.09 -15.77 -15.12
N PHE K 308 54.23 -14.67 -14.38
CA PHE K 308 53.59 -14.54 -13.08
C PHE K 308 52.55 -13.44 -13.06
N THR K 309 51.89 -13.19 -14.19
CA THR K 309 50.73 -12.32 -14.20
C THR K 309 49.55 -12.95 -13.48
N ALA K 310 49.49 -14.28 -13.39
CA ALA K 310 48.46 -14.93 -12.60
C ALA K 310 48.59 -14.61 -11.12
N VAL K 311 49.75 -14.13 -10.70
CA VAL K 311 49.98 -13.78 -9.30
C VAL K 311 49.68 -12.31 -9.05
N THR K 312 50.14 -11.42 -9.94
CA THR K 312 49.86 -10.00 -9.80
C THR K 312 48.39 -9.70 -10.02
N ASN K 313 47.77 -10.38 -10.97
CA ASN K 313 46.35 -10.22 -11.31
C ASN K 313 45.67 -11.57 -11.15
N PRO K 314 45.29 -11.95 -9.94
CA PRO K 314 44.97 -13.36 -9.68
C PRO K 314 43.50 -13.73 -9.80
N VAL K 315 42.60 -12.75 -9.76
CA VAL K 315 41.19 -13.01 -9.77
C VAL K 315 40.66 -12.81 -11.19
N VAL K 316 39.45 -13.32 -11.45
CA VAL K 316 38.87 -13.17 -12.77
C VAL K 316 38.57 -11.71 -13.05
N ASN K 317 38.20 -10.95 -12.02
CA ASN K 317 37.85 -9.54 -12.19
C ASN K 317 39.07 -8.68 -12.43
N SER K 318 40.28 -9.19 -12.19
CA SER K 318 41.48 -8.40 -12.37
C SER K 318 41.81 -8.17 -13.84
N TYR K 319 41.23 -8.97 -14.73
CA TYR K 319 41.46 -8.82 -16.16
C TYR K 319 40.36 -8.02 -16.84
N LYS K 320 39.30 -7.68 -16.12
CA LYS K 320 38.39 -6.64 -16.59
C LYS K 320 38.99 -5.26 -16.40
N ARG K 321 39.98 -5.15 -15.51
CA ARG K 321 40.72 -3.91 -15.34
C ARG K 321 41.73 -3.71 -16.46
N LEU K 322 42.34 -4.79 -16.93
CA LEU K 322 43.40 -4.71 -17.93
C LEU K 322 42.77 -4.57 -19.31
N VAL K 323 42.13 -3.43 -19.52
CA VAL K 323 41.54 -3.07 -20.81
C VAL K 323 42.06 -1.68 -21.16
N PRO K 324 42.18 -1.34 -22.44
CA PRO K 324 42.78 -0.06 -22.80
C PRO K 324 41.87 1.12 -22.48
N GLY K 325 42.50 2.27 -22.24
CA GLY K 325 41.78 3.50 -22.04
C GLY K 325 41.51 3.89 -20.60
N TYR K 326 42.17 3.23 -19.64
CA TYR K 326 41.89 3.51 -18.23
C TYR K 326 43.16 3.58 -17.39
N GLU K 327 44.32 3.84 -18.00
CA GLU K 327 45.58 3.95 -17.28
C GLU K 327 45.95 2.65 -16.59
N ALA K 328 45.46 1.53 -17.10
CA ALA K 328 45.88 0.21 -16.67
C ALA K 328 46.59 -0.46 -17.83
N PRO K 329 47.77 -1.03 -17.64
CA PRO K 329 48.53 -1.56 -18.78
C PRO K 329 47.80 -2.69 -19.46
N VAL K 330 48.03 -2.80 -20.77
CA VAL K 330 47.49 -3.91 -21.55
C VAL K 330 48.64 -4.60 -22.27
N TYR K 331 49.74 -3.88 -22.49
CA TYR K 331 50.87 -4.35 -23.28
C TYR K 331 52.15 -4.28 -22.46
N ILE K 332 53.15 -5.03 -22.91
CA ILE K 332 54.41 -5.16 -22.21
C ILE K 332 55.42 -4.18 -22.78
N SER K 333 55.62 -3.06 -22.09
CA SER K 333 56.52 -2.01 -22.54
C SER K 333 56.99 -1.23 -21.34
N TRP K 334 57.83 -0.22 -21.58
CA TRP K 334 58.31 0.63 -20.52
C TRP K 334 58.71 1.98 -21.10
N SER K 335 58.37 3.06 -20.40
CA SER K 335 58.73 4.40 -20.83
C SER K 335 58.61 5.35 -19.66
N ALA K 336 59.37 6.44 -19.73
CA ALA K 336 59.39 7.42 -18.64
C ALA K 336 58.12 8.26 -18.68
N GLN K 337 57.46 8.36 -17.53
CA GLN K 337 56.28 9.19 -17.32
C GLN K 337 55.09 8.74 -18.16
N ASN K 338 55.19 7.60 -18.83
CA ASN K 338 54.12 7.10 -19.68
C ASN K 338 53.17 6.28 -18.81
N ARG K 339 51.98 6.83 -18.56
CA ARG K 339 50.97 6.18 -17.74
C ARG K 339 50.11 5.22 -18.53
N SER K 340 50.47 4.97 -19.79
CA SER K 340 49.83 3.96 -20.61
C SER K 340 50.72 2.74 -20.80
N SER K 341 51.84 2.66 -20.09
CA SER K 341 52.82 1.61 -20.29
C SER K 341 52.91 0.71 -19.06
N LEU K 342 53.49 -0.47 -19.28
CA LEU K 342 53.58 -1.48 -18.24
C LEU K 342 54.47 -1.01 -17.09
N ILE K 343 55.66 -0.48 -17.42
CA ILE K 343 56.63 -0.06 -16.41
C ILE K 343 56.94 1.41 -16.60
N ARG K 344 56.23 2.29 -15.89
CA ARG K 344 56.54 3.70 -15.93
C ARG K 344 57.75 3.99 -15.06
N ILE K 345 58.53 5.00 -15.47
CA ILE K 345 59.60 5.56 -14.66
C ILE K 345 59.19 6.97 -14.25
N PRO K 346 58.75 7.21 -13.03
CA PRO K 346 58.37 8.56 -12.64
C PRO K 346 59.52 9.55 -12.84
N ALA K 347 59.18 10.83 -12.84
CA ALA K 347 60.17 11.87 -13.12
C ALA K 347 61.15 12.04 -11.97
N THR K 348 60.80 11.58 -10.78
CA THR K 348 61.66 11.76 -9.61
C THR K 348 62.99 11.04 -9.79
N ARG K 349 64.08 11.72 -9.44
CA ARG K 349 65.43 11.16 -9.48
C ARG K 349 66.05 11.28 -8.09
N GLY K 350 67.32 10.88 -8.00
CA GLY K 350 67.97 10.84 -6.71
C GLY K 350 67.36 9.75 -5.85
N ASN K 351 67.26 10.03 -4.55
CA ASN K 351 66.50 9.15 -3.68
C ASN K 351 65.03 9.29 -4.08
N GLY K 352 64.52 8.32 -4.82
CA GLY K 352 63.23 8.48 -5.46
C GLY K 352 63.22 7.88 -6.84
N THR K 353 64.39 7.47 -7.33
CA THR K 353 64.52 6.89 -8.66
C THR K 353 64.01 5.45 -8.65
N ARG K 354 62.71 5.27 -8.84
CA ARG K 354 62.08 3.96 -8.81
C ARG K 354 61.64 3.57 -10.21
N ILE K 355 61.20 2.32 -10.33
CA ILE K 355 60.47 1.87 -11.51
C ILE K 355 59.12 1.37 -11.04
N GLU K 356 58.07 1.83 -11.71
CA GLU K 356 56.69 1.59 -11.29
C GLU K 356 56.07 0.51 -12.18
N LEU K 357 55.88 -0.68 -11.62
CA LEU K 357 55.12 -1.76 -12.26
C LEU K 357 53.65 -1.49 -12.01
N ARG K 358 52.90 -1.22 -13.07
CA ARG K 358 51.51 -0.80 -12.90
C ARG K 358 50.50 -1.93 -12.98
N CYS K 359 50.88 -3.10 -13.51
CA CYS K 359 49.95 -4.21 -13.68
C CYS K 359 49.33 -4.73 -12.39
N PRO K 360 50.04 -4.87 -11.26
CA PRO K 360 49.47 -5.56 -10.11
C PRO K 360 48.17 -4.93 -9.65
N ASP K 361 47.35 -5.73 -9.00
CA ASP K 361 46.07 -5.31 -8.48
C ASP K 361 46.07 -5.39 -6.97
N PRO K 362 45.19 -4.65 -6.29
CA PRO K 362 45.17 -4.72 -4.83
C PRO K 362 44.59 -6.00 -4.28
N ALA K 363 44.06 -6.87 -5.14
CA ALA K 363 43.51 -8.15 -4.72
C ALA K 363 44.55 -9.26 -4.68
N CYS K 364 45.80 -8.95 -4.95
CA CYS K 364 46.85 -9.95 -5.03
C CYS K 364 47.49 -10.20 -3.66
N ASN K 365 48.38 -11.19 -3.62
CA ASN K 365 49.15 -11.49 -2.42
C ASN K 365 50.44 -10.69 -2.46
N PRO K 366 50.62 -9.68 -1.61
CA PRO K 366 51.84 -8.88 -1.69
C PRO K 366 53.12 -9.66 -1.46
N TYR K 367 53.10 -10.68 -0.60
CA TYR K 367 54.32 -11.45 -0.38
C TYR K 367 54.75 -12.16 -1.66
N LEU K 368 53.83 -12.91 -2.27
CA LEU K 368 54.15 -13.62 -3.50
C LEU K 368 54.49 -12.66 -4.63
N ALA K 369 53.71 -11.59 -4.75
CA ALA K 369 53.92 -10.65 -5.85
C ALA K 369 55.28 -9.96 -5.74
N PHE K 370 55.60 -9.43 -4.55
CA PHE K 370 56.90 -8.80 -4.37
C PHE K 370 58.04 -9.79 -4.50
N ALA K 371 57.88 -11.02 -4.01
CA ALA K 371 58.92 -12.02 -4.19
C ALA K 371 59.19 -12.25 -5.67
N LEU K 372 58.13 -12.38 -6.46
CA LEU K 372 58.30 -12.65 -7.89
C LEU K 372 58.93 -11.46 -8.61
N MET K 373 58.51 -10.24 -8.28
CA MET K 373 59.13 -9.05 -8.88
C MET K 373 60.60 -8.97 -8.53
N LEU K 374 60.95 -9.21 -7.26
CA LEU K 374 62.35 -9.12 -6.85
C LEU K 374 63.18 -10.17 -7.58
N ARG K 375 62.67 -11.40 -7.66
CA ARG K 375 63.43 -12.44 -8.34
C ARG K 375 63.57 -12.15 -9.83
N ALA K 376 62.53 -11.62 -10.47
CA ALA K 376 62.62 -11.28 -11.88
C ALA K 376 63.65 -10.18 -12.12
N GLY K 377 63.64 -9.14 -11.29
CA GLY K 377 64.65 -8.12 -11.40
C GLY K 377 66.06 -8.61 -11.17
N LEU K 378 66.24 -9.49 -10.18
CA LEU K 378 67.55 -10.05 -9.91
C LEU K 378 68.03 -10.97 -11.03
N GLU K 379 67.11 -11.68 -11.67
CA GLU K 379 67.45 -12.42 -12.89
C GLU K 379 67.83 -11.50 -14.03
N GLY K 380 67.18 -10.33 -14.11
CA GLY K 380 67.58 -9.35 -15.09
C GLY K 380 69.00 -8.84 -14.87
N ILE K 381 69.36 -8.60 -13.60
CA ILE K 381 70.72 -8.17 -13.30
C ILE K 381 71.71 -9.30 -13.59
N LYS K 382 71.42 -10.50 -13.10
CA LYS K 382 72.39 -11.60 -13.21
C LYS K 382 72.70 -11.95 -14.65
N ASN K 383 71.68 -11.97 -15.52
CA ASN K 383 71.85 -12.34 -16.92
C ASN K 383 72.02 -11.13 -17.82
N LYS K 384 72.21 -9.94 -17.24
CA LYS K 384 72.42 -8.71 -18.00
C LYS K 384 71.41 -8.59 -19.14
N ILE K 385 70.13 -8.64 -18.80
CA ILE K 385 69.06 -8.59 -19.80
C ILE K 385 68.74 -7.15 -20.14
N ASP K 386 69.39 -6.60 -21.14
CA ASP K 386 69.10 -5.23 -21.54
C ASP K 386 67.69 -5.18 -22.14
N PRO K 387 66.88 -4.20 -21.75
CA PRO K 387 65.55 -4.06 -22.35
C PRO K 387 65.65 -3.37 -23.70
N GLY K 388 64.53 -3.32 -24.40
CA GLY K 388 64.46 -2.66 -25.68
C GLY K 388 64.47 -1.16 -25.52
N GLU K 389 64.17 -0.47 -26.60
CA GLU K 389 64.03 0.97 -26.51
C GLU K 389 62.70 1.31 -25.84
N PRO K 390 62.63 2.41 -25.09
CA PRO K 390 61.35 2.78 -24.47
C PRO K 390 60.30 3.13 -25.51
N THR K 391 59.04 2.88 -25.17
CA THR K 391 57.92 3.24 -26.02
C THR K 391 57.30 4.51 -25.45
N ASN K 392 57.87 5.65 -25.82
CA ASN K 392 57.42 6.95 -25.31
C ASN K 392 56.28 7.47 -26.19
N VAL K 393 55.18 6.71 -26.18
CA VAL K 393 53.98 7.05 -26.92
C VAL K 393 52.79 6.44 -26.18
N ASN K 394 51.59 6.90 -26.53
CA ASN K 394 50.38 6.29 -26.02
C ASN K 394 50.21 4.93 -26.69
N ILE K 395 50.36 3.86 -25.91
CA ILE K 395 50.27 2.51 -26.46
C ILE K 395 48.85 2.16 -26.86
N PHE K 396 47.85 2.73 -26.19
CA PHE K 396 46.47 2.41 -26.52
C PHE K 396 46.07 3.00 -27.87
N HIS K 397 46.74 4.05 -28.31
CA HIS K 397 46.47 4.67 -29.61
C HIS K 397 47.43 4.14 -30.67
N LEU K 398 47.41 2.82 -30.85
CA LEU K 398 48.22 2.18 -31.86
C LEU K 398 47.41 1.07 -32.52
N SER K 399 47.76 0.78 -33.77
CA SER K 399 47.19 -0.36 -34.46
C SER K 399 47.95 -1.61 -34.08
N ASP K 400 47.31 -2.77 -34.30
CA ASP K 400 48.00 -4.03 -34.07
C ASP K 400 49.22 -4.16 -34.97
N LYS K 401 49.15 -3.63 -36.19
CA LYS K 401 50.28 -3.71 -37.11
C LYS K 401 51.50 -2.98 -36.54
N GLU K 402 51.30 -1.75 -36.08
CA GLU K 402 52.43 -1.01 -35.54
C GLU K 402 52.83 -1.51 -34.16
N ARG K 403 51.91 -2.11 -33.42
CA ARG K 403 52.27 -2.77 -32.17
C ARG K 403 53.21 -3.94 -32.43
N GLU K 404 52.90 -4.75 -33.45
CA GLU K 404 53.73 -5.92 -33.75
C GLU K 404 55.03 -5.55 -34.44
N GLU K 405 55.04 -4.50 -35.27
CA GLU K 405 56.28 -4.12 -35.94
C GLU K 405 57.31 -3.61 -34.95
N ARG K 406 56.85 -3.00 -33.85
CA ARG K 406 57.73 -2.58 -32.77
C ARG K 406 58.04 -3.71 -31.79
N GLY K 407 57.46 -4.90 -31.98
CA GLY K 407 57.72 -6.02 -31.12
C GLY K 407 56.93 -6.02 -29.83
N ILE K 408 55.99 -5.09 -29.65
CA ILE K 408 55.26 -4.99 -28.40
C ILE K 408 54.35 -6.20 -28.24
N ARG K 409 54.43 -6.84 -27.09
CA ARG K 409 53.57 -7.97 -26.75
C ARG K 409 52.47 -7.50 -25.82
N SER K 410 51.49 -8.38 -25.57
CA SER K 410 50.34 -8.05 -24.75
C SER K 410 50.30 -8.97 -23.54
N LEU K 411 49.71 -8.46 -22.47
CA LEU K 411 49.54 -9.23 -21.26
C LEU K 411 48.47 -10.31 -21.45
N PRO K 412 48.48 -11.34 -20.61
CA PRO K 412 47.43 -12.37 -20.71
C PRO K 412 46.03 -11.79 -20.72
N ALA K 413 45.23 -12.21 -21.70
CA ALA K 413 43.91 -11.61 -21.93
C ALA K 413 42.96 -11.90 -20.78
N ASP K 414 43.01 -13.10 -20.24
CA ASP K 414 42.12 -13.49 -19.15
C ASP K 414 42.89 -14.37 -18.18
N LEU K 415 42.21 -14.75 -17.09
CA LEU K 415 42.88 -15.46 -16.02
C LEU K 415 43.40 -16.81 -16.50
N LYS K 416 42.64 -17.48 -17.36
CA LYS K 416 43.09 -18.76 -17.88
C LYS K 416 44.36 -18.63 -18.71
N GLU K 417 44.45 -17.60 -19.55
CA GLU K 417 45.64 -17.49 -20.38
C GLU K 417 46.86 -17.16 -19.54
N ALA K 418 46.66 -16.64 -18.33
CA ALA K 418 47.75 -16.43 -17.39
C ALA K 418 48.08 -17.68 -16.61
N ILE K 419 47.10 -18.54 -16.34
CA ILE K 419 47.37 -19.82 -15.71
C ILE K 419 48.30 -20.66 -16.57
N ASP K 420 48.04 -20.71 -17.87
CA ASP K 420 48.87 -21.50 -18.77
C ASP K 420 50.30 -20.95 -18.82
N GLU K 421 50.43 -19.63 -18.87
CA GLU K 421 51.76 -19.02 -18.86
C GLU K 421 52.47 -19.26 -17.54
N MET K 422 51.72 -19.43 -16.45
CA MET K 422 52.31 -19.63 -15.14
C MET K 422 52.74 -21.07 -14.90
N LYS K 423 51.89 -22.04 -15.24
CA LYS K 423 52.22 -23.43 -14.95
C LYS K 423 53.36 -23.95 -15.82
N GLY K 424 53.52 -23.41 -17.03
CA GLY K 424 54.61 -23.84 -17.89
C GLY K 424 55.95 -23.26 -17.52
N SER K 425 55.99 -22.33 -16.58
CA SER K 425 57.23 -21.65 -16.24
C SER K 425 58.02 -22.42 -15.19
N LYS K 426 59.34 -22.39 -15.33
CA LYS K 426 60.27 -22.91 -14.34
C LYS K 426 60.77 -21.83 -13.40
N PHE K 427 60.85 -20.58 -13.86
CA PHE K 427 61.26 -19.49 -12.99
C PHE K 427 60.26 -19.28 -11.87
N VAL K 428 58.97 -19.27 -12.19
CA VAL K 428 57.95 -19.06 -11.17
C VAL K 428 57.89 -20.23 -10.22
N LYS K 429 58.08 -21.46 -10.73
CA LYS K 429 58.12 -22.62 -9.86
C LYS K 429 59.31 -22.58 -8.91
N GLU K 430 60.48 -22.15 -9.40
CA GLU K 430 61.63 -22.01 -8.51
C GLU K 430 61.39 -20.95 -7.45
N ALA K 431 60.81 -19.81 -7.84
CA ALA K 431 60.59 -18.71 -6.91
C ALA K 431 59.56 -19.07 -5.85
N LEU K 432 58.44 -19.69 -6.27
CA LEU K 432 57.36 -19.99 -5.33
C LEU K 432 57.66 -21.24 -4.52
N GLY K 433 58.07 -22.32 -5.19
CA GLY K 433 58.24 -23.60 -4.54
C GLY K 433 57.14 -24.54 -4.92
N GLU K 434 57.33 -25.85 -4.71
CA GLU K 434 56.36 -26.82 -5.19
C GLU K 434 54.98 -26.62 -4.55
N HIS K 435 54.95 -26.44 -3.22
CA HIS K 435 53.68 -26.37 -2.51
C HIS K 435 52.88 -25.15 -2.93
N VAL K 436 53.49 -23.97 -2.87
CA VAL K 436 52.79 -22.74 -3.24
C VAL K 436 52.40 -22.80 -4.70
N PHE K 437 53.33 -23.20 -5.56
CA PHE K 437 53.04 -23.33 -6.98
C PHE K 437 51.77 -24.16 -7.21
N SER K 438 51.80 -25.41 -6.75
CA SER K 438 50.70 -26.33 -7.05
C SER K 438 49.39 -25.85 -6.44
N HIS K 439 49.42 -25.36 -5.21
CA HIS K 439 48.16 -24.98 -4.57
C HIS K 439 47.58 -23.71 -5.17
N TYR K 440 48.45 -22.76 -5.54
CA TYR K 440 47.98 -21.58 -6.25
C TYR K 440 47.32 -21.96 -7.56
N LEU K 441 47.99 -22.82 -8.35
CA LEU K 441 47.42 -23.28 -9.60
C LEU K 441 46.07 -23.94 -9.37
N CYS K 442 45.98 -24.82 -8.39
CA CYS K 442 44.74 -25.58 -8.16
C CYS K 442 43.60 -24.62 -7.83
N ALA K 443 43.84 -23.71 -6.89
CA ALA K 443 42.79 -22.78 -6.50
C ALA K 443 42.33 -21.95 -7.68
N LYS K 444 43.27 -21.45 -8.48
CA LYS K 444 42.90 -20.58 -9.58
C LYS K 444 42.22 -21.33 -10.71
N GLU K 445 42.62 -22.57 -10.97
CA GLU K 445 41.91 -23.36 -11.96
C GLU K 445 40.49 -23.65 -11.53
N MET K 446 40.27 -23.97 -10.25
CA MET K 446 38.89 -24.13 -9.79
C MET K 446 38.09 -22.85 -9.96
N GLU K 447 38.70 -21.71 -9.62
CA GLU K 447 38.02 -20.44 -9.82
C GLU K 447 37.60 -20.26 -11.27
N TRP K 448 38.54 -20.44 -12.19
CA TRP K 448 38.22 -20.24 -13.60
C TRP K 448 37.18 -21.22 -14.09
N ASP K 449 37.27 -22.49 -13.68
CA ASP K 449 36.30 -23.48 -14.12
C ASP K 449 34.91 -23.16 -13.61
N GLU K 450 34.79 -22.61 -12.40
CA GLU K 450 33.49 -22.10 -11.96
C GLU K 450 33.03 -20.94 -12.81
N TYR K 451 33.96 -20.07 -13.22
CA TYR K 451 33.59 -18.88 -13.99
C TYR K 451 33.09 -19.23 -15.39
N LYS K 452 33.79 -20.14 -16.08
CA LYS K 452 33.55 -20.32 -17.51
C LYS K 452 32.14 -20.80 -17.79
N ALA K 453 31.55 -21.56 -16.86
CA ALA K 453 30.24 -22.16 -17.09
C ALA K 453 29.08 -21.21 -16.80
N VAL K 454 29.34 -20.06 -16.19
CA VAL K 454 28.24 -19.19 -15.78
C VAL K 454 27.60 -18.55 -17.01
N VAL K 455 26.29 -18.36 -16.93
CA VAL K 455 25.51 -17.67 -17.94
C VAL K 455 25.15 -16.32 -17.35
N HIS K 456 25.69 -15.27 -17.87
CA HIS K 456 25.54 -13.95 -17.29
C HIS K 456 24.39 -13.20 -17.94
N PRO K 457 23.77 -12.26 -17.22
CA PRO K 457 22.65 -11.51 -17.81
C PRO K 457 23.01 -10.71 -19.04
N TRP K 458 24.29 -10.39 -19.25
CA TRP K 458 24.69 -9.79 -20.52
C TRP K 458 24.39 -10.70 -21.69
N GLU K 459 24.40 -12.01 -21.47
CA GLU K 459 24.11 -12.95 -22.54
C GLU K 459 22.62 -12.99 -22.86
N LEU K 460 21.77 -12.92 -21.84
CA LEU K 460 20.33 -12.89 -22.08
C LEU K 460 19.90 -11.57 -22.68
N SER K 461 20.44 -10.46 -22.20
CA SER K 461 20.05 -9.17 -22.73
C SER K 461 20.52 -8.98 -24.17
N ARG K 462 21.41 -9.83 -24.65
CA ARG K 462 21.94 -9.73 -26.00
C ARG K 462 21.38 -10.78 -26.94
N TYR K 463 21.14 -11.99 -26.45
CA TYR K 463 20.81 -13.12 -27.31
C TYR K 463 19.39 -13.62 -27.14
N LEU K 464 18.76 -13.36 -25.99
CA LEU K 464 17.45 -13.94 -25.72
C LEU K 464 16.43 -13.53 -26.77
N SER K 465 16.35 -12.23 -27.07
CA SER K 465 15.39 -11.76 -28.05
C SER K 465 15.87 -12.02 -29.48
N MET K 466 17.18 -11.93 -29.71
CA MET K 466 17.72 -12.17 -31.04
C MET K 466 17.47 -13.60 -31.48
N LEU K 467 17.66 -14.55 -30.57
CA LEU K 467 17.49 -15.97 -30.88
C LEU K 467 16.36 -16.57 -30.05
N THR L 28 36.54 -23.03 49.20
CA THR L 28 35.44 -22.16 49.58
C THR L 28 34.40 -22.92 50.37
N THR L 29 33.99 -22.35 51.50
CA THR L 29 32.98 -22.93 52.38
C THR L 29 31.75 -22.05 52.42
N LYS L 30 30.75 -22.48 53.18
CA LYS L 30 29.53 -21.69 53.33
C LYS L 30 29.83 -20.34 53.95
N GLU L 31 30.76 -20.30 54.91
CA GLU L 31 31.16 -19.04 55.52
C GLU L 31 31.84 -18.12 54.51
N ASP L 32 32.68 -18.67 53.64
CA ASP L 32 33.29 -17.85 52.60
C ASP L 32 32.23 -17.27 51.67
N VAL L 33 31.23 -18.06 51.32
CA VAL L 33 30.17 -17.57 50.44
C VAL L 33 29.38 -16.47 51.13
N LEU L 34 29.10 -16.63 52.43
CA LEU L 34 28.39 -15.58 53.16
C LEU L 34 29.21 -14.31 53.21
N GLU L 35 30.51 -14.43 53.46
CA GLU L 35 31.37 -13.25 53.49
C GLU L 35 31.41 -12.56 52.14
N ALA L 36 31.49 -13.34 51.05
CA ALA L 36 31.48 -12.75 49.72
C ALA L 36 30.14 -12.12 49.37
N VAL L 37 29.05 -12.65 49.90
CA VAL L 37 27.74 -12.05 49.68
C VAL L 37 27.61 -10.72 50.43
N LYS L 38 28.10 -10.64 51.67
CA LYS L 38 28.11 -9.37 52.38
C LYS L 38 29.03 -8.35 51.70
N GLU L 39 30.26 -8.75 51.41
CA GLU L 39 31.26 -7.80 50.90
C GLU L 39 30.87 -7.28 49.52
N ARG L 40 30.39 -8.15 48.64
CA ARG L 40 30.16 -7.79 47.24
C ARG L 40 28.76 -7.24 47.00
N ASP L 41 27.95 -7.11 48.05
CA ASP L 41 26.62 -6.49 47.96
C ASP L 41 25.72 -7.31 47.02
N VAL L 42 25.48 -8.55 47.45
CA VAL L 42 24.67 -9.51 46.71
C VAL L 42 23.29 -9.57 47.35
N LYS L 43 22.25 -9.46 46.52
CA LYS L 43 20.87 -9.55 46.98
C LYS L 43 20.16 -10.81 46.56
N PHE L 44 20.44 -11.32 45.36
CA PHE L 44 19.79 -12.50 44.83
C PHE L 44 20.82 -13.56 44.53
N ILE L 45 20.52 -14.81 44.90
CA ILE L 45 21.33 -15.95 44.55
C ILE L 45 20.52 -16.83 43.62
N ARG L 46 21.07 -17.14 42.46
CA ARG L 46 20.44 -18.04 41.50
C ARG L 46 20.89 -19.46 41.83
N THR L 47 20.10 -20.17 42.60
CA THR L 47 20.39 -21.58 42.85
C THR L 47 20.00 -22.39 41.60
N GLN L 48 20.91 -23.24 41.13
CA GLN L 48 20.75 -23.87 39.83
C GLN L 48 21.21 -25.32 39.87
N PHE L 49 20.65 -26.11 38.96
CA PHE L 49 21.08 -27.47 38.71
C PHE L 49 20.86 -27.76 37.23
N THR L 50 21.03 -29.02 36.84
CA THR L 50 20.89 -29.43 35.45
C THR L 50 19.99 -30.66 35.38
N ASP L 51 18.98 -30.61 34.51
CA ASP L 51 18.11 -31.76 34.31
C ASP L 51 18.83 -32.83 33.50
N THR L 52 18.22 -34.01 33.41
CA THR L 52 18.90 -35.14 32.79
C THR L 52 19.21 -34.89 31.32
N LEU L 53 18.47 -34.00 30.66
CA LEU L 53 18.72 -33.69 29.26
C LEU L 53 19.73 -32.57 29.07
N GLY L 54 20.31 -32.05 30.15
CA GLY L 54 21.39 -31.09 30.05
C GLY L 54 20.97 -29.64 30.08
N ILE L 55 19.73 -29.34 30.46
CA ILE L 55 19.24 -27.97 30.47
C ILE L 55 19.41 -27.39 31.85
N ILE L 56 19.87 -26.13 31.91
CA ILE L 56 20.09 -25.45 33.17
C ILE L 56 18.74 -25.05 33.77
N LYS L 57 18.56 -25.37 35.04
CA LYS L 57 17.31 -25.11 35.77
C LYS L 57 17.67 -24.24 36.97
N SER L 58 17.21 -22.98 36.98
CA SER L 58 17.62 -22.03 37.99
C SER L 58 16.41 -21.33 38.60
N TRP L 59 16.56 -20.92 39.86
CA TRP L 59 15.60 -19.98 40.44
C TRP L 59 16.30 -19.16 41.51
N ALA L 60 15.72 -17.99 41.80
CA ALA L 60 16.36 -16.99 42.65
C ALA L 60 15.83 -17.07 44.07
N ILE L 61 16.72 -16.86 45.03
CA ILE L 61 16.33 -16.68 46.43
C ILE L 61 17.01 -15.41 46.93
N PRO L 62 16.41 -14.69 47.88
CA PRO L 62 17.09 -13.52 48.44
C PRO L 62 18.34 -13.91 49.21
N ALA L 63 19.29 -12.97 49.26
CA ALA L 63 20.53 -13.23 50.00
C ALA L 63 20.26 -13.45 51.48
N GLU L 64 19.15 -12.92 51.99
CA GLU L 64 18.79 -13.17 53.39
C GLU L 64 18.36 -14.62 53.60
N GLN L 65 17.89 -15.29 52.55
CA GLN L 65 17.49 -16.69 52.64
C GLN L 65 18.67 -17.64 52.55
N LEU L 66 19.87 -17.15 52.23
CA LEU L 66 20.99 -18.04 51.91
C LEU L 66 21.41 -18.87 53.11
N GLU L 67 21.44 -18.29 54.30
CA GLU L 67 21.86 -19.04 55.48
C GLU L 67 20.90 -20.20 55.77
N GLU L 68 19.61 -20.01 55.52
CA GLU L 68 18.66 -21.10 55.66
C GLU L 68 18.85 -22.16 54.58
N ALA L 69 19.15 -21.74 53.35
CA ALA L 69 19.33 -22.68 52.26
C ALA L 69 20.59 -23.51 52.39
N PHE L 70 21.60 -23.02 53.10
CA PHE L 70 22.79 -23.82 53.36
C PHE L 70 22.56 -24.86 54.43
N GLU L 71 21.54 -24.70 55.26
CA GLU L 71 21.26 -25.61 56.36
C GLU L 71 20.12 -26.58 56.03
N ASN L 72 19.05 -26.10 55.40
CA ASN L 72 17.89 -26.92 55.11
C ASN L 72 17.77 -27.30 53.64
N GLY L 73 18.46 -26.61 52.76
CA GLY L 73 18.32 -26.84 51.33
C GLY L 73 17.11 -26.11 50.76
N VAL L 74 17.02 -26.10 49.44
CA VAL L 74 15.95 -25.39 48.75
C VAL L 74 15.05 -26.42 48.09
N MET L 75 13.75 -26.35 48.35
CA MET L 75 12.81 -27.35 47.85
C MET L 75 12.26 -26.93 46.50
N PHE L 76 12.10 -27.91 45.61
CA PHE L 76 11.48 -27.70 44.31
C PHE L 76 10.67 -28.95 43.96
N ASP L 77 10.10 -28.95 42.76
CA ASP L 77 9.22 -30.02 42.31
C ASP L 77 9.84 -30.72 41.12
N GLY L 78 10.09 -32.02 41.28
CA GLY L 78 10.77 -32.79 40.26
C GLY L 78 9.85 -33.29 39.16
N SER L 79 8.54 -33.20 39.40
CA SER L 79 7.59 -33.67 38.41
C SER L 79 7.62 -32.82 37.14
N SER L 80 8.00 -31.55 37.26
CA SER L 80 8.12 -30.66 36.12
C SER L 80 9.57 -30.48 35.69
N ILE L 81 10.42 -31.46 35.98
CA ILE L 81 11.78 -31.53 35.46
C ILE L 81 11.90 -32.81 34.66
N GLN L 82 12.52 -32.70 33.48
CA GLN L 82 12.57 -33.81 32.54
C GLN L 82 13.32 -34.98 33.15
N GLY L 83 12.70 -36.15 33.15
CA GLY L 83 13.37 -37.37 33.59
C GLY L 83 13.86 -37.32 35.02
N PHE L 84 13.09 -36.70 35.91
CA PHE L 84 13.57 -36.43 37.25
C PHE L 84 12.78 -37.21 38.31
N THR L 85 11.47 -37.01 38.39
CA THR L 85 10.66 -37.75 39.35
C THR L 85 9.20 -37.57 38.95
N ARG L 86 8.33 -38.35 39.57
CA ARG L 86 6.94 -38.43 39.19
C ARG L 86 6.08 -37.62 40.15
N ILE L 87 4.82 -37.44 39.77
CA ILE L 87 3.98 -36.43 40.42
C ILE L 87 3.45 -36.90 41.77
N GLU L 88 3.47 -38.20 42.04
CA GLU L 88 3.09 -38.69 43.36
C GLU L 88 4.10 -38.25 44.41
N GLU L 89 5.35 -38.66 44.25
CA GLU L 89 6.44 -38.19 45.09
C GLU L 89 7.29 -37.18 44.30
N SER L 90 6.78 -35.95 44.24
CA SER L 90 7.40 -34.92 43.43
C SER L 90 8.30 -33.97 44.22
N ASP L 91 8.09 -33.85 45.52
CA ASP L 91 8.91 -32.96 46.33
C ASP L 91 10.38 -33.39 46.25
N MET L 92 11.27 -32.42 46.06
CA MET L 92 12.69 -32.70 45.97
C MET L 92 13.48 -31.58 46.60
N LYS L 93 14.68 -31.90 47.09
CA LYS L 93 15.53 -30.95 47.77
C LYS L 93 16.79 -30.70 46.95
N LEU L 94 17.32 -29.48 47.07
CA LEU L 94 18.59 -29.13 46.45
C LEU L 94 19.52 -28.64 47.54
N ALA L 95 20.64 -29.32 47.70
CA ALA L 95 21.68 -28.94 48.63
C ALA L 95 22.74 -28.13 47.92
N LEU L 96 23.17 -27.06 48.56
CA LEU L 96 24.11 -26.12 47.95
C LEU L 96 25.54 -26.51 48.29
N ASP L 97 26.45 -26.26 47.35
CA ASP L 97 27.88 -26.42 47.61
C ASP L 97 28.56 -25.07 47.39
N PRO L 98 29.31 -24.57 48.38
CA PRO L 98 29.86 -23.21 48.23
C PRO L 98 30.96 -23.08 47.20
N SER L 99 31.57 -24.19 46.78
CA SER L 99 32.68 -24.10 45.84
C SER L 99 32.24 -23.51 44.51
N THR L 100 30.97 -23.68 44.14
CA THR L 100 30.46 -23.24 42.85
C THR L 100 29.95 -21.81 42.88
N PHE L 101 30.06 -21.10 44.01
CA PHE L 101 29.60 -19.73 44.08
C PHE L 101 30.30 -18.87 43.05
N ARG L 102 29.51 -18.09 42.32
CA ARG L 102 30.02 -17.19 41.30
C ARG L 102 29.09 -15.98 41.24
N ILE L 103 29.59 -14.88 40.70
CA ILE L 103 28.82 -13.65 40.62
C ILE L 103 28.61 -13.34 39.15
N LEU L 104 27.36 -13.19 38.74
CA LEU L 104 27.03 -12.94 37.34
C LEU L 104 27.35 -11.50 36.97
N PRO L 105 28.27 -11.25 36.03
CA PRO L 105 28.70 -9.87 35.78
C PRO L 105 27.74 -9.06 34.92
N TRP L 106 26.93 -9.73 34.10
CA TRP L 106 26.01 -9.01 33.23
C TRP L 106 24.74 -8.56 33.93
N ARG L 107 24.58 -8.88 35.20
CA ARG L 107 23.49 -8.36 36.00
C ARG L 107 23.96 -7.17 36.83
N PRO L 108 23.04 -6.33 37.29
CA PRO L 108 23.44 -5.07 37.94
C PRO L 108 24.33 -5.33 39.15
N ALA L 109 25.29 -4.42 39.35
CA ALA L 109 26.24 -4.50 40.45
C ALA L 109 25.67 -3.96 41.77
N THR L 110 24.59 -3.19 41.73
CA THR L 110 23.96 -2.71 42.95
C THR L 110 23.23 -3.86 43.64
N GLY L 111 22.25 -4.43 42.97
CA GLY L 111 21.63 -5.65 43.46
C GLY L 111 22.33 -6.86 42.88
N ALA L 112 23.61 -7.03 43.25
CA ALA L 112 24.44 -8.04 42.61
C ALA L 112 23.79 -9.41 42.70
N VAL L 113 23.89 -10.17 41.62
CA VAL L 113 23.29 -11.49 41.52
C VAL L 113 24.41 -12.51 41.46
N ALA L 114 24.35 -13.51 42.32
CA ALA L 114 25.29 -14.60 42.34
C ALA L 114 24.60 -15.88 41.87
N ARG L 115 25.36 -16.96 41.77
CA ARG L 115 24.80 -18.26 41.45
C ARG L 115 25.50 -19.30 42.31
N ILE L 116 24.76 -20.34 42.65
CA ILE L 116 25.33 -21.51 43.31
C ILE L 116 24.70 -22.75 42.70
N LEU L 117 25.52 -23.59 42.07
CA LEU L 117 25.06 -24.90 41.68
C LEU L 117 24.90 -25.78 42.92
N GLY L 118 24.02 -26.77 42.81
CA GLY L 118 23.76 -27.66 43.91
C GLY L 118 23.59 -29.09 43.45
N ASP L 119 23.61 -29.99 44.41
CA ASP L 119 23.29 -31.39 44.21
C ASP L 119 21.83 -31.64 44.59
N VAL L 120 21.27 -32.70 44.02
CA VAL L 120 19.84 -32.97 44.12
C VAL L 120 19.64 -34.13 45.07
N TYR L 121 18.79 -33.93 46.07
CA TYR L 121 18.50 -34.92 47.09
C TYR L 121 17.00 -35.22 47.14
N LEU L 122 16.69 -36.35 47.60
CA LEU L 122 15.31 -36.64 47.92
C LEU L 122 14.95 -36.01 49.27
N PRO L 123 13.68 -35.74 49.52
CA PRO L 123 13.32 -35.11 50.80
C PRO L 123 13.78 -35.91 52.01
N ASP L 124 13.80 -37.24 51.93
CA ASP L 124 14.18 -38.04 53.08
C ASP L 124 15.61 -37.74 53.52
N GLY L 125 16.52 -37.57 52.57
CA GLY L 125 17.88 -37.20 52.89
C GLY L 125 18.92 -37.85 52.01
N ASN L 126 18.56 -38.92 51.32
CA ASN L 126 19.51 -39.61 50.46
C ASN L 126 19.76 -38.80 49.20
N PRO L 127 20.94 -38.97 48.58
CA PRO L 127 21.19 -38.27 47.32
C PRO L 127 20.41 -38.88 46.17
N PHE L 128 19.85 -38.04 45.32
CA PHE L 128 19.10 -38.52 44.16
C PHE L 128 20.07 -39.15 43.18
N LYS L 129 19.95 -40.47 42.97
CA LYS L 129 20.82 -41.15 42.03
C LYS L 129 20.50 -40.81 40.58
N GLY L 130 19.38 -40.13 40.32
CA GLY L 130 19.04 -39.70 38.98
C GLY L 130 19.60 -38.38 38.56
N ASP L 131 20.44 -37.75 39.38
CA ASP L 131 21.04 -36.46 39.05
C ASP L 131 22.31 -36.67 38.23
N PRO L 132 22.44 -36.03 37.07
CA PRO L 132 23.66 -36.24 36.26
C PRO L 132 24.94 -35.90 37.00
N ARG L 133 24.92 -34.86 37.84
CA ARG L 133 26.09 -34.51 38.62
C ARG L 133 26.52 -35.67 39.50
N TYR L 134 25.54 -36.40 40.04
CA TYR L 134 25.85 -37.58 40.85
C TYR L 134 26.47 -38.68 40.01
N VAL L 135 26.03 -38.84 38.76
CA VAL L 135 26.63 -39.84 37.87
C VAL L 135 28.09 -39.49 37.61
N LEU L 136 28.36 -38.22 37.32
CA LEU L 136 29.75 -37.81 37.10
C LEU L 136 30.59 -38.01 38.35
N LYS L 137 30.03 -37.73 39.53
CA LYS L 137 30.74 -37.96 40.77
C LYS L 137 31.05 -39.43 40.97
N THR L 138 30.08 -40.30 40.64
CA THR L 138 30.31 -41.73 40.77
C THR L 138 31.46 -42.18 39.85
N ALA L 139 31.51 -41.64 38.63
CA ALA L 139 32.62 -41.98 37.73
C ALA L 139 33.95 -41.48 38.29
N ILE L 140 33.96 -40.28 38.86
CA ILE L 140 35.18 -39.77 39.48
C ILE L 140 35.63 -40.67 40.61
N LYS L 141 34.68 -41.30 41.32
CA LYS L 141 35.05 -42.24 42.37
C LYS L 141 35.85 -43.41 41.82
N GLU L 142 35.41 -44.00 40.70
CA GLU L 142 36.16 -45.10 40.11
C GLU L 142 37.52 -44.64 39.61
N ALA L 143 37.56 -43.43 39.03
CA ALA L 143 38.86 -42.88 38.62
C ALA L 143 39.80 -42.79 39.82
N GLU L 144 39.33 -42.28 40.96
CA GLU L 144 40.15 -42.22 42.15
C GLU L 144 40.59 -43.62 42.58
N LYS L 145 39.65 -44.58 42.56
CA LYS L 145 39.99 -45.93 42.97
C LYS L 145 41.12 -46.49 42.14
N MET L 146 41.20 -46.12 40.85
CA MET L 146 42.32 -46.53 40.02
C MET L 146 43.50 -45.55 40.10
N GLY L 147 43.38 -44.48 40.87
CA GLY L 147 44.47 -43.56 41.10
C GLY L 147 44.63 -42.45 40.09
N PHE L 148 43.61 -42.17 39.28
CA PHE L 148 43.69 -41.18 38.22
C PHE L 148 42.74 -40.01 38.53
N SER L 149 42.78 -39.01 37.65
CA SER L 149 41.82 -37.92 37.69
C SER L 149 41.69 -37.29 36.31
N MET L 150 40.51 -37.37 35.72
CA MET L 150 40.30 -36.84 34.39
C MET L 150 40.43 -35.32 34.39
N ASN L 151 41.05 -34.78 33.34
CA ASN L 151 41.26 -33.35 33.22
C ASN L 151 40.72 -32.84 31.90
N VAL L 152 39.48 -33.22 31.57
CA VAL L 152 38.90 -32.84 30.30
C VAL L 152 38.87 -31.33 30.15
N GLY L 153 39.10 -30.86 28.93
CA GLY L 153 38.88 -29.48 28.57
C GLY L 153 38.18 -29.37 27.23
N PRO L 154 36.96 -28.85 27.20
CA PRO L 154 36.18 -28.85 25.95
C PRO L 154 36.34 -27.56 25.16
N GLU L 155 36.07 -27.67 23.87
CA GLU L 155 36.05 -26.53 22.97
C GLU L 155 34.73 -26.58 22.22
N LEU L 156 33.76 -25.79 22.68
CA LEU L 156 32.40 -25.84 22.17
C LEU L 156 32.13 -24.60 21.32
N GLU L 157 31.56 -24.84 20.13
CA GLU L 157 31.32 -23.83 19.14
C GLU L 157 29.87 -23.37 19.20
N PHE L 158 29.62 -22.17 18.69
CA PHE L 158 28.24 -21.66 18.67
C PHE L 158 28.04 -20.84 17.40
N PHE L 159 26.78 -20.55 17.12
CA PHE L 159 26.40 -19.70 16.00
C PHE L 159 25.78 -18.43 16.54
N LEU L 160 26.11 -17.30 15.93
CA LEU L 160 25.51 -16.02 16.30
C LEU L 160 24.53 -15.64 15.20
N PHE L 161 23.24 -15.70 15.52
CA PHE L 161 22.18 -15.37 14.59
C PHE L 161 21.49 -14.08 15.03
N LYS L 162 20.65 -13.56 14.15
CA LYS L 162 19.94 -12.32 14.45
C LYS L 162 18.61 -12.63 15.14
N LEU L 163 18.18 -11.68 15.97
CA LEU L 163 16.86 -11.73 16.57
C LEU L 163 15.86 -10.99 15.69
N ASP L 164 14.61 -11.44 15.74
CA ASP L 164 13.58 -10.79 14.96
C ASP L 164 13.00 -9.62 15.76
N ALA L 165 11.90 -9.05 15.27
CA ALA L 165 11.32 -7.86 15.90
C ALA L 165 10.92 -8.13 17.34
N ASN L 166 10.39 -9.32 17.61
CA ASN L 166 9.93 -9.68 18.94
C ASN L 166 11.06 -10.13 19.87
N GLY L 167 12.27 -10.28 19.35
CA GLY L 167 13.38 -10.78 20.13
C GLY L 167 13.52 -12.28 20.15
N ASN L 168 12.83 -12.98 19.25
CA ASN L 168 12.91 -14.44 19.20
C ASN L 168 14.12 -14.89 18.38
N PRO L 169 14.62 -16.08 18.62
CA PRO L 169 15.73 -16.60 17.82
C PRO L 169 15.34 -16.77 16.36
N THR L 170 16.34 -16.58 15.49
CA THR L 170 16.22 -16.86 14.07
C THR L 170 17.47 -17.61 13.64
N THR L 171 17.52 -17.97 12.36
CA THR L 171 18.69 -18.60 11.76
C THR L 171 19.36 -17.67 10.76
N GLU L 172 18.97 -16.39 10.75
CA GLU L 172 19.62 -15.40 9.92
C GLU L 172 21.07 -15.20 10.36
N LEU L 173 21.96 -15.14 9.39
CA LEU L 173 23.37 -14.97 9.68
C LEU L 173 23.68 -13.54 10.10
N THR L 174 24.67 -13.42 11.00
CA THR L 174 25.20 -12.13 11.38
C THR L 174 26.44 -11.74 10.60
N ASP L 175 27.06 -12.69 9.91
CA ASP L 175 28.17 -12.42 9.00
C ASP L 175 28.35 -13.64 8.10
N GLN L 176 29.08 -13.43 7.01
CA GLN L 176 29.42 -14.50 6.06
C GLN L 176 30.87 -14.93 6.17
N GLY L 177 31.53 -14.62 7.29
CA GLY L 177 32.94 -14.90 7.43
C GLY L 177 33.23 -16.39 7.41
N GLY L 178 34.49 -16.70 7.62
CA GLY L 178 34.94 -18.08 7.64
C GLY L 178 35.90 -18.33 8.78
N TYR L 179 36.82 -19.25 8.58
CA TYR L 179 37.78 -19.61 9.62
C TYR L 179 38.87 -18.55 9.76
N PHE L 180 39.08 -18.08 10.98
CA PHE L 180 40.08 -17.06 11.28
C PHE L 180 39.93 -15.85 10.38
N ASP L 181 38.74 -15.27 10.35
CA ASP L 181 38.46 -14.15 9.48
C ASP L 181 38.41 -12.86 10.28
N PHE L 182 39.04 -11.82 9.75
CA PHE L 182 39.08 -10.50 10.36
C PHE L 182 37.85 -9.70 9.94
N ALA L 183 37.61 -8.58 10.62
CA ALA L 183 36.50 -7.71 10.26
C ALA L 183 36.80 -6.99 8.95
N PRO L 184 35.76 -6.61 8.20
CA PRO L 184 34.32 -6.72 8.47
C PRO L 184 33.70 -8.05 8.03
N LEU L 185 34.51 -9.05 7.65
CA LEU L 185 33.95 -10.37 7.44
C LEU L 185 33.53 -11.01 8.75
N ASP L 186 34.25 -10.71 9.84
CA ASP L 186 33.93 -11.21 11.17
C ASP L 186 33.29 -10.08 11.95
N ARG L 187 31.97 -10.02 11.93
CA ARG L 187 31.21 -8.98 12.63
C ARG L 187 30.75 -9.46 14.01
N ALA L 188 31.66 -10.01 14.82
CA ALA L 188 31.34 -10.42 16.17
C ALA L 188 32.47 -10.15 17.16
N GLN L 189 33.45 -9.33 16.80
CA GLN L 189 34.56 -9.07 17.71
C GLN L 189 34.08 -8.51 19.04
N ASP L 190 33.08 -7.61 19.00
CA ASP L 190 32.55 -7.05 20.23
C ASP L 190 31.87 -8.11 21.08
N VAL L 191 31.09 -8.99 20.43
CA VAL L 191 30.36 -10.02 21.17
C VAL L 191 31.34 -10.99 21.83
N ARG L 192 32.36 -11.43 21.09
CA ARG L 192 33.35 -12.33 21.67
C ARG L 192 34.17 -11.63 22.74
N ARG L 193 34.48 -10.35 22.55
CA ARG L 193 35.19 -9.60 23.57
C ARG L 193 34.42 -9.59 24.88
N ASP L 194 33.12 -9.30 24.80
CA ASP L 194 32.32 -9.24 26.01
C ASP L 194 32.10 -10.62 26.61
N ILE L 195 31.99 -11.65 25.77
CA ILE L 195 31.89 -13.01 26.28
C ILE L 195 33.15 -13.40 27.04
N ASP L 196 34.31 -13.06 26.48
CA ASP L 196 35.56 -13.36 27.17
C ASP L 196 35.66 -12.61 28.49
N TYR L 197 35.23 -11.35 28.50
CA TYR L 197 35.23 -10.59 29.76
C TYR L 197 34.33 -11.25 30.80
N ALA L 198 33.12 -11.64 30.40
CA ALA L 198 32.19 -12.26 31.34
C ALA L 198 32.75 -13.58 31.86
N LEU L 199 33.27 -14.42 30.97
CA LEU L 199 33.85 -15.68 31.40
C LEU L 199 35.01 -15.45 32.37
N GLU L 200 35.91 -14.52 32.02
CA GLU L 200 37.02 -14.23 32.92
C GLU L 200 36.52 -13.80 34.30
N HIS L 201 35.48 -12.97 34.33
CA HIS L 201 34.89 -12.59 35.61
C HIS L 201 34.26 -13.79 36.33
N MET L 202 33.87 -14.84 35.60
CA MET L 202 33.27 -16.03 36.19
C MET L 202 34.29 -17.15 36.37
N GLY L 203 35.56 -16.80 36.52
CA GLY L 203 36.60 -17.78 36.78
C GLY L 203 36.89 -18.72 35.62
N PHE L 204 37.27 -18.15 34.48
CA PHE L 204 37.56 -18.90 33.26
C PHE L 204 38.94 -18.46 32.80
N GLN L 205 39.85 -19.41 32.61
CA GLN L 205 41.14 -19.09 31.99
C GLN L 205 40.97 -19.19 30.49
N ILE L 206 40.68 -18.05 29.86
CA ILE L 206 40.45 -18.04 28.43
C ILE L 206 41.78 -18.31 27.71
N GLU L 207 41.72 -19.18 26.73
CA GLU L 207 42.89 -19.49 25.91
C GLU L 207 42.84 -18.84 24.55
N ALA L 208 41.69 -18.87 23.88
CA ALA L 208 41.62 -18.31 22.53
C ALA L 208 40.16 -18.03 22.18
N SER L 209 39.96 -17.21 21.17
CA SER L 209 38.65 -16.84 20.68
C SER L 209 38.76 -16.53 19.20
N HIS L 210 37.90 -17.14 18.39
CA HIS L 210 38.07 -16.99 16.95
C HIS L 210 36.79 -17.34 16.21
N HIS L 211 36.75 -16.91 14.94
CA HIS L 211 35.72 -17.31 14.00
C HIS L 211 36.02 -18.71 13.50
N GLU L 212 34.97 -19.47 13.26
CA GLU L 212 35.07 -20.85 12.84
C GLU L 212 34.58 -20.99 11.40
N VAL L 213 34.62 -22.20 10.87
CA VAL L 213 34.49 -22.39 9.43
C VAL L 213 33.14 -21.89 8.93
N ALA L 214 32.07 -22.27 9.60
CA ALA L 214 30.75 -21.91 9.11
C ALA L 214 30.55 -20.40 9.22
N PRO L 215 29.72 -19.79 8.37
CA PRO L 215 29.45 -18.36 8.51
C PRO L 215 28.72 -18.06 9.82
N SER L 216 29.18 -17.01 10.50
CA SER L 216 28.63 -16.56 11.76
C SER L 216 28.77 -17.60 12.87
N GLN L 217 29.76 -18.48 12.78
CA GLN L 217 30.04 -19.48 13.80
C GLN L 217 31.35 -19.17 14.48
N HIS L 218 31.35 -19.18 15.81
CA HIS L 218 32.49 -18.76 16.60
C HIS L 218 32.83 -19.84 17.61
N GLU L 219 34.05 -19.75 18.14
CA GLU L 219 34.56 -20.71 19.10
C GLU L 219 35.42 -19.98 20.12
N ILE L 220 35.21 -20.30 21.39
CA ILE L 220 36.00 -19.77 22.49
C ILE L 220 36.54 -20.95 23.27
N ASP L 221 37.84 -20.93 23.53
CA ASP L 221 38.54 -22.02 24.21
C ASP L 221 39.11 -21.51 25.52
N PHE L 222 38.83 -22.25 26.60
CA PHE L 222 39.30 -21.93 27.93
C PHE L 222 40.09 -23.11 28.47
N ARG L 223 40.87 -22.85 29.51
CA ARG L 223 41.78 -23.85 30.03
C ARG L 223 41.03 -25.06 30.58
N PHE L 224 41.68 -26.21 30.54
CA PHE L 224 41.11 -27.45 31.04
C PHE L 224 41.22 -27.52 32.56
N GLY L 225 40.48 -28.46 33.13
CA GLY L 225 40.47 -28.66 34.56
C GLY L 225 39.86 -29.98 34.92
N ASP L 226 39.53 -30.13 36.20
CA ASP L 226 38.89 -31.36 36.65
C ASP L 226 37.54 -31.54 35.98
N VAL L 227 37.08 -32.79 35.91
CA VAL L 227 35.85 -33.09 35.17
C VAL L 227 34.66 -32.38 35.80
N LEU L 228 34.56 -32.36 37.13
CA LEU L 228 33.44 -31.69 37.78
C LEU L 228 33.43 -30.21 37.44
N CYS L 229 34.55 -29.54 37.68
CA CYS L 229 34.64 -28.12 37.39
C CYS L 229 34.43 -27.84 35.92
N THR L 230 34.89 -28.76 35.06
CA THR L 230 34.79 -28.54 33.62
C THR L 230 33.36 -28.71 33.13
N ALA L 231 32.61 -29.66 33.69
CA ALA L 231 31.20 -29.79 33.34
C ALA L 231 30.40 -28.58 33.82
N ASP L 232 30.66 -28.13 35.05
CA ASP L 232 30.02 -26.91 35.51
C ASP L 232 30.38 -25.74 34.60
N ASN L 233 31.64 -25.68 34.17
CA ASN L 233 32.05 -24.65 33.23
C ASN L 233 31.34 -24.77 31.89
N VAL L 234 31.07 -25.99 31.44
CA VAL L 234 30.38 -26.15 30.16
C VAL L 234 28.98 -25.55 30.25
N VAL L 235 28.23 -25.92 31.28
CA VAL L 235 26.87 -25.40 31.42
C VAL L 235 26.91 -23.88 31.59
N THR L 236 27.81 -23.40 32.46
CA THR L 236 27.98 -21.96 32.63
C THR L 236 28.26 -21.30 31.28
N PHE L 237 29.41 -21.61 30.68
CA PHE L 237 29.78 -21.07 29.39
C PHE L 237 28.57 -20.97 28.47
N LYS L 238 27.78 -22.03 28.38
CA LYS L 238 26.62 -21.99 27.49
C LYS L 238 25.67 -20.87 27.87
N TYR L 239 25.25 -20.81 29.13
CA TYR L 239 24.22 -19.81 29.44
C TYR L 239 24.81 -18.40 29.51
N VAL L 240 26.09 -18.27 29.86
CA VAL L 240 26.76 -16.98 29.82
C VAL L 240 26.80 -16.44 28.40
N VAL L 241 27.20 -17.30 27.46
CA VAL L 241 27.26 -16.89 26.06
C VAL L 241 25.90 -16.48 25.56
N LYS L 242 24.88 -17.29 25.88
CA LYS L 242 23.53 -16.98 25.41
C LYS L 242 23.03 -15.66 25.98
N SER L 243 23.28 -15.40 27.26
CA SER L 243 22.81 -14.15 27.87
C SER L 243 23.55 -12.95 27.29
N ILE L 244 24.86 -13.05 27.12
CA ILE L 244 25.63 -11.94 26.55
C ILE L 244 25.15 -11.63 25.15
N ALA L 245 24.97 -12.67 24.33
CA ALA L 245 24.49 -12.46 22.98
C ALA L 245 23.11 -11.82 22.98
N TYR L 246 22.23 -12.29 23.87
CA TYR L 246 20.89 -11.71 23.93
C TYR L 246 20.95 -10.23 24.27
N HIS L 247 21.78 -9.85 25.23
CA HIS L 247 21.86 -8.44 25.63
C HIS L 247 22.54 -7.57 24.59
N LYS L 248 23.36 -8.15 23.72
CA LYS L 248 23.95 -7.39 22.62
C LYS L 248 23.10 -7.41 21.36
N GLY L 249 21.96 -8.09 21.38
CA GLY L 249 21.01 -8.07 20.29
C GLY L 249 20.95 -9.34 19.46
N TYR L 250 21.90 -10.25 19.62
CA TYR L 250 21.95 -11.46 18.83
C TYR L 250 21.45 -12.66 19.63
N TYR L 251 21.51 -13.82 18.99
CA TYR L 251 21.14 -15.07 19.62
C TYR L 251 22.27 -16.07 19.43
N ALA L 252 22.78 -16.63 20.51
CA ALA L 252 23.79 -17.67 20.45
C ALA L 252 23.12 -19.03 20.49
N SER L 253 23.41 -19.85 19.48
CA SER L 253 22.79 -21.16 19.35
C SER L 253 23.87 -22.22 19.39
N PHE L 254 23.67 -23.21 20.26
CA PHE L 254 24.52 -24.40 20.32
C PHE L 254 23.85 -25.59 19.65
N MET L 255 23.03 -25.33 18.64
CA MET L 255 22.46 -26.37 17.82
C MET L 255 23.56 -26.99 16.97
N PRO L 256 23.75 -28.31 16.99
CA PRO L 256 24.89 -28.89 16.26
C PRO L 256 24.89 -28.61 14.77
N LYS L 257 23.73 -28.67 14.11
CA LYS L 257 23.64 -28.49 12.66
C LYS L 257 22.45 -27.57 12.35
N PRO L 258 22.59 -26.28 12.57
CA PRO L 258 21.47 -25.37 12.29
C PRO L 258 21.33 -25.04 10.82
N LEU L 259 22.41 -25.22 10.06
CA LEU L 259 22.45 -24.87 8.65
C LEU L 259 22.99 -26.05 7.85
N PHE L 260 22.41 -26.26 6.67
CA PHE L 260 22.84 -27.32 5.78
C PHE L 260 23.93 -26.81 4.85
N GLY L 261 24.87 -27.70 4.53
CA GLY L 261 25.92 -27.38 3.60
C GLY L 261 27.10 -26.65 4.19
N VAL L 262 27.07 -26.34 5.48
CA VAL L 262 28.17 -25.68 6.17
C VAL L 262 28.52 -26.53 7.39
N ASN L 263 29.66 -26.19 7.99
CA ASN L 263 30.13 -26.95 9.15
C ASN L 263 29.11 -26.87 10.28
N GLY L 264 29.18 -27.85 11.17
CA GLY L 264 28.33 -27.91 12.33
C GLY L 264 29.12 -27.60 13.60
N SER L 265 28.38 -27.44 14.69
CA SER L 265 28.96 -27.10 15.98
C SER L 265 29.16 -28.38 16.78
N GLY L 266 30.39 -28.60 17.25
CA GLY L 266 30.71 -29.75 18.06
C GLY L 266 31.46 -29.34 19.32
N MET L 267 31.38 -30.20 20.32
CA MET L 267 32.13 -30.04 21.57
C MET L 267 33.21 -31.11 21.59
N HIS L 268 34.38 -30.77 21.09
CA HIS L 268 35.49 -31.71 21.13
C HIS L 268 35.96 -31.88 22.56
N SER L 269 35.88 -33.09 23.06
CA SER L 269 36.26 -33.41 24.44
C SER L 269 37.73 -33.81 24.42
N ASN L 270 38.58 -32.91 24.90
CA ASN L 270 40.00 -33.20 25.08
C ASN L 270 40.20 -33.70 26.50
N GLN L 271 40.72 -34.91 26.64
CA GLN L 271 40.83 -35.57 27.93
C GLN L 271 42.26 -36.01 28.20
N SER L 272 42.61 -36.00 29.48
CA SER L 272 43.89 -36.54 29.94
C SER L 272 43.67 -37.17 31.30
N LEU L 273 44.61 -38.03 31.69
CA LEU L 273 44.63 -38.62 33.01
C LEU L 273 45.88 -38.10 33.72
N PHE L 274 45.70 -37.50 34.88
CA PHE L 274 46.81 -37.02 35.69
C PHE L 274 46.93 -37.89 36.93
N LYS L 275 48.16 -38.33 37.22
CA LYS L 275 48.46 -39.07 38.43
C LYS L 275 49.71 -38.49 39.05
N ASP L 276 49.62 -38.14 40.34
CA ASP L 276 50.71 -37.46 41.03
C ASP L 276 51.05 -36.12 40.37
N GLY L 277 50.03 -35.45 39.87
CA GLY L 277 50.23 -34.15 39.25
C GLY L 277 51.06 -34.19 37.98
N LYS L 278 51.06 -35.34 37.30
CA LYS L 278 51.79 -35.49 36.05
C LYS L 278 50.86 -36.12 35.03
N ASN L 279 51.01 -35.70 33.77
CA ASN L 279 50.18 -36.22 32.69
C ASN L 279 50.62 -37.64 32.36
N VAL L 280 49.77 -38.61 32.69
CA VAL L 280 50.13 -40.01 32.49
C VAL L 280 49.91 -40.47 31.06
N PHE L 281 49.34 -39.63 30.20
CA PHE L 281 49.15 -39.94 28.79
C PHE L 281 50.40 -39.63 27.96
N TYR L 282 51.48 -39.21 28.58
CA TYR L 282 52.65 -38.69 27.87
C TYR L 282 53.88 -39.47 28.31
N ASP L 283 54.49 -40.19 27.38
CA ASP L 283 55.72 -40.93 27.66
C ASP L 283 56.81 -40.45 26.70
N PRO L 284 57.78 -39.65 27.17
CA PRO L 284 58.76 -39.11 26.22
C PRO L 284 59.59 -40.16 25.51
N ASP L 285 59.81 -41.33 26.11
CA ASP L 285 60.72 -42.31 25.54
C ASP L 285 60.10 -43.08 24.38
N THR L 286 58.81 -43.38 24.45
CA THR L 286 58.16 -44.17 23.42
C THR L 286 57.88 -43.34 22.17
N PRO L 287 57.86 -43.96 20.99
CA PRO L 287 57.49 -43.21 19.78
C PRO L 287 56.07 -42.68 19.87
N THR L 288 55.85 -41.52 19.24
CA THR L 288 54.62 -40.74 19.31
C THR L 288 54.43 -40.09 20.68
N LYS L 289 55.29 -40.38 21.65
CA LYS L 289 55.23 -39.77 22.97
C LYS L 289 53.86 -39.96 23.60
N LEU L 290 53.30 -41.16 23.42
CA LEU L 290 52.05 -41.58 24.03
C LEU L 290 52.30 -42.82 24.87
N SER L 291 51.96 -42.76 26.14
CA SER L 291 52.16 -43.87 27.05
C SER L 291 51.22 -45.02 26.71
N GLN L 292 51.46 -46.18 27.32
CA GLN L 292 50.57 -47.31 27.13
C GLN L 292 49.19 -47.03 27.71
N ASP L 293 49.12 -46.25 28.78
CA ASP L 293 47.82 -45.90 29.35
C ASP L 293 46.98 -45.07 28.38
N ALA L 294 47.60 -44.15 27.64
CA ALA L 294 46.87 -43.42 26.62
C ALA L 294 46.34 -44.35 25.54
N MET L 295 47.16 -45.32 25.12
CA MET L 295 46.73 -46.27 24.10
C MET L 295 45.55 -47.10 24.59
N TYR L 296 45.60 -47.59 25.82
CA TYR L 296 44.51 -48.36 26.39
C TYR L 296 43.25 -47.53 26.56
N TYR L 297 43.39 -46.27 26.99
CA TYR L 297 42.25 -45.39 27.09
C TYR L 297 41.60 -45.19 25.72
N ILE L 298 42.42 -45.04 24.67
CA ILE L 298 41.88 -44.90 23.32
C ILE L 298 41.14 -46.18 22.92
N GLY L 299 41.73 -47.34 23.21
CA GLY L 299 41.08 -48.59 22.88
C GLY L 299 39.74 -48.76 23.58
N GLY L 300 39.69 -48.44 24.87
CA GLY L 300 38.43 -48.50 25.60
C GLY L 300 37.41 -47.51 25.09
N LEU L 301 37.85 -46.30 24.76
CA LEU L 301 36.96 -45.31 24.18
C LEU L 301 36.38 -45.76 22.84
N LEU L 302 37.20 -46.40 22.00
CA LEU L 302 36.73 -46.86 20.71
C LEU L 302 35.80 -48.06 20.85
N LYS L 303 36.08 -48.95 21.80
CA LYS L 303 35.29 -50.17 21.90
C LYS L 303 33.89 -49.89 22.45
N HIS L 304 33.68 -48.72 23.06
CA HIS L 304 32.45 -48.43 23.77
C HIS L 304 31.70 -47.21 23.22
N ILE L 305 32.25 -46.53 22.21
CA ILE L 305 31.65 -45.27 21.78
C ILE L 305 30.28 -45.51 21.16
N ARG L 306 30.14 -46.56 20.35
CA ARG L 306 28.87 -46.82 19.70
C ARG L 306 27.74 -47.04 20.70
N GLU L 307 28.05 -47.51 21.90
CA GLU L 307 27.00 -47.79 22.87
C GLU L 307 26.39 -46.52 23.45
N PHE L 308 27.19 -45.47 23.64
CA PHE L 308 26.69 -44.24 24.23
C PHE L 308 26.79 -43.04 23.29
N THR L 309 26.76 -43.27 21.98
CA THR L 309 26.66 -42.16 21.04
C THR L 309 25.33 -41.43 21.20
N ALA L 310 24.32 -42.10 21.75
CA ALA L 310 23.05 -41.46 22.04
C ALA L 310 23.14 -40.41 23.14
N VAL L 311 24.22 -40.39 23.90
CA VAL L 311 24.44 -39.39 24.93
C VAL L 311 25.30 -38.24 24.42
N THR L 312 26.39 -38.55 23.71
CA THR L 312 27.22 -37.51 23.13
C THR L 312 26.46 -36.76 22.04
N ASN L 313 25.68 -37.49 21.25
CA ASN L 313 24.90 -36.94 20.16
C ASN L 313 23.42 -37.23 20.42
N PRO L 314 22.76 -36.43 21.26
CA PRO L 314 21.48 -36.86 21.83
C PRO L 314 20.26 -36.47 21.01
N VAL L 315 20.32 -35.44 20.19
CA VAL L 315 19.14 -34.93 19.51
C VAL L 315 19.17 -35.40 18.07
N VAL L 316 18.02 -35.30 17.41
CA VAL L 316 17.89 -35.73 16.03
C VAL L 316 18.81 -34.90 15.16
N ASN L 317 18.73 -33.58 15.31
CA ASN L 317 19.53 -32.66 14.52
C ASN L 317 21.02 -32.89 14.74
N SER L 318 21.39 -33.53 15.83
CA SER L 318 22.79 -33.82 16.14
C SER L 318 23.38 -34.88 15.23
N TYR L 319 22.57 -35.58 14.45
CA TYR L 319 23.06 -36.64 13.59
C TYR L 319 23.17 -36.21 12.13
N LYS L 320 22.77 -34.98 11.83
CA LYS L 320 23.02 -34.37 10.53
C LYS L 320 24.29 -33.55 10.53
N ARG L 321 24.92 -33.38 11.68
CA ARG L 321 26.29 -32.92 11.78
C ARG L 321 27.29 -34.00 11.43
N LEU L 322 26.94 -35.26 11.68
CA LEU L 322 27.83 -36.38 11.42
C LEU L 322 27.61 -36.87 9.99
N VAL L 323 28.05 -36.06 9.05
CA VAL L 323 28.04 -36.38 7.63
C VAL L 323 29.44 -36.09 7.10
N PRO L 324 29.91 -36.80 6.07
CA PRO L 324 31.27 -36.57 5.59
C PRO L 324 31.38 -35.21 4.89
N GLY L 325 32.61 -34.72 4.78
CA GLY L 325 32.88 -33.46 4.15
C GLY L 325 33.08 -32.29 5.09
N TYR L 326 32.79 -32.48 6.37
CA TYR L 326 33.01 -31.49 7.41
C TYR L 326 33.79 -32.16 8.54
N GLU L 327 34.41 -31.35 9.39
CA GLU L 327 35.36 -31.91 10.35
C GLU L 327 34.69 -32.91 11.28
N ALA L 328 33.36 -32.90 11.36
CA ALA L 328 32.64 -33.84 12.19
C ALA L 328 32.96 -35.28 11.77
N PRO L 329 33.26 -36.18 12.71
CA PRO L 329 33.60 -37.55 12.34
C PRO L 329 32.37 -38.33 11.89
N VAL L 330 32.62 -39.38 11.11
CA VAL L 330 31.58 -40.30 10.67
C VAL L 330 31.90 -41.74 10.99
N TYR L 331 33.16 -42.08 11.19
CA TYR L 331 33.60 -43.47 11.35
C TYR L 331 34.42 -43.60 12.62
N ILE L 332 34.47 -44.83 13.15
CA ILE L 332 35.13 -45.10 14.41
C ILE L 332 36.60 -45.43 14.09
N SER L 333 37.47 -44.46 14.33
CA SER L 333 38.89 -44.63 14.09
C SER L 333 39.64 -43.61 14.94
N TRP L 334 40.96 -43.71 14.95
CA TRP L 334 41.80 -42.73 15.64
C TRP L 334 43.08 -42.55 14.84
N SER L 335 43.61 -41.34 14.87
CA SER L 335 44.88 -41.07 14.21
C SER L 335 45.42 -39.75 14.73
N ALA L 336 46.69 -39.76 15.13
CA ALA L 336 47.32 -38.53 15.55
C ALA L 336 47.30 -37.52 14.41
N GLN L 337 46.89 -36.29 14.72
CA GLN L 337 46.89 -35.23 13.72
C GLN L 337 46.01 -35.64 12.54
N ASN L 338 44.71 -35.70 12.80
CA ASN L 338 43.75 -36.04 11.76
C ASN L 338 42.39 -35.49 12.17
N ARG L 339 41.98 -34.40 11.51
CA ARG L 339 40.69 -33.80 11.76
C ARG L 339 39.56 -34.47 10.99
N SER L 340 39.85 -35.62 10.39
CA SER L 340 38.83 -36.46 9.78
C SER L 340 38.51 -37.70 10.60
N SER L 341 39.30 -38.01 11.61
CA SER L 341 39.11 -39.20 12.41
C SER L 341 38.25 -38.87 13.63
N LEU L 342 37.80 -39.89 14.34
CA LEU L 342 36.96 -39.75 15.51
C LEU L 342 37.73 -39.38 16.77
N ILE L 343 38.93 -39.93 16.94
CA ILE L 343 39.76 -39.65 18.09
C ILE L 343 41.09 -39.11 17.55
N ARG L 344 41.21 -37.78 17.52
CA ARG L 344 42.42 -37.13 17.08
C ARG L 344 43.37 -36.92 18.26
N ILE L 345 44.66 -37.01 17.98
CA ILE L 345 45.70 -36.74 18.97
C ILE L 345 46.45 -35.50 18.50
N PRO L 346 46.19 -34.32 19.06
CA PRO L 346 46.92 -33.13 18.61
C PRO L 346 48.42 -33.31 18.76
N ALA L 347 49.16 -32.37 18.17
CA ALA L 347 50.62 -32.46 18.17
C ALA L 347 51.25 -32.03 19.49
N THR L 348 50.48 -31.43 20.39
CA THR L 348 50.99 -30.93 21.66
C THR L 348 51.36 -32.11 22.55
N ARG L 349 52.62 -32.15 22.99
CA ARG L 349 53.12 -33.15 23.91
C ARG L 349 53.52 -32.49 25.23
N GLY L 350 53.82 -33.33 26.21
CA GLY L 350 54.16 -32.85 27.52
C GLY L 350 52.94 -32.76 28.42
N ASN L 351 52.69 -31.58 28.99
CA ASN L 351 51.49 -31.35 29.79
C ASN L 351 50.29 -30.98 28.92
N GLY L 352 50.38 -31.23 27.63
CA GLY L 352 49.29 -30.97 26.71
C GLY L 352 48.96 -32.17 25.88
N THR L 353 49.44 -33.35 26.29
CA THR L 353 49.22 -34.61 25.58
C THR L 353 47.84 -35.12 25.96
N ARG L 354 46.86 -34.90 25.11
CA ARG L 354 45.50 -35.31 25.39
C ARG L 354 44.93 -36.06 24.20
N ILE L 355 43.70 -36.54 24.37
CA ILE L 355 42.93 -37.23 23.34
C ILE L 355 41.74 -36.35 23.00
N GLU L 356 41.57 -36.05 21.71
CA GLU L 356 40.48 -35.21 21.25
C GLU L 356 39.38 -36.10 20.66
N LEU L 357 38.34 -36.32 21.45
CA LEU L 357 37.14 -37.00 20.97
C LEU L 357 36.21 -35.99 20.33
N ARG L 358 36.02 -36.05 19.01
CA ARG L 358 35.35 -35.00 18.29
C ARG L 358 33.87 -35.26 18.02
N CYS L 359 33.35 -36.45 18.30
CA CYS L 359 31.96 -36.76 18.02
C CYS L 359 30.98 -35.91 18.83
N PRO L 360 31.21 -35.62 20.12
CA PRO L 360 30.16 -35.00 20.92
C PRO L 360 29.70 -33.67 20.36
N ASP L 361 28.46 -33.32 20.69
CA ASP L 361 27.85 -32.07 20.25
C ASP L 361 27.64 -31.19 21.46
N PRO L 362 27.54 -29.86 21.28
CA PRO L 362 27.31 -29.00 22.44
C PRO L 362 25.91 -29.11 23.02
N ALA L 363 25.02 -29.88 22.40
CA ALA L 363 23.69 -30.14 22.93
C ALA L 363 23.67 -31.25 23.96
N CYS L 364 24.78 -31.93 24.20
CA CYS L 364 24.81 -33.08 25.09
C CYS L 364 24.80 -32.64 26.55
N ASN L 365 24.65 -33.62 27.44
CA ASN L 365 24.79 -33.43 28.87
C ASN L 365 26.25 -33.65 29.25
N PRO L 366 26.99 -32.60 29.61
CA PRO L 366 28.42 -32.81 29.91
C PRO L 366 28.65 -33.78 31.05
N TYR L 367 27.78 -33.81 32.04
CA TYR L 367 27.97 -34.73 33.16
C TYR L 367 27.93 -36.18 32.68
N LEU L 368 26.86 -36.56 31.97
CA LEU L 368 26.74 -37.92 31.47
C LEU L 368 27.81 -38.23 30.44
N ALA L 369 28.07 -37.30 29.53
CA ALA L 369 29.04 -37.56 28.47
C ALA L 369 30.44 -37.78 29.04
N PHE L 370 30.87 -36.90 29.95
CA PHE L 370 32.18 -37.06 30.56
C PHE L 370 32.22 -38.30 31.44
N ALA L 371 31.12 -38.62 32.13
CA ALA L 371 31.10 -39.83 32.94
C ALA L 371 31.32 -41.06 32.09
N LEU L 372 30.64 -41.13 30.94
CA LEU L 372 30.81 -42.29 30.07
C LEU L 372 32.17 -42.33 29.41
N MET L 373 32.72 -41.17 29.04
CA MET L 373 34.08 -41.16 28.49
C MET L 373 35.07 -41.68 29.52
N LEU L 374 34.95 -41.21 30.78
CA LEU L 374 35.84 -41.69 31.83
C LEU L 374 35.69 -43.18 32.04
N ARG L 375 34.45 -43.67 32.17
CA ARG L 375 34.27 -45.10 32.42
C ARG L 375 34.79 -45.94 31.27
N ALA L 376 34.58 -45.51 30.03
CA ALA L 376 35.09 -46.26 28.89
C ALA L 376 36.62 -46.27 28.88
N GLY L 377 37.23 -45.11 29.14
CA GLY L 377 38.68 -45.08 29.20
C GLY L 377 39.23 -45.99 30.28
N LEU L 378 38.65 -45.94 31.47
CA LEU L 378 39.06 -46.80 32.57
C LEU L 378 38.84 -48.28 32.27
N GLU L 379 37.75 -48.62 31.59
CA GLU L 379 37.57 -49.98 31.09
C GLU L 379 38.62 -50.35 30.04
N GLY L 380 39.21 -49.36 29.39
CA GLY L 380 40.28 -49.65 28.45
C GLY L 380 41.55 -50.04 29.18
N ILE L 381 41.84 -49.38 30.29
CA ILE L 381 43.07 -49.68 31.03
C ILE L 381 42.98 -51.03 31.73
N LYS L 382 41.85 -51.31 32.41
CA LYS L 382 41.75 -52.54 33.19
C LYS L 382 41.82 -53.79 32.34
N ASN L 383 41.61 -53.68 31.03
CA ASN L 383 41.69 -54.86 30.17
C ASN L 383 42.72 -54.71 29.06
N LYS L 384 43.63 -53.74 29.13
CA LYS L 384 44.65 -53.55 28.12
C LYS L 384 44.08 -53.72 26.72
N ILE L 385 43.09 -52.90 26.38
CA ILE L 385 42.43 -52.95 25.07
C ILE L 385 43.29 -52.12 24.13
N ASP L 386 44.20 -52.78 23.43
CA ASP L 386 44.99 -52.09 22.44
C ASP L 386 44.13 -51.77 21.22
N PRO L 387 44.14 -50.54 20.73
CA PRO L 387 43.46 -50.25 19.47
C PRO L 387 44.33 -50.67 18.28
N GLY L 388 43.69 -50.80 17.13
CA GLY L 388 44.41 -51.15 15.93
C GLY L 388 45.41 -50.09 15.54
N GLU L 389 46.02 -50.29 14.38
CA GLU L 389 46.92 -49.29 13.82
C GLU L 389 46.12 -48.03 13.50
N PRO L 390 46.66 -46.84 13.76
CA PRO L 390 45.91 -45.62 13.44
C PRO L 390 45.67 -45.47 11.95
N THR L 391 44.55 -44.82 11.61
CA THR L 391 44.21 -44.53 10.23
C THR L 391 44.67 -43.12 9.91
N ASN L 392 45.94 -43.01 9.54
CA ASN L 392 46.58 -41.71 9.27
C ASN L 392 46.32 -41.30 7.82
N VAL L 393 45.04 -41.24 7.48
CA VAL L 393 44.60 -40.81 6.15
C VAL L 393 43.24 -40.16 6.26
N ASN L 394 42.87 -39.39 5.25
CA ASN L 394 41.51 -38.88 5.17
C ASN L 394 40.55 -40.05 4.97
N ILE L 395 39.63 -40.22 5.92
CA ILE L 395 38.71 -41.35 5.92
C ILE L 395 37.47 -41.05 5.09
N PHE L 396 37.11 -39.78 4.96
CA PHE L 396 35.98 -39.42 4.12
C PHE L 396 36.25 -39.74 2.66
N HIS L 397 37.51 -39.81 2.27
CA HIS L 397 37.91 -40.05 0.89
C HIS L 397 38.06 -41.53 0.56
N LEU L 398 37.94 -42.42 1.53
CA LEU L 398 38.02 -43.84 1.27
C LEU L 398 36.70 -44.36 0.71
N SER L 399 36.78 -45.47 -0.02
CA SER L 399 35.60 -46.13 -0.53
C SER L 399 34.99 -47.02 0.54
N ASP L 400 33.75 -47.46 0.30
CA ASP L 400 33.11 -48.40 1.21
C ASP L 400 33.91 -49.69 1.29
N LYS L 401 34.38 -50.18 0.16
CA LYS L 401 35.20 -51.40 0.16
C LYS L 401 36.49 -51.19 0.93
N GLU L 402 37.13 -50.03 0.74
CA GLU L 402 38.38 -49.75 1.46
C GLU L 402 38.13 -49.73 2.97
N ARG L 403 37.07 -49.05 3.39
CA ARG L 403 36.76 -48.97 4.82
C ARG L 403 36.43 -50.35 5.39
N GLU L 404 35.64 -51.13 4.66
CA GLU L 404 35.28 -52.47 5.13
C GLU L 404 36.50 -53.37 5.24
N GLU L 405 37.41 -53.30 4.26
CA GLU L 405 38.60 -54.14 4.30
C GLU L 405 39.57 -53.68 5.37
N ARG L 406 39.60 -52.39 5.67
CA ARG L 406 40.46 -51.88 6.74
C ARG L 406 39.86 -52.10 8.12
N GLY L 407 38.64 -52.60 8.21
CA GLY L 407 37.99 -52.87 9.47
C GLY L 407 37.32 -51.69 10.12
N ILE L 408 37.14 -50.59 9.39
CA ILE L 408 36.62 -49.37 9.99
C ILE L 408 35.10 -49.46 10.09
N ARG L 409 34.58 -49.24 11.30
CA ARG L 409 33.14 -49.19 11.52
C ARG L 409 32.66 -47.74 11.50
N SER L 410 31.37 -47.58 11.23
CA SER L 410 30.76 -46.26 11.15
C SER L 410 29.94 -45.98 12.41
N LEU L 411 29.79 -44.69 12.70
CA LEU L 411 28.99 -44.29 13.84
C LEU L 411 27.50 -44.47 13.52
N PRO L 412 26.64 -44.50 14.56
CA PRO L 412 25.19 -44.59 14.31
C PRO L 412 24.67 -43.53 13.35
N ALA L 413 23.95 -43.97 12.32
CA ALA L 413 23.58 -43.08 11.23
C ALA L 413 22.55 -42.05 11.67
N ASP L 414 21.58 -42.45 12.49
CA ASP L 414 20.56 -41.56 13.00
C ASP L 414 20.34 -41.84 14.47
N LEU L 415 19.48 -41.03 15.09
CA LEU L 415 19.30 -41.09 16.53
C LEU L 415 18.79 -42.47 16.96
N LYS L 416 17.79 -42.99 16.24
CA LYS L 416 17.25 -44.29 16.57
C LYS L 416 18.30 -45.39 16.50
N GLU L 417 19.14 -45.41 15.47
CA GLU L 417 20.13 -46.45 15.39
C GLU L 417 21.05 -46.43 16.60
N ALA L 418 21.12 -45.29 17.29
CA ALA L 418 21.89 -45.18 18.51
C ALA L 418 21.11 -45.60 19.75
N ILE L 419 19.81 -45.35 19.79
CA ILE L 419 18.96 -45.73 20.91
C ILE L 419 19.08 -47.23 21.14
N ASP L 420 18.99 -48.00 20.06
CA ASP L 420 19.19 -49.44 20.18
C ASP L 420 20.59 -49.77 20.67
N GLU L 421 21.59 -49.13 20.06
CA GLU L 421 22.97 -49.43 20.46
C GLU L 421 23.18 -49.14 21.93
N MET L 422 22.40 -48.22 22.49
CA MET L 422 22.49 -47.87 23.90
C MET L 422 21.56 -48.71 24.77
N LYS L 423 20.45 -49.19 24.23
CA LYS L 423 19.51 -49.96 25.03
C LYS L 423 20.07 -51.34 25.39
N GLY L 424 20.68 -52.02 24.43
CA GLY L 424 21.18 -53.36 24.68
C GLY L 424 22.47 -53.42 25.44
N SER L 425 23.09 -52.27 25.69
CA SER L 425 24.39 -52.25 26.34
C SER L 425 24.24 -52.33 27.85
N LYS L 426 25.16 -53.05 28.47
CA LYS L 426 25.25 -53.17 29.93
C LYS L 426 26.26 -52.20 30.51
N PHE L 427 27.23 -51.77 29.71
CA PHE L 427 28.18 -50.77 30.16
C PHE L 427 27.49 -49.45 30.46
N VAL L 428 26.61 -49.00 29.57
CA VAL L 428 25.94 -47.71 29.74
C VAL L 428 24.97 -47.78 30.92
N LYS L 429 24.29 -48.92 31.07
CA LYS L 429 23.39 -49.08 32.21
C LYS L 429 24.16 -49.06 33.53
N GLU L 430 25.32 -49.70 33.58
CA GLU L 430 26.14 -49.66 34.80
C GLU L 430 26.62 -48.25 35.09
N ALA L 431 27.04 -47.52 34.06
CA ALA L 431 27.58 -46.18 34.25
C ALA L 431 26.49 -45.19 34.69
N LEU L 432 25.36 -45.21 33.98
CA LEU L 432 24.29 -44.24 34.28
C LEU L 432 23.49 -44.66 35.50
N GLY L 433 23.02 -45.89 35.53
CA GLY L 433 22.10 -46.34 36.56
C GLY L 433 20.71 -46.54 35.99
N GLU L 434 19.85 -47.26 36.71
CA GLU L 434 18.54 -47.60 36.16
C GLU L 434 17.72 -46.35 35.86
N HIS L 435 17.69 -45.40 36.80
CA HIS L 435 16.83 -44.24 36.65
C HIS L 435 17.25 -43.39 35.47
N VAL L 436 18.53 -43.02 35.40
CA VAL L 436 19.00 -42.19 34.30
C VAL L 436 18.88 -42.94 33.00
N PHE L 437 19.26 -44.21 32.99
CA PHE L 437 19.14 -45.04 31.78
C PHE L 437 17.72 -44.97 31.23
N SER L 438 16.74 -45.40 32.03
CA SER L 438 15.37 -45.51 31.54
C SER L 438 14.79 -44.15 31.17
N HIS L 439 15.07 -43.12 31.97
CA HIS L 439 14.47 -41.81 31.72
C HIS L 439 15.15 -41.09 30.56
N TYR L 440 16.39 -41.44 30.24
CA TYR L 440 17.01 -40.94 29.01
C TYR L 440 16.42 -41.64 27.80
N LEU L 441 16.29 -42.97 27.88
CA LEU L 441 15.67 -43.71 26.79
C LEU L 441 14.30 -43.15 26.48
N CYS L 442 13.37 -43.21 27.44
CA CYS L 442 12.00 -42.78 27.19
C CYS L 442 11.94 -41.43 26.47
N ALA L 443 12.70 -40.46 26.96
CA ALA L 443 12.68 -39.14 26.35
C ALA L 443 13.17 -39.19 24.90
N LYS L 444 14.27 -39.90 24.65
CA LYS L 444 14.80 -39.91 23.29
C LYS L 444 13.91 -40.69 22.34
N GLU L 445 13.30 -41.78 22.80
CA GLU L 445 12.35 -42.52 21.99
C GLU L 445 11.14 -41.67 21.64
N MET L 446 10.62 -40.90 22.60
CA MET L 446 9.52 -40.01 22.30
C MET L 446 9.92 -38.98 21.26
N GLU L 447 11.12 -38.41 21.41
CA GLU L 447 11.62 -37.47 20.42
C GLU L 447 11.66 -38.10 19.03
N TRP L 448 12.22 -39.30 18.93
CA TRP L 448 12.34 -39.94 17.63
C TRP L 448 10.98 -40.25 17.04
N ASP L 449 10.03 -40.70 17.86
CA ASP L 449 8.70 -41.01 17.35
C ASP L 449 8.01 -39.76 16.83
N GLU L 450 8.20 -38.63 17.51
CA GLU L 450 7.65 -37.37 17.00
C GLU L 450 8.30 -37.02 15.66
N TYR L 451 9.62 -37.21 15.56
CA TYR L 451 10.33 -36.84 14.32
C TYR L 451 9.96 -37.74 13.15
N LYS L 452 9.79 -39.04 13.39
CA LYS L 452 9.70 -40.01 12.32
C LYS L 452 8.41 -39.90 11.53
N ALA L 453 7.38 -39.29 12.10
CA ALA L 453 6.07 -39.22 11.45
C ALA L 453 5.80 -37.86 10.81
N VAL L 454 6.84 -37.03 10.67
CA VAL L 454 6.67 -35.67 10.18
C VAL L 454 6.91 -35.67 8.68
N VAL L 455 6.11 -34.87 7.98
CA VAL L 455 6.26 -34.66 6.54
C VAL L 455 6.92 -33.32 6.34
N HIS L 456 8.12 -33.32 5.79
CA HIS L 456 8.92 -32.13 5.69
C HIS L 456 8.76 -31.47 4.34
N PRO L 457 9.04 -30.17 4.23
CA PRO L 457 8.91 -29.49 2.93
C PRO L 457 9.83 -30.06 1.87
N TRP L 458 10.91 -30.73 2.25
CA TRP L 458 11.75 -31.40 1.26
C TRP L 458 10.96 -32.46 0.52
N GLU L 459 10.12 -33.21 1.23
CA GLU L 459 9.35 -34.27 0.59
C GLU L 459 8.35 -33.70 -0.40
N LEU L 460 7.71 -32.59 -0.06
CA LEU L 460 6.79 -31.95 -1.00
C LEU L 460 7.53 -31.37 -2.18
N SER L 461 8.66 -30.72 -1.94
CA SER L 461 9.40 -30.11 -3.03
C SER L 461 9.98 -31.15 -3.96
N ARG L 462 10.14 -32.38 -3.49
CA ARG L 462 10.73 -33.42 -4.32
C ARG L 462 9.70 -34.37 -4.93
N TYR L 463 8.55 -34.57 -4.30
CA TYR L 463 7.60 -35.59 -4.72
C TYR L 463 6.26 -35.06 -5.16
N LEU L 464 5.88 -33.86 -4.72
CA LEU L 464 4.54 -33.35 -5.02
C LEU L 464 4.29 -33.30 -6.52
N SER L 465 5.21 -32.69 -7.26
CA SER L 465 5.03 -32.57 -8.71
C SER L 465 5.35 -33.88 -9.42
N MET L 466 6.33 -34.64 -8.92
CA MET L 466 6.67 -35.90 -9.56
C MET L 466 5.52 -36.90 -9.48
N LEU L 467 4.86 -36.97 -8.32
CA LEU L 467 3.75 -37.90 -8.13
C LEU L 467 2.45 -37.14 -7.86
#